data_4FBG
#
_entry.id   4FBG
#
_cell.length_a   100.794
_cell.length_b   120.032
_cell.length_c   171.288
_cell.angle_alpha   90.800
_cell.angle_beta   104.960
_cell.angle_gamma   112.750
#
_symmetry.space_group_name_H-M   'P 1'
#
loop_
_entity.id
_entity.type
_entity.pdbx_description
1 polymer 'Putative reductase TDE_0597'
2 non-polymer NICOTINAMIDE-ADENINE-DINUCLEOTIDE
#
_entity_poly.entity_id   1
_entity_poly.type   'polypeptide(L)'
_entity_poly.pdbx_seq_one_letter_code
;(MSE)IVKP(MSE)VRNNICLNAHPQGCKKGVEDQIEYTKKRITAEVKAGAKAPKNVLVLGCSNGYGLASRITAAFGYGA
ATIGVSFEKAGSETKYGTPGWYNNLAFDEAAKREGLYSVTIDGDAFSDEIKAQVIEEAKKKGIKFDLIVYSLASPVRTDP
DTGI(MSE)HKSVLKPFGKTFTGKTVDPFTGELKEISAEPANDEEAAATVKV(MSE)GGEDWERWIKQLSKEGLLEEGCI
TLAYSYIGPEATQALYRKGTIGKAKEHLEATAHRLNKENPSIRAFVSVNKGLVTRASAVIPVIPLYLASLFKV(MSE)KE
KGNHEGCIEQITRLYAERLYRKDGTIPVDEENRIRIDDWELEEDVQKAVSAL(MSE)EKVTGENAESLTDLAGYRHDFLA
SNGFDVEGINYEAEVERFDRILEHHHHHH
;
_entity_poly.pdbx_strand_id   A,B,C,D,E,F,G,H,I,J,K,L,M,N,O,P
#
loop_
_chem_comp.id
_chem_comp.type
_chem_comp.name
_chem_comp.formula
NAD non-polymer NICOTINAMIDE-ADENINE-DINUCLEOTIDE 'C21 H27 N7 O14 P2'
#
# COMPACT_ATOMS: atom_id res chain seq x y z
N MSE A 1 -54.77 -35.40 51.54
CA MSE A 1 -53.53 -36.17 51.24
C MSE A 1 -52.34 -35.25 51.33
O MSE A 1 -52.34 -34.15 50.76
CB MSE A 1 -53.62 -36.72 49.82
CG MSE A 1 -52.39 -37.57 49.45
SE MSE A 1 -52.27 -37.76 47.48
CE MSE A 1 -53.82 -38.99 47.22
N ILE A 2 -51.32 -35.69 52.08
CA ILE A 2 -50.06 -34.95 52.18
C ILE A 2 -49.23 -35.20 50.92
N VAL A 3 -49.09 -34.14 50.11
CA VAL A 3 -48.34 -34.20 48.87
C VAL A 3 -46.90 -33.73 49.11
N LYS A 4 -45.96 -34.67 49.00
CA LYS A 4 -44.55 -34.37 49.14
C LYS A 4 -43.72 -35.02 48.01
N PRO A 5 -42.49 -34.51 47.77
CA PRO A 5 -41.69 -34.95 46.63
C PRO A 5 -41.48 -36.46 46.55
N MSE A 6 -41.93 -37.05 45.45
CA MSE A 6 -41.62 -38.45 45.14
C MSE A 6 -40.69 -38.41 43.96
O MSE A 6 -41.13 -38.39 42.81
CB MSE A 6 -42.90 -39.23 44.82
CG MSE A 6 -42.81 -40.67 45.35
SE MSE A 6 -44.10 -41.86 44.40
CE MSE A 6 -45.76 -41.06 45.09
N VAL A 7 -39.39 -38.40 44.25
CA VAL A 7 -38.36 -38.26 43.22
C VAL A 7 -37.68 -39.61 43.01
N ARG A 8 -37.91 -40.21 41.84
CA ARG A 8 -37.35 -41.52 41.53
C ARG A 8 -36.49 -41.45 40.28
N ASN A 9 -35.29 -42.02 40.36
CA ASN A 9 -34.30 -41.98 39.28
C ASN A 9 -34.06 -40.53 38.82
N ASN A 10 -33.79 -39.65 39.80
CA ASN A 10 -33.62 -38.22 39.59
C ASN A 10 -34.58 -37.55 38.58
N ILE A 11 -35.87 -37.85 38.76
CA ILE A 11 -36.99 -37.30 38.00
C ILE A 11 -38.17 -37.27 38.96
N CYS A 12 -38.85 -36.12 39.04
CA CYS A 12 -39.94 -35.91 40.02
C CYS A 12 -41.32 -36.21 39.44
N LEU A 13 -41.99 -37.24 39.98
CA LEU A 13 -43.25 -37.74 39.41
C LEU A 13 -44.50 -36.88 39.65
N ASN A 14 -44.71 -36.49 40.91
CA ASN A 14 -45.89 -35.72 41.33
C ASN A 14 -45.73 -34.21 41.18
N ALA A 15 -46.78 -33.46 41.53
CA ALA A 15 -46.75 -31.98 41.52
C ALA A 15 -47.68 -31.35 42.55
N HIS A 16 -47.19 -30.31 43.22
CA HIS A 16 -47.96 -29.61 44.26
C HIS A 16 -48.73 -28.44 43.70
N PRO A 17 -50.07 -28.56 43.66
CA PRO A 17 -50.96 -27.57 43.01
C PRO A 17 -50.85 -26.14 43.55
N GLN A 18 -50.87 -25.96 44.87
CA GLN A 18 -50.73 -24.62 45.44
C GLN A 18 -49.32 -24.06 45.27
N GLY A 19 -48.33 -24.95 45.29
CA GLY A 19 -46.92 -24.58 45.11
C GLY A 19 -46.60 -24.10 43.71
N CYS A 20 -47.25 -24.71 42.72
CA CYS A 20 -47.19 -24.25 41.34
C CYS A 20 -47.83 -22.87 41.19
N LYS A 21 -48.98 -22.69 41.84
CA LYS A 21 -49.72 -21.43 41.81
C LYS A 21 -48.95 -20.29 42.46
N LYS A 22 -48.31 -20.57 43.59
CA LYS A 22 -47.51 -19.57 44.29
C LYS A 22 -46.26 -19.21 43.49
N GLY A 23 -45.75 -20.20 42.76
CA GLY A 23 -44.59 -20.02 41.89
C GLY A 23 -44.83 -18.99 40.81
N VAL A 24 -45.94 -19.14 40.11
CA VAL A 24 -46.35 -18.21 39.06
C VAL A 24 -46.67 -16.84 39.66
N GLU A 25 -47.21 -16.82 40.88
CA GLU A 25 -47.54 -15.57 41.55
C GLU A 25 -46.30 -14.80 42.01
N ASP A 26 -45.29 -15.55 42.47
CA ASP A 26 -44.02 -14.95 42.85
C ASP A 26 -43.31 -14.38 41.62
N GLN A 27 -43.37 -15.12 40.51
CA GLN A 27 -42.83 -14.66 39.23
C GLN A 27 -43.59 -13.44 38.69
N ILE A 28 -44.85 -13.32 39.08
CA ILE A 28 -45.69 -12.19 38.67
C ILE A 28 -45.31 -10.91 39.43
N GLU A 29 -45.20 -11.00 40.76
CA GLU A 29 -44.78 -9.85 41.57
C GLU A 29 -43.42 -9.33 41.15
N TYR A 30 -42.51 -10.25 40.85
CA TYR A 30 -41.18 -9.87 40.37
C TYR A 30 -41.25 -9.04 39.09
N THR A 31 -42.03 -9.50 38.12
CA THR A 31 -42.21 -8.80 36.85
C THR A 31 -42.71 -7.36 37.09
N LYS A 32 -43.68 -7.22 38.00
CA LYS A 32 -44.28 -5.93 38.30
C LYS A 32 -43.27 -4.94 38.90
N LYS A 33 -42.39 -5.45 39.76
CA LYS A 33 -41.34 -4.66 40.40
C LYS A 33 -40.26 -4.26 39.39
N ARG A 34 -39.92 -5.18 38.49
CA ARG A 34 -38.79 -5.03 37.57
C ARG A 34 -39.11 -4.17 36.34
N ILE A 35 -40.26 -4.43 35.71
CA ILE A 35 -40.71 -3.65 34.54
C ILE A 35 -41.54 -2.45 34.99
N THR A 36 -40.88 -1.35 35.31
CA THR A 36 -41.59 -0.12 35.73
C THR A 36 -41.82 0.75 34.49
N ALA A 37 -42.46 1.91 34.70
CA ALA A 37 -42.72 2.86 33.61
C ALA A 37 -41.45 3.53 33.11
N GLU A 38 -40.44 3.63 33.99
CA GLU A 38 -39.12 4.17 33.63
C GLU A 38 -38.34 3.24 32.70
N VAL A 39 -38.88 2.05 32.48
CA VAL A 39 -38.29 1.01 31.65
C VAL A 39 -39.22 0.66 30.48
N LYS A 40 -40.53 0.72 30.75
CA LYS A 40 -41.56 0.28 29.80
C LYS A 40 -41.87 1.32 28.72
N ALA A 41 -41.70 2.64 29.14
CA ALA A 41 -41.99 3.75 28.23
C ALA A 41 -40.71 4.18 27.50
N GLY A 42 -40.89 4.98 26.42
CA GLY A 42 -39.78 5.41 25.57
C GLY A 42 -39.41 4.36 24.54
N ALA A 43 -40.12 3.23 24.62
CA ALA A 43 -39.89 2.10 23.73
C ALA A 43 -41.24 1.50 23.38
N LYS A 44 -41.24 0.60 22.39
CA LYS A 44 -42.47 -0.11 22.04
C LYS A 44 -42.76 -1.17 23.08
N ALA A 45 -43.93 -1.79 22.96
CA ALA A 45 -44.32 -2.85 23.85
C ALA A 45 -45.01 -3.90 23.01
N PRO A 46 -44.93 -5.18 23.40
CA PRO A 46 -45.71 -6.20 22.74
C PRO A 46 -47.20 -5.98 23.00
N LYS A 47 -48.02 -6.10 21.95
CA LYS A 47 -49.47 -5.94 22.08
C LYS A 47 -50.17 -7.31 22.09
N ASN A 48 -49.76 -8.18 21.15
CA ASN A 48 -50.25 -9.55 21.08
C ASN A 48 -49.07 -10.52 20.92
N VAL A 49 -49.05 -11.58 21.70
CA VAL A 49 -47.90 -12.48 21.69
C VAL A 49 -48.25 -13.97 21.84
N LEU A 50 -47.82 -14.77 20.87
CA LEU A 50 -47.91 -16.22 20.93
C LEU A 50 -46.68 -16.76 21.64
N VAL A 51 -46.90 -17.63 22.64
CA VAL A 51 -45.80 -18.24 23.38
C VAL A 51 -45.90 -19.76 23.25
N LEU A 52 -45.08 -20.33 22.38
CA LEU A 52 -45.11 -21.78 22.15
C LEU A 52 -44.22 -22.49 23.15
N GLY A 53 -44.85 -23.18 24.11
CA GLY A 53 -44.15 -23.79 25.24
C GLY A 53 -44.34 -23.00 26.53
N CYS A 54 -45.54 -22.46 26.70
CA CYS A 54 -45.88 -21.51 27.75
C CYS A 54 -45.84 -22.03 29.17
N SER A 55 -45.97 -23.34 29.35
CA SER A 55 -46.32 -23.90 30.67
C SER A 55 -45.26 -23.88 31.78
N ASN A 56 -43.97 -23.92 31.43
CA ASN A 56 -42.91 -23.66 32.43
C ASN A 56 -41.56 -23.22 31.86
N GLY A 57 -40.53 -23.25 32.71
CA GLY A 57 -39.20 -22.79 32.36
C GLY A 57 -39.22 -21.43 31.67
N TYR A 58 -38.43 -21.32 30.62
CA TYR A 58 -38.31 -20.07 29.86
C TYR A 58 -39.61 -19.63 29.19
N GLY A 59 -40.42 -20.60 28.77
CA GLY A 59 -41.73 -20.31 28.22
C GLY A 59 -42.58 -19.50 29.18
N LEU A 60 -42.72 -19.99 30.41
CA LEU A 60 -43.60 -19.38 31.39
C LEU A 60 -43.19 -17.97 31.78
N ALA A 61 -41.89 -17.72 31.85
CA ALA A 61 -41.42 -16.39 32.22
C ALA A 61 -41.65 -15.41 31.06
N SER A 62 -41.42 -15.88 29.84
CA SER A 62 -41.65 -15.08 28.64
C SER A 62 -43.08 -14.57 28.59
N ARG A 63 -44.02 -15.45 28.93
CA ARG A 63 -45.44 -15.13 28.89
C ARG A 63 -45.84 -14.25 30.07
N ILE A 64 -45.32 -14.59 31.26
CA ILE A 64 -45.59 -13.80 32.46
C ILE A 64 -45.16 -12.35 32.27
N THR A 65 -43.90 -12.12 31.88
CA THR A 65 -43.41 -10.75 31.73
C THR A 65 -44.18 -9.99 30.67
N ALA A 66 -44.52 -10.65 29.57
CA ALA A 66 -45.27 -10.03 28.48
C ALA A 66 -46.63 -9.48 28.93
N ALA A 67 -47.35 -10.24 29.74
CA ALA A 67 -48.69 -9.84 30.17
C ALA A 67 -48.72 -8.91 31.38
N PHE A 68 -47.78 -9.10 32.30
CA PHE A 68 -47.81 -8.37 33.56
C PHE A 68 -46.84 -7.20 33.60
N GLY A 69 -45.83 -7.25 32.73
CA GLY A 69 -44.91 -6.13 32.60
C GLY A 69 -45.41 -5.18 31.54
N TYR A 70 -45.78 -5.73 30.39
CA TYR A 70 -46.14 -4.92 29.22
C TYR A 70 -47.63 -4.97 28.84
N GLY A 71 -48.48 -5.42 29.77
CA GLY A 71 -49.92 -5.50 29.56
C GLY A 71 -50.34 -6.01 28.20
N ALA A 72 -49.90 -7.22 27.86
CA ALA A 72 -50.11 -7.76 26.53
C ALA A 72 -51.09 -8.93 26.51
N ALA A 73 -51.77 -9.10 25.39
CA ALA A 73 -52.59 -10.29 25.15
C ALA A 73 -51.66 -11.44 24.80
N THR A 74 -51.94 -12.61 25.38
CA THR A 74 -51.07 -13.76 25.25
C THR A 74 -51.83 -15.00 24.84
N ILE A 75 -51.31 -15.71 23.85
CA ILE A 75 -51.80 -17.05 23.53
C ILE A 75 -50.69 -18.05 23.81
N GLY A 76 -50.95 -18.94 24.76
CA GLY A 76 -50.01 -19.99 25.08
C GLY A 76 -50.35 -21.27 24.36
N VAL A 77 -49.37 -22.15 24.21
CA VAL A 77 -49.57 -23.49 23.68
C VAL A 77 -48.57 -24.42 24.38
N SER A 78 -49.07 -25.50 24.97
CA SER A 78 -48.22 -26.47 25.65
C SER A 78 -48.87 -27.85 25.68
N PHE A 79 -48.07 -28.87 25.92
CA PHE A 79 -48.55 -30.25 25.98
C PHE A 79 -48.60 -30.69 27.44
N GLU A 80 -49.81 -30.70 27.98
CA GLU A 80 -50.00 -31.03 29.40
C GLU A 80 -50.99 -32.18 29.61
N LYS A 81 -50.79 -32.91 30.70
CA LYS A 81 -51.74 -33.93 31.13
C LYS A 81 -52.50 -33.42 32.34
N ALA A 82 -53.80 -33.21 32.14
CA ALA A 82 -54.67 -32.63 33.15
C ALA A 82 -54.80 -33.52 34.38
N GLY A 83 -55.27 -32.94 35.48
CA GLY A 83 -55.54 -33.71 36.69
C GLY A 83 -56.97 -34.21 36.76
N SER A 84 -57.14 -35.25 37.62
CA SER A 84 -58.47 -35.66 38.03
C SER A 84 -58.65 -35.08 39.43
N GLU A 85 -59.62 -35.66 40.15
CA GLU A 85 -59.85 -35.29 41.54
C GLU A 85 -58.74 -35.87 42.43
N THR A 86 -58.16 -36.98 41.92
CA THR A 86 -57.29 -37.86 42.70
C THR A 86 -55.93 -38.09 42.01
N LYS A 87 -55.82 -37.66 40.76
CA LYS A 87 -54.64 -37.88 39.94
C LYS A 87 -53.89 -36.57 39.70
N TYR A 88 -52.65 -36.48 40.17
CA TYR A 88 -51.86 -35.25 39.96
C TYR A 88 -51.57 -35.03 38.48
N GLY A 89 -51.62 -33.76 38.07
CA GLY A 89 -51.31 -33.39 36.70
C GLY A 89 -49.85 -33.01 36.58
N THR A 90 -49.40 -32.72 35.36
CA THR A 90 -48.06 -32.21 35.15
C THR A 90 -47.99 -30.78 35.70
N PRO A 91 -46.86 -30.42 36.34
CA PRO A 91 -46.65 -29.07 36.88
C PRO A 91 -47.18 -27.96 35.98
N GLY A 92 -47.00 -28.12 34.67
CA GLY A 92 -47.46 -27.15 33.68
C GLY A 92 -48.98 -26.95 33.63
N TRP A 93 -49.73 -28.02 33.82
CA TRP A 93 -51.20 -27.95 33.87
C TRP A 93 -51.68 -27.04 34.97
N TYR A 94 -50.98 -27.05 36.11
CA TYR A 94 -51.29 -26.14 37.21
C TYR A 94 -50.79 -24.71 36.97
N ASN A 95 -49.58 -24.59 36.41
CA ASN A 95 -49.01 -23.28 36.09
C ASN A 95 -49.91 -22.48 35.13
N ASN A 96 -50.52 -23.15 34.17
CA ASN A 96 -51.39 -22.51 33.19
C ASN A 96 -52.75 -22.12 33.76
N LEU A 97 -53.28 -22.95 34.66
CA LEU A 97 -54.46 -22.56 35.44
C LEU A 97 -54.16 -21.29 36.24
N ALA A 98 -52.99 -21.25 36.87
CA ALA A 98 -52.57 -20.11 37.67
C ALA A 98 -52.38 -18.84 36.85
N PHE A 99 -51.97 -19.01 35.58
CA PHE A 99 -51.73 -17.89 34.69
C PHE A 99 -53.02 -17.25 34.21
N ASP A 100 -54.02 -18.07 33.87
CA ASP A 100 -55.31 -17.57 33.42
C ASP A 100 -56.05 -16.84 34.54
N GLU A 101 -56.05 -17.43 35.73
CA GLU A 101 -56.75 -16.86 36.89
C GLU A 101 -56.30 -15.43 37.19
N ALA A 102 -54.99 -15.23 37.24
CA ALA A 102 -54.40 -13.94 37.60
C ALA A 102 -54.47 -12.93 36.45
N ALA A 103 -54.64 -13.42 35.24
CA ALA A 103 -54.77 -12.56 34.05
C ALA A 103 -56.21 -12.19 33.78
N LYS A 104 -57.15 -12.95 34.36
CA LYS A 104 -58.55 -12.57 34.33
C LYS A 104 -58.76 -11.43 35.33
N ARG A 105 -58.22 -11.59 36.54
CA ARG A 105 -58.31 -10.58 37.59
C ARG A 105 -57.83 -9.20 37.13
N GLU A 106 -56.80 -9.17 36.28
CA GLU A 106 -56.25 -7.91 35.78
C GLU A 106 -56.86 -7.48 34.44
N GLY A 107 -57.82 -8.28 33.96
CA GLY A 107 -58.55 -7.95 32.73
C GLY A 107 -57.71 -8.01 31.48
N LEU A 108 -56.87 -9.04 31.38
CA LEU A 108 -56.06 -9.30 30.21
C LEU A 108 -56.60 -10.49 29.41
N TYR A 109 -56.35 -10.50 28.11
CA TYR A 109 -56.78 -11.63 27.28
C TYR A 109 -55.74 -12.74 27.28
N SER A 110 -56.17 -13.94 27.67
CA SER A 110 -55.29 -15.10 27.66
C SER A 110 -56.07 -16.38 27.36
N VAL A 111 -55.61 -17.09 26.33
CA VAL A 111 -56.13 -18.43 26.03
C VAL A 111 -54.95 -19.36 25.82
N THR A 112 -54.98 -20.51 26.49
CA THR A 112 -53.91 -21.49 26.39
C THR A 112 -54.41 -22.76 25.70
N ILE A 113 -54.05 -22.91 24.44
CA ILE A 113 -54.38 -24.11 23.68
C ILE A 113 -53.54 -25.28 24.22
N ASP A 114 -54.21 -26.24 24.83
CA ASP A 114 -53.58 -27.46 25.33
C ASP A 114 -53.42 -28.48 24.20
N GLY A 115 -52.20 -28.97 24.00
CA GLY A 115 -51.94 -29.98 22.97
C GLY A 115 -50.59 -29.89 22.26
N ASP A 116 -50.28 -30.92 21.47
CA ASP A 116 -48.99 -31.06 20.79
C ASP A 116 -48.72 -29.96 19.75
N ALA A 117 -47.74 -29.11 20.03
CA ALA A 117 -47.40 -27.97 19.18
C ALA A 117 -46.68 -28.37 17.90
N PHE A 118 -46.21 -29.62 17.82
CA PHE A 118 -45.62 -30.15 16.59
C PHE A 118 -46.69 -30.51 15.56
N SER A 119 -47.92 -30.73 16.06
CA SER A 119 -49.05 -31.15 15.22
C SER A 119 -49.65 -30.00 14.40
N ASP A 120 -50.43 -30.37 13.38
CA ASP A 120 -51.11 -29.39 12.53
C ASP A 120 -52.45 -28.97 13.11
N GLU A 121 -53.05 -29.87 13.90
CA GLU A 121 -54.33 -29.64 14.54
C GLU A 121 -54.26 -28.44 15.49
N ILE A 122 -53.15 -28.32 16.20
CA ILE A 122 -52.94 -27.23 17.14
C ILE A 122 -52.65 -25.92 16.43
N LYS A 123 -51.72 -25.94 15.48
CA LYS A 123 -51.47 -24.78 14.63
C LYS A 123 -52.80 -24.23 14.12
N ALA A 124 -53.70 -25.14 13.76
CA ALA A 124 -55.05 -24.77 13.30
C ALA A 124 -55.84 -24.07 14.40
N GLN A 125 -55.83 -24.64 15.61
CA GLN A 125 -56.59 -24.09 16.74
C GLN A 125 -56.25 -22.65 17.09
N VAL A 126 -55.00 -22.26 16.88
CA VAL A 126 -54.57 -20.89 17.16
C VAL A 126 -54.75 -19.99 15.94
N ILE A 127 -54.61 -20.55 14.74
CA ILE A 127 -54.91 -19.86 13.49
C ILE A 127 -56.34 -19.31 13.52
N GLU A 128 -57.28 -20.12 13.96
CA GLU A 128 -58.68 -19.69 14.06
C GLU A 128 -58.90 -18.76 15.25
N GLU A 129 -58.11 -18.95 16.30
CA GLU A 129 -58.26 -18.20 17.55
C GLU A 129 -57.76 -16.75 17.45
N ALA A 130 -56.70 -16.55 16.68
CA ALA A 130 -56.17 -15.22 16.45
C ALA A 130 -57.08 -14.45 15.50
N LYS A 131 -57.64 -15.18 14.54
CA LYS A 131 -58.63 -14.64 13.60
C LYS A 131 -59.95 -14.26 14.27
N LYS A 132 -60.39 -15.11 15.21
CA LYS A 132 -61.62 -14.85 15.99
C LYS A 132 -61.55 -13.58 16.83
N LYS A 133 -60.38 -13.27 17.39
CA LYS A 133 -60.19 -12.02 18.12
C LYS A 133 -59.65 -10.88 17.26
N GLY A 134 -59.21 -11.22 16.04
CA GLY A 134 -58.79 -10.22 15.08
C GLY A 134 -57.29 -9.99 15.04
N ILE A 135 -56.82 -9.11 15.93
CA ILE A 135 -55.43 -8.62 15.91
C ILE A 135 -54.39 -9.74 15.73
N LYS A 136 -53.30 -9.39 15.03
CA LYS A 136 -52.28 -10.32 14.60
C LYS A 136 -51.01 -10.20 15.48
N PHE A 137 -50.08 -11.14 15.33
CA PHE A 137 -48.94 -11.30 16.26
C PHE A 137 -47.74 -10.39 16.04
N ASP A 138 -47.19 -9.88 17.14
CA ASP A 138 -45.99 -9.03 17.10
C ASP A 138 -44.79 -9.61 17.87
N LEU A 139 -45.01 -10.76 18.50
CA LEU A 139 -43.95 -11.52 19.19
C LEU A 139 -44.29 -13.00 19.27
N ILE A 140 -43.56 -13.82 18.53
CA ILE A 140 -43.72 -15.27 18.60
C ILE A 140 -42.52 -15.85 19.36
N VAL A 141 -42.78 -16.52 20.47
CA VAL A 141 -41.70 -17.07 21.29
C VAL A 141 -41.68 -18.59 21.22
N TYR A 142 -40.73 -19.12 20.47
CA TYR A 142 -40.56 -20.57 20.35
C TYR A 142 -39.73 -21.06 21.52
N SER A 143 -40.38 -21.79 22.42
CA SER A 143 -39.75 -22.24 23.66
C SER A 143 -40.07 -23.71 23.96
N LEU A 144 -39.92 -24.57 22.96
CA LEU A 144 -40.25 -25.98 23.11
C LEU A 144 -39.05 -26.85 23.45
N ALA A 145 -39.10 -27.48 24.62
CA ALA A 145 -38.13 -28.50 24.99
C ALA A 145 -38.88 -29.83 25.08
N SER A 146 -38.65 -30.69 24.10
CA SER A 146 -39.28 -32.00 24.11
C SER A 146 -38.33 -33.08 23.60
N PRO A 147 -38.29 -34.23 24.29
CA PRO A 147 -37.40 -35.31 23.88
C PRO A 147 -37.86 -36.06 22.62
N VAL A 148 -39.06 -35.72 22.13
CA VAL A 148 -39.72 -36.50 21.07
C VAL A 148 -40.57 -35.62 20.14
N ARG A 149 -40.60 -35.96 18.84
CA ARG A 149 -41.39 -35.21 17.85
C ARG A 149 -41.96 -36.07 16.73
N THR A 150 -43.29 -36.11 16.68
CA THR A 150 -44.00 -36.76 15.58
C THR A 150 -44.03 -35.81 14.41
N ASP A 151 -43.44 -36.23 13.29
CA ASP A 151 -43.39 -35.41 12.08
C ASP A 151 -44.80 -35.30 11.47
N PRO A 152 -45.20 -34.09 11.08
CA PRO A 152 -46.55 -33.86 10.53
C PRO A 152 -46.73 -34.42 9.12
N ASP A 153 -45.64 -34.49 8.35
CA ASP A 153 -45.68 -34.96 6.97
C ASP A 153 -45.45 -36.47 6.86
N THR A 154 -44.30 -36.94 7.35
CA THR A 154 -43.93 -38.36 7.24
C THR A 154 -44.72 -39.22 8.21
N GLY A 155 -44.93 -38.72 9.42
CA GLY A 155 -45.67 -39.45 10.45
C GLY A 155 -44.77 -40.26 11.37
N ILE A 156 -43.46 -40.18 11.14
CA ILE A 156 -42.47 -40.89 11.94
C ILE A 156 -42.24 -40.18 13.28
N MSE A 157 -42.18 -40.97 14.35
CA MSE A 157 -41.85 -40.44 15.67
C MSE A 157 -40.36 -40.44 15.82
O MSE A 157 -39.70 -41.43 15.47
CB MSE A 157 -42.47 -41.31 16.76
CG MSE A 157 -42.87 -40.41 17.95
SE MSE A 157 -44.42 -41.14 18.90
CE MSE A 157 -45.69 -41.33 17.40
N HIS A 158 -39.83 -39.34 16.32
CA HIS A 158 -38.38 -39.16 16.46
C HIS A 158 -37.98 -38.92 17.89
N LYS A 159 -37.15 -39.84 18.40
CA LYS A 159 -36.51 -39.69 19.70
C LYS A 159 -35.32 -38.74 19.52
N SER A 160 -34.88 -38.10 20.61
CA SER A 160 -33.64 -37.33 20.59
C SER A 160 -32.63 -37.82 21.62
N VAL A 161 -31.34 -37.60 21.33
CA VAL A 161 -30.26 -38.03 22.20
C VAL A 161 -29.41 -36.85 22.63
N LEU A 162 -28.64 -37.03 23.69
CA LEU A 162 -27.71 -36.00 24.17
C LEU A 162 -26.30 -36.58 24.22
N LYS A 163 -25.74 -36.83 23.04
CA LYS A 163 -24.50 -37.60 22.92
C LYS A 163 -23.42 -36.90 22.09
N PRO A 164 -22.15 -37.31 22.23
CA PRO A 164 -21.08 -36.67 21.47
C PRO A 164 -20.82 -37.36 20.14
N PHE A 165 -19.85 -36.83 19.38
CA PHE A 165 -19.40 -37.45 18.14
C PHE A 165 -17.96 -37.93 18.29
N GLY A 166 -17.65 -39.06 17.68
CA GLY A 166 -16.31 -39.65 17.77
C GLY A 166 -16.07 -40.42 19.07
N LYS A 167 -15.67 -39.72 20.12
CA LYS A 167 -15.27 -40.37 21.38
C LYS A 167 -16.14 -40.07 22.60
N THR A 168 -16.36 -41.10 23.41
CA THR A 168 -17.10 -41.02 24.67
C THR A 168 -16.75 -39.78 25.48
N PHE A 169 -17.77 -38.98 25.78
CA PHE A 169 -17.60 -37.90 26.73
C PHE A 169 -17.91 -38.44 28.11
N THR A 170 -16.89 -38.43 28.97
CA THR A 170 -17.03 -38.94 30.33
C THR A 170 -16.65 -37.87 31.35
N GLY A 171 -17.40 -37.83 32.46
CA GLY A 171 -17.15 -36.86 33.52
C GLY A 171 -18.06 -36.98 34.72
N LYS A 172 -17.76 -36.21 35.76
CA LYS A 172 -18.44 -36.30 37.04
C LYS A 172 -19.90 -35.83 36.99
N THR A 173 -20.74 -36.40 37.86
CA THR A 173 -22.11 -35.93 38.08
C THR A 173 -22.41 -35.96 39.58
N VAL A 174 -23.29 -35.07 40.05
CA VAL A 174 -23.60 -34.99 41.48
C VAL A 174 -25.10 -35.06 41.74
N ASP A 175 -25.53 -36.14 42.38
CA ASP A 175 -26.90 -36.30 42.83
C ASP A 175 -27.19 -35.23 43.87
N PRO A 176 -28.05 -34.26 43.51
CA PRO A 176 -28.31 -33.05 44.32
C PRO A 176 -28.84 -33.28 45.74
N PHE A 177 -29.51 -34.41 45.97
CA PHE A 177 -30.10 -34.70 47.27
C PHE A 177 -29.16 -35.46 48.20
N THR A 178 -28.63 -36.58 47.71
CA THR A 178 -27.71 -37.41 48.48
C THR A 178 -26.32 -36.77 48.57
N GLY A 179 -25.94 -36.03 47.54
CA GLY A 179 -24.63 -35.38 47.49
C GLY A 179 -23.54 -36.29 46.97
N GLU A 180 -23.94 -37.47 46.48
CA GLU A 180 -23.02 -38.46 45.95
C GLU A 180 -22.36 -37.97 44.65
N LEU A 181 -21.03 -38.07 44.61
CA LEU A 181 -20.25 -37.65 43.46
C LEU A 181 -19.89 -38.85 42.60
N LYS A 182 -20.65 -39.04 41.53
CA LYS A 182 -20.51 -40.24 40.68
C LYS A 182 -19.77 -39.98 39.37
N GLU A 183 -19.96 -40.89 38.41
CA GLU A 183 -19.20 -40.89 37.16
C GLU A 183 -20.07 -41.46 36.05
N ILE A 184 -20.85 -40.58 35.41
CA ILE A 184 -21.64 -40.99 34.24
C ILE A 184 -21.00 -40.49 32.95
N SER A 185 -21.34 -41.14 31.84
CA SER A 185 -20.77 -40.80 30.54
C SER A 185 -21.80 -40.90 29.42
N ALA A 186 -21.56 -40.10 28.36
CA ALA A 186 -22.36 -40.16 27.15
C ALA A 186 -21.52 -40.76 26.02
N GLU A 187 -22.07 -41.76 25.34
CA GLU A 187 -21.32 -42.55 24.38
C GLU A 187 -21.64 -42.14 22.93
N PRO A 188 -20.63 -42.16 22.04
CA PRO A 188 -20.76 -41.58 20.69
C PRO A 188 -22.05 -41.94 19.98
N ALA A 189 -22.73 -40.94 19.43
CA ALA A 189 -23.97 -41.16 18.70
C ALA A 189 -23.71 -41.51 17.24
N ASN A 190 -24.45 -42.50 16.74
CA ASN A 190 -24.38 -42.88 15.33
C ASN A 190 -25.11 -41.86 14.44
N ASP A 191 -25.39 -42.27 13.20
CA ASP A 191 -25.96 -41.35 12.21
C ASP A 191 -27.49 -41.30 12.23
N GLU A 192 -28.13 -42.38 12.67
CA GLU A 192 -29.59 -42.41 12.85
C GLU A 192 -30.02 -41.49 13.99
N GLU A 193 -29.26 -41.51 15.08
CA GLU A 193 -29.54 -40.69 16.26
C GLU A 193 -29.20 -39.22 16.06
N ALA A 194 -28.30 -38.92 15.14
CA ALA A 194 -27.86 -37.55 14.90
C ALA A 194 -28.88 -36.71 14.14
N ALA A 195 -29.47 -37.30 13.09
CA ALA A 195 -30.50 -36.63 12.28
C ALA A 195 -31.82 -36.55 13.03
N ALA A 196 -32.06 -37.52 13.91
CA ALA A 196 -33.26 -37.58 14.72
C ALA A 196 -33.31 -36.45 15.75
N THR A 197 -32.15 -36.02 16.22
CA THR A 197 -32.05 -34.94 17.19
C THR A 197 -32.18 -33.56 16.53
N VAL A 198 -31.82 -33.49 15.25
CA VAL A 198 -32.01 -32.27 14.47
C VAL A 198 -33.48 -32.17 14.07
N LYS A 199 -34.10 -33.32 13.88
CA LYS A 199 -35.51 -33.41 13.55
C LYS A 199 -36.36 -32.87 14.71
N VAL A 200 -35.84 -33.01 15.93
CA VAL A 200 -36.56 -32.66 17.15
C VAL A 200 -36.14 -31.31 17.75
N MSE A 201 -34.86 -31.14 18.04
CA MSE A 201 -34.34 -29.98 18.79
C MSE A 201 -34.09 -28.76 17.93
O MSE A 201 -33.99 -27.65 18.45
CB MSE A 201 -33.05 -30.35 19.50
CG MSE A 201 -33.25 -31.24 20.72
SE MSE A 201 -34.37 -30.30 22.05
CE MSE A 201 -33.06 -28.97 22.70
N GLY A 202 -33.98 -28.96 16.62
CA GLY A 202 -33.66 -27.89 15.69
C GLY A 202 -34.78 -26.91 15.44
N GLY A 203 -34.65 -26.13 14.38
CA GLY A 203 -35.65 -25.12 14.02
C GLY A 203 -36.58 -25.56 12.93
N GLU A 204 -36.58 -26.85 12.64
CA GLU A 204 -37.41 -27.43 11.58
C GLU A 204 -38.88 -27.08 11.78
N ASP A 205 -39.34 -27.19 13.03
CA ASP A 205 -40.74 -26.93 13.37
C ASP A 205 -41.06 -25.45 13.53
N TRP A 206 -40.12 -24.72 14.12
CA TRP A 206 -40.26 -23.27 14.33
C TRP A 206 -40.45 -22.53 13.04
N GLU A 207 -39.79 -23.01 11.99
CA GLU A 207 -39.96 -22.49 10.64
C GLU A 207 -41.41 -22.68 10.17
N ARG A 208 -41.95 -23.87 10.45
CA ARG A 208 -43.32 -24.21 10.07
C ARG A 208 -44.33 -23.24 10.69
N TRP A 209 -44.11 -22.93 11.98
CA TRP A 209 -44.97 -22.01 12.72
C TRP A 209 -45.01 -20.62 12.13
N ILE A 210 -43.88 -20.17 11.59
CA ILE A 210 -43.77 -18.84 11.02
C ILE A 210 -44.36 -18.77 9.62
N LYS A 211 -44.05 -19.78 8.80
CA LYS A 211 -44.59 -19.85 7.44
C LYS A 211 -46.12 -19.86 7.44
N GLN A 212 -46.69 -20.73 8.27
CA GLN A 212 -48.14 -20.90 8.36
C GLN A 212 -48.87 -19.66 8.87
N LEU A 213 -48.27 -18.96 9.82
CA LEU A 213 -48.86 -17.73 10.35
C LEU A 213 -48.70 -16.55 9.40
N SER A 214 -47.75 -16.66 8.47
CA SER A 214 -47.44 -15.60 7.52
C SER A 214 -48.43 -15.58 6.35
N LYS A 215 -48.81 -16.78 5.90
CA LYS A 215 -49.76 -16.92 4.80
C LYS A 215 -51.18 -16.62 5.28
N GLU A 216 -51.42 -16.80 6.57
CA GLU A 216 -52.70 -16.42 7.17
C GLU A 216 -52.78 -14.95 7.58
N GLY A 217 -51.72 -14.19 7.26
CA GLY A 217 -51.64 -12.76 7.54
C GLY A 217 -51.80 -12.42 9.01
N LEU A 218 -51.17 -13.24 9.86
CA LEU A 218 -51.29 -13.09 11.31
C LEU A 218 -50.04 -12.51 11.97
N LEU A 219 -49.18 -11.89 11.17
CA LEU A 219 -47.98 -11.24 11.70
C LEU A 219 -47.99 -9.75 11.37
N GLU A 220 -47.64 -8.91 12.35
CA GLU A 220 -47.60 -7.47 12.15
C GLU A 220 -46.33 -7.03 11.40
N GLU A 221 -46.21 -5.72 11.21
CA GLU A 221 -45.05 -5.13 10.55
C GLU A 221 -43.84 -5.21 11.49
N GLY A 222 -42.81 -5.92 11.04
CA GLY A 222 -41.55 -6.03 11.79
C GLY A 222 -41.65 -6.85 13.06
N CYS A 223 -42.44 -7.93 12.99
CA CYS A 223 -42.68 -8.81 14.13
C CYS A 223 -41.42 -9.53 14.61
N ILE A 224 -41.19 -9.51 15.92
CA ILE A 224 -40.06 -10.20 16.54
C ILE A 224 -40.44 -11.66 16.86
N THR A 225 -39.56 -12.59 16.48
CA THR A 225 -39.75 -13.99 16.84
C THR A 225 -38.42 -14.59 17.27
N LEU A 226 -38.43 -15.32 18.39
CA LEU A 226 -37.19 -15.88 18.92
C LEU A 226 -37.33 -17.28 19.49
N ALA A 227 -36.32 -18.10 19.22
CA ALA A 227 -36.21 -19.43 19.77
C ALA A 227 -35.04 -19.44 20.75
N TYR A 228 -35.20 -20.19 21.84
CA TYR A 228 -34.18 -20.23 22.88
C TYR A 228 -33.13 -21.30 22.63
N SER A 229 -31.90 -21.03 23.06
CA SER A 229 -30.81 -21.97 22.90
C SER A 229 -29.80 -21.80 24.03
N TYR A 230 -28.75 -22.63 24.01
CA TYR A 230 -27.73 -22.63 25.05
C TYR A 230 -26.38 -23.06 24.46
N ILE A 231 -25.33 -22.33 24.80
CA ILE A 231 -23.99 -22.66 24.34
C ILE A 231 -23.19 -23.39 25.42
N GLY A 232 -23.17 -22.82 26.63
CA GLY A 232 -22.56 -23.48 27.76
C GLY A 232 -21.07 -23.18 27.97
N PRO A 233 -20.46 -23.82 28.98
CA PRO A 233 -19.07 -23.58 29.32
C PRO A 233 -18.14 -24.42 28.46
N GLU A 234 -16.83 -24.24 28.65
CA GLU A 234 -15.83 -24.97 27.88
C GLU A 234 -15.78 -26.47 28.20
N ALA A 235 -16.39 -26.86 29.32
CA ALA A 235 -16.40 -28.26 29.74
C ALA A 235 -17.35 -29.11 28.92
N THR A 236 -18.55 -28.59 28.66
CA THR A 236 -19.58 -29.35 27.97
C THR A 236 -19.67 -29.02 26.48
N GLN A 237 -18.56 -28.54 25.92
CA GLN A 237 -18.47 -28.26 24.50
C GLN A 237 -18.59 -29.54 23.67
N ALA A 238 -18.21 -30.67 24.26
CA ALA A 238 -18.26 -31.97 23.60
C ALA A 238 -19.69 -32.47 23.36
N LEU A 239 -20.64 -31.86 24.07
CA LEU A 239 -22.07 -32.13 23.92
C LEU A 239 -22.84 -30.98 23.26
N TYR A 240 -22.44 -29.75 23.57
CA TYR A 240 -23.18 -28.55 23.16
C TYR A 240 -22.64 -27.82 21.93
N ARG A 241 -21.40 -28.08 21.56
CA ARG A 241 -20.79 -27.42 20.41
C ARG A 241 -20.50 -28.42 19.28
N LYS A 242 -19.75 -29.47 19.60
CA LYS A 242 -19.39 -30.49 18.63
C LYS A 242 -20.12 -31.81 18.88
N GLY A 243 -21.18 -31.74 19.68
CA GLY A 243 -22.00 -32.91 20.02
C GLY A 243 -23.29 -33.01 19.22
N THR A 244 -24.23 -33.81 19.71
CA THR A 244 -25.47 -34.08 19.00
C THR A 244 -26.56 -33.04 19.33
N ILE A 245 -26.49 -32.47 20.54
CA ILE A 245 -27.26 -31.27 20.86
C ILE A 245 -26.65 -30.11 20.09
N GLY A 246 -25.33 -30.17 19.91
CA GLY A 246 -24.58 -29.15 19.20
C GLY A 246 -25.01 -28.98 17.76
N LYS A 247 -25.15 -30.09 17.04
CA LYS A 247 -25.59 -30.04 15.64
C LYS A 247 -27.00 -29.49 15.54
N ALA A 248 -27.89 -29.95 16.41
CA ALA A 248 -29.29 -29.51 16.46
C ALA A 248 -29.42 -28.02 16.75
N LYS A 249 -28.55 -27.52 17.62
CA LYS A 249 -28.45 -26.10 17.94
C LYS A 249 -28.01 -25.27 16.72
N GLU A 250 -27.11 -25.83 15.91
CA GLU A 250 -26.59 -25.13 14.73
C GLU A 250 -27.65 -25.03 13.63
N HIS A 251 -28.57 -26.00 13.61
CA HIS A 251 -29.71 -25.99 12.69
C HIS A 251 -30.71 -24.93 13.06
N LEU A 252 -30.88 -24.69 14.37
CA LEU A 252 -31.82 -23.70 14.87
C LEU A 252 -31.44 -22.27 14.46
N GLU A 253 -30.18 -21.92 14.61
CA GLU A 253 -29.69 -20.59 14.24
C GLU A 253 -29.50 -20.44 12.73
N ALA A 254 -29.42 -21.55 12.01
CA ALA A 254 -29.44 -21.54 10.55
C ALA A 254 -30.85 -21.25 10.05
N THR A 255 -31.85 -21.66 10.84
CA THR A 255 -33.26 -21.39 10.55
C THR A 255 -33.58 -19.92 10.80
N ALA A 256 -32.89 -19.30 11.75
CA ALA A 256 -33.10 -17.88 12.06
C ALA A 256 -32.60 -16.95 10.94
N HIS A 257 -31.65 -17.42 10.14
CA HIS A 257 -31.17 -16.66 8.98
C HIS A 257 -32.06 -16.87 7.79
N ARG A 258 -32.43 -18.13 7.58
CA ARG A 258 -33.35 -18.51 6.51
C ARG A 258 -34.71 -17.83 6.64
N LEU A 259 -35.08 -17.46 7.86
CA LEU A 259 -36.35 -16.78 8.12
C LEU A 259 -36.35 -15.28 7.83
N ASN A 260 -35.21 -14.62 8.08
CA ASN A 260 -35.04 -13.19 7.75
C ASN A 260 -34.87 -12.97 6.24
N LYS A 261 -34.28 -13.94 5.57
CA LYS A 261 -33.99 -13.89 4.14
C LYS A 261 -35.25 -14.06 3.28
N GLU A 262 -36.16 -14.93 3.73
CA GLU A 262 -37.36 -15.28 2.96
C GLU A 262 -38.59 -14.39 3.27
N ASN A 263 -38.47 -13.52 4.27
CA ASN A 263 -39.56 -12.62 4.64
C ASN A 263 -39.02 -11.40 5.41
N PRO A 264 -38.58 -10.35 4.68
CA PRO A 264 -37.90 -9.22 5.34
C PRO A 264 -38.78 -8.40 6.28
N SER A 265 -40.08 -8.67 6.29
CA SER A 265 -41.01 -7.96 7.17
C SER A 265 -41.09 -8.57 8.59
N ILE A 266 -40.34 -9.64 8.82
CA ILE A 266 -40.20 -10.25 10.16
C ILE A 266 -38.73 -10.24 10.58
N ARG A 267 -38.48 -10.23 11.89
CA ARG A 267 -37.12 -10.23 12.42
C ARG A 267 -36.91 -11.37 13.41
N ALA A 268 -36.19 -12.41 12.96
CA ALA A 268 -35.97 -13.62 13.74
C ALA A 268 -34.59 -13.67 14.40
N PHE A 269 -34.56 -14.01 15.69
CA PHE A 269 -33.33 -14.21 16.44
C PHE A 269 -33.39 -15.51 17.23
N VAL A 270 -32.23 -16.12 17.48
CA VAL A 270 -32.14 -17.18 18.50
C VAL A 270 -31.52 -16.59 19.76
N SER A 271 -32.25 -16.66 20.87
CA SER A 271 -31.75 -16.15 22.14
C SER A 271 -30.98 -17.23 22.89
N VAL A 272 -29.74 -16.90 23.24
CA VAL A 272 -28.91 -17.81 24.02
C VAL A 272 -28.98 -17.39 25.48
N ASN A 273 -29.73 -18.17 26.26
CA ASN A 273 -29.94 -17.87 27.68
C ASN A 273 -29.00 -18.62 28.60
N LYS A 274 -29.10 -18.33 29.90
CA LYS A 274 -28.28 -18.97 30.93
C LYS A 274 -28.71 -20.42 31.19
N GLY A 275 -27.82 -21.21 31.77
CA GLY A 275 -28.13 -22.58 32.14
C GLY A 275 -28.85 -22.69 33.47
N LEU A 276 -29.91 -23.50 33.51
CA LEU A 276 -30.60 -23.78 34.75
C LEU A 276 -31.12 -25.21 34.78
N VAL A 277 -31.57 -25.64 35.96
CA VAL A 277 -31.90 -27.04 36.21
C VAL A 277 -33.18 -27.46 35.50
N THR A 278 -33.06 -28.48 34.65
CA THR A 278 -34.19 -29.04 33.92
C THR A 278 -34.16 -30.57 33.97
N ARG A 279 -35.20 -31.19 33.41
CA ARG A 279 -35.35 -32.65 33.40
C ARG A 279 -34.20 -33.40 32.73
N ALA A 280 -33.50 -32.73 31.82
CA ALA A 280 -32.34 -33.34 31.15
C ALA A 280 -31.14 -33.46 32.09
N SER A 281 -30.89 -32.42 32.88
CA SER A 281 -29.68 -32.26 33.71
C SER A 281 -29.12 -33.52 34.38
N ALA A 282 -29.99 -34.28 35.06
CA ALA A 282 -29.57 -35.42 35.88
C ALA A 282 -28.73 -36.47 35.13
N VAL A 283 -29.21 -36.89 33.95
CA VAL A 283 -28.58 -37.96 33.16
C VAL A 283 -27.65 -37.43 32.06
N ILE A 284 -27.16 -36.21 32.25
CA ILE A 284 -26.19 -35.60 31.34
C ILE A 284 -24.97 -35.13 32.16
N PRO A 285 -23.76 -35.58 31.73
CA PRO A 285 -22.47 -35.51 32.46
C PRO A 285 -21.95 -34.07 32.70
N VAL A 286 -21.61 -33.80 33.97
CA VAL A 286 -20.90 -32.58 34.36
C VAL A 286 -21.79 -31.33 34.20
N ILE A 287 -23.10 -31.54 34.13
CA ILE A 287 -24.03 -30.41 34.03
C ILE A 287 -24.57 -30.08 35.42
N PRO A 288 -24.85 -31.12 36.24
CA PRO A 288 -25.29 -30.85 37.61
C PRO A 288 -24.14 -30.29 38.43
N LEU A 289 -22.95 -30.89 38.28
CA LEU A 289 -21.76 -30.45 38.98
C LEU A 289 -21.41 -29.01 38.57
N TYR A 290 -21.47 -28.74 37.27
CA TYR A 290 -21.27 -27.41 36.76
C TYR A 290 -22.30 -26.43 37.30
N LEU A 291 -23.58 -26.74 37.14
CA LEU A 291 -24.66 -25.86 37.59
C LEU A 291 -24.69 -25.63 39.10
N ALA A 292 -24.31 -26.64 39.89
CA ALA A 292 -24.26 -26.51 41.35
C ALA A 292 -23.10 -25.62 41.79
N SER A 293 -21.97 -25.77 41.11
CA SER A 293 -20.80 -24.92 41.34
C SER A 293 -21.06 -23.52 40.79
N LEU A 294 -21.81 -23.43 39.70
CA LEU A 294 -22.14 -22.16 39.06
C LEU A 294 -23.00 -21.27 39.94
N PHE A 295 -24.00 -21.85 40.62
CA PHE A 295 -24.88 -21.07 41.49
C PHE A 295 -24.15 -20.53 42.71
N LYS A 296 -23.25 -21.34 43.28
CA LYS A 296 -22.39 -20.91 44.38
C LYS A 296 -21.62 -19.64 44.01
N VAL A 297 -20.96 -19.68 42.85
CA VAL A 297 -20.17 -18.55 42.37
C VAL A 297 -21.05 -17.34 42.04
N MSE A 298 -22.15 -17.58 41.31
CA MSE A 298 -23.01 -16.48 40.84
C MSE A 298 -23.85 -15.89 41.95
O MSE A 298 -24.29 -14.74 41.85
CB MSE A 298 -23.88 -16.94 39.68
CG MSE A 298 -23.02 -17.14 38.42
SE MSE A 298 -24.16 -17.15 36.81
CE MSE A 298 -23.73 -15.31 36.23
N LYS A 299 -24.10 -16.66 43.01
CA LYS A 299 -24.77 -16.12 44.19
C LYS A 299 -23.82 -15.20 44.94
N GLU A 300 -22.60 -15.69 45.16
CA GLU A 300 -21.52 -14.94 45.79
C GLU A 300 -21.27 -13.59 45.09
N LYS A 301 -21.26 -13.61 43.77
CA LYS A 301 -21.00 -12.40 42.97
C LYS A 301 -22.23 -11.52 42.78
N GLY A 302 -23.41 -12.10 42.97
CA GLY A 302 -24.68 -11.36 42.83
C GLY A 302 -25.05 -11.10 41.39
N ASN A 303 -24.98 -12.15 40.57
CA ASN A 303 -25.42 -12.09 39.18
C ASN A 303 -26.09 -13.41 38.79
N HIS A 304 -26.56 -14.13 39.81
CA HIS A 304 -27.41 -15.29 39.62
C HIS A 304 -28.80 -14.82 39.35
N GLU A 305 -29.29 -15.12 38.16
CA GLU A 305 -30.66 -14.86 37.80
C GLU A 305 -31.34 -16.17 37.39
N GLY A 306 -32.51 -16.44 37.97
CA GLY A 306 -33.32 -17.58 37.59
C GLY A 306 -34.10 -17.28 36.33
N CYS A 307 -35.18 -18.01 36.11
CA CYS A 307 -35.97 -17.88 34.88
C CYS A 307 -36.55 -16.50 34.65
N ILE A 308 -37.33 -16.02 35.63
CA ILE A 308 -38.06 -14.78 35.49
C ILE A 308 -37.13 -13.56 35.43
N GLU A 309 -36.08 -13.60 36.24
CA GLU A 309 -35.06 -12.54 36.30
C GLU A 309 -34.27 -12.44 34.99
N GLN A 310 -34.13 -13.58 34.31
CA GLN A 310 -33.47 -13.68 33.00
C GLN A 310 -34.28 -13.03 31.89
N ILE A 311 -35.56 -13.42 31.81
CA ILE A 311 -36.46 -13.01 30.73
C ILE A 311 -36.89 -11.55 30.81
N THR A 312 -37.07 -11.06 32.04
CA THR A 312 -37.39 -9.64 32.26
C THR A 312 -36.26 -8.76 31.71
N ARG A 313 -35.03 -9.14 32.00
CA ARG A 313 -33.88 -8.48 31.42
C ARG A 313 -33.94 -8.55 29.90
N LEU A 314 -34.19 -9.74 29.36
CA LEU A 314 -34.32 -9.91 27.92
C LEU A 314 -35.26 -8.88 27.29
N TYR A 315 -36.52 -8.87 27.71
CA TYR A 315 -37.53 -7.95 27.16
C TYR A 315 -37.10 -6.51 27.27
N ALA A 316 -36.64 -6.13 28.47
CA ALA A 316 -36.36 -4.75 28.83
C ALA A 316 -35.09 -4.20 28.20
N GLU A 317 -34.09 -5.05 28.02
CA GLU A 317 -32.77 -4.60 27.61
C GLU A 317 -32.28 -5.19 26.30
N ARG A 318 -33.17 -5.90 25.60
CA ARG A 318 -32.82 -6.47 24.30
C ARG A 318 -33.85 -6.12 23.24
N LEU A 319 -35.10 -6.51 23.50
CA LEU A 319 -36.18 -6.33 22.55
C LEU A 319 -36.71 -4.91 22.68
N TYR A 320 -37.48 -4.68 23.74
CA TYR A 320 -38.24 -3.44 23.90
C TYR A 320 -37.49 -2.40 24.74
N ARG A 321 -36.41 -1.88 24.14
CA ARG A 321 -35.58 -0.87 24.77
C ARG A 321 -35.77 0.49 24.10
N LYS A 322 -35.50 1.55 24.86
CA LYS A 322 -35.66 2.93 24.41
C LYS A 322 -35.07 3.18 23.03
N ASP A 323 -33.88 2.63 22.80
CA ASP A 323 -33.08 2.85 21.59
C ASP A 323 -33.69 2.21 20.33
N GLY A 324 -34.58 1.24 20.52
CA GLY A 324 -35.24 0.57 19.41
C GLY A 324 -34.51 -0.67 18.89
N THR A 325 -33.18 -0.62 18.92
CA THR A 325 -32.34 -1.71 18.41
C THR A 325 -32.40 -3.00 19.23
N ILE A 326 -31.95 -4.08 18.60
CA ILE A 326 -31.82 -5.37 19.27
C ILE A 326 -30.34 -5.74 19.24
N PRO A 327 -29.62 -5.50 20.35
CA PRO A 327 -28.21 -5.85 20.49
C PRO A 327 -27.96 -7.35 20.29
N VAL A 328 -27.22 -7.68 19.22
CA VAL A 328 -26.83 -9.07 18.96
C VAL A 328 -25.31 -9.17 18.88
N ASP A 329 -24.81 -10.41 18.82
CA ASP A 329 -23.38 -10.65 18.76
C ASP A 329 -22.92 -10.77 17.30
N GLU A 330 -21.77 -11.45 17.11
CA GLU A 330 -21.17 -11.68 15.79
C GLU A 330 -22.08 -12.45 14.84
N GLU A 331 -22.53 -13.65 15.26
CA GLU A 331 -23.38 -14.49 14.43
C GLU A 331 -24.91 -14.21 14.59
N ASN A 332 -25.22 -12.97 14.96
CA ASN A 332 -26.58 -12.43 14.95
C ASN A 332 -27.52 -13.07 15.96
N ARG A 333 -27.06 -13.20 17.19
CA ARG A 333 -27.82 -13.88 18.24
C ARG A 333 -27.97 -12.98 19.45
N ILE A 334 -29.11 -13.07 20.11
CA ILE A 334 -29.34 -12.40 21.39
C ILE A 334 -28.52 -13.11 22.46
N ARG A 335 -27.79 -12.34 23.25
CA ARG A 335 -26.94 -12.91 24.30
C ARG A 335 -27.39 -12.49 25.69
N ILE A 336 -28.01 -13.42 26.41
CA ILE A 336 -28.43 -13.19 27.79
C ILE A 336 -27.58 -14.02 28.75
N ASP A 337 -26.88 -15.00 28.19
CA ASP A 337 -25.91 -15.78 28.94
C ASP A 337 -24.60 -15.00 29.20
N ASP A 338 -24.62 -13.70 28.86
CA ASP A 338 -23.47 -12.80 28.97
C ASP A 338 -22.80 -12.76 30.33
N TRP A 339 -23.60 -12.89 31.40
CA TRP A 339 -23.07 -12.92 32.76
C TRP A 339 -22.47 -14.25 33.11
N GLU A 340 -23.13 -15.33 32.67
CA GLU A 340 -22.64 -16.68 32.93
C GLU A 340 -21.24 -16.87 32.37
N LEU A 341 -21.05 -16.49 31.12
CA LEU A 341 -19.81 -16.81 30.41
C LEU A 341 -18.75 -15.72 30.53
N GLU A 342 -19.05 -14.65 31.24
CA GLU A 342 -18.01 -13.67 31.58
C GLU A 342 -16.90 -14.40 32.33
N GLU A 343 -15.65 -14.08 31.99
CA GLU A 343 -14.50 -14.95 32.32
C GLU A 343 -14.15 -15.13 33.81
N ASP A 344 -14.36 -14.08 34.62
CA ASP A 344 -14.07 -14.17 36.06
C ASP A 344 -15.02 -15.14 36.78
N VAL A 345 -16.22 -15.31 36.21
CA VAL A 345 -17.18 -16.31 36.67
C VAL A 345 -16.70 -17.69 36.21
N GLN A 346 -16.39 -17.81 34.92
CA GLN A 346 -15.99 -19.10 34.33
C GLN A 346 -14.72 -19.68 34.94
N LYS A 347 -13.73 -18.81 35.15
CA LYS A 347 -12.48 -19.20 35.80
C LYS A 347 -12.72 -19.69 37.24
N ALA A 348 -13.63 -19.03 37.95
CA ALA A 348 -13.99 -19.38 39.33
C ALA A 348 -14.75 -20.71 39.46
N VAL A 349 -15.66 -20.96 38.52
CA VAL A 349 -16.45 -22.20 38.50
C VAL A 349 -15.55 -23.41 38.19
N SER A 350 -14.57 -23.21 37.31
CA SER A 350 -13.62 -24.25 36.92
C SER A 350 -12.71 -24.64 38.08
N ALA A 351 -12.27 -23.64 38.84
CA ALA A 351 -11.50 -23.87 40.06
C ALA A 351 -12.30 -24.73 41.04
N LEU A 352 -13.57 -24.38 41.22
CA LEU A 352 -14.46 -25.04 42.19
C LEU A 352 -14.74 -26.50 41.86
N MSE A 353 -14.80 -26.82 40.57
CA MSE A 353 -15.14 -28.17 40.13
C MSE A 353 -14.01 -29.13 40.29
O MSE A 353 -14.24 -30.34 40.45
CB MSE A 353 -15.52 -28.09 38.67
CG MSE A 353 -17.01 -27.77 38.54
SE MSE A 353 -17.53 -27.87 36.65
CE MSE A 353 -16.86 -29.74 36.29
N GLU A 354 -12.78 -28.64 40.24
CA GLU A 354 -11.60 -29.49 40.35
C GLU A 354 -11.37 -29.90 41.82
N LYS A 355 -11.79 -29.05 42.75
CA LYS A 355 -11.59 -29.31 44.18
C LYS A 355 -12.84 -29.78 44.93
N VAL A 356 -13.77 -30.40 44.21
CA VAL A 356 -14.94 -31.03 44.83
C VAL A 356 -14.82 -32.55 44.73
N THR A 357 -15.13 -33.22 45.83
CA THR A 357 -14.95 -34.67 45.95
C THR A 357 -16.14 -35.36 46.63
N GLY A 358 -15.93 -36.61 47.05
CA GLY A 358 -16.98 -37.47 47.59
C GLY A 358 -17.71 -36.99 48.83
N GLU A 359 -17.20 -35.94 49.50
CA GLU A 359 -17.84 -35.44 50.73
C GLU A 359 -18.04 -33.93 50.85
N ASN A 360 -17.14 -33.15 50.25
CA ASN A 360 -17.26 -31.69 50.28
C ASN A 360 -18.36 -31.17 49.34
N ALA A 361 -19.09 -32.09 48.72
CA ALA A 361 -20.11 -31.78 47.73
C ALA A 361 -21.14 -30.76 48.21
N GLU A 362 -21.88 -31.09 49.26
CA GLU A 362 -22.81 -30.16 49.90
C GLU A 362 -22.09 -28.91 50.36
N SER A 363 -20.85 -29.11 50.81
CA SER A 363 -20.07 -28.08 51.49
C SER A 363 -19.66 -26.91 50.61
N LEU A 364 -19.10 -27.18 49.43
CA LEU A 364 -18.52 -26.08 48.63
C LEU A 364 -19.17 -25.79 47.27
N THR A 365 -20.16 -26.61 46.87
CA THR A 365 -21.03 -26.24 45.74
C THR A 365 -22.46 -26.08 46.24
N ASP A 366 -23.27 -25.29 45.52
CA ASP A 366 -24.64 -25.03 45.95
C ASP A 366 -25.65 -26.11 45.56
N LEU A 367 -25.57 -27.25 46.24
CA LEU A 367 -26.54 -28.33 46.04
C LEU A 367 -27.92 -27.98 46.56
N ALA A 368 -27.98 -27.16 47.63
CA ALA A 368 -29.25 -26.76 48.24
C ALA A 368 -30.07 -25.89 47.29
N GLY A 369 -29.39 -24.92 46.68
CA GLY A 369 -30.02 -24.06 45.68
C GLY A 369 -30.45 -24.86 44.47
N TYR A 370 -29.62 -25.83 44.08
CA TYR A 370 -29.92 -26.71 42.94
C TYR A 370 -31.14 -27.56 43.24
N ARG A 371 -31.23 -28.05 44.47
CA ARG A 371 -32.41 -28.77 44.92
C ARG A 371 -33.66 -27.91 44.85
N HIS A 372 -33.56 -26.67 45.33
CA HIS A 372 -34.71 -25.79 45.35
C HIS A 372 -35.22 -25.52 43.97
N ASP A 373 -34.33 -25.15 43.05
CA ASP A 373 -34.71 -24.97 41.64
C ASP A 373 -35.38 -26.22 41.04
N PHE A 374 -34.78 -27.38 41.30
CA PHE A 374 -35.30 -28.64 40.78
C PHE A 374 -36.66 -29.02 41.35
N LEU A 375 -36.91 -28.63 42.60
CA LEU A 375 -38.19 -28.93 43.26
C LEU A 375 -39.26 -27.89 42.95
N ALA A 376 -38.86 -26.61 42.91
CA ALA A 376 -39.76 -25.51 42.60
C ALA A 376 -40.38 -25.63 41.21
N SER A 377 -39.72 -26.40 40.34
CA SER A 377 -40.26 -26.69 39.00
C SER A 377 -41.49 -27.59 39.10
N ASN A 378 -41.71 -28.18 40.26
CA ASN A 378 -42.86 -29.07 40.47
C ASN A 378 -43.78 -28.63 41.62
N GLY A 379 -43.57 -27.42 42.11
CA GLY A 379 -44.42 -26.84 43.14
C GLY A 379 -43.97 -27.14 44.55
N PHE A 380 -42.81 -27.79 44.67
CA PHE A 380 -42.28 -28.12 45.98
C PHE A 380 -41.24 -27.11 46.43
N ASP A 381 -40.95 -27.11 47.73
CA ASP A 381 -39.94 -26.23 48.34
C ASP A 381 -40.14 -24.73 48.05
N VAL A 382 -41.36 -24.34 47.70
CA VAL A 382 -41.71 -22.94 47.54
C VAL A 382 -41.99 -22.37 48.94
N GLU A 383 -41.36 -21.24 49.24
CA GLU A 383 -41.55 -20.53 50.52
C GLU A 383 -43.00 -20.05 50.64
N GLY A 384 -43.51 -20.03 51.87
CA GLY A 384 -44.86 -19.53 52.12
C GLY A 384 -45.95 -20.58 51.92
N ILE A 385 -45.56 -21.72 51.37
CA ILE A 385 -46.43 -22.89 51.28
C ILE A 385 -46.12 -23.80 52.48
N ASN A 386 -47.14 -24.14 53.26
CA ASN A 386 -47.00 -25.15 54.31
C ASN A 386 -47.34 -26.52 53.74
N TYR A 387 -46.33 -27.38 53.64
CA TYR A 387 -46.46 -28.64 52.93
C TYR A 387 -47.14 -29.76 53.72
N GLU A 388 -47.22 -29.60 55.04
CA GLU A 388 -47.86 -30.60 55.90
C GLU A 388 -49.38 -30.65 55.72
N ALA A 389 -49.95 -29.57 55.18
CA ALA A 389 -51.40 -29.47 54.98
C ALA A 389 -51.91 -30.43 53.92
N GLU A 390 -53.13 -30.95 54.12
CA GLU A 390 -53.78 -31.88 53.21
C GLU A 390 -54.13 -31.21 51.88
N VAL A 391 -54.34 -32.03 50.84
CA VAL A 391 -54.70 -31.52 49.52
C VAL A 391 -56.07 -32.03 49.08
N GLU A 392 -57.02 -31.11 48.93
CA GLU A 392 -58.41 -31.42 48.60
C GLU A 392 -58.55 -32.27 47.34
N ARG A 393 -58.23 -31.66 46.19
CA ARG A 393 -58.38 -32.28 44.88
C ARG A 393 -57.13 -32.02 44.04
N PHE A 394 -57.06 -32.63 42.86
CA PHE A 394 -55.91 -32.43 41.97
C PHE A 394 -56.24 -31.79 40.63
N ASP A 395 -57.45 -31.25 40.50
CA ASP A 395 -57.92 -30.70 39.22
C ASP A 395 -58.30 -29.22 39.32
N ARG A 396 -57.95 -28.61 40.44
CA ARG A 396 -58.19 -27.18 40.63
C ARG A 396 -57.18 -26.53 41.58
N ILE A 397 -56.92 -25.24 41.34
CA ILE A 397 -56.14 -24.43 42.25
C ILE A 397 -57.08 -23.42 42.93
N LEU A 398 -56.74 -23.01 44.15
CA LEU A 398 -57.65 -22.19 44.95
C LEU A 398 -56.93 -21.22 45.90
N GLU A 399 -57.50 -20.01 45.99
CA GLU A 399 -57.00 -18.89 46.82
C GLU A 399 -56.69 -17.66 45.95
N MSE B 1 -28.13 -22.76 -0.05
CA MSE B 1 -28.46 -24.21 0.04
C MSE B 1 -27.48 -24.94 0.92
O MSE B 1 -26.43 -24.41 1.26
CB MSE B 1 -28.50 -24.80 -1.37
CG MSE B 1 -27.14 -24.81 -2.04
SE MSE B 1 -27.15 -26.15 -3.48
CE MSE B 1 -27.61 -27.76 -2.42
N ILE B 2 -27.83 -26.18 1.28
CA ILE B 2 -27.03 -26.98 2.21
C ILE B 2 -25.90 -27.72 1.50
N VAL B 3 -24.67 -27.42 1.91
CA VAL B 3 -23.47 -28.07 1.39
C VAL B 3 -22.78 -28.86 2.51
N LYS B 4 -22.39 -30.10 2.21
CA LYS B 4 -21.63 -30.93 3.15
C LYS B 4 -20.74 -31.93 2.41
N PRO B 5 -19.67 -32.44 3.09
CA PRO B 5 -18.67 -33.25 2.39
C PRO B 5 -19.30 -34.40 1.61
N MSE B 6 -18.92 -34.49 0.34
CA MSE B 6 -19.36 -35.55 -0.54
C MSE B 6 -18.13 -36.32 -0.92
O MSE B 6 -17.52 -36.07 -1.97
CB MSE B 6 -20.00 -34.89 -1.75
CG MSE B 6 -21.14 -35.72 -2.34
SE MSE B 6 -21.51 -35.03 -4.16
CE MSE B 6 -21.93 -33.14 -3.72
N VAL B 7 -17.74 -37.25 -0.06
CA VAL B 7 -16.49 -38.00 -0.22
C VAL B 7 -16.76 -39.38 -0.79
N ARG B 8 -16.35 -39.59 -2.04
CA ARG B 8 -16.52 -40.88 -2.69
C ARG B 8 -15.17 -41.38 -3.22
N ASN B 9 -14.94 -42.69 -3.13
CA ASN B 9 -13.67 -43.32 -3.51
C ASN B 9 -12.49 -42.68 -2.76
N ASN B 10 -12.74 -42.30 -1.51
CA ASN B 10 -11.78 -41.65 -0.62
C ASN B 10 -11.27 -40.27 -1.11
N ILE B 11 -12.00 -39.69 -2.07
CA ILE B 11 -11.70 -38.36 -2.58
C ILE B 11 -12.89 -37.45 -2.32
N CYS B 12 -12.61 -36.21 -1.90
CA CYS B 12 -13.65 -35.27 -1.57
C CYS B 12 -13.88 -34.32 -2.76
N LEU B 13 -14.98 -34.55 -3.48
CA LEU B 13 -15.21 -33.90 -4.78
C LEU B 13 -15.59 -32.41 -4.69
N ASN B 14 -16.57 -32.08 -3.84
CA ASN B 14 -17.03 -30.70 -3.70
C ASN B 14 -16.24 -29.93 -2.64
N ALA B 15 -16.60 -28.67 -2.45
CA ALA B 15 -15.91 -27.79 -1.51
C ALA B 15 -16.87 -26.78 -0.90
N HIS B 16 -16.57 -26.36 0.33
CA HIS B 16 -17.36 -25.34 1.02
C HIS B 16 -16.67 -24.02 0.90
N PRO B 17 -17.34 -23.03 0.30
CA PRO B 17 -16.70 -21.72 0.07
C PRO B 17 -16.41 -20.96 1.37
N GLN B 18 -17.37 -20.96 2.29
CA GLN B 18 -17.22 -20.25 3.55
C GLN B 18 -16.12 -20.85 4.43
N GLY B 19 -16.05 -22.18 4.45
CA GLY B 19 -15.00 -22.89 5.18
C GLY B 19 -13.63 -22.56 4.64
N CYS B 20 -13.49 -22.56 3.32
CA CYS B 20 -12.25 -22.21 2.65
C CYS B 20 -11.78 -20.80 3.01
N LYS B 21 -12.73 -19.89 3.27
CA LYS B 21 -12.41 -18.50 3.63
C LYS B 21 -11.97 -18.36 5.08
N LYS B 22 -12.69 -19.05 5.97
CA LYS B 22 -12.40 -18.98 7.41
C LYS B 22 -11.03 -19.56 7.73
N GLY B 23 -10.69 -20.68 7.10
CA GLY B 23 -9.40 -21.35 7.28
C GLY B 23 -8.21 -20.52 6.80
N VAL B 24 -8.41 -19.76 5.74
CA VAL B 24 -7.41 -18.81 5.27
C VAL B 24 -7.20 -17.71 6.31
N GLU B 25 -8.31 -17.14 6.79
CA GLU B 25 -8.27 -16.11 7.82
C GLU B 25 -7.61 -16.60 9.11
N ASP B 26 -7.71 -17.91 9.36
CA ASP B 26 -7.16 -18.54 10.56
C ASP B 26 -5.65 -18.68 10.47
N GLN B 27 -5.16 -19.06 9.30
CA GLN B 27 -3.74 -19.15 9.06
C GLN B 27 -3.10 -17.77 9.21
N ILE B 28 -3.73 -16.75 8.60
CA ILE B 28 -3.30 -15.36 8.73
C ILE B 28 -3.18 -14.93 10.20
N GLU B 29 -4.24 -15.17 10.98
CA GLU B 29 -4.24 -14.81 12.40
C GLU B 29 -3.05 -15.40 13.12
N TYR B 30 -2.88 -16.72 12.99
CA TYR B 30 -1.74 -17.44 13.55
C TYR B 30 -0.37 -16.92 13.06
N THR B 31 -0.31 -16.45 11.81
CA THR B 31 0.92 -15.87 11.28
C THR B 31 1.25 -14.54 11.96
N LYS B 32 0.22 -13.73 12.18
CA LYS B 32 0.39 -12.47 12.89
C LYS B 32 0.87 -12.67 14.33
N LYS B 33 0.37 -13.73 14.96
CA LYS B 33 0.72 -14.08 16.32
C LYS B 33 2.13 -14.74 16.41
N ARG B 34 2.48 -15.54 15.39
CA ARG B 34 3.75 -16.28 15.38
C ARG B 34 4.93 -15.48 14.82
N ILE B 35 4.66 -14.64 13.82
CA ILE B 35 5.71 -13.77 13.27
C ILE B 35 5.54 -12.36 13.82
N THR B 36 6.15 -12.13 14.97
CA THR B 36 6.04 -10.86 15.67
C THR B 36 7.12 -9.90 15.14
N ALA B 37 7.28 -8.77 15.82
CA ALA B 37 8.29 -7.79 15.46
C ALA B 37 9.61 -8.10 16.19
N GLU B 38 9.52 -8.94 17.22
CA GLU B 38 10.70 -9.34 18.00
C GLU B 38 11.42 -10.46 17.28
N VAL B 39 10.67 -11.53 16.98
CA VAL B 39 11.15 -12.62 16.11
C VAL B 39 11.80 -12.03 14.86
N LYS B 40 11.22 -10.94 14.38
CA LYS B 40 11.49 -10.47 13.03
C LYS B 40 12.31 -9.15 13.00
N ALA B 41 13.20 -8.96 14.00
CA ALA B 41 14.04 -7.77 14.01
C ALA B 41 15.51 -8.15 14.04
N GLY B 42 16.34 -7.36 13.37
CA GLY B 42 17.75 -7.68 13.20
C GLY B 42 17.94 -8.75 12.13
N ALA B 43 16.92 -8.92 11.30
CA ALA B 43 16.92 -9.96 10.26
C ALA B 43 16.39 -9.45 8.93
N LYS B 44 16.86 -10.07 7.85
CA LYS B 44 16.38 -9.78 6.51
C LYS B 44 14.91 -10.16 6.36
N ALA B 45 14.24 -9.54 5.38
CA ALA B 45 12.85 -9.85 5.08
C ALA B 45 12.68 -10.04 3.58
N PRO B 46 11.69 -10.85 3.16
CA PRO B 46 11.30 -10.81 1.77
C PRO B 46 10.45 -9.56 1.51
N LYS B 47 10.49 -9.05 0.28
CA LYS B 47 9.65 -7.89 -0.08
C LYS B 47 8.77 -8.21 -1.28
N ASN B 48 9.36 -8.85 -2.28
CA ASN B 48 8.62 -9.31 -3.47
C ASN B 48 8.85 -10.80 -3.63
N VAL B 49 7.76 -11.57 -3.64
CA VAL B 49 7.85 -13.02 -3.67
C VAL B 49 6.89 -13.66 -4.67
N LEU B 50 7.39 -14.65 -5.41
CA LEU B 50 6.58 -15.42 -6.33
C LEU B 50 6.34 -16.82 -5.76
N VAL B 51 5.07 -17.19 -5.69
CA VAL B 51 4.68 -18.51 -5.19
C VAL B 51 4.11 -19.33 -6.34
N LEU B 52 4.66 -20.52 -6.53
CA LEU B 52 4.21 -21.41 -7.59
C LEU B 52 3.51 -22.61 -6.99
N GLY B 53 2.21 -22.71 -7.23
CA GLY B 53 1.35 -23.65 -6.52
C GLY B 53 0.93 -23.00 -5.21
N CYS B 54 0.15 -21.93 -5.29
CA CYS B 54 -0.19 -21.08 -4.16
C CYS B 54 -1.59 -21.32 -3.60
N SER B 55 -2.36 -22.19 -4.25
CA SER B 55 -3.79 -22.35 -3.97
C SER B 55 -4.15 -23.08 -2.68
N ASN B 56 -3.26 -23.95 -2.21
CA ASN B 56 -3.41 -24.59 -0.90
C ASN B 56 -2.10 -25.26 -0.46
N GLY B 57 -2.19 -26.16 0.51
CA GLY B 57 -1.03 -26.88 1.01
C GLY B 57 0.11 -25.96 1.41
N TYR B 58 1.34 -26.47 1.27
CA TYR B 58 2.53 -25.73 1.69
C TYR B 58 2.77 -24.46 0.90
N GLY B 59 2.13 -24.39 -0.27
CA GLY B 59 2.23 -23.22 -1.14
C GLY B 59 1.46 -22.02 -0.62
N LEU B 60 0.19 -22.25 -0.22
CA LEU B 60 -0.64 -21.18 0.33
C LEU B 60 -0.05 -20.70 1.65
N ALA B 61 0.42 -21.65 2.45
CA ALA B 61 1.07 -21.32 3.70
C ALA B 61 2.24 -20.41 3.42
N SER B 62 3.06 -20.80 2.44
CA SER B 62 4.24 -20.03 2.03
C SER B 62 3.89 -18.63 1.54
N ARG B 63 2.74 -18.49 0.89
CA ARG B 63 2.28 -17.18 0.42
C ARG B 63 1.81 -16.35 1.60
N ILE B 64 1.05 -16.96 2.50
CA ILE B 64 0.53 -16.27 3.67
C ILE B 64 1.64 -15.72 4.58
N THR B 65 2.57 -16.59 5.03
CA THR B 65 3.59 -16.13 5.99
C THR B 65 4.49 -15.07 5.41
N ALA B 66 4.73 -15.16 4.11
CA ALA B 66 5.48 -14.12 3.40
C ALA B 66 4.72 -12.79 3.42
N ALA B 67 3.41 -12.86 3.22
CA ALA B 67 2.58 -11.68 3.10
C ALA B 67 2.14 -11.03 4.42
N PHE B 68 1.75 -11.83 5.39
CA PHE B 68 1.13 -11.29 6.62
C PHE B 68 2.04 -11.32 7.84
N GLY B 69 3.12 -12.09 7.72
CA GLY B 69 4.17 -12.09 8.72
C GLY B 69 5.23 -11.07 8.37
N TYR B 70 5.56 -10.98 7.09
CA TYR B 70 6.67 -10.14 6.62
C TYR B 70 6.25 -8.94 5.77
N GLY B 71 4.95 -8.79 5.55
CA GLY B 71 4.42 -7.64 4.81
C GLY B 71 4.98 -7.49 3.42
N ALA B 72 5.04 -8.60 2.69
CA ALA B 72 5.65 -8.64 1.36
C ALA B 72 4.61 -8.58 0.23
N ALA B 73 5.07 -8.23 -0.96
CA ALA B 73 4.27 -8.26 -2.17
C ALA B 73 4.30 -9.66 -2.75
N THR B 74 3.16 -10.11 -3.26
CA THR B 74 3.02 -11.48 -3.73
C THR B 74 2.43 -11.59 -5.13
N ILE B 75 3.03 -12.49 -5.92
CA ILE B 75 2.38 -13.01 -7.11
C ILE B 75 2.22 -14.51 -6.90
N GLY B 76 0.99 -14.99 -7.04
CA GLY B 76 0.70 -16.41 -6.92
C GLY B 76 0.35 -17.05 -8.25
N VAL B 77 0.58 -18.36 -8.35
CA VAL B 77 0.26 -19.11 -9.56
C VAL B 77 -0.34 -20.47 -9.18
N SER B 78 -1.56 -20.73 -9.65
CA SER B 78 -2.21 -22.02 -9.47
C SER B 78 -3.19 -22.28 -10.61
N PHE B 79 -3.46 -23.56 -10.86
CA PHE B 79 -4.43 -23.98 -11.88
C PHE B 79 -5.75 -24.30 -11.18
N GLU B 80 -6.69 -23.37 -11.27
CA GLU B 80 -7.96 -23.47 -10.55
C GLU B 80 -9.18 -23.52 -11.44
N LYS B 81 -10.13 -24.37 -11.07
CA LYS B 81 -11.44 -24.39 -11.72
C LYS B 81 -12.39 -23.48 -10.97
N ALA B 82 -12.65 -22.30 -11.52
CA ALA B 82 -13.55 -21.33 -10.90
C ALA B 82 -14.98 -21.85 -10.82
N GLY B 83 -15.71 -21.40 -9.81
CA GLY B 83 -17.07 -21.88 -9.58
C GLY B 83 -18.14 -20.94 -10.11
N SER B 84 -19.20 -21.52 -10.68
CA SER B 84 -20.36 -20.76 -11.12
C SER B 84 -21.42 -20.76 -10.02
N GLU B 85 -22.40 -19.86 -10.10
CA GLU B 85 -23.43 -19.76 -9.05
C GLU B 85 -24.12 -21.09 -8.72
N THR B 86 -24.12 -22.03 -9.68
CA THR B 86 -24.67 -23.36 -9.46
C THR B 86 -23.57 -24.40 -9.14
N LYS B 87 -22.55 -24.49 -9.98
CA LYS B 87 -21.49 -25.51 -9.86
C LYS B 87 -20.34 -25.05 -8.95
N TYR B 88 -19.97 -25.91 -8.01
CA TYR B 88 -18.89 -25.62 -7.05
C TYR B 88 -17.51 -25.50 -7.74
N GLY B 89 -16.63 -24.69 -7.14
CA GLY B 89 -15.25 -24.60 -7.61
C GLY B 89 -14.36 -25.60 -6.89
N THR B 90 -13.06 -25.45 -7.06
CA THR B 90 -12.09 -26.23 -6.30
C THR B 90 -11.69 -25.40 -5.08
N PRO B 91 -11.32 -26.05 -3.95
CA PRO B 91 -10.96 -25.28 -2.77
C PRO B 91 -10.01 -24.11 -3.07
N GLY B 92 -8.92 -24.41 -3.78
CA GLY B 92 -7.90 -23.42 -4.12
C GLY B 92 -8.44 -22.13 -4.72
N TRP B 93 -9.49 -22.27 -5.54
CA TRP B 93 -10.18 -21.12 -6.12
C TRP B 93 -10.61 -20.20 -5.02
N TYR B 94 -11.32 -20.75 -4.03
CA TYR B 94 -11.81 -19.97 -2.91
C TYR B 94 -10.66 -19.48 -2.02
N ASN B 95 -9.64 -20.33 -1.87
CA ASN B 95 -8.44 -19.96 -1.12
C ASN B 95 -7.79 -18.70 -1.68
N ASN B 96 -7.64 -18.65 -3.02
CA ASN B 96 -7.09 -17.46 -3.67
C ASN B 96 -7.96 -16.23 -3.48
N LEU B 97 -9.28 -16.40 -3.63
CA LEU B 97 -10.24 -15.34 -3.35
C LEU B 97 -10.14 -14.87 -1.90
N ALA B 98 -10.03 -15.83 -0.98
CA ALA B 98 -9.88 -15.51 0.43
C ALA B 98 -8.59 -14.74 0.68
N PHE B 99 -7.54 -15.11 -0.05
CA PHE B 99 -6.23 -14.45 0.08
C PHE B 99 -6.28 -13.01 -0.42
N ASP B 100 -6.78 -12.82 -1.64
CA ASP B 100 -6.81 -11.51 -2.29
C ASP B 100 -7.63 -10.49 -1.52
N GLU B 101 -8.88 -10.85 -1.22
CA GLU B 101 -9.77 -10.04 -0.41
C GLU B 101 -9.06 -9.50 0.83
N ALA B 102 -8.32 -10.37 1.52
CA ALA B 102 -7.61 -10.02 2.75
C ALA B 102 -6.38 -9.14 2.52
N ALA B 103 -5.55 -9.52 1.55
CA ALA B 103 -4.35 -8.75 1.20
C ALA B 103 -4.69 -7.35 0.69
N LYS B 104 -5.94 -7.18 0.25
CA LYS B 104 -6.47 -5.89 -0.13
C LYS B 104 -6.73 -5.07 1.14
N ARG B 105 -7.53 -5.64 2.05
CA ARG B 105 -7.86 -5.00 3.33
C ARG B 105 -6.65 -4.46 4.09
N GLU B 106 -5.49 -5.09 3.87
CA GLU B 106 -4.28 -4.75 4.59
C GLU B 106 -3.31 -3.91 3.76
N GLY B 107 -3.73 -3.53 2.56
CA GLY B 107 -2.95 -2.63 1.71
C GLY B 107 -1.69 -3.25 1.11
N LEU B 108 -1.71 -4.56 0.91
CA LEU B 108 -0.61 -5.28 0.31
C LEU B 108 -0.89 -5.54 -1.16
N TYR B 109 0.13 -5.49 -1.99
CA TYR B 109 0.01 -5.87 -3.38
C TYR B 109 -0.15 -7.39 -3.45
N SER B 110 -1.20 -7.84 -4.14
CA SER B 110 -1.40 -9.27 -4.38
C SER B 110 -2.11 -9.54 -5.70
N VAL B 111 -1.53 -10.42 -6.48
CA VAL B 111 -2.15 -10.92 -7.69
C VAL B 111 -1.86 -12.41 -7.83
N THR B 112 -2.91 -13.18 -8.08
CA THR B 112 -2.74 -14.59 -8.39
C THR B 112 -2.96 -14.73 -9.90
N ILE B 113 -2.11 -15.51 -10.53
CA ILE B 113 -2.24 -15.82 -11.96
C ILE B 113 -2.87 -17.21 -12.05
N ASP B 114 -4.10 -17.25 -12.53
CA ASP B 114 -4.80 -18.52 -12.73
C ASP B 114 -4.32 -19.13 -14.04
N GLY B 115 -3.97 -20.42 -14.00
CA GLY B 115 -3.48 -21.11 -15.19
C GLY B 115 -2.39 -22.12 -14.90
N ASP B 116 -1.98 -22.85 -15.94
CA ASP B 116 -1.04 -23.95 -15.83
C ASP B 116 0.40 -23.48 -15.72
N ALA B 117 0.98 -23.61 -14.53
CA ALA B 117 2.37 -23.20 -14.26
C ALA B 117 3.43 -23.90 -15.12
N PHE B 118 3.05 -25.00 -15.76
CA PHE B 118 3.96 -25.71 -16.64
C PHE B 118 4.03 -25.10 -18.04
N SER B 119 2.94 -24.42 -18.44
CA SER B 119 2.90 -23.72 -19.72
C SER B 119 3.79 -22.48 -19.68
N ASP B 120 4.31 -22.11 -20.84
CA ASP B 120 5.11 -20.90 -20.97
C ASP B 120 4.20 -19.67 -21.02
N GLU B 121 2.96 -19.88 -21.50
CA GLU B 121 1.96 -18.83 -21.57
C GLU B 121 1.72 -18.22 -20.19
N ILE B 122 1.78 -19.07 -19.16
CA ILE B 122 1.69 -18.59 -17.78
C ILE B 122 2.97 -17.90 -17.36
N LYS B 123 4.11 -18.52 -17.63
CA LYS B 123 5.42 -17.95 -17.29
C LYS B 123 5.59 -16.54 -17.83
N ALA B 124 5.10 -16.32 -19.05
CA ALA B 124 5.15 -15.02 -19.69
C ALA B 124 4.24 -13.99 -19.00
N GLN B 125 3.10 -14.45 -18.50
CA GLN B 125 2.12 -13.56 -17.84
C GLN B 125 2.64 -12.94 -16.54
N VAL B 126 3.38 -13.71 -15.76
CA VAL B 126 3.99 -13.20 -14.53
C VAL B 126 5.22 -12.34 -14.82
N ILE B 127 5.96 -12.72 -15.86
CA ILE B 127 7.06 -11.90 -16.37
C ILE B 127 6.54 -10.51 -16.80
N GLU B 128 5.42 -10.50 -17.51
CA GLU B 128 4.75 -9.27 -17.92
C GLU B 128 4.26 -8.46 -16.70
N GLU B 129 3.71 -9.15 -15.71
CA GLU B 129 3.16 -8.51 -14.52
C GLU B 129 4.25 -7.91 -13.64
N ALA B 130 5.31 -8.68 -13.41
CA ALA B 130 6.43 -8.24 -12.59
C ALA B 130 7.07 -6.96 -13.12
N LYS B 131 7.34 -6.93 -14.43
CA LYS B 131 7.89 -5.75 -15.10
C LYS B 131 6.97 -4.54 -15.00
N LYS B 132 5.67 -4.79 -15.10
CA LYS B 132 4.66 -3.74 -15.12
C LYS B 132 4.45 -3.08 -13.73
N LYS B 133 4.90 -3.78 -12.70
CA LYS B 133 4.83 -3.23 -11.34
C LYS B 133 6.22 -3.03 -10.72
N GLY B 134 7.22 -3.08 -11.62
CA GLY B 134 8.60 -2.83 -11.21
C GLY B 134 9.25 -3.98 -10.44
N ILE B 135 9.51 -3.74 -9.14
CA ILE B 135 10.44 -4.58 -8.36
C ILE B 135 10.40 -6.09 -8.67
N LYS B 136 11.61 -6.60 -8.97
CA LYS B 136 11.88 -8.03 -9.17
C LYS B 136 11.88 -8.86 -7.87
N PHE B 137 11.95 -10.19 -8.01
CA PHE B 137 11.81 -11.12 -6.88
C PHE B 137 13.10 -11.38 -6.10
N ASP B 138 12.94 -11.62 -4.80
CA ASP B 138 14.01 -12.10 -3.94
C ASP B 138 13.61 -13.42 -3.24
N LEU B 139 12.41 -13.91 -3.56
CA LEU B 139 11.98 -15.24 -3.09
C LEU B 139 11.16 -16.00 -4.14
N ILE B 140 11.64 -17.18 -4.51
CA ILE B 140 10.95 -18.03 -5.48
C ILE B 140 10.59 -19.35 -4.83
N VAL B 141 9.30 -19.51 -4.53
CA VAL B 141 8.78 -20.73 -3.88
C VAL B 141 8.14 -21.66 -4.90
N TYR B 142 8.73 -22.84 -5.06
CA TYR B 142 8.23 -23.83 -5.99
C TYR B 142 7.49 -24.93 -5.23
N SER B 143 6.16 -24.91 -5.29
CA SER B 143 5.34 -25.84 -4.51
C SER B 143 4.25 -26.49 -5.37
N LEU B 144 4.66 -27.18 -6.43
CA LEU B 144 3.70 -27.82 -7.31
C LEU B 144 3.54 -29.30 -6.97
N ALA B 145 2.30 -29.65 -6.61
CA ALA B 145 1.92 -31.04 -6.43
C ALA B 145 0.81 -31.36 -7.43
N SER B 146 1.21 -31.73 -8.64
CA SER B 146 0.27 -32.02 -9.71
C SER B 146 0.54 -33.39 -10.33
N PRO B 147 -0.53 -34.20 -10.52
CA PRO B 147 -0.41 -35.53 -11.11
C PRO B 147 0.02 -35.50 -12.58
N VAL B 148 -0.25 -34.40 -13.27
CA VAL B 148 -0.02 -34.31 -14.69
C VAL B 148 0.64 -32.99 -15.14
N ARG B 149 1.71 -33.12 -15.92
CA ARG B 149 2.39 -31.98 -16.55
C ARG B 149 2.25 -32.06 -18.07
N THR B 150 1.81 -30.96 -18.67
CA THR B 150 1.75 -30.83 -20.12
C THR B 150 3.03 -30.16 -20.63
N ASP B 151 3.95 -30.99 -21.14
CA ASP B 151 5.29 -30.56 -21.58
C ASP B 151 5.22 -29.45 -22.64
N PRO B 152 5.91 -28.31 -22.40
CA PRO B 152 5.74 -27.13 -23.24
C PRO B 152 6.47 -27.22 -24.59
N ASP B 153 7.45 -28.11 -24.70
CA ASP B 153 8.16 -28.29 -25.97
C ASP B 153 7.44 -29.32 -26.86
N THR B 154 7.55 -30.58 -26.46
CA THR B 154 6.97 -31.70 -27.21
C THR B 154 5.44 -31.64 -27.29
N GLY B 155 4.80 -31.22 -26.20
CA GLY B 155 3.34 -31.09 -26.16
C GLY B 155 2.60 -32.26 -25.52
N ILE B 156 3.36 -33.28 -25.13
CA ILE B 156 2.80 -34.51 -24.52
C ILE B 156 2.19 -34.26 -23.14
N MSE B 157 1.29 -35.16 -22.73
CA MSE B 157 0.73 -35.17 -21.37
C MSE B 157 1.45 -36.25 -20.61
O MSE B 157 1.52 -37.40 -21.05
CB MSE B 157 -0.78 -35.43 -21.46
CG MSE B 157 -1.54 -34.83 -20.20
SE MSE B 157 -3.52 -34.88 -20.49
CE MSE B 157 -3.95 -33.03 -19.65
N HIS B 158 1.99 -35.89 -19.43
CA HIS B 158 2.77 -36.80 -18.60
C HIS B 158 2.09 -37.15 -17.30
N LYS B 159 1.55 -38.37 -17.22
CA LYS B 159 0.96 -38.89 -15.99
C LYS B 159 2.07 -39.37 -15.04
N SER B 160 1.93 -39.06 -13.75
CA SER B 160 2.88 -39.54 -12.75
C SER B 160 2.28 -40.66 -11.90
N VAL B 161 3.14 -41.54 -11.41
CA VAL B 161 2.74 -42.69 -10.61
C VAL B 161 3.52 -42.75 -9.29
N LEU B 162 3.02 -43.52 -8.34
CA LEU B 162 3.64 -43.70 -7.03
C LEU B 162 3.88 -45.19 -6.82
N LYS B 163 5.06 -45.66 -7.24
CA LYS B 163 5.34 -47.10 -7.30
C LYS B 163 6.81 -47.42 -7.00
N PRO B 164 7.08 -48.63 -6.47
CA PRO B 164 8.46 -49.01 -6.21
C PRO B 164 9.10 -49.63 -7.45
N PHE B 165 10.32 -50.13 -7.32
CA PHE B 165 10.98 -50.87 -8.40
C PHE B 165 11.19 -52.35 -8.04
N GLY B 166 11.04 -53.21 -9.04
CA GLY B 166 11.35 -54.65 -8.91
C GLY B 166 10.30 -55.48 -8.19
N LYS B 167 10.13 -55.22 -6.90
CA LYS B 167 9.16 -55.97 -6.08
C LYS B 167 8.01 -55.10 -5.58
N THR B 168 6.81 -55.69 -5.59
CA THR B 168 5.58 -55.02 -5.15
C THR B 168 5.70 -54.49 -3.72
N PHE B 169 5.28 -53.24 -3.53
CA PHE B 169 5.19 -52.68 -2.18
C PHE B 169 3.80 -52.91 -1.62
N THR B 170 3.74 -53.57 -0.47
CA THR B 170 2.47 -53.89 0.19
C THR B 170 2.51 -53.48 1.67
N GLY B 171 1.39 -52.99 2.18
CA GLY B 171 1.30 -52.52 3.57
C GLY B 171 -0.12 -52.28 4.05
N LYS B 172 -0.26 -52.09 5.37
CA LYS B 172 -1.56 -51.84 6.00
C LYS B 172 -2.00 -50.39 5.83
N THR B 173 -3.30 -50.19 5.65
CA THR B 173 -3.86 -48.84 5.41
C THR B 173 -5.25 -48.63 6.04
N VAL B 174 -5.54 -47.39 6.41
CA VAL B 174 -6.71 -47.08 7.22
C VAL B 174 -7.65 -46.11 6.53
N ASP B 175 -8.93 -46.50 6.45
CA ASP B 175 -9.99 -45.56 6.08
C ASP B 175 -10.34 -44.80 7.35
N PRO B 176 -10.20 -43.45 7.32
CA PRO B 176 -10.37 -42.65 8.51
C PRO B 176 -11.83 -42.42 8.92
N PHE B 177 -12.76 -42.91 8.11
CA PHE B 177 -14.18 -42.72 8.39
C PHE B 177 -14.84 -43.93 9.07
N THR B 178 -14.40 -45.14 8.71
CA THR B 178 -14.98 -46.37 9.28
C THR B 178 -14.04 -47.08 10.27
N GLY B 179 -12.75 -46.76 10.20
CA GLY B 179 -11.74 -47.44 11.03
C GLY B 179 -11.28 -48.76 10.43
N GLU B 180 -11.89 -49.11 9.30
CA GLU B 180 -11.53 -50.30 8.53
C GLU B 180 -10.07 -50.30 8.14
N LEU B 181 -9.38 -51.38 8.51
CA LEU B 181 -7.95 -51.51 8.30
C LEU B 181 -7.67 -52.53 7.19
N LYS B 182 -7.68 -52.05 5.95
CA LYS B 182 -7.56 -52.88 4.76
C LYS B 182 -6.10 -53.11 4.32
N GLU B 183 -5.93 -53.90 3.26
CA GLU B 183 -4.60 -54.26 2.74
C GLU B 183 -4.48 -53.84 1.28
N ILE B 184 -3.96 -52.64 1.02
CA ILE B 184 -3.70 -52.19 -0.34
C ILE B 184 -2.21 -52.39 -0.67
N SER B 185 -1.86 -52.24 -1.94
CA SER B 185 -0.49 -52.40 -2.40
C SER B 185 -0.26 -51.71 -3.76
N ALA B 186 1.01 -51.46 -4.08
CA ALA B 186 1.37 -50.81 -5.33
C ALA B 186 2.33 -51.68 -6.15
N GLU B 187 1.98 -51.90 -7.42
CA GLU B 187 2.73 -52.76 -8.32
C GLU B 187 3.98 -52.03 -8.83
N PRO B 188 5.08 -52.77 -9.10
CA PRO B 188 6.28 -52.11 -9.63
C PRO B 188 6.03 -51.41 -10.97
N ALA B 189 6.82 -50.38 -11.25
CA ALA B 189 6.60 -49.53 -12.42
C ALA B 189 7.51 -49.88 -13.60
N ASN B 190 7.23 -49.28 -14.74
CA ASN B 190 7.99 -49.48 -15.98
C ASN B 190 9.21 -48.57 -16.04
N ASP B 191 9.71 -48.38 -17.26
CA ASP B 191 10.67 -47.32 -17.55
C ASP B 191 9.90 -46.11 -18.05
N GLU B 192 8.79 -46.38 -18.75
CA GLU B 192 7.93 -45.33 -19.30
C GLU B 192 7.21 -44.60 -18.17
N GLU B 193 6.81 -45.36 -17.15
CA GLU B 193 6.20 -44.78 -15.97
C GLU B 193 7.25 -44.08 -15.10
N ALA B 194 8.43 -44.69 -15.02
CA ALA B 194 9.55 -44.13 -14.26
C ALA B 194 9.91 -42.71 -14.73
N ALA B 195 10.39 -42.60 -15.96
CA ALA B 195 10.81 -41.32 -16.54
C ALA B 195 9.69 -40.27 -16.61
N ALA B 196 8.44 -40.73 -16.72
CA ALA B 196 7.28 -39.84 -16.79
C ALA B 196 7.04 -39.12 -15.47
N THR B 197 7.47 -39.73 -14.37
CA THR B 197 7.30 -39.16 -13.04
C THR B 197 8.50 -38.27 -12.66
N VAL B 198 9.62 -38.46 -13.35
CA VAL B 198 10.77 -37.58 -13.18
C VAL B 198 10.54 -36.29 -13.96
N LYS B 199 9.85 -36.41 -15.09
CA LYS B 199 9.42 -35.24 -15.89
C LYS B 199 8.48 -34.35 -15.10
N VAL B 200 7.67 -34.95 -14.24
CA VAL B 200 6.64 -34.22 -13.50
C VAL B 200 7.09 -33.77 -12.11
N MSE B 201 7.65 -34.70 -11.35
CA MSE B 201 7.99 -34.45 -9.95
C MSE B 201 9.44 -34.02 -9.79
O MSE B 201 9.86 -33.69 -8.68
CB MSE B 201 7.68 -35.68 -9.10
CG MSE B 201 6.20 -36.09 -9.14
SE MSE B 201 5.06 -34.83 -8.14
CE MSE B 201 5.42 -35.54 -6.31
N GLY B 202 10.19 -34.03 -10.88
CA GLY B 202 11.59 -33.60 -10.84
C GLY B 202 11.75 -32.09 -10.80
N GLY B 203 12.98 -31.62 -10.96
CA GLY B 203 13.28 -30.19 -10.95
C GLY B 203 13.27 -29.56 -12.33
N GLU B 204 12.87 -30.33 -13.33
CA GLU B 204 12.87 -29.91 -14.72
C GLU B 204 12.18 -28.55 -14.95
N ASP B 205 10.91 -28.45 -14.57
CA ASP B 205 10.16 -27.21 -14.76
C ASP B 205 10.60 -26.10 -13.81
N TRP B 206 11.13 -26.48 -12.64
CA TRP B 206 11.70 -25.52 -11.70
C TRP B 206 12.81 -24.75 -12.36
N GLU B 207 13.75 -25.48 -12.96
CA GLU B 207 14.87 -24.90 -13.70
C GLU B 207 14.37 -23.92 -14.77
N ARG B 208 13.33 -24.32 -15.49
CA ARG B 208 12.70 -23.47 -16.49
C ARG B 208 12.38 -22.11 -15.89
N TRP B 209 11.59 -22.10 -14.83
CA TRP B 209 11.15 -20.87 -14.15
C TRP B 209 12.26 -19.91 -13.85
N ILE B 210 13.42 -20.43 -13.47
CA ILE B 210 14.56 -19.59 -13.13
C ILE B 210 15.25 -19.02 -14.37
N LYS B 211 15.62 -19.91 -15.31
CA LYS B 211 16.21 -19.50 -16.59
C LYS B 211 15.39 -18.40 -17.28
N GLN B 212 14.09 -18.63 -17.40
CA GLN B 212 13.18 -17.68 -18.02
C GLN B 212 13.07 -16.38 -17.21
N LEU B 213 13.14 -16.48 -15.88
CA LEU B 213 13.09 -15.30 -15.01
C LEU B 213 14.41 -14.55 -14.96
N SER B 214 15.51 -15.31 -15.02
CA SER B 214 16.86 -14.75 -14.95
C SER B 214 17.17 -13.85 -16.15
N LYS B 215 16.85 -14.34 -17.36
CA LYS B 215 17.05 -13.61 -18.62
C LYS B 215 16.33 -12.27 -18.65
N GLU B 216 15.19 -12.17 -17.97
CA GLU B 216 14.43 -10.92 -17.90
C GLU B 216 14.90 -10.03 -16.75
N GLY B 217 15.96 -10.47 -16.06
CA GLY B 217 16.53 -9.73 -14.92
C GLY B 217 15.53 -9.52 -13.81
N LEU B 218 14.67 -10.52 -13.59
CA LEU B 218 13.59 -10.44 -12.61
C LEU B 218 13.96 -11.11 -11.29
N LEU B 219 15.26 -11.18 -10.99
CA LEU B 219 15.74 -11.77 -9.75
C LEU B 219 16.77 -10.87 -9.07
N GLU B 220 16.49 -10.48 -7.83
CA GLU B 220 17.42 -9.68 -7.03
C GLU B 220 18.72 -10.44 -6.78
N GLU B 221 19.74 -9.74 -6.30
CA GLU B 221 20.99 -10.40 -5.88
C GLU B 221 20.67 -11.20 -4.62
N GLY B 222 21.21 -12.42 -4.55
CA GLY B 222 20.99 -13.30 -3.41
C GLY B 222 19.53 -13.70 -3.25
N CYS B 223 18.87 -13.97 -4.37
CA CYS B 223 17.48 -14.43 -4.37
C CYS B 223 17.41 -15.90 -3.98
N ILE B 224 16.60 -16.18 -2.95
CA ILE B 224 16.40 -17.54 -2.45
C ILE B 224 15.29 -18.24 -3.20
N THR B 225 15.56 -19.45 -3.68
CA THR B 225 14.52 -20.29 -4.28
C THR B 225 14.48 -21.68 -3.65
N LEU B 226 13.27 -22.18 -3.41
CA LEU B 226 13.12 -23.49 -2.75
C LEU B 226 12.00 -24.34 -3.32
N ALA B 227 12.25 -25.65 -3.33
CA ALA B 227 11.24 -26.62 -3.74
C ALA B 227 10.95 -27.55 -2.57
N TYR B 228 9.68 -27.86 -2.37
CA TYR B 228 9.29 -28.70 -1.24
C TYR B 228 9.37 -30.18 -1.57
N SER B 229 9.75 -30.96 -0.56
CA SER B 229 9.93 -32.39 -0.73
C SER B 229 9.71 -33.10 0.58
N TYR B 230 9.73 -34.44 0.51
CA TYR B 230 9.41 -35.28 1.64
C TYR B 230 10.25 -36.55 1.55
N ILE B 231 10.88 -36.92 2.66
CA ILE B 231 11.64 -38.18 2.75
C ILE B 231 10.80 -39.26 3.40
N GLY B 232 10.24 -38.94 4.58
CA GLY B 232 9.34 -39.84 5.26
C GLY B 232 10.03 -40.85 6.15
N PRO B 233 9.26 -41.82 6.67
CA PRO B 233 9.79 -42.85 7.55
C PRO B 233 10.39 -44.01 6.78
N GLU B 234 11.20 -44.81 7.45
CA GLU B 234 11.77 -46.02 6.87
C GLU B 234 10.68 -46.94 6.31
N ALA B 235 9.50 -46.87 6.92
CA ALA B 235 8.32 -47.64 6.50
C ALA B 235 8.00 -47.53 5.01
N THR B 236 8.14 -46.33 4.45
CA THR B 236 7.87 -46.12 3.02
C THR B 236 9.11 -45.72 2.21
N GLN B 237 10.22 -46.39 2.49
CA GLN B 237 11.48 -46.15 1.76
C GLN B 237 11.44 -46.73 0.35
N ALA B 238 10.53 -47.68 0.13
CA ALA B 238 10.36 -48.32 -1.17
C ALA B 238 9.69 -47.38 -2.17
N LEU B 239 8.98 -46.38 -1.65
CA LEU B 239 8.27 -45.42 -2.48
C LEU B 239 8.98 -44.06 -2.51
N TYR B 240 9.36 -43.58 -1.33
CA TYR B 240 9.87 -42.22 -1.18
C TYR B 240 11.37 -42.07 -1.38
N ARG B 241 12.12 -43.15 -1.17
CA ARG B 241 13.55 -43.11 -1.44
C ARG B 241 13.87 -43.92 -2.70
N LYS B 242 13.94 -45.25 -2.57
CA LYS B 242 14.32 -46.14 -3.68
C LYS B 242 13.24 -46.26 -4.76
N GLY B 243 12.09 -45.63 -4.53
CA GLY B 243 10.92 -45.79 -5.41
C GLY B 243 10.90 -44.91 -6.64
N THR B 244 9.72 -44.76 -7.23
CA THR B 244 9.53 -43.96 -8.44
C THR B 244 9.45 -42.46 -8.13
N ILE B 245 9.01 -42.13 -6.91
CA ILE B 245 8.90 -40.75 -6.45
C ILE B 245 10.24 -40.21 -5.93
N GLY B 246 11.05 -41.10 -5.37
CA GLY B 246 12.36 -40.75 -4.83
C GLY B 246 13.41 -40.51 -5.90
N LYS B 247 13.31 -41.26 -7.00
CA LYS B 247 14.19 -41.10 -8.16
C LYS B 247 13.94 -39.75 -8.85
N ALA B 248 12.67 -39.33 -8.86
CA ALA B 248 12.29 -38.00 -9.35
C ALA B 248 12.72 -36.93 -8.36
N LYS B 249 12.77 -37.30 -7.08
CA LYS B 249 13.18 -36.39 -6.01
C LYS B 249 14.69 -36.17 -6.02
N GLU B 250 15.45 -37.24 -6.26
CA GLU B 250 16.91 -37.17 -6.43
C GLU B 250 17.28 -36.26 -7.62
N HIS B 251 16.35 -36.11 -8.54
CA HIS B 251 16.45 -35.20 -9.67
C HIS B 251 16.21 -33.76 -9.25
N LEU B 252 15.21 -33.55 -8.38
CA LEU B 252 14.87 -32.21 -7.86
C LEU B 252 16.01 -31.60 -7.06
N GLU B 253 16.65 -32.41 -6.23
CA GLU B 253 17.78 -31.94 -5.43
C GLU B 253 19.10 -31.93 -6.20
N ALA B 254 19.06 -32.38 -7.45
CA ALA B 254 20.21 -32.24 -8.35
C ALA B 254 20.02 -30.99 -9.21
N THR B 255 18.79 -30.51 -9.27
CA THR B 255 18.47 -29.27 -9.96
C THR B 255 18.81 -28.11 -9.07
N ALA B 256 18.72 -28.32 -7.75
CA ALA B 256 19.11 -27.30 -6.77
C ALA B 256 20.61 -27.03 -6.85
N HIS B 257 21.41 -28.10 -6.94
CA HIS B 257 22.85 -27.99 -7.08
C HIS B 257 23.26 -27.32 -8.36
N ARG B 258 22.74 -27.81 -9.48
CA ARG B 258 23.02 -27.23 -10.80
C ARG B 258 22.65 -25.75 -10.85
N LEU B 259 21.59 -25.37 -10.13
CA LEU B 259 21.12 -23.99 -10.08
C LEU B 259 22.11 -23.07 -9.38
N ASN B 260 22.63 -23.52 -8.25
CA ASN B 260 23.61 -22.74 -7.50
C ASN B 260 24.94 -22.63 -8.22
N LYS B 261 25.39 -23.76 -8.78
CA LYS B 261 26.62 -23.87 -9.55
C LYS B 261 26.63 -22.86 -10.69
N GLU B 262 25.56 -22.84 -11.47
CA GLU B 262 25.46 -22.01 -12.67
C GLU B 262 25.00 -20.59 -12.41
N ASN B 263 24.67 -20.28 -11.16
CA ASN B 263 24.20 -18.93 -10.81
C ASN B 263 24.61 -18.53 -9.39
N PRO B 264 25.72 -17.77 -9.27
CA PRO B 264 26.34 -17.45 -7.98
C PRO B 264 25.58 -16.42 -7.14
N SER B 265 24.83 -15.53 -7.79
CA SER B 265 24.08 -14.51 -7.07
C SER B 265 22.66 -14.97 -6.70
N ILE B 266 22.45 -16.29 -6.67
CA ILE B 266 21.19 -16.88 -6.22
C ILE B 266 21.41 -18.10 -5.31
N ARG B 267 20.60 -18.20 -4.25
CA ARG B 267 20.66 -19.35 -3.34
C ARG B 267 19.47 -20.28 -3.56
N ALA B 268 19.78 -21.55 -3.81
CA ALA B 268 18.78 -22.54 -4.20
C ALA B 268 18.77 -23.75 -3.27
N PHE B 269 17.62 -23.98 -2.61
CA PHE B 269 17.47 -25.11 -1.71
C PHE B 269 16.25 -25.95 -2.06
N VAL B 270 16.29 -27.22 -1.66
CA VAL B 270 15.06 -28.01 -1.51
C VAL B 270 14.73 -28.09 -0.01
N SER B 271 13.49 -27.80 0.34
CA SER B 271 13.06 -27.90 1.72
C SER B 271 12.29 -29.19 1.91
N VAL B 272 12.86 -30.09 2.72
CA VAL B 272 12.28 -31.39 2.99
C VAL B 272 11.33 -31.26 4.18
N ASN B 273 10.03 -31.32 3.91
CA ASN B 273 9.01 -30.98 4.89
C ASN B 273 8.38 -32.16 5.60
N LYS B 274 7.59 -31.84 6.63
CA LYS B 274 6.79 -32.83 7.34
C LYS B 274 5.60 -33.29 6.50
N GLY B 275 5.11 -34.49 6.80
CA GLY B 275 3.97 -35.06 6.09
C GLY B 275 2.63 -34.56 6.61
N LEU B 276 1.67 -34.45 5.69
CA LEU B 276 0.27 -34.16 6.05
C LEU B 276 -0.69 -34.71 5.01
N VAL B 277 -1.97 -34.72 5.36
CA VAL B 277 -3.01 -35.32 4.53
C VAL B 277 -3.10 -34.63 3.19
N THR B 278 -2.87 -35.39 2.12
CA THR B 278 -3.02 -34.89 0.76
C THR B 278 -4.05 -35.70 -0.02
N ARG B 279 -4.34 -35.27 -1.25
CA ARG B 279 -5.32 -35.93 -2.12
C ARG B 279 -4.87 -37.32 -2.56
N ALA B 280 -3.55 -37.55 -2.56
CA ALA B 280 -2.98 -38.83 -3.00
C ALA B 280 -2.87 -39.86 -1.87
N SER B 281 -3.17 -39.44 -0.64
CA SER B 281 -3.01 -40.27 0.57
C SER B 281 -3.85 -41.54 0.58
N ALA B 282 -5.08 -41.45 0.09
CA ALA B 282 -6.03 -42.55 0.10
C ALA B 282 -5.54 -43.80 -0.66
N VAL B 283 -4.72 -43.59 -1.68
CA VAL B 283 -4.25 -44.69 -2.52
C VAL B 283 -2.73 -44.84 -2.52
N ILE B 284 -2.16 -44.91 -1.33
CA ILE B 284 -0.73 -45.20 -1.11
C ILE B 284 -0.61 -45.98 0.20
N PRO B 285 0.06 -47.15 0.14
CA PRO B 285 0.03 -48.23 1.15
C PRO B 285 0.17 -47.89 2.65
N VAL B 286 1.28 -47.31 3.09
CA VAL B 286 1.46 -47.23 4.56
C VAL B 286 1.10 -45.86 5.14
N ILE B 287 0.93 -44.89 4.24
CA ILE B 287 0.82 -43.48 4.64
C ILE B 287 -0.39 -43.14 5.54
N PRO B 288 -1.62 -43.54 5.17
CA PRO B 288 -2.77 -43.19 6.03
C PRO B 288 -2.62 -43.71 7.46
N LEU B 289 -2.17 -44.95 7.59
CA LEU B 289 -1.92 -45.56 8.90
C LEU B 289 -0.77 -44.86 9.60
N TYR B 290 0.28 -44.53 8.86
CA TYR B 290 1.40 -43.76 9.39
C TYR B 290 0.97 -42.36 9.87
N LEU B 291 0.34 -41.59 8.99
CA LEU B 291 -0.07 -40.21 9.30
C LEU B 291 -0.97 -40.09 10.53
N ALA B 292 -2.03 -40.90 10.58
CA ALA B 292 -2.97 -40.90 11.70
C ALA B 292 -2.26 -41.30 13.00
N SER B 293 -1.28 -42.20 12.86
CA SER B 293 -0.47 -42.65 13.99
C SER B 293 0.53 -41.58 14.39
N LEU B 294 1.06 -40.87 13.40
CA LEU B 294 2.01 -39.80 13.63
C LEU B 294 1.38 -38.68 14.45
N PHE B 295 0.22 -38.19 13.99
CA PHE B 295 -0.51 -37.11 14.65
C PHE B 295 -0.78 -37.38 16.13
N LYS B 296 -1.19 -38.62 16.42
CA LYS B 296 -1.47 -39.06 17.78
C LYS B 296 -0.23 -38.96 18.66
N VAL B 297 0.89 -39.49 18.16
CA VAL B 297 2.18 -39.43 18.87
C VAL B 297 2.66 -38.00 19.13
N MSE B 298 2.51 -37.13 18.13
CA MSE B 298 3.10 -35.79 18.15
C MSE B 298 2.30 -34.80 18.95
O MSE B 298 2.88 -33.94 19.62
CB MSE B 298 3.32 -35.29 16.73
CG MSE B 298 4.38 -36.14 16.03
SE MSE B 298 5.22 -35.19 14.52
CE MSE B 298 6.40 -34.04 15.61
N LYS B 299 0.97 -34.90 18.89
CA LYS B 299 0.10 -34.11 19.75
C LYS B 299 0.36 -34.47 21.22
N GLU B 300 0.52 -35.77 21.48
CA GLU B 300 0.94 -36.31 22.78
C GLU B 300 2.23 -35.64 23.30
N LYS B 301 3.20 -35.46 22.42
CA LYS B 301 4.46 -34.79 22.78
C LYS B 301 4.39 -33.27 22.64
N GLY B 302 3.19 -32.76 22.34
CA GLY B 302 2.92 -31.32 22.27
C GLY B 302 3.65 -30.58 21.16
N ASN B 303 4.05 -31.29 20.11
CA ASN B 303 4.75 -30.68 18.98
C ASN B 303 4.18 -31.13 17.63
N HIS B 304 2.87 -31.05 17.52
CA HIS B 304 2.19 -31.26 16.24
C HIS B 304 2.02 -29.93 15.59
N GLU B 305 2.54 -29.80 14.38
CA GLU B 305 2.35 -28.58 13.59
C GLU B 305 1.67 -28.89 12.25
N GLY B 306 0.77 -28.01 11.85
CA GLY B 306 0.07 -28.15 10.58
C GLY B 306 0.84 -27.46 9.46
N CYS B 307 0.14 -27.09 8.40
CA CYS B 307 0.77 -26.45 7.26
C CYS B 307 1.37 -25.12 7.64
N ILE B 308 0.56 -24.25 8.23
CA ILE B 308 0.99 -22.89 8.58
C ILE B 308 2.07 -22.87 9.65
N GLU B 309 2.07 -23.88 10.53
CA GLU B 309 3.04 -23.94 11.60
C GLU B 309 4.42 -24.31 11.05
N GLN B 310 4.43 -25.17 10.04
CA GLN B 310 5.65 -25.61 9.38
C GLN B 310 6.34 -24.50 8.60
N ILE B 311 5.56 -23.72 7.87
CA ILE B 311 6.11 -22.69 6.98
C ILE B 311 6.52 -21.40 7.72
N THR B 312 5.78 -21.03 8.75
CA THR B 312 6.17 -19.88 9.59
C THR B 312 7.52 -20.14 10.28
N ARG B 313 7.73 -21.39 10.69
CA ARG B 313 9.00 -21.81 11.29
C ARG B 313 10.14 -21.78 10.27
N LEU B 314 9.88 -22.33 9.08
CA LEU B 314 10.82 -22.33 7.97
C LEU B 314 11.32 -20.92 7.70
N TYR B 315 10.42 -19.95 7.69
CA TYR B 315 10.78 -18.56 7.45
C TYR B 315 11.62 -18.01 8.60
N ALA B 316 11.05 -18.06 9.81
CA ALA B 316 11.66 -17.43 10.98
C ALA B 316 12.99 -18.08 11.40
N GLU B 317 13.13 -19.38 11.17
CA GLU B 317 14.23 -20.11 11.78
C GLU B 317 15.17 -20.80 10.80
N ARG B 318 14.81 -20.80 9.52
CA ARG B 318 15.72 -21.33 8.51
C ARG B 318 16.18 -20.29 7.51
N LEU B 319 15.23 -19.57 6.92
CA LEU B 319 15.54 -18.59 5.88
C LEU B 319 16.00 -17.27 6.48
N TYR B 320 15.07 -16.58 7.14
CA TYR B 320 15.32 -15.23 7.61
C TYR B 320 15.59 -15.20 9.09
N ARG B 321 16.69 -15.83 9.47
CA ARG B 321 17.18 -15.82 10.84
C ARG B 321 18.12 -14.63 11.07
N LYS B 322 18.53 -14.45 12.32
CA LYS B 322 19.32 -13.29 12.72
C LYS B 322 20.81 -13.41 12.38
N ASP B 323 21.29 -14.62 12.14
CA ASP B 323 22.65 -14.83 11.63
C ASP B 323 22.73 -14.48 10.15
N GLY B 324 21.56 -14.46 9.49
CA GLY B 324 21.49 -14.28 8.05
C GLY B 324 22.00 -15.51 7.33
N THR B 325 21.95 -16.65 8.01
CA THR B 325 22.40 -17.92 7.47
C THR B 325 21.20 -18.82 7.14
N ILE B 326 21.46 -19.97 6.55
CA ILE B 326 20.46 -20.99 6.27
C ILE B 326 21.10 -22.35 6.55
N PRO B 327 20.72 -23.00 7.67
CA PRO B 327 21.26 -24.31 8.03
C PRO B 327 20.77 -25.45 7.12
N VAL B 328 21.68 -26.34 6.75
CA VAL B 328 21.35 -27.47 5.90
C VAL B 328 21.98 -28.77 6.43
N ASP B 329 21.47 -29.91 5.98
CA ASP B 329 22.08 -31.21 6.30
C ASP B 329 23.29 -31.47 5.38
N GLU B 330 23.90 -32.65 5.52
CA GLU B 330 25.08 -33.03 4.73
C GLU B 330 24.84 -32.85 3.24
N GLU B 331 23.67 -33.29 2.77
CA GLU B 331 23.30 -33.25 1.35
C GLU B 331 22.71 -31.89 0.95
N ASN B 332 22.86 -30.92 1.84
CA ASN B 332 22.57 -29.49 1.60
C ASN B 332 21.09 -29.12 1.47
N ARG B 333 20.24 -29.86 2.17
CA ARG B 333 18.80 -29.66 2.13
C ARG B 333 18.34 -28.99 3.42
N ILE B 334 17.43 -28.03 3.29
CA ILE B 334 16.76 -27.45 4.45
C ILE B 334 15.89 -28.55 5.06
N ARG B 335 15.94 -28.70 6.38
CA ARG B 335 15.17 -29.74 7.06
C ARG B 335 14.17 -29.16 8.05
N ILE B 336 12.90 -29.31 7.70
CA ILE B 336 11.77 -28.83 8.48
C ILE B 336 11.01 -30.03 9.06
N ASP B 337 11.41 -31.22 8.64
CA ASP B 337 10.82 -32.47 9.16
C ASP B 337 11.64 -33.05 10.32
N ASP B 338 12.39 -32.17 10.97
CA ASP B 338 13.26 -32.54 12.10
C ASP B 338 12.51 -33.10 13.33
N TRP B 339 11.29 -32.63 13.57
CA TRP B 339 10.51 -33.14 14.70
C TRP B 339 9.80 -34.44 14.40
N GLU B 340 9.46 -34.65 13.12
CA GLU B 340 8.86 -35.92 12.69
C GLU B 340 9.87 -37.08 12.69
N LEU B 341 11.10 -36.79 12.29
CA LEU B 341 12.12 -37.83 12.12
C LEU B 341 13.05 -38.03 13.31
N GLU B 342 12.86 -37.26 14.40
CA GLU B 342 13.59 -37.52 15.64
C GLU B 342 13.20 -38.91 16.14
N GLU B 343 14.20 -39.74 16.43
CA GLU B 343 13.97 -41.16 16.64
C GLU B 343 12.90 -41.53 17.66
N ASP B 344 12.84 -40.81 18.79
CA ASP B 344 11.87 -41.12 19.86
C ASP B 344 10.41 -41.02 19.39
N VAL B 345 10.18 -40.22 18.35
CA VAL B 345 8.87 -40.09 17.74
C VAL B 345 8.63 -41.24 16.75
N GLN B 346 9.65 -41.53 15.95
CA GLN B 346 9.58 -42.60 14.95
C GLN B 346 9.43 -43.99 15.57
N LYS B 347 10.05 -44.18 16.73
CA LYS B 347 9.98 -45.43 17.49
C LYS B 347 8.56 -45.63 18.01
N ALA B 348 7.95 -44.54 18.49
CA ALA B 348 6.59 -44.55 19.02
C ALA B 348 5.53 -44.78 17.94
N VAL B 349 5.76 -44.28 16.74
CA VAL B 349 4.85 -44.51 15.62
C VAL B 349 4.91 -45.98 15.17
N SER B 350 6.11 -46.55 15.11
CA SER B 350 6.28 -47.97 14.77
C SER B 350 5.60 -48.88 15.78
N ALA B 351 5.69 -48.51 17.06
CA ALA B 351 5.01 -49.23 18.14
C ALA B 351 3.49 -49.17 18.00
N LEU B 352 2.96 -47.97 17.76
CA LEU B 352 1.53 -47.73 17.68
C LEU B 352 0.92 -48.21 16.36
N MSE B 353 1.77 -48.59 15.42
CA MSE B 353 1.31 -49.06 14.12
C MSE B 353 1.17 -50.56 14.06
O MSE B 353 0.26 -51.08 13.42
CB MSE B 353 2.29 -48.61 13.05
CG MSE B 353 1.86 -47.25 12.48
SE MSE B 353 3.09 -46.80 11.00
CE MSE B 353 2.75 -48.41 9.90
N GLU B 354 2.08 -51.27 14.73
CA GLU B 354 2.08 -52.73 14.71
C GLU B 354 1.04 -53.32 15.68
N LYS B 355 0.50 -52.47 16.56
CA LYS B 355 -0.49 -52.92 17.55
C LYS B 355 -1.93 -52.45 17.29
N VAL B 356 -2.13 -51.80 16.14
CA VAL B 356 -3.48 -51.36 15.75
C VAL B 356 -4.18 -52.44 14.93
N THR B 357 -5.44 -52.72 15.29
CA THR B 357 -6.22 -53.75 14.63
C THR B 357 -7.60 -53.23 14.18
N GLY B 358 -8.31 -54.04 13.41
CA GLY B 358 -9.61 -53.69 12.82
C GLY B 358 -10.49 -52.71 13.57
N GLU B 359 -10.62 -52.91 14.88
CA GLU B 359 -11.57 -52.14 15.70
C GLU B 359 -10.95 -51.02 16.54
N ASN B 360 -9.84 -51.30 17.22
CA ASN B 360 -9.22 -50.34 18.14
C ASN B 360 -8.58 -49.12 17.46
N ALA B 361 -8.59 -49.12 16.12
CA ALA B 361 -7.98 -48.06 15.31
C ALA B 361 -8.44 -46.64 15.70
N GLU B 362 -9.76 -46.45 15.77
CA GLU B 362 -10.34 -45.18 16.22
C GLU B 362 -9.91 -44.80 17.64
N SER B 363 -9.64 -45.81 18.45
CA SER B 363 -9.38 -45.60 19.87
C SER B 363 -7.95 -45.13 20.14
N LEU B 364 -6.98 -45.69 19.42
CA LEU B 364 -5.57 -45.42 19.77
C LEU B 364 -4.69 -44.80 18.67
N THR B 365 -5.32 -44.32 17.60
CA THR B 365 -4.67 -43.40 16.65
C THR B 365 -5.58 -42.20 16.39
N ASP B 366 -5.00 -41.03 16.10
CA ASP B 366 -5.78 -39.84 15.81
C ASP B 366 -6.40 -39.88 14.41
N LEU B 367 -7.50 -40.61 14.29
CA LEU B 367 -8.32 -40.59 13.08
C LEU B 367 -9.18 -39.34 13.03
N ALA B 368 -9.48 -38.77 14.20
CA ALA B 368 -10.24 -37.54 14.32
C ALA B 368 -9.53 -36.42 13.59
N GLY B 369 -8.25 -36.24 13.92
CA GLY B 369 -7.39 -35.22 13.33
C GLY B 369 -7.16 -35.45 11.85
N TYR B 370 -6.94 -36.71 11.48
CA TYR B 370 -6.79 -37.09 10.07
C TYR B 370 -8.04 -36.73 9.27
N ARG B 371 -9.22 -37.00 9.84
CA ARG B 371 -10.49 -36.58 9.25
C ARG B 371 -10.55 -35.05 9.09
N HIS B 372 -10.21 -34.33 10.15
CA HIS B 372 -10.26 -32.87 10.14
C HIS B 372 -9.42 -32.27 9.05
N ASP B 373 -8.15 -32.70 8.95
CA ASP B 373 -7.22 -32.17 7.95
C ASP B 373 -7.64 -32.54 6.52
N PHE B 374 -8.08 -33.78 6.34
CA PHE B 374 -8.64 -34.22 5.06
C PHE B 374 -9.82 -33.34 4.67
N LEU B 375 -10.72 -33.10 5.62
CA LEU B 375 -11.92 -32.31 5.36
C LEU B 375 -11.68 -30.81 5.29
N ALA B 376 -10.82 -30.29 6.18
CA ALA B 376 -10.53 -28.85 6.24
C ALA B 376 -9.84 -28.34 4.99
N SER B 377 -9.11 -29.22 4.32
CA SER B 377 -8.51 -28.94 3.00
C SER B 377 -9.56 -28.36 2.06
N ASN B 378 -10.69 -29.04 1.96
CA ASN B 378 -11.81 -28.60 1.12
C ASN B 378 -12.76 -27.63 1.84
N GLY B 379 -12.36 -27.18 3.02
CA GLY B 379 -13.13 -26.19 3.77
C GLY B 379 -14.29 -26.76 4.58
N PHE B 380 -14.24 -28.06 4.89
CA PHE B 380 -15.26 -28.68 5.73
C PHE B 380 -14.73 -28.97 7.13
N ASP B 381 -15.63 -28.96 8.11
CA ASP B 381 -15.30 -29.22 9.52
C ASP B 381 -14.45 -28.12 10.19
N VAL B 382 -14.31 -26.97 9.52
CA VAL B 382 -13.55 -25.85 10.06
C VAL B 382 -14.31 -25.19 11.21
N GLU B 383 -13.65 -25.10 12.37
CA GLU B 383 -14.25 -24.47 13.54
C GLU B 383 -14.63 -23.03 13.25
N GLY B 384 -15.82 -22.65 13.68
CA GLY B 384 -16.32 -21.27 13.53
C GLY B 384 -17.42 -21.14 12.49
N ILE B 385 -17.45 -22.07 11.54
CA ILE B 385 -18.44 -22.06 10.44
C ILE B 385 -19.72 -22.81 10.84
N ASN B 386 -20.85 -22.43 10.23
CA ASN B 386 -22.11 -23.15 10.43
C ASN B 386 -22.52 -23.91 9.16
N TYR B 387 -22.39 -25.24 9.21
CA TYR B 387 -22.60 -26.06 8.03
C TYR B 387 -24.06 -26.40 7.73
N GLU B 388 -24.96 -25.83 8.54
CA GLU B 388 -26.41 -25.97 8.33
C GLU B 388 -27.00 -24.79 7.57
N ALA B 389 -26.25 -23.68 7.55
CA ALA B 389 -26.68 -22.45 6.88
C ALA B 389 -26.64 -22.61 5.37
N GLU B 390 -27.56 -21.90 4.70
CA GLU B 390 -27.67 -21.93 3.26
C GLU B 390 -26.49 -21.23 2.60
N VAL B 391 -25.78 -21.95 1.73
CA VAL B 391 -24.74 -21.38 0.88
C VAL B 391 -25.42 -20.78 -0.36
N GLU B 392 -25.35 -19.46 -0.49
CA GLU B 392 -26.05 -18.73 -1.54
C GLU B 392 -25.57 -19.13 -2.94
N ARG B 393 -24.30 -18.86 -3.22
CA ARG B 393 -23.70 -19.11 -4.54
C ARG B 393 -22.31 -19.74 -4.42
N PHE B 394 -21.82 -20.24 -5.55
CA PHE B 394 -20.49 -20.85 -5.58
C PHE B 394 -19.50 -20.01 -6.39
N ASP B 395 -19.82 -18.74 -6.59
CA ASP B 395 -18.92 -17.84 -7.33
C ASP B 395 -18.30 -16.74 -6.46
N ARG B 396 -18.63 -16.72 -5.17
CA ARG B 396 -18.08 -15.70 -4.27
C ARG B 396 -18.00 -16.13 -2.80
N ILE B 397 -17.68 -15.17 -1.92
CA ILE B 397 -17.44 -15.39 -0.50
C ILE B 397 -17.80 -14.14 0.31
N MSE C 1 -36.16 -24.16 -34.69
CA MSE C 1 -35.68 -23.68 -36.02
C MSE C 1 -35.66 -24.81 -37.01
O MSE C 1 -35.58 -25.98 -36.62
CB MSE C 1 -34.28 -23.06 -35.88
CG MSE C 1 -33.20 -24.06 -35.44
SE MSE C 1 -31.41 -23.36 -35.85
CE MSE C 1 -31.39 -23.69 -37.79
N ILE C 2 -35.74 -24.47 -38.30
CA ILE C 2 -35.62 -25.46 -39.36
C ILE C 2 -34.14 -25.58 -39.76
N VAL C 3 -33.59 -26.77 -39.56
CA VAL C 3 -32.21 -27.06 -39.94
C VAL C 3 -32.18 -27.68 -41.33
N LYS C 4 -31.27 -27.19 -42.15
CA LYS C 4 -31.07 -27.76 -43.50
C LYS C 4 -29.59 -27.89 -43.85
N PRO C 5 -29.27 -28.75 -44.84
CA PRO C 5 -27.89 -28.97 -45.25
C PRO C 5 -27.19 -27.66 -45.58
N MSE C 6 -26.04 -27.44 -44.95
CA MSE C 6 -25.25 -26.24 -45.19
C MSE C 6 -23.97 -26.64 -45.84
O MSE C 6 -22.93 -26.80 -45.18
CB MSE C 6 -25.01 -25.56 -43.84
CG MSE C 6 -25.71 -24.18 -43.82
SE MSE C 6 -25.03 -23.25 -42.22
CE MSE C 6 -26.31 -23.97 -40.90
N VAL C 7 -24.03 -26.79 -47.16
CA VAL C 7 -22.88 -27.21 -47.94
C VAL C 7 -22.08 -26.01 -48.42
N ARG C 8 -20.81 -25.96 -48.03
CA ARG C 8 -19.89 -24.92 -48.53
C ARG C 8 -18.55 -25.54 -48.90
N ASN C 9 -18.19 -25.40 -50.18
CA ASN C 9 -16.99 -26.00 -50.77
C ASN C 9 -17.06 -27.53 -50.84
N ASN C 10 -18.29 -28.04 -51.00
CA ASN C 10 -18.57 -29.49 -51.04
C ASN C 10 -18.32 -30.24 -49.72
N ILE C 11 -18.51 -29.53 -48.60
CA ILE C 11 -18.52 -30.13 -47.27
C ILE C 11 -19.82 -29.74 -46.59
N CYS C 12 -20.50 -30.73 -46.01
CA CYS C 12 -21.71 -30.47 -45.23
C CYS C 12 -21.33 -30.06 -43.80
N LEU C 13 -21.55 -28.78 -43.49
CA LEU C 13 -21.06 -28.19 -42.24
C LEU C 13 -21.87 -28.56 -41.00
N ASN C 14 -23.20 -28.45 -41.09
CA ASN C 14 -24.05 -28.76 -39.94
C ASN C 14 -24.45 -30.23 -39.82
N ALA C 15 -25.40 -30.52 -38.93
CA ALA C 15 -25.86 -31.88 -38.69
C ALA C 15 -27.29 -31.87 -38.16
N HIS C 16 -28.05 -32.92 -38.49
CA HIS C 16 -29.44 -33.02 -38.10
C HIS C 16 -29.60 -34.07 -37.04
N PRO C 17 -29.80 -33.64 -35.77
CA PRO C 17 -29.78 -34.58 -34.63
C PRO C 17 -30.79 -35.72 -34.76
N GLN C 18 -32.00 -35.39 -35.22
CA GLN C 18 -33.02 -36.39 -35.46
C GLN C 18 -32.67 -37.27 -36.64
N GLY C 19 -32.00 -36.67 -37.62
CA GLY C 19 -31.60 -37.37 -38.83
C GLY C 19 -30.53 -38.40 -38.57
N CYS C 20 -29.62 -38.11 -37.64
CA CYS C 20 -28.56 -39.04 -37.30
C CYS C 20 -29.09 -40.22 -36.48
N LYS C 21 -30.02 -39.92 -35.58
CA LYS C 21 -30.65 -40.93 -34.71
C LYS C 21 -31.38 -42.00 -35.53
N LYS C 22 -32.22 -41.56 -36.46
CA LYS C 22 -32.94 -42.46 -37.37
C LYS C 22 -31.97 -43.27 -38.22
N GLY C 23 -30.82 -42.69 -38.53
CA GLY C 23 -29.78 -43.39 -39.28
C GLY C 23 -29.26 -44.61 -38.55
N VAL C 24 -28.98 -44.43 -37.26
CA VAL C 24 -28.50 -45.50 -36.40
C VAL C 24 -29.58 -46.55 -36.20
N GLU C 25 -30.82 -46.11 -35.96
CA GLU C 25 -31.95 -47.03 -35.81
C GLU C 25 -32.15 -47.90 -37.05
N ASP C 26 -32.02 -47.28 -38.23
CA ASP C 26 -32.14 -48.00 -39.51
C ASP C 26 -31.10 -49.11 -39.67
N GLN C 27 -29.86 -48.82 -39.29
CA GLN C 27 -28.79 -49.82 -39.33
C GLN C 27 -29.06 -50.97 -38.36
N ILE C 28 -29.61 -50.65 -37.20
CA ILE C 28 -29.94 -51.63 -36.18
C ILE C 28 -31.05 -52.56 -36.69
N GLU C 29 -32.08 -51.99 -37.30
CA GLU C 29 -33.17 -52.79 -37.87
C GLU C 29 -32.65 -53.75 -38.93
N TYR C 30 -31.73 -53.28 -39.77
CA TYR C 30 -31.15 -54.11 -40.82
C TYR C 30 -30.33 -55.27 -40.24
N THR C 31 -29.48 -54.96 -39.28
CA THR C 31 -28.58 -55.92 -38.65
C THR C 31 -29.32 -57.08 -37.99
N LYS C 32 -30.36 -56.73 -37.23
CA LYS C 32 -31.26 -57.72 -36.64
C LYS C 32 -31.87 -58.62 -37.71
N LYS C 33 -32.17 -58.07 -38.87
CA LYS C 33 -32.75 -58.83 -39.97
C LYS C 33 -31.71 -59.67 -40.71
N ARG C 34 -30.52 -59.10 -40.91
CA ARG C 34 -29.44 -59.76 -41.63
C ARG C 34 -28.77 -60.87 -40.82
N ILE C 35 -28.43 -60.57 -39.56
CA ILE C 35 -27.81 -61.55 -38.66
C ILE C 35 -28.90 -62.41 -38.03
N THR C 36 -29.38 -63.38 -38.79
CA THR C 36 -30.40 -64.32 -38.32
C THR C 36 -29.75 -65.45 -37.50
N ALA C 37 -30.58 -66.35 -36.99
CA ALA C 37 -30.11 -67.48 -36.17
C ALA C 37 -29.38 -68.50 -37.03
N GLU C 38 -29.78 -68.57 -38.29
CA GLU C 38 -29.20 -69.51 -39.27
C GLU C 38 -27.82 -69.02 -39.74
N VAL C 39 -27.35 -67.95 -39.12
CA VAL C 39 -26.07 -67.33 -39.45
C VAL C 39 -25.12 -67.46 -38.24
N LYS C 40 -25.71 -67.47 -37.04
CA LYS C 40 -24.98 -67.76 -35.81
C LYS C 40 -24.87 -69.29 -35.63
N ALA C 41 -25.31 -70.02 -36.66
CA ALA C 41 -25.50 -71.48 -36.66
C ALA C 41 -24.57 -72.31 -35.75
N GLY C 42 -23.30 -72.45 -36.17
CA GLY C 42 -22.33 -73.21 -35.39
C GLY C 42 -21.07 -72.38 -35.22
N ALA C 43 -21.21 -71.09 -35.50
CA ALA C 43 -20.10 -70.15 -35.45
C ALA C 43 -19.95 -69.59 -34.05
N LYS C 44 -18.79 -68.98 -33.80
CA LYS C 44 -18.57 -68.25 -32.57
C LYS C 44 -19.23 -66.89 -32.69
N ALA C 45 -19.29 -66.16 -31.57
CA ALA C 45 -19.82 -64.82 -31.55
C ALA C 45 -18.91 -63.94 -30.71
N PRO C 46 -18.63 -62.70 -31.17
CA PRO C 46 -17.82 -61.80 -30.36
C PRO C 46 -18.55 -61.50 -29.06
N LYS C 47 -17.82 -61.42 -27.96
CA LYS C 47 -18.43 -61.13 -26.67
C LYS C 47 -18.04 -59.73 -26.22
N ASN C 48 -16.75 -59.39 -26.39
CA ASN C 48 -16.24 -58.07 -26.04
C ASN C 48 -15.33 -57.47 -27.11
N VAL C 49 -15.75 -56.33 -27.64
CA VAL C 49 -15.09 -55.72 -28.79
C VAL C 49 -14.78 -54.24 -28.58
N LEU C 50 -13.59 -53.84 -29.02
CA LEU C 50 -13.13 -52.46 -28.97
C LEU C 50 -13.13 -51.86 -30.39
N VAL C 51 -13.97 -50.86 -30.61
CA VAL C 51 -14.06 -50.20 -31.91
C VAL C 51 -13.38 -48.83 -31.86
N LEU C 52 -12.26 -48.72 -32.56
CA LEU C 52 -11.51 -47.48 -32.64
C LEU C 52 -11.94 -46.67 -33.86
N GLY C 53 -12.53 -45.49 -33.63
CA GLY C 53 -13.10 -44.67 -34.69
C GLY C 53 -14.51 -45.16 -35.01
N CYS C 54 -15.42 -44.91 -34.07
CA CYS C 54 -16.70 -45.59 -34.00
C CYS C 54 -17.90 -44.68 -34.24
N SER C 55 -17.62 -43.41 -34.57
CA SER C 55 -18.68 -42.41 -34.65
C SER C 55 -19.52 -42.54 -35.90
N ASN C 56 -18.89 -42.83 -37.04
CA ASN C 56 -19.62 -43.01 -38.29
C ASN C 56 -18.96 -43.96 -39.30
N GLY C 57 -19.58 -44.04 -40.48
CA GLY C 57 -19.09 -44.87 -41.58
C GLY C 57 -18.88 -46.32 -41.18
N TYR C 58 -17.70 -46.85 -41.54
CA TYR C 58 -17.38 -48.25 -41.31
C TYR C 58 -17.29 -48.61 -39.83
N GLY C 59 -16.75 -47.68 -39.04
CA GLY C 59 -16.61 -47.88 -37.60
C GLY C 59 -17.93 -48.03 -36.88
N LEU C 60 -18.88 -47.15 -37.18
CA LEU C 60 -20.20 -47.18 -36.57
C LEU C 60 -20.92 -48.48 -36.86
N ALA C 61 -20.80 -48.97 -38.09
CA ALA C 61 -21.44 -50.23 -38.49
C ALA C 61 -20.80 -51.42 -37.78
N SER C 62 -19.48 -51.42 -37.71
CA SER C 62 -18.73 -52.47 -36.99
C SER C 62 -19.20 -52.58 -35.54
N ARG C 63 -19.72 -51.48 -35.00
CA ARG C 63 -20.21 -51.45 -33.63
C ARG C 63 -21.67 -51.89 -33.54
N ILE C 64 -22.46 -51.48 -34.53
CA ILE C 64 -23.88 -51.84 -34.59
C ILE C 64 -24.13 -53.34 -34.84
N THR C 65 -23.26 -54.00 -35.60
CA THR C 65 -23.45 -55.44 -35.87
C THR C 65 -22.91 -56.30 -34.73
N ALA C 66 -21.83 -55.86 -34.10
CA ALA C 66 -21.30 -56.53 -32.93
C ALA C 66 -22.29 -56.47 -31.76
N ALA C 67 -22.86 -55.30 -31.52
CA ALA C 67 -23.80 -55.13 -30.43
C ALA C 67 -25.18 -55.73 -30.73
N PHE C 68 -25.76 -55.38 -31.87
CA PHE C 68 -27.16 -55.71 -32.12
C PHE C 68 -27.34 -56.99 -32.91
N GLY C 69 -26.30 -57.39 -33.63
CA GLY C 69 -26.31 -58.69 -34.33
C GLY C 69 -26.06 -59.81 -33.34
N TYR C 70 -24.85 -59.83 -32.78
CA TYR C 70 -24.40 -60.85 -31.85
C TYR C 70 -24.42 -60.37 -30.40
N GLY C 71 -25.43 -59.57 -30.04
CA GLY C 71 -25.61 -59.07 -28.67
C GLY C 71 -24.39 -58.91 -27.76
N ALA C 72 -23.34 -58.28 -28.27
CA ALA C 72 -22.06 -58.18 -27.54
C ALA C 72 -21.81 -56.81 -26.93
N ALA C 73 -20.95 -56.78 -25.91
CA ALA C 73 -20.59 -55.53 -25.24
C ALA C 73 -19.48 -54.81 -26.00
N THR C 74 -19.54 -53.47 -25.99
CA THR C 74 -18.65 -52.64 -26.82
C THR C 74 -18.03 -51.46 -26.06
N ILE C 75 -16.75 -51.22 -26.31
CA ILE C 75 -16.13 -49.95 -25.93
C ILE C 75 -15.69 -49.26 -27.22
N GLY C 76 -16.19 -48.03 -27.42
CA GLY C 76 -15.95 -47.30 -28.65
C GLY C 76 -15.23 -45.97 -28.46
N VAL C 77 -14.17 -45.78 -29.22
CA VAL C 77 -13.36 -44.56 -29.14
C VAL C 77 -13.62 -43.68 -30.35
N SER C 78 -13.69 -42.36 -30.13
CA SER C 78 -13.91 -41.40 -31.22
C SER C 78 -13.59 -39.98 -30.77
N PHE C 79 -13.13 -39.16 -31.71
CA PHE C 79 -12.94 -37.72 -31.44
C PHE C 79 -14.10 -36.91 -32.03
N GLU C 80 -15.07 -36.58 -31.19
CA GLU C 80 -16.26 -35.84 -31.65
C GLU C 80 -16.43 -34.48 -30.98
N LYS C 81 -17.01 -33.55 -31.73
CA LYS C 81 -17.37 -32.23 -31.20
C LYS C 81 -18.78 -32.24 -30.63
N ALA C 82 -18.91 -31.76 -29.40
CA ALA C 82 -20.17 -31.76 -28.67
C ALA C 82 -21.13 -30.68 -29.19
N GLY C 83 -22.43 -31.03 -29.22
CA GLY C 83 -23.50 -30.06 -29.47
C GLY C 83 -23.59 -29.10 -28.29
N SER C 84 -24.33 -28.01 -28.44
CA SER C 84 -24.36 -26.99 -27.38
C SER C 84 -25.74 -26.36 -27.15
N GLU C 85 -26.75 -26.77 -27.95
CA GLU C 85 -28.09 -26.13 -27.93
C GLU C 85 -28.09 -24.70 -28.58
N THR C 86 -26.85 -24.17 -28.70
CA THR C 86 -26.67 -22.88 -29.39
C THR C 86 -26.23 -23.15 -30.83
N LYS C 87 -25.27 -24.11 -30.92
CA LYS C 87 -24.61 -24.44 -32.19
C LYS C 87 -24.82 -25.94 -32.47
N TYR C 88 -24.23 -26.43 -33.55
CA TYR C 88 -24.37 -27.84 -33.92
C TYR C 88 -23.13 -28.67 -33.61
N GLY C 89 -23.36 -29.86 -33.08
CA GLY C 89 -22.29 -30.84 -32.88
C GLY C 89 -21.99 -31.54 -34.19
N THR C 90 -20.91 -32.32 -34.20
CA THR C 90 -20.57 -33.15 -35.34
C THR C 90 -21.58 -34.29 -35.45
N PRO C 91 -21.79 -34.83 -36.66
CA PRO C 91 -22.78 -35.91 -36.81
C PRO C 91 -22.40 -37.16 -36.00
N GLY C 92 -21.12 -37.31 -35.67
CA GLY C 92 -20.66 -38.42 -34.84
C GLY C 92 -21.16 -38.36 -33.40
N TRP C 93 -21.15 -37.15 -32.83
CA TRP C 93 -21.65 -36.89 -31.48
C TRP C 93 -23.03 -37.44 -31.32
N TYR C 94 -23.91 -37.14 -32.28
CA TYR C 94 -25.30 -37.58 -32.24
C TYR C 94 -25.42 -39.07 -32.45
N ASN C 95 -24.67 -39.60 -33.43
CA ASN C 95 -24.58 -41.04 -33.68
C ASN C 95 -24.14 -41.82 -32.43
N ASN C 96 -23.15 -41.30 -31.72
CA ASN C 96 -22.70 -41.88 -30.45
C ASN C 96 -23.80 -41.82 -29.39
N LEU C 97 -24.48 -40.69 -29.29
CA LEU C 97 -25.60 -40.54 -28.35
C LEU C 97 -26.70 -41.52 -28.69
N ALA C 98 -27.06 -41.60 -29.98
CA ALA C 98 -28.08 -42.51 -30.48
C ALA C 98 -27.73 -43.97 -30.19
N PHE C 99 -26.46 -44.32 -30.35
CA PHE C 99 -26.02 -45.69 -30.14
C PHE C 99 -26.22 -46.12 -28.69
N ASP C 100 -25.75 -45.28 -27.76
CA ASP C 100 -25.85 -45.60 -26.33
C ASP C 100 -27.28 -45.70 -25.84
N GLU C 101 -28.14 -44.78 -26.27
CA GLU C 101 -29.56 -44.87 -25.97
C GLU C 101 -30.11 -46.25 -26.36
N ALA C 102 -29.90 -46.65 -27.61
CA ALA C 102 -30.46 -47.90 -28.12
C ALA C 102 -29.84 -49.11 -27.42
N ALA C 103 -28.57 -49.01 -27.08
CA ALA C 103 -27.86 -50.08 -26.39
C ALA C 103 -28.35 -50.23 -24.95
N LYS C 104 -28.80 -49.13 -24.36
CA LYS C 104 -29.34 -49.14 -23.01
C LYS C 104 -30.69 -49.87 -22.98
N ARG C 105 -31.57 -49.58 -23.94
CA ARG C 105 -32.89 -50.21 -24.03
C ARG C 105 -32.86 -51.74 -24.00
N GLU C 106 -31.91 -52.32 -24.73
CA GLU C 106 -31.80 -53.78 -24.80
C GLU C 106 -31.01 -54.33 -23.61
N GLY C 107 -30.40 -53.44 -22.85
CA GLY C 107 -29.59 -53.84 -21.70
C GLY C 107 -28.31 -54.47 -22.17
N LEU C 108 -27.48 -53.68 -22.82
CA LEU C 108 -26.13 -54.10 -23.22
C LEU C 108 -25.11 -53.09 -22.71
N TYR C 109 -23.88 -53.56 -22.54
CA TYR C 109 -22.82 -52.71 -22.03
C TYR C 109 -22.10 -52.00 -23.18
N SER C 110 -22.22 -50.68 -23.19
CA SER C 110 -21.52 -49.87 -24.18
C SER C 110 -21.13 -48.50 -23.64
N VAL C 111 -19.87 -48.38 -23.24
CA VAL C 111 -19.29 -47.09 -22.87
C VAL C 111 -18.52 -46.56 -24.08
N THR C 112 -18.66 -45.27 -24.35
CA THR C 112 -17.92 -44.62 -25.44
C THR C 112 -16.98 -43.53 -24.91
N ILE C 113 -15.73 -43.61 -25.33
CA ILE C 113 -14.74 -42.60 -24.98
C ILE C 113 -14.71 -41.54 -26.07
N ASP C 114 -14.85 -40.28 -25.68
CA ASP C 114 -14.65 -39.17 -26.60
C ASP C 114 -13.24 -38.61 -26.46
N GLY C 115 -12.63 -38.29 -27.59
CA GLY C 115 -11.26 -37.77 -27.61
C GLY C 115 -10.34 -38.46 -28.60
N ASP C 116 -9.08 -38.06 -28.56
CA ASP C 116 -8.08 -38.45 -29.56
C ASP C 116 -7.54 -39.87 -29.33
N ALA C 117 -7.89 -40.79 -30.22
CA ALA C 117 -7.45 -42.18 -30.13
C ALA C 117 -5.95 -42.36 -30.40
N PHE C 118 -5.27 -41.28 -30.78
CA PHE C 118 -3.83 -41.32 -31.03
C PHE C 118 -3.01 -41.11 -29.76
N SER C 119 -3.65 -40.54 -28.74
CA SER C 119 -2.95 -40.15 -27.51
C SER C 119 -3.01 -41.23 -26.42
N ASP C 120 -1.97 -41.26 -25.58
CA ASP C 120 -1.83 -42.22 -24.48
C ASP C 120 -2.88 -42.07 -23.38
N GLU C 121 -3.34 -40.84 -23.18
CA GLU C 121 -4.37 -40.54 -22.19
C GLU C 121 -5.59 -41.40 -22.49
N ILE C 122 -6.13 -41.22 -23.70
CA ILE C 122 -7.30 -41.97 -24.15
C ILE C 122 -7.05 -43.49 -24.17
N LYS C 123 -5.86 -43.91 -24.57
CA LYS C 123 -5.46 -45.32 -24.49
C LYS C 123 -5.61 -45.84 -23.06
N ALA C 124 -5.10 -45.06 -22.09
CA ALA C 124 -5.18 -45.44 -20.68
C ALA C 124 -6.63 -45.52 -20.21
N GLN C 125 -7.43 -44.54 -20.60
CA GLN C 125 -8.85 -44.44 -20.24
C GLN C 125 -9.67 -45.67 -20.64
N VAL C 126 -9.22 -46.40 -21.65
CA VAL C 126 -9.90 -47.64 -22.06
C VAL C 126 -9.25 -48.86 -21.39
N ILE C 127 -7.94 -48.81 -21.20
CA ILE C 127 -7.23 -49.84 -20.43
C ILE C 127 -7.86 -49.95 -19.03
N GLU C 128 -7.96 -48.82 -18.33
CA GLU C 128 -8.52 -48.77 -16.97
C GLU C 128 -10.05 -48.94 -16.94
N GLU C 129 -10.68 -48.94 -18.11
CA GLU C 129 -12.12 -49.15 -18.22
C GLU C 129 -12.47 -50.63 -18.34
N ALA C 130 -11.70 -51.34 -19.15
CA ALA C 130 -11.87 -52.78 -19.33
C ALA C 130 -11.50 -53.55 -18.07
N LYS C 131 -10.57 -52.98 -17.28
CA LYS C 131 -10.25 -53.50 -15.95
C LYS C 131 -11.43 -53.34 -15.01
N LYS C 132 -12.06 -52.17 -15.06
CA LYS C 132 -13.21 -51.85 -14.22
C LYS C 132 -14.32 -52.89 -14.38
N LYS C 133 -14.58 -53.30 -15.62
CA LYS C 133 -15.60 -54.31 -15.89
C LYS C 133 -15.00 -55.71 -16.11
N GLY C 134 -13.70 -55.83 -15.85
CA GLY C 134 -13.02 -57.12 -15.86
C GLY C 134 -12.75 -57.69 -17.24
N ILE C 135 -13.78 -58.26 -17.87
CA ILE C 135 -13.61 -59.06 -19.09
C ILE C 135 -12.79 -58.36 -20.19
N LYS C 136 -12.04 -59.17 -20.95
CA LYS C 136 -11.08 -58.67 -21.93
C LYS C 136 -11.56 -58.79 -23.39
N PHE C 137 -10.75 -58.30 -24.32
CA PHE C 137 -11.17 -58.10 -25.71
C PHE C 137 -10.92 -59.29 -26.62
N ASP C 138 -11.98 -59.69 -27.34
CA ASP C 138 -11.89 -60.72 -28.37
C ASP C 138 -11.91 -60.16 -29.82
N LEU C 139 -12.24 -58.88 -29.96
CA LEU C 139 -12.21 -58.21 -31.27
C LEU C 139 -11.84 -56.74 -31.19
N ILE C 140 -10.75 -56.37 -31.86
CA ILE C 140 -10.33 -54.96 -31.94
C ILE C 140 -10.45 -54.43 -33.36
N VAL C 141 -11.40 -53.52 -33.58
CA VAL C 141 -11.64 -52.95 -34.91
C VAL C 141 -10.94 -51.60 -35.04
N TYR C 142 -9.85 -51.58 -35.80
CA TYR C 142 -9.13 -50.33 -36.05
C TYR C 142 -9.68 -49.69 -37.31
N SER C 143 -10.30 -48.53 -37.13
CA SER C 143 -11.07 -47.87 -38.18
C SER C 143 -10.96 -46.34 -38.11
N LEU C 144 -9.75 -45.85 -37.85
CA LEU C 144 -9.50 -44.42 -37.75
C LEU C 144 -9.11 -43.86 -39.11
N ALA C 145 -10.00 -43.03 -39.66
CA ALA C 145 -9.68 -42.28 -40.85
C ALA C 145 -9.55 -40.83 -40.44
N SER C 146 -8.32 -40.39 -40.21
CA SER C 146 -8.07 -39.02 -39.77
C SER C 146 -6.99 -38.35 -40.63
N PRO C 147 -7.18 -37.06 -40.95
CA PRO C 147 -6.19 -36.34 -41.77
C PRO C 147 -4.93 -35.97 -40.99
N VAL C 148 -4.99 -36.09 -39.67
CA VAL C 148 -3.94 -35.61 -38.78
C VAL C 148 -3.62 -36.59 -37.64
N ARG C 149 -2.35 -36.68 -37.26
CA ARG C 149 -1.92 -37.46 -36.10
C ARG C 149 -0.80 -36.74 -35.37
N THR C 150 -0.99 -36.50 -34.07
CA THR C 150 0.06 -35.99 -33.20
C THR C 150 0.87 -37.18 -32.69
N ASP C 151 2.17 -37.20 -32.98
CA ASP C 151 3.05 -38.30 -32.60
C ASP C 151 3.11 -38.43 -31.08
N PRO C 152 2.81 -39.64 -30.55
CA PRO C 152 2.77 -39.90 -29.11
C PRO C 152 4.13 -39.73 -28.40
N ASP C 153 5.22 -40.08 -29.08
CA ASP C 153 6.55 -40.03 -28.51
C ASP C 153 7.26 -38.68 -28.67
N THR C 154 6.93 -37.96 -29.74
CA THR C 154 7.65 -36.74 -30.10
C THR C 154 6.77 -35.48 -30.18
N GLY C 155 5.46 -35.68 -30.31
CA GLY C 155 4.49 -34.59 -30.23
C GLY C 155 4.46 -33.59 -31.37
N ILE C 156 4.97 -33.99 -32.53
CA ILE C 156 4.95 -33.16 -33.73
C ILE C 156 3.77 -33.57 -34.59
N MSE C 157 3.03 -32.57 -35.10
CA MSE C 157 1.84 -32.85 -35.91
C MSE C 157 2.22 -33.26 -37.31
O MSE C 157 2.73 -32.46 -38.10
CB MSE C 157 0.90 -31.66 -35.94
CG MSE C 157 -0.52 -32.19 -36.11
SE MSE C 157 -1.89 -30.92 -35.47
CE MSE C 157 -1.19 -30.54 -33.66
N HIS C 158 2.00 -34.55 -37.60
CA HIS C 158 2.14 -35.09 -38.93
C HIS C 158 0.85 -34.92 -39.67
N LYS C 159 0.92 -34.26 -40.82
CA LYS C 159 -0.26 -34.02 -41.65
C LYS C 159 -0.14 -34.90 -42.91
N SER C 160 -1.21 -35.60 -43.26
CA SER C 160 -1.18 -36.52 -44.40
C SER C 160 -1.88 -35.97 -45.64
N VAL C 161 -1.31 -36.30 -46.79
CA VAL C 161 -1.82 -35.87 -48.10
C VAL C 161 -2.29 -37.09 -48.91
N LEU C 162 -3.10 -36.84 -49.93
CA LEU C 162 -3.56 -37.90 -50.83
C LEU C 162 -3.05 -37.58 -52.24
N LYS C 163 -1.78 -37.87 -52.48
CA LYS C 163 -1.08 -37.41 -53.67
C LYS C 163 -0.31 -38.52 -54.40
N PRO C 164 0.02 -38.30 -55.69
CA PRO C 164 0.82 -39.27 -56.44
C PRO C 164 2.33 -39.10 -56.31
N PHE C 165 3.08 -39.94 -57.00
CA PHE C 165 4.54 -39.85 -57.08
C PHE C 165 4.95 -39.59 -58.52
N GLY C 166 6.08 -38.89 -58.68
CA GLY C 166 6.66 -38.64 -60.00
C GLY C 166 5.94 -37.53 -60.76
N LYS C 167 4.78 -37.86 -61.34
CA LYS C 167 4.03 -36.88 -62.13
C LYS C 167 2.54 -36.79 -61.76
N THR C 168 2.00 -35.57 -61.93
CA THR C 168 0.62 -35.20 -61.64
C THR C 168 -0.42 -36.25 -62.02
N PHE C 169 -1.34 -36.52 -61.10
CA PHE C 169 -2.51 -37.33 -61.40
C PHE C 169 -3.69 -36.40 -61.63
N THR C 170 -4.27 -36.51 -62.81
CA THR C 170 -5.35 -35.64 -63.24
C THR C 170 -6.53 -36.44 -63.80
N GLY C 171 -7.75 -36.06 -63.38
CA GLY C 171 -8.97 -36.74 -63.83
C GLY C 171 -10.25 -35.93 -63.64
N LYS C 172 -11.37 -36.54 -63.98
CA LYS C 172 -12.67 -35.87 -63.95
C LYS C 172 -13.37 -36.04 -62.60
N THR C 173 -14.04 -34.97 -62.16
CA THR C 173 -14.77 -34.98 -60.90
C THR C 173 -16.19 -34.43 -61.08
N VAL C 174 -17.07 -34.71 -60.10
CA VAL C 174 -18.46 -34.25 -60.20
C VAL C 174 -18.91 -33.59 -58.90
N ASP C 175 -19.50 -32.39 -59.04
CA ASP C 175 -20.26 -31.80 -57.95
C ASP C 175 -21.61 -32.49 -57.97
N PRO C 176 -21.91 -33.27 -56.91
CA PRO C 176 -23.13 -34.09 -56.86
C PRO C 176 -24.42 -33.30 -57.09
N PHE C 177 -24.41 -32.02 -56.71
CA PHE C 177 -25.62 -31.20 -56.70
C PHE C 177 -25.98 -30.59 -58.07
N THR C 178 -24.98 -30.05 -58.75
CA THR C 178 -25.20 -29.43 -60.06
C THR C 178 -25.10 -30.42 -61.21
N GLY C 179 -24.17 -31.37 -61.09
CA GLY C 179 -23.86 -32.28 -62.19
C GLY C 179 -22.76 -31.68 -63.04
N GLU C 180 -22.15 -30.62 -62.50
CA GLU C 180 -21.03 -29.94 -63.13
C GLU C 180 -19.81 -30.87 -63.13
N LEU C 181 -19.22 -31.02 -64.31
CA LEU C 181 -18.12 -31.95 -64.52
C LEU C 181 -16.79 -31.19 -64.67
N LYS C 182 -16.26 -30.70 -63.55
CA LYS C 182 -14.96 -30.00 -63.58
C LYS C 182 -13.79 -30.98 -63.59
N GLU C 183 -12.58 -30.44 -63.74
CA GLU C 183 -11.38 -31.25 -63.96
C GLU C 183 -10.29 -30.91 -62.93
N ILE C 184 -10.35 -31.59 -61.78
CA ILE C 184 -9.37 -31.39 -60.70
C ILE C 184 -8.14 -32.30 -60.86
N SER C 185 -7.02 -31.90 -60.26
CA SER C 185 -5.77 -32.67 -60.35
C SER C 185 -4.89 -32.51 -59.12
N ALA C 186 -4.34 -33.62 -58.64
CA ALA C 186 -3.41 -33.61 -57.50
C ALA C 186 -1.96 -33.74 -57.96
N GLU C 187 -1.10 -32.86 -57.46
CA GLU C 187 0.28 -32.78 -57.91
C GLU C 187 1.26 -33.55 -57.02
N PRO C 188 2.36 -34.07 -57.61
CA PRO C 188 3.34 -34.96 -56.94
C PRO C 188 3.76 -34.55 -55.52
N ALA C 189 4.08 -35.55 -54.71
CA ALA C 189 4.38 -35.37 -53.30
C ALA C 189 5.88 -35.31 -52.98
N ASN C 190 6.22 -34.66 -51.88
CA ASN C 190 7.60 -34.58 -51.37
C ASN C 190 8.04 -35.88 -50.72
N ASP C 191 9.32 -35.94 -50.34
CA ASP C 191 9.81 -36.99 -49.46
C ASP C 191 9.27 -36.78 -48.04
N GLU C 192 8.99 -35.52 -47.71
CA GLU C 192 8.48 -35.14 -46.39
C GLU C 192 6.97 -35.44 -46.26
N GLU C 193 6.23 -35.20 -47.33
CA GLU C 193 4.79 -35.43 -47.37
C GLU C 193 4.42 -36.91 -47.28
N ALA C 194 5.25 -37.76 -47.88
CA ALA C 194 5.01 -39.20 -47.91
C ALA C 194 5.23 -39.83 -46.53
N ALA C 195 6.37 -39.48 -45.90
CA ALA C 195 6.72 -39.99 -44.59
C ALA C 195 5.74 -39.50 -43.52
N ALA C 196 5.09 -38.36 -43.79
CA ALA C 196 4.06 -37.83 -42.91
C ALA C 196 2.75 -38.61 -43.08
N THR C 197 2.55 -39.21 -44.24
CA THR C 197 1.34 -39.98 -44.52
C THR C 197 1.42 -41.38 -43.88
N VAL C 198 2.57 -42.02 -44.04
CA VAL C 198 2.83 -43.34 -43.44
C VAL C 198 2.65 -43.29 -41.92
N LYS C 199 3.05 -42.17 -41.32
CA LYS C 199 2.91 -41.93 -39.89
C LYS C 199 1.45 -41.92 -39.47
N VAL C 200 0.62 -41.20 -40.23
CA VAL C 200 -0.79 -41.02 -39.91
C VAL C 200 -1.67 -42.18 -40.40
N MSE C 201 -1.53 -42.53 -41.68
CA MSE C 201 -2.44 -43.47 -42.34
C MSE C 201 -1.93 -44.89 -42.34
O MSE C 201 -2.66 -45.81 -42.72
CB MSE C 201 -2.71 -42.99 -43.77
CG MSE C 201 -3.80 -41.93 -43.86
SE MSE C 201 -5.52 -42.47 -43.05
CE MSE C 201 -5.70 -44.29 -43.80
N GLY C 202 -0.69 -45.07 -41.90
CA GLY C 202 -0.08 -46.40 -41.84
C GLY C 202 -0.60 -47.25 -40.68
N GLY C 203 0.19 -48.24 -40.29
CA GLY C 203 -0.20 -49.11 -39.18
C GLY C 203 0.58 -48.87 -37.90
N GLU C 204 1.10 -47.65 -37.74
CA GLU C 204 1.97 -47.34 -36.60
C GLU C 204 1.20 -47.21 -35.28
N ASP C 205 0.12 -46.44 -35.29
CA ASP C 205 -0.71 -46.30 -34.09
C ASP C 205 -1.42 -47.61 -33.77
N TRP C 206 -1.79 -48.34 -34.82
CA TRP C 206 -2.45 -49.63 -34.68
C TRP C 206 -1.62 -50.61 -33.91
N GLU C 207 -0.32 -50.67 -34.22
CA GLU C 207 0.61 -51.54 -33.49
C GLU C 207 0.75 -51.09 -32.04
N ARG C 208 0.61 -49.78 -31.81
CA ARG C 208 0.71 -49.21 -30.47
C ARG C 208 -0.43 -49.69 -29.59
N TRP C 209 -1.64 -49.66 -30.14
CA TRP C 209 -2.85 -50.09 -29.43
C TRP C 209 -2.78 -51.51 -28.94
N ILE C 210 -2.27 -52.39 -29.79
CA ILE C 210 -2.21 -53.81 -29.48
C ILE C 210 -1.19 -54.10 -28.39
N LYS C 211 0.08 -53.74 -28.64
CA LYS C 211 1.17 -53.98 -27.68
C LYS C 211 0.82 -53.51 -26.26
N GLN C 212 0.11 -52.38 -26.18
CA GLN C 212 -0.26 -51.76 -24.92
C GLN C 212 -1.32 -52.58 -24.17
N LEU C 213 -2.38 -52.95 -24.87
CA LEU C 213 -3.46 -53.78 -24.30
C LEU C 213 -2.98 -55.21 -24.04
N SER C 214 -1.85 -55.56 -24.65
CA SER C 214 -1.27 -56.88 -24.52
C SER C 214 -0.53 -57.02 -23.19
N LYS C 215 0.37 -56.07 -22.90
CA LYS C 215 1.15 -56.06 -21.65
C LYS C 215 0.28 -55.84 -20.42
N GLU C 216 -0.91 -55.27 -20.62
CA GLU C 216 -1.90 -55.14 -19.56
C GLU C 216 -2.87 -56.33 -19.55
N GLY C 217 -2.62 -57.29 -20.45
CA GLY C 217 -3.31 -58.58 -20.46
C GLY C 217 -4.76 -58.60 -20.90
N LEU C 218 -5.23 -57.51 -21.49
CA LEU C 218 -6.64 -57.39 -21.88
C LEU C 218 -6.94 -58.02 -23.26
N LEU C 219 -6.28 -59.14 -23.56
CA LEU C 219 -6.53 -59.86 -24.81
C LEU C 219 -6.77 -61.34 -24.61
N GLU C 220 -7.93 -61.81 -25.08
CA GLU C 220 -8.24 -63.24 -25.14
C GLU C 220 -7.38 -63.92 -26.20
N GLU C 221 -7.41 -65.25 -26.22
CA GLU C 221 -6.71 -66.03 -27.24
C GLU C 221 -7.53 -66.09 -28.52
N GLY C 222 -6.86 -66.02 -29.67
CA GLY C 222 -7.53 -66.01 -30.97
C GLY C 222 -8.29 -64.72 -31.22
N CYS C 223 -7.84 -63.67 -30.55
CA CYS C 223 -8.44 -62.34 -30.65
C CYS C 223 -8.20 -61.75 -32.04
N ILE C 224 -9.29 -61.41 -32.73
CA ILE C 224 -9.21 -60.85 -34.07
C ILE C 224 -9.01 -59.35 -33.98
N THR C 225 -8.02 -58.84 -34.70
CA THR C 225 -7.85 -57.39 -34.85
C THR C 225 -7.64 -57.04 -36.32
N LEU C 226 -8.47 -56.14 -36.82
CA LEU C 226 -8.46 -55.80 -38.23
C LEU C 226 -8.43 -54.30 -38.47
N ALA C 227 -7.74 -53.91 -39.54
CA ALA C 227 -7.67 -52.52 -39.98
C ALA C 227 -8.35 -52.33 -41.34
N TYR C 228 -9.25 -51.35 -41.43
CA TYR C 228 -9.98 -51.08 -42.67
C TYR C 228 -9.16 -50.29 -43.68
N SER C 229 -9.27 -50.68 -44.94
CA SER C 229 -8.52 -50.07 -46.01
C SER C 229 -9.25 -50.17 -47.33
N TYR C 230 -8.68 -49.56 -48.37
CA TYR C 230 -9.28 -49.54 -49.70
C TYR C 230 -8.21 -49.75 -50.76
N ILE C 231 -8.56 -50.47 -51.81
CA ILE C 231 -7.66 -50.66 -52.96
C ILE C 231 -8.19 -49.86 -54.14
N GLY C 232 -9.48 -49.99 -54.41
CA GLY C 232 -10.12 -49.22 -55.47
C GLY C 232 -9.89 -49.74 -56.89
N PRO C 233 -10.39 -48.99 -57.88
CA PRO C 233 -10.32 -49.38 -59.28
C PRO C 233 -8.95 -49.11 -59.89
N GLU C 234 -8.80 -49.51 -61.16
CA GLU C 234 -7.58 -49.30 -61.92
C GLU C 234 -7.31 -47.83 -62.25
N ALA C 235 -8.37 -47.06 -62.46
CA ALA C 235 -8.25 -45.65 -62.82
C ALA C 235 -7.51 -44.84 -61.76
N THR C 236 -7.61 -45.27 -60.50
CA THR C 236 -7.08 -44.51 -59.37
C THR C 236 -5.79 -45.09 -58.76
N GLN C 237 -5.31 -46.20 -59.33
CA GLN C 237 -4.13 -46.91 -58.80
C GLN C 237 -2.87 -46.06 -58.63
N ALA C 238 -2.81 -44.94 -59.33
CA ALA C 238 -1.68 -44.01 -59.22
C ALA C 238 -1.70 -43.26 -57.90
N LEU C 239 -2.82 -43.37 -57.17
CA LEU C 239 -2.99 -42.79 -55.85
C LEU C 239 -3.06 -43.85 -54.77
N TYR C 240 -3.88 -44.88 -54.99
CA TYR C 240 -4.19 -45.87 -53.97
C TYR C 240 -3.29 -47.11 -53.92
N ARG C 241 -2.44 -47.27 -54.93
CA ARG C 241 -1.45 -48.36 -54.93
C ARG C 241 -0.05 -47.76 -55.01
N LYS C 242 0.18 -46.98 -56.05
CA LYS C 242 1.50 -46.39 -56.29
C LYS C 242 1.69 -45.07 -55.55
N GLY C 243 0.59 -44.39 -55.28
CA GLY C 243 0.62 -43.06 -54.65
C GLY C 243 1.03 -43.01 -53.18
N THR C 244 0.74 -41.89 -52.54
CA THR C 244 1.15 -41.66 -51.16
C THR C 244 0.31 -42.43 -50.14
N ILE C 245 -1.00 -42.51 -50.38
CA ILE C 245 -1.88 -43.37 -49.59
C ILE C 245 -1.52 -44.82 -49.89
N GLY C 246 -1.19 -45.09 -51.16
CA GLY C 246 -0.72 -46.40 -51.58
C GLY C 246 0.39 -46.96 -50.72
N LYS C 247 1.40 -46.13 -50.46
CA LYS C 247 2.57 -46.52 -49.65
C LYS C 247 2.26 -46.71 -48.17
N ALA C 248 1.47 -45.81 -47.59
CA ALA C 248 1.02 -45.93 -46.20
C ALA C 248 0.22 -47.21 -45.97
N LYS C 249 -0.58 -47.59 -46.97
CA LYS C 249 -1.40 -48.80 -46.95
C LYS C 249 -0.56 -50.09 -46.97
N GLU C 250 0.63 -50.03 -47.58
CA GLU C 250 1.57 -51.15 -47.55
C GLU C 250 2.12 -51.35 -46.15
N HIS C 251 2.46 -50.23 -45.51
CA HIS C 251 2.91 -50.21 -44.11
C HIS C 251 1.83 -50.77 -43.20
N LEU C 252 0.58 -50.47 -43.53
CA LEU C 252 -0.55 -51.00 -42.78
C LEU C 252 -0.62 -52.53 -42.91
N GLU C 253 -0.62 -53.03 -44.14
CA GLU C 253 -0.74 -54.48 -44.35
C GLU C 253 0.52 -55.24 -43.92
N ALA C 254 1.63 -54.53 -43.79
CA ALA C 254 2.87 -55.09 -43.24
C ALA C 254 2.82 -55.15 -41.70
N THR C 255 2.23 -54.13 -41.08
CA THR C 255 2.01 -54.13 -39.63
C THR C 255 1.25 -55.38 -39.20
N ALA C 256 0.21 -55.74 -39.96
CA ALA C 256 -0.58 -56.94 -39.72
C ALA C 256 0.32 -58.17 -39.61
N HIS C 257 1.27 -58.31 -40.54
CA HIS C 257 2.23 -59.42 -40.49
C HIS C 257 3.02 -59.39 -39.22
N ARG C 258 3.71 -58.28 -38.96
CA ARG C 258 4.46 -58.09 -37.73
C ARG C 258 3.67 -58.51 -36.49
N LEU C 259 2.45 -58.01 -36.36
CA LEU C 259 1.60 -58.30 -35.21
C LEU C 259 1.37 -59.79 -34.98
N ASN C 260 1.21 -60.54 -36.08
CA ASN C 260 1.03 -61.99 -36.01
C ASN C 260 2.30 -62.74 -35.62
N LYS C 261 3.44 -62.25 -36.10
CA LYS C 261 4.74 -62.92 -35.93
C LYS C 261 5.35 -62.70 -34.56
N GLU C 262 5.00 -61.59 -33.91
CA GLU C 262 5.52 -61.25 -32.59
C GLU C 262 4.57 -61.65 -31.46
N ASN C 263 3.33 -61.99 -31.81
CA ASN C 263 2.27 -62.27 -30.84
C ASN C 263 1.34 -63.40 -31.32
N PRO C 264 1.80 -64.66 -31.22
CA PRO C 264 1.07 -65.78 -31.83
C PRO C 264 -0.34 -66.06 -31.28
N SER C 265 -0.67 -65.46 -30.14
CA SER C 265 -1.98 -65.68 -29.51
C SER C 265 -3.15 -65.07 -30.30
N ILE C 266 -2.89 -63.97 -31.00
CA ILE C 266 -3.93 -63.24 -31.74
C ILE C 266 -3.91 -63.47 -33.25
N ARG C 267 -4.88 -62.87 -33.93
CA ARG C 267 -5.03 -62.94 -35.39
C ARG C 267 -5.35 -61.55 -35.96
N ALA C 268 -4.32 -60.90 -36.52
CA ALA C 268 -4.47 -59.58 -37.11
C ALA C 268 -4.67 -59.66 -38.62
N PHE C 269 -5.58 -58.85 -39.14
CA PHE C 269 -5.82 -58.75 -40.57
C PHE C 269 -5.95 -57.30 -41.00
N VAL C 270 -5.72 -57.02 -42.27
CA VAL C 270 -6.24 -55.82 -42.87
C VAL C 270 -7.42 -56.24 -43.74
N SER C 271 -8.48 -55.47 -43.70
CA SER C 271 -9.68 -55.75 -44.47
C SER C 271 -9.81 -54.69 -45.55
N VAL C 272 -9.83 -55.13 -46.80
CA VAL C 272 -10.03 -54.20 -47.90
C VAL C 272 -11.53 -54.06 -48.18
N ASN C 273 -12.03 -52.85 -48.00
CA ASN C 273 -13.44 -52.56 -48.05
C ASN C 273 -13.88 -51.89 -49.34
N LYS C 274 -15.20 -51.83 -49.54
CA LYS C 274 -15.80 -51.15 -50.68
C LYS C 274 -15.55 -49.65 -50.62
N GLY C 275 -15.61 -48.99 -51.78
CA GLY C 275 -15.50 -47.54 -51.84
C GLY C 275 -16.80 -46.85 -51.47
N LEU C 276 -16.69 -45.68 -50.85
CA LEU C 276 -17.87 -44.92 -50.45
C LEU C 276 -17.62 -43.44 -50.14
N VAL C 277 -18.71 -42.71 -50.01
CA VAL C 277 -18.69 -41.25 -49.90
C VAL C 277 -18.11 -40.78 -48.58
N THR C 278 -16.96 -40.11 -48.66
CA THR C 278 -16.32 -39.52 -47.48
C THR C 278 -16.04 -38.04 -47.70
N ARG C 279 -15.63 -37.35 -46.64
CA ARG C 279 -15.34 -35.92 -46.69
C ARG C 279 -14.25 -35.54 -47.69
N ALA C 280 -13.23 -36.38 -47.79
CA ALA C 280 -12.11 -36.12 -48.69
C ALA C 280 -12.46 -36.34 -50.16
N SER C 281 -13.57 -37.04 -50.41
CA SER C 281 -14.00 -37.43 -51.77
C SER C 281 -14.12 -36.28 -52.77
N ALA C 282 -14.52 -35.10 -52.29
CA ALA C 282 -14.65 -33.92 -53.13
C ALA C 282 -13.33 -33.42 -53.71
N VAL C 283 -12.23 -33.63 -53.00
CA VAL C 283 -10.92 -33.08 -53.39
C VAL C 283 -9.96 -34.14 -53.94
N ILE C 284 -10.52 -35.31 -54.23
CA ILE C 284 -9.78 -36.40 -54.87
C ILE C 284 -10.36 -36.64 -56.29
N PRO C 285 -9.51 -36.62 -57.32
CA PRO C 285 -9.93 -36.71 -58.71
C PRO C 285 -10.32 -38.15 -59.14
N VAL C 286 -11.26 -38.23 -60.10
CA VAL C 286 -11.76 -39.50 -60.67
C VAL C 286 -12.64 -40.31 -59.69
N ILE C 287 -12.50 -39.98 -58.38
CA ILE C 287 -13.21 -40.83 -57.39
C ILE C 287 -14.72 -40.53 -57.36
N PRO C 288 -15.11 -39.23 -57.30
CA PRO C 288 -16.53 -38.91 -57.20
C PRO C 288 -17.31 -39.38 -58.43
N LEU C 289 -16.69 -39.30 -59.60
CA LEU C 289 -17.30 -39.79 -60.83
C LEU C 289 -17.36 -41.32 -60.80
N TYR C 290 -16.28 -41.94 -60.34
CA TYR C 290 -16.23 -43.39 -60.18
C TYR C 290 -17.39 -43.91 -59.32
N LEU C 291 -17.52 -43.34 -58.12
CA LEU C 291 -18.59 -43.71 -57.19
C LEU C 291 -19.98 -43.48 -57.79
N ALA C 292 -20.18 -42.35 -58.45
CA ALA C 292 -21.46 -42.05 -59.10
C ALA C 292 -21.81 -43.11 -60.15
N SER C 293 -20.80 -43.54 -60.89
CA SER C 293 -20.94 -44.56 -61.93
C SER C 293 -21.11 -45.93 -61.30
N LEU C 294 -20.32 -46.20 -60.27
CA LEU C 294 -20.31 -47.49 -59.58
C LEU C 294 -21.64 -47.80 -58.90
N PHE C 295 -22.19 -46.83 -58.18
CA PHE C 295 -23.48 -46.97 -57.51
C PHE C 295 -24.57 -47.35 -58.50
N LYS C 296 -24.55 -46.73 -59.68
CA LYS C 296 -25.52 -46.98 -60.74
C LYS C 296 -25.40 -48.41 -61.25
N VAL C 297 -24.19 -48.83 -61.57
CA VAL C 297 -23.92 -50.18 -62.07
C VAL C 297 -24.32 -51.25 -61.05
N MSE C 298 -24.01 -51.03 -59.78
CA MSE C 298 -24.22 -52.03 -58.74
C MSE C 298 -25.66 -52.12 -58.31
O MSE C 298 -26.16 -53.22 -58.05
CB MSE C 298 -23.26 -51.78 -57.60
CG MSE C 298 -21.82 -52.08 -58.07
SE MSE C 298 -20.54 -52.09 -56.58
CE MSE C 298 -20.76 -53.99 -56.06
N LYS C 299 -26.35 -50.98 -58.20
CA LYS C 299 -27.79 -50.97 -57.92
C LYS C 299 -28.59 -51.62 -59.05
N GLU C 300 -28.19 -51.32 -60.29
CA GLU C 300 -28.78 -51.94 -61.48
C GLU C 300 -28.55 -53.45 -61.46
N LYS C 301 -27.31 -53.85 -61.19
CA LYS C 301 -26.96 -55.27 -61.13
C LYS C 301 -27.42 -55.95 -59.83
N GLY C 302 -27.67 -55.13 -58.80
CA GLY C 302 -28.21 -55.62 -57.53
C GLY C 302 -27.20 -56.17 -56.55
N ASN C 303 -25.99 -55.60 -56.54
CA ASN C 303 -24.98 -55.98 -55.56
C ASN C 303 -24.36 -54.78 -54.84
N HIS C 304 -25.13 -53.69 -54.80
CA HIS C 304 -24.71 -52.50 -54.08
C HIS C 304 -25.03 -52.62 -52.63
N GLU C 305 -24.08 -52.19 -51.81
CA GLU C 305 -24.22 -52.22 -50.36
C GLU C 305 -23.47 -51.05 -49.74
N GLY C 306 -24.09 -50.44 -48.72
CA GLY C 306 -23.47 -49.38 -47.93
C GLY C 306 -22.68 -49.96 -46.76
N CYS C 307 -22.54 -49.18 -45.70
CA CYS C 307 -21.72 -49.58 -44.55
C CYS C 307 -22.29 -50.76 -43.76
N ILE C 308 -23.54 -50.65 -43.36
CA ILE C 308 -24.14 -51.69 -42.53
C ILE C 308 -24.24 -53.03 -43.26
N GLU C 309 -24.55 -52.98 -44.56
CA GLU C 309 -24.64 -54.18 -45.39
C GLU C 309 -23.25 -54.80 -45.57
N GLN C 310 -22.26 -53.96 -45.88
CA GLN C 310 -20.86 -54.38 -46.01
C GLN C 310 -20.39 -55.15 -44.78
N ILE C 311 -20.47 -54.50 -43.63
CA ILE C 311 -19.90 -55.01 -42.38
C ILE C 311 -20.65 -56.24 -41.84
N THR C 312 -21.97 -56.30 -42.05
CA THR C 312 -22.72 -57.50 -41.64
C THR C 312 -22.29 -58.72 -42.46
N ARG C 313 -21.87 -58.48 -43.69
CA ARG C 313 -21.28 -59.54 -44.50
C ARG C 313 -19.88 -59.88 -43.99
N LEU C 314 -19.12 -58.86 -43.59
CA LEU C 314 -17.80 -59.07 -43.02
C LEU C 314 -17.84 -59.97 -41.80
N TYR C 315 -18.82 -59.76 -40.91
CA TYR C 315 -18.96 -60.58 -39.72
C TYR C 315 -19.52 -61.97 -40.03
N ALA C 316 -20.64 -62.01 -40.74
CA ALA C 316 -21.33 -63.27 -41.03
C ALA C 316 -20.53 -64.20 -41.93
N GLU C 317 -19.82 -63.65 -42.90
CA GLU C 317 -19.23 -64.48 -43.94
C GLU C 317 -17.70 -64.52 -43.97
N ARG C 318 -17.06 -63.75 -43.09
CA ARG C 318 -15.62 -63.78 -42.99
C ARG C 318 -15.16 -64.00 -41.56
N LEU C 319 -15.72 -63.25 -40.62
CA LEU C 319 -15.25 -63.27 -39.24
C LEU C 319 -15.83 -64.42 -38.43
N TYR C 320 -17.15 -64.45 -38.28
CA TYR C 320 -17.81 -65.41 -37.41
C TYR C 320 -18.71 -66.36 -38.20
N ARG C 321 -18.07 -67.29 -38.88
CA ARG C 321 -18.76 -68.28 -39.71
C ARG C 321 -18.55 -69.72 -39.21
N LYS C 322 -19.46 -70.59 -39.64
CA LYS C 322 -19.56 -71.99 -39.19
C LYS C 322 -18.21 -72.71 -39.02
N ASP C 323 -17.47 -72.84 -40.12
CA ASP C 323 -16.24 -73.65 -40.16
C ASP C 323 -15.13 -73.13 -39.26
N GLY C 324 -15.07 -71.82 -39.08
CA GLY C 324 -14.01 -71.19 -38.29
C GLY C 324 -12.92 -70.53 -39.12
N THR C 325 -12.96 -70.76 -40.43
CA THR C 325 -12.01 -70.14 -41.36
C THR C 325 -12.26 -68.62 -41.43
N ILE C 326 -11.18 -67.86 -41.65
CA ILE C 326 -11.33 -66.46 -42.04
C ILE C 326 -10.73 -66.28 -43.45
N PRO C 327 -11.57 -66.43 -44.50
CA PRO C 327 -11.14 -66.37 -45.89
C PRO C 327 -10.37 -65.11 -46.26
N VAL C 328 -9.11 -65.29 -46.62
CA VAL C 328 -8.25 -64.18 -47.01
C VAL C 328 -7.86 -64.27 -48.48
N ASP C 329 -7.24 -63.23 -49.00
CA ASP C 329 -6.65 -63.26 -50.34
C ASP C 329 -5.21 -63.78 -50.27
N GLU C 330 -4.47 -63.66 -51.36
CA GLU C 330 -3.12 -64.23 -51.48
C GLU C 330 -2.12 -63.59 -50.52
N GLU C 331 -2.39 -62.36 -50.11
CA GLU C 331 -1.53 -61.65 -49.17
C GLU C 331 -2.18 -61.47 -47.78
N ASN C 332 -3.00 -62.46 -47.43
CA ASN C 332 -3.61 -62.57 -46.10
C ASN C 332 -4.53 -61.42 -45.68
N ARG C 333 -5.20 -60.82 -46.66
CA ARG C 333 -6.11 -59.69 -46.40
C ARG C 333 -7.54 -60.16 -46.53
N ILE C 334 -8.42 -59.57 -45.73
CA ILE C 334 -9.85 -59.82 -45.88
C ILE C 334 -10.36 -59.00 -47.05
N ARG C 335 -11.18 -59.60 -47.91
CA ARG C 335 -11.71 -58.89 -49.06
C ARG C 335 -13.24 -58.86 -49.03
N ILE C 336 -13.77 -57.66 -48.87
CA ILE C 336 -15.22 -57.42 -48.91
C ILE C 336 -15.52 -56.58 -50.14
N ASP C 337 -14.46 -56.05 -50.76
CA ASP C 337 -14.58 -55.32 -52.02
C ASP C 337 -14.67 -56.27 -53.22
N ASP C 338 -14.90 -57.55 -52.95
CA ASP C 338 -14.97 -58.60 -53.98
C ASP C 338 -16.09 -58.38 -55.03
N TRP C 339 -17.21 -57.80 -54.60
CA TRP C 339 -18.30 -57.47 -55.53
C TRP C 339 -18.06 -56.20 -56.30
N GLU C 340 -17.29 -55.28 -55.72
CA GLU C 340 -16.94 -54.04 -56.39
C GLU C 340 -16.02 -54.30 -57.58
N LEU C 341 -15.10 -55.25 -57.40
CA LEU C 341 -13.99 -55.43 -58.34
C LEU C 341 -14.22 -56.47 -59.45
N GLU C 342 -15.29 -57.25 -59.34
CA GLU C 342 -15.61 -58.25 -60.36
C GLU C 342 -15.64 -57.63 -61.76
N GLU C 343 -14.99 -58.31 -62.71
CA GLU C 343 -14.73 -57.77 -64.04
C GLU C 343 -15.92 -57.13 -64.75
N ASP C 344 -17.10 -57.74 -64.62
CA ASP C 344 -18.31 -57.24 -65.29
C ASP C 344 -18.84 -55.92 -64.68
N VAL C 345 -18.53 -55.70 -63.40
CA VAL C 345 -18.87 -54.44 -62.73
C VAL C 345 -17.90 -53.36 -63.17
N GLN C 346 -16.60 -53.68 -63.15
CA GLN C 346 -15.54 -52.75 -63.56
C GLN C 346 -15.55 -52.43 -65.06
N LYS C 347 -16.01 -53.37 -65.88
CA LYS C 347 -16.14 -53.12 -67.32
C LYS C 347 -17.25 -52.10 -67.59
N ALA C 348 -18.34 -52.20 -66.82
CA ALA C 348 -19.50 -51.33 -67.00
C ALA C 348 -19.27 -49.91 -66.47
N VAL C 349 -18.52 -49.79 -65.38
CA VAL C 349 -18.21 -48.48 -64.77
C VAL C 349 -17.24 -47.72 -65.67
N SER C 350 -16.21 -48.41 -66.17
CA SER C 350 -15.27 -47.82 -67.12
C SER C 350 -15.98 -47.29 -68.36
N ALA C 351 -16.84 -48.11 -68.95
CA ALA C 351 -17.61 -47.76 -70.13
C ALA C 351 -18.53 -46.55 -69.87
N LEU C 352 -19.20 -46.56 -68.71
CA LEU C 352 -20.11 -45.49 -68.31
C LEU C 352 -19.40 -44.15 -68.07
N MSE C 353 -18.12 -44.21 -67.73
CA MSE C 353 -17.35 -43.03 -67.39
C MSE C 353 -16.80 -42.32 -68.59
O MSE C 353 -16.52 -41.12 -68.52
CB MSE C 353 -16.20 -43.47 -66.50
CG MSE C 353 -16.69 -43.50 -65.03
SE MSE C 353 -15.16 -44.02 -63.91
CE MSE C 353 -14.13 -42.34 -64.05
N GLU C 354 -16.63 -43.03 -69.69
CA GLU C 354 -16.16 -42.42 -70.94
C GLU C 354 -17.30 -41.71 -71.66
N LYS C 355 -18.51 -42.26 -71.53
CA LYS C 355 -19.70 -41.66 -72.14
C LYS C 355 -20.52 -40.85 -71.11
N VAL C 356 -19.85 -40.06 -70.31
CA VAL C 356 -20.53 -39.13 -69.40
C VAL C 356 -20.00 -37.71 -69.63
N THR C 357 -20.94 -36.79 -69.91
CA THR C 357 -20.61 -35.42 -70.29
C THR C 357 -21.24 -34.39 -69.34
N GLY C 358 -20.87 -33.13 -69.52
CA GLY C 358 -21.39 -32.02 -68.72
C GLY C 358 -22.89 -31.98 -68.48
N GLU C 359 -23.66 -32.61 -69.37
CA GLU C 359 -25.13 -32.58 -69.26
C GLU C 359 -25.78 -33.87 -68.78
N ASN C 360 -25.41 -35.00 -69.39
CA ASN C 360 -26.05 -36.29 -69.07
C ASN C 360 -25.74 -36.83 -67.67
N ALA C 361 -25.11 -35.99 -66.84
CA ALA C 361 -24.71 -36.35 -65.49
C ALA C 361 -25.87 -36.96 -64.66
N GLU C 362 -26.90 -36.14 -64.40
CA GLU C 362 -28.05 -36.59 -63.60
C GLU C 362 -28.76 -37.79 -64.20
N SER C 363 -28.64 -37.93 -65.52
CA SER C 363 -29.33 -38.96 -66.28
C SER C 363 -28.76 -40.35 -66.05
N LEU C 364 -27.54 -40.58 -66.55
CA LEU C 364 -27.02 -41.94 -66.68
C LEU C 364 -25.98 -42.36 -65.64
N THR C 365 -25.64 -41.46 -64.72
CA THR C 365 -24.94 -41.85 -63.49
C THR C 365 -25.83 -41.54 -62.27
N ASP C 366 -25.74 -42.36 -61.23
CA ASP C 366 -26.60 -42.18 -60.06
C ASP C 366 -26.09 -41.13 -59.07
N LEU C 367 -26.30 -39.86 -59.44
CA LEU C 367 -26.07 -38.71 -58.55
C LEU C 367 -27.08 -38.66 -57.39
N ALA C 368 -28.30 -39.12 -57.66
CA ALA C 368 -29.34 -39.23 -56.63
C ALA C 368 -28.81 -39.99 -55.41
N GLY C 369 -28.27 -41.19 -55.65
CA GLY C 369 -27.61 -41.97 -54.60
C GLY C 369 -26.53 -41.17 -53.92
N TYR C 370 -25.62 -40.59 -54.72
CA TYR C 370 -24.48 -39.81 -54.22
C TYR C 370 -24.93 -38.69 -53.29
N ARG C 371 -25.94 -37.92 -53.70
CA ARG C 371 -26.48 -36.87 -52.84
C ARG C 371 -26.97 -37.44 -51.52
N HIS C 372 -27.71 -38.55 -51.60
CA HIS C 372 -28.29 -39.19 -50.43
C HIS C 372 -27.23 -39.73 -49.49
N ASP C 373 -26.33 -40.55 -50.02
CA ASP C 373 -25.24 -41.13 -49.23
C ASP C 373 -24.36 -40.07 -48.56
N PHE C 374 -24.21 -38.93 -49.25
CA PHE C 374 -23.43 -37.79 -48.75
C PHE C 374 -24.19 -37.01 -47.69
N LEU C 375 -25.52 -37.00 -47.79
CA LEU C 375 -26.35 -36.26 -46.83
C LEU C 375 -26.71 -37.12 -45.62
N ALA C 376 -26.97 -38.40 -45.87
CA ALA C 376 -27.28 -39.36 -44.80
C ALA C 376 -26.17 -39.48 -43.78
N SER C 377 -24.94 -39.17 -44.20
CA SER C 377 -23.79 -39.13 -43.31
C SER C 377 -23.89 -38.02 -42.27
N ASN C 378 -24.68 -37.00 -42.57
CA ASN C 378 -24.87 -35.88 -41.66
C ASN C 378 -26.29 -35.82 -41.11
N GLY C 379 -27.07 -36.83 -41.42
CA GLY C 379 -28.45 -36.91 -40.93
C GLY C 379 -29.47 -36.23 -41.81
N PHE C 380 -29.04 -35.74 -42.97
CA PHE C 380 -29.97 -35.10 -43.89
C PHE C 380 -30.44 -36.07 -44.96
N ASP C 381 -31.62 -35.80 -45.51
CA ASP C 381 -32.21 -36.60 -46.60
C ASP C 381 -32.60 -38.05 -46.19
N VAL C 382 -32.51 -38.34 -44.89
CA VAL C 382 -32.94 -39.64 -44.34
C VAL C 382 -34.47 -39.77 -44.44
N GLU C 383 -34.95 -41.00 -44.60
CA GLU C 383 -36.38 -41.25 -44.74
C GLU C 383 -37.10 -41.29 -43.38
N GLY C 384 -38.35 -40.83 -43.38
CA GLY C 384 -39.19 -40.85 -42.18
C GLY C 384 -39.16 -39.55 -41.41
N ILE C 385 -38.06 -38.81 -41.57
CA ILE C 385 -37.88 -37.53 -40.90
C ILE C 385 -38.59 -36.43 -41.69
N ASN C 386 -39.44 -35.67 -41.01
CA ASN C 386 -40.00 -34.45 -41.56
C ASN C 386 -39.05 -33.28 -41.27
N TYR C 387 -38.37 -32.80 -42.32
CA TYR C 387 -37.33 -31.78 -42.15
C TYR C 387 -37.87 -30.37 -41.91
N GLU C 388 -39.19 -30.23 -41.99
CA GLU C 388 -39.89 -28.97 -41.69
C GLU C 388 -40.10 -28.79 -40.19
N ALA C 389 -39.82 -29.84 -39.42
CA ALA C 389 -39.98 -29.83 -37.97
C ALA C 389 -39.06 -28.85 -37.27
N GLU C 390 -39.56 -28.25 -36.19
CA GLU C 390 -38.80 -27.30 -35.40
C GLU C 390 -37.79 -28.01 -34.49
N VAL C 391 -36.55 -27.53 -34.52
CA VAL C 391 -35.47 -28.11 -33.72
C VAL C 391 -35.18 -27.23 -32.49
N GLU C 392 -35.67 -27.69 -31.33
CA GLU C 392 -35.58 -26.96 -30.07
C GLU C 392 -34.13 -26.64 -29.69
N ARG C 393 -33.31 -27.69 -29.56
CA ARG C 393 -31.92 -27.57 -29.11
C ARG C 393 -30.99 -28.53 -29.85
N PHE C 394 -29.71 -28.52 -29.49
CA PHE C 394 -28.68 -29.22 -30.27
C PHE C 394 -27.78 -30.14 -29.45
N ASP C 395 -28.04 -30.23 -28.15
CA ASP C 395 -27.21 -31.09 -27.28
C ASP C 395 -27.88 -32.43 -26.93
N ARG C 396 -29.04 -32.71 -27.56
CA ARG C 396 -29.76 -33.95 -27.27
C ARG C 396 -30.60 -34.48 -28.44
N ILE C 397 -31.16 -35.68 -28.25
CA ILE C 397 -32.03 -36.35 -29.23
C ILE C 397 -33.25 -36.97 -28.56
N LEU C 398 -34.38 -37.01 -29.29
CA LEU C 398 -35.66 -37.53 -28.75
C LEU C 398 -36.69 -37.71 -29.87
N GLU C 399 -37.76 -38.47 -29.60
CA GLU C 399 -38.82 -38.81 -30.59
C GLU C 399 -38.57 -40.21 -31.22
N MSE D 1 56.00 -29.77 25.09
CA MSE D 1 55.09 -30.61 25.93
C MSE D 1 53.68 -30.54 25.43
O MSE D 1 53.28 -29.56 24.78
CB MSE D 1 55.17 -30.16 27.40
CG MSE D 1 54.79 -28.69 27.60
SE MSE D 1 54.44 -28.36 29.52
CE MSE D 1 52.81 -29.45 29.71
N ILE D 2 52.92 -31.60 25.71
CA ILE D 2 51.50 -31.63 25.35
C ILE D 2 50.68 -30.92 26.44
N VAL D 3 49.81 -30.00 26.01
CA VAL D 3 48.96 -29.24 26.92
C VAL D 3 47.49 -29.53 26.64
N LYS D 4 46.81 -30.13 27.61
CA LYS D 4 45.36 -30.36 27.53
C LYS D 4 44.63 -29.98 28.84
N PRO D 5 43.29 -29.82 28.78
CA PRO D 5 42.50 -29.25 29.87
C PRO D 5 42.71 -29.89 31.24
N MSE D 6 42.54 -29.08 32.28
CA MSE D 6 42.71 -29.53 33.66
C MSE D 6 41.51 -29.05 34.43
O MSE D 6 41.57 -28.05 35.16
CB MSE D 6 44.00 -28.92 34.19
CG MSE D 6 45.07 -30.05 34.52
SE MSE D 6 46.60 -29.02 35.32
CE MSE D 6 47.58 -28.70 33.62
N VAL D 7 40.40 -29.78 34.27
CA VAL D 7 39.14 -29.46 34.93
C VAL D 7 39.09 -30.14 36.30
N ARG D 8 39.21 -29.36 37.36
CA ARG D 8 39.10 -29.87 38.72
C ARG D 8 38.09 -29.02 39.49
N ASN D 9 36.93 -29.62 39.75
CA ASN D 9 35.78 -28.93 40.36
C ASN D 9 35.13 -27.90 39.41
N ASN D 10 35.02 -28.30 38.14
CA ASN D 10 34.45 -27.46 37.05
C ASN D 10 35.02 -26.03 36.95
N ILE D 11 36.29 -25.91 37.32
CA ILE D 11 37.12 -24.74 37.07
C ILE D 11 38.29 -25.21 36.22
N CYS D 12 38.69 -24.40 35.23
CA CYS D 12 39.83 -24.74 34.38
C CYS D 12 41.10 -24.04 34.86
N LEU D 13 42.06 -24.85 35.34
CA LEU D 13 43.28 -24.31 35.94
C LEU D 13 44.28 -23.77 34.93
N ASN D 14 44.61 -24.58 33.91
CA ASN D 14 45.59 -24.16 32.90
C ASN D 14 44.99 -23.34 31.74
N ALA D 15 45.82 -23.05 30.74
CA ALA D 15 45.43 -22.31 29.55
C ALA D 15 46.29 -22.71 28.35
N HIS D 16 45.73 -22.58 27.14
CA HIS D 16 46.50 -22.83 25.92
C HIS D 16 46.88 -21.52 25.29
N PRO D 17 48.20 -21.29 25.08
CA PRO D 17 48.67 -20.00 24.54
C PRO D 17 48.34 -19.79 23.06
N GLN D 18 48.46 -20.85 22.26
CA GLN D 18 48.17 -20.77 20.83
C GLN D 18 46.67 -20.65 20.55
N GLY D 19 45.87 -21.41 21.31
CA GLY D 19 44.41 -21.37 21.20
C GLY D 19 43.83 -20.05 21.64
N CYS D 20 44.40 -19.47 22.70
CA CYS D 20 44.01 -18.14 23.18
C CYS D 20 44.26 -17.08 22.12
N LYS D 21 45.33 -17.27 21.36
CA LYS D 21 45.72 -16.37 20.28
C LYS D 21 44.84 -16.63 19.06
N LYS D 22 44.62 -17.91 18.76
CA LYS D 22 43.79 -18.32 17.64
C LYS D 22 42.37 -17.78 17.80
N GLY D 23 41.89 -17.81 19.05
CA GLY D 23 40.56 -17.34 19.41
C GLY D 23 40.39 -15.85 19.25
N VAL D 24 41.40 -15.08 19.68
CA VAL D 24 41.40 -13.63 19.51
C VAL D 24 41.40 -13.26 18.02
N GLU D 25 41.92 -14.16 17.20
CA GLU D 25 42.05 -13.92 15.76
C GLU D 25 40.80 -14.28 14.97
N ASP D 26 40.06 -15.27 15.47
CA ASP D 26 38.75 -15.61 14.91
C ASP D 26 37.76 -14.50 15.22
N GLN D 27 37.97 -13.83 16.36
CA GLN D 27 37.18 -12.66 16.73
C GLN D 27 37.49 -11.48 15.81
N ILE D 28 38.77 -11.26 15.53
CA ILE D 28 39.21 -10.15 14.69
C ILE D 28 38.64 -10.28 13.27
N GLU D 29 38.64 -11.51 12.76
CA GLU D 29 38.04 -11.81 11.45
C GLU D 29 36.56 -11.48 11.44
N TYR D 30 35.86 -11.85 12.52
CA TYR D 30 34.42 -11.58 12.62
C TYR D 30 34.16 -10.09 12.59
N THR D 31 34.90 -9.34 13.40
CA THR D 31 34.74 -7.90 13.49
C THR D 31 34.83 -7.24 12.10
N LYS D 32 35.85 -7.62 11.34
CA LYS D 32 36.05 -7.10 9.98
C LYS D 32 34.87 -7.39 9.06
N LYS D 33 34.39 -8.64 9.08
CA LYS D 33 33.27 -9.08 8.26
C LYS D 33 31.95 -8.39 8.64
N ARG D 34 31.78 -8.17 9.94
CA ARG D 34 30.53 -7.67 10.50
C ARG D 34 30.40 -6.15 10.45
N ILE D 35 31.46 -5.43 10.82
CA ILE D 35 31.45 -3.96 10.79
C ILE D 35 31.92 -3.46 9.41
N THR D 36 30.99 -3.37 8.47
CA THR D 36 31.32 -2.98 7.10
C THR D 36 31.37 -1.46 6.94
N ALA D 37 31.65 -1.00 5.72
CA ALA D 37 31.66 0.42 5.39
C ALA D 37 30.25 1.01 5.47
N GLU D 38 29.24 0.16 5.29
CA GLU D 38 27.84 0.58 5.25
C GLU D 38 27.25 0.75 6.65
N VAL D 39 27.69 -0.11 7.57
CA VAL D 39 27.26 -0.06 8.96
C VAL D 39 27.97 1.11 9.65
N LYS D 40 29.17 1.40 9.18
CA LYS D 40 30.02 2.48 9.69
C LYS D 40 29.52 3.85 9.21
N ALA D 41 29.25 3.94 7.91
CA ALA D 41 28.95 5.21 7.22
C ALA D 41 27.74 5.95 7.78
N GLY D 42 27.90 7.27 7.93
CA GLY D 42 26.86 8.15 8.45
C GLY D 42 26.86 8.26 9.97
N ALA D 43 27.79 7.55 10.61
CA ALA D 43 27.78 7.42 12.06
C ALA D 43 29.11 7.80 12.71
N LYS D 44 29.02 8.47 13.87
CA LYS D 44 30.18 8.78 14.70
C LYS D 44 30.93 7.49 15.04
N ALA D 45 32.26 7.57 15.15
CA ALA D 45 33.04 6.40 15.51
C ALA D 45 33.87 6.67 16.77
N PRO D 46 34.19 5.61 17.54
CA PRO D 46 35.11 5.81 18.66
C PRO D 46 36.52 6.07 18.14
N LYS D 47 37.20 7.03 18.76
CA LYS D 47 38.57 7.36 18.39
C LYS D 47 39.52 6.89 19.48
N ASN D 48 39.19 7.25 20.72
CA ASN D 48 39.95 6.78 21.88
C ASN D 48 39.03 6.14 22.90
N VAL D 49 39.34 4.91 23.27
CA VAL D 49 38.50 4.12 24.14
C VAL D 49 39.28 3.46 25.27
N LEU D 50 38.83 3.67 26.50
CA LEU D 50 39.36 2.93 27.64
C LEU D 50 38.43 1.78 27.95
N VAL D 51 38.97 0.58 28.02
CA VAL D 51 38.19 -0.61 28.37
C VAL D 51 38.73 -1.20 29.65
N LEU D 52 37.91 -1.18 30.70
CA LEU D 52 38.29 -1.78 31.98
C LEU D 52 37.82 -3.24 32.07
N GLY D 53 38.72 -4.13 32.50
CA GLY D 53 38.45 -5.57 32.52
C GLY D 53 38.42 -6.13 31.11
N CYS D 54 39.58 -6.12 30.45
CA CYS D 54 39.66 -6.28 29.00
C CYS D 54 40.22 -7.60 28.49
N SER D 55 40.70 -8.46 29.40
CA SER D 55 41.47 -9.63 29.00
C SER D 55 40.64 -10.77 28.43
N ASN D 56 39.34 -10.80 28.73
CA ASN D 56 38.44 -11.80 28.11
C ASN D 56 36.97 -11.40 28.14
N GLY D 57 36.14 -12.30 27.62
CA GLY D 57 34.70 -12.11 27.60
C GLY D 57 34.28 -10.82 26.95
N TYR D 58 33.43 -10.07 27.64
CA TYR D 58 32.83 -8.87 27.08
C TYR D 58 33.80 -7.71 26.86
N GLY D 59 34.76 -7.56 27.77
CA GLY D 59 35.79 -6.53 27.66
C GLY D 59 36.66 -6.74 26.45
N LEU D 60 37.13 -7.98 26.27
CA LEU D 60 37.95 -8.34 25.11
C LEU D 60 37.26 -7.92 23.81
N ALA D 61 36.05 -8.43 23.58
CA ALA D 61 35.27 -8.08 22.41
C ALA D 61 35.07 -6.57 22.27
N SER D 62 34.85 -5.88 23.39
CA SER D 62 34.66 -4.42 23.38
C SER D 62 35.91 -3.69 22.90
N ARG D 63 37.06 -4.34 23.05
CA ARG D 63 38.33 -3.77 22.64
C ARG D 63 38.62 -4.11 21.19
N ILE D 64 38.47 -5.38 20.84
CA ILE D 64 38.62 -5.86 19.46
C ILE D 64 37.67 -5.15 18.49
N THR D 65 36.43 -4.91 18.92
CA THR D 65 35.44 -4.24 18.06
C THR D 65 35.75 -2.74 17.91
N ALA D 66 36.04 -2.08 19.02
CA ALA D 66 36.43 -0.68 18.96
C ALA D 66 37.66 -0.51 18.09
N ALA D 67 38.64 -1.41 18.27
CA ALA D 67 39.91 -1.33 17.56
C ALA D 67 39.82 -1.78 16.11
N PHE D 68 39.59 -3.07 15.88
CA PHE D 68 39.64 -3.64 14.53
C PHE D 68 38.42 -3.37 13.66
N GLY D 69 37.31 -2.98 14.29
CA GLY D 69 36.13 -2.56 13.55
C GLY D 69 36.18 -1.08 13.21
N TYR D 70 36.50 -0.26 14.20
CA TYR D 70 36.39 1.20 14.07
C TYR D 70 37.72 1.94 13.95
N GLY D 71 38.82 1.22 14.09
CA GLY D 71 40.16 1.79 14.02
C GLY D 71 40.38 2.81 15.11
N ALA D 72 40.32 2.37 16.36
CA ALA D 72 40.45 3.26 17.51
C ALA D 72 41.64 2.90 18.39
N ALA D 73 42.23 3.92 19.01
CA ALA D 73 43.26 3.71 20.01
C ALA D 73 42.62 3.17 21.29
N THR D 74 43.18 2.08 21.82
CA THR D 74 42.64 1.45 23.01
C THR D 74 43.65 1.38 24.15
N ILE D 75 43.21 1.75 25.35
CA ILE D 75 43.93 1.41 26.56
C ILE D 75 43.08 0.38 27.27
N GLY D 76 43.62 -0.83 27.39
CA GLY D 76 42.95 -1.91 28.11
C GLY D 76 43.49 -2.05 29.52
N VAL D 77 42.64 -2.50 30.44
CA VAL D 77 43.06 -2.77 31.81
C VAL D 77 42.62 -4.18 32.19
N SER D 78 43.53 -4.92 32.83
CA SER D 78 43.23 -6.26 33.37
C SER D 78 44.20 -6.64 34.48
N PHE D 79 43.79 -7.59 35.32
CA PHE D 79 44.68 -8.17 36.32
C PHE D 79 45.04 -9.58 35.91
N GLU D 80 46.25 -9.74 35.39
CA GLU D 80 46.71 -11.04 34.89
C GLU D 80 47.97 -11.52 35.59
N LYS D 81 47.96 -12.78 36.00
CA LYS D 81 49.18 -13.46 36.43
C LYS D 81 49.87 -14.04 35.20
N ALA D 82 51.10 -13.61 34.98
CA ALA D 82 51.85 -13.95 33.77
C ALA D 82 52.48 -15.35 33.85
N GLY D 83 52.90 -15.85 32.69
CA GLY D 83 53.54 -17.16 32.63
C GLY D 83 55.05 -17.06 32.58
N SER D 84 55.69 -18.04 33.26
CA SER D 84 57.14 -18.27 33.03
C SER D 84 57.19 -19.48 32.09
N GLU D 85 58.39 -19.89 31.70
CA GLU D 85 58.55 -20.92 30.66
C GLU D 85 58.06 -22.31 31.07
N THR D 86 57.90 -22.51 32.38
CA THR D 86 57.52 -23.82 32.89
C THR D 86 56.13 -23.86 33.57
N LYS D 87 55.74 -22.73 34.19
CA LYS D 87 54.38 -22.63 34.75
C LYS D 87 53.47 -21.75 33.90
N TYR D 88 52.26 -22.24 33.64
CA TYR D 88 51.31 -21.56 32.76
C TYR D 88 50.82 -20.25 33.34
N GLY D 89 50.29 -19.38 32.47
CA GLY D 89 49.62 -18.16 32.88
C GLY D 89 48.11 -18.24 32.72
N THR D 90 47.43 -17.17 33.10
CA THR D 90 45.99 -17.04 32.89
C THR D 90 45.68 -16.92 31.39
N PRO D 91 44.49 -17.41 30.96
CA PRO D 91 44.12 -17.27 29.55
C PRO D 91 44.07 -15.82 29.10
N GLY D 92 43.72 -14.92 30.02
CA GLY D 92 43.62 -13.50 29.73
C GLY D 92 44.96 -12.82 29.44
N TRP D 93 46.04 -13.39 29.96
CA TRP D 93 47.40 -12.86 29.73
C TRP D 93 47.81 -13.06 28.30
N TYR D 94 47.46 -14.22 27.74
CA TYR D 94 47.76 -14.54 26.35
C TYR D 94 46.92 -13.71 25.37
N ASN D 95 45.62 -13.58 25.66
CA ASN D 95 44.72 -12.73 24.87
C ASN D 95 45.30 -11.33 24.66
N ASN D 96 45.75 -10.71 25.75
CA ASN D 96 46.39 -9.40 25.73
C ASN D 96 47.58 -9.33 24.75
N LEU D 97 48.53 -10.26 24.92
CA LEU D 97 49.65 -10.40 24.00
C LEU D 97 49.15 -10.47 22.56
N ALA D 98 48.23 -11.40 22.31
CA ALA D 98 47.64 -11.61 20.98
C ALA D 98 46.97 -10.35 20.43
N PHE D 99 46.34 -9.56 21.29
CA PHE D 99 45.67 -8.33 20.88
C PHE D 99 46.67 -7.25 20.49
N ASP D 100 47.64 -7.01 21.37
CA ASP D 100 48.68 -6.01 21.14
C ASP D 100 49.51 -6.29 19.90
N GLU D 101 49.79 -7.56 19.67
CA GLU D 101 50.54 -8.00 18.50
C GLU D 101 49.78 -7.74 17.20
N ALA D 102 48.53 -8.21 17.14
CA ALA D 102 47.68 -8.01 15.96
C ALA D 102 47.36 -6.53 15.70
N ALA D 103 47.21 -5.76 16.77
CA ALA D 103 46.90 -4.32 16.68
C ALA D 103 48.10 -3.50 16.24
N LYS D 104 49.30 -3.99 16.57
CA LYS D 104 50.54 -3.34 16.14
C LYS D 104 50.68 -3.45 14.62
N ARG D 105 50.49 -4.66 14.09
CA ARG D 105 50.60 -4.94 12.66
C ARG D 105 49.62 -4.14 11.81
N GLU D 106 48.76 -3.35 12.46
CA GLU D 106 47.79 -2.53 11.76
C GLU D 106 48.10 -1.03 11.93
N GLY D 107 49.14 -0.73 12.69
CA GLY D 107 49.49 0.65 13.00
C GLY D 107 48.42 1.29 13.87
N LEU D 108 48.08 0.62 14.95
CA LEU D 108 47.13 1.13 15.92
C LEU D 108 47.82 1.22 17.27
N TYR D 109 47.64 2.36 17.94
CA TYR D 109 48.13 2.50 19.31
C TYR D 109 47.24 1.68 20.23
N SER D 110 47.86 0.81 21.02
CA SER D 110 47.14 0.05 22.04
C SER D 110 48.06 -0.37 23.17
N VAL D 111 47.78 0.09 24.39
CA VAL D 111 48.52 -0.36 25.56
C VAL D 111 47.60 -1.00 26.61
N THR D 112 47.98 -2.19 27.07
CA THR D 112 47.29 -2.83 28.18
C THR D 112 48.03 -2.54 29.47
N ILE D 113 47.32 -1.98 30.45
CA ILE D 113 47.88 -1.81 31.78
C ILE D 113 47.57 -3.07 32.55
N ASP D 114 48.61 -3.77 32.97
CA ASP D 114 48.44 -4.94 33.81
C ASP D 114 48.47 -4.52 35.28
N GLY D 115 47.41 -4.87 36.01
CA GLY D 115 47.29 -4.48 37.42
C GLY D 115 45.84 -4.31 37.82
N ASP D 116 45.63 -4.08 39.12
CA ASP D 116 44.27 -4.02 39.69
C ASP D 116 43.55 -2.72 39.42
N ALA D 117 42.46 -2.80 38.65
CA ALA D 117 41.70 -1.62 38.24
C ALA D 117 40.98 -0.91 39.40
N PHE D 118 40.87 -1.57 40.55
CA PHE D 118 40.24 -0.96 41.72
C PHE D 118 41.16 0.02 42.45
N SER D 119 42.47 -0.16 42.27
CA SER D 119 43.49 0.62 42.97
C SER D 119 43.76 1.99 42.34
N ASP D 120 44.24 2.92 43.16
CA ASP D 120 44.58 4.27 42.71
C ASP D 120 45.77 4.32 41.77
N GLU D 121 46.78 3.50 42.06
CA GLU D 121 48.01 3.44 41.26
C GLU D 121 47.68 3.22 39.78
N ILE D 122 46.79 2.26 39.53
CA ILE D 122 46.32 1.92 38.19
C ILE D 122 45.58 3.09 37.55
N LYS D 123 44.71 3.75 38.33
CA LYS D 123 43.98 4.92 37.85
C LYS D 123 44.94 6.07 37.52
N ALA D 124 46.06 6.11 38.23
CA ALA D 124 47.12 7.09 37.98
C ALA D 124 47.94 6.75 36.74
N GLN D 125 48.23 5.45 36.57
CA GLN D 125 48.96 4.96 35.40
C GLN D 125 48.26 5.26 34.07
N VAL D 126 46.94 5.08 34.05
CA VAL D 126 46.16 5.37 32.83
C VAL D 126 45.98 6.88 32.65
N ILE D 127 45.93 7.60 33.76
CA ILE D 127 45.84 9.06 33.73
C ILE D 127 47.06 9.65 33.02
N GLU D 128 48.24 9.24 33.45
CA GLU D 128 49.49 9.80 32.93
C GLU D 128 49.83 9.30 31.52
N GLU D 129 49.30 8.13 31.16
CA GLU D 129 49.52 7.60 29.82
C GLU D 129 48.68 8.35 28.78
N ALA D 130 47.41 8.63 29.12
CA ALA D 130 46.49 9.32 28.23
C ALA D 130 46.92 10.76 27.92
N LYS D 131 47.43 11.44 28.94
CA LYS D 131 47.97 12.79 28.79
C LYS D 131 49.24 12.82 27.94
N LYS D 132 50.08 11.79 28.11
CA LYS D 132 51.32 11.65 27.35
C LYS D 132 51.07 11.48 25.84
N LYS D 133 50.00 10.77 25.49
CA LYS D 133 49.58 10.65 24.08
C LYS D 133 48.60 11.75 23.67
N GLY D 134 48.24 12.60 24.62
CA GLY D 134 47.50 13.83 24.34
C GLY D 134 46.00 13.71 24.16
N ILE D 135 45.56 12.65 23.48
CA ILE D 135 44.16 12.51 23.09
C ILE D 135 43.29 11.89 24.21
N LYS D 136 42.20 12.59 24.54
CA LYS D 136 41.27 12.18 25.60
C LYS D 136 40.12 11.26 25.13
N PHE D 137 39.47 10.60 26.09
CA PHE D 137 38.56 9.49 25.82
C PHE D 137 37.16 9.88 25.38
N ASP D 138 36.56 9.03 24.53
CA ASP D 138 35.19 9.20 24.07
C ASP D 138 34.40 7.89 24.21
N LEU D 139 35.03 6.89 24.85
CA LEU D 139 34.36 5.62 25.15
C LEU D 139 34.99 4.91 26.35
N ILE D 140 34.21 4.80 27.42
CA ILE D 140 34.67 4.11 28.62
C ILE D 140 33.80 2.87 28.89
N VAL D 141 34.35 1.70 28.57
CA VAL D 141 33.65 0.45 28.81
C VAL D 141 34.05 -0.12 30.17
N TYR D 142 33.13 -0.07 31.13
CA TYR D 142 33.36 -0.71 32.41
C TYR D 142 32.91 -2.16 32.34
N SER D 143 33.86 -3.08 32.43
CA SER D 143 33.55 -4.49 32.36
C SER D 143 34.37 -5.30 33.37
N LEU D 144 34.34 -4.88 34.62
CA LEU D 144 35.04 -5.62 35.69
C LEU D 144 34.12 -6.67 36.33
N ALA D 145 34.59 -7.91 36.31
CA ALA D 145 33.83 -9.03 36.83
C ALA D 145 34.64 -9.77 37.90
N SER D 146 35.11 -9.03 38.89
CA SER D 146 35.91 -9.59 39.97
C SER D 146 35.08 -10.05 41.17
N PRO D 147 35.36 -11.25 41.71
CA PRO D 147 34.65 -11.72 42.89
C PRO D 147 35.12 -11.01 44.18
N VAL D 148 36.19 -10.22 44.06
CA VAL D 148 36.83 -9.60 45.21
C VAL D 148 37.29 -8.16 44.91
N ARG D 149 37.07 -7.27 45.89
CA ARG D 149 37.52 -5.89 45.76
C ARG D 149 38.11 -5.34 47.06
N THR D 150 39.26 -4.67 46.93
CA THR D 150 39.83 -3.97 48.06
C THR D 150 39.43 -2.50 47.97
N ASP D 151 38.72 -2.04 48.99
CA ASP D 151 38.28 -0.66 49.07
C ASP D 151 39.48 0.27 49.23
N PRO D 152 39.68 1.22 48.29
CA PRO D 152 40.82 2.13 48.34
C PRO D 152 40.67 3.29 49.33
N ASP D 153 39.55 3.32 50.07
CA ASP D 153 39.33 4.34 51.10
C ASP D 153 39.37 3.75 52.51
N THR D 154 39.21 2.43 52.60
CA THR D 154 39.20 1.75 53.90
C THR D 154 40.11 0.51 53.91
N GLY D 155 40.64 0.14 52.75
CA GLY D 155 41.55 -1.01 52.65
C GLY D 155 40.93 -2.36 52.95
N ILE D 156 39.62 -2.35 53.22
CA ILE D 156 38.87 -3.57 53.51
C ILE D 156 38.74 -4.42 52.25
N MSE D 157 38.96 -5.72 52.39
CA MSE D 157 38.75 -6.66 51.29
C MSE D 157 37.31 -7.09 51.34
O MSE D 157 36.90 -7.85 52.22
CB MSE D 157 39.72 -7.84 51.33
CG MSE D 157 39.33 -8.87 50.27
SE MSE D 157 40.87 -9.86 49.55
CE MSE D 157 41.86 -8.42 48.65
N HIS D 158 36.53 -6.59 50.38
CA HIS D 158 35.15 -6.99 50.22
C HIS D 158 35.06 -8.17 49.30
N LYS D 159 34.50 -9.26 49.80
CA LYS D 159 34.22 -10.45 49.00
C LYS D 159 32.72 -10.48 48.69
N SER D 160 32.38 -10.84 47.45
CA SER D 160 30.98 -10.91 47.03
C SER D 160 30.44 -12.34 47.02
N VAL D 161 29.11 -12.46 46.98
CA VAL D 161 28.44 -13.76 46.85
C VAL D 161 27.27 -13.67 45.89
N LEU D 162 26.80 -14.83 45.45
CA LEU D 162 25.57 -14.93 44.66
C LEU D 162 24.59 -15.75 45.49
N LYS D 163 23.76 -15.05 46.26
CA LYS D 163 22.91 -15.67 47.28
C LYS D 163 21.55 -14.95 47.37
N PRO D 164 20.49 -15.69 47.76
CA PRO D 164 19.15 -15.10 47.91
C PRO D 164 18.87 -14.51 49.31
N PHE D 165 17.78 -13.76 49.42
CA PHE D 165 17.31 -13.21 50.70
C PHE D 165 16.15 -14.03 51.23
N GLY D 166 16.14 -14.28 52.53
CA GLY D 166 15.06 -15.05 53.16
C GLY D 166 15.22 -16.57 53.06
N LYS D 167 14.71 -17.15 51.97
CA LYS D 167 14.75 -18.60 51.79
C LYS D 167 15.84 -19.03 50.81
N THR D 168 16.14 -20.33 50.81
CA THR D 168 17.20 -20.91 49.98
C THR D 168 16.74 -21.04 48.52
N PHE D 169 17.58 -20.54 47.61
CA PHE D 169 17.38 -20.79 46.19
C PHE D 169 17.99 -22.15 45.82
N THR D 170 17.15 -23.05 45.32
CA THR D 170 17.56 -24.43 45.08
C THR D 170 17.09 -24.90 43.70
N GLY D 171 18.02 -25.50 42.94
CA GLY D 171 17.73 -25.93 41.57
C GLY D 171 18.74 -26.84 40.92
N LYS D 172 18.37 -27.37 39.76
CA LYS D 172 19.14 -28.38 39.03
C LYS D 172 20.39 -27.78 38.37
N THR D 173 21.48 -28.54 38.41
CA THR D 173 22.70 -28.19 37.68
C THR D 173 23.19 -29.37 36.84
N VAL D 174 24.02 -29.08 35.83
CA VAL D 174 24.49 -30.08 34.88
C VAL D 174 26.00 -30.01 34.66
N ASP D 175 26.70 -31.10 34.98
CA ASP D 175 28.12 -31.24 34.66
C ASP D 175 28.26 -31.48 33.16
N PRO D 176 28.66 -30.44 32.40
CA PRO D 176 28.63 -30.51 30.93
C PRO D 176 29.60 -31.52 30.31
N PHE D 177 30.45 -32.14 31.15
CA PHE D 177 31.42 -33.13 30.67
C PHE D 177 30.96 -34.58 30.83
N THR D 178 30.55 -34.95 32.05
CA THR D 178 30.04 -36.30 32.31
C THR D 178 28.63 -36.51 31.78
N GLY D 179 27.79 -35.48 31.93
CA GLY D 179 26.38 -35.53 31.53
C GLY D 179 25.45 -35.55 32.72
N GLU D 180 26.05 -35.55 33.92
CA GLU D 180 25.34 -35.70 35.20
C GLU D 180 24.36 -34.57 35.48
N LEU D 181 23.20 -34.93 36.01
CA LEU D 181 22.19 -33.97 36.44
C LEU D 181 22.11 -34.02 37.96
N LYS D 182 22.49 -32.92 38.60
CA LYS D 182 22.63 -32.82 40.05
C LYS D 182 21.76 -31.72 40.65
N GLU D 183 21.85 -31.54 41.96
CA GLU D 183 21.00 -30.58 42.67
C GLU D 183 21.82 -29.82 43.70
N ILE D 184 22.21 -28.60 43.35
CA ILE D 184 22.90 -27.71 44.29
C ILE D 184 22.00 -26.52 44.66
N SER D 185 22.30 -25.89 45.80
CA SER D 185 21.49 -24.78 46.30
C SER D 185 22.31 -23.64 46.91
N ALA D 186 21.77 -22.43 46.81
CA ALA D 186 22.39 -21.22 47.36
C ALA D 186 21.60 -20.77 48.58
N GLU D 187 22.26 -20.77 49.75
CA GLU D 187 21.59 -20.52 51.01
C GLU D 187 21.55 -19.02 51.33
N PRO D 188 20.47 -18.53 52.00
CA PRO D 188 20.30 -17.10 52.27
C PRO D 188 21.52 -16.36 52.78
N ALA D 189 21.59 -15.07 52.46
CA ALA D 189 22.76 -14.24 52.73
C ALA D 189 22.56 -13.24 53.87
N ASN D 190 23.66 -12.91 54.54
CA ASN D 190 23.67 -11.89 55.59
C ASN D 190 23.74 -10.49 54.98
N ASP D 191 23.60 -9.47 55.81
CA ASP D 191 23.65 -8.08 55.38
C ASP D 191 25.08 -7.60 55.18
N GLU D 192 26.01 -8.26 55.87
CA GLU D 192 27.44 -8.05 55.65
C GLU D 192 27.80 -8.55 54.26
N GLU D 193 27.28 -9.73 53.92
CA GLU D 193 27.50 -10.34 52.61
C GLU D 193 26.80 -9.56 51.50
N ALA D 194 25.63 -9.01 51.80
CA ALA D 194 24.86 -8.23 50.82
C ALA D 194 25.55 -6.91 50.50
N ALA D 195 25.83 -6.11 51.53
CA ALA D 195 26.52 -4.82 51.38
C ALA D 195 27.95 -4.98 50.83
N ALA D 196 28.55 -6.15 51.05
CA ALA D 196 29.86 -6.48 50.51
C ALA D 196 29.80 -6.77 49.02
N THR D 197 28.72 -7.41 48.58
CA THR D 197 28.48 -7.69 47.15
C THR D 197 28.16 -6.41 46.39
N VAL D 198 27.51 -5.46 47.05
CA VAL D 198 27.20 -4.15 46.46
C VAL D 198 28.50 -3.34 46.26
N LYS D 199 29.42 -3.49 47.19
CA LYS D 199 30.71 -2.80 47.13
C LYS D 199 31.48 -3.25 45.89
N VAL D 200 31.57 -4.57 45.71
CA VAL D 200 32.34 -5.19 44.63
C VAL D 200 31.63 -5.11 43.26
N MSE D 201 30.32 -5.39 43.23
CA MSE D 201 29.59 -5.55 41.97
C MSE D 201 28.79 -4.34 41.58
O MSE D 201 28.27 -4.27 40.46
CB MSE D 201 28.62 -6.74 42.03
CG MSE D 201 29.33 -8.09 42.21
SE MSE D 201 30.11 -8.69 40.50
CE MSE D 201 28.46 -9.08 39.48
N GLY D 202 28.66 -3.38 42.48
CA GLY D 202 27.91 -2.16 42.21
C GLY D 202 28.62 -1.20 41.27
N GLY D 203 28.20 0.06 41.29
CA GLY D 203 28.79 1.07 40.42
C GLY D 203 29.76 1.97 41.16
N GLU D 204 30.16 1.56 42.35
CA GLU D 204 31.00 2.39 43.21
C GLU D 204 32.33 2.73 42.53
N ASP D 205 33.05 1.71 42.08
CA ASP D 205 34.32 1.88 41.41
C ASP D 205 34.15 2.60 40.07
N TRP D 206 33.11 2.23 39.34
CA TRP D 206 32.81 2.81 38.03
C TRP D 206 32.76 4.32 38.07
N GLU D 207 32.06 4.85 39.08
CA GLU D 207 31.96 6.29 39.31
C GLU D 207 33.31 6.90 39.66
N ARG D 208 34.09 6.18 40.46
CA ARG D 208 35.41 6.63 40.90
C ARG D 208 36.35 6.91 39.73
N TRP D 209 36.31 6.05 38.70
CA TRP D 209 37.05 6.23 37.46
C TRP D 209 36.67 7.49 36.75
N ILE D 210 35.39 7.57 36.38
CA ILE D 210 34.87 8.70 35.62
C ILE D 210 35.15 10.04 36.30
N LYS D 211 34.98 10.10 37.62
CA LYS D 211 35.29 11.32 38.38
C LYS D 211 36.76 11.69 38.33
N GLN D 212 37.62 10.67 38.44
CA GLN D 212 39.06 10.86 38.41
C GLN D 212 39.55 11.18 36.98
N LEU D 213 38.89 10.59 35.99
CA LEU D 213 39.19 10.87 34.59
C LEU D 213 38.65 12.23 34.14
N SER D 214 37.60 12.71 34.80
CA SER D 214 36.94 13.95 34.42
C SER D 214 37.71 15.18 34.90
N LYS D 215 38.23 15.11 36.12
CA LYS D 215 38.89 16.26 36.76
C LYS D 215 40.35 16.43 36.32
N GLU D 216 40.85 15.45 35.58
CA GLU D 216 42.11 15.60 34.85
C GLU D 216 41.75 15.84 33.38
N GLY D 217 40.51 16.29 33.17
CA GLY D 217 40.00 16.63 31.85
C GLY D 217 40.36 15.63 30.77
N LEU D 218 40.07 14.36 31.03
CA LEU D 218 40.34 13.31 30.05
C LEU D 218 39.06 12.73 29.44
N LEU D 219 38.07 13.61 29.28
CA LEU D 219 36.78 13.22 28.73
C LEU D 219 36.28 14.16 27.64
N GLU D 220 36.09 13.62 26.44
CA GLU D 220 35.48 14.35 25.33
C GLU D 220 34.04 14.75 25.63
N GLU D 221 33.52 15.72 24.88
CA GLU D 221 32.11 16.08 24.96
C GLU D 221 31.30 14.99 24.29
N GLY D 222 30.27 14.51 24.98
CA GLY D 222 29.40 13.44 24.46
C GLY D 222 29.98 12.06 24.66
N CYS D 223 30.97 11.96 25.55
CA CYS D 223 31.64 10.71 25.86
C CYS D 223 30.64 9.65 26.31
N ILE D 224 30.83 8.42 25.83
CA ILE D 224 29.96 7.30 26.22
C ILE D 224 30.67 6.36 27.20
N THR D 225 30.07 6.17 28.37
CA THR D 225 30.56 5.21 29.34
C THR D 225 29.46 4.20 29.70
N LEU D 226 29.83 2.94 29.86
CA LEU D 226 28.83 1.92 30.19
C LEU D 226 29.36 0.75 31.01
N ALA D 227 28.50 0.29 31.92
CA ALA D 227 28.77 -0.91 32.70
C ALA D 227 27.91 -2.02 32.12
N TYR D 228 28.50 -3.21 32.00
CA TYR D 228 27.74 -4.36 31.51
C TYR D 228 26.94 -4.98 32.64
N SER D 229 25.81 -5.58 32.27
CA SER D 229 24.90 -6.14 33.24
C SER D 229 24.14 -7.32 32.66
N TYR D 230 23.39 -8.01 33.54
CA TYR D 230 22.58 -9.17 33.17
C TYR D 230 21.32 -9.26 34.04
N ILE D 231 20.20 -9.65 33.43
CA ILE D 231 18.93 -9.82 34.14
C ILE D 231 18.49 -11.29 34.20
N GLY D 232 18.62 -12.00 33.08
CA GLY D 232 18.29 -13.42 33.06
C GLY D 232 16.80 -13.75 33.01
N PRO D 233 16.47 -15.05 33.13
CA PRO D 233 15.09 -15.53 33.03
C PRO D 233 14.31 -15.39 34.34
N GLU D 234 12.99 -15.58 34.25
CA GLU D 234 12.14 -15.67 35.43
C GLU D 234 12.68 -16.68 36.43
N ALA D 235 13.07 -17.84 35.91
CA ALA D 235 13.63 -18.93 36.73
C ALA D 235 14.57 -18.43 37.83
N THR D 236 15.59 -17.67 37.45
CA THR D 236 16.64 -17.29 38.40
C THR D 236 16.38 -15.96 39.14
N GLN D 237 15.23 -15.35 38.90
CA GLN D 237 14.92 -13.99 39.41
C GLN D 237 15.16 -13.79 40.91
N ALA D 238 15.09 -14.88 41.67
CA ALA D 238 15.35 -14.86 43.13
C ALA D 238 16.80 -14.50 43.45
N LEU D 239 17.67 -14.58 42.44
CA LEU D 239 19.10 -14.27 42.56
C LEU D 239 19.51 -12.99 41.82
N TYR D 240 18.88 -12.73 40.68
CA TYR D 240 19.28 -11.63 39.78
C TYR D 240 18.47 -10.33 39.87
N ARG D 241 17.30 -10.37 40.49
CA ARG D 241 16.50 -9.16 40.67
C ARG D 241 16.25 -8.84 42.14
N LYS D 242 15.91 -9.87 42.92
CA LYS D 242 15.61 -9.69 44.35
C LYS D 242 16.81 -10.06 45.22
N GLY D 243 17.70 -10.91 44.68
CA GLY D 243 18.83 -11.42 45.44
C GLY D 243 19.97 -10.44 45.63
N THR D 244 21.11 -10.97 46.07
CA THR D 244 22.28 -10.17 46.38
C THR D 244 22.95 -9.55 45.15
N ILE D 245 23.07 -10.35 44.08
CA ILE D 245 23.58 -9.85 42.80
C ILE D 245 22.59 -8.87 42.19
N GLY D 246 21.30 -9.10 42.46
CA GLY D 246 20.23 -8.22 42.00
C GLY D 246 20.24 -6.87 42.68
N LYS D 247 20.62 -6.86 43.95
CA LYS D 247 20.70 -5.61 44.71
C LYS D 247 21.91 -4.77 44.30
N ALA D 248 23.01 -5.46 43.95
CA ALA D 248 24.21 -4.78 43.45
C ALA D 248 23.96 -4.19 42.06
N LYS D 249 23.15 -4.88 41.26
CA LYS D 249 22.78 -4.44 39.91
C LYS D 249 21.92 -3.18 39.96
N GLU D 250 21.21 -2.98 41.08
CA GLU D 250 20.39 -1.81 41.30
C GLU D 250 21.22 -0.59 41.65
N HIS D 251 22.25 -0.81 42.48
CA HIS D 251 23.27 0.19 42.79
C HIS D 251 23.91 0.65 41.51
N LEU D 252 24.22 -0.30 40.63
CA LEU D 252 24.85 -0.02 39.34
C LEU D 252 23.99 0.89 38.46
N GLU D 253 22.74 0.50 38.22
CA GLU D 253 21.85 1.32 37.38
C GLU D 253 21.45 2.63 38.06
N ALA D 254 21.59 2.69 39.38
CA ALA D 254 21.41 3.93 40.14
C ALA D 254 22.55 4.91 39.86
N THR D 255 23.78 4.39 39.96
CA THR D 255 25.00 5.13 39.63
C THR D 255 24.91 5.79 38.24
N ALA D 256 24.29 5.08 37.30
CA ALA D 256 24.11 5.55 35.92
C ALA D 256 23.37 6.89 35.87
N HIS D 257 22.17 6.94 36.47
CA HIS D 257 21.36 8.18 36.51
C HIS D 257 22.12 9.29 37.18
N ARG D 258 22.86 8.93 38.22
CA ARG D 258 23.69 9.86 38.99
C ARG D 258 24.81 10.49 38.16
N LEU D 259 25.49 9.67 37.36
CA LEU D 259 26.56 10.14 36.50
C LEU D 259 26.05 11.17 35.47
N ASN D 260 24.91 10.86 34.86
CA ASN D 260 24.28 11.73 33.87
C ASN D 260 23.81 13.08 34.42
N LYS D 261 23.26 13.06 35.63
CA LYS D 261 22.75 14.27 36.28
C LYS D 261 23.89 15.18 36.75
N GLU D 262 24.80 14.62 37.54
CA GLU D 262 25.93 15.37 38.08
C GLU D 262 26.84 15.93 36.99
N ASN D 263 27.09 15.12 35.97
CA ASN D 263 28.04 15.44 34.91
C ASN D 263 27.34 15.59 33.56
N PRO D 264 26.97 16.85 33.20
CA PRO D 264 26.15 17.16 32.02
C PRO D 264 26.74 16.71 30.68
N SER D 265 28.07 16.74 30.58
CA SER D 265 28.76 16.52 29.30
C SER D 265 28.91 15.05 28.89
N ILE D 266 28.66 14.13 29.82
CA ILE D 266 28.83 12.69 29.55
C ILE D 266 27.50 11.95 29.40
N ARG D 267 27.58 10.71 28.94
CA ARG D 267 26.39 9.87 28.74
C ARG D 267 26.66 8.43 29.19
N ALA D 268 26.13 8.09 30.36
CA ALA D 268 26.34 6.77 30.95
C ALA D 268 25.13 5.86 30.78
N PHE D 269 25.39 4.59 30.51
CA PHE D 269 24.36 3.57 30.43
C PHE D 269 24.81 2.30 31.09
N VAL D 270 23.86 1.49 31.56
CA VAL D 270 24.19 0.12 31.84
C VAL D 270 23.74 -0.65 30.60
N SER D 271 24.55 -1.61 30.18
CA SER D 271 24.19 -2.45 29.05
C SER D 271 23.93 -3.86 29.54
N VAL D 272 22.67 -4.25 29.48
CA VAL D 272 22.26 -5.59 29.88
C VAL D 272 22.45 -6.51 28.68
N ASN D 273 23.26 -7.55 28.88
CA ASN D 273 23.62 -8.46 27.79
C ASN D 273 22.99 -9.84 27.96
N LYS D 274 23.24 -10.72 27.00
CA LYS D 274 22.79 -12.11 27.11
C LYS D 274 23.73 -12.89 28.01
N GLY D 275 23.29 -14.05 28.47
CA GLY D 275 24.10 -14.89 29.34
C GLY D 275 25.13 -15.69 28.57
N LEU D 276 26.23 -16.01 29.23
CA LEU D 276 27.23 -16.93 28.67
C LEU D 276 28.03 -17.64 29.77
N VAL D 277 28.64 -18.76 29.41
CA VAL D 277 29.44 -19.57 30.33
C VAL D 277 30.58 -18.74 30.92
N THR D 278 30.66 -18.73 32.25
CA THR D 278 31.66 -17.94 32.96
C THR D 278 32.38 -18.77 34.03
N ARG D 279 33.23 -18.11 34.80
CA ARG D 279 33.98 -18.76 35.88
C ARG D 279 33.11 -19.06 37.09
N ALA D 280 32.04 -18.28 37.26
CA ALA D 280 31.14 -18.43 38.41
C ALA D 280 29.93 -19.34 38.10
N SER D 281 29.74 -19.65 36.81
CA SER D 281 28.59 -20.41 36.31
C SER D 281 28.29 -21.72 37.05
N ALA D 282 29.34 -22.50 37.31
CA ALA D 282 29.21 -23.83 37.92
C ALA D 282 28.50 -23.80 39.27
N VAL D 283 28.94 -22.91 40.15
CA VAL D 283 28.52 -22.94 41.57
C VAL D 283 27.11 -22.36 41.79
N ILE D 284 26.55 -21.75 40.75
CA ILE D 284 25.18 -21.22 40.85
C ILE D 284 24.13 -22.21 40.30
N PRO D 285 22.96 -22.34 41.05
CA PRO D 285 21.82 -23.18 40.66
C PRO D 285 21.06 -22.69 39.43
N VAL D 286 20.69 -23.63 38.55
CA VAL D 286 19.77 -23.39 37.43
C VAL D 286 20.38 -22.55 36.28
N ILE D 287 21.66 -22.20 36.41
CA ILE D 287 22.31 -21.41 35.35
C ILE D 287 22.94 -22.31 34.29
N PRO D 288 23.73 -23.31 34.72
CA PRO D 288 24.33 -24.20 33.72
C PRO D 288 23.27 -24.85 32.82
N LEU D 289 22.19 -25.35 33.43
CA LEU D 289 21.10 -26.04 32.73
C LEU D 289 20.32 -25.10 31.81
N TYR D 290 20.08 -23.88 32.29
CA TYR D 290 19.52 -22.80 31.48
C TYR D 290 20.40 -22.54 30.27
N LEU D 291 21.65 -22.14 30.53
CA LEU D 291 22.62 -21.86 29.47
C LEU D 291 22.80 -23.00 28.46
N ALA D 292 22.68 -24.24 28.91
CA ALA D 292 22.75 -25.39 28.01
C ALA D 292 21.44 -25.59 27.23
N SER D 293 20.32 -25.26 27.87
CA SER D 293 19.02 -25.31 27.21
C SER D 293 18.85 -24.13 26.25
N LEU D 294 19.25 -22.94 26.72
CA LEU D 294 19.16 -21.71 25.94
C LEU D 294 19.94 -21.80 24.63
N PHE D 295 21.21 -22.22 24.71
CA PHE D 295 22.06 -22.41 23.54
C PHE D 295 21.37 -23.30 22.50
N LYS D 296 20.74 -24.38 22.97
CA LYS D 296 20.00 -25.28 22.10
C LYS D 296 18.87 -24.56 21.36
N VAL D 297 17.99 -23.92 22.12
CA VAL D 297 16.84 -23.22 21.58
C VAL D 297 17.25 -22.15 20.56
N MSE D 298 18.25 -21.35 20.93
CA MSE D 298 18.64 -20.19 20.14
C MSE D 298 19.37 -20.54 18.87
O MSE D 298 19.15 -19.91 17.85
CB MSE D 298 19.44 -19.22 21.01
CG MSE D 298 18.55 -18.63 22.10
SE MSE D 298 19.33 -17.00 22.91
CE MSE D 298 18.79 -15.68 21.55
N LYS D 299 20.22 -21.57 18.91
CA LYS D 299 20.88 -22.06 17.70
C LYS D 299 19.89 -22.67 16.71
N GLU D 300 18.80 -23.23 17.24
CA GLU D 300 17.73 -23.80 16.42
C GLU D 300 16.94 -22.68 15.75
N LYS D 301 16.56 -21.67 16.53
CA LYS D 301 15.84 -20.50 16.02
C LYS D 301 16.73 -19.58 15.20
N GLY D 302 18.04 -19.74 15.37
CA GLY D 302 19.05 -18.94 14.66
C GLY D 302 19.21 -17.51 15.15
N ASN D 303 19.22 -17.33 16.46
CA ASN D 303 19.49 -16.02 17.05
C ASN D 303 20.53 -16.04 18.16
N HIS D 304 21.28 -17.14 18.21
CA HIS D 304 22.36 -17.31 19.16
C HIS D 304 23.55 -16.46 18.80
N GLU D 305 24.24 -15.98 19.82
CA GLU D 305 25.49 -15.23 19.64
C GLU D 305 26.39 -15.36 20.87
N GLY D 306 27.69 -15.48 20.62
CA GLY D 306 28.71 -15.47 21.66
C GLY D 306 29.11 -14.05 22.04
N CYS D 307 30.38 -13.85 22.34
CA CYS D 307 30.85 -12.58 22.87
C CYS D 307 31.03 -11.46 21.85
N ILE D 308 31.75 -11.77 20.78
CA ILE D 308 32.07 -10.78 19.75
C ILE D 308 30.84 -10.35 18.95
N GLU D 309 29.92 -11.29 18.72
CA GLU D 309 28.70 -11.02 17.95
C GLU D 309 27.74 -10.11 18.73
N GLN D 310 27.74 -10.26 20.06
CA GLN D 310 26.96 -9.38 20.93
C GLN D 310 27.49 -7.96 20.90
N ILE D 311 28.80 -7.84 21.09
CA ILE D 311 29.45 -6.54 21.24
C ILE D 311 29.57 -5.77 19.92
N THR D 312 29.79 -6.49 18.82
CA THR D 312 29.72 -5.87 17.49
C THR D 312 28.34 -5.30 17.26
N ARG D 313 27.29 -6.09 17.55
CA ARG D 313 25.91 -5.66 17.43
C ARG D 313 25.63 -4.46 18.34
N LEU D 314 26.18 -4.51 19.56
CA LEU D 314 26.07 -3.42 20.53
C LEU D 314 26.62 -2.10 19.97
N TYR D 315 27.87 -2.13 19.50
CA TYR D 315 28.51 -0.97 18.88
C TYR D 315 27.72 -0.49 17.67
N ALA D 316 27.41 -1.41 16.77
CA ALA D 316 26.76 -1.09 15.50
C ALA D 316 25.35 -0.55 15.65
N GLU D 317 24.51 -1.24 16.43
CA GLU D 317 23.08 -0.95 16.44
C GLU D 317 22.54 -0.15 17.63
N ARG D 318 23.40 0.14 18.61
CA ARG D 318 23.01 1.01 19.72
C ARG D 318 23.85 2.27 19.79
N LEU D 319 25.16 2.10 19.98
CA LEU D 319 26.04 3.20 20.33
C LEU D 319 26.35 4.11 19.14
N TYR D 320 27.02 3.54 18.15
CA TYR D 320 27.52 4.29 17.01
C TYR D 320 26.67 4.03 15.79
N ARG D 321 25.41 4.44 15.87
CA ARG D 321 24.50 4.26 14.75
C ARG D 321 24.22 5.54 13.97
N LYS D 322 23.87 5.31 12.71
CA LYS D 322 23.54 6.32 11.70
C LYS D 322 22.66 7.48 12.20
N ASP D 323 21.65 7.16 13.01
CA ASP D 323 20.70 8.18 13.51
C ASP D 323 21.27 9.03 14.63
N GLY D 324 22.26 8.50 15.34
CA GLY D 324 22.85 9.21 16.47
C GLY D 324 22.12 8.92 17.78
N THR D 325 20.91 8.38 17.68
CA THR D 325 20.15 7.97 18.85
C THR D 325 20.81 6.78 19.54
N ILE D 326 20.64 6.69 20.85
CA ILE D 326 21.03 5.49 21.58
C ILE D 326 19.78 4.86 22.23
N PRO D 327 19.17 3.87 21.53
CA PRO D 327 17.96 3.16 21.97
C PRO D 327 18.08 2.50 23.34
N VAL D 328 17.36 3.05 24.32
CA VAL D 328 17.30 2.51 25.67
C VAL D 328 15.95 1.81 25.93
N ASP D 329 15.75 1.40 27.18
CA ASP D 329 14.43 0.93 27.62
C ASP D 329 13.82 1.96 28.59
N GLU D 330 12.79 1.55 29.32
CA GLU D 330 12.08 2.41 30.27
C GLU D 330 12.95 2.91 31.43
N GLU D 331 13.86 2.05 31.92
CA GLU D 331 14.79 2.43 32.97
C GLU D 331 16.14 2.91 32.44
N ASN D 332 16.11 3.47 31.23
CA ASN D 332 17.27 4.03 30.54
C ASN D 332 18.49 3.10 30.42
N ARG D 333 18.23 1.85 30.09
CA ARG D 333 19.27 0.84 29.96
C ARG D 333 19.41 0.43 28.51
N ILE D 334 20.63 0.12 28.10
CA ILE D 334 20.88 -0.45 26.78
C ILE D 334 20.50 -1.94 26.83
N ARG D 335 19.62 -2.35 25.92
CA ARG D 335 19.17 -3.75 25.91
C ARG D 335 19.70 -4.53 24.71
N ILE D 336 20.53 -5.53 25.00
CA ILE D 336 21.10 -6.43 24.00
C ILE D 336 20.60 -7.85 24.27
N ASP D 337 19.98 -8.03 25.43
CA ASP D 337 19.41 -9.32 25.82
C ASP D 337 18.00 -9.50 25.27
N ASP D 338 17.63 -8.67 24.30
CA ASP D 338 16.29 -8.69 23.73
C ASP D 338 15.98 -9.95 22.93
N TRP D 339 17.01 -10.55 22.34
CA TRP D 339 16.86 -11.81 21.60
C TRP D 339 16.75 -12.98 22.53
N GLU D 340 17.42 -12.90 23.67
CA GLU D 340 17.34 -13.92 24.71
C GLU D 340 15.98 -13.88 25.40
N LEU D 341 15.49 -12.68 25.68
CA LEU D 341 14.29 -12.51 26.49
C LEU D 341 12.97 -12.39 25.70
N GLU D 342 13.04 -12.47 24.37
CA GLU D 342 11.84 -12.47 23.55
C GLU D 342 10.98 -13.68 23.93
N GLU D 343 9.70 -13.44 24.20
CA GLU D 343 8.83 -14.40 24.90
C GLU D 343 8.87 -15.83 24.36
N ASP D 344 8.90 -15.98 23.03
CA ASP D 344 8.91 -17.30 22.40
C ASP D 344 10.21 -18.08 22.64
N VAL D 345 11.29 -17.36 22.98
CA VAL D 345 12.53 -18.02 23.36
C VAL D 345 12.44 -18.53 24.79
N GLN D 346 11.93 -17.68 25.68
CA GLN D 346 11.78 -18.06 27.10
C GLN D 346 10.78 -19.20 27.30
N LYS D 347 9.72 -19.22 26.50
CA LYS D 347 8.73 -20.30 26.54
C LYS D 347 9.36 -21.65 26.18
N ALA D 348 10.20 -21.64 25.15
CA ALA D 348 10.86 -22.86 24.65
C ALA D 348 11.92 -23.42 25.60
N VAL D 349 12.52 -22.55 26.41
CA VAL D 349 13.60 -22.93 27.34
C VAL D 349 13.04 -23.47 28.66
N SER D 350 11.92 -22.90 29.11
CA SER D 350 11.24 -23.39 30.30
C SER D 350 10.71 -24.80 30.08
N ALA D 351 10.14 -25.04 28.92
CA ALA D 351 9.61 -26.34 28.53
C ALA D 351 10.72 -27.38 28.40
N LEU D 352 11.86 -26.97 27.86
CA LEU D 352 13.00 -27.86 27.62
C LEU D 352 13.70 -28.26 28.92
N MSE D 353 13.52 -27.45 29.96
CA MSE D 353 14.16 -27.69 31.26
C MSE D 353 13.30 -28.54 32.16
O MSE D 353 13.80 -29.13 33.12
CB MSE D 353 14.35 -26.34 31.94
CG MSE D 353 15.80 -25.88 31.83
SE MSE D 353 15.94 -24.11 32.68
CE MSE D 353 15.44 -24.59 34.53
N GLU D 354 12.01 -28.59 31.86
CA GLU D 354 11.07 -29.37 32.65
C GLU D 354 11.21 -30.87 32.31
N LYS D 355 11.69 -31.17 31.10
CA LYS D 355 11.81 -32.57 30.67
C LYS D 355 13.25 -33.04 30.40
N VAL D 356 14.21 -32.43 31.08
CA VAL D 356 15.60 -32.86 30.97
C VAL D 356 15.99 -33.77 32.14
N THR D 357 16.41 -34.98 31.82
CA THR D 357 16.83 -35.96 32.82
C THR D 357 18.31 -36.36 32.64
N GLY D 358 18.86 -37.05 33.64
CA GLY D 358 20.28 -37.44 33.66
C GLY D 358 20.81 -38.10 32.41
N GLU D 359 19.98 -38.95 31.78
CA GLU D 359 20.39 -39.70 30.58
C GLU D 359 20.16 -38.96 29.26
N ASN D 360 19.22 -38.01 29.25
CA ASN D 360 18.86 -37.29 28.02
C ASN D 360 19.49 -35.90 27.87
N ALA D 361 20.20 -35.44 28.91
CA ALA D 361 20.78 -34.09 28.94
C ALA D 361 21.68 -33.79 27.73
N GLU D 362 22.56 -34.72 27.38
CA GLU D 362 23.40 -34.59 26.18
C GLU D 362 22.54 -34.50 24.93
N SER D 363 21.51 -35.33 24.88
CA SER D 363 20.69 -35.53 23.68
C SER D 363 19.84 -34.33 23.28
N LEU D 364 19.14 -33.72 24.22
CA LEU D 364 18.15 -32.70 23.87
C LEU D 364 18.44 -31.28 24.40
N THR D 365 19.56 -31.12 25.12
CA THR D 365 20.11 -29.78 25.42
C THR D 365 21.54 -29.67 24.90
N ASP D 366 22.00 -28.44 24.66
CA ASP D 366 23.30 -28.18 24.04
C ASP D 366 24.45 -28.21 25.05
N LEU D 367 25.08 -29.38 25.17
CA LEU D 367 26.19 -29.56 26.08
C LEU D 367 27.53 -29.48 25.36
N ALA D 368 27.58 -29.97 24.12
CA ALA D 368 28.76 -29.83 23.26
C ALA D 368 29.08 -28.36 23.06
N GLY D 369 28.03 -27.54 23.01
CA GLY D 369 28.16 -26.09 22.93
C GLY D 369 28.65 -25.47 24.23
N TYR D 370 28.03 -25.85 25.34
CA TYR D 370 28.50 -25.42 26.66
C TYR D 370 29.95 -25.87 26.94
N ARG D 371 30.29 -27.08 26.47
CA ARG D 371 31.67 -27.57 26.59
C ARG D 371 32.65 -26.74 25.77
N HIS D 372 32.24 -26.35 24.58
CA HIS D 372 33.08 -25.53 23.72
C HIS D 372 33.35 -24.17 24.31
N ASP D 373 32.27 -23.45 24.65
CA ASP D 373 32.39 -22.13 25.29
C ASP D 373 33.30 -22.14 26.51
N PHE D 374 33.05 -23.08 27.41
CA PHE D 374 33.81 -23.22 28.64
C PHE D 374 35.31 -23.42 28.39
N LEU D 375 35.63 -24.19 27.36
CA LEU D 375 37.02 -24.51 27.02
C LEU D 375 37.69 -23.41 26.21
N ALA D 376 36.95 -22.86 25.24
CA ALA D 376 37.45 -21.80 24.37
C ALA D 376 38.02 -20.64 25.18
N SER D 377 37.35 -20.30 26.29
CA SER D 377 37.77 -19.22 27.18
C SER D 377 39.18 -19.43 27.75
N ASN D 378 39.60 -20.69 27.84
CA ASN D 378 40.95 -21.02 28.30
C ASN D 378 41.93 -21.41 27.18
N GLY D 379 41.42 -21.37 25.94
CA GLY D 379 42.23 -21.65 24.76
C GLY D 379 42.11 -23.06 24.22
N PHE D 380 41.33 -23.91 24.89
CA PHE D 380 41.12 -25.28 24.43
C PHE D 380 39.91 -25.41 23.49
N ASP D 381 39.93 -26.45 22.65
CA ASP D 381 38.83 -26.77 21.71
C ASP D 381 38.57 -25.70 20.63
N VAL D 382 39.53 -24.79 20.45
CA VAL D 382 39.43 -23.76 19.41
C VAL D 382 39.63 -24.40 18.03
N GLU D 383 38.72 -24.12 17.11
CA GLU D 383 38.76 -24.67 15.74
C GLU D 383 40.05 -24.29 15.01
N GLY D 384 40.86 -25.30 14.69
CA GLY D 384 42.13 -25.09 13.99
C GLY D 384 43.36 -25.67 14.67
N ILE D 385 43.47 -25.42 15.98
CA ILE D 385 44.65 -25.82 16.76
C ILE D 385 44.78 -27.35 16.91
N ASN D 386 46.01 -27.84 16.78
CA ASN D 386 46.35 -29.24 17.08
C ASN D 386 46.89 -29.34 18.51
N TYR D 387 46.14 -30.00 19.38
CA TYR D 387 46.46 -30.04 20.80
C TYR D 387 47.48 -31.12 21.17
N GLU D 388 47.73 -32.05 20.24
CA GLU D 388 48.77 -33.06 20.41
C GLU D 388 50.17 -32.44 20.24
N ALA D 389 50.27 -31.45 19.35
CA ALA D 389 51.54 -30.78 19.06
C ALA D 389 52.24 -30.26 20.31
N GLU D 390 53.57 -30.17 20.24
CA GLU D 390 54.39 -29.76 21.36
C GLU D 390 54.28 -28.26 21.63
N VAL D 391 54.36 -27.89 22.91
CA VAL D 391 54.42 -26.48 23.32
C VAL D 391 55.69 -26.25 24.13
N GLU D 392 56.58 -25.42 23.60
CA GLU D 392 57.93 -25.21 24.14
C GLU D 392 57.96 -24.60 25.56
N ARG D 393 57.38 -23.41 25.69
CA ARG D 393 57.39 -22.65 26.94
C ARG D 393 56.01 -22.06 27.24
N PHE D 394 55.99 -21.00 28.08
CA PHE D 394 54.69 -20.43 28.51
C PHE D 394 54.63 -18.90 28.59
N ASP D 395 55.73 -18.23 28.30
CA ASP D 395 55.80 -16.76 28.44
C ASP D 395 55.71 -16.00 27.11
N ARG D 396 55.36 -16.72 26.05
CA ARG D 396 55.12 -16.08 24.75
C ARG D 396 54.15 -16.83 23.87
N ILE D 397 53.39 -16.06 23.10
CA ILE D 397 52.61 -16.58 21.98
C ILE D 397 53.57 -16.73 20.80
N LEU D 398 53.16 -17.48 19.78
CA LEU D 398 54.04 -17.74 18.65
C LEU D 398 53.31 -17.73 17.31
N GLU D 399 54.08 -17.52 16.24
CA GLU D 399 53.55 -17.51 14.87
C GLU D 399 52.82 -18.82 14.58
N HIS D 400 51.73 -18.74 13.83
CA HIS D 400 50.87 -19.89 13.60
C HIS D 400 51.36 -20.89 12.58
N HIS D 401 50.55 -21.92 12.34
CA HIS D 401 50.83 -22.96 11.37
C HIS D 401 49.65 -23.14 10.47
N MSE E 1 74.09 -9.05 38.03
CA MSE E 1 73.54 -7.97 37.16
C MSE E 1 73.94 -6.62 37.66
O MSE E 1 74.03 -6.39 38.88
CB MSE E 1 72.02 -8.08 37.06
CG MSE E 1 71.30 -8.18 38.41
SE MSE E 1 69.36 -7.92 38.18
CE MSE E 1 69.35 -5.91 37.91
N ILE E 2 74.20 -5.70 36.73
CA ILE E 2 74.52 -4.31 37.05
C ILE E 2 73.23 -3.62 37.48
N VAL E 3 73.29 -2.95 38.64
CA VAL E 3 72.14 -2.26 39.22
C VAL E 3 72.42 -0.76 39.26
N LYS E 4 71.49 0.02 38.71
CA LYS E 4 71.60 1.48 38.73
C LYS E 4 70.25 2.17 38.93
N PRO E 5 70.25 3.41 39.45
CA PRO E 5 69.03 4.10 39.89
C PRO E 5 67.93 4.19 38.84
N MSE E 6 66.80 3.54 39.10
CA MSE E 6 65.62 3.64 38.24
C MSE E 6 64.72 4.67 38.87
O MSE E 6 63.98 4.37 39.81
CB MSE E 6 64.92 2.29 38.13
CG MSE E 6 65.67 1.34 37.14
SE MSE E 6 64.45 -0.09 36.50
CE MSE E 6 65.14 -1.57 37.61
N VAL E 7 64.80 5.89 38.35
CA VAL E 7 64.04 7.03 38.89
C VAL E 7 62.88 7.38 37.96
N ARG E 8 61.68 6.99 38.37
CA ARG E 8 60.47 7.24 37.58
C ARG E 8 59.42 7.96 38.41
N ASN E 9 58.83 9.00 37.82
CA ASN E 9 57.83 9.84 38.48
C ASN E 9 58.36 10.51 39.75
N ASN E 10 59.64 10.90 39.70
CA ASN E 10 60.34 11.55 40.82
C ASN E 10 60.60 10.66 42.04
N ILE E 11 60.23 9.38 41.94
CA ILE E 11 60.47 8.40 43.01
C ILE E 11 61.53 7.40 42.56
N CYS E 12 62.35 6.93 43.50
CA CYS E 12 63.37 5.93 43.21
C CYS E 12 62.89 4.53 43.60
N LEU E 13 62.72 3.68 42.59
CA LEU E 13 62.13 2.36 42.76
C LEU E 13 63.07 1.35 43.43
N ASN E 14 64.19 1.10 42.80
CA ASN E 14 65.15 0.06 43.22
C ASN E 14 66.04 0.48 44.38
N ALA E 15 66.89 -0.45 44.81
CA ALA E 15 67.91 -0.23 45.84
C ALA E 15 69.14 -1.09 45.61
N HIS E 16 70.32 -0.51 45.79
CA HIS E 16 71.59 -1.21 45.64
C HIS E 16 72.05 -1.74 46.98
N PRO E 17 71.92 -3.07 47.20
CA PRO E 17 72.18 -3.70 48.50
C PRO E 17 73.54 -3.39 49.12
N GLN E 18 74.62 -3.59 48.36
CA GLN E 18 75.96 -3.33 48.87
C GLN E 18 76.19 -1.85 49.20
N GLY E 19 75.59 -0.98 48.39
CA GLY E 19 75.62 0.47 48.64
C GLY E 19 74.89 0.87 49.90
N CYS E 20 73.80 0.16 50.18
CA CYS E 20 73.04 0.32 51.43
C CYS E 20 73.84 -0.17 52.63
N LYS E 21 74.62 -1.23 52.42
CA LYS E 21 75.51 -1.74 53.46
C LYS E 21 76.66 -0.75 53.73
N LYS E 22 77.18 -0.15 52.66
CA LYS E 22 78.24 0.85 52.79
C LYS E 22 77.76 2.07 53.57
N GLY E 23 76.51 2.47 53.31
CA GLY E 23 75.92 3.65 53.94
C GLY E 23 75.81 3.53 55.45
N VAL E 24 75.32 2.38 55.89
CA VAL E 24 75.19 2.06 57.31
C VAL E 24 76.55 2.03 57.97
N GLU E 25 77.51 1.37 57.32
CA GLU E 25 78.87 1.26 57.84
C GLU E 25 79.60 2.62 57.92
N ASP E 26 79.26 3.52 56.99
CA ASP E 26 79.81 4.86 57.00
C ASP E 26 79.21 5.67 58.14
N GLN E 27 77.96 5.35 58.47
CA GLN E 27 77.28 5.96 59.61
C GLN E 27 77.85 5.46 60.93
N ILE E 28 78.03 4.14 61.02
CA ILE E 28 78.66 3.51 62.19
C ILE E 28 80.01 4.15 62.48
N GLU E 29 80.82 4.36 61.45
CA GLU E 29 82.13 4.99 61.61
C GLU E 29 82.03 6.41 62.15
N TYR E 30 81.09 7.20 61.61
CA TYR E 30 80.90 8.56 62.10
C TYR E 30 80.54 8.58 63.58
N THR E 31 79.62 7.72 63.99
CA THR E 31 79.21 7.62 65.39
C THR E 31 80.42 7.49 66.31
N LYS E 32 81.28 6.52 65.99
CA LYS E 32 82.47 6.23 66.81
C LYS E 32 83.44 7.40 66.92
N LYS E 33 83.54 8.18 65.85
CA LYS E 33 84.39 9.38 65.84
C LYS E 33 83.74 10.51 66.62
N ARG E 34 82.40 10.55 66.59
CA ARG E 34 81.63 11.65 67.19
C ARG E 34 81.38 11.43 68.68
N ILE E 35 80.99 10.21 69.06
CA ILE E 35 80.80 9.86 70.46
C ILE E 35 82.09 9.25 71.01
N THR E 36 82.91 10.10 71.63
CA THR E 36 84.18 9.68 72.22
C THR E 36 83.96 9.30 73.68
N ALA E 37 84.97 8.71 74.31
CA ALA E 37 84.93 8.45 75.75
C ALA E 37 84.78 9.77 76.51
N GLU E 38 85.56 10.78 76.10
CA GLU E 38 85.51 12.13 76.66
C GLU E 38 84.11 12.74 76.60
N VAL E 39 83.43 12.51 75.47
CA VAL E 39 82.05 12.96 75.26
C VAL E 39 81.08 12.14 76.11
N LYS E 40 81.44 10.88 76.33
CA LYS E 40 80.54 9.91 76.94
C LYS E 40 80.71 9.87 78.45
N ALA E 41 81.89 10.34 78.91
CA ALA E 41 82.23 10.34 80.33
C ALA E 41 81.42 11.41 81.08
N GLY E 42 81.07 11.08 82.32
CA GLY E 42 80.38 12.03 83.20
C GLY E 42 78.89 12.16 82.96
N ALA E 43 78.34 11.30 82.12
CA ALA E 43 76.91 11.35 81.82
C ALA E 43 76.31 9.97 81.74
N LYS E 44 75.01 9.89 82.04
CA LYS E 44 74.26 8.65 81.97
C LYS E 44 74.27 8.08 80.55
N ALA E 45 73.84 6.83 80.43
CA ALA E 45 73.85 6.14 79.15
C ALA E 45 72.61 5.28 78.99
N PRO E 46 72.11 5.13 77.75
CA PRO E 46 71.02 4.19 77.54
C PRO E 46 71.55 2.75 77.54
N LYS E 47 70.85 1.85 78.23
CA LYS E 47 71.27 0.45 78.30
C LYS E 47 70.46 -0.41 77.32
N ASN E 48 69.14 -0.25 77.34
CA ASN E 48 68.26 -0.96 76.42
C ASN E 48 67.29 0.01 75.76
N VAL E 49 67.34 0.08 74.43
CA VAL E 49 66.52 1.04 73.69
C VAL E 49 65.60 0.39 72.65
N LEU E 50 64.43 0.98 72.47
CA LEU E 50 63.48 0.58 71.45
C LEU E 50 63.40 1.65 70.36
N VAL E 51 63.54 1.24 69.10
CA VAL E 51 63.43 2.16 67.98
C VAL E 51 62.32 1.70 67.03
N LEU E 52 61.39 2.60 66.76
CA LEU E 52 60.24 2.28 65.92
C LEU E 52 60.37 3.06 64.64
N GLY E 53 60.33 2.36 63.51
CA GLY E 53 60.67 2.95 62.22
C GLY E 53 62.18 3.04 62.11
N CYS E 54 62.85 1.91 62.33
CA CYS E 54 64.29 1.85 62.50
C CYS E 54 65.10 1.71 61.22
N SER E 55 64.43 1.53 60.09
CA SER E 55 65.11 1.03 58.89
C SER E 55 65.90 2.06 58.08
N ASN E 56 65.57 3.33 58.23
CA ASN E 56 66.27 4.40 57.51
C ASN E 56 66.02 5.78 58.12
N GLY E 57 66.67 6.78 57.55
CA GLY E 57 66.51 8.16 57.99
C GLY E 57 66.82 8.33 59.47
N TYR E 58 65.88 8.93 60.20
CA TYR E 58 66.08 9.26 61.60
C TYR E 58 65.95 8.09 62.55
N GLY E 59 65.14 7.10 62.20
CA GLY E 59 65.06 5.88 63.01
C GLY E 59 66.37 5.11 63.04
N LEU E 60 67.00 4.98 61.86
CA LEU E 60 68.23 4.23 61.72
C LEU E 60 69.39 4.93 62.40
N ALA E 61 69.42 6.26 62.31
CA ALA E 61 70.44 7.04 62.98
C ALA E 61 70.27 6.91 64.51
N SER E 62 69.02 6.99 64.97
CA SER E 62 68.68 6.81 66.38
C SER E 62 69.05 5.42 66.88
N ARG E 63 68.87 4.41 66.03
CA ARG E 63 69.25 3.05 66.39
C ARG E 63 70.77 2.87 66.38
N ILE E 64 71.44 3.38 65.35
CA ILE E 64 72.91 3.25 65.24
C ILE E 64 73.65 4.00 66.35
N THR E 65 73.32 5.27 66.59
CA THR E 65 74.04 6.06 67.61
C THR E 65 73.91 5.44 68.99
N ALA E 66 72.72 4.93 69.30
CA ALA E 66 72.46 4.24 70.55
C ALA E 66 73.34 2.99 70.69
N ALA E 67 73.47 2.25 69.60
CA ALA E 67 74.11 0.93 69.63
C ALA E 67 75.62 0.94 69.45
N PHE E 68 76.15 1.95 68.77
CA PHE E 68 77.58 1.98 68.45
C PHE E 68 78.33 3.09 69.16
N GLY E 69 77.58 4.08 69.63
CA GLY E 69 78.14 5.11 70.49
C GLY E 69 78.13 4.61 71.93
N TYR E 70 76.93 4.52 72.49
CA TYR E 70 76.76 4.12 73.89
C TYR E 70 76.62 2.61 74.06
N GLY E 71 76.84 1.86 72.98
CA GLY E 71 76.85 0.40 73.01
C GLY E 71 75.67 -0.27 73.71
N ALA E 72 74.46 0.18 73.39
CA ALA E 72 73.25 -0.30 74.05
C ALA E 72 72.58 -1.47 73.33
N ALA E 73 71.65 -2.12 74.02
CA ALA E 73 70.80 -3.13 73.40
C ALA E 73 69.67 -2.43 72.67
N THR E 74 69.35 -2.92 71.48
CA THR E 74 68.32 -2.30 70.66
C THR E 74 67.32 -3.32 70.15
N ILE E 75 66.05 -2.91 70.13
CA ILE E 75 65.02 -3.66 69.41
C ILE E 75 64.42 -2.73 68.38
N GLY E 76 64.55 -3.11 67.12
CA GLY E 76 64.01 -2.33 66.01
C GLY E 76 62.70 -2.88 65.50
N VAL E 77 61.87 -1.99 64.95
CA VAL E 77 60.60 -2.36 64.34
C VAL E 77 60.40 -1.54 63.08
N SER E 78 60.18 -2.22 61.95
CA SER E 78 59.84 -1.56 60.67
C SER E 78 59.02 -2.47 59.76
N PHE E 79 58.40 -1.87 58.75
CA PHE E 79 57.62 -2.59 57.75
C PHE E 79 58.37 -2.52 56.43
N GLU E 80 58.91 -3.66 56.01
CA GLU E 80 59.73 -3.72 54.80
C GLU E 80 59.34 -4.88 53.87
N LYS E 81 59.73 -4.77 52.61
CA LYS E 81 59.62 -5.88 51.64
C LYS E 81 60.98 -6.56 51.54
N ALA E 82 61.00 -7.86 51.80
CA ALA E 82 62.24 -8.63 51.75
C ALA E 82 62.65 -8.92 50.30
N GLY E 83 63.95 -9.19 50.10
CA GLY E 83 64.47 -9.39 48.76
C GLY E 83 64.41 -10.81 48.24
N SER E 84 64.35 -10.95 46.90
CA SER E 84 64.44 -12.26 46.23
C SER E 84 65.64 -12.13 45.29
N GLU E 85 66.15 -13.27 44.80
CA GLU E 85 67.38 -13.28 44.02
C GLU E 85 67.34 -12.40 42.77
N THR E 86 66.12 -12.15 42.25
CA THR E 86 65.96 -11.39 41.01
C THR E 86 65.21 -10.05 41.23
N LYS E 87 64.20 -10.08 42.09
CA LYS E 87 63.46 -8.87 42.45
C LYS E 87 64.10 -8.23 43.69
N TYR E 88 64.24 -6.91 43.67
CA TYR E 88 64.88 -6.22 44.80
C TYR E 88 63.98 -6.14 46.03
N GLY E 89 64.58 -5.85 47.17
CA GLY E 89 63.84 -5.50 48.37
C GLY E 89 63.85 -3.99 48.51
N THR E 90 63.17 -3.48 49.54
CA THR E 90 63.19 -2.06 49.88
C THR E 90 64.51 -1.74 50.58
N PRO E 91 65.05 -0.51 50.39
CA PRO E 91 66.34 -0.18 51.01
C PRO E 91 66.39 -0.49 52.51
N GLY E 92 65.29 -0.23 53.22
CA GLY E 92 65.18 -0.51 54.65
C GLY E 92 65.56 -1.95 55.00
N TRP E 93 65.02 -2.90 54.24
CA TRP E 93 65.35 -4.32 54.37
C TRP E 93 66.84 -4.53 54.43
N TYR E 94 67.56 -3.98 53.45
CA TYR E 94 69.02 -4.12 53.40
C TYR E 94 69.72 -3.38 54.55
N ASN E 95 69.13 -2.27 54.99
CA ASN E 95 69.69 -1.50 56.09
C ASN E 95 69.61 -2.24 57.42
N ASN E 96 68.51 -2.97 57.61
CA ASN E 96 68.36 -3.83 58.79
C ASN E 96 69.39 -4.96 58.82
N LEU E 97 69.55 -5.64 57.69
CA LEU E 97 70.58 -6.67 57.53
C LEU E 97 71.98 -6.10 57.78
N ALA E 98 72.25 -4.93 57.22
CA ALA E 98 73.54 -4.26 57.40
C ALA E 98 73.81 -3.90 58.85
N PHE E 99 72.76 -3.51 59.57
CA PHE E 99 72.87 -3.17 61.00
C PHE E 99 73.20 -4.41 61.84
N ASP E 100 72.33 -5.41 61.77
CA ASP E 100 72.46 -6.63 62.59
C ASP E 100 73.86 -7.25 62.53
N GLU E 101 74.37 -7.44 61.32
CA GLU E 101 75.69 -8.03 61.11
C GLU E 101 76.79 -7.28 61.85
N ALA E 102 76.76 -5.95 61.78
CA ALA E 102 77.72 -5.11 62.50
C ALA E 102 77.57 -5.21 64.02
N ALA E 103 76.33 -5.38 64.49
CA ALA E 103 76.05 -5.58 65.90
C ALA E 103 76.56 -6.94 66.37
N LYS E 104 76.49 -7.93 65.49
CA LYS E 104 77.03 -9.27 65.77
C LYS E 104 78.56 -9.27 65.79
N ARG E 105 79.17 -8.54 64.86
CA ARG E 105 80.62 -8.36 64.83
C ARG E 105 81.10 -7.83 66.18
N GLU E 106 80.49 -6.73 66.61
CA GLU E 106 80.86 -6.05 67.85
C GLU E 106 80.32 -6.77 69.09
N GLY E 107 79.40 -7.71 68.90
CA GLY E 107 78.83 -8.47 70.00
C GLY E 107 77.82 -7.63 70.78
N LEU E 108 76.85 -7.10 70.05
CA LEU E 108 75.79 -6.28 70.63
C LEU E 108 74.46 -6.91 70.27
N TYR E 109 73.62 -7.12 71.29
CA TYR E 109 72.29 -7.67 71.08
C TYR E 109 71.47 -6.71 70.22
N SER E 110 70.96 -7.20 69.10
CA SER E 110 70.09 -6.39 68.24
C SER E 110 69.09 -7.26 67.50
N VAL E 111 67.90 -7.41 68.06
CA VAL E 111 66.85 -8.16 67.38
C VAL E 111 65.80 -7.20 66.83
N THR E 112 65.47 -7.37 65.55
CA THR E 112 64.52 -6.50 64.90
C THR E 112 63.26 -7.24 64.45
N ILE E 113 62.11 -6.67 64.77
CA ILE E 113 60.81 -7.23 64.44
C ILE E 113 60.31 -6.59 63.15
N ASP E 114 59.89 -7.41 62.20
CA ASP E 114 59.37 -6.88 60.93
C ASP E 114 57.85 -6.92 60.92
N GLY E 115 57.26 -5.84 60.43
CA GLY E 115 55.80 -5.74 60.31
C GLY E 115 55.24 -4.36 60.61
N ASP E 116 53.92 -4.24 60.43
CA ASP E 116 53.18 -3.02 60.70
C ASP E 116 53.24 -2.68 62.18
N ALA E 117 53.84 -1.55 62.53
CA ALA E 117 54.04 -1.18 63.93
C ALA E 117 52.76 -0.66 64.59
N PHE E 118 51.73 -0.41 63.78
CA PHE E 118 50.46 0.11 64.29
C PHE E 118 49.54 -1.00 64.82
N SER E 119 49.85 -2.25 64.43
CA SER E 119 49.07 -3.40 64.86
C SER E 119 49.36 -3.73 66.32
N ASP E 120 48.54 -4.61 66.89
CA ASP E 120 48.77 -5.10 68.25
C ASP E 120 49.64 -6.36 68.26
N GLU E 121 49.63 -7.11 67.17
CA GLU E 121 50.43 -8.32 67.05
C GLU E 121 51.92 -8.01 67.16
N ILE E 122 52.35 -6.97 66.46
CA ILE E 122 53.75 -6.54 66.47
C ILE E 122 54.08 -5.92 67.84
N LYS E 123 53.09 -5.27 68.45
CA LYS E 123 53.20 -4.78 69.83
C LYS E 123 53.37 -5.94 70.80
N ALA E 124 52.71 -7.06 70.50
CA ALA E 124 52.83 -8.27 71.32
C ALA E 124 54.19 -8.94 71.16
N GLN E 125 54.72 -8.91 69.93
CA GLN E 125 55.99 -9.57 69.59
C GLN E 125 57.20 -8.97 70.29
N VAL E 126 57.19 -7.65 70.46
CA VAL E 126 58.30 -6.93 71.10
C VAL E 126 58.22 -7.03 72.64
N ILE E 127 57.00 -7.13 73.17
CA ILE E 127 56.80 -7.37 74.61
C ILE E 127 57.33 -8.75 75.00
N GLU E 128 56.90 -9.78 74.27
CA GLU E 128 57.30 -11.16 74.56
C GLU E 128 58.78 -11.40 74.27
N GLU E 129 59.35 -10.56 73.41
CA GLU E 129 60.76 -10.61 73.08
C GLU E 129 61.58 -9.96 74.19
N ALA E 130 61.06 -8.85 74.71
CA ALA E 130 61.72 -8.13 75.80
C ALA E 130 61.69 -8.97 77.07
N LYS E 131 60.50 -9.45 77.43
CA LYS E 131 60.32 -10.32 78.59
C LYS E 131 61.20 -11.57 78.55
N LYS E 132 61.42 -12.09 77.34
CA LYS E 132 62.32 -13.22 77.14
C LYS E 132 63.76 -12.86 77.54
N LYS E 133 64.26 -11.74 77.03
CA LYS E 133 65.62 -11.31 77.35
C LYS E 133 65.68 -10.55 78.69
N GLY E 134 64.52 -10.38 79.32
CA GLY E 134 64.43 -9.74 80.62
C GLY E 134 64.52 -8.23 80.57
N ILE E 135 65.75 -7.72 80.45
CA ILE E 135 66.06 -6.29 80.56
C ILE E 135 65.05 -5.39 79.83
N LYS E 136 64.61 -4.36 80.56
CA LYS E 136 63.56 -3.45 80.13
C LYS E 136 64.09 -2.11 79.58
N PHE E 137 63.27 -1.43 78.77
CA PHE E 137 63.71 -0.26 78.00
C PHE E 137 63.87 1.02 78.81
N ASP E 138 64.88 1.80 78.45
CA ASP E 138 65.12 3.12 79.06
C ASP E 138 65.20 4.25 78.00
N LEU E 139 65.02 3.86 76.75
CA LEU E 139 64.82 4.79 75.64
C LEU E 139 63.80 4.22 74.65
N ILE E 140 62.73 4.96 74.42
CA ILE E 140 61.75 4.63 73.39
C ILE E 140 61.85 5.69 72.31
N VAL E 141 62.12 5.27 71.07
CA VAL E 141 62.23 6.19 69.95
C VAL E 141 61.08 5.96 68.96
N TYR E 142 60.14 6.91 68.94
CA TYR E 142 59.06 6.88 67.96
C TYR E 142 59.47 7.66 66.72
N SER E 143 59.73 6.93 65.64
CA SER E 143 60.24 7.53 64.40
C SER E 143 59.51 6.95 63.18
N LEU E 144 58.18 6.97 63.24
CA LEU E 144 57.36 6.43 62.16
C LEU E 144 56.84 7.50 61.23
N ALA E 145 57.28 7.43 59.97
CA ALA E 145 56.77 8.28 58.91
C ALA E 145 56.04 7.41 57.91
N SER E 146 54.70 7.47 57.93
CA SER E 146 53.89 6.64 57.05
C SER E 146 52.77 7.40 56.36
N PRO E 147 52.50 7.07 55.08
CA PRO E 147 51.34 7.60 54.39
C PRO E 147 50.01 7.03 54.88
N VAL E 148 50.07 5.92 55.62
CA VAL E 148 48.87 5.15 55.96
C VAL E 148 48.96 4.40 57.30
N ARG E 149 47.90 4.50 58.11
CA ARG E 149 47.79 3.75 59.37
C ARG E 149 46.43 3.08 59.53
N THR E 150 46.43 1.75 59.69
CA THR E 150 45.19 1.03 59.95
C THR E 150 44.94 1.00 61.45
N ASP E 151 43.92 1.73 61.87
CA ASP E 151 43.46 1.76 63.26
C ASP E 151 43.21 0.34 63.78
N PRO E 152 43.95 -0.09 64.84
CA PRO E 152 43.86 -1.48 65.26
C PRO E 152 42.61 -1.79 66.10
N ASP E 153 41.87 -0.75 66.49
CA ASP E 153 40.63 -0.91 67.24
C ASP E 153 39.44 -1.13 66.31
N THR E 154 39.14 -0.08 65.54
CA THR E 154 38.03 -0.08 64.59
C THR E 154 38.32 -0.97 63.37
N GLY E 155 39.55 -0.92 62.87
CA GLY E 155 39.95 -1.71 61.72
C GLY E 155 40.05 -0.93 60.42
N ILE E 156 39.71 0.36 60.47
CA ILE E 156 39.66 1.23 59.29
C ILE E 156 41.04 1.79 58.93
N MSE E 157 41.34 1.81 57.62
CA MSE E 157 42.58 2.36 57.09
C MSE E 157 42.44 3.86 56.97
O MSE E 157 41.41 4.35 56.49
CB MSE E 157 42.85 1.73 55.73
CG MSE E 157 44.40 1.60 55.46
SE MSE E 157 44.65 1.33 53.49
CE MSE E 157 45.23 -0.60 53.52
N HIS E 158 43.48 4.57 57.39
CA HIS E 158 43.51 6.03 57.34
C HIS E 158 44.66 6.54 56.52
N LYS E 159 44.38 7.54 55.67
CA LYS E 159 45.37 8.04 54.71
C LYS E 159 45.66 9.53 54.93
N SER E 160 46.96 9.88 54.93
CA SER E 160 47.38 11.26 55.23
C SER E 160 47.70 12.07 53.99
N VAL E 161 47.11 13.26 53.92
CA VAL E 161 47.45 14.25 52.88
C VAL E 161 48.39 15.31 53.45
N LEU E 162 49.04 16.04 52.56
CA LEU E 162 49.97 17.10 52.95
C LEU E 162 49.45 18.41 52.35
N LYS E 163 48.32 18.88 52.87
CA LYS E 163 47.54 19.97 52.28
C LYS E 163 47.34 21.17 53.22
N PRO E 164 47.02 22.36 52.67
CA PRO E 164 46.79 23.57 53.47
C PRO E 164 45.35 23.72 53.97
N PHE E 165 45.09 24.83 54.67
CA PHE E 165 43.75 25.20 55.13
C PHE E 165 43.37 26.59 54.63
N GLY E 166 42.15 26.72 54.10
CA GLY E 166 41.63 28.01 53.67
C GLY E 166 41.78 28.26 52.19
N LYS E 167 43.03 28.42 51.74
CA LYS E 167 43.33 28.64 50.32
C LYS E 167 44.41 27.69 49.80
N THR E 168 44.47 27.53 48.48
CA THR E 168 45.51 26.74 47.82
C THR E 168 46.90 27.28 48.16
N PHE E 169 47.80 26.40 48.57
CA PHE E 169 49.20 26.76 48.69
C PHE E 169 49.90 26.40 47.39
N THR E 170 50.61 27.37 46.82
CA THR E 170 51.34 27.16 45.57
C THR E 170 52.77 27.68 45.65
N GLY E 171 53.69 26.94 45.03
CA GLY E 171 55.09 27.34 45.02
C GLY E 171 55.95 26.52 44.06
N LYS E 172 57.22 26.90 43.98
CA LYS E 172 58.17 26.28 43.05
C LYS E 172 58.64 24.92 43.53
N THR E 173 58.81 24.00 42.60
CA THR E 173 59.47 22.72 42.88
C THR E 173 60.64 22.52 41.91
N VAL E 174 61.58 21.64 42.26
CA VAL E 174 62.78 21.45 41.45
C VAL E 174 63.08 19.99 41.19
N ASP E 175 63.14 19.63 39.90
CA ASP E 175 63.65 18.33 39.50
C ASP E 175 65.14 18.30 39.84
N PRO E 176 65.55 17.31 40.65
CA PRO E 176 66.95 17.23 41.09
C PRO E 176 67.94 16.90 39.97
N PHE E 177 67.51 16.08 39.01
CA PHE E 177 68.41 15.52 38.00
C PHE E 177 68.62 16.41 36.79
N THR E 178 67.54 17.03 36.32
CA THR E 178 67.61 17.93 35.19
C THR E 178 67.99 19.34 35.64
N GLY E 179 67.28 19.83 36.67
CA GLY E 179 67.45 21.20 37.14
C GLY E 179 66.24 22.04 36.78
N GLU E 180 65.23 21.39 36.21
CA GLU E 180 64.00 22.08 35.80
C GLU E 180 63.24 22.64 36.99
N LEU E 181 62.90 23.92 36.88
CA LEU E 181 62.22 24.65 37.93
C LEU E 181 60.76 24.84 37.50
N LYS E 182 59.90 23.93 37.94
CA LYS E 182 58.48 23.94 37.54
C LYS E 182 57.54 24.36 38.67
N GLU E 183 56.24 24.19 38.46
CA GLU E 183 55.23 24.69 39.40
C GLU E 183 54.23 23.60 39.82
N ILE E 184 54.30 23.21 41.09
CA ILE E 184 53.33 22.30 41.70
C ILE E 184 52.59 23.04 42.82
N SER E 185 51.42 22.53 43.21
CA SER E 185 50.66 23.11 44.31
C SER E 185 49.78 22.06 45.00
N ALA E 186 49.20 22.43 46.13
CA ALA E 186 48.33 21.53 46.89
C ALA E 186 47.08 22.26 47.39
N GLU E 187 45.91 21.78 46.97
CA GLU E 187 44.65 22.44 47.28
C GLU E 187 44.19 22.19 48.73
N PRO E 188 43.33 23.08 49.27
CA PRO E 188 42.82 22.98 50.66
C PRO E 188 42.24 21.61 51.00
N ALA E 189 42.14 21.33 52.30
CA ALA E 189 41.78 20.01 52.77
C ALA E 189 40.29 19.86 53.10
N ASN E 190 39.85 18.61 53.23
CA ASN E 190 38.52 18.29 53.74
C ASN E 190 38.53 18.34 55.27
N ASP E 191 37.39 18.02 55.88
CA ASP E 191 37.34 17.78 57.32
C ASP E 191 37.66 16.32 57.59
N GLU E 192 37.42 15.49 56.58
CA GLU E 192 37.68 14.06 56.64
C GLU E 192 39.12 13.74 56.27
N GLU E 193 39.70 14.57 55.41
CA GLU E 193 41.11 14.47 55.04
C GLU E 193 42.00 14.92 56.19
N ALA E 194 41.50 15.89 56.96
CA ALA E 194 42.26 16.50 58.05
C ALA E 194 42.35 15.61 59.28
N ALA E 195 41.23 14.98 59.62
CA ALA E 195 41.15 14.10 60.79
C ALA E 195 41.85 12.76 60.55
N ALA E 196 41.95 12.37 59.27
CA ALA E 196 42.68 11.18 58.88
C ALA E 196 44.18 11.44 58.92
N THR E 197 44.57 12.68 58.68
CA THR E 197 45.95 13.10 58.78
C THR E 197 46.41 13.13 60.24
N VAL E 198 45.50 13.49 61.14
CA VAL E 198 45.78 13.48 62.59
C VAL E 198 45.78 12.06 63.15
N LYS E 199 45.04 11.17 62.49
CA LYS E 199 44.98 9.77 62.88
C LYS E 199 46.35 9.11 62.64
N VAL E 200 46.90 9.34 61.45
CA VAL E 200 48.16 8.73 61.03
C VAL E 200 49.39 9.38 61.66
N MSE E 201 49.39 10.72 61.69
CA MSE E 201 50.58 11.52 62.04
C MSE E 201 50.64 11.99 63.47
O MSE E 201 51.73 12.24 63.99
CB MSE E 201 50.67 12.77 61.15
CG MSE E 201 50.88 12.44 59.67
SE MSE E 201 52.67 11.69 59.39
CE MSE E 201 53.77 13.32 59.64
N GLY E 202 49.48 12.16 64.10
CA GLY E 202 49.42 12.63 65.48
C GLY E 202 49.99 11.65 66.48
N GLY E 203 49.82 11.96 67.75
CA GLY E 203 50.45 11.19 68.83
C GLY E 203 49.76 9.90 69.20
N GLU E 204 48.55 9.69 68.69
CA GLU E 204 47.71 8.56 69.07
C GLU E 204 48.46 7.23 69.29
N ASP E 205 49.19 6.76 68.28
CA ASP E 205 49.84 5.45 68.33
C ASP E 205 51.07 5.40 69.21
N TRP E 206 51.82 6.49 69.25
CA TRP E 206 52.93 6.64 70.20
C TRP E 206 52.43 6.35 71.58
N GLU E 207 51.42 7.10 72.00
CA GLU E 207 50.77 6.93 73.30
C GLU E 207 50.41 5.45 73.55
N ARG E 208 49.76 4.85 72.57
CA ARG E 208 49.36 3.43 72.61
C ARG E 208 50.51 2.50 72.95
N TRP E 209 51.70 2.78 72.40
CA TRP E 209 52.90 1.99 72.67
C TRP E 209 53.33 2.08 74.09
N ILE E 210 53.23 3.28 74.67
CA ILE E 210 53.64 3.50 76.05
C ILE E 210 52.65 2.88 77.03
N LYS E 211 51.35 3.02 76.77
CA LYS E 211 50.31 2.37 77.58
C LYS E 211 50.62 0.88 77.74
N GLN E 212 50.85 0.22 76.61
CA GLN E 212 51.03 -1.22 76.51
C GLN E 212 52.38 -1.69 77.08
N LEU E 213 53.38 -0.81 77.01
CA LEU E 213 54.71 -1.12 77.57
C LEU E 213 54.77 -0.84 79.06
N SER E 214 54.02 0.16 79.50
CA SER E 214 53.92 0.54 80.91
C SER E 214 53.21 -0.55 81.72
N LYS E 215 52.10 -1.05 81.19
CA LYS E 215 51.29 -2.03 81.92
C LYS E 215 51.91 -3.43 81.97
N GLU E 216 52.87 -3.68 81.09
CA GLU E 216 53.69 -4.90 81.14
C GLU E 216 54.99 -4.63 81.91
N GLY E 217 55.09 -3.43 82.50
CA GLY E 217 56.22 -3.04 83.33
C GLY E 217 57.59 -3.11 82.67
N LEU E 218 57.63 -2.81 81.37
CA LEU E 218 58.88 -2.89 80.62
C LEU E 218 59.52 -1.52 80.39
N LEU E 219 59.35 -0.64 81.38
CA LEU E 219 59.97 0.67 81.38
C LEU E 219 60.77 0.91 82.65
N GLU E 220 61.95 1.51 82.50
CA GLU E 220 62.76 1.95 83.63
C GLU E 220 62.21 3.26 84.18
N GLU E 221 62.59 3.62 85.39
CA GLU E 221 62.21 4.92 85.97
C GLU E 221 62.90 6.04 85.22
N GLY E 222 62.17 7.12 84.98
CA GLY E 222 62.67 8.25 84.20
C GLY E 222 63.13 7.86 82.81
N CYS E 223 62.34 7.01 82.14
CA CYS E 223 62.64 6.59 80.77
C CYS E 223 62.31 7.73 79.81
N ILE E 224 63.24 8.01 78.90
CA ILE E 224 63.03 9.03 77.88
C ILE E 224 62.24 8.44 76.71
N THR E 225 61.25 9.19 76.25
CA THR E 225 60.50 8.82 75.06
C THR E 225 60.31 10.06 74.19
N LEU E 226 60.78 9.97 72.96
CA LEU E 226 60.69 11.12 72.07
C LEU E 226 60.15 10.73 70.70
N ALA E 227 59.46 11.67 70.08
CA ALA E 227 58.94 11.51 68.73
C ALA E 227 59.52 12.60 67.85
N TYR E 228 59.91 12.24 66.64
CA TYR E 228 60.47 13.21 65.70
C TYR E 228 59.40 13.99 64.95
N SER E 229 59.67 15.28 64.77
CA SER E 229 58.76 16.19 64.10
C SER E 229 59.56 17.25 63.37
N TYR E 230 58.85 18.15 62.69
CA TYR E 230 59.47 19.21 61.91
C TYR E 230 58.62 20.47 61.92
N ILE E 231 59.22 21.62 62.24
CA ILE E 231 58.53 22.92 62.21
C ILE E 231 58.70 23.62 60.85
N GLY E 232 59.94 23.72 60.39
CA GLY E 232 60.23 24.23 59.05
C GLY E 232 60.36 25.74 58.95
N PRO E 233 60.73 26.23 57.74
CA PRO E 233 60.90 27.65 57.45
C PRO E 233 59.55 28.35 57.32
N GLU E 234 59.56 29.68 57.36
CA GLU E 234 58.33 30.46 57.20
C GLU E 234 57.66 30.24 55.85
N ALA E 235 58.47 29.90 54.84
CA ALA E 235 58.02 29.61 53.48
C ALA E 235 57.02 28.45 53.40
N THR E 236 57.01 27.61 54.43
CA THR E 236 56.17 26.40 54.44
C THR E 236 55.21 26.32 55.63
N GLN E 237 55.12 27.41 56.39
CA GLN E 237 54.22 27.49 57.56
C GLN E 237 52.77 27.14 57.22
N ALA E 238 52.39 27.35 55.95
CA ALA E 238 51.04 27.08 55.47
C ALA E 238 50.74 25.57 55.44
N LEU E 239 51.80 24.76 55.40
CA LEU E 239 51.67 23.31 55.36
C LEU E 239 52.04 22.65 56.70
N TYR E 240 53.12 23.15 57.32
CA TYR E 240 53.69 22.52 58.51
C TYR E 240 53.34 23.18 59.85
N ARG E 241 52.78 24.38 59.80
CA ARG E 241 52.24 25.01 61.01
C ARG E 241 50.71 25.07 60.94
N LYS E 242 50.17 25.78 59.95
CA LYS E 242 48.73 25.97 59.79
C LYS E 242 48.04 24.84 59.02
N GLY E 243 48.82 24.13 58.19
CA GLY E 243 48.27 23.08 57.33
C GLY E 243 47.79 21.84 58.05
N THR E 244 47.47 20.81 57.27
CA THR E 244 46.94 19.56 57.80
C THR E 244 47.95 18.81 58.68
N ILE E 245 49.21 18.81 58.24
CA ILE E 245 50.33 18.19 58.96
C ILE E 245 50.67 18.95 60.24
N GLY E 246 50.52 20.27 60.19
CA GLY E 246 50.70 21.11 61.37
C GLY E 246 49.64 20.85 62.42
N LYS E 247 48.39 20.72 61.96
CA LYS E 247 47.26 20.39 62.83
C LYS E 247 47.44 19.00 63.47
N ALA E 248 48.21 18.13 62.82
CA ALA E 248 48.48 16.77 63.32
C ALA E 248 49.63 16.75 64.31
N LYS E 249 50.67 17.53 64.02
CA LYS E 249 51.85 17.67 64.89
C LYS E 249 51.49 18.29 66.25
N GLU E 250 50.49 19.17 66.26
CA GLU E 250 49.99 19.77 67.50
C GLU E 250 49.22 18.76 68.35
N HIS E 251 48.99 17.56 67.82
CA HIS E 251 48.41 16.47 68.58
C HIS E 251 49.52 15.65 69.21
N LEU E 252 50.63 15.52 68.49
CA LEU E 252 51.81 14.77 68.95
C LEU E 252 52.48 15.43 70.15
N GLU E 253 52.53 16.77 70.13
CA GLU E 253 53.07 17.52 71.27
C GLU E 253 52.02 17.79 72.34
N ALA E 254 50.75 17.60 71.98
CA ALA E 254 49.68 17.52 72.97
C ALA E 254 49.77 16.18 73.70
N THR E 255 50.17 15.14 72.96
CA THR E 255 50.35 13.80 73.51
C THR E 255 51.50 13.77 74.50
N ALA E 256 52.58 14.50 74.20
CA ALA E 256 53.73 14.58 75.08
C ALA E 256 53.37 15.04 76.49
N HIS E 257 52.76 16.23 76.59
CA HIS E 257 52.32 16.79 77.88
C HIS E 257 51.48 15.81 78.65
N ARG E 258 50.60 15.13 77.91
CA ARG E 258 49.67 14.13 78.45
C ARG E 258 50.41 12.89 78.95
N LEU E 259 51.46 12.49 78.24
CA LEU E 259 52.24 11.30 78.60
C LEU E 259 53.03 11.55 79.87
N ASN E 260 53.55 12.77 80.01
CA ASN E 260 54.28 13.16 81.21
C ASN E 260 53.36 13.23 82.42
N LYS E 261 52.19 13.82 82.23
CA LYS E 261 51.22 14.00 83.30
C LYS E 261 50.77 12.66 83.90
N GLU E 262 50.27 11.77 83.04
CA GLU E 262 49.70 10.49 83.48
C GLU E 262 50.76 9.45 83.89
N ASN E 263 52.01 9.71 83.53
CA ASN E 263 53.10 8.79 83.83
C ASN E 263 54.30 9.55 84.41
N PRO E 264 54.27 9.73 85.79
CA PRO E 264 55.29 10.60 86.43
C PRO E 264 56.66 9.95 86.65
N SER E 265 56.92 8.83 85.98
CA SER E 265 58.23 8.19 86.05
C SER E 265 58.82 7.91 84.67
N ILE E 266 58.36 8.69 83.68
CA ILE E 266 59.03 8.76 82.37
C ILE E 266 59.17 10.21 81.94
N ARG E 267 59.81 10.44 80.79
CA ARG E 267 59.99 11.78 80.24
C ARG E 267 59.69 11.82 78.74
N ALA E 268 58.62 12.53 78.37
CA ALA E 268 58.19 12.60 76.97
C ALA E 268 58.56 13.93 76.33
N PHE E 269 59.08 13.86 75.10
CA PHE E 269 59.42 15.05 74.34
C PHE E 269 59.05 14.80 72.89
N VAL E 270 58.84 15.87 72.14
CA VAL E 270 58.95 15.77 70.68
C VAL E 270 60.21 16.54 70.27
N SER E 271 61.05 15.89 69.47
CA SER E 271 62.27 16.51 68.98
C SER E 271 62.05 17.07 67.58
N VAL E 272 62.20 18.38 67.45
CA VAL E 272 62.09 19.02 66.14
C VAL E 272 63.45 18.95 65.49
N ASN E 273 63.52 18.28 64.33
CA ASN E 273 64.78 18.05 63.67
C ASN E 273 64.94 18.94 62.44
N LYS E 274 66.10 18.81 61.80
CA LYS E 274 66.39 19.48 60.54
C LYS E 274 65.58 18.83 59.41
N GLY E 275 65.22 19.61 58.40
CA GLY E 275 64.55 19.07 57.22
C GLY E 275 65.54 18.40 56.30
N LEU E 276 65.14 17.27 55.70
CA LEU E 276 66.01 16.55 54.76
C LEU E 276 65.24 15.69 53.77
N VAL E 277 65.82 15.55 52.57
CA VAL E 277 65.22 14.85 51.44
C VAL E 277 64.52 13.55 51.88
N THR E 278 63.26 13.42 51.47
CA THR E 278 62.46 12.23 51.78
C THR E 278 61.69 11.72 50.55
N ARG E 279 60.96 10.61 50.72
CA ARG E 279 60.07 10.04 49.70
C ARG E 279 59.06 11.08 49.19
N ALA E 280 58.46 11.79 50.14
CA ALA E 280 57.37 12.73 49.87
C ALA E 280 57.86 14.07 49.35
N SER E 281 59.17 14.29 49.36
CA SER E 281 59.75 15.58 48.97
C SER E 281 59.36 16.01 47.56
N ALA E 282 59.49 15.10 46.60
CA ALA E 282 59.21 15.37 45.19
C ALA E 282 57.81 15.98 44.91
N VAL E 283 56.80 15.51 45.63
CA VAL E 283 55.41 15.92 45.38
C VAL E 283 54.98 17.17 46.16
N ILE E 284 55.86 17.64 47.06
CA ILE E 284 55.50 18.71 47.99
C ILE E 284 56.08 20.07 47.58
N PRO E 285 55.21 21.11 47.48
CA PRO E 285 55.60 22.43 46.97
C PRO E 285 56.60 23.17 47.86
N VAL E 286 57.68 23.68 47.24
CA VAL E 286 58.65 24.59 47.88
C VAL E 286 59.73 23.88 48.77
N ILE E 287 59.38 22.62 49.14
CA ILE E 287 60.34 21.89 50.01
C ILE E 287 61.61 21.52 49.25
N PRO E 288 61.47 21.04 47.98
CA PRO E 288 62.64 20.66 47.18
C PRO E 288 63.51 21.85 46.78
N LEU E 289 62.85 22.96 46.44
CA LEU E 289 63.54 24.21 46.15
C LEU E 289 64.21 24.78 47.39
N TYR E 290 63.51 24.74 48.52
CA TYR E 290 64.03 25.22 49.80
C TYR E 290 65.21 24.38 50.29
N LEU E 291 65.00 23.06 50.38
CA LEU E 291 66.06 22.14 50.79
C LEU E 291 67.35 22.30 49.99
N ALA E 292 67.24 22.41 48.66
CA ALA E 292 68.42 22.56 47.80
C ALA E 292 69.16 23.89 48.03
N SER E 293 68.45 24.88 48.57
CA SER E 293 69.05 26.17 48.92
C SER E 293 69.65 26.15 50.32
N LEU E 294 68.98 25.47 51.24
CA LEU E 294 69.47 25.28 52.60
C LEU E 294 70.84 24.60 52.57
N PHE E 295 70.94 23.52 51.81
CA PHE E 295 72.18 22.75 51.69
C PHE E 295 73.33 23.62 51.22
N LYS E 296 73.09 24.41 50.18
CA LYS E 296 74.09 25.33 49.62
C LYS E 296 74.59 26.32 50.68
N VAL E 297 73.64 26.94 51.38
CA VAL E 297 73.94 27.95 52.40
C VAL E 297 74.64 27.36 53.62
N MSE E 298 74.18 26.20 54.07
CA MSE E 298 74.68 25.59 55.30
C MSE E 298 75.98 24.88 55.11
O MSE E 298 76.78 24.77 56.05
CB MSE E 298 73.62 24.64 55.86
CG MSE E 298 72.51 25.47 56.50
SE MSE E 298 71.35 24.25 57.53
CE MSE E 298 72.22 24.50 59.29
N LYS E 299 76.22 24.36 53.90
CA LYS E 299 77.54 23.81 53.55
C LYS E 299 78.59 24.91 53.51
N GLU E 300 78.19 26.09 53.03
CA GLU E 300 79.07 27.25 52.96
C GLU E 300 79.52 27.70 54.35
N LYS E 301 78.61 27.61 55.31
CA LYS E 301 78.88 28.05 56.69
C LYS E 301 79.50 26.93 57.53
N GLY E 302 79.53 25.73 56.96
CA GLY E 302 80.10 24.56 57.65
C GLY E 302 79.29 24.15 58.86
N ASN E 303 77.97 24.20 58.75
CA ASN E 303 77.08 23.70 59.79
C ASN E 303 75.99 22.79 59.24
N HIS E 304 76.13 22.41 57.98
CA HIS E 304 75.24 21.45 57.34
C HIS E 304 75.51 20.09 57.91
N GLU E 305 74.44 19.45 58.37
CA GLU E 305 74.54 18.10 58.92
C GLU E 305 73.45 17.18 58.36
N GLY E 306 73.80 15.90 58.23
CA GLY E 306 72.87 14.87 57.76
C GLY E 306 72.22 14.16 58.92
N CYS E 307 71.62 13.02 58.63
CA CYS E 307 70.86 12.25 59.62
C CYS E 307 71.68 11.88 60.84
N ILE E 308 72.81 11.21 60.62
CA ILE E 308 73.64 10.71 61.71
C ILE E 308 74.20 11.86 62.56
N GLU E 309 74.59 12.94 61.89
CA GLU E 309 75.13 14.12 62.56
C GLU E 309 74.06 14.82 63.38
N GLN E 310 72.82 14.79 62.89
CA GLN E 310 71.68 15.27 63.65
C GLN E 310 71.54 14.52 64.95
N ILE E 311 71.31 13.21 64.83
CA ILE E 311 70.98 12.36 65.97
C ILE E 311 72.14 12.12 66.95
N THR E 312 73.38 12.13 66.48
CA THR E 312 74.52 12.00 67.39
C THR E 312 74.55 13.20 68.32
N ARG E 313 74.19 14.36 67.78
CA ARG E 313 74.10 15.59 68.56
C ARG E 313 72.92 15.53 69.53
N LEU E 314 71.89 14.81 69.13
CA LEU E 314 70.69 14.64 69.96
C LEU E 314 71.02 13.85 71.22
N TYR E 315 71.90 12.87 71.09
CA TYR E 315 72.27 12.03 72.22
C TYR E 315 73.32 12.71 73.08
N ALA E 316 74.30 13.32 72.42
CA ALA E 316 75.47 13.86 73.10
C ALA E 316 75.23 15.19 73.78
N GLU E 317 74.20 15.92 73.34
CA GLU E 317 74.03 17.31 73.77
C GLU E 317 72.62 17.67 74.24
N ARG E 318 71.70 16.72 74.18
CA ARG E 318 70.35 16.95 74.68
C ARG E 318 69.85 15.84 75.60
N LEU E 319 70.09 14.58 75.22
CA LEU E 319 69.62 13.45 76.02
C LEU E 319 70.62 13.07 77.11
N TYR E 320 71.84 12.75 76.71
CA TYR E 320 72.84 12.24 77.64
C TYR E 320 74.01 13.20 77.80
N ARG E 321 73.65 14.43 78.16
CA ARG E 321 74.61 15.46 78.53
C ARG E 321 74.95 15.33 80.03
N LYS E 322 76.01 16.04 80.43
CA LYS E 322 76.57 15.91 81.78
C LYS E 322 75.76 16.67 82.83
N ASP E 323 75.15 17.78 82.43
CA ASP E 323 74.22 18.51 83.30
C ASP E 323 73.14 17.58 83.83
N GLY E 324 72.79 16.58 83.02
CA GLY E 324 71.67 15.69 83.30
C GLY E 324 70.34 16.35 83.00
N THR E 325 70.37 17.43 82.22
CA THR E 325 69.16 18.15 81.84
C THR E 325 68.77 17.84 80.41
N ILE E 326 67.64 18.41 79.96
CA ILE E 326 67.22 18.34 78.57
C ILE E 326 66.69 19.71 78.13
N PRO E 327 67.52 20.51 77.44
CA PRO E 327 67.14 21.88 77.06
C PRO E 327 66.00 21.90 76.04
N VAL E 328 64.80 22.18 76.52
CA VAL E 328 63.64 22.30 75.65
C VAL E 328 63.39 23.77 75.35
N ASP E 329 62.53 24.05 74.38
CA ASP E 329 62.08 25.43 74.14
C ASP E 329 60.95 25.81 75.11
N GLU E 330 60.22 26.88 74.79
CA GLU E 330 59.10 27.35 75.61
C GLU E 330 57.98 26.33 75.67
N GLU E 331 57.52 25.86 74.51
CA GLU E 331 56.45 24.86 74.43
C GLU E 331 56.96 23.43 74.67
N ASN E 332 58.13 23.36 75.32
CA ASN E 332 58.71 22.12 75.91
C ASN E 332 59.25 21.02 74.98
N ARG E 333 59.74 21.44 73.81
CA ARG E 333 60.25 20.51 72.80
C ARG E 333 61.77 20.57 72.72
N ILE E 334 62.38 19.44 72.35
CA ILE E 334 63.80 19.40 72.02
C ILE E 334 63.96 20.06 70.64
N ARG E 335 64.96 20.93 70.51
CA ARG E 335 65.15 21.68 69.25
C ARG E 335 66.53 21.46 68.64
N ILE E 336 66.64 20.47 67.77
CA ILE E 336 67.89 20.13 67.08
C ILE E 336 68.00 20.95 65.78
N ASP E 337 66.95 21.71 65.48
CA ASP E 337 66.88 22.49 64.23
C ASP E 337 67.36 23.94 64.41
N ASP E 338 67.87 24.26 65.58
CA ASP E 338 68.27 25.62 65.94
C ASP E 338 69.29 26.25 64.97
N TRP E 339 70.12 25.40 64.35
CA TRP E 339 71.11 25.83 63.35
C TRP E 339 70.45 26.21 62.05
N GLU E 340 69.31 25.58 61.76
CA GLU E 340 68.57 25.83 60.53
C GLU E 340 67.69 27.08 60.66
N LEU E 341 67.15 27.31 61.86
CA LEU E 341 66.20 28.38 62.05
C LEU E 341 66.80 29.69 62.57
N GLU E 342 68.14 29.78 62.56
CA GLU E 342 68.81 31.04 62.88
C GLU E 342 68.64 32.00 61.71
N GLU E 343 68.32 33.25 62.03
CA GLU E 343 67.82 34.20 61.04
C GLU E 343 68.76 34.60 59.91
N ASP E 344 70.07 34.46 60.12
CA ASP E 344 71.03 34.81 59.07
C ASP E 344 71.05 33.75 57.97
N VAL E 345 70.92 32.48 58.37
CA VAL E 345 70.81 31.37 57.42
C VAL E 345 69.45 31.40 56.70
N GLN E 346 68.39 31.62 57.47
CA GLN E 346 67.03 31.71 56.94
C GLN E 346 66.78 32.92 56.03
N LYS E 347 67.56 33.99 56.23
CA LYS E 347 67.49 35.16 55.36
C LYS E 347 68.18 34.87 54.04
N ALA E 348 69.37 34.27 54.12
CA ALA E 348 70.17 33.96 52.93
C ALA E 348 69.43 33.02 51.98
N VAL E 349 68.62 32.12 52.54
CA VAL E 349 67.84 31.17 51.76
C VAL E 349 66.65 31.86 51.07
N SER E 350 65.94 32.72 51.80
CA SER E 350 64.84 33.52 51.24
C SER E 350 65.31 34.35 50.05
N ALA E 351 66.44 35.05 50.23
CA ALA E 351 67.07 35.79 49.15
C ALA E 351 67.35 34.86 47.96
N LEU E 352 68.01 33.74 48.23
CA LEU E 352 68.42 32.77 47.20
C LEU E 352 67.26 32.10 46.45
N MSE E 353 66.11 31.98 47.11
CA MSE E 353 64.93 31.37 46.50
C MSE E 353 64.24 32.32 45.54
O MSE E 353 63.84 31.93 44.43
CB MSE E 353 63.94 30.97 47.58
CG MSE E 353 64.14 29.51 48.03
SE MSE E 353 62.92 29.17 49.56
CE MSE E 353 61.18 29.59 48.66
N GLU E 354 64.12 33.59 45.94
CA GLU E 354 63.44 34.62 45.14
C GLU E 354 64.10 34.86 43.78
N LYS E 355 65.36 34.47 43.65
CA LYS E 355 66.11 34.74 42.42
C LYS E 355 66.79 33.50 41.82
N VAL E 356 66.10 32.36 41.84
CA VAL E 356 66.64 31.12 41.27
C VAL E 356 65.82 30.62 40.06
N THR E 357 66.31 30.96 38.87
CA THR E 357 65.67 30.61 37.61
C THR E 357 66.02 29.19 37.15
N GLY E 358 65.65 28.85 35.92
CA GLY E 358 65.77 27.50 35.39
C GLY E 358 67.17 27.00 35.09
N GLU E 359 68.07 27.90 34.70
CA GLU E 359 69.43 27.51 34.33
C GLU E 359 70.47 27.76 35.41
N ASN E 360 70.22 28.78 36.25
CA ASN E 360 71.13 29.12 37.33
C ASN E 360 71.06 28.16 38.53
N ALA E 361 70.01 27.33 38.57
CA ALA E 361 69.75 26.41 39.68
C ALA E 361 70.92 25.47 39.98
N GLU E 362 71.39 24.73 38.98
CA GLU E 362 72.56 23.86 39.14
C GLU E 362 73.83 24.64 39.47
N SER E 363 73.73 25.96 39.48
CA SER E 363 74.90 26.81 39.65
C SER E 363 74.94 27.51 41.01
N LEU E 364 73.80 27.96 41.50
CA LEU E 364 73.78 28.74 42.74
C LEU E 364 72.89 28.15 43.85
N THR E 365 72.44 26.91 43.64
CA THR E 365 71.84 26.11 44.71
C THR E 365 72.54 24.75 44.73
N ASP E 366 72.33 23.97 45.78
CA ASP E 366 72.98 22.67 45.90
C ASP E 366 72.10 21.53 45.44
N LEU E 367 72.10 21.30 44.12
CA LEU E 367 71.40 20.18 43.53
C LEU E 367 72.19 18.89 43.64
N ALA E 368 73.51 19.00 43.48
CA ALA E 368 74.40 17.84 43.56
C ALA E 368 74.33 17.20 44.94
N GLY E 369 74.06 18.03 45.95
CA GLY E 369 73.83 17.57 47.32
C GLY E 369 72.46 16.95 47.47
N TYR E 370 71.45 17.58 46.88
CA TYR E 370 70.10 17.04 46.85
C TYR E 370 70.09 15.71 46.11
N ARG E 371 70.76 15.66 44.95
CA ARG E 371 70.86 14.44 44.16
C ARG E 371 71.46 13.31 44.97
N HIS E 372 72.59 13.60 45.63
CA HIS E 372 73.31 12.63 46.43
C HIS E 372 72.49 12.07 47.56
N ASP E 373 71.92 12.94 48.41
CA ASP E 373 71.04 12.51 49.51
C ASP E 373 69.88 11.66 49.03
N PHE E 374 69.30 12.05 47.90
CA PHE E 374 68.18 11.34 47.29
C PHE E 374 68.54 9.91 46.89
N LEU E 375 69.59 9.77 46.08
CA LEU E 375 70.08 8.47 45.63
C LEU E 375 70.67 7.62 46.77
N ALA E 376 71.22 8.30 47.77
CA ALA E 376 71.88 7.65 48.91
C ALA E 376 70.90 6.86 49.76
N SER E 377 69.73 7.44 49.99
CA SER E 377 68.64 6.80 50.74
C SER E 377 68.34 5.39 50.23
N ASN E 378 68.69 5.14 48.97
CA ASN E 378 68.47 3.84 48.33
C ASN E 378 69.76 3.07 48.00
N GLY E 379 70.91 3.60 48.42
CA GLY E 379 72.19 2.91 48.23
C GLY E 379 72.90 3.20 46.92
N PHE E 380 72.41 4.20 46.19
CA PHE E 380 73.07 4.67 44.98
C PHE E 380 73.92 5.89 45.28
N ASP E 381 75.03 6.04 44.55
CA ASP E 381 75.88 7.23 44.65
C ASP E 381 76.64 7.29 45.98
N VAL E 382 76.68 6.16 46.69
CA VAL E 382 77.37 6.06 47.97
C VAL E 382 78.88 5.93 47.71
N GLU E 383 79.68 6.71 48.43
CA GLU E 383 81.13 6.75 48.19
C GLU E 383 81.82 5.41 48.47
N GLY E 384 82.71 5.02 47.57
CA GLY E 384 83.45 3.77 47.70
C GLY E 384 82.99 2.64 46.78
N ILE E 385 81.70 2.61 46.48
CA ILE E 385 81.08 1.51 45.73
C ILE E 385 81.36 1.60 44.22
N ASN E 386 81.53 0.44 43.60
CA ASN E 386 81.64 0.33 42.14
C ASN E 386 80.27 -0.03 41.55
N TYR E 387 79.68 0.89 40.80
CA TYR E 387 78.31 0.71 40.29
C TYR E 387 78.20 0.04 38.90
N GLU E 388 79.34 -0.21 38.26
CA GLU E 388 79.38 -1.05 37.07
C GLU E 388 79.65 -2.51 37.46
N ALA E 389 79.94 -2.72 38.75
CA ALA E 389 80.22 -4.05 39.28
C ALA E 389 78.95 -4.88 39.44
N GLU E 390 79.10 -6.19 39.34
CA GLU E 390 77.98 -7.12 39.39
C GLU E 390 77.33 -7.19 40.77
N VAL E 391 76.07 -7.62 40.78
CA VAL E 391 75.33 -7.88 42.01
C VAL E 391 74.67 -9.25 41.84
N GLU E 392 75.14 -10.22 42.64
CA GLU E 392 74.73 -11.62 42.51
C GLU E 392 73.22 -11.82 42.73
N ARG E 393 72.76 -11.61 43.96
CA ARG E 393 71.38 -11.80 44.34
C ARG E 393 70.85 -10.54 45.03
N PHE E 394 69.54 -10.43 45.13
CA PHE E 394 68.92 -9.33 45.86
C PHE E 394 68.33 -9.81 47.19
N ASP E 395 68.77 -10.97 47.66
CA ASP E 395 68.25 -11.52 48.91
C ASP E 395 69.27 -11.48 50.06
N ARG E 396 70.54 -11.30 49.71
CA ARG E 396 71.60 -11.24 50.72
C ARG E 396 72.69 -10.18 50.46
N ILE E 397 73.67 -10.11 51.37
CA ILE E 397 74.80 -9.19 51.27
C ILE E 397 76.11 -9.84 51.72
N MSE F 1 19.40 11.41 48.25
CA MSE F 1 19.98 10.57 49.33
C MSE F 1 19.37 9.20 49.34
O MSE F 1 18.24 9.01 48.91
CB MSE F 1 19.81 11.26 50.68
CG MSE F 1 18.35 11.60 51.00
SE MSE F 1 18.13 11.80 52.97
CE MSE F 1 18.50 9.90 53.53
N ILE F 2 20.14 8.23 49.84
CA ILE F 2 19.70 6.83 49.89
C ILE F 2 18.83 6.56 51.11
N VAL F 3 17.52 6.48 50.88
CA VAL F 3 16.54 6.19 51.92
C VAL F 3 16.31 4.68 52.01
N LYS F 4 16.50 4.12 53.21
CA LYS F 4 16.18 2.71 53.46
C LYS F 4 15.39 2.53 54.76
N PRO F 5 14.62 1.42 54.88
CA PRO F 5 13.68 1.25 56.00
C PRO F 5 14.33 1.40 57.38
N MSE F 6 13.86 2.39 58.14
CA MSE F 6 14.30 2.63 59.50
C MSE F 6 13.35 1.91 60.42
O MSE F 6 12.24 2.38 60.67
CB MSE F 6 14.23 4.14 59.72
CG MSE F 6 15.32 4.69 60.69
SE MSE F 6 14.79 6.53 61.21
CE MSE F 6 15.39 7.47 59.58
N VAL F 7 13.78 0.74 60.91
CA VAL F 7 12.93 -0.10 61.75
C VAL F 7 13.44 -0.12 63.19
N ARG F 8 12.58 0.33 64.11
CA ARG F 8 12.95 0.42 65.53
C ARG F 8 11.78 -0.05 66.40
N ASN F 9 12.02 -1.12 67.17
CA ASN F 9 11.00 -1.69 68.06
C ASN F 9 9.83 -2.34 67.30
N ASN F 10 10.15 -2.92 66.13
CA ASN F 10 9.16 -3.45 65.18
C ASN F 10 8.22 -2.38 64.61
N ILE F 11 8.72 -1.15 64.54
CA ILE F 11 7.99 0.00 63.97
C ILE F 11 8.85 0.62 62.87
N CYS F 12 8.17 1.13 61.84
CA CYS F 12 8.87 1.80 60.74
C CYS F 12 8.67 3.31 60.83
N LEU F 13 9.76 4.02 61.13
CA LEU F 13 9.71 5.48 61.25
C LEU F 13 9.58 6.20 59.91
N ASN F 14 10.50 5.93 59.00
CA ASN F 14 10.56 6.68 57.73
C ASN F 14 9.65 6.15 56.64
N ALA F 15 9.50 6.97 55.59
CA ALA F 15 8.75 6.62 54.39
C ALA F 15 9.59 6.86 53.13
N HIS F 16 9.15 6.31 52.00
CA HIS F 16 9.82 6.50 50.72
C HIS F 16 8.81 7.06 49.76
N PRO F 17 8.94 8.35 49.41
CA PRO F 17 7.91 9.02 48.62
C PRO F 17 7.58 8.31 47.31
N GLN F 18 8.59 7.97 46.52
CA GLN F 18 8.37 7.30 45.23
C GLN F 18 7.75 5.90 45.34
N GLY F 19 8.11 5.18 46.40
CA GLY F 19 7.56 3.85 46.68
C GLY F 19 6.09 3.87 47.08
N CYS F 20 5.69 4.88 47.84
CA CYS F 20 4.29 5.09 48.22
C CYS F 20 3.45 5.42 47.01
N LYS F 21 4.01 6.21 46.10
CA LYS F 21 3.33 6.62 44.87
C LYS F 21 3.07 5.40 44.00
N LYS F 22 4.10 4.58 43.82
CA LYS F 22 4.02 3.36 43.02
C LYS F 22 2.94 2.43 43.59
N GLY F 23 2.99 2.23 44.90
CA GLY F 23 1.99 1.42 45.61
C GLY F 23 0.57 1.86 45.34
N VAL F 24 0.37 3.17 45.23
CA VAL F 24 -0.94 3.73 44.88
C VAL F 24 -1.29 3.36 43.44
N GLU F 25 -0.33 3.49 42.54
CA GLU F 25 -0.56 3.20 41.12
C GLU F 25 -0.79 1.71 40.87
N ASP F 26 -0.09 0.88 41.64
CA ASP F 26 -0.26 -0.58 41.61
C ASP F 26 -1.66 -1.02 42.05
N GLN F 27 -2.29 -0.21 42.91
CA GLN F 27 -3.67 -0.42 43.31
C GLN F 27 -4.63 0.08 42.23
N ILE F 28 -4.37 1.27 41.69
CA ILE F 28 -5.15 1.77 40.57
C ILE F 28 -5.11 0.79 39.40
N GLU F 29 -3.91 0.32 39.05
CA GLU F 29 -3.72 -0.67 37.99
C GLU F 29 -4.62 -1.88 38.20
N TYR F 30 -4.60 -2.39 39.43
CA TYR F 30 -5.44 -3.52 39.81
C TYR F 30 -6.92 -3.18 39.66
N THR F 31 -7.33 -2.05 40.24
CA THR F 31 -8.73 -1.64 40.23
C THR F 31 -9.32 -1.65 38.83
N LYS F 32 -8.65 -0.99 37.90
CA LYS F 32 -9.13 -0.91 36.51
C LYS F 32 -9.25 -2.28 35.84
N LYS F 33 -8.41 -3.23 36.27
CA LYS F 33 -8.42 -4.60 35.75
C LYS F 33 -9.58 -5.40 36.36
N ARG F 34 -9.77 -5.24 37.66
CA ARG F 34 -10.80 -5.95 38.41
C ARG F 34 -12.22 -5.42 38.17
N ILE F 35 -12.39 -4.10 38.23
CA ILE F 35 -13.71 -3.48 38.02
C ILE F 35 -13.88 -3.05 36.57
N THR F 36 -14.40 -3.96 35.76
CA THR F 36 -14.62 -3.73 34.35
C THR F 36 -16.09 -3.48 34.06
N ALA F 37 -16.37 -2.88 32.91
CA ALA F 37 -17.74 -2.65 32.45
C ALA F 37 -18.56 -3.94 32.47
N GLU F 38 -17.89 -5.07 32.22
CA GLU F 38 -18.51 -6.39 32.36
C GLU F 38 -19.05 -6.54 33.80
N VAL F 39 -18.20 -6.22 34.78
CA VAL F 39 -18.55 -6.31 36.20
C VAL F 39 -19.45 -5.16 36.69
N LYS F 40 -19.14 -3.91 36.32
CA LYS F 40 -19.90 -2.78 36.80
C LYS F 40 -21.00 -2.39 35.80
N ALA F 41 -21.69 -3.39 35.22
CA ALA F 41 -22.65 -3.15 34.13
C ALA F 41 -24.09 -2.89 34.63
N GLY F 42 -24.68 -3.94 35.22
CA GLY F 42 -26.15 -3.87 35.52
C GLY F 42 -26.52 -3.35 36.90
N ALA F 43 -25.54 -2.79 37.62
CA ALA F 43 -25.76 -2.33 38.99
C ALA F 43 -25.49 -0.84 39.14
N LYS F 44 -26.05 -0.25 40.18
CA LYS F 44 -25.83 1.16 40.47
C LYS F 44 -24.38 1.39 40.87
N ALA F 45 -23.92 2.63 40.74
CA ALA F 45 -22.56 3.00 41.08
C ALA F 45 -22.58 4.19 42.03
N PRO F 46 -21.52 4.35 42.85
CA PRO F 46 -21.40 5.57 43.63
C PRO F 46 -20.97 6.74 42.75
N LYS F 47 -21.48 7.94 43.02
CA LYS F 47 -21.09 9.12 42.23
C LYS F 47 -20.34 10.14 43.08
N ASN F 48 -20.80 10.32 44.32
CA ASN F 48 -20.09 11.12 45.31
C ASN F 48 -19.91 10.32 46.59
N VAL F 49 -18.67 10.24 47.05
CA VAL F 49 -18.32 9.41 48.21
C VAL F 49 -17.38 10.12 49.19
N LEU F 50 -17.57 9.83 50.48
CA LEU F 50 -16.76 10.38 51.55
C LEU F 50 -15.95 9.28 52.26
N VAL F 51 -14.63 9.45 52.26
CA VAL F 51 -13.74 8.48 52.88
C VAL F 51 -13.03 9.10 54.07
N LEU F 52 -13.20 8.48 55.22
CA LEU F 52 -12.61 8.97 56.45
C LEU F 52 -11.53 8.00 56.89
N GLY F 53 -10.30 8.48 56.90
CA GLY F 53 -9.12 7.63 57.10
C GLY F 53 -8.67 7.07 55.77
N CYS F 54 -8.42 7.98 54.83
CA CYS F 54 -8.20 7.64 53.43
C CYS F 54 -6.73 7.59 53.03
N SER F 55 -5.85 7.85 53.99
CA SER F 55 -4.41 7.97 53.71
C SER F 55 -3.74 6.62 53.46
N ASN F 56 -4.08 5.60 54.25
CA ASN F 56 -3.58 4.24 53.99
C ASN F 56 -4.57 3.15 54.41
N GLY F 57 -4.10 1.91 54.46
CA GLY F 57 -4.96 0.76 54.78
C GLY F 57 -6.20 0.69 53.92
N TYR F 58 -7.29 0.18 54.50
CA TYR F 58 -8.57 -0.04 53.80
C TYR F 58 -9.24 1.20 53.24
N GLY F 59 -9.11 2.33 53.94
CA GLY F 59 -9.71 3.58 53.49
C GLY F 59 -9.16 4.04 52.15
N LEU F 60 -7.85 3.94 51.99
CA LEU F 60 -7.20 4.28 50.72
C LEU F 60 -7.76 3.38 49.61
N ALA F 61 -7.86 2.08 49.90
CA ALA F 61 -8.47 1.12 49.01
C ALA F 61 -9.91 1.49 48.66
N SER F 62 -10.63 2.02 49.64
CA SER F 62 -12.02 2.45 49.47
C SER F 62 -12.15 3.61 48.49
N ARG F 63 -11.20 4.53 48.57
CA ARG F 63 -11.20 5.72 47.73
C ARG F 63 -10.80 5.37 46.30
N ILE F 64 -9.79 4.51 46.17
CA ILE F 64 -9.26 4.10 44.86
C ILE F 64 -10.33 3.43 43.99
N THR F 65 -11.01 2.40 44.51
CA THR F 65 -12.02 1.69 43.72
C THR F 65 -13.22 2.57 43.41
N ALA F 66 -13.51 3.55 44.27
CA ALA F 66 -14.60 4.49 44.05
C ALA F 66 -14.23 5.44 42.91
N ALA F 67 -13.00 5.93 42.95
CA ALA F 67 -12.51 6.92 42.02
C ALA F 67 -12.31 6.37 40.62
N PHE F 68 -11.55 5.29 40.52
CA PHE F 68 -11.09 4.78 39.24
C PHE F 68 -11.93 3.61 38.74
N GLY F 69 -12.48 2.86 39.69
CA GLY F 69 -13.33 1.72 39.37
C GLY F 69 -14.71 2.12 38.90
N TYR F 70 -15.30 3.11 39.56
CA TYR F 70 -16.64 3.53 39.21
C TYR F 70 -16.72 4.96 38.66
N GLY F 71 -15.60 5.68 38.68
CA GLY F 71 -15.55 7.05 38.19
C GLY F 71 -16.32 8.01 39.07
N ALA F 72 -16.09 7.94 40.39
CA ALA F 72 -16.85 8.73 41.35
C ALA F 72 -16.03 9.86 41.94
N ALA F 73 -16.69 11.01 42.14
CA ALA F 73 -16.10 12.13 42.86
C ALA F 73 -15.87 11.68 44.28
N THR F 74 -14.75 12.08 44.87
CA THR F 74 -14.38 11.67 46.23
C THR F 74 -13.84 12.81 47.09
N ILE F 75 -14.15 12.76 48.37
CA ILE F 75 -13.52 13.61 49.38
C ILE F 75 -12.94 12.72 50.47
N GLY F 76 -11.74 13.03 50.91
CA GLY F 76 -11.07 12.26 51.95
C GLY F 76 -10.76 13.07 53.18
N VAL F 77 -10.57 12.39 54.31
CA VAL F 77 -10.14 13.05 55.54
C VAL F 77 -9.04 12.24 56.20
N SER F 78 -7.90 12.86 56.43
CA SER F 78 -6.73 12.18 56.98
C SER F 78 -5.85 13.12 57.78
N PHE F 79 -5.36 12.63 58.93
CA PHE F 79 -4.43 13.39 59.76
C PHE F 79 -3.00 13.07 59.34
N GLU F 80 -2.38 14.01 58.63
CA GLU F 80 -1.05 13.77 58.07
C GLU F 80 -0.04 14.86 58.41
N LYS F 81 1.12 14.44 58.90
CA LYS F 81 2.25 15.35 59.06
C LYS F 81 3.00 15.42 57.74
N ALA F 82 2.84 16.54 57.05
CA ALA F 82 3.46 16.76 55.74
C ALA F 82 4.97 16.75 55.84
N GLY F 83 5.63 16.24 54.80
CA GLY F 83 7.08 16.21 54.76
C GLY F 83 7.67 17.50 54.23
N SER F 84 8.65 18.04 54.95
CA SER F 84 9.39 19.21 54.48
C SER F 84 10.43 18.75 53.45
N GLU F 85 11.42 19.61 53.16
CA GLU F 85 12.44 19.25 52.18
C GLU F 85 13.47 18.30 52.76
N THR F 86 13.73 18.43 54.06
CA THR F 86 14.76 17.64 54.73
C THR F 86 14.16 16.57 55.65
N LYS F 87 12.91 16.75 56.03
CA LYS F 87 12.21 15.84 56.94
C LYS F 87 11.09 15.11 56.19
N TYR F 88 11.12 13.78 56.29
CA TYR F 88 10.10 12.91 55.67
C TYR F 88 8.76 13.03 56.38
N GLY F 89 7.67 12.88 55.61
CA GLY F 89 6.34 12.91 56.17
C GLY F 89 5.89 11.53 56.63
N THR F 90 4.59 11.40 56.84
CA THR F 90 4.01 10.09 57.10
C THR F 90 3.58 9.48 55.76
N PRO F 91 3.66 8.13 55.64
CA PRO F 91 3.29 7.43 54.41
C PRO F 91 1.93 7.86 53.86
N GLY F 92 0.97 8.14 54.74
CA GLY F 92 -0.32 8.67 54.35
C GLY F 92 -0.23 9.97 53.56
N TRP F 93 0.65 10.88 53.97
CA TRP F 93 0.82 12.17 53.29
C TRP F 93 1.19 11.96 51.86
N TYR F 94 2.14 11.05 51.61
CA TYR F 94 2.58 10.73 50.26
C TYR F 94 1.49 10.05 49.41
N ASN F 95 0.65 9.25 50.06
CA ASN F 95 -0.48 8.61 49.41
C ASN F 95 -1.54 9.61 48.93
N ASN F 96 -1.75 10.67 49.73
CA ASN F 96 -2.68 11.75 49.38
C ASN F 96 -2.21 12.57 48.19
N LEU F 97 -0.89 12.68 48.04
CA LEU F 97 -0.28 13.35 46.90
C LEU F 97 -0.37 12.46 45.66
N ALA F 98 -0.04 11.19 45.83
CA ALA F 98 -0.11 10.20 44.75
C ALA F 98 -1.54 10.08 44.17
N PHE F 99 -2.55 10.12 45.03
CA PHE F 99 -3.95 10.00 44.63
C PHE F 99 -4.52 11.27 43.99
N ASP F 100 -4.23 12.44 44.56
CA ASP F 100 -4.75 13.72 44.03
C ASP F 100 -4.19 14.03 42.65
N GLU F 101 -2.90 13.73 42.45
CA GLU F 101 -2.25 13.89 41.16
C GLU F 101 -2.84 12.92 40.14
N ALA F 102 -2.88 11.63 40.49
CA ALA F 102 -3.43 10.58 39.63
C ALA F 102 -4.91 10.76 39.33
N ALA F 103 -5.67 11.32 40.28
CA ALA F 103 -7.09 11.61 40.09
C ALA F 103 -7.31 12.80 39.15
N LYS F 104 -6.36 13.74 39.15
CA LYS F 104 -6.42 14.88 38.24
C LYS F 104 -6.14 14.48 36.80
N ARG F 105 -5.28 13.47 36.61
CA ARG F 105 -4.97 12.96 35.27
C ARG F 105 -6.15 12.26 34.61
N GLU F 106 -6.91 11.52 35.40
CA GLU F 106 -8.13 10.87 34.91
C GLU F 106 -9.21 11.91 34.61
N GLY F 107 -9.14 13.04 35.30
CA GLY F 107 -10.08 14.14 35.11
C GLY F 107 -11.08 14.22 36.25
N LEU F 108 -10.88 13.37 37.25
CA LEU F 108 -11.81 13.22 38.37
C LEU F 108 -11.62 14.26 39.45
N TYR F 109 -12.74 14.70 40.02
CA TYR F 109 -12.75 15.61 41.15
C TYR F 109 -12.37 14.85 42.41
N SER F 110 -11.41 15.39 43.16
CA SER F 110 -11.03 14.84 44.46
C SER F 110 -10.33 15.86 45.35
N VAL F 111 -10.81 15.98 46.58
CA VAL F 111 -10.14 16.80 47.58
C VAL F 111 -9.95 15.99 48.85
N THR F 112 -8.77 16.09 49.45
CA THR F 112 -8.53 15.50 50.77
C THR F 112 -8.28 16.57 51.85
N ILE F 113 -9.24 16.70 52.75
CA ILE F 113 -9.12 17.60 53.90
C ILE F 113 -8.15 17.00 54.92
N ASP F 114 -7.14 17.78 55.28
CA ASP F 114 -6.14 17.35 56.24
C ASP F 114 -6.49 17.89 57.62
N GLY F 115 -6.66 16.97 58.59
CA GLY F 115 -6.95 17.35 59.96
C GLY F 115 -7.39 16.18 60.82
N ASP F 116 -7.86 16.50 62.02
CA ASP F 116 -8.42 15.51 62.92
C ASP F 116 -9.89 15.31 62.57
N ALA F 117 -10.26 14.07 62.26
CA ALA F 117 -11.63 13.76 61.86
C ALA F 117 -12.59 13.82 63.04
N PHE F 118 -12.07 13.57 64.24
CA PHE F 118 -12.85 13.61 65.47
C PHE F 118 -13.33 15.01 65.84
N SER F 119 -12.57 16.01 65.40
CA SER F 119 -12.84 17.41 65.72
C SER F 119 -13.91 18.02 64.80
N ASP F 120 -14.69 18.95 65.36
CA ASP F 120 -15.80 19.59 64.65
C ASP F 120 -15.35 20.52 63.52
N GLU F 121 -14.19 21.14 63.70
CA GLU F 121 -13.64 22.11 62.74
C GLU F 121 -13.40 21.49 61.36
N ILE F 122 -12.98 20.23 61.37
CA ILE F 122 -12.76 19.46 60.14
C ILE F 122 -14.09 19.04 59.52
N LYS F 123 -15.01 18.56 60.35
CA LYS F 123 -16.36 18.23 59.91
C LYS F 123 -16.96 19.41 59.16
N ALA F 124 -16.84 20.60 59.74
CA ALA F 124 -17.32 21.84 59.13
C ALA F 124 -16.76 22.07 57.73
N GLN F 125 -15.47 21.78 57.56
CA GLN F 125 -14.75 22.01 56.30
C GLN F 125 -15.29 21.18 55.13
N VAL F 126 -15.72 19.96 55.41
CA VAL F 126 -16.31 19.10 54.39
C VAL F 126 -17.75 19.52 54.05
N ILE F 127 -18.52 19.87 55.07
CA ILE F 127 -19.89 20.34 54.89
C ILE F 127 -19.95 21.52 53.92
N GLU F 128 -19.13 22.53 54.18
CA GLU F 128 -19.04 23.70 53.30
C GLU F 128 -18.52 23.32 51.90
N GLU F 129 -17.72 22.25 51.85
CA GLU F 129 -17.11 21.80 50.59
C GLU F 129 -18.11 21.11 49.67
N ALA F 130 -18.96 20.26 50.26
CA ALA F 130 -20.00 19.55 49.51
C ALA F 130 -21.06 20.53 48.99
N LYS F 131 -21.39 21.52 49.82
CA LYS F 131 -22.36 22.58 49.44
C LYS F 131 -21.85 23.39 48.26
N LYS F 132 -20.54 23.64 48.26
CA LYS F 132 -19.85 24.40 47.22
C LYS F 132 -19.89 23.67 45.87
N LYS F 133 -19.59 22.37 45.89
CA LYS F 133 -19.55 21.56 44.67
C LYS F 133 -20.82 20.77 44.34
N GLY F 134 -21.97 21.32 44.71
CA GLY F 134 -23.26 20.78 44.30
C GLY F 134 -23.71 19.52 45.02
N ILE F 135 -23.66 18.39 44.31
CA ILE F 135 -24.26 17.12 44.75
C ILE F 135 -23.83 16.61 46.14
N LYS F 136 -24.73 15.82 46.73
CA LYS F 136 -24.56 15.23 48.05
C LYS F 136 -24.02 13.79 47.97
N PHE F 137 -23.47 13.30 49.09
CA PHE F 137 -22.82 11.99 49.14
C PHE F 137 -23.78 10.81 49.07
N ASP F 138 -23.32 9.72 48.46
CA ASP F 138 -24.11 8.47 48.41
C ASP F 138 -23.36 7.26 48.97
N LEU F 139 -22.07 7.43 49.28
CA LEU F 139 -21.32 6.45 50.05
C LEU F 139 -20.46 7.12 51.11
N ILE F 140 -20.52 6.58 52.33
CA ILE F 140 -19.69 7.06 53.43
C ILE F 140 -18.89 5.89 54.01
N VAL F 141 -17.58 5.97 53.89
CA VAL F 141 -16.69 4.94 54.38
C VAL F 141 -16.06 5.41 55.68
N TYR F 142 -16.35 4.73 56.79
CA TYR F 142 -15.75 5.08 58.06
C TYR F 142 -14.58 4.15 58.40
N SER F 143 -13.38 4.62 58.13
CA SER F 143 -12.19 3.81 58.32
C SER F 143 -11.15 4.54 59.15
N LEU F 144 -11.49 4.83 60.40
CA LEU F 144 -10.55 5.47 61.33
C LEU F 144 -10.01 4.50 62.36
N ALA F 145 -8.74 4.15 62.23
CA ALA F 145 -8.04 3.35 63.22
C ALA F 145 -7.07 4.27 63.96
N SER F 146 -7.55 4.86 65.05
CA SER F 146 -6.80 5.88 65.77
C SER F 146 -6.48 5.43 67.20
N PRO F 147 -5.21 5.63 67.63
CA PRO F 147 -4.80 5.18 68.97
C PRO F 147 -5.39 6.02 70.10
N VAL F 148 -5.90 7.21 69.76
CA VAL F 148 -6.34 8.17 70.77
C VAL F 148 -7.31 9.19 70.18
N ARG F 149 -8.45 9.37 70.86
CA ARG F 149 -9.48 10.34 70.44
C ARG F 149 -9.69 11.47 71.46
N THR F 150 -9.74 12.69 70.95
CA THR F 150 -10.08 13.87 71.75
C THR F 150 -11.55 14.23 71.52
N ASP F 151 -12.31 14.33 72.62
CA ASP F 151 -13.74 14.62 72.59
C ASP F 151 -14.01 16.06 72.15
N PRO F 152 -14.93 16.26 71.18
CA PRO F 152 -15.24 17.64 70.73
C PRO F 152 -16.01 18.49 71.75
N ASP F 153 -16.71 17.83 72.68
CA ASP F 153 -17.48 18.52 73.72
C ASP F 153 -16.65 18.84 74.96
N THR F 154 -16.38 17.80 75.75
CA THR F 154 -15.68 17.93 77.03
C THR F 154 -14.22 18.37 76.90
N GLY F 155 -13.61 18.08 75.74
CA GLY F 155 -12.23 18.48 75.48
C GLY F 155 -11.19 17.55 76.10
N ILE F 156 -11.66 16.43 76.64
CA ILE F 156 -10.80 15.43 77.28
C ILE F 156 -10.25 14.45 76.22
N MSE F 157 -9.14 13.79 76.55
CA MSE F 157 -8.44 12.93 75.59
C MSE F 157 -8.42 11.49 76.04
O MSE F 157 -7.86 11.16 77.10
CB MSE F 157 -7.02 13.45 75.45
CG MSE F 157 -6.21 12.63 74.44
SE MSE F 157 -4.53 13.56 74.01
CE MSE F 157 -5.27 15.14 73.10
N HIS F 158 -9.03 10.61 75.24
CA HIS F 158 -9.11 9.19 75.57
C HIS F 158 -8.16 8.39 74.73
N LYS F 159 -7.25 7.67 75.40
CA LYS F 159 -6.35 6.75 74.73
C LYS F 159 -6.94 5.34 74.78
N SER F 160 -7.04 4.70 73.61
CA SER F 160 -7.53 3.33 73.52
C SER F 160 -6.42 2.34 73.84
N VAL F 161 -6.82 1.15 74.29
CA VAL F 161 -5.90 0.05 74.59
C VAL F 161 -6.48 -1.26 74.07
N LEU F 162 -5.63 -2.30 73.97
CA LEU F 162 -6.05 -3.59 73.42
C LEU F 162 -5.77 -4.71 74.42
N LYS F 163 -6.61 -4.79 75.45
CA LYS F 163 -6.39 -5.70 76.58
C LYS F 163 -7.57 -6.67 76.80
N PRO F 164 -7.31 -7.82 77.46
CA PRO F 164 -8.40 -8.74 77.80
C PRO F 164 -9.11 -8.36 79.11
N PHE F 165 -10.28 -8.95 79.34
CA PHE F 165 -10.98 -8.83 80.62
C PHE F 165 -10.84 -10.10 81.45
N GLY F 166 -10.56 -9.94 82.74
CA GLY F 166 -10.48 -11.07 83.67
C GLY F 166 -9.07 -11.54 84.00
N LYS F 167 -8.38 -12.08 82.99
CA LYS F 167 -7.05 -12.66 83.20
C LYS F 167 -6.09 -12.31 82.04
N THR F 168 -4.79 -12.29 82.36
CA THR F 168 -3.74 -11.97 81.38
C THR F 168 -3.74 -12.93 80.18
N PHE F 169 -3.99 -12.38 78.99
CA PHE F 169 -3.98 -13.15 77.74
C PHE F 169 -2.54 -13.30 77.23
N THR F 170 -2.08 -14.54 77.16
CA THR F 170 -0.71 -14.85 76.75
C THR F 170 -0.66 -15.59 75.40
N GLY F 171 0.40 -15.33 74.63
CA GLY F 171 0.53 -15.94 73.30
C GLY F 171 1.84 -15.68 72.59
N LYS F 172 2.06 -16.40 71.49
CA LYS F 172 3.32 -16.32 70.72
C LYS F 172 3.32 -15.16 69.73
N THR F 173 4.45 -14.47 69.66
CA THR F 173 4.67 -13.42 68.67
C THR F 173 5.89 -13.76 67.80
N VAL F 174 5.95 -13.12 66.63
CA VAL F 174 7.07 -13.33 65.71
C VAL F 174 7.69 -12.00 65.29
N ASP F 175 9.02 -11.94 65.40
CA ASP F 175 9.78 -10.83 64.83
C ASP F 175 10.07 -11.20 63.37
N PRO F 176 9.29 -10.65 62.42
CA PRO F 176 9.31 -11.15 61.05
C PRO F 176 10.66 -10.95 60.37
N PHE F 177 11.47 -10.05 60.91
CA PHE F 177 12.73 -9.69 60.30
C PHE F 177 13.86 -10.63 60.71
N THR F 178 13.84 -11.04 61.98
CA THR F 178 14.87 -11.95 62.50
C THR F 178 14.43 -13.41 62.57
N GLY F 179 13.10 -13.62 62.64
CA GLY F 179 12.54 -14.98 62.76
C GLY F 179 12.43 -15.47 64.20
N GLU F 180 12.74 -14.60 65.15
CA GLU F 180 12.72 -14.92 66.58
C GLU F 180 11.30 -15.15 67.10
N LEU F 181 11.12 -16.26 67.82
CA LEU F 181 9.82 -16.65 68.37
C LEU F 181 9.77 -16.42 69.89
N LYS F 182 9.43 -15.19 70.28
CA LYS F 182 9.41 -14.82 71.69
C LYS F 182 7.99 -14.82 72.29
N GLU F 183 7.92 -14.72 73.61
CA GLU F 183 6.66 -14.77 74.34
C GLU F 183 6.22 -13.38 74.79
N ILE F 184 4.92 -13.11 74.66
CA ILE F 184 4.33 -11.86 75.15
C ILE F 184 2.86 -12.01 75.56
N SER F 185 2.51 -11.37 76.67
CA SER F 185 1.14 -11.36 77.17
C SER F 185 0.60 -9.93 77.32
N ALA F 186 -0.71 -9.81 77.49
CA ALA F 186 -1.36 -8.52 77.72
C ALA F 186 -2.20 -8.56 78.99
N GLU F 187 -2.03 -7.53 79.82
CA GLU F 187 -2.56 -7.52 81.17
C GLU F 187 -3.94 -6.86 81.25
N PRO F 188 -4.89 -7.49 81.96
CA PRO F 188 -6.30 -7.08 82.08
C PRO F 188 -6.54 -5.58 82.23
N ALA F 189 -7.61 -5.11 81.61
CA ALA F 189 -7.93 -3.68 81.56
C ALA F 189 -8.84 -3.21 82.70
N ASN F 190 -8.69 -1.93 83.06
CA ASN F 190 -9.53 -1.26 84.06
C ASN F 190 -10.91 -0.91 83.52
N ASP F 191 -11.73 -0.32 84.39
CA ASP F 191 -12.99 0.30 83.95
C ASP F 191 -12.73 1.59 83.18
N GLU F 192 -11.68 2.31 83.65
CA GLU F 192 -11.29 3.58 83.00
C GLU F 192 -10.68 3.35 81.61
N GLU F 193 -9.92 2.25 81.50
CA GLU F 193 -9.33 1.86 80.23
C GLU F 193 -10.39 1.37 79.23
N ALA F 194 -11.39 0.66 79.75
CA ALA F 194 -12.45 0.10 78.92
C ALA F 194 -13.32 1.16 78.27
N ALA F 195 -13.79 2.12 79.08
CA ALA F 195 -14.69 3.17 78.61
C ALA F 195 -14.00 4.16 77.68
N ALA F 196 -12.67 4.19 77.73
CA ALA F 196 -11.90 5.07 76.85
C ALA F 196 -11.74 4.43 75.46
N THR F 197 -11.49 3.12 75.43
CA THR F 197 -11.41 2.36 74.18
C THR F 197 -12.71 2.47 73.40
N VAL F 198 -13.84 2.36 74.11
CA VAL F 198 -15.17 2.49 73.53
C VAL F 198 -15.43 3.90 73.00
N LYS F 199 -14.88 4.90 73.70
CA LYS F 199 -15.00 6.30 73.29
C LYS F 199 -14.22 6.58 72.00
N VAL F 200 -13.34 5.64 71.64
CA VAL F 200 -12.40 5.80 70.55
C VAL F 200 -12.72 4.89 69.36
N MSE F 201 -12.96 3.60 69.64
CA MSE F 201 -13.15 2.58 68.60
C MSE F 201 -14.58 2.40 68.20
O MSE F 201 -14.87 1.96 67.09
CB MSE F 201 -12.64 1.22 69.08
CG MSE F 201 -11.17 1.24 69.50
SE MSE F 201 -9.99 1.47 67.94
CE MSE F 201 -10.12 -0.35 67.16
N GLY F 202 -15.50 2.73 69.11
CA GLY F 202 -16.94 2.56 68.87
C GLY F 202 -17.52 3.55 67.87
N GLY F 203 -18.83 3.49 67.69
CA GLY F 203 -19.51 4.27 66.64
C GLY F 203 -19.93 5.68 67.00
N GLU F 204 -19.41 6.19 68.11
CA GLU F 204 -19.80 7.51 68.60
C GLU F 204 -19.52 8.62 67.58
N ASP F 205 -18.29 8.68 67.08
CA ASP F 205 -17.90 9.69 66.09
C ASP F 205 -18.55 9.46 64.73
N TRP F 206 -18.74 8.19 64.38
CA TRP F 206 -19.44 7.81 63.16
C TRP F 206 -20.84 8.34 63.18
N GLU F 207 -21.52 8.14 64.32
CA GLU F 207 -22.87 8.68 64.55
C GLU F 207 -22.85 10.20 64.37
N ARG F 208 -21.88 10.84 65.00
CA ARG F 208 -21.69 12.28 64.94
C ARG F 208 -21.46 12.78 63.51
N TRP F 209 -20.77 11.97 62.70
CA TRP F 209 -20.50 12.31 61.31
C TRP F 209 -21.75 12.34 60.47
N ILE F 210 -22.58 11.31 60.60
CA ILE F 210 -23.84 11.23 59.86
C ILE F 210 -24.81 12.32 60.34
N LYS F 211 -24.95 12.45 61.65
CA LYS F 211 -25.84 13.45 62.27
C LYS F 211 -25.69 14.85 61.65
N GLN F 212 -24.45 15.29 61.51
CA GLN F 212 -24.15 16.61 60.94
C GLN F 212 -24.55 16.68 59.48
N LEU F 213 -23.95 15.82 58.66
CA LEU F 213 -24.24 15.77 57.22
C LEU F 213 -25.73 15.61 56.94
N SER F 214 -26.42 14.93 57.85
CA SER F 214 -27.86 14.70 57.78
C SER F 214 -28.63 16.01 57.99
N LYS F 215 -28.17 16.84 58.93
CA LYS F 215 -28.85 18.09 59.26
C LYS F 215 -28.64 19.19 58.22
N GLU F 216 -27.59 19.07 57.43
CA GLU F 216 -27.30 20.03 56.36
C GLU F 216 -27.87 19.52 55.03
N GLY F 217 -28.49 18.34 55.09
CA GLY F 217 -29.12 17.70 53.93
C GLY F 217 -28.13 17.27 52.88
N LEU F 218 -27.06 16.59 53.31
CA LEU F 218 -25.97 16.23 52.41
C LEU F 218 -25.93 14.74 52.09
N LEU F 219 -27.09 14.09 52.16
CA LEU F 219 -27.20 12.66 51.86
C LEU F 219 -28.38 12.37 50.93
N GLU F 220 -28.13 11.58 49.90
CA GLU F 220 -29.16 11.12 48.96
C GLU F 220 -30.13 10.17 49.64
N GLU F 221 -31.27 9.92 48.97
CA GLU F 221 -32.16 8.84 49.38
C GLU F 221 -31.37 7.54 49.31
N GLY F 222 -31.50 6.72 50.35
CA GLY F 222 -30.83 5.42 50.42
C GLY F 222 -29.31 5.48 50.27
N CYS F 223 -28.68 6.43 50.95
CA CYS F 223 -27.23 6.54 50.99
C CYS F 223 -26.64 5.46 51.88
N ILE F 224 -25.70 4.69 51.31
CA ILE F 224 -24.98 3.64 52.04
C ILE F 224 -23.89 4.28 52.91
N THR F 225 -23.68 3.69 54.09
CA THR F 225 -22.62 4.14 54.98
C THR F 225 -22.13 2.96 55.81
N LEU F 226 -20.82 2.74 55.81
CA LEU F 226 -20.26 1.57 56.49
C LEU F 226 -18.97 1.86 57.23
N ALA F 227 -18.68 1.02 58.23
CA ALA F 227 -17.52 1.18 59.08
C ALA F 227 -16.80 -0.14 59.22
N TYR F 228 -15.49 -0.13 58.99
CA TYR F 228 -14.71 -1.36 58.99
C TYR F 228 -14.41 -1.87 60.39
N SER F 229 -14.42 -3.19 60.54
CA SER F 229 -14.02 -3.86 61.77
C SER F 229 -13.50 -5.28 61.52
N TYR F 230 -13.23 -5.98 62.61
CA TYR F 230 -12.56 -7.27 62.56
C TYR F 230 -13.04 -8.21 63.66
N ILE F 231 -13.13 -9.50 63.34
CA ILE F 231 -13.50 -10.53 64.31
C ILE F 231 -12.36 -11.53 64.42
N GLY F 232 -11.99 -12.09 63.28
CA GLY F 232 -10.86 -13.01 63.22
C GLY F 232 -11.02 -14.34 63.94
N PRO F 233 -9.92 -15.07 64.10
CA PRO F 233 -9.83 -16.45 64.59
C PRO F 233 -10.26 -16.63 66.04
N GLU F 234 -10.47 -17.89 66.42
CA GLU F 234 -10.85 -18.25 67.78
C GLU F 234 -9.72 -18.12 68.80
N ALA F 235 -8.47 -18.15 68.32
CA ALA F 235 -7.30 -18.00 69.18
C ALA F 235 -7.29 -16.66 69.91
N THR F 236 -7.52 -15.58 69.17
CA THR F 236 -7.59 -14.24 69.74
C THR F 236 -9.04 -13.81 69.97
N GLN F 237 -9.83 -14.71 70.56
CA GLN F 237 -11.21 -14.40 70.94
C GLN F 237 -11.23 -13.49 72.17
N ALA F 238 -10.16 -13.59 72.97
CA ALA F 238 -10.03 -12.87 74.23
C ALA F 238 -9.91 -11.36 74.06
N LEU F 239 -9.52 -10.93 72.87
CA LEU F 239 -9.32 -9.51 72.58
C LEU F 239 -10.45 -8.92 71.72
N TYR F 240 -10.88 -9.67 70.72
CA TYR F 240 -11.80 -9.17 69.68
C TYR F 240 -13.29 -9.46 69.91
N ARG F 241 -13.61 -10.26 70.91
CA ARG F 241 -15.00 -10.52 71.27
C ARG F 241 -15.27 -10.18 72.74
N LYS F 242 -14.66 -10.96 73.64
CA LYS F 242 -14.84 -10.75 75.08
C LYS F 242 -13.97 -9.61 75.60
N GLY F 243 -12.97 -9.25 74.81
CA GLY F 243 -11.98 -8.25 75.20
C GLY F 243 -12.46 -6.81 75.12
N THR F 244 -11.52 -5.89 75.34
CA THR F 244 -11.78 -4.46 75.36
C THR F 244 -12.11 -3.90 73.97
N ILE F 245 -11.54 -4.53 72.94
CA ILE F 245 -11.77 -4.11 71.55
C ILE F 245 -13.13 -4.61 71.06
N GLY F 246 -13.46 -5.87 71.37
CA GLY F 246 -14.78 -6.43 71.10
C GLY F 246 -15.88 -5.67 71.81
N LYS F 247 -15.55 -5.17 73.01
CA LYS F 247 -16.44 -4.33 73.81
C LYS F 247 -16.71 -2.99 73.10
N ALA F 248 -15.71 -2.51 72.36
CA ALA F 248 -15.84 -1.29 71.56
C ALA F 248 -16.45 -1.60 70.20
N LYS F 249 -16.24 -2.84 69.76
CA LYS F 249 -16.74 -3.35 68.48
C LYS F 249 -18.26 -3.61 68.51
N GLU F 250 -18.76 -4.14 69.62
CA GLU F 250 -20.21 -4.31 69.83
C GLU F 250 -20.94 -2.96 69.90
N HIS F 251 -20.25 -1.95 70.42
CA HIS F 251 -20.75 -0.58 70.44
C HIS F 251 -20.87 -0.04 69.04
N LEU F 252 -19.94 -0.44 68.18
CA LEU F 252 -19.92 -0.01 66.79
C LEU F 252 -21.09 -0.60 66.00
N GLU F 253 -21.33 -1.90 66.18
CA GLU F 253 -22.41 -2.58 65.45
C GLU F 253 -23.80 -2.29 66.02
N ALA F 254 -23.84 -1.65 67.19
CA ALA F 254 -25.09 -1.17 67.79
C ALA F 254 -25.46 0.18 67.21
N THR F 255 -24.45 1.05 67.08
CA THR F 255 -24.60 2.35 66.41
C THR F 255 -25.11 2.15 64.99
N ALA F 256 -24.75 1.00 64.42
CA ALA F 256 -25.23 0.59 63.11
C ALA F 256 -26.77 0.54 63.08
N HIS F 257 -27.35 -0.33 63.90
CA HIS F 257 -28.81 -0.48 63.98
C HIS F 257 -29.48 0.81 64.36
N ARG F 258 -28.85 1.55 65.27
CA ARG F 258 -29.30 2.88 65.73
C ARG F 258 -29.41 3.92 64.60
N LEU F 259 -28.52 3.86 63.62
CA LEU F 259 -28.56 4.79 62.50
C LEU F 259 -29.66 4.40 61.52
N ASN F 260 -29.88 3.09 61.38
CA ASN F 260 -30.91 2.54 60.49
C ASN F 260 -32.31 2.74 61.04
N LYS F 261 -32.40 2.78 62.36
CA LYS F 261 -33.66 2.97 63.06
C LYS F 261 -34.05 4.45 63.09
N GLU F 262 -33.05 5.31 63.30
CA GLU F 262 -33.29 6.75 63.51
C GLU F 262 -33.20 7.60 62.23
N ASN F 263 -32.73 6.99 61.16
CA ASN F 263 -32.72 7.63 59.84
C ASN F 263 -33.13 6.61 58.77
N PRO F 264 -34.43 6.56 58.44
CA PRO F 264 -35.00 5.56 57.53
C PRO F 264 -34.42 5.58 56.10
N SER F 265 -34.03 6.76 55.61
CA SER F 265 -33.57 6.88 54.21
C SER F 265 -32.05 6.73 54.01
N ILE F 266 -31.42 5.89 54.83
CA ILE F 266 -30.01 5.47 54.63
C ILE F 266 -29.84 3.99 54.97
N ARG F 267 -28.68 3.43 54.61
CA ARG F 267 -28.38 2.03 54.89
C ARG F 267 -26.99 1.86 55.51
N ALA F 268 -26.98 1.69 56.83
CA ALA F 268 -25.73 1.54 57.58
C ALA F 268 -25.37 0.08 57.83
N PHE F 269 -24.10 -0.23 57.61
CA PHE F 269 -23.56 -1.57 57.82
C PHE F 269 -22.20 -1.43 58.47
N VAL F 270 -21.79 -2.45 59.21
CA VAL F 270 -20.39 -2.60 59.55
C VAL F 270 -19.84 -3.77 58.75
N SER F 271 -18.81 -3.50 57.96
CA SER F 271 -18.13 -4.55 57.22
C SER F 271 -17.06 -5.16 58.11
N VAL F 272 -17.00 -6.48 58.13
CA VAL F 272 -15.92 -7.17 58.80
C VAL F 272 -14.92 -7.69 57.77
N ASN F 273 -13.69 -7.20 57.86
CA ASN F 273 -12.68 -7.47 56.85
C ASN F 273 -11.64 -8.52 57.24
N LYS F 274 -10.78 -8.84 56.28
CA LYS F 274 -9.66 -9.73 56.52
C LYS F 274 -8.63 -9.05 57.40
N GLY F 275 -7.95 -9.83 58.22
CA GLY F 275 -6.88 -9.31 59.05
C GLY F 275 -5.60 -9.18 58.24
N LEU F 276 -4.96 -8.02 58.33
CA LEU F 276 -3.66 -7.81 57.69
C LEU F 276 -2.71 -6.95 58.53
N VAL F 277 -1.44 -6.96 58.14
CA VAL F 277 -0.35 -6.32 58.86
C VAL F 277 -0.55 -4.80 59.02
N THR F 278 -0.51 -4.33 60.26
CA THR F 278 -0.69 -2.92 60.58
C THR F 278 0.37 -2.41 61.58
N ARG F 279 0.18 -1.17 62.05
CA ARG F 279 1.02 -0.58 63.07
C ARG F 279 0.95 -1.39 64.38
N ALA F 280 -0.25 -1.45 64.96
CA ALA F 280 -0.47 -2.08 66.25
C ALA F 280 -0.41 -3.62 66.19
N SER F 281 0.27 -4.16 65.19
CA SER F 281 0.38 -5.60 65.02
C SER F 281 1.47 -6.23 65.87
N ALA F 282 2.59 -5.52 66.03
CA ALA F 282 3.74 -6.05 66.76
C ALA F 282 3.52 -6.14 68.27
N VAL F 283 2.76 -5.18 68.82
CA VAL F 283 2.55 -5.05 70.26
C VAL F 283 1.50 -6.04 70.81
N ILE F 284 0.79 -6.69 69.90
CA ILE F 284 -0.35 -7.52 70.27
C ILE F 284 -0.07 -9.02 70.09
N PRO F 285 -0.39 -9.85 71.16
CA PRO F 285 0.12 -11.22 71.39
C PRO F 285 0.13 -12.22 70.20
N VAL F 286 -1.05 -12.59 69.66
CA VAL F 286 -1.02 -13.76 68.75
C VAL F 286 -1.11 -13.40 67.25
N ILE F 287 -1.15 -12.10 66.97
CA ILE F 287 -1.37 -11.63 65.60
C ILE F 287 -0.20 -12.00 64.68
N PRO F 288 1.04 -11.53 64.97
CA PRO F 288 2.11 -11.73 63.99
C PRO F 288 2.38 -13.20 63.64
N LEU F 289 2.20 -14.09 64.62
CA LEU F 289 2.31 -15.52 64.33
C LEU F 289 1.15 -15.96 63.43
N TYR F 290 -0.07 -15.65 63.88
CA TYR F 290 -1.27 -15.96 63.13
C TYR F 290 -1.16 -15.50 61.68
N LEU F 291 -1.14 -14.19 61.45
CA LEU F 291 -1.12 -13.63 60.11
C LEU F 291 -0.12 -14.32 59.18
N ALA F 292 1.14 -14.39 59.60
CA ALA F 292 2.20 -15.04 58.81
C ALA F 292 1.89 -16.51 58.50
N SER F 293 1.26 -17.20 59.46
CA SER F 293 0.80 -18.58 59.25
C SER F 293 -0.41 -18.61 58.32
N LEU F 294 -1.35 -17.71 58.53
CA LEU F 294 -2.54 -17.57 57.69
C LEU F 294 -2.14 -17.31 56.26
N PHE F 295 -1.23 -16.34 56.08
CA PHE F 295 -0.69 -15.95 54.78
C PHE F 295 -0.16 -17.12 53.98
N LYS F 296 0.57 -18.01 54.65
CA LYS F 296 1.17 -19.18 54.00
C LYS F 296 0.10 -20.06 53.34
N VAL F 297 -1.00 -20.27 54.06
CA VAL F 297 -2.08 -21.15 53.61
C VAL F 297 -2.95 -20.52 52.53
N MSE F 298 -3.32 -19.25 52.72
CA MSE F 298 -4.22 -18.57 51.79
C MSE F 298 -3.56 -18.32 50.46
O MSE F 298 -4.24 -18.25 49.42
CB MSE F 298 -4.77 -17.30 52.42
CG MSE F 298 -6.26 -17.59 52.88
SE MSE F 298 -6.87 -16.10 54.04
CE MSE F 298 -8.04 -15.16 52.76
N LYS F 299 -2.24 -18.22 50.48
CA LYS F 299 -1.44 -18.16 49.25
C LYS F 299 -1.37 -19.55 48.60
N GLU F 300 -1.12 -20.57 49.44
CA GLU F 300 -1.14 -21.98 49.04
C GLU F 300 -2.49 -22.37 48.43
N LYS F 301 -3.57 -21.98 49.12
CA LYS F 301 -4.94 -22.21 48.63
C LYS F 301 -5.29 -21.33 47.43
N GLY F 302 -4.54 -20.24 47.25
CA GLY F 302 -4.74 -19.33 46.13
C GLY F 302 -5.93 -18.40 46.30
N ASN F 303 -6.33 -18.15 47.55
CA ASN F 303 -7.37 -17.16 47.85
C ASN F 303 -6.88 -16.08 48.82
N HIS F 304 -5.63 -15.67 48.64
CA HIS F 304 -5.03 -14.58 49.42
C HIS F 304 -5.34 -13.24 48.83
N GLU F 305 -5.70 -12.30 49.70
CA GLU F 305 -6.06 -10.96 49.28
C GLU F 305 -5.49 -9.88 50.22
N GLY F 306 -5.09 -8.76 49.64
CA GLY F 306 -4.59 -7.62 50.40
C GLY F 306 -5.66 -6.57 50.50
N CYS F 307 -5.26 -5.35 50.84
CA CYS F 307 -6.20 -4.24 51.04
C CYS F 307 -7.10 -3.97 49.84
N ILE F 308 -6.49 -3.82 48.66
CA ILE F 308 -7.24 -3.49 47.45
C ILE F 308 -8.14 -4.65 47.00
N GLU F 309 -7.66 -5.87 47.15
CA GLU F 309 -8.39 -7.06 46.70
C GLU F 309 -9.72 -7.20 47.43
N GLN F 310 -9.64 -7.15 48.76
CA GLN F 310 -10.84 -7.11 49.62
C GLN F 310 -11.83 -6.03 49.15
N ILE F 311 -11.40 -4.78 49.18
CA ILE F 311 -12.29 -3.64 48.92
C ILE F 311 -12.90 -3.63 47.51
N THR F 312 -12.14 -4.07 46.50
CA THR F 312 -12.71 -4.23 45.15
C THR F 312 -13.89 -5.18 45.23
N ARG F 313 -13.65 -6.35 45.84
CA ARG F 313 -14.68 -7.36 46.03
C ARG F 313 -15.87 -6.79 46.83
N LEU F 314 -15.57 -5.97 47.84
CA LEU F 314 -16.61 -5.34 48.65
C LEU F 314 -17.57 -4.49 47.81
N TYR F 315 -17.02 -3.56 47.01
CA TYR F 315 -17.84 -2.73 46.15
C TYR F 315 -18.58 -3.61 45.15
N ALA F 316 -17.86 -4.52 44.50
CA ALA F 316 -18.39 -5.28 43.39
C ALA F 316 -19.42 -6.34 43.76
N GLU F 317 -19.28 -6.94 44.94
CA GLU F 317 -20.07 -8.12 45.27
C GLU F 317 -20.93 -8.05 46.53
N ARG F 318 -20.92 -6.89 47.19
CA ARG F 318 -21.77 -6.68 48.35
C ARG F 318 -22.53 -5.37 48.23
N LEU F 319 -21.82 -4.32 47.81
CA LEU F 319 -22.38 -2.98 47.81
C LEU F 319 -23.09 -2.63 46.52
N TYR F 320 -22.42 -2.88 45.40
CA TYR F 320 -22.98 -2.51 44.10
C TYR F 320 -23.04 -3.76 43.21
N ARG F 321 -23.83 -4.73 43.67
CA ARG F 321 -24.08 -5.94 42.90
C ARG F 321 -25.38 -5.83 42.11
N LYS F 322 -25.55 -6.74 41.16
CA LYS F 322 -26.60 -6.68 40.13
C LYS F 322 -28.04 -6.85 40.60
N ASP F 323 -28.24 -7.43 41.78
CA ASP F 323 -29.57 -7.66 42.33
C ASP F 323 -30.08 -6.40 43.03
N GLY F 324 -29.16 -5.59 43.54
CA GLY F 324 -29.51 -4.43 44.36
C GLY F 324 -29.50 -4.79 45.83
N THR F 325 -29.19 -6.05 46.13
CA THR F 325 -29.13 -6.56 47.50
C THR F 325 -27.79 -6.20 48.14
N ILE F 326 -27.75 -6.23 49.46
CA ILE F 326 -26.51 -6.15 50.23
C ILE F 326 -26.46 -7.32 51.22
N PRO F 327 -25.91 -8.47 50.79
CA PRO F 327 -25.74 -9.67 51.63
C PRO F 327 -25.14 -9.40 53.02
N VAL F 328 -25.89 -9.76 54.06
CA VAL F 328 -25.41 -9.62 55.42
C VAL F 328 -25.31 -10.98 56.11
N ASP F 329 -24.66 -11.00 57.28
CA ASP F 329 -24.73 -12.16 58.16
C ASP F 329 -26.03 -12.08 58.99
N GLU F 330 -26.21 -13.01 59.90
CA GLU F 330 -27.38 -13.02 60.78
C GLU F 330 -27.54 -11.65 61.45
N GLU F 331 -26.47 -11.19 62.10
CA GLU F 331 -26.50 -9.95 62.86
C GLU F 331 -26.31 -8.68 62.00
N ASN F 332 -26.69 -8.80 60.73
CA ASN F 332 -26.80 -7.67 59.79
C ASN F 332 -25.49 -7.00 59.35
N ARG F 333 -24.39 -7.73 59.46
CA ARG F 333 -23.08 -7.24 59.10
C ARG F 333 -22.63 -7.76 57.73
N ILE F 334 -22.03 -6.88 56.93
CA ILE F 334 -21.39 -7.30 55.69
C ILE F 334 -20.12 -8.05 56.06
N ARG F 335 -19.98 -9.26 55.55
CA ARG F 335 -18.82 -10.09 55.89
C ARG F 335 -17.97 -10.37 54.67
N ILE F 336 -16.69 -10.02 54.78
CA ILE F 336 -15.72 -10.22 53.72
C ILE F 336 -14.59 -11.11 54.24
N ASP F 337 -14.75 -11.56 55.48
CA ASP F 337 -13.79 -12.45 56.11
C ASP F 337 -14.25 -13.90 55.98
N ASP F 338 -15.15 -14.14 55.03
CA ASP F 338 -15.67 -15.47 54.75
C ASP F 338 -14.58 -16.39 54.23
N TRP F 339 -13.61 -15.80 53.55
CA TRP F 339 -12.44 -16.53 53.05
C TRP F 339 -11.43 -16.81 54.13
N GLU F 340 -11.24 -15.84 55.03
CA GLU F 340 -10.36 -16.01 56.20
C GLU F 340 -10.94 -16.96 57.24
N LEU F 341 -12.24 -16.88 57.46
CA LEU F 341 -12.87 -17.60 58.58
C LEU F 341 -13.39 -19.02 58.31
N GLU F 342 -13.46 -19.42 57.03
CA GLU F 342 -13.88 -20.78 56.67
C GLU F 342 -12.96 -21.83 57.30
N GLU F 343 -13.57 -22.83 57.94
CA GLU F 343 -12.84 -23.72 58.86
C GLU F 343 -11.71 -24.53 58.22
N ASP F 344 -11.88 -24.94 56.96
CA ASP F 344 -10.84 -25.68 56.27
C ASP F 344 -9.56 -24.84 56.13
N VAL F 345 -9.70 -23.53 56.33
CA VAL F 345 -8.57 -22.59 56.40
C VAL F 345 -8.20 -22.34 57.86
N GLN F 346 -9.20 -22.06 58.69
CA GLN F 346 -9.01 -21.78 60.12
C GLN F 346 -8.39 -22.93 60.92
N LYS F 347 -8.47 -24.14 60.38
CA LYS F 347 -7.91 -25.32 61.02
C LYS F 347 -6.44 -25.45 60.68
N ALA F 348 -6.15 -25.41 59.37
CA ALA F 348 -4.78 -25.53 58.84
C ALA F 348 -3.81 -24.51 59.45
N VAL F 349 -4.29 -23.28 59.62
CA VAL F 349 -3.51 -22.23 60.26
C VAL F 349 -3.31 -22.54 61.75
N SER F 350 -4.36 -23.02 62.41
CA SER F 350 -4.30 -23.33 63.84
C SER F 350 -3.33 -24.47 64.14
N ALA F 351 -3.29 -25.44 63.24
CA ALA F 351 -2.41 -26.60 63.36
C ALA F 351 -0.95 -26.24 63.07
N LEU F 352 -0.76 -25.32 62.13
CA LEU F 352 0.57 -24.81 61.78
C LEU F 352 1.15 -23.96 62.91
N MSE F 353 0.29 -23.23 63.59
CA MSE F 353 0.69 -22.28 64.63
C MSE F 353 1.31 -22.93 65.83
O MSE F 353 2.22 -22.35 66.45
CB MSE F 353 -0.54 -21.50 65.04
CG MSE F 353 -0.49 -20.10 64.42
SE MSE F 353 -1.84 -19.01 65.35
CE MSE F 353 -1.02 -19.08 67.18
N GLU F 354 0.83 -24.11 66.20
CA GLU F 354 1.40 -24.82 67.34
C GLU F 354 2.76 -25.43 66.97
N LYS F 355 2.87 -25.94 65.74
CA LYS F 355 4.08 -26.65 65.30
C LYS F 355 5.22 -25.72 64.82
N VAL F 356 4.98 -24.41 64.84
CA VAL F 356 6.02 -23.45 64.49
C VAL F 356 6.76 -22.98 65.74
N THR F 357 8.08 -23.23 65.76
CA THR F 357 8.92 -22.86 66.89
C THR F 357 10.02 -21.87 66.45
N GLY F 358 11.20 -21.94 67.08
CA GLY F 358 12.28 -20.99 66.81
C GLY F 358 12.78 -20.88 65.38
N GLU F 359 13.47 -21.93 64.91
CA GLU F 359 14.21 -21.87 63.64
C GLU F 359 13.37 -22.15 62.38
N ASN F 360 12.24 -22.84 62.54
CA ASN F 360 11.38 -23.18 61.41
C ASN F 360 10.47 -22.04 60.93
N ALA F 361 10.39 -20.97 61.73
CA ALA F 361 9.60 -19.78 61.41
C ALA F 361 9.69 -19.37 59.94
N GLU F 362 10.90 -19.04 59.49
CA GLU F 362 11.15 -18.62 58.11
C GLU F 362 10.79 -19.69 57.08
N SER F 363 10.93 -20.95 57.47
CA SER F 363 10.77 -22.08 56.55
C SER F 363 9.33 -22.48 56.27
N LEU F 364 8.51 -22.60 57.32
CA LEU F 364 7.17 -23.18 57.16
C LEU F 364 5.99 -22.22 57.38
N THR F 365 6.27 -20.94 57.56
CA THR F 365 5.22 -19.90 57.50
C THR F 365 5.69 -18.77 56.59
N ASP F 366 4.76 -18.06 55.97
CA ASP F 366 5.12 -16.98 55.06
C ASP F 366 5.57 -15.74 55.83
N LEU F 367 6.84 -15.73 56.22
CA LEU F 367 7.43 -14.63 56.94
C LEU F 367 7.92 -13.57 55.97
N ALA F 368 8.24 -14.00 54.75
CA ALA F 368 8.66 -13.13 53.67
C ALA F 368 7.54 -12.16 53.26
N GLY F 369 6.30 -12.67 53.24
CA GLY F 369 5.13 -11.89 52.87
C GLY F 369 4.77 -10.83 53.88
N TYR F 370 4.82 -11.19 55.16
CA TYR F 370 4.59 -10.26 56.27
C TYR F 370 5.53 -9.06 56.17
N ARG F 371 6.83 -9.33 55.98
CA ARG F 371 7.85 -8.31 55.78
C ARG F 371 7.47 -7.32 54.67
N HIS F 372 7.06 -7.86 53.52
CA HIS F 372 6.68 -7.05 52.36
C HIS F 372 5.50 -6.18 52.64
N ASP F 373 4.45 -6.76 53.23
CA ASP F 373 3.25 -6.02 53.58
C ASP F 373 3.53 -4.91 54.60
N PHE F 374 4.41 -5.21 55.55
CA PHE F 374 4.82 -4.24 56.58
C PHE F 374 5.61 -3.07 56.02
N LEU F 375 6.52 -3.37 55.09
CA LEU F 375 7.36 -2.35 54.47
C LEU F 375 6.63 -1.60 53.37
N ALA F 376 5.78 -2.31 52.64
CA ALA F 376 5.01 -1.72 51.54
C ALA F 376 4.11 -0.59 52.03
N SER F 377 3.58 -0.74 53.24
CA SER F 377 2.72 0.26 53.88
C SER F 377 3.38 1.63 53.94
N ASN F 378 4.71 1.63 54.05
CA ASN F 378 5.50 2.85 54.17
C ASN F 378 6.23 3.22 52.89
N GLY F 379 6.08 2.39 51.85
CA GLY F 379 6.69 2.64 50.54
C GLY F 379 8.01 1.92 50.31
N PHE F 380 8.31 0.94 51.17
CA PHE F 380 9.55 0.17 51.06
C PHE F 380 9.26 -1.22 50.51
N ASP F 381 10.21 -1.74 49.72
CA ASP F 381 10.10 -3.08 49.12
C ASP F 381 9.05 -3.13 47.99
N VAL F 382 8.63 -1.96 47.52
CA VAL F 382 7.63 -1.85 46.46
C VAL F 382 8.27 -2.18 45.11
N GLU F 383 7.82 -3.29 44.52
CA GLU F 383 8.38 -3.81 43.27
C GLU F 383 8.27 -2.80 42.12
N GLY F 384 9.37 -2.63 41.40
CA GLY F 384 9.47 -1.64 40.34
C GLY F 384 10.31 -0.42 40.71
N ILE F 385 10.62 -0.29 42.00
CA ILE F 385 11.40 0.86 42.49
C ILE F 385 12.84 0.47 42.77
N ASN F 386 13.76 1.38 42.44
CA ASN F 386 15.18 1.23 42.77
C ASN F 386 15.55 2.06 44.00
N TYR F 387 15.81 1.36 45.10
CA TYR F 387 16.04 2.01 46.39
C TYR F 387 17.46 2.53 46.62
N GLU F 388 18.29 2.46 45.58
CA GLU F 388 19.62 3.04 45.63
C GLU F 388 19.65 4.42 44.96
N ALA F 389 18.50 4.84 44.43
CA ALA F 389 18.37 6.14 43.78
C ALA F 389 18.17 7.25 44.80
N GLU F 390 18.78 8.41 44.52
CA GLU F 390 18.73 9.58 45.40
C GLU F 390 17.35 10.21 45.41
N VAL F 391 16.93 10.70 46.58
CA VAL F 391 15.71 11.48 46.70
C VAL F 391 16.09 12.95 46.86
N GLU F 392 15.65 13.78 45.93
CA GLU F 392 15.95 15.20 45.95
C GLU F 392 15.28 15.88 47.16
N ARG F 393 13.94 15.81 47.22
CA ARG F 393 13.17 16.46 48.27
C ARG F 393 12.14 15.48 48.84
N PHE F 394 11.75 15.69 50.10
CA PHE F 394 10.78 14.84 50.77
C PHE F 394 9.38 15.45 50.79
N ASP F 395 9.12 16.38 49.86
CA ASP F 395 7.86 17.14 49.86
C ASP F 395 7.09 17.08 48.53
N ARG F 396 7.51 16.18 47.64
CA ARG F 396 6.86 15.99 46.33
C ARG F 396 7.22 14.63 45.75
N ILE F 397 6.60 14.28 44.62
CA ILE F 397 6.79 12.96 44.03
C ILE F 397 7.49 12.93 42.66
N LEU F 398 6.73 13.19 41.59
CA LEU F 398 7.17 13.07 40.18
C LEU F 398 7.38 11.61 39.74
N MSE G 1 39.25 33.38 65.67
CA MSE G 1 38.52 34.60 66.16
C MSE G 1 38.49 34.60 67.66
O MSE G 1 38.67 33.56 68.30
CB MSE G 1 37.12 34.65 65.57
CG MSE G 1 36.26 33.44 65.93
SE MSE G 1 34.36 33.95 65.80
CE MSE G 1 34.29 35.31 67.24
N ILE G 2 38.27 35.78 68.24
CA ILE G 2 38.25 35.93 69.70
C ILE G 2 36.80 35.85 70.21
N VAL G 3 36.54 34.83 71.02
CA VAL G 3 35.24 34.62 71.64
C VAL G 3 35.28 35.02 73.11
N LYS G 4 34.39 35.93 73.49
CA LYS G 4 34.33 36.44 74.86
C LYS G 4 32.89 36.56 75.37
N PRO G 5 32.71 36.59 76.72
CA PRO G 5 31.37 36.56 77.33
C PRO G 5 30.43 37.62 76.77
N MSE G 6 29.33 37.16 76.19
CA MSE G 6 28.39 38.03 75.49
C MSE G 6 27.08 38.06 76.24
O MSE G 6 26.08 37.45 75.82
CB MSE G 6 28.23 37.41 74.12
CG MSE G 6 28.06 38.44 73.00
SE MSE G 6 27.01 37.57 71.57
CE MSE G 6 28.43 36.41 70.83
N VAL G 7 27.08 38.76 77.38
CA VAL G 7 25.91 38.83 78.26
C VAL G 7 25.01 39.99 77.89
N ARG G 8 23.80 39.69 77.41
CA ARG G 8 22.81 40.72 77.08
C ARG G 8 21.49 40.40 77.77
N ASN G 9 20.99 41.39 78.53
CA ASN G 9 19.80 41.23 79.38
C ASN G 9 19.94 40.14 80.44
N ASN G 10 21.05 40.19 81.19
CA ASN G 10 21.39 39.16 82.17
C ASN G 10 21.16 37.71 81.73
N ILE G 11 21.74 37.42 80.50
CA ILE G 11 21.82 36.05 79.98
C ILE G 11 23.06 35.90 79.09
N CYS G 12 23.81 34.79 79.29
CA CYS G 12 24.99 34.51 78.48
C CYS G 12 24.61 33.65 77.26
N LEU G 13 24.53 34.30 76.10
CA LEU G 13 24.06 33.65 74.88
C LEU G 13 25.07 32.69 74.26
N ASN G 14 26.35 33.07 74.30
CA ASN G 14 27.38 32.31 73.62
C ASN G 14 28.04 31.22 74.48
N ALA G 15 29.21 30.75 74.05
CA ALA G 15 29.97 29.71 74.73
C ALA G 15 31.39 29.61 74.20
N HIS G 16 32.33 29.36 75.10
CA HIS G 16 33.74 29.18 74.75
C HIS G 16 34.10 27.73 74.88
N PRO G 17 34.24 27.01 73.75
CA PRO G 17 34.45 25.56 73.71
C PRO G 17 35.65 25.07 74.54
N GLN G 18 36.76 25.79 74.49
CA GLN G 18 37.95 25.40 75.25
C GLN G 18 37.72 25.45 76.75
N GLY G 19 37.05 26.51 77.21
CA GLY G 19 36.72 26.69 78.62
C GLY G 19 35.71 25.68 79.12
N CYS G 20 34.72 25.38 78.29
CA CYS G 20 33.74 24.33 78.57
C CYS G 20 34.44 23.02 78.84
N LYS G 21 35.44 22.71 78.01
CA LYS G 21 36.21 21.48 78.12
C LYS G 21 37.03 21.44 79.41
N LYS G 22 37.83 22.48 79.65
CA LYS G 22 38.65 22.59 80.86
C LYS G 22 37.78 22.49 82.12
N GLY G 23 36.59 23.11 82.06
CA GLY G 23 35.59 23.02 83.13
C GLY G 23 35.27 21.60 83.49
N VAL G 24 34.87 20.80 82.49
CA VAL G 24 34.61 19.37 82.68
C VAL G 24 35.87 18.66 83.17
N GLU G 25 36.99 18.93 82.49
CA GLU G 25 38.29 18.37 82.88
C GLU G 25 38.64 18.64 84.35
N ASP G 26 38.27 19.83 84.83
CA ASP G 26 38.53 20.24 86.21
C ASP G 26 37.65 19.50 87.23
N GLN G 27 36.41 19.23 86.86
CA GLN G 27 35.49 18.46 87.70
C GLN G 27 35.93 17.00 87.85
N ILE G 28 36.51 16.47 86.77
CA ILE G 28 37.00 15.10 86.70
C ILE G 28 38.22 14.88 87.58
N GLU G 29 39.21 15.77 87.48
CA GLU G 29 40.37 15.74 88.38
C GLU G 29 39.98 15.90 89.85
N TYR G 30 38.82 16.48 90.10
CA TYR G 30 38.32 16.59 91.46
C TYR G 30 37.72 15.27 91.93
N THR G 31 36.94 14.63 91.08
CA THR G 31 36.27 13.37 91.39
C THR G 31 37.26 12.30 91.79
N LYS G 32 38.22 12.03 90.90
CA LYS G 32 39.30 11.09 91.16
C LYS G 32 39.97 11.33 92.51
N LYS G 33 40.24 12.59 92.81
CA LYS G 33 40.91 13.00 94.05
C LYS G 33 40.03 12.79 95.27
N ARG G 34 38.71 12.92 95.10
CA ARG G 34 37.73 12.84 96.19
C ARG G 34 37.25 11.43 96.44
N ILE G 35 36.82 10.75 95.38
CA ILE G 35 36.36 9.36 95.45
C ILE G 35 37.57 8.41 95.47
N THR G 36 38.16 8.26 96.66
CA THR G 36 39.27 7.34 96.88
C THR G 36 38.76 5.89 96.89
N ALA G 37 39.68 4.94 96.78
CA ALA G 37 39.36 3.53 97.05
C ALA G 37 39.04 3.37 98.54
N GLU G 38 39.60 4.25 99.36
CA GLU G 38 39.31 4.26 100.80
C GLU G 38 37.90 4.82 101.07
N VAL G 39 37.40 5.59 100.10
CA VAL G 39 36.01 6.08 100.12
C VAL G 39 35.09 5.00 99.55
N LYS G 40 35.45 4.48 98.36
CA LYS G 40 34.61 3.53 97.63
C LYS G 40 34.53 2.15 98.29
N ALA G 41 35.68 1.60 98.64
CA ALA G 41 35.78 0.22 99.16
C ALA G 41 34.89 -0.02 100.37
N GLY G 42 34.42 -1.25 100.50
CA GLY G 42 33.52 -1.62 101.60
C GLY G 42 32.06 -1.29 101.33
N ALA G 43 31.81 -0.54 100.26
CA ALA G 43 30.46 -0.13 99.88
C ALA G 43 30.17 -0.47 98.42
N LYS G 44 28.89 -0.78 98.13
CA LYS G 44 28.43 -1.09 96.77
C LYS G 44 28.73 0.06 95.82
N ALA G 45 28.83 -0.24 94.53
CA ALA G 45 29.16 0.76 93.52
C ALA G 45 28.18 0.71 92.35
N PRO G 46 27.88 1.87 91.73
CA PRO G 46 27.01 1.87 90.54
C PRO G 46 27.70 1.24 89.33
N LYS G 47 26.91 0.59 88.48
CA LYS G 47 27.45 -0.11 87.31
C LYS G 47 26.90 0.51 86.02
N ASN G 48 25.57 0.64 85.93
CA ASN G 48 24.96 1.26 84.76
C ASN G 48 24.00 2.37 85.15
N VAL G 49 24.36 3.60 84.80
CA VAL G 49 23.61 4.77 85.23
C VAL G 49 23.14 5.62 84.04
N LEU G 50 21.88 6.04 84.10
CA LEU G 50 21.31 6.95 83.12
C LEU G 50 21.07 8.29 83.78
N VAL G 51 21.43 9.38 83.08
CA VAL G 51 21.26 10.73 83.63
C VAL G 51 20.48 11.62 82.67
N LEU G 52 19.33 12.11 83.11
CA LEU G 52 18.49 12.97 82.31
C LEU G 52 18.78 14.43 82.66
N GLY G 53 19.29 15.18 81.70
CA GLY G 53 19.85 16.49 81.96
C GLY G 53 21.29 16.31 82.40
N CYS G 54 22.15 15.94 81.44
CA CYS G 54 23.52 15.55 81.72
C CYS G 54 24.55 16.57 81.23
N SER G 55 24.06 17.59 80.54
CA SER G 55 24.92 18.53 79.83
C SER G 55 25.66 19.53 80.74
N ASN G 56 24.99 20.01 81.78
CA ASN G 56 25.63 20.91 82.76
C ASN G 56 25.03 20.83 84.15
N GLY G 57 25.61 21.59 85.07
CA GLY G 57 25.13 21.67 86.44
C GLY G 57 25.19 20.36 87.18
N TYR G 58 24.11 20.06 87.89
CA TYR G 58 24.02 18.86 88.73
C TYR G 58 24.00 17.55 87.94
N GLY G 59 23.43 17.59 86.74
CA GLY G 59 23.48 16.44 85.84
C GLY G 59 24.92 16.10 85.49
N LEU G 60 25.60 17.07 84.89
CA LEU G 60 27.00 16.90 84.52
C LEU G 60 27.83 16.37 85.68
N ALA G 61 27.56 16.85 86.89
CA ALA G 61 28.32 16.40 88.08
C ALA G 61 28.03 14.94 88.46
N SER G 62 26.75 14.57 88.50
CA SER G 62 26.31 13.18 88.73
C SER G 62 26.95 12.21 87.74
N ARG G 63 27.03 12.63 86.48
CA ARG G 63 27.60 11.80 85.43
C ARG G 63 29.11 11.66 85.54
N ILE G 64 29.78 12.72 85.97
CA ILE G 64 31.24 12.71 86.11
C ILE G 64 31.69 11.87 87.31
N THR G 65 30.87 11.84 88.37
CA THR G 65 31.23 11.09 89.57
C THR G 65 30.99 9.60 89.38
N ALA G 66 29.99 9.25 88.57
CA ALA G 66 29.66 7.85 88.31
C ALA G 66 30.70 7.20 87.40
N ALA G 67 31.07 7.92 86.35
CA ALA G 67 32.00 7.42 85.34
C ALA G 67 33.46 7.50 85.75
N PHE G 68 33.79 8.41 86.65
CA PHE G 68 35.19 8.67 87.01
C PHE G 68 35.50 8.45 88.48
N GLY G 69 34.47 8.44 89.31
CA GLY G 69 34.63 8.08 90.71
C GLY G 69 34.50 6.58 90.85
N TYR G 70 33.45 6.02 90.27
CA TYR G 70 33.12 4.60 90.43
C TYR G 70 33.34 3.75 89.17
N GLY G 71 33.61 4.41 88.04
CA GLY G 71 33.87 3.72 86.78
C GLY G 71 32.67 2.98 86.25
N ALA G 72 31.64 3.74 85.87
CA ALA G 72 30.38 3.14 85.44
C ALA G 72 30.00 3.54 84.03
N ALA G 73 29.20 2.70 83.37
CA ALA G 73 28.69 3.00 82.04
C ALA G 73 27.59 4.05 82.17
N THR G 74 27.62 5.04 81.28
CA THR G 74 26.80 6.24 81.44
C THR G 74 26.09 6.69 80.16
N ILE G 75 24.79 6.46 80.10
CA ILE G 75 23.98 7.05 79.05
C ILE G 75 23.38 8.34 79.60
N GLY G 76 23.59 9.42 78.87
CA GLY G 76 23.05 10.73 79.25
C GLY G 76 22.13 11.28 78.17
N VAL G 77 21.03 11.88 78.59
CA VAL G 77 20.10 12.49 77.66
C VAL G 77 20.04 13.99 77.92
N SER G 78 20.06 14.79 76.86
CA SER G 78 19.95 16.25 77.00
C SER G 78 19.56 16.93 75.69
N PHE G 79 19.12 18.18 75.79
CA PHE G 79 18.63 18.96 74.65
C PHE G 79 19.57 20.14 74.35
N GLU G 80 20.45 19.95 73.38
CA GLU G 80 21.44 20.98 73.02
C GLU G 80 21.38 21.34 71.55
N LYS G 81 21.74 22.58 71.24
CA LYS G 81 22.01 22.97 69.87
C LYS G 81 23.43 22.54 69.52
N ALA G 82 23.60 21.94 68.35
CA ALA G 82 24.93 21.59 67.86
C ALA G 82 25.59 22.82 67.22
N GLY G 83 26.90 22.96 67.48
CA GLY G 83 27.66 24.06 66.92
C GLY G 83 28.10 23.79 65.49
N SER G 84 27.70 24.68 64.58
CA SER G 84 28.25 24.70 63.23
C SER G 84 29.53 25.52 63.30
N GLU G 85 30.55 25.11 62.54
CA GLU G 85 31.93 25.61 62.72
C GLU G 85 32.12 27.12 62.88
N THR G 86 31.20 27.91 62.32
CA THR G 86 31.23 29.37 62.45
C THR G 86 30.31 29.90 63.58
N LYS G 87 29.25 29.14 63.89
CA LYS G 87 28.29 29.51 64.94
C LYS G 87 28.44 28.65 66.19
N TYR G 88 28.52 29.30 67.35
CA TYR G 88 28.60 28.60 68.65
C TYR G 88 27.36 27.74 68.90
N GLY G 89 27.56 26.66 69.64
CA GLY G 89 26.45 25.86 70.17
C GLY G 89 26.12 26.31 71.58
N THR G 90 25.45 25.43 72.33
CA THR G 90 25.13 25.70 73.72
C THR G 90 26.23 25.12 74.61
N PRO G 91 26.40 25.69 75.83
CA PRO G 91 27.40 25.22 76.80
C PRO G 91 27.43 23.69 76.97
N GLY G 92 26.25 23.09 77.09
CA GLY G 92 26.13 21.66 77.34
C GLY G 92 26.54 20.76 76.18
N TRP G 93 26.44 21.27 74.96
CA TRP G 93 26.91 20.55 73.77
C TRP G 93 28.40 20.32 73.82
N TYR G 94 29.15 21.35 74.21
CA TYR G 94 30.61 21.23 74.39
C TYR G 94 30.95 20.39 75.62
N ASN G 95 30.25 20.64 76.73
CA ASN G 95 30.33 19.78 77.91
C ASN G 95 30.14 18.31 77.53
N ASN G 96 29.16 18.07 76.66
CA ASN G 96 28.87 16.73 76.15
C ASN G 96 30.01 16.10 75.37
N LEU G 97 30.58 16.86 74.43
CA LEU G 97 31.74 16.41 73.65
C LEU G 97 32.92 16.14 74.56
N ALA G 98 33.08 16.98 75.59
CA ALA G 98 34.21 16.91 76.51
C ALA G 98 34.12 15.70 77.43
N PHE G 99 32.92 15.37 77.90
CA PHE G 99 32.71 14.18 78.72
C PHE G 99 33.01 12.91 77.93
N ASP G 100 32.39 12.80 76.76
CA ASP G 100 32.55 11.65 75.88
C ASP G 100 34.03 11.35 75.60
N GLU G 101 34.77 12.40 75.22
CA GLU G 101 36.17 12.25 74.90
C GLU G 101 37.01 11.74 76.08
N ALA G 102 36.69 12.21 77.28
CA ALA G 102 37.41 11.76 78.47
C ALA G 102 37.03 10.34 78.87
N ALA G 103 35.77 9.97 78.62
CA ALA G 103 35.27 8.63 78.92
C ALA G 103 35.87 7.57 78.00
N LYS G 104 36.09 7.93 76.75
CA LYS G 104 36.71 7.05 75.75
C LYS G 104 38.23 6.89 75.97
N ARG G 105 38.86 7.88 76.60
CA ARG G 105 40.28 7.78 76.98
C ARG G 105 40.48 6.80 78.13
N GLU G 106 39.49 6.71 79.01
CA GLU G 106 39.53 5.82 80.15
C GLU G 106 38.91 4.47 79.81
N GLY G 107 38.30 4.39 78.63
CA GLY G 107 37.72 3.15 78.15
C GLY G 107 36.45 2.74 78.89
N LEU G 108 35.52 3.67 79.00
CA LEU G 108 34.23 3.41 79.62
C LEU G 108 33.13 3.56 78.58
N TYR G 109 32.05 2.82 78.73
CA TYR G 109 30.93 2.95 77.82
C TYR G 109 30.14 4.20 78.17
N SER G 110 30.21 5.20 77.30
CA SER G 110 29.43 6.41 77.49
C SER G 110 28.83 6.86 76.17
N VAL G 111 27.51 6.90 76.13
CA VAL G 111 26.79 7.39 74.96
C VAL G 111 25.82 8.45 75.44
N THR G 112 25.64 9.51 74.66
CA THR G 112 24.69 10.54 75.02
C THR G 112 23.66 10.69 73.90
N ILE G 113 22.40 10.75 74.29
CA ILE G 113 21.30 10.89 73.34
C ILE G 113 20.83 12.35 73.33
N ASP G 114 21.12 13.05 72.24
CA ASP G 114 20.66 14.44 72.08
C ASP G 114 19.14 14.49 71.87
N GLY G 115 18.53 15.61 72.24
CA GLY G 115 17.10 15.82 72.02
C GLY G 115 16.24 15.96 73.27
N ASP G 116 14.96 16.22 73.06
CA ASP G 116 13.99 16.49 74.13
C ASP G 116 13.58 15.24 74.94
N ALA G 117 14.02 15.18 76.19
CA ALA G 117 13.75 14.04 77.08
C ALA G 117 12.28 13.93 77.53
N PHE G 118 11.46 14.93 77.23
CA PHE G 118 10.04 14.88 77.54
C PHE G 118 9.26 13.96 76.59
N SER G 119 9.81 13.76 75.39
CA SER G 119 9.13 13.02 74.31
C SER G 119 9.44 11.52 74.29
N ASP G 120 8.57 10.76 73.60
CA ASP G 120 8.63 9.31 73.57
C ASP G 120 9.73 8.73 72.68
N GLU G 121 9.96 9.37 71.52
CA GLU G 121 10.97 8.94 70.56
C GLU G 121 12.35 8.93 71.23
N ILE G 122 12.60 9.95 72.03
CA ILE G 122 13.84 10.07 72.81
C ILE G 122 13.93 8.97 73.86
N LYS G 123 12.81 8.69 74.53
CA LYS G 123 12.72 7.57 75.46
C LYS G 123 12.99 6.26 74.72
N ALA G 124 12.36 6.12 73.55
CA ALA G 124 12.55 4.96 72.68
C ALA G 124 13.99 4.80 72.21
N GLN G 125 14.67 5.93 71.98
CA GLN G 125 16.09 5.92 71.58
C GLN G 125 16.99 5.30 72.66
N VAL G 126 16.88 5.79 73.90
CA VAL G 126 17.65 5.23 75.03
C VAL G 126 17.19 3.81 75.35
N ILE G 127 15.91 3.53 75.16
CA ILE G 127 15.41 2.16 75.28
C ILE G 127 16.13 1.25 74.28
N GLU G 128 16.14 1.65 73.00
CA GLU G 128 16.85 0.92 71.95
C GLU G 128 18.32 0.71 72.30
N GLU G 129 18.97 1.80 72.72
CA GLU G 129 20.40 1.79 73.03
C GLU G 129 20.73 0.98 74.27
N ALA G 130 19.89 1.10 75.30
CA ALA G 130 20.06 0.31 76.53
C ALA G 130 19.90 -1.17 76.22
N LYS G 131 18.84 -1.51 75.50
CA LYS G 131 18.56 -2.88 75.06
C LYS G 131 19.68 -3.44 74.19
N LYS G 132 20.09 -2.65 73.20
CA LYS G 132 21.15 -3.02 72.24
C LYS G 132 22.43 -3.43 72.97
N LYS G 133 23.01 -2.51 73.75
CA LYS G 133 24.21 -2.80 74.53
C LYS G 133 23.91 -3.76 75.68
N GLY G 134 22.63 -4.09 75.85
CA GLY G 134 22.17 -5.12 76.78
C GLY G 134 22.48 -4.82 78.22
N ILE G 135 22.13 -3.61 78.65
CA ILE G 135 22.43 -3.18 80.02
C ILE G 135 21.18 -3.05 80.88
N LYS G 136 21.38 -2.95 82.20
CA LYS G 136 20.29 -2.87 83.16
C LYS G 136 20.65 -1.80 84.22
N PHE G 137 19.78 -0.81 84.37
CA PHE G 137 20.05 0.35 85.21
C PHE G 137 19.90 0.12 86.71
N ASP G 138 20.84 0.68 87.46
CA ASP G 138 20.83 0.60 88.92
C ASP G 138 20.82 1.99 89.58
N LEU G 139 20.95 3.04 88.75
CA LEU G 139 20.82 4.43 89.18
C LEU G 139 20.33 5.33 88.06
N ILE G 140 19.09 5.78 88.14
CA ILE G 140 18.54 6.76 87.19
C ILE G 140 18.55 8.11 87.89
N VAL G 141 19.20 9.10 87.27
CA VAL G 141 19.25 10.44 87.86
C VAL G 141 18.36 11.39 87.08
N TYR G 142 17.27 11.83 87.71
CA TYR G 142 16.42 12.85 87.13
C TYR G 142 16.95 14.23 87.46
N SER G 143 17.23 15.02 86.44
CA SER G 143 17.89 16.31 86.63
C SER G 143 17.46 17.38 85.62
N LEU G 144 16.30 17.20 84.99
CA LEU G 144 15.79 18.15 83.99
C LEU G 144 15.34 19.47 84.61
N ALA G 145 15.85 20.57 84.06
CA ALA G 145 15.46 21.91 84.48
C ALA G 145 15.10 22.70 83.24
N SER G 146 13.86 22.56 82.81
CA SER G 146 13.38 23.22 81.62
C SER G 146 12.28 24.22 81.99
N PRO G 147 12.21 25.36 81.27
CA PRO G 147 11.12 26.30 81.53
C PRO G 147 9.84 25.93 80.78
N VAL G 148 9.93 24.92 79.92
CA VAL G 148 8.82 24.52 79.05
C VAL G 148 8.78 23.00 78.79
N ARG G 149 7.57 22.44 78.82
CA ARG G 149 7.36 21.04 78.49
C ARG G 149 6.19 20.84 77.52
N THR G 150 6.49 20.26 76.36
CA THR G 150 5.46 19.84 75.41
C THR G 150 4.97 18.46 75.83
N ASP G 151 3.75 18.41 76.36
CA ASP G 151 3.14 17.17 76.83
C ASP G 151 3.12 16.13 75.72
N PRO G 152 3.57 14.90 76.02
CA PRO G 152 3.56 13.82 75.03
C PRO G 152 2.19 13.58 74.40
N ASP G 153 1.17 13.40 75.24
CA ASP G 153 -0.19 13.07 74.80
C ASP G 153 -0.89 14.22 74.07
N THR G 154 -1.11 15.31 74.81
CA THR G 154 -1.89 16.45 74.31
C THR G 154 -1.17 17.29 73.26
N GLY G 155 0.16 17.25 73.29
CA GLY G 155 1.00 18.04 72.39
C GLY G 155 0.99 19.52 72.72
N ILE G 156 0.32 19.89 73.82
CA ILE G 156 0.14 21.29 74.21
C ILE G 156 1.32 21.82 75.02
N MSE G 157 1.67 23.08 74.75
CA MSE G 157 2.79 23.75 75.40
C MSE G 157 2.47 24.11 76.82
O MSE G 157 1.33 24.49 77.13
CB MSE G 157 3.11 25.04 74.64
CG MSE G 157 4.56 25.47 74.93
SE MSE G 157 5.60 25.69 73.27
CE MSE G 157 5.15 24.00 72.33
N HIS G 158 3.47 23.99 77.68
CA HIS G 158 3.31 24.33 79.10
C HIS G 158 4.39 25.25 79.59
N LYS G 159 3.99 26.48 79.87
CA LYS G 159 4.90 27.55 80.27
C LYS G 159 4.98 27.60 81.80
N SER G 160 6.16 27.31 82.34
CA SER G 160 6.39 27.33 83.78
C SER G 160 6.85 28.70 84.28
N VAL G 161 6.25 29.16 85.38
CA VAL G 161 6.65 30.42 86.00
C VAL G 161 7.19 30.25 87.42
N LEU G 162 7.93 31.24 87.90
CA LEU G 162 8.46 31.27 89.27
C LEU G 162 7.84 32.46 90.01
N LYS G 163 6.69 32.21 90.64
CA LYS G 163 5.88 33.25 91.27
C LYS G 163 5.21 32.75 92.58
N PRO G 164 4.71 33.69 93.42
CA PRO G 164 4.04 33.30 94.65
C PRO G 164 2.51 33.25 94.53
N PHE G 165 1.85 32.75 95.58
CA PHE G 165 0.39 32.68 95.64
C PHE G 165 -0.19 33.78 96.54
N GLY G 166 -1.26 34.42 96.06
CA GLY G 166 -1.97 35.39 96.88
C GLY G 166 -1.48 36.82 96.75
N LYS G 167 -0.28 37.08 97.28
CA LYS G 167 0.27 38.45 97.23
C LYS G 167 1.70 38.57 96.70
N THR G 168 1.94 39.65 95.96
CA THR G 168 3.23 39.96 95.33
C THR G 168 4.42 39.84 96.27
N PHE G 169 5.42 39.05 95.86
CA PHE G 169 6.70 38.98 96.54
C PHE G 169 7.61 40.10 96.03
N THR G 170 8.34 40.75 96.93
CA THR G 170 9.21 41.87 96.57
C THR G 170 10.39 42.08 97.52
N GLY G 171 11.61 42.07 96.97
CA GLY G 171 12.82 42.26 97.76
C GLY G 171 14.02 42.73 96.97
N LYS G 172 15.15 42.90 97.67
CA LYS G 172 16.41 43.37 97.07
C LYS G 172 16.97 42.39 96.05
N THR G 173 17.76 42.90 95.09
CA THR G 173 18.43 42.04 94.11
C THR G 173 19.69 42.70 93.53
N VAL G 174 20.64 41.87 93.11
CA VAL G 174 21.94 42.35 92.65
C VAL G 174 22.27 41.90 91.23
N ASP G 175 22.55 42.86 90.36
CA ASP G 175 23.17 42.61 89.07
C ASP G 175 24.68 42.58 89.32
N PRO G 176 25.25 41.37 89.49
CA PRO G 176 26.63 41.21 89.98
C PRO G 176 27.70 41.70 89.01
N PHE G 177 27.30 42.19 87.84
CA PHE G 177 28.23 42.79 86.88
C PHE G 177 28.39 44.29 87.12
N THR G 178 27.27 45.00 87.13
CA THR G 178 27.23 46.42 87.49
C THR G 178 27.58 46.59 88.97
N GLY G 179 27.01 45.71 89.80
CA GLY G 179 27.12 45.83 91.24
C GLY G 179 25.94 46.62 91.77
N GLU G 180 24.94 46.83 90.91
CA GLU G 180 23.76 47.60 91.25
C GLU G 180 22.90 46.91 92.32
N LEU G 181 21.93 47.64 92.84
CA LEU G 181 21.10 47.18 93.94
C LEU G 181 19.68 47.67 93.72
N LYS G 182 19.03 47.11 92.70
CA LYS G 182 17.67 47.51 92.32
C LYS G 182 16.59 46.84 93.17
N GLU G 183 15.35 46.85 92.67
CA GLU G 183 14.20 46.34 93.41
C GLU G 183 13.18 45.66 92.49
N ILE G 184 13.31 44.34 92.35
CA ILE G 184 12.43 43.55 91.47
C ILE G 184 11.37 42.79 92.27
N SER G 185 10.20 42.59 91.67
CA SER G 185 9.09 41.88 92.32
C SER G 185 8.52 40.76 91.45
N ALA G 186 7.89 39.79 92.10
CA ALA G 186 7.28 38.64 91.42
C ALA G 186 5.78 38.59 91.73
N GLU G 187 4.96 38.92 90.73
CA GLU G 187 3.51 39.10 90.90
C GLU G 187 2.75 37.78 91.02
N PRO G 188 1.62 37.76 91.78
CA PRO G 188 0.85 36.52 92.02
C PRO G 188 0.40 35.79 90.75
N ALA G 189 0.28 34.48 90.86
CA ALA G 189 0.00 33.61 89.72
C ALA G 189 -1.48 33.36 89.48
N ASN G 190 -1.80 32.82 88.30
CA ASN G 190 -3.14 32.29 88.00
C ASN G 190 -3.25 30.90 88.59
N ASP G 191 -4.45 30.32 88.50
CA ASP G 191 -4.62 28.89 88.73
C ASP G 191 -4.19 28.10 87.50
N GLU G 192 -4.26 28.75 86.33
CA GLU G 192 -3.77 28.18 85.08
C GLU G 192 -2.24 28.23 85.03
N GLU G 193 -1.66 29.27 85.63
CA GLU G 193 -0.21 29.38 85.79
C GLU G 193 0.32 28.38 86.82
N ALA G 194 -0.55 27.94 87.73
CA ALA G 194 -0.18 26.94 88.73
C ALA G 194 -0.07 25.55 88.11
N ALA G 195 -1.11 25.13 87.39
CA ALA G 195 -1.16 23.79 86.78
C ALA G 195 -0.11 23.61 85.70
N ALA G 196 0.12 24.67 84.91
CA ALA G 196 1.12 24.64 83.84
C ALA G 196 2.53 24.43 84.38
N THR G 197 2.87 25.12 85.47
CA THR G 197 4.19 25.01 86.10
C THR G 197 4.40 23.65 86.77
N VAL G 198 3.35 23.12 87.41
CA VAL G 198 3.41 21.80 88.03
C VAL G 198 3.63 20.71 86.98
N LYS G 199 3.03 20.91 85.81
CA LYS G 199 3.21 20.00 84.67
C LYS G 199 4.70 19.88 84.30
N VAL G 200 5.39 21.03 84.24
CA VAL G 200 6.80 21.13 83.82
C VAL G 200 7.79 20.71 84.91
N MSE G 201 7.69 21.38 86.06
CA MSE G 201 8.66 21.25 87.15
C MSE G 201 8.27 20.19 88.16
O MSE G 201 8.96 19.99 89.16
CB MSE G 201 8.76 22.59 87.87
CG MSE G 201 9.29 23.72 86.98
SE MSE G 201 11.25 23.60 86.75
CE MSE G 201 11.84 23.95 88.60
N GLY G 202 7.17 19.49 87.89
CA GLY G 202 6.67 18.47 88.80
C GLY G 202 7.47 17.19 88.76
N GLY G 203 6.77 16.05 88.70
CA GLY G 203 7.40 14.74 88.64
C GLY G 203 6.68 13.83 87.68
N GLU G 204 5.89 14.43 86.80
CA GLU G 204 5.10 13.71 85.81
C GLU G 204 6.04 12.99 84.84
N ASP G 205 7.03 13.73 84.35
CA ASP G 205 8.03 13.23 83.41
C ASP G 205 8.93 12.17 84.04
N TRP G 206 9.12 12.27 85.35
CA TRP G 206 9.98 11.37 86.11
C TRP G 206 9.38 9.99 86.26
N GLU G 207 8.07 9.96 86.55
CA GLU G 207 7.31 8.71 86.69
C GLU G 207 7.25 7.99 85.35
N ARG G 208 7.00 8.77 84.29
CA ARG G 208 6.89 8.26 82.93
C ARG G 208 8.13 7.46 82.53
N TRP G 209 9.31 8.02 82.82
CA TRP G 209 10.59 7.35 82.57
C TRP G 209 10.64 6.01 83.22
N ILE G 210 10.34 5.99 84.52
CA ILE G 210 10.46 4.76 85.32
C ILE G 210 9.45 3.69 84.89
N LYS G 211 8.23 4.11 84.56
CA LYS G 211 7.19 3.18 84.12
C LYS G 211 7.57 2.57 82.77
N GLN G 212 7.91 3.45 81.82
CA GLN G 212 8.32 3.05 80.48
C GLN G 212 9.53 2.11 80.51
N LEU G 213 10.55 2.51 81.26
CA LEU G 213 11.77 1.71 81.44
C LEU G 213 11.51 0.42 82.23
N SER G 214 10.41 0.40 82.99
CA SER G 214 10.07 -0.74 83.84
C SER G 214 9.52 -1.93 83.04
N LYS G 215 8.53 -1.65 82.19
CA LYS G 215 7.90 -2.66 81.33
C LYS G 215 8.92 -3.33 80.41
N GLU G 216 9.93 -2.55 80.01
CA GLU G 216 11.01 -3.04 79.16
C GLU G 216 12.04 -3.88 79.91
N GLY G 217 11.91 -3.94 81.23
CA GLY G 217 12.81 -4.74 82.08
C GLY G 217 14.25 -4.30 82.02
N LEU G 218 14.48 -3.00 82.18
CA LEU G 218 15.84 -2.44 82.14
C LEU G 218 16.26 -1.86 83.50
N LEU G 219 15.60 -2.32 84.56
CA LEU G 219 15.88 -1.86 85.92
C LEU G 219 16.37 -3.00 86.81
N GLU G 220 17.48 -2.77 87.51
CA GLU G 220 18.04 -3.77 88.43
C GLU G 220 17.23 -3.87 89.72
N GLU G 221 17.42 -4.97 90.45
CA GLU G 221 16.87 -5.12 91.79
C GLU G 221 17.56 -4.14 92.73
N GLY G 222 16.76 -3.34 93.43
CA GLY G 222 17.28 -2.32 94.33
C GLY G 222 17.91 -1.17 93.57
N CYS G 223 17.34 -0.86 92.41
CA CYS G 223 17.79 0.27 91.60
C CYS G 223 17.38 1.60 92.24
N ILE G 224 18.35 2.51 92.35
CA ILE G 224 18.10 3.83 92.92
C ILE G 224 17.75 4.85 91.84
N THR G 225 16.61 5.53 92.00
CA THR G 225 16.33 6.71 91.17
C THR G 225 16.02 7.95 92.02
N LEU G 226 16.83 8.99 91.84
CA LEU G 226 16.62 10.25 92.54
C LEU G 226 16.40 11.43 91.60
N ALA G 227 15.59 12.38 92.05
CA ALA G 227 15.37 13.64 91.34
C ALA G 227 15.85 14.78 92.23
N TYR G 228 16.12 15.94 91.63
CA TYR G 228 16.67 17.06 92.39
C TYR G 228 15.68 18.15 92.76
N SER G 229 15.80 18.66 93.99
CA SER G 229 14.90 19.68 94.50
C SER G 229 15.66 20.82 95.20
N TYR G 230 14.93 21.87 95.60
CA TYR G 230 15.50 22.98 96.36
C TYR G 230 14.50 23.60 97.33
N ILE G 231 14.84 23.58 98.62
CA ILE G 231 14.01 24.18 99.67
C ILE G 231 14.44 25.63 99.90
N GLY G 232 15.74 25.83 100.09
CA GLY G 232 16.26 27.17 100.34
C GLY G 232 16.00 27.69 101.74
N PRO G 233 16.19 29.00 101.95
CA PRO G 233 16.09 29.59 103.28
C PRO G 233 14.71 30.15 103.60
N GLU G 234 14.56 30.66 104.82
CA GLU G 234 13.33 31.32 105.25
C GLU G 234 13.01 32.58 104.44
N ALA G 235 14.05 33.21 103.89
CA ALA G 235 13.90 34.46 103.15
C ALA G 235 13.17 34.28 101.81
N THR G 236 13.25 33.09 101.24
CA THR G 236 12.62 32.80 99.94
C THR G 236 11.45 31.82 100.07
N GLN G 237 10.88 31.72 101.28
CA GLN G 237 9.81 30.76 101.55
C GLN G 237 8.56 30.98 100.68
N ALA G 238 8.30 32.23 100.34
CA ALA G 238 7.12 32.61 99.54
C ALA G 238 7.09 31.99 98.15
N LEU G 239 8.26 31.62 97.64
CA LEU G 239 8.39 31.01 96.32
C LEU G 239 8.55 29.49 96.40
N TYR G 240 9.57 29.04 97.12
CA TYR G 240 9.96 27.63 97.15
C TYR G 240 9.13 26.74 98.07
N ARG G 241 8.32 27.36 98.92
CA ARG G 241 7.40 26.58 99.75
C ARG G 241 5.95 26.89 99.39
N LYS G 242 5.58 28.16 99.51
CA LYS G 242 4.18 28.58 99.41
C LYS G 242 3.85 29.10 98.00
N GLY G 243 4.87 29.25 97.16
CA GLY G 243 4.70 29.75 95.80
C GLY G 243 4.36 28.69 94.77
N THR G 244 4.59 29.01 93.51
CA THR G 244 4.22 28.14 92.40
C THR G 244 5.25 27.01 92.15
N ILE G 245 6.52 27.32 92.36
CA ILE G 245 7.60 26.33 92.29
C ILE G 245 7.47 25.37 93.48
N GLY G 246 7.10 25.94 94.63
CA GLY G 246 6.90 25.17 95.86
C GLY G 246 5.77 24.18 95.75
N LYS G 247 4.77 24.50 94.93
CA LYS G 247 3.65 23.58 94.70
C LYS G 247 4.09 22.42 93.78
N ALA G 248 4.96 22.72 92.83
CA ALA G 248 5.48 21.72 91.89
C ALA G 248 6.44 20.76 92.57
N LYS G 249 7.33 21.33 93.40
CA LYS G 249 8.29 20.58 94.19
C LYS G 249 7.60 19.58 95.14
N GLU G 250 6.39 19.92 95.59
CA GLU G 250 5.60 19.04 96.45
C GLU G 250 5.13 17.81 95.68
N HIS G 251 4.67 18.03 94.45
CA HIS G 251 4.30 16.95 93.54
C HIS G 251 5.48 16.09 93.16
N LEU G 252 6.66 16.71 93.09
CA LEU G 252 7.90 16.02 92.79
C LEU G 252 8.27 15.03 93.90
N GLU G 253 8.17 15.48 95.16
CA GLU G 253 8.47 14.63 96.31
C GLU G 253 7.35 13.64 96.62
N ALA G 254 6.14 13.96 96.15
CA ALA G 254 5.00 13.04 96.22
C ALA G 254 5.17 11.90 95.22
N THR G 255 5.68 12.24 94.03
CA THR G 255 5.99 11.26 92.99
C THR G 255 7.01 10.21 93.46
N ALA G 256 7.95 10.65 94.30
CA ALA G 256 8.91 9.75 94.93
C ALA G 256 8.23 8.68 95.81
N HIS G 257 7.10 9.06 96.45
CA HIS G 257 6.32 8.11 97.27
C HIS G 257 5.53 7.15 96.43
N ARG G 258 4.94 7.67 95.36
CA ARG G 258 4.15 6.87 94.43
C ARG G 258 4.99 5.75 93.80
N LEU G 259 6.22 6.07 93.44
CA LEU G 259 7.12 5.13 92.76
C LEU G 259 7.52 3.94 93.65
N ASN G 260 7.88 4.23 94.90
CA ASN G 260 8.16 3.21 95.90
C ASN G 260 6.98 2.28 96.14
N LYS G 261 5.78 2.85 96.22
CA LYS G 261 4.55 2.11 96.49
C LYS G 261 4.12 1.24 95.31
N GLU G 262 4.19 1.80 94.11
CA GLU G 262 3.81 1.08 92.88
C GLU G 262 4.86 0.07 92.38
N ASN G 263 6.10 0.21 92.85
CA ASN G 263 7.16 -0.74 92.50
C ASN G 263 8.22 -0.88 93.61
N PRO G 264 8.09 -1.91 94.46
CA PRO G 264 8.93 -2.10 95.64
C PRO G 264 10.40 -2.45 95.33
N SER G 265 10.66 -3.05 94.16
CA SER G 265 12.01 -3.50 93.82
C SER G 265 12.97 -2.36 93.44
N ILE G 266 12.48 -1.12 93.47
CA ILE G 266 13.29 0.07 93.24
C ILE G 266 13.24 1.05 94.43
N ARG G 267 14.27 1.90 94.55
CA ARG G 267 14.38 2.83 95.67
C ARG G 267 14.42 4.28 95.18
N ALA G 268 13.30 4.98 95.30
CA ALA G 268 13.17 6.36 94.82
C ALA G 268 13.31 7.37 95.94
N PHE G 269 14.08 8.42 95.67
CA PHE G 269 14.32 9.52 96.61
C PHE G 269 14.40 10.85 95.88
N VAL G 270 14.15 11.94 96.59
CA VAL G 270 14.42 13.27 96.04
C VAL G 270 15.51 13.94 96.87
N SER G 271 16.49 14.51 96.18
CA SER G 271 17.63 15.09 96.84
C SER G 271 17.51 16.60 96.84
N VAL G 272 17.57 17.18 98.04
CA VAL G 272 17.56 18.64 98.18
C VAL G 272 18.99 19.12 98.29
N ASN G 273 19.45 19.85 97.27
CA ASN G 273 20.84 20.28 97.21
C ASN G 273 20.99 21.73 97.63
N LYS G 274 22.24 22.14 97.84
CA LYS G 274 22.59 23.54 98.04
C LYS G 274 22.13 24.36 96.83
N GLY G 275 21.81 25.63 97.06
CA GLY G 275 21.47 26.54 95.96
C GLY G 275 22.71 27.05 95.25
N LEU G 276 22.57 27.33 93.96
CA LEU G 276 23.66 27.90 93.15
C LEU G 276 23.17 28.68 91.93
N VAL G 277 24.11 29.21 91.16
CA VAL G 277 23.80 30.04 90.00
C VAL G 277 23.25 29.22 88.83
N THR G 278 22.04 29.58 88.39
CA THR G 278 21.40 28.90 87.27
C THR G 278 20.87 29.89 86.25
N ARG G 279 20.35 29.37 85.15
CA ARG G 279 19.75 30.21 84.11
C ARG G 279 18.44 30.81 84.59
N ALA G 280 17.80 30.13 85.54
CA ALA G 280 16.57 30.63 86.15
C ALA G 280 16.82 31.79 87.12
N SER G 281 18.04 31.84 87.67
CA SER G 281 18.40 32.70 88.81
C SER G 281 18.31 34.23 88.65
N ALA G 282 18.76 34.75 87.50
CA ALA G 282 18.85 36.19 87.27
C ALA G 282 17.53 36.95 87.43
N VAL G 283 16.42 36.33 87.07
CA VAL G 283 15.10 36.99 87.03
C VAL G 283 14.26 36.76 88.29
N ILE G 284 14.73 35.88 89.18
CA ILE G 284 13.99 35.49 90.39
C ILE G 284 14.50 36.27 91.61
N PRO G 285 13.59 36.98 92.30
CA PRO G 285 13.96 38.03 93.26
C PRO G 285 14.59 37.55 94.59
N VAL G 286 15.44 38.43 95.15
CA VAL G 286 16.08 38.15 96.48
C VAL G 286 17.11 36.99 96.43
N ILE G 287 17.05 36.25 95.32
CA ILE G 287 17.88 35.05 95.16
C ILE G 287 19.36 35.31 94.78
N PRO G 288 19.53 36.44 93.93
CA PRO G 288 20.94 36.78 93.61
C PRO G 288 21.67 37.29 94.85
N LEU G 289 21.04 38.22 95.56
CA LEU G 289 21.62 38.83 96.74
C LEU G 289 21.92 37.76 97.81
N TYR G 290 21.02 36.80 97.95
CA TYR G 290 21.18 35.71 98.90
C TYR G 290 22.36 34.80 98.52
N LEU G 291 22.40 34.37 97.26
CA LEU G 291 23.49 33.56 96.75
C LEU G 291 24.84 34.28 96.89
N ALA G 292 24.86 35.57 96.55
CA ALA G 292 26.08 36.38 96.68
C ALA G 292 26.50 36.58 98.15
N SER G 293 25.52 36.53 99.05
CA SER G 293 25.77 36.60 100.49
C SER G 293 26.27 35.25 101.00
N LEU G 294 25.54 34.19 100.64
CA LEU G 294 25.84 32.83 101.07
C LEU G 294 27.25 32.38 100.67
N PHE G 295 27.66 32.74 99.46
CA PHE G 295 29.01 32.44 98.98
C PHE G 295 30.07 33.06 99.90
N LYS G 296 29.97 34.38 100.08
CA LYS G 296 30.82 35.13 101.01
C LYS G 296 30.86 34.46 102.40
N VAL G 297 29.67 34.17 102.92
CA VAL G 297 29.51 33.55 104.23
C VAL G 297 30.17 32.17 104.29
N MSE G 298 29.84 31.31 103.32
CA MSE G 298 30.24 29.90 103.37
C MSE G 298 31.68 29.71 102.96
O MSE G 298 32.33 28.78 103.44
CB MSE G 298 29.33 29.01 102.51
CG MSE G 298 27.94 28.83 103.15
SE MSE G 298 26.89 27.51 102.13
CE MSE G 298 27.27 25.96 103.29
N LYS G 299 32.19 30.58 102.08
CA LYS G 299 33.60 30.56 101.73
C LYS G 299 34.44 30.94 102.94
N GLU G 300 33.96 31.97 103.66
CA GLU G 300 34.58 32.42 104.90
C GLU G 300 34.66 31.26 105.90
N LYS G 301 33.53 30.56 106.10
CA LYS G 301 33.44 29.47 107.07
C LYS G 301 34.08 28.18 106.55
N GLY G 302 34.18 28.07 105.24
CA GLY G 302 34.86 26.94 104.59
C GLY G 302 33.99 25.77 104.23
N ASN G 303 32.67 25.97 104.22
CA ASN G 303 31.76 24.89 103.82
C ASN G 303 31.01 25.19 102.52
N HIS G 304 31.60 26.05 101.69
CA HIS G 304 31.09 26.34 100.36
C HIS G 304 31.54 25.30 99.38
N GLU G 305 30.58 24.57 98.84
CA GLU G 305 30.84 23.66 97.73
C GLU G 305 30.05 24.07 96.50
N GLY G 306 30.60 23.78 95.33
CA GLY G 306 29.91 24.02 94.06
C GLY G 306 29.15 22.77 93.67
N CYS G 307 29.05 22.51 92.36
CA CYS G 307 28.29 21.36 91.87
C CYS G 307 28.93 20.00 92.18
N ILE G 308 30.19 19.85 91.76
CA ILE G 308 30.88 18.56 91.86
C ILE G 308 31.18 18.20 93.31
N GLU G 309 31.56 19.20 94.10
CA GLU G 309 31.84 18.99 95.51
C GLU G 309 30.57 18.51 96.22
N GLN G 310 29.42 19.01 95.79
CA GLN G 310 28.12 18.60 96.34
C GLN G 310 27.81 17.13 96.01
N ILE G 311 27.95 16.78 94.74
CA ILE G 311 27.53 15.48 94.22
C ILE G 311 28.48 14.33 94.60
N THR G 312 29.79 14.61 94.61
CA THR G 312 30.76 13.64 95.11
C THR G 312 30.33 13.23 96.50
N ARG G 313 30.15 14.22 97.37
CA ARG G 313 29.64 14.03 98.71
C ARG G 313 28.32 13.24 98.75
N LEU G 314 27.39 13.62 97.88
CA LEU G 314 26.13 12.89 97.76
C LEU G 314 26.36 11.40 97.54
N TYR G 315 27.04 11.06 96.45
CA TYR G 315 27.38 9.66 96.11
C TYR G 315 28.10 8.93 97.24
N ALA G 316 29.10 9.59 97.82
CA ALA G 316 29.99 8.95 98.80
C ALA G 316 29.41 8.86 100.20
N GLU G 317 28.53 9.80 100.56
CA GLU G 317 28.05 9.89 101.95
C GLU G 317 26.55 9.69 102.13
N ARG G 318 25.87 9.34 101.03
CA ARG G 318 24.45 9.04 101.08
C ARG G 318 24.08 7.77 100.32
N LEU G 319 24.30 7.80 99.01
CA LEU G 319 23.94 6.70 98.12
C LEU G 319 24.77 5.44 98.35
N TYR G 320 26.09 5.58 98.21
CA TYR G 320 27.00 4.43 98.27
C TYR G 320 27.98 4.54 99.44
N ARG G 321 27.45 4.39 100.65
CA ARG G 321 28.27 4.37 101.87
C ARG G 321 28.32 2.99 102.51
N LYS G 322 29.39 2.74 103.27
CA LYS G 322 29.73 1.41 103.79
C LYS G 322 28.56 0.68 104.46
N ASP G 323 27.92 1.34 105.41
CA ASP G 323 26.82 0.77 106.19
C ASP G 323 25.57 0.43 105.36
N GLY G 324 25.62 0.72 104.07
CA GLY G 324 24.57 0.32 103.12
C GLY G 324 23.30 1.14 103.18
N THR G 325 23.17 1.98 104.20
CA THR G 325 21.99 2.83 104.41
C THR G 325 22.01 4.06 103.50
N ILE G 326 20.83 4.63 103.30
CA ILE G 326 20.69 5.89 102.58
C ILE G 326 20.03 6.88 103.54
N PRO G 327 20.85 7.74 104.19
CA PRO G 327 20.38 8.65 105.23
C PRO G 327 19.46 9.75 104.68
N VAL G 328 18.22 9.75 105.15
CA VAL G 328 17.22 10.73 104.73
C VAL G 328 16.71 11.58 105.91
N ASP G 329 15.65 12.36 105.67
CA ASP G 329 14.96 13.10 106.73
C ASP G 329 13.58 12.49 107.06
N GLU G 330 12.72 13.29 107.71
CA GLU G 330 11.41 12.86 108.20
C GLU G 330 10.43 12.57 107.06
N GLU G 331 10.46 13.40 106.03
CA GLU G 331 9.60 13.20 104.85
C GLU G 331 10.29 12.36 103.76
N ASN G 332 11.38 11.69 104.16
CA ASN G 332 12.12 10.75 103.32
C ASN G 332 12.83 11.39 102.11
N ARG G 333 13.64 12.40 102.39
CA ARG G 333 14.41 13.11 101.37
C ARG G 333 15.89 13.13 101.72
N ILE G 334 16.72 12.96 100.70
CA ILE G 334 18.18 13.03 100.87
C ILE G 334 18.52 14.48 101.14
N ARG G 335 19.32 14.72 102.17
CA ARG G 335 19.65 16.09 102.60
C ARG G 335 21.11 16.46 102.41
N ILE G 336 21.38 17.16 101.32
CA ILE G 336 22.74 17.61 100.98
C ILE G 336 22.90 19.11 101.24
N ASP G 337 21.78 19.82 101.22
CA ASP G 337 21.76 21.25 101.60
C ASP G 337 21.93 21.43 103.11
N ASP G 338 22.23 20.34 103.80
CA ASP G 338 22.36 20.31 105.26
C ASP G 338 23.34 21.33 105.84
N TRP G 339 24.29 21.78 105.03
CA TRP G 339 25.26 22.78 105.45
C TRP G 339 24.83 24.19 105.21
N GLU G 340 24.27 24.44 104.03
CA GLU G 340 23.67 25.74 103.70
C GLU G 340 22.62 26.14 104.74
N LEU G 341 21.88 25.16 105.24
CA LEU G 341 20.78 25.43 106.15
C LEU G 341 21.12 25.33 107.63
N GLU G 342 22.35 24.95 107.96
CA GLU G 342 22.78 24.92 109.36
C GLU G 342 22.71 26.34 109.94
N GLU G 343 22.18 26.43 111.16
CA GLU G 343 21.63 27.69 111.68
C GLU G 343 22.61 28.87 111.75
N ASP G 344 23.88 28.61 112.03
CA ASP G 344 24.85 29.70 112.15
C ASP G 344 25.23 30.30 110.80
N VAL G 345 25.10 29.51 109.73
CA VAL G 345 25.31 30.02 108.36
C VAL G 345 24.16 30.95 107.98
N GLN G 346 22.92 30.48 108.15
CA GLN G 346 21.73 31.26 107.78
C GLN G 346 21.58 32.56 108.58
N LYS G 347 22.05 32.53 109.83
CA LYS G 347 22.07 33.70 110.70
C LYS G 347 23.00 34.77 110.13
N ALA G 348 24.20 34.35 109.74
CA ALA G 348 25.23 35.24 109.18
C ALA G 348 24.84 35.82 107.82
N VAL G 349 23.97 35.11 107.10
CA VAL G 349 23.47 35.57 105.80
C VAL G 349 22.45 36.69 105.97
N SER G 350 21.40 36.42 106.74
CA SER G 350 20.34 37.39 107.01
C SER G 350 20.93 38.71 107.50
N ALA G 351 21.83 38.63 108.48
CA ALA G 351 22.58 39.78 108.95
C ALA G 351 23.23 40.55 107.79
N LEU G 352 24.04 39.84 106.99
CA LEU G 352 24.77 40.42 105.87
C LEU G 352 23.86 41.05 104.82
N MSE G 353 22.65 40.50 104.69
CA MSE G 353 21.72 40.96 103.66
C MSE G 353 21.01 42.25 103.99
O MSE G 353 20.44 42.88 103.10
CB MSE G 353 20.70 39.87 103.41
CG MSE G 353 21.00 39.14 102.10
SE MSE G 353 19.62 37.80 101.69
CE MSE G 353 18.01 38.93 101.59
N GLU G 354 21.05 42.68 105.25
CA GLU G 354 20.40 43.95 105.61
C GLU G 354 21.36 45.12 105.63
N LYS G 355 22.55 44.92 106.21
CA LYS G 355 23.53 46.00 106.33
C LYS G 355 24.24 46.32 105.00
N VAL G 356 23.67 45.82 103.91
CA VAL G 356 24.20 46.07 102.56
C VAL G 356 23.35 47.10 101.82
N THR G 357 24.03 48.09 101.25
CA THR G 357 23.37 49.25 100.62
C THR G 357 23.90 49.49 99.20
N GLY G 358 23.67 50.70 98.68
CA GLY G 358 24.11 51.10 97.34
C GLY G 358 25.58 50.89 97.07
N GLU G 359 26.44 51.61 97.80
CA GLU G 359 27.87 51.63 97.49
C GLU G 359 28.70 50.47 98.03
N ASN G 360 28.17 49.73 99.01
CA ASN G 360 28.95 48.66 99.66
C ASN G 360 28.74 47.26 99.09
N ALA G 361 27.82 47.12 98.14
CA ALA G 361 27.41 45.82 97.58
C ALA G 361 28.58 44.90 97.23
N GLU G 362 29.51 45.37 96.41
CA GLU G 362 30.63 44.55 95.94
C GLU G 362 31.63 44.28 97.06
N SER G 363 31.60 45.11 98.09
CA SER G 363 32.60 45.09 99.15
C SER G 363 32.44 43.93 100.14
N LEU G 364 31.24 43.76 100.70
CA LEU G 364 31.03 42.78 101.77
C LEU G 364 30.26 41.50 101.36
N THR G 365 29.93 41.40 100.08
CA THR G 365 29.35 40.17 99.51
C THR G 365 30.25 39.63 98.40
N ASP G 366 29.97 38.41 97.92
CA ASP G 366 30.81 37.79 96.90
C ASP G 366 30.23 37.88 95.50
N LEU G 367 30.35 39.06 94.91
CA LEU G 367 29.85 39.31 93.56
C LEU G 367 30.78 38.70 92.52
N ALA G 368 32.08 38.68 92.81
CA ALA G 368 33.08 38.02 91.97
C ALA G 368 32.73 36.54 91.79
N GLY G 369 32.64 35.81 92.90
CA GLY G 369 32.26 34.39 92.90
C GLY G 369 30.92 34.09 92.23
N TYR G 370 30.04 35.09 92.16
CA TYR G 370 28.77 34.95 91.48
C TYR G 370 28.95 35.11 89.97
N ARG G 371 29.79 36.05 89.56
CA ARG G 371 30.14 36.23 88.14
C ARG G 371 30.91 35.02 87.60
N HIS G 372 31.83 34.49 88.41
CA HIS G 372 32.60 33.31 88.06
C HIS G 372 31.70 32.12 87.83
N ASP G 373 30.89 31.79 88.84
CA ASP G 373 29.95 30.67 88.74
C ASP G 373 29.00 30.82 87.55
N PHE G 374 28.56 32.06 87.30
CA PHE G 374 27.69 32.38 86.17
C PHE G 374 28.39 32.16 84.84
N LEU G 375 29.62 32.66 84.72
CA LEU G 375 30.34 32.59 83.45
C LEU G 375 30.99 31.24 83.18
N ALA G 376 31.54 30.61 84.22
CA ALA G 376 32.14 29.29 84.08
C ALA G 376 31.16 28.29 83.47
N SER G 377 29.87 28.48 83.76
CA SER G 377 28.80 27.63 83.21
C SER G 377 28.68 27.70 81.69
N ASN G 378 29.34 28.69 81.08
CA ASN G 378 29.35 28.83 79.63
C ASN G 378 30.75 28.71 79.01
N GLY G 379 31.73 28.42 79.86
CA GLY G 379 33.12 28.24 79.42
C GLY G 379 33.98 29.48 79.52
N PHE G 380 33.52 30.45 80.32
CA PHE G 380 34.23 31.72 80.50
C PHE G 380 34.85 31.84 81.89
N ASP G 381 35.88 32.67 81.99
CA ASP G 381 36.57 32.96 83.26
C ASP G 381 37.25 31.75 83.90
N VAL G 382 37.40 30.67 83.14
CA VAL G 382 38.00 29.45 83.66
C VAL G 382 39.51 29.63 83.80
N GLU G 383 40.06 29.11 84.89
CA GLU G 383 41.50 29.13 85.15
C GLU G 383 42.23 28.29 84.08
N GLY G 384 43.34 28.83 83.58
CA GLY G 384 44.16 28.12 82.60
C GLY G 384 43.79 28.39 81.14
N ILE G 385 42.79 29.23 80.92
CA ILE G 385 42.33 29.55 79.57
C ILE G 385 42.78 30.96 79.16
N ASN G 386 43.39 31.05 77.98
CA ASN G 386 43.73 32.32 77.39
C ASN G 386 42.57 32.77 76.51
N TYR G 387 41.77 33.71 77.01
CA TYR G 387 40.58 34.16 76.31
C TYR G 387 40.85 35.10 75.13
N GLU G 388 42.07 35.59 75.05
CA GLU G 388 42.51 36.42 73.93
C GLU G 388 42.84 35.55 72.72
N ALA G 389 43.15 34.28 72.98
CA ALA G 389 43.52 33.32 71.93
C ALA G 389 42.42 33.11 70.89
N GLU G 390 42.84 32.85 69.66
CA GLU G 390 41.94 32.56 68.54
C GLU G 390 41.23 31.23 68.73
N VAL G 391 40.00 31.13 68.22
CA VAL G 391 39.28 29.86 68.19
C VAL G 391 38.87 29.59 66.73
N GLU G 392 39.59 28.66 66.09
CA GLU G 392 39.36 28.29 64.68
C GLU G 392 37.91 27.97 64.36
N ARG G 393 37.38 26.93 65.00
CA ARG G 393 36.04 26.42 64.71
C ARG G 393 35.08 26.57 65.90
N PHE G 394 33.89 25.99 65.76
CA PHE G 394 32.87 26.00 66.82
C PHE G 394 32.14 24.67 66.96
N ASP G 395 32.60 23.65 66.23
CA ASP G 395 31.95 22.34 66.21
C ASP G 395 32.81 21.24 66.83
N ARG G 396 33.97 21.64 67.34
CA ARG G 396 34.95 20.71 67.89
C ARG G 396 35.78 21.37 68.99
N ILE G 397 36.31 20.54 69.89
CA ILE G 397 37.18 21.01 70.98
C ILE G 397 38.60 20.47 70.80
N LEU G 398 39.57 21.10 71.47
CA LEU G 398 40.99 20.70 71.46
C LEU G 398 41.19 19.19 71.46
N MSE H 1 -65.12 -39.90 18.46
CA MSE H 1 -64.83 -38.45 18.23
C MSE H 1 -65.34 -38.01 16.88
O MSE H 1 -65.66 -38.85 16.02
CB MSE H 1 -63.33 -38.19 18.41
CG MSE H 1 -62.48 -38.60 17.20
SE MSE H 1 -60.64 -37.89 17.41
CE MSE H 1 -61.05 -35.95 17.29
N ILE H 2 -65.41 -36.69 16.68
CA ILE H 2 -65.92 -36.12 15.44
C ILE H 2 -64.78 -35.65 14.55
N VAL H 3 -64.73 -36.21 13.33
CA VAL H 3 -63.70 -35.84 12.36
C VAL H 3 -64.34 -35.05 11.22
N LYS H 4 -63.74 -33.90 10.91
CA LYS H 4 -64.20 -33.03 9.84
C LYS H 4 -63.03 -32.49 9.02
N PRO H 5 -63.31 -32.07 7.75
CA PRO H 5 -62.22 -31.68 6.86
C PRO H 5 -61.24 -30.74 7.56
N MSE H 6 -59.97 -31.16 7.60
CA MSE H 6 -58.92 -30.31 8.13
C MSE H 6 -58.00 -30.01 6.97
O MSE H 6 -56.96 -30.71 6.70
CB MSE H 6 -58.19 -31.04 9.27
CG MSE H 6 -57.16 -30.09 9.92
SE MSE H 6 -56.23 -31.07 11.42
CE MSE H 6 -55.47 -32.58 10.30
N VAL H 7 -58.37 -28.87 6.29
CA VAL H 7 -57.69 -28.45 5.06
C VAL H 7 -56.59 -27.43 5.36
N ARG H 8 -55.35 -27.91 5.42
CA ARG H 8 -54.21 -27.03 5.64
C ARG H 8 -53.54 -26.71 4.29
N ASN H 9 -53.64 -25.46 3.87
CA ASN H 9 -52.98 -25.01 2.64
C ASN H 9 -53.51 -25.59 1.31
N ASN H 10 -54.83 -25.62 1.17
CA ASN H 10 -55.48 -26.24 0.00
C ASN H 10 -55.11 -27.71 -0.20
N ILE H 11 -54.95 -28.44 0.91
CA ILE H 11 -54.65 -29.88 0.91
C ILE H 11 -55.32 -30.52 2.12
N CYS H 12 -56.11 -31.57 1.88
CA CYS H 12 -56.86 -32.23 2.94
C CYS H 12 -56.05 -33.36 3.58
N LEU H 13 -55.64 -33.14 4.83
CA LEU H 13 -54.80 -34.10 5.57
C LEU H 13 -55.57 -35.34 6.04
N ASN H 14 -56.64 -35.13 6.79
CA ASN H 14 -57.43 -36.22 7.35
C ASN H 14 -58.31 -36.96 6.33
N ALA H 15 -58.88 -38.08 6.79
CA ALA H 15 -59.81 -38.87 6.00
C ALA H 15 -61.01 -39.22 6.86
N HIS H 16 -62.11 -39.62 6.21
CA HIS H 16 -63.30 -40.08 6.90
C HIS H 16 -63.64 -41.45 6.40
N PRO H 17 -63.37 -42.49 7.23
CA PRO H 17 -63.46 -43.89 6.80
C PRO H 17 -64.85 -44.28 6.31
N GLN H 18 -65.89 -43.90 7.05
CA GLN H 18 -67.27 -44.22 6.67
C GLN H 18 -67.66 -43.59 5.33
N GLY H 19 -67.15 -42.38 5.08
CA GLY H 19 -67.33 -41.71 3.80
C GLY H 19 -66.60 -42.43 2.68
N CYS H 20 -65.34 -42.79 2.92
CA CYS H 20 -64.53 -43.49 1.93
C CYS H 20 -65.12 -44.83 1.49
N LYS H 21 -65.82 -45.48 2.43
CA LYS H 21 -66.48 -46.75 2.14
C LYS H 21 -67.73 -46.54 1.29
N LYS H 22 -68.59 -45.63 1.74
CA LYS H 22 -69.79 -45.26 1.00
C LYS H 22 -69.39 -44.85 -0.42
N GLY H 23 -68.42 -43.93 -0.50
CA GLY H 23 -67.88 -43.45 -1.77
C GLY H 23 -67.53 -44.56 -2.75
N VAL H 24 -66.86 -45.60 -2.25
CA VAL H 24 -66.52 -46.76 -3.07
C VAL H 24 -67.78 -47.50 -3.49
N GLU H 25 -68.64 -47.79 -2.52
CA GLU H 25 -69.93 -48.46 -2.79
C GLU H 25 -70.79 -47.71 -3.80
N ASP H 26 -70.68 -46.38 -3.80
CA ASP H 26 -71.39 -45.53 -4.75
C ASP H 26 -70.89 -45.68 -6.17
N GLN H 27 -69.58 -45.88 -6.33
CA GLN H 27 -69.01 -46.17 -7.64
C GLN H 27 -69.43 -47.54 -8.15
N ILE H 28 -69.56 -48.49 -7.23
CA ILE H 28 -69.96 -49.86 -7.56
C ILE H 28 -71.39 -49.89 -8.08
N GLU H 29 -72.32 -49.29 -7.33
CA GLU H 29 -73.71 -49.18 -7.74
C GLU H 29 -73.81 -48.73 -9.18
N TYR H 30 -73.15 -47.61 -9.48
CA TYR H 30 -73.16 -47.04 -10.82
C TYR H 30 -72.60 -48.04 -11.84
N THR H 31 -71.47 -48.67 -11.54
CA THR H 31 -70.84 -49.58 -12.48
C THR H 31 -71.77 -50.73 -12.85
N LYS H 32 -72.38 -51.33 -11.82
CA LYS H 32 -73.37 -52.39 -12.00
C LYS H 32 -74.54 -51.89 -12.85
N LYS H 33 -74.90 -50.62 -12.66
CA LYS H 33 -75.98 -49.98 -13.39
C LYS H 33 -75.58 -49.67 -14.84
N ARG H 34 -74.31 -49.34 -15.05
CA ARG H 34 -73.83 -48.87 -16.35
C ARG H 34 -73.36 -50.01 -17.27
N ILE H 35 -72.67 -50.99 -16.71
CA ILE H 35 -72.22 -52.12 -17.52
C ILE H 35 -73.19 -53.29 -17.35
N THR H 36 -74.28 -53.26 -18.11
CA THR H 36 -75.26 -54.35 -18.06
C THR H 36 -74.90 -55.36 -19.12
N ALA H 37 -75.40 -56.58 -18.95
CA ALA H 37 -75.23 -57.66 -19.93
C ALA H 37 -75.45 -57.17 -21.36
N GLU H 38 -76.44 -56.28 -21.53
CA GLU H 38 -76.80 -55.71 -22.84
C GLU H 38 -75.60 -55.03 -23.52
N VAL H 39 -74.86 -54.25 -22.74
CA VAL H 39 -73.64 -53.59 -23.22
C VAL H 39 -72.51 -54.63 -23.34
N LYS H 40 -72.56 -55.59 -22.42
CA LYS H 40 -71.49 -56.53 -22.15
C LYS H 40 -71.60 -57.82 -22.99
N ALA H 41 -72.50 -57.76 -24.00
CA ALA H 41 -72.92 -59.00 -24.67
C ALA H 41 -72.00 -59.51 -25.77
N GLY H 42 -71.92 -58.71 -26.88
CA GLY H 42 -71.35 -59.23 -28.12
C GLY H 42 -69.86 -59.03 -28.37
N ALA H 43 -69.09 -58.81 -27.30
CA ALA H 43 -67.64 -58.62 -27.45
C ALA H 43 -66.85 -59.16 -26.26
N LYS H 44 -65.54 -58.92 -26.29
CA LYS H 44 -64.61 -59.48 -25.31
C LYS H 44 -64.78 -58.89 -23.90
N ALA H 45 -64.02 -59.43 -22.95
CA ALA H 45 -64.09 -59.03 -21.55
C ALA H 45 -62.78 -59.37 -20.82
N PRO H 46 -62.38 -58.49 -19.88
CA PRO H 46 -61.15 -58.73 -19.12
C PRO H 46 -61.24 -59.88 -18.11
N LYS H 47 -60.35 -60.86 -18.25
CA LYS H 47 -60.25 -61.97 -17.29
C LYS H 47 -59.48 -61.54 -16.04
N ASN H 48 -58.18 -61.27 -16.23
CA ASN H 48 -57.31 -60.79 -15.16
C ASN H 48 -56.72 -59.43 -15.54
N VAL H 49 -56.74 -58.51 -14.60
CA VAL H 49 -56.28 -57.14 -14.83
C VAL H 49 -55.43 -56.61 -13.67
N LEU H 50 -54.31 -55.99 -14.02
CA LEU H 50 -53.47 -55.32 -13.04
C LEU H 50 -53.72 -53.81 -13.08
N VAL H 51 -53.89 -53.22 -11.89
CA VAL H 51 -54.02 -51.78 -11.79
C VAL H 51 -52.89 -51.20 -10.95
N LEU H 52 -52.15 -50.26 -11.55
CA LEU H 52 -51.06 -49.59 -10.88
C LEU H 52 -51.51 -48.21 -10.42
N GLY H 53 -51.58 -48.00 -9.11
CA GLY H 53 -52.08 -46.75 -8.55
C GLY H 53 -53.58 -46.82 -8.35
N CYS H 54 -54.01 -47.77 -7.52
CA CYS H 54 -55.41 -48.22 -7.47
C CYS H 54 -56.26 -47.67 -6.32
N SER H 55 -55.66 -46.87 -5.43
CA SER H 55 -56.33 -46.49 -4.19
C SER H 55 -57.44 -45.44 -4.34
N ASN H 56 -57.36 -44.63 -5.40
CA ASN H 56 -58.43 -43.71 -5.80
C ASN H 56 -58.18 -43.03 -7.15
N GLY H 57 -58.99 -42.02 -7.50
CA GLY H 57 -58.86 -41.36 -8.79
C GLY H 57 -59.33 -42.26 -9.95
N TYR H 58 -58.60 -42.16 -11.06
CA TYR H 58 -58.90 -43.00 -12.22
C TYR H 58 -58.40 -44.42 -11.99
N GLY H 59 -57.43 -44.56 -11.07
CA GLY H 59 -56.92 -45.89 -10.73
C GLY H 59 -58.00 -46.76 -10.11
N LEU H 60 -58.66 -46.22 -9.08
CA LEU H 60 -59.71 -46.92 -8.36
C LEU H 60 -60.93 -47.20 -9.25
N ALA H 61 -61.19 -46.28 -10.18
CA ALA H 61 -62.29 -46.46 -11.12
C ALA H 61 -61.97 -47.56 -12.12
N SER H 62 -60.72 -47.62 -12.56
CA SER H 62 -60.28 -48.62 -13.53
C SER H 62 -60.45 -50.02 -12.98
N ARG H 63 -60.18 -50.17 -11.69
CA ARG H 63 -60.35 -51.43 -11.01
C ARG H 63 -61.83 -51.74 -10.86
N ILE H 64 -62.57 -50.80 -10.28
CA ILE H 64 -64.01 -50.97 -10.01
C ILE H 64 -64.81 -51.46 -11.22
N THR H 65 -64.52 -50.92 -12.41
CA THR H 65 -65.26 -51.36 -13.60
C THR H 65 -64.86 -52.76 -14.03
N ALA H 66 -63.57 -53.04 -14.07
CA ALA H 66 -63.07 -54.38 -14.39
C ALA H 66 -63.64 -55.41 -13.41
N ALA H 67 -63.64 -55.04 -12.13
CA ALA H 67 -64.10 -55.92 -11.07
C ALA H 67 -65.61 -56.12 -11.03
N PHE H 68 -66.38 -55.06 -11.23
CA PHE H 68 -67.84 -55.12 -11.04
C PHE H 68 -68.65 -54.93 -12.33
N GLY H 69 -67.99 -54.53 -13.41
CA GLY H 69 -68.64 -54.43 -14.70
C GLY H 69 -68.39 -55.66 -15.54
N TYR H 70 -67.28 -56.34 -15.26
CA TYR H 70 -66.89 -57.53 -16.00
C TYR H 70 -66.44 -58.68 -15.09
N GLY H 71 -66.75 -58.55 -13.80
CA GLY H 71 -66.42 -59.59 -12.80
C GLY H 71 -65.05 -60.21 -12.99
N ALA H 72 -64.01 -59.38 -12.91
CA ALA H 72 -62.64 -59.82 -13.25
C ALA H 72 -61.75 -60.07 -12.03
N ALA H 73 -60.62 -60.73 -12.28
CA ALA H 73 -59.56 -60.88 -11.28
C ALA H 73 -58.71 -59.61 -11.28
N THR H 74 -58.61 -58.99 -10.11
CA THR H 74 -58.03 -57.66 -9.98
C THR H 74 -56.88 -57.61 -8.98
N ILE H 75 -55.70 -57.26 -9.46
CA ILE H 75 -54.58 -56.99 -8.57
C ILE H 75 -54.23 -55.50 -8.66
N GLY H 76 -54.39 -54.82 -7.53
CA GLY H 76 -54.12 -53.39 -7.44
C GLY H 76 -52.87 -53.08 -6.65
N VAL H 77 -52.20 -52.00 -7.04
CA VAL H 77 -50.99 -51.53 -6.38
C VAL H 77 -51.26 -50.11 -5.86
N SER H 78 -50.83 -49.84 -4.63
CA SER H 78 -51.02 -48.53 -4.01
C SER H 78 -50.12 -48.28 -2.79
N PHE H 79 -49.46 -47.14 -2.79
CA PHE H 79 -48.60 -46.70 -1.67
C PHE H 79 -49.44 -45.91 -0.69
N GLU H 80 -49.92 -46.57 0.35
CA GLU H 80 -50.84 -45.96 1.32
C GLU H 80 -50.41 -46.18 2.77
N LYS H 81 -50.60 -45.16 3.61
CA LYS H 81 -50.30 -45.26 5.03
C LYS H 81 -51.45 -45.89 5.81
N ALA H 82 -51.13 -46.89 6.62
CA ALA H 82 -52.11 -47.59 7.45
C ALA H 82 -52.64 -46.72 8.58
N GLY H 83 -53.93 -46.88 8.90
CA GLY H 83 -54.56 -46.12 9.96
C GLY H 83 -54.44 -46.78 11.31
N SER H 84 -54.02 -45.99 12.30
CA SER H 84 -54.06 -46.40 13.72
C SER H 84 -55.50 -46.45 14.20
N GLU H 85 -55.68 -46.77 15.48
CA GLU H 85 -57.01 -46.75 16.09
C GLU H 85 -57.36 -45.34 16.56
N THR H 86 -56.34 -44.50 16.72
CA THR H 86 -56.52 -43.13 17.20
C THR H 86 -56.24 -42.10 16.08
N LYS H 87 -55.17 -42.35 15.31
CA LYS H 87 -54.85 -41.51 14.15
C LYS H 87 -55.51 -42.06 12.90
N TYR H 88 -55.58 -41.23 11.87
CA TYR H 88 -56.14 -41.62 10.58
C TYR H 88 -55.06 -42.20 9.66
N GLY H 89 -55.50 -42.84 8.57
CA GLY H 89 -54.58 -43.26 7.53
C GLY H 89 -54.81 -42.41 6.29
N THR H 90 -54.10 -42.75 5.21
CA THR H 90 -54.35 -42.14 3.92
C THR H 90 -55.72 -42.57 3.41
N PRO H 91 -56.45 -41.67 2.72
CA PRO H 91 -57.78 -41.99 2.20
C PRO H 91 -57.81 -43.22 1.30
N GLY H 92 -56.68 -43.49 0.63
CA GLY H 92 -56.54 -44.68 -0.22
C GLY H 92 -56.52 -46.01 0.53
N TRP H 93 -55.97 -46.00 1.75
CA TRP H 93 -56.00 -47.18 2.61
C TRP H 93 -57.42 -47.59 2.86
N TYR H 94 -58.26 -46.63 3.24
CA TYR H 94 -59.67 -46.88 3.53
C TYR H 94 -60.45 -47.38 2.32
N ASN H 95 -60.08 -46.93 1.13
CA ASN H 95 -60.73 -47.35 -0.11
C ASN H 95 -60.46 -48.82 -0.41
N ASN H 96 -59.19 -49.23 -0.36
CA ASN H 96 -58.81 -50.63 -0.52
C ASN H 96 -59.56 -51.54 0.46
N LEU H 97 -59.75 -51.08 1.69
CA LEU H 97 -60.56 -51.79 2.69
C LEU H 97 -61.99 -52.04 2.21
N ALA H 98 -62.63 -50.98 1.71
CA ALA H 98 -64.00 -51.07 1.23
C ALA H 98 -64.08 -51.78 -0.11
N PHE H 99 -62.96 -51.84 -0.83
CA PHE H 99 -62.89 -52.58 -2.08
C PHE H 99 -62.69 -54.07 -1.86
N ASP H 100 -61.77 -54.42 -0.97
CA ASP H 100 -61.48 -55.82 -0.66
C ASP H 100 -62.69 -56.50 -0.02
N GLU H 101 -63.37 -55.79 0.88
CA GLU H 101 -64.55 -56.32 1.54
C GLU H 101 -65.69 -56.59 0.56
N ALA H 102 -65.83 -55.73 -0.44
CA ALA H 102 -66.91 -55.84 -1.43
C ALA H 102 -66.70 -56.98 -2.42
N ALA H 103 -65.46 -57.13 -2.90
CA ALA H 103 -65.12 -58.18 -3.85
C ALA H 103 -65.09 -59.57 -3.18
N LYS H 104 -64.98 -59.55 -1.86
CA LYS H 104 -65.12 -60.76 -1.05
C LYS H 104 -66.60 -61.19 -1.04
N ARG H 105 -67.48 -60.26 -0.67
CA ARG H 105 -68.90 -60.54 -0.52
C ARG H 105 -69.61 -61.00 -1.80
N GLU H 106 -68.98 -60.74 -2.95
CA GLU H 106 -69.58 -61.08 -4.22
C GLU H 106 -68.94 -62.31 -4.88
N GLY H 107 -67.65 -62.54 -4.61
CA GLY H 107 -66.95 -63.73 -5.09
C GLY H 107 -66.00 -63.45 -6.24
N LEU H 108 -65.02 -62.59 -5.99
CA LEU H 108 -64.08 -62.13 -7.01
C LEU H 108 -62.66 -62.12 -6.47
N TYR H 109 -61.69 -62.45 -7.32
CA TYR H 109 -60.30 -62.40 -6.91
C TYR H 109 -59.77 -60.96 -6.85
N SER H 110 -59.55 -60.48 -5.63
CA SER H 110 -59.04 -59.12 -5.41
C SER H 110 -58.09 -59.05 -4.22
N VAL H 111 -56.81 -58.91 -4.51
CA VAL H 111 -55.78 -58.73 -3.47
C VAL H 111 -54.87 -57.56 -3.83
N THR H 112 -54.71 -56.62 -2.90
CA THR H 112 -54.01 -55.36 -3.17
C THR H 112 -52.63 -55.27 -2.51
N ILE H 113 -51.60 -55.03 -3.32
CA ILE H 113 -50.23 -54.82 -2.83
C ILE H 113 -50.12 -53.43 -2.21
N ASP H 114 -49.37 -53.32 -1.12
CA ASP H 114 -49.26 -52.06 -0.38
C ASP H 114 -47.82 -51.57 -0.29
N GLY H 115 -47.36 -50.86 -1.33
CA GLY H 115 -46.01 -50.30 -1.35
C GLY H 115 -45.66 -49.47 -2.57
N ASP H 116 -44.37 -49.20 -2.73
CA ASP H 116 -43.87 -48.34 -3.81
C ASP H 116 -43.77 -49.06 -5.16
N ALA H 117 -44.65 -48.69 -6.08
CA ALA H 117 -44.74 -49.31 -7.42
C ALA H 117 -43.48 -49.09 -8.27
N PHE H 118 -42.56 -48.28 -7.77
CA PHE H 118 -41.30 -48.04 -8.48
C PHE H 118 -40.25 -49.06 -8.08
N SER H 119 -40.33 -49.52 -6.83
CA SER H 119 -39.34 -50.44 -6.28
C SER H 119 -39.54 -51.87 -6.79
N ASP H 120 -38.43 -52.55 -7.07
CA ASP H 120 -38.44 -53.93 -7.55
C ASP H 120 -38.87 -54.91 -6.46
N GLU H 121 -38.74 -54.52 -5.19
CA GLU H 121 -39.30 -55.29 -4.09
C GLU H 121 -40.79 -55.48 -4.32
N ILE H 122 -41.45 -54.40 -4.72
CA ILE H 122 -42.91 -54.39 -4.95
C ILE H 122 -43.29 -55.10 -6.26
N LYS H 123 -42.48 -54.93 -7.30
CA LYS H 123 -42.72 -55.63 -8.58
C LYS H 123 -42.65 -57.15 -8.44
N ALA H 124 -41.68 -57.63 -7.66
CA ALA H 124 -41.49 -59.07 -7.40
C ALA H 124 -42.63 -59.67 -6.57
N GLN H 125 -43.27 -58.84 -5.75
CA GLN H 125 -44.36 -59.27 -4.88
C GLN H 125 -45.62 -59.63 -5.68
N VAL H 126 -45.77 -59.00 -6.84
CA VAL H 126 -46.89 -59.31 -7.75
C VAL H 126 -46.50 -60.39 -8.76
N ILE H 127 -45.21 -60.41 -9.15
CA ILE H 127 -44.67 -61.48 -9.99
C ILE H 127 -44.92 -62.84 -9.34
N GLU H 128 -44.55 -62.95 -8.06
CA GLU H 128 -44.73 -64.18 -7.28
C GLU H 128 -46.21 -64.50 -7.04
N GLU H 129 -47.08 -63.52 -7.27
CA GLU H 129 -48.50 -63.67 -6.99
C GLU H 129 -49.27 -64.18 -8.21
N ALA H 130 -48.86 -63.70 -9.39
CA ALA H 130 -49.50 -64.07 -10.66
C ALA H 130 -49.45 -65.59 -10.89
N LYS H 131 -48.23 -66.13 -10.95
CA LYS H 131 -48.01 -67.58 -11.10
C LYS H 131 -48.68 -68.38 -9.97
N LYS H 132 -48.76 -67.76 -8.80
CA LYS H 132 -49.37 -68.36 -7.63
C LYS H 132 -50.89 -68.52 -7.75
N LYS H 133 -51.52 -67.76 -8.65
CA LYS H 133 -52.98 -67.79 -8.75
C LYS H 133 -53.57 -68.32 -10.07
N GLY H 134 -52.72 -68.50 -11.09
CA GLY H 134 -53.16 -69.20 -12.29
C GLY H 134 -52.87 -68.53 -13.61
N ILE H 135 -53.81 -67.71 -14.07
CA ILE H 135 -53.77 -67.13 -15.43
C ILE H 135 -52.96 -65.81 -15.49
N LYS H 136 -52.89 -65.23 -16.69
CA LYS H 136 -52.03 -64.09 -17.01
C LYS H 136 -52.83 -62.83 -17.40
N PHE H 137 -52.17 -61.67 -17.35
CA PHE H 137 -52.84 -60.37 -17.55
C PHE H 137 -53.12 -60.01 -19.01
N ASP H 138 -54.37 -59.69 -19.29
CA ASP H 138 -54.80 -59.22 -20.61
C ASP H 138 -55.01 -57.70 -20.59
N LEU H 139 -54.92 -57.12 -19.40
CA LEU H 139 -55.12 -55.69 -19.21
C LEU H 139 -54.26 -55.13 -18.08
N ILE H 140 -53.40 -54.18 -18.42
CA ILE H 140 -52.59 -53.44 -17.43
C ILE H 140 -52.98 -51.98 -17.48
N VAL H 141 -53.37 -51.44 -16.34
CA VAL H 141 -53.72 -50.03 -16.20
C VAL H 141 -52.65 -49.30 -15.38
N TYR H 142 -51.92 -48.41 -16.06
CA TYR H 142 -50.88 -47.62 -15.42
C TYR H 142 -51.44 -46.25 -15.04
N SER H 143 -51.77 -46.10 -13.76
CA SER H 143 -52.38 -44.88 -13.24
C SER H 143 -51.57 -44.38 -12.04
N LEU H 144 -50.31 -44.07 -12.28
CA LEU H 144 -49.44 -43.54 -11.24
C LEU H 144 -49.04 -42.08 -11.45
N ALA H 145 -49.70 -41.21 -10.69
CA ALA H 145 -49.28 -39.82 -10.53
C ALA H 145 -48.55 -39.72 -9.20
N SER H 146 -47.30 -39.26 -9.24
CA SER H 146 -46.49 -39.14 -8.03
C SER H 146 -45.64 -37.87 -8.02
N PRO H 147 -45.43 -37.28 -6.81
CA PRO H 147 -44.51 -36.15 -6.70
C PRO H 147 -43.03 -36.57 -6.70
N VAL H 148 -42.79 -37.85 -6.36
CA VAL H 148 -41.42 -38.32 -6.10
C VAL H 148 -41.18 -39.75 -6.63
N ARG H 149 -40.08 -39.93 -7.36
CA ARG H 149 -39.69 -41.24 -7.90
C ARG H 149 -38.27 -41.64 -7.47
N THR H 150 -38.17 -42.74 -6.73
CA THR H 150 -36.88 -43.29 -6.33
C THR H 150 -36.44 -44.33 -7.35
N ASP H 151 -35.31 -44.09 -8.01
CA ASP H 151 -34.78 -45.00 -9.03
C ASP H 151 -34.07 -46.19 -8.38
N PRO H 152 -34.51 -47.44 -8.70
CA PRO H 152 -33.78 -48.61 -8.22
C PRO H 152 -32.45 -48.86 -8.94
N ASP H 153 -32.31 -48.30 -10.14
CA ASP H 153 -31.06 -48.34 -10.91
C ASP H 153 -29.94 -47.54 -10.27
N THR H 154 -30.13 -46.21 -10.23
CA THR H 154 -29.12 -45.30 -9.70
C THR H 154 -29.23 -45.15 -8.19
N GLY H 155 -30.45 -45.06 -7.68
CA GLY H 155 -30.67 -44.84 -6.25
C GLY H 155 -31.24 -43.46 -5.96
N ILE H 156 -30.85 -42.49 -6.79
CA ILE H 156 -31.23 -41.08 -6.63
C ILE H 156 -32.75 -40.87 -6.69
N MSE H 157 -33.25 -40.03 -5.79
CA MSE H 157 -34.68 -39.72 -5.71
C MSE H 157 -34.98 -38.55 -6.59
O MSE H 157 -34.31 -37.51 -6.53
CB MSE H 157 -35.00 -39.38 -4.25
CG MSE H 157 -36.23 -40.23 -3.75
SE MSE H 157 -36.72 -39.47 -1.96
CE MSE H 157 -35.34 -40.39 -0.86
N HIS H 158 -36.01 -38.69 -7.43
CA HIS H 158 -36.40 -37.65 -8.38
C HIS H 158 -37.66 -36.92 -8.00
N LYS H 159 -37.59 -35.60 -8.05
CA LYS H 159 -38.68 -34.72 -7.67
C LYS H 159 -39.30 -34.12 -8.94
N SER H 160 -40.61 -33.95 -8.94
CA SER H 160 -41.33 -33.42 -10.11
C SER H 160 -42.07 -32.10 -9.84
N VAL H 161 -42.13 -31.25 -10.86
CA VAL H 161 -42.76 -29.93 -10.76
C VAL H 161 -43.69 -29.66 -11.95
N LEU H 162 -44.49 -28.60 -11.87
CA LEU H 162 -45.42 -28.22 -12.95
C LEU H 162 -45.13 -26.83 -13.53
N LYS H 163 -43.85 -26.52 -13.70
CA LYS H 163 -43.41 -25.22 -14.21
C LYS H 163 -43.46 -25.15 -15.75
N PRO H 164 -43.29 -23.94 -16.33
CA PRO H 164 -43.14 -23.82 -17.79
C PRO H 164 -41.69 -23.52 -18.25
N PHE H 165 -41.49 -23.45 -19.58
CA PHE H 165 -40.18 -23.15 -20.16
C PHE H 165 -40.11 -21.73 -20.72
N GLY H 166 -39.02 -21.03 -20.41
CA GLY H 166 -38.78 -19.68 -20.93
C GLY H 166 -39.37 -18.57 -20.07
N LYS H 167 -40.67 -18.31 -20.26
CA LYS H 167 -41.37 -17.23 -19.54
C LYS H 167 -42.37 -17.74 -18.50
N THR H 168 -42.54 -16.95 -17.44
CA THR H 168 -43.49 -17.23 -16.36
C THR H 168 -44.93 -17.41 -16.84
N PHE H 169 -45.58 -18.47 -16.35
CA PHE H 169 -47.00 -18.66 -16.61
C PHE H 169 -47.84 -18.07 -15.49
N THR H 170 -48.51 -16.97 -15.79
CA THR H 170 -49.37 -16.26 -14.85
C THR H 170 -50.85 -16.60 -15.10
N GLY H 171 -51.62 -16.76 -14.04
CA GLY H 171 -53.04 -17.07 -14.18
C GLY H 171 -53.92 -16.83 -12.97
N LYS H 172 -55.21 -17.08 -13.16
CA LYS H 172 -56.21 -16.87 -12.12
C LYS H 172 -56.50 -18.16 -11.35
N THR H 173 -56.08 -18.21 -10.09
CA THR H 173 -56.47 -19.32 -9.21
C THR H 173 -57.66 -18.94 -8.34
N VAL H 174 -58.44 -19.93 -7.93
CA VAL H 174 -59.62 -19.70 -7.08
C VAL H 174 -59.65 -20.69 -5.92
N ASP H 175 -59.61 -20.16 -4.71
CA ASP H 175 -59.82 -20.97 -3.51
C ASP H 175 -61.27 -21.44 -3.47
N PRO H 176 -61.50 -22.75 -3.27
CA PRO H 176 -62.85 -23.31 -3.30
C PRO H 176 -63.69 -22.96 -2.07
N PHE H 177 -63.03 -22.59 -0.97
CA PHE H 177 -63.69 -22.44 0.32
C PHE H 177 -64.14 -21.01 0.66
N THR H 178 -63.42 -20.01 0.16
CA THR H 178 -63.79 -18.61 0.40
C THR H 178 -64.31 -17.89 -0.86
N GLY H 179 -63.85 -18.35 -2.02
CA GLY H 179 -64.16 -17.69 -3.29
C GLY H 179 -63.21 -16.54 -3.59
N GLU H 180 -62.16 -16.43 -2.76
CA GLU H 180 -61.13 -15.41 -2.93
C GLU H 180 -60.36 -15.62 -4.23
N LEU H 181 -60.66 -14.80 -5.23
CA LEU H 181 -59.98 -14.86 -6.52
C LEU H 181 -58.60 -14.21 -6.41
N LYS H 182 -57.60 -14.97 -5.98
CA LYS H 182 -56.22 -14.49 -5.94
C LYS H 182 -55.46 -14.81 -7.22
N GLU H 183 -54.19 -14.40 -7.26
CA GLU H 183 -53.38 -14.49 -8.46
C GLU H 183 -52.13 -15.30 -8.20
N ILE H 184 -52.03 -16.44 -8.87
CA ILE H 184 -50.79 -17.19 -8.84
C ILE H 184 -50.14 -17.19 -10.22
N SER H 185 -48.81 -17.24 -10.22
CA SER H 185 -48.04 -17.43 -11.43
C SER H 185 -47.04 -18.55 -11.17
N ALA H 186 -46.38 -19.02 -12.23
CA ALA H 186 -45.40 -20.10 -12.10
C ALA H 186 -44.13 -19.74 -12.84
N GLU H 187 -43.01 -19.81 -12.12
CA GLU H 187 -41.71 -19.39 -12.63
C GLU H 187 -41.03 -20.52 -13.42
N PRO H 188 -40.38 -20.18 -14.56
CA PRO H 188 -39.64 -21.10 -15.44
C PRO H 188 -38.71 -22.08 -14.72
N ALA H 189 -38.37 -23.18 -15.40
CA ALA H 189 -37.74 -24.32 -14.76
C ALA H 189 -36.29 -24.57 -15.18
N ASN H 190 -35.59 -25.34 -14.35
CA ASN H 190 -34.22 -25.78 -14.59
C ASN H 190 -34.08 -26.74 -15.76
N ASP H 191 -32.86 -27.24 -15.96
CA ASP H 191 -32.61 -28.41 -16.77
C ASP H 191 -32.64 -29.63 -15.86
N GLU H 192 -32.09 -29.49 -14.65
CA GLU H 192 -32.09 -30.55 -13.63
C GLU H 192 -33.50 -30.92 -13.21
N GLU H 193 -34.38 -29.92 -13.15
CA GLU H 193 -35.78 -30.13 -12.79
C GLU H 193 -36.57 -30.79 -13.90
N ALA H 194 -36.41 -30.27 -15.13
CA ALA H 194 -37.14 -30.78 -16.30
C ALA H 194 -36.89 -32.27 -16.53
N ALA H 195 -35.61 -32.65 -16.50
CA ALA H 195 -35.19 -34.05 -16.67
C ALA H 195 -35.59 -34.93 -15.49
N ALA H 196 -35.93 -34.31 -14.37
CA ALA H 196 -36.45 -35.04 -13.21
C ALA H 196 -37.97 -35.19 -13.28
N THR H 197 -38.61 -34.43 -14.17
CA THR H 197 -40.06 -34.51 -14.39
C THR H 197 -40.40 -35.65 -15.36
N VAL H 198 -39.64 -35.73 -16.47
CA VAL H 198 -39.68 -36.88 -17.39
C VAL H 198 -39.37 -38.16 -16.62
N LYS H 199 -38.54 -38.01 -15.59
CA LYS H 199 -38.13 -39.12 -14.75
C LYS H 199 -39.28 -39.69 -13.93
N VAL H 200 -40.24 -38.84 -13.55
CA VAL H 200 -41.34 -39.25 -12.67
C VAL H 200 -42.65 -39.51 -13.42
N MSE H 201 -43.03 -38.57 -14.29
CA MSE H 201 -44.35 -38.61 -14.93
C MSE H 201 -44.32 -39.33 -16.26
O MSE H 201 -45.38 -39.57 -16.85
CB MSE H 201 -44.86 -37.18 -15.14
CG MSE H 201 -45.34 -36.55 -13.83
SE MSE H 201 -46.80 -37.62 -13.04
CE MSE H 201 -48.28 -37.00 -14.19
N GLY H 202 -43.13 -39.69 -16.72
CA GLY H 202 -42.96 -40.40 -18.00
C GLY H 202 -43.24 -41.89 -17.93
N GLY H 203 -43.17 -42.54 -19.08
CA GLY H 203 -43.42 -43.98 -19.17
C GLY H 203 -42.30 -44.85 -18.65
N GLU H 204 -41.25 -44.23 -18.12
CA GLU H 204 -40.04 -44.93 -17.67
C GLU H 204 -40.36 -46.16 -16.80
N ASP H 205 -41.24 -46.00 -15.82
CA ASP H 205 -41.59 -47.09 -14.92
C ASP H 205 -42.65 -48.03 -15.51
N TRP H 206 -43.31 -47.56 -16.57
CA TRP H 206 -44.38 -48.31 -17.22
C TRP H 206 -43.83 -49.29 -18.24
N GLU H 207 -42.80 -48.88 -18.97
CA GLU H 207 -42.04 -49.79 -19.82
C GLU H 207 -41.38 -50.85 -18.93
N ARG H 208 -40.82 -50.40 -17.81
CA ARG H 208 -40.21 -51.29 -16.83
C ARG H 208 -41.22 -52.24 -16.19
N TRP H 209 -42.48 -51.80 -16.10
CA TRP H 209 -43.57 -52.65 -15.61
C TRP H 209 -44.01 -53.69 -16.59
N ILE H 210 -43.91 -53.38 -17.88
CA ILE H 210 -44.27 -54.32 -18.94
C ILE H 210 -43.17 -55.38 -19.11
N LYS H 211 -41.92 -54.92 -19.16
CA LYS H 211 -40.75 -55.78 -19.35
C LYS H 211 -40.63 -56.87 -18.27
N GLN H 212 -40.63 -56.44 -17.00
CA GLN H 212 -40.46 -57.35 -15.87
C GLN H 212 -41.62 -58.34 -15.69
N LEU H 213 -42.65 -58.20 -16.53
CA LEU H 213 -43.79 -59.12 -16.52
C LEU H 213 -43.93 -59.86 -17.83
N SER H 214 -43.39 -59.26 -18.90
CA SER H 214 -43.35 -59.89 -20.21
C SER H 214 -42.35 -61.04 -20.20
N LYS H 215 -41.20 -60.81 -19.55
CA LYS H 215 -40.13 -61.80 -19.46
C LYS H 215 -40.44 -62.91 -18.44
N GLU H 216 -41.60 -62.80 -17.80
CA GLU H 216 -42.03 -63.79 -16.81
C GLU H 216 -43.13 -64.72 -17.33
N GLY H 217 -43.56 -64.50 -18.57
CA GLY H 217 -44.66 -65.25 -19.17
C GLY H 217 -46.00 -64.96 -18.51
N LEU H 218 -46.34 -63.67 -18.45
CA LEU H 218 -47.55 -63.21 -17.77
C LEU H 218 -48.37 -62.22 -18.60
N LEU H 219 -48.11 -62.19 -19.91
CA LEU H 219 -48.86 -61.35 -20.83
C LEU H 219 -49.49 -62.15 -21.99
N GLU H 220 -50.79 -61.93 -22.20
CA GLU H 220 -51.57 -62.65 -23.20
C GLU H 220 -51.23 -62.27 -24.64
N GLU H 221 -51.85 -62.96 -25.59
CA GLU H 221 -51.92 -62.50 -26.96
C GLU H 221 -52.86 -61.30 -26.94
N GLY H 222 -52.51 -60.24 -27.67
CA GLY H 222 -53.32 -59.03 -27.72
C GLY H 222 -53.68 -58.44 -26.37
N CYS H 223 -52.69 -58.33 -25.48
CA CYS H 223 -52.92 -57.74 -24.16
C CYS H 223 -52.94 -56.22 -24.26
N ILE H 224 -53.97 -55.62 -23.65
CA ILE H 224 -54.12 -54.17 -23.65
C ILE H 224 -53.44 -53.57 -22.42
N THR H 225 -52.53 -52.63 -22.66
CA THR H 225 -51.94 -51.86 -21.57
C THR H 225 -52.05 -50.37 -21.87
N LEU H 226 -52.55 -49.63 -20.88
CA LEU H 226 -52.81 -48.22 -21.08
C LEU H 226 -52.36 -47.33 -19.92
N ALA H 227 -51.88 -46.14 -20.27
CA ALA H 227 -51.42 -45.16 -19.31
C ALA H 227 -52.26 -43.89 -19.47
N TYR H 228 -52.56 -43.26 -18.35
CA TYR H 228 -53.38 -42.06 -18.35
C TYR H 228 -52.56 -40.80 -18.52
N SER H 229 -53.08 -39.87 -19.31
CA SER H 229 -52.42 -38.60 -19.56
C SER H 229 -53.45 -37.49 -19.62
N TYR H 230 -52.96 -36.26 -19.77
CA TYR H 230 -53.84 -35.12 -19.85
C TYR H 230 -53.36 -34.12 -20.90
N ILE H 231 -54.30 -33.63 -21.70
CA ILE H 231 -53.98 -32.60 -22.68
C ILE H 231 -54.45 -31.25 -22.16
N GLY H 232 -55.69 -31.19 -21.67
CA GLY H 232 -56.24 -29.96 -21.13
C GLY H 232 -56.53 -28.90 -22.17
N PRO H 233 -57.10 -27.76 -21.73
CA PRO H 233 -57.53 -26.71 -22.64
C PRO H 233 -56.35 -25.84 -23.08
N GLU H 234 -56.66 -24.81 -23.87
CA GLU H 234 -55.64 -23.89 -24.38
C GLU H 234 -55.15 -22.93 -23.32
N ALA H 235 -55.98 -22.67 -22.30
CA ALA H 235 -55.62 -21.82 -21.18
C ALA H 235 -54.32 -22.28 -20.50
N THR H 236 -54.20 -23.59 -20.33
CA THR H 236 -53.06 -24.19 -19.62
C THR H 236 -51.98 -24.76 -20.55
N GLN H 237 -52.10 -24.51 -21.85
CA GLN H 237 -51.16 -25.04 -22.85
C GLN H 237 -49.69 -24.82 -22.49
N ALA H 238 -49.41 -23.76 -21.73
CA ALA H 238 -48.05 -23.41 -21.32
C ALA H 238 -47.49 -24.39 -20.30
N LEU H 239 -48.35 -25.27 -19.79
CA LEU H 239 -47.96 -26.24 -18.76
C LEU H 239 -48.13 -27.70 -19.19
N TYR H 240 -49.02 -27.94 -20.15
CA TYR H 240 -49.35 -29.31 -20.55
C TYR H 240 -48.87 -29.69 -21.94
N ARG H 241 -48.81 -28.72 -22.84
CA ARG H 241 -48.40 -28.98 -24.23
C ARG H 241 -46.91 -28.73 -24.42
N LYS H 242 -46.47 -27.55 -23.92
CA LYS H 242 -45.06 -27.15 -24.11
C LYS H 242 -44.38 -26.98 -22.75
N GLY H 243 -45.20 -27.12 -21.69
CA GLY H 243 -44.69 -27.01 -20.33
C GLY H 243 -43.84 -28.20 -19.94
N THR H 244 -43.35 -28.19 -18.71
CA THR H 244 -42.48 -29.26 -18.19
C THR H 244 -43.22 -30.60 -18.13
N ILE H 245 -44.54 -30.55 -18.12
CA ILE H 245 -45.38 -31.75 -18.09
C ILE H 245 -45.58 -32.35 -19.48
N GLY H 246 -45.85 -31.49 -20.46
CA GLY H 246 -45.97 -31.90 -21.87
C GLY H 246 -44.71 -32.52 -22.42
N LYS H 247 -43.62 -32.37 -21.67
CA LYS H 247 -42.36 -33.03 -21.91
C LYS H 247 -42.45 -34.44 -21.32
N ALA H 248 -42.88 -34.53 -20.07
CA ALA H 248 -43.09 -35.82 -19.40
C ALA H 248 -44.30 -36.58 -19.95
N LYS H 249 -45.16 -35.86 -20.68
CA LYS H 249 -46.35 -36.44 -21.30
C LYS H 249 -46.05 -36.94 -22.71
N GLU H 250 -45.25 -36.18 -23.46
CA GLU H 250 -44.75 -36.62 -24.75
C GLU H 250 -43.86 -37.85 -24.60
N HIS H 251 -43.22 -37.97 -23.44
CA HIS H 251 -42.43 -39.15 -23.12
C HIS H 251 -43.32 -40.35 -22.97
N LEU H 252 -44.38 -40.20 -22.18
CA LEU H 252 -45.33 -41.29 -21.92
C LEU H 252 -45.96 -41.87 -23.19
N GLU H 253 -46.35 -40.99 -24.12
CA GLU H 253 -47.05 -41.43 -25.34
C GLU H 253 -46.11 -41.95 -26.42
N ALA H 254 -44.82 -41.68 -26.26
CA ALA H 254 -43.79 -42.22 -27.15
C ALA H 254 -43.15 -43.47 -26.52
N THR H 255 -43.53 -43.78 -25.29
CA THR H 255 -43.25 -45.07 -24.68
C THR H 255 -44.23 -46.09 -25.27
N ALA H 256 -45.40 -45.62 -25.69
CA ALA H 256 -46.47 -46.45 -26.24
C ALA H 256 -46.08 -47.15 -27.55
N HIS H 257 -45.45 -46.41 -28.46
CA HIS H 257 -45.04 -46.97 -29.75
C HIS H 257 -43.89 -47.92 -29.60
N ARG H 258 -43.06 -47.67 -28.58
CA ARG H 258 -41.91 -48.52 -28.27
C ARG H 258 -42.33 -49.84 -27.61
N LEU H 259 -43.55 -49.86 -27.09
CA LEU H 259 -44.15 -51.10 -26.58
C LEU H 259 -44.83 -51.84 -27.73
N ASN H 260 -45.31 -51.08 -28.71
CA ASN H 260 -45.91 -51.64 -29.93
C ASN H 260 -44.90 -52.28 -30.86
N LYS H 261 -43.72 -51.67 -30.92
CA LYS H 261 -42.67 -51.99 -31.91
C LYS H 261 -41.70 -53.08 -31.43
N GLU H 262 -41.65 -53.28 -30.11
CA GLU H 262 -40.74 -54.25 -29.52
C GLU H 262 -41.47 -55.45 -28.93
N ASN H 263 -42.80 -55.44 -29.05
CA ASN H 263 -43.65 -56.52 -28.56
C ASN H 263 -44.96 -56.57 -29.35
N PRO H 264 -44.98 -57.36 -30.45
CA PRO H 264 -46.13 -57.37 -31.36
C PRO H 264 -47.35 -58.12 -30.83
N SER H 265 -47.23 -58.70 -29.64
CA SER H 265 -48.32 -59.46 -29.03
C SER H 265 -49.10 -58.65 -27.99
N ILE H 266 -48.82 -57.35 -27.89
CA ILE H 266 -49.54 -56.44 -26.99
C ILE H 266 -49.95 -55.14 -27.69
N ARG H 267 -51.08 -54.58 -27.25
CA ARG H 267 -51.55 -53.28 -27.72
C ARG H 267 -51.44 -52.26 -26.59
N ALA H 268 -50.55 -51.29 -26.77
CA ALA H 268 -50.36 -50.21 -25.80
C ALA H 268 -50.96 -48.91 -26.32
N PHE H 269 -51.66 -48.21 -25.44
CA PHE H 269 -52.18 -46.88 -25.73
C PHE H 269 -51.96 -45.99 -24.51
N VAL H 270 -51.89 -44.69 -24.74
CA VAL H 270 -52.16 -43.73 -23.66
C VAL H 270 -53.58 -43.22 -23.85
N SER H 271 -54.31 -43.13 -22.74
CA SER H 271 -55.69 -42.69 -22.78
C SER H 271 -55.80 -41.29 -22.20
N VAL H 272 -55.99 -40.30 -23.08
CA VAL H 272 -56.13 -38.92 -22.66
C VAL H 272 -57.52 -38.71 -22.07
N ASN H 273 -57.56 -38.34 -20.79
CA ASN H 273 -58.80 -38.25 -20.03
C ASN H 273 -59.34 -36.83 -19.81
N LYS H 274 -60.48 -36.77 -19.11
CA LYS H 274 -61.08 -35.51 -18.68
C LYS H 274 -60.30 -34.94 -17.49
N GLY H 275 -60.30 -33.61 -17.37
CA GLY H 275 -59.73 -32.97 -16.20
C GLY H 275 -60.68 -33.08 -15.02
N LEU H 276 -60.12 -33.37 -13.85
CA LEU H 276 -60.89 -33.39 -12.61
C LEU H 276 -60.06 -33.03 -11.38
N VAL H 277 -60.70 -32.97 -10.23
CA VAL H 277 -60.09 -32.44 -9.00
C VAL H 277 -58.99 -33.36 -8.46
N THR H 278 -57.76 -32.86 -8.47
CA THR H 278 -56.59 -33.58 -7.95
C THR H 278 -56.01 -32.84 -6.74
N ARG H 279 -55.06 -33.48 -6.07
CA ARG H 279 -54.34 -32.86 -4.96
C ARG H 279 -53.52 -31.67 -5.46
N ALA H 280 -52.99 -31.80 -6.68
CA ALA H 280 -52.11 -30.79 -7.28
C ALA H 280 -52.87 -29.57 -7.80
N SER H 281 -54.18 -29.70 -7.95
CA SER H 281 -55.02 -28.71 -8.63
C SER H 281 -54.94 -27.28 -8.08
N ALA H 282 -54.72 -27.14 -6.78
CA ALA H 282 -54.72 -25.82 -6.13
C ALA H 282 -53.43 -25.01 -6.34
N VAL H 283 -52.30 -25.70 -6.42
CA VAL H 283 -50.99 -25.04 -6.51
C VAL H 283 -50.65 -24.62 -7.95
N ILE H 284 -51.30 -25.30 -8.90
CA ILE H 284 -51.11 -25.04 -10.32
C ILE H 284 -52.05 -23.90 -10.74
N PRO H 285 -51.48 -22.96 -11.63
CA PRO H 285 -52.28 -21.81 -12.06
C PRO H 285 -53.50 -22.18 -12.90
N VAL H 286 -54.58 -21.41 -12.68
CA VAL H 286 -55.76 -21.40 -13.56
C VAL H 286 -56.46 -22.74 -13.75
N ILE H 287 -56.18 -23.71 -12.87
CA ILE H 287 -56.84 -25.02 -12.94
C ILE H 287 -58.11 -25.09 -12.09
N PRO H 288 -57.99 -24.74 -10.79
CA PRO H 288 -59.18 -24.70 -9.92
C PRO H 288 -60.30 -23.92 -10.58
N LEU H 289 -59.96 -22.71 -11.06
CA LEU H 289 -60.87 -21.87 -11.81
C LEU H 289 -61.45 -22.59 -13.02
N TYR H 290 -60.56 -23.20 -13.83
CA TYR H 290 -60.98 -23.89 -15.06
C TYR H 290 -62.00 -24.98 -14.78
N LEU H 291 -61.71 -25.83 -13.79
CA LEU H 291 -62.58 -26.94 -13.42
C LEU H 291 -63.96 -26.46 -12.92
N ALA H 292 -63.96 -25.49 -12.00
CA ALA H 292 -65.22 -24.90 -11.51
C ALA H 292 -66.07 -24.35 -12.66
N SER H 293 -65.41 -23.71 -13.63
CA SER H 293 -66.07 -23.29 -14.88
C SER H 293 -66.50 -24.49 -15.73
N LEU H 294 -65.55 -25.39 -15.99
CA LEU H 294 -65.79 -26.61 -16.75
C LEU H 294 -67.04 -27.32 -16.24
N PHE H 295 -67.09 -27.52 -14.92
CA PHE H 295 -68.19 -28.23 -14.27
C PHE H 295 -69.51 -27.50 -14.46
N LYS H 296 -69.50 -26.19 -14.27
CA LYS H 296 -70.69 -25.37 -14.48
C LYS H 296 -71.22 -25.56 -15.90
N VAL H 297 -70.35 -25.33 -16.88
CA VAL H 297 -70.66 -25.48 -18.29
C VAL H 297 -71.22 -26.88 -18.60
N MSE H 298 -70.45 -27.91 -18.24
CA MSE H 298 -70.79 -29.31 -18.55
C MSE H 298 -72.03 -29.82 -17.86
O MSE H 298 -72.82 -30.52 -18.47
CB MSE H 298 -69.60 -30.24 -18.28
CG MSE H 298 -68.40 -29.84 -19.15
SE MSE H 298 -67.10 -31.31 -19.31
CE MSE H 298 -68.12 -32.45 -20.56
N LYS H 299 -72.21 -29.48 -16.58
CA LYS H 299 -73.41 -29.86 -15.85
C LYS H 299 -74.67 -29.29 -16.50
N GLU H 300 -74.53 -28.06 -17.01
CA GLU H 300 -75.59 -27.39 -17.77
C GLU H 300 -75.97 -28.20 -19.02
N LYS H 301 -74.95 -28.54 -19.82
CA LYS H 301 -75.14 -29.34 -21.05
C LYS H 301 -75.63 -30.76 -20.79
N GLY H 302 -75.41 -31.26 -19.58
CA GLY H 302 -75.88 -32.59 -19.19
C GLY H 302 -74.83 -33.69 -19.35
N ASN H 303 -73.65 -33.31 -19.84
CA ASN H 303 -72.58 -34.28 -20.14
C ASN H 303 -71.38 -34.26 -19.16
N HIS H 304 -71.65 -33.93 -17.89
CA HIS H 304 -70.61 -33.96 -16.87
C HIS H 304 -70.42 -35.34 -16.32
N GLU H 305 -69.18 -35.80 -16.34
CA GLU H 305 -68.83 -37.11 -15.76
C GLU H 305 -67.64 -37.00 -14.80
N GLY H 306 -67.64 -37.84 -13.76
CA GLY H 306 -66.52 -37.91 -12.83
C GLY H 306 -65.59 -39.06 -13.17
N CYS H 307 -64.95 -39.64 -12.16
CA CYS H 307 -64.06 -40.78 -12.36
C CYS H 307 -64.78 -41.98 -12.94
N ILE H 308 -65.69 -42.57 -12.16
CA ILE H 308 -66.32 -43.83 -12.55
C ILE H 308 -67.10 -43.71 -13.86
N GLU H 309 -67.72 -42.54 -14.07
CA GLU H 309 -68.47 -42.26 -15.28
C GLU H 309 -67.53 -42.14 -16.48
N GLN H 310 -66.33 -41.60 -16.24
CA GLN H 310 -65.26 -41.54 -17.26
C GLN H 310 -64.79 -42.93 -17.70
N ILE H 311 -64.39 -43.73 -16.72
CA ILE H 311 -63.78 -45.03 -16.98
C ILE H 311 -64.74 -46.05 -17.56
N THR H 312 -65.98 -46.09 -17.08
CA THR H 312 -66.98 -47.03 -17.61
C THR H 312 -67.16 -46.82 -19.11
N ARG H 313 -67.24 -45.57 -19.53
CA ARG H 313 -67.34 -45.23 -20.95
C ARG H 313 -66.11 -45.69 -21.72
N LEU H 314 -64.94 -45.63 -21.09
CA LEU H 314 -63.70 -46.06 -21.74
C LEU H 314 -63.75 -47.55 -22.03
N TYR H 315 -63.90 -48.36 -20.98
CA TYR H 315 -64.03 -49.79 -21.12
C TYR H 315 -65.10 -50.13 -22.16
N ALA H 316 -66.34 -49.72 -21.88
CA ALA H 316 -67.49 -50.08 -22.71
C ALA H 316 -67.40 -49.60 -24.16
N GLU H 317 -67.19 -48.30 -24.37
CA GLU H 317 -67.28 -47.71 -25.69
C GLU H 317 -65.92 -47.54 -26.40
N ARG H 318 -64.85 -48.04 -25.79
CA ARG H 318 -63.53 -47.98 -26.43
C ARG H 318 -62.78 -49.31 -26.43
N LEU H 319 -62.43 -49.78 -25.25
CA LEU H 319 -61.62 -50.98 -25.11
C LEU H 319 -62.43 -52.19 -25.53
N TYR H 320 -63.43 -52.54 -24.74
CA TYR H 320 -64.19 -53.76 -24.97
C TYR H 320 -65.52 -53.50 -25.64
N ARG H 321 -65.44 -52.83 -26.81
CA ARG H 321 -66.62 -52.55 -27.61
C ARG H 321 -66.89 -53.67 -28.60
N LYS H 322 -67.97 -53.49 -29.37
CA LYS H 322 -68.59 -54.56 -30.14
C LYS H 322 -67.95 -54.88 -31.50
N ASP H 323 -67.22 -53.95 -32.09
CA ASP H 323 -66.50 -54.25 -33.34
C ASP H 323 -65.19 -54.95 -33.04
N GLY H 324 -64.74 -54.86 -31.79
CA GLY H 324 -63.45 -55.38 -31.39
C GLY H 324 -62.32 -54.43 -31.73
N THR H 325 -62.67 -53.19 -32.09
CA THR H 325 -61.68 -52.16 -32.38
C THR H 325 -61.39 -51.32 -31.14
N ILE H 326 -60.38 -50.45 -31.24
CA ILE H 326 -60.11 -49.42 -30.25
C ILE H 326 -59.82 -48.11 -31.00
N PRO H 327 -60.83 -47.23 -31.14
CA PRO H 327 -60.67 -45.97 -31.88
C PRO H 327 -59.65 -45.02 -31.26
N VAL H 328 -58.81 -44.43 -32.10
CA VAL H 328 -57.74 -43.55 -31.63
C VAL H 328 -57.78 -42.20 -32.35
N ASP H 329 -56.96 -41.26 -31.89
CA ASP H 329 -56.76 -40.00 -32.61
C ASP H 329 -55.72 -40.18 -33.73
N GLU H 330 -55.14 -39.08 -34.18
CA GLU H 330 -54.10 -39.13 -35.22
C GLU H 330 -52.80 -39.78 -34.75
N GLU H 331 -52.56 -39.78 -33.44
CA GLU H 331 -51.30 -40.32 -32.88
C GLU H 331 -51.49 -41.55 -31.99
N ASN H 332 -52.53 -42.33 -32.29
CA ASN H 332 -52.74 -43.65 -31.68
C ASN H 332 -53.07 -43.62 -30.18
N ARG H 333 -53.53 -42.48 -29.70
CA ARG H 333 -53.96 -42.33 -28.30
C ARG H 333 -55.47 -42.40 -28.23
N ILE H 334 -55.97 -42.98 -27.14
CA ILE H 334 -57.40 -43.05 -26.88
C ILE H 334 -57.89 -41.73 -26.29
N ARG H 335 -58.98 -41.21 -26.83
CA ARG H 335 -59.48 -39.91 -26.40
C ARG H 335 -60.82 -40.00 -25.68
N ILE H 336 -60.76 -39.85 -24.35
CA ILE H 336 -61.95 -39.81 -23.49
C ILE H 336 -62.29 -38.36 -23.12
N ASP H 337 -61.39 -37.45 -23.48
CA ASP H 337 -61.56 -36.01 -23.28
C ASP H 337 -62.38 -35.36 -24.40
N ASP H 338 -62.82 -36.16 -25.36
CA ASP H 338 -63.57 -35.66 -26.52
C ASP H 338 -64.73 -34.75 -26.12
N TRP H 339 -65.29 -35.00 -24.93
CA TRP H 339 -66.42 -34.24 -24.43
C TRP H 339 -66.01 -32.92 -23.87
N GLU H 340 -64.94 -32.92 -23.08
CA GLU H 340 -64.38 -31.69 -22.50
C GLU H 340 -63.91 -30.70 -23.58
N LEU H 341 -63.32 -31.24 -24.65
CA LEU H 341 -62.63 -30.41 -25.64
C LEU H 341 -63.43 -30.02 -26.91
N GLU H 342 -64.69 -30.47 -27.02
CA GLU H 342 -65.52 -30.02 -28.15
C GLU H 342 -65.71 -28.51 -28.12
N GLU H 343 -65.29 -27.85 -29.19
CA GLU H 343 -65.11 -26.39 -29.28
C GLU H 343 -66.15 -25.50 -28.62
N ASP H 344 -67.41 -25.94 -28.62
CA ASP H 344 -68.49 -25.15 -28.04
C ASP H 344 -68.50 -25.14 -26.51
N VAL H 345 -67.98 -26.21 -25.90
CA VAL H 345 -67.76 -26.26 -24.45
C VAL H 345 -66.64 -25.29 -24.08
N GLN H 346 -65.51 -25.42 -24.76
CA GLN H 346 -64.34 -24.57 -24.52
C GLN H 346 -64.64 -23.09 -24.76
N LYS H 347 -65.55 -22.84 -25.68
CA LYS H 347 -66.10 -21.50 -25.93
C LYS H 347 -66.62 -20.91 -24.63
N ALA H 348 -67.69 -21.53 -24.10
CA ALA H 348 -68.39 -21.07 -22.89
C ALA H 348 -67.51 -20.99 -21.64
N VAL H 349 -66.60 -21.96 -21.48
CA VAL H 349 -65.70 -22.01 -20.33
C VAL H 349 -64.78 -20.80 -20.28
N SER H 350 -64.13 -20.51 -21.42
CA SER H 350 -63.23 -19.36 -21.52
C SER H 350 -63.98 -18.04 -21.44
N ALA H 351 -65.28 -18.09 -21.75
CA ALA H 351 -66.17 -16.94 -21.61
C ALA H 351 -66.47 -16.66 -20.13
N LEU H 352 -66.88 -17.70 -19.41
CA LEU H 352 -67.17 -17.60 -17.98
C LEU H 352 -65.92 -17.23 -17.18
N MSE H 353 -64.76 -17.56 -17.73
CA MSE H 353 -63.49 -17.36 -17.03
C MSE H 353 -62.98 -15.95 -17.05
O MSE H 353 -62.17 -15.57 -16.22
CB MSE H 353 -62.48 -18.28 -17.70
CG MSE H 353 -62.30 -19.53 -16.82
SE MSE H 353 -60.80 -20.55 -17.59
CE MSE H 353 -59.37 -19.19 -17.53
N GLU H 354 -63.41 -15.15 -18.03
CA GLU H 354 -63.03 -13.75 -18.07
C GLU H 354 -63.92 -12.93 -17.14
N LYS H 355 -65.24 -13.11 -17.27
CA LYS H 355 -66.22 -12.34 -16.51
C LYS H 355 -66.46 -12.86 -15.08
N VAL H 356 -65.38 -13.31 -14.43
CA VAL H 356 -65.46 -13.77 -13.06
C VAL H 356 -64.47 -12.99 -12.18
N THR H 357 -64.98 -12.43 -11.07
CA THR H 357 -64.19 -11.59 -10.17
C THR H 357 -64.19 -12.10 -8.72
N GLY H 358 -63.60 -11.33 -7.82
CA GLY H 358 -63.37 -11.74 -6.43
C GLY H 358 -64.56 -12.10 -5.54
N GLU H 359 -65.77 -12.18 -6.16
CA GLU H 359 -66.99 -12.40 -5.35
C GLU H 359 -68.03 -13.33 -5.97
N ASN H 360 -68.27 -13.16 -7.28
CA ASN H 360 -69.31 -13.91 -8.01
C ASN H 360 -68.91 -15.35 -8.36
N ALA H 361 -67.72 -15.77 -7.89
CA ALA H 361 -67.22 -17.13 -8.09
C ALA H 361 -68.21 -18.20 -7.63
N GLU H 362 -68.99 -17.87 -6.59
CA GLU H 362 -70.04 -18.73 -6.10
C GLU H 362 -71.34 -18.57 -6.88
N SER H 363 -71.44 -17.48 -7.64
CA SER H 363 -72.67 -17.16 -8.37
C SER H 363 -72.76 -17.90 -9.71
N LEU H 364 -71.87 -17.56 -10.65
CA LEU H 364 -71.98 -18.05 -12.02
C LEU H 364 -71.09 -19.26 -12.38
N THR H 365 -70.17 -19.63 -11.49
CA THR H 365 -69.41 -20.86 -11.67
C THR H 365 -69.81 -21.91 -10.61
N ASP H 366 -69.55 -23.17 -10.91
CA ASP H 366 -69.86 -24.27 -10.00
C ASP H 366 -68.71 -24.48 -9.02
N LEU H 367 -68.56 -23.56 -8.08
CA LEU H 367 -67.57 -23.71 -7.04
C LEU H 367 -68.08 -24.67 -5.97
N ALA H 368 -69.40 -24.84 -5.91
CA ALA H 368 -70.02 -25.81 -5.01
C ALA H 368 -69.59 -27.23 -5.36
N GLY H 369 -69.76 -27.59 -6.64
CA GLY H 369 -69.39 -28.91 -7.14
C GLY H 369 -67.91 -29.20 -7.04
N TYR H 370 -67.10 -28.15 -7.09
CA TYR H 370 -65.66 -28.26 -6.93
C TYR H 370 -65.27 -28.72 -5.53
N ARG H 371 -65.86 -28.10 -4.52
CA ARG H 371 -65.61 -28.46 -3.12
C ARG H 371 -65.97 -29.92 -2.84
N HIS H 372 -67.13 -30.35 -3.32
CA HIS H 372 -67.60 -31.71 -3.08
C HIS H 372 -66.65 -32.74 -3.61
N ASP H 373 -66.26 -32.60 -4.89
CA ASP H 373 -65.33 -33.54 -5.52
C ASP H 373 -63.99 -33.55 -4.81
N PHE H 374 -63.60 -32.40 -4.25
CA PHE H 374 -62.39 -32.28 -3.46
C PHE H 374 -62.52 -32.92 -2.07
N LEU H 375 -63.71 -32.83 -1.46
CA LEU H 375 -63.96 -33.44 -0.16
C LEU H 375 -64.24 -34.94 -0.25
N ALA H 376 -64.98 -35.34 -1.28
CA ALA H 376 -65.32 -36.74 -1.51
C ALA H 376 -64.09 -37.61 -1.73
N SER H 377 -63.06 -36.99 -2.32
CA SER H 377 -61.75 -37.63 -2.52
C SER H 377 -61.22 -38.21 -1.21
N ASN H 378 -61.37 -37.45 -0.13
CA ASN H 378 -60.89 -37.87 1.19
C ASN H 378 -62.00 -38.37 2.12
N GLY H 379 -63.20 -38.57 1.56
CA GLY H 379 -64.30 -39.19 2.30
C GLY H 379 -65.29 -38.24 2.97
N PHE H 380 -65.08 -36.94 2.80
CA PHE H 380 -65.98 -35.94 3.38
C PHE H 380 -67.10 -35.56 2.43
N ASP H 381 -68.13 -34.92 2.98
CA ASP H 381 -69.24 -34.35 2.20
C ASP H 381 -69.95 -35.37 1.31
N VAL H 382 -69.75 -36.65 1.60
CA VAL H 382 -70.43 -37.73 0.88
C VAL H 382 -71.90 -37.78 1.31
N GLU H 383 -72.79 -38.06 0.35
CA GLU H 383 -74.23 -38.07 0.60
C GLU H 383 -74.66 -39.26 1.44
N GLY H 384 -75.49 -39.00 2.44
CA GLY H 384 -76.06 -40.05 3.28
C GLY H 384 -75.21 -40.41 4.49
N ILE H 385 -74.09 -39.70 4.66
CA ILE H 385 -73.23 -39.91 5.81
C ILE H 385 -73.49 -38.80 6.82
N ASN H 386 -73.61 -39.19 8.09
CA ASN H 386 -73.77 -38.23 9.17
C ASN H 386 -72.41 -37.79 9.70
N TYR H 387 -72.15 -36.49 9.66
CA TYR H 387 -70.85 -35.95 10.07
C TYR H 387 -70.83 -35.38 11.50
N GLU H 388 -71.83 -35.77 12.29
CA GLU H 388 -71.80 -35.59 13.74
C GLU H 388 -71.86 -36.95 14.45
N ALA H 389 -71.98 -38.00 13.64
CA ALA H 389 -71.86 -39.36 14.13
C ALA H 389 -70.46 -39.60 14.68
N GLU H 390 -70.35 -40.54 15.63
CA GLU H 390 -69.09 -40.81 16.29
C GLU H 390 -68.24 -41.78 15.48
N VAL H 391 -66.99 -41.38 15.19
CA VAL H 391 -66.03 -42.28 14.57
C VAL H 391 -65.25 -42.98 15.68
N GLU H 392 -65.42 -44.30 15.75
CA GLU H 392 -64.84 -45.11 16.82
C GLU H 392 -63.35 -45.35 16.61
N ARG H 393 -63.00 -46.05 15.52
CA ARG H 393 -61.61 -46.33 15.20
C ARG H 393 -61.27 -45.99 13.73
N PHE H 394 -60.00 -46.09 13.39
CA PHE H 394 -59.49 -45.69 12.08
C PHE H 394 -58.71 -46.80 11.34
N ASP H 395 -58.78 -48.03 11.85
CA ASP H 395 -58.10 -49.15 11.21
C ASP H 395 -59.06 -50.21 10.69
N ARG H 396 -60.30 -50.13 11.17
CA ARG H 396 -61.37 -51.02 10.74
C ARG H 396 -62.43 -50.19 10.04
N ILE H 397 -63.00 -50.72 8.97
CA ILE H 397 -64.10 -50.05 8.30
C ILE H 397 -65.43 -50.71 8.71
N LEU H 398 -65.66 -50.70 10.02
CA LEU H 398 -66.79 -51.41 10.66
C LEU H 398 -68.15 -50.99 10.09
N GLU H 399 -69.00 -51.98 9.86
CA GLU H 399 -70.33 -51.80 9.27
C GLU H 399 -71.22 -53.00 9.61
N MSE I 1 -55.41 -6.95 -0.85
CA MSE I 1 -54.01 -7.42 -1.15
C MSE I 1 -53.05 -6.26 -1.08
O MSE I 1 -53.44 -5.10 -1.31
CB MSE I 1 -53.98 -8.10 -2.52
CG MSE I 1 -53.98 -7.13 -3.70
SE MSE I 1 -53.03 -7.84 -5.27
CE MSE I 1 -51.33 -8.42 -4.45
N ILE I 2 -51.79 -6.58 -0.77
CA ILE I 2 -50.72 -5.57 -0.79
C ILE I 2 -49.87 -5.79 -2.04
N VAL I 3 -49.71 -4.73 -2.83
CA VAL I 3 -48.84 -4.74 -4.00
C VAL I 3 -47.47 -4.19 -3.62
N LYS I 4 -46.44 -5.01 -3.80
CA LYS I 4 -45.06 -4.59 -3.58
C LYS I 4 -44.10 -5.09 -4.65
N PRO I 5 -42.92 -4.44 -4.78
CA PRO I 5 -41.94 -4.72 -5.83
C PRO I 5 -41.75 -6.21 -6.13
N MSE I 6 -42.10 -6.62 -7.36
CA MSE I 6 -41.88 -7.98 -7.81
C MSE I 6 -40.91 -7.96 -8.97
O MSE I 6 -41.29 -7.71 -10.12
CB MSE I 6 -43.19 -8.69 -8.19
CG MSE I 6 -43.07 -10.18 -7.85
SE MSE I 6 -44.85 -11.05 -7.93
CE MSE I 6 -45.60 -10.34 -6.23
N VAL I 7 -39.65 -8.26 -8.64
CA VAL I 7 -38.56 -8.20 -9.60
C VAL I 7 -38.06 -9.61 -9.92
N ARG I 8 -38.66 -10.23 -10.94
CA ARG I 8 -38.28 -11.58 -11.34
C ARG I 8 -37.35 -11.55 -12.54
N ASN I 9 -36.08 -11.89 -12.30
CA ASN I 9 -35.03 -11.87 -13.33
C ASN I 9 -34.74 -10.45 -13.86
N ASN I 10 -34.67 -9.49 -12.93
CA ASN I 10 -34.45 -8.06 -13.22
C ASN I 10 -35.42 -7.45 -14.25
N ILE I 11 -36.69 -7.85 -14.15
CA ILE I 11 -37.79 -7.31 -14.97
C ILE I 11 -39.03 -7.25 -14.06
N CYS I 12 -39.57 -6.05 -13.87
CA CYS I 12 -40.71 -5.83 -12.97
C CYS I 12 -42.04 -6.11 -13.67
N LEU I 13 -42.90 -6.90 -13.02
CA LEU I 13 -44.15 -7.38 -13.63
C LEU I 13 -45.38 -6.58 -13.22
N ASN I 14 -45.63 -6.51 -11.90
CA ASN I 14 -46.75 -5.75 -11.35
C ASN I 14 -46.57 -4.23 -11.47
N ALA I 15 -47.62 -3.47 -11.17
CA ALA I 15 -47.59 -2.02 -11.30
C ALA I 15 -48.54 -1.32 -10.31
N HIS I 16 -47.95 -0.57 -9.38
CA HIS I 16 -48.71 0.15 -8.35
C HIS I 16 -49.50 1.30 -8.93
N PRO I 17 -50.84 1.16 -8.96
CA PRO I 17 -51.71 2.10 -9.71
C PRO I 17 -51.80 3.51 -9.12
N GLN I 18 -51.49 3.65 -7.84
CA GLN I 18 -51.47 4.95 -7.20
C GLN I 18 -50.08 5.56 -7.29
N GLY I 19 -49.08 4.70 -7.34
CA GLY I 19 -47.69 5.11 -7.50
C GLY I 19 -47.41 5.68 -8.88
N CYS I 20 -48.17 5.22 -9.88
CA CYS I 20 -48.09 5.75 -11.23
C CYS I 20 -48.68 7.15 -11.31
N LYS I 21 -49.87 7.33 -10.74
CA LYS I 21 -50.58 8.61 -10.76
C LYS I 21 -49.75 9.75 -10.15
N LYS I 22 -49.16 9.49 -8.99
CA LYS I 22 -48.30 10.46 -8.33
C LYS I 22 -47.07 10.74 -9.18
N GLY I 23 -46.64 9.74 -9.94
CA GLY I 23 -45.50 9.88 -10.86
C GLY I 23 -45.73 10.93 -11.91
N VAL I 24 -46.86 10.81 -12.62
CA VAL I 24 -47.28 11.78 -13.63
C VAL I 24 -47.59 13.15 -12.99
N GLU I 25 -48.10 13.15 -11.76
CA GLU I 25 -48.44 14.39 -11.06
C GLU I 25 -47.24 15.16 -10.54
N ASP I 26 -46.16 14.42 -10.23
CA ASP I 26 -44.88 15.02 -9.84
C ASP I 26 -44.17 15.65 -11.05
N GLN I 27 -44.31 15.03 -12.22
CA GLN I 27 -43.76 15.56 -13.46
C GLN I 27 -44.52 16.78 -13.96
N ILE I 28 -45.80 16.87 -13.60
CA ILE I 28 -46.60 18.03 -13.93
C ILE I 28 -46.15 19.24 -13.10
N GLU I 29 -46.01 19.04 -11.79
CA GLU I 29 -45.56 20.12 -10.90
C GLU I 29 -44.21 20.72 -11.26
N TYR I 30 -43.29 19.88 -11.73
CA TYR I 30 -41.99 20.36 -12.18
C TYR I 30 -42.11 21.20 -13.45
N THR I 31 -42.86 20.69 -14.43
CA THR I 31 -43.08 21.39 -15.70
C THR I 31 -43.70 22.78 -15.49
N LYS I 32 -44.72 22.87 -14.62
CA LYS I 32 -45.33 24.15 -14.27
C LYS I 32 -44.32 25.13 -13.66
N LYS I 33 -43.42 24.60 -12.83
CA LYS I 33 -42.36 25.38 -12.18
C LYS I 33 -41.31 25.84 -13.19
N ARG I 34 -40.89 24.92 -14.05
CA ARG I 34 -39.74 25.13 -14.93
C ARG I 34 -40.08 25.95 -16.19
N ILE I 35 -41.15 25.57 -16.90
CA ILE I 35 -41.59 26.32 -18.09
C ILE I 35 -42.41 27.56 -17.68
N THR I 36 -41.72 28.65 -17.39
CA THR I 36 -42.35 29.88 -16.91
C THR I 36 -42.81 30.73 -18.08
N ALA I 37 -43.44 31.87 -17.80
CA ALA I 37 -43.87 32.81 -18.85
C ALA I 37 -42.65 33.53 -19.45
N GLU I 38 -41.62 33.71 -18.63
CA GLU I 38 -40.36 34.34 -19.04
C GLU I 38 -39.53 33.43 -19.94
N VAL I 39 -39.90 32.15 -19.94
CA VAL I 39 -39.19 31.12 -20.69
C VAL I 39 -39.81 30.94 -22.09
N LYS I 40 -41.13 31.07 -22.16
CA LYS I 40 -41.82 31.18 -23.46
C LYS I 40 -42.13 32.65 -23.72
N ALA I 41 -41.13 33.51 -23.43
CA ALA I 41 -41.23 34.95 -23.69
C ALA I 41 -40.86 35.24 -25.14
N GLY I 42 -41.87 35.53 -25.96
CA GLY I 42 -41.68 35.79 -27.39
C GLY I 42 -41.14 34.57 -28.14
N ALA I 43 -41.30 33.39 -27.54
CA ALA I 43 -40.86 32.13 -28.16
C ALA I 43 -42.05 31.27 -28.57
N LYS I 44 -41.97 30.69 -29.78
CA LYS I 44 -43.03 29.85 -30.34
C LYS I 44 -43.42 28.72 -29.38
N ALA I 45 -44.71 28.38 -29.38
CA ALA I 45 -45.19 27.29 -28.55
C ALA I 45 -45.89 26.24 -29.43
N PRO I 46 -45.79 24.95 -29.04
CA PRO I 46 -46.56 23.94 -29.76
C PRO I 46 -48.05 24.06 -29.47
N LYS I 47 -48.89 23.75 -30.45
CA LYS I 47 -50.34 23.81 -30.30
C LYS I 47 -50.97 22.43 -30.48
N ASN I 48 -50.56 21.74 -31.53
CA ASN I 48 -51.01 20.36 -31.79
C ASN I 48 -49.81 19.43 -31.97
N VAL I 49 -49.69 18.46 -31.06
CA VAL I 49 -48.54 17.55 -31.05
C VAL I 49 -48.91 16.08 -30.85
N LEU I 50 -48.48 15.24 -31.80
CA LEU I 50 -48.59 13.79 -31.70
C LEU I 50 -47.36 13.22 -31.02
N VAL I 51 -47.56 12.34 -30.04
CA VAL I 51 -46.46 11.68 -29.33
C VAL I 51 -46.57 10.16 -29.48
N LEU I 52 -45.59 9.55 -30.15
CA LEU I 52 -45.61 8.10 -30.35
C LEU I 52 -44.85 7.37 -29.24
N GLY I 53 -45.53 6.45 -28.56
CA GLY I 53 -44.98 5.79 -27.37
C GLY I 53 -45.00 6.73 -26.18
N CYS I 54 -46.22 7.12 -25.77
CA CYS I 54 -46.44 8.24 -24.85
C CYS I 54 -46.63 7.83 -23.39
N SER I 55 -46.55 6.53 -23.14
CA SER I 55 -46.97 5.97 -21.86
C SER I 55 -45.92 6.06 -20.76
N ASN I 56 -44.64 6.17 -21.13
CA ASN I 56 -43.56 6.38 -20.16
C ASN I 56 -42.25 6.83 -20.78
N GLY I 57 -41.22 6.96 -19.94
CA GLY I 57 -39.91 7.43 -20.36
C GLY I 57 -39.98 8.82 -20.97
N TYR I 58 -39.23 9.01 -22.04
CA TYR I 58 -39.17 10.30 -22.72
C TYR I 58 -40.46 10.60 -23.48
N GLY I 59 -41.17 9.55 -23.89
CA GLY I 59 -42.48 9.69 -24.48
C GLY I 59 -43.42 10.40 -23.53
N LEU I 60 -43.55 9.87 -22.32
CA LEU I 60 -44.37 10.49 -21.28
C LEU I 60 -43.94 11.92 -20.98
N ALA I 61 -42.63 12.12 -20.85
CA ALA I 61 -42.07 13.43 -20.51
C ALA I 61 -42.37 14.49 -21.55
N SER I 62 -42.23 14.13 -22.84
CA SER I 62 -42.48 15.05 -23.95
C SER I 62 -43.93 15.52 -23.99
N ARG I 63 -44.85 14.58 -23.74
CA ARG I 63 -46.26 14.89 -23.75
C ARG I 63 -46.64 15.78 -22.58
N ILE I 64 -46.21 15.39 -21.38
CA ILE I 64 -46.43 16.19 -20.17
C ILE I 64 -45.96 17.63 -20.32
N THR I 65 -44.78 17.81 -20.92
CA THR I 65 -44.22 19.16 -21.11
C THR I 65 -45.05 19.97 -22.10
N ALA I 66 -45.38 19.36 -23.24
CA ALA I 66 -46.13 20.03 -24.29
C ALA I 66 -47.49 20.51 -23.79
N ALA I 67 -48.13 19.68 -22.97
CA ALA I 67 -49.46 19.97 -22.46
C ALA I 67 -49.44 20.96 -21.30
N PHE I 68 -48.75 20.59 -20.22
CA PHE I 68 -48.79 21.35 -18.98
C PHE I 68 -47.77 22.46 -18.88
N GLY I 69 -46.93 22.57 -19.91
CA GLY I 69 -45.98 23.67 -20.00
C GLY I 69 -46.38 24.67 -21.06
N TYR I 70 -46.88 24.15 -22.18
CA TYR I 70 -47.17 24.98 -23.33
C TYR I 70 -48.66 25.05 -23.69
N GLY I 71 -49.50 24.45 -22.85
CA GLY I 71 -50.96 24.47 -23.03
C GLY I 71 -51.42 23.95 -24.38
N ALA I 72 -50.83 22.85 -24.83
CA ALA I 72 -51.10 22.33 -26.16
C ALA I 72 -52.00 21.11 -26.14
N ALA I 73 -52.74 20.90 -27.23
CA ALA I 73 -53.48 19.67 -27.43
C ALA I 73 -52.48 18.58 -27.80
N THR I 74 -52.73 17.36 -27.33
CA THR I 74 -51.79 16.24 -27.50
C THR I 74 -52.50 14.93 -27.79
N ILE I 75 -51.95 14.15 -28.72
CA ILE I 75 -52.45 12.80 -29.00
C ILE I 75 -51.33 11.79 -28.78
N GLY I 76 -51.58 10.82 -27.91
CA GLY I 76 -50.60 9.79 -27.62
C GLY I 76 -50.94 8.48 -28.29
N VAL I 77 -49.93 7.62 -28.42
CA VAL I 77 -50.11 6.25 -28.92
C VAL I 77 -49.19 5.33 -28.10
N SER I 78 -49.71 4.19 -27.65
CA SER I 78 -48.90 3.20 -26.93
C SER I 78 -49.49 1.80 -27.00
N PHE I 79 -48.66 0.79 -26.73
CA PHE I 79 -49.11 -0.61 -26.75
C PHE I 79 -49.16 -1.19 -25.33
N GLU I 80 -50.25 -0.92 -24.62
CA GLU I 80 -50.45 -1.35 -23.24
C GLU I 80 -51.55 -2.41 -23.12
N LYS I 81 -51.41 -3.31 -22.15
CA LYS I 81 -52.46 -4.27 -21.83
C LYS I 81 -53.28 -3.77 -20.65
N ALA I 82 -54.58 -3.62 -20.88
CA ALA I 82 -55.51 -3.05 -19.91
C ALA I 82 -55.62 -3.90 -18.66
N GLY I 83 -55.59 -3.24 -17.50
CA GLY I 83 -55.82 -3.91 -16.22
C GLY I 83 -57.29 -4.22 -16.02
N SER I 84 -57.56 -5.35 -15.33
CA SER I 84 -58.93 -5.72 -15.00
C SER I 84 -59.23 -5.39 -13.54
N GLU I 85 -60.26 -6.00 -12.96
CA GLU I 85 -60.63 -5.77 -11.57
C GLU I 85 -59.59 -6.38 -10.62
N THR I 86 -59.01 -7.50 -11.07
CA THR I 86 -58.12 -8.31 -10.24
C THR I 86 -56.67 -8.34 -10.73
N LYS I 87 -56.47 -8.18 -12.04
CA LYS I 87 -55.13 -8.24 -12.61
C LYS I 87 -54.61 -6.87 -13.04
N TYR I 88 -53.36 -6.59 -12.66
CA TYR I 88 -52.68 -5.34 -12.99
C TYR I 88 -52.48 -5.17 -14.49
N GLY I 89 -52.56 -3.93 -14.95
CA GLY I 89 -52.15 -3.59 -16.31
C GLY I 89 -50.69 -3.20 -16.29
N THR I 90 -50.13 -2.96 -17.47
CA THR I 90 -48.77 -2.44 -17.55
C THR I 90 -48.74 -0.99 -17.05
N PRO I 91 -47.61 -0.55 -16.44
CA PRO I 91 -47.54 0.76 -15.78
C PRO I 91 -47.86 1.95 -16.70
N GLY I 92 -47.69 1.75 -18.00
CA GLY I 92 -47.99 2.77 -19.00
C GLY I 92 -49.48 3.00 -19.15
N TRP I 93 -50.26 1.94 -18.96
CA TRP I 93 -51.73 2.04 -18.97
C TRP I 93 -52.20 3.07 -17.97
N TYR I 94 -51.59 3.05 -16.78
CA TYR I 94 -51.99 3.95 -15.70
C TYR I 94 -51.51 5.39 -15.91
N ASN I 95 -50.30 5.56 -16.43
CA ASN I 95 -49.78 6.89 -16.77
C ASN I 95 -50.70 7.63 -17.75
N ASN I 96 -51.15 6.92 -18.79
CA ASN I 96 -52.09 7.46 -19.76
C ASN I 96 -53.43 7.84 -19.13
N LEU I 97 -53.90 7.01 -18.22
CA LEU I 97 -55.08 7.31 -17.41
C LEU I 97 -54.88 8.62 -16.65
N ALA I 98 -53.89 8.63 -15.75
CA ALA I 98 -53.54 9.79 -14.93
C ALA I 98 -53.23 11.06 -15.75
N PHE I 99 -52.71 10.87 -16.97
CA PHE I 99 -52.47 12.01 -17.85
C PHE I 99 -53.78 12.62 -18.34
N ASP I 100 -54.70 11.77 -18.79
CA ASP I 100 -56.01 12.22 -19.24
C ASP I 100 -56.83 12.87 -18.13
N GLU I 101 -56.88 12.19 -16.96
CA GLU I 101 -57.57 12.72 -15.78
C GLU I 101 -57.11 14.15 -15.43
N ALA I 102 -55.80 14.36 -15.43
CA ALA I 102 -55.22 15.66 -15.07
C ALA I 102 -55.27 16.68 -16.23
N ALA I 103 -55.28 16.18 -17.46
CA ALA I 103 -55.41 17.06 -18.64
C ALA I 103 -56.85 17.58 -18.82
N LYS I 104 -57.82 16.80 -18.34
CA LYS I 104 -59.22 17.19 -18.37
C LYS I 104 -59.51 18.32 -17.38
N ARG I 105 -58.96 18.19 -16.16
CA ARG I 105 -59.16 19.20 -15.11
C ARG I 105 -58.63 20.57 -15.52
N GLU I 106 -57.61 20.59 -16.39
CA GLU I 106 -57.06 21.84 -16.89
C GLU I 106 -57.70 22.25 -18.23
N GLY I 107 -58.66 21.44 -18.68
CA GLY I 107 -59.43 21.73 -19.89
C GLY I 107 -58.64 21.64 -21.17
N LEU I 108 -57.67 20.74 -21.20
CA LEU I 108 -56.86 20.53 -22.39
C LEU I 108 -57.30 19.27 -23.14
N TYR I 109 -57.34 19.38 -24.46
CA TYR I 109 -57.70 18.27 -25.33
C TYR I 109 -56.63 17.18 -25.29
N SER I 110 -57.04 15.92 -25.09
CA SER I 110 -56.11 14.80 -25.05
C SER I 110 -56.76 13.43 -25.26
N VAL I 111 -56.35 12.74 -26.33
CA VAL I 111 -56.85 11.40 -26.65
C VAL I 111 -55.70 10.43 -26.90
N THR I 112 -55.67 9.34 -26.14
CA THR I 112 -54.57 8.37 -26.18
C THR I 112 -55.00 7.06 -26.88
N ILE I 113 -54.46 6.82 -28.07
CA ILE I 113 -54.76 5.62 -28.83
C ILE I 113 -53.99 4.42 -28.27
N ASP I 114 -54.71 3.34 -27.99
CA ASP I 114 -54.12 2.11 -27.47
C ASP I 114 -53.85 1.13 -28.62
N GLY I 115 -52.65 0.56 -28.65
CA GLY I 115 -52.28 -0.44 -29.65
C GLY I 115 -50.90 -0.29 -30.28
N ASP I 116 -50.55 -1.22 -31.17
CA ASP I 116 -49.24 -1.25 -31.81
C ASP I 116 -49.08 -0.15 -32.86
N ALA I 117 -48.13 0.76 -32.60
CA ALA I 117 -47.87 1.91 -33.48
C ALA I 117 -47.19 1.50 -34.77
N PHE I 118 -46.74 0.24 -34.85
CA PHE I 118 -46.16 -0.30 -36.07
C PHE I 118 -47.23 -0.68 -37.10
N SER I 119 -48.44 -0.96 -36.61
CA SER I 119 -49.58 -1.35 -37.43
C SER I 119 -50.20 -0.18 -38.20
N ASP I 120 -50.77 -0.48 -39.37
CA ASP I 120 -51.52 0.50 -40.17
C ASP I 120 -52.86 0.84 -39.53
N GLU I 121 -53.41 -0.14 -38.81
CA GLU I 121 -54.68 0.01 -38.13
C GLU I 121 -54.68 1.26 -37.25
N ILE I 122 -53.67 1.36 -36.38
CA ILE I 122 -53.50 2.52 -35.50
C ILE I 122 -53.24 3.80 -36.28
N LYS I 123 -52.54 3.67 -37.42
CA LYS I 123 -52.24 4.82 -38.29
C LYS I 123 -53.49 5.46 -38.87
N ALA I 124 -54.54 4.66 -39.08
CA ALA I 124 -55.83 5.17 -39.53
C ALA I 124 -56.55 5.91 -38.41
N GLN I 125 -56.64 5.25 -37.24
CA GLN I 125 -57.33 5.78 -36.06
C GLN I 125 -56.88 7.20 -35.67
N VAL I 126 -55.61 7.48 -35.85
CA VAL I 126 -55.05 8.79 -35.52
C VAL I 126 -55.27 9.79 -36.68
N ILE I 127 -55.20 9.28 -37.91
CA ILE I 127 -55.48 10.09 -39.10
C ILE I 127 -56.89 10.65 -39.05
N GLU I 128 -57.87 9.79 -38.78
CA GLU I 128 -59.25 10.23 -38.71
C GLU I 128 -59.51 11.18 -37.53
N GLU I 129 -58.84 10.92 -36.40
CA GLU I 129 -59.01 11.71 -35.18
C GLU I 129 -58.55 13.15 -35.33
N ALA I 130 -57.41 13.35 -36.00
CA ALA I 130 -56.90 14.70 -36.27
C ALA I 130 -57.76 15.39 -37.33
N LYS I 131 -58.32 14.58 -38.24
CA LYS I 131 -59.27 15.06 -39.25
C LYS I 131 -60.61 15.49 -38.62
N LYS I 132 -61.06 14.73 -37.62
CA LYS I 132 -62.32 15.01 -36.93
C LYS I 132 -62.26 16.25 -36.02
N LYS I 133 -61.06 16.56 -35.51
CA LYS I 133 -60.90 17.74 -34.65
C LYS I 133 -60.32 18.97 -35.37
N GLY I 134 -60.03 18.82 -36.65
CA GLY I 134 -59.62 19.95 -37.48
C GLY I 134 -58.12 20.13 -37.61
N ILE I 135 -57.57 21.03 -36.81
CA ILE I 135 -56.17 21.48 -36.93
C ILE I 135 -55.14 20.33 -37.01
N LYS I 136 -54.00 20.63 -37.63
CA LYS I 136 -52.96 19.65 -37.96
C LYS I 136 -51.72 19.75 -37.06
N PHE I 137 -50.85 18.73 -37.13
CA PHE I 137 -49.69 18.61 -36.20
C PHE I 137 -48.51 19.53 -36.47
N ASP I 138 -47.94 20.08 -35.39
CA ASP I 138 -46.77 20.96 -35.48
C ASP I 138 -45.56 20.47 -34.67
N LEU I 139 -45.71 19.30 -34.03
CA LEU I 139 -44.59 18.59 -33.41
C LEU I 139 -44.89 17.09 -33.34
N ILE I 140 -44.16 16.30 -34.13
CA ILE I 140 -44.29 14.85 -34.06
C ILE I 140 -43.13 14.27 -33.25
N VAL I 141 -43.43 13.58 -32.16
CA VAL I 141 -42.39 13.03 -31.32
C VAL I 141 -42.36 11.49 -31.39
N TYR I 142 -41.36 10.98 -32.11
CA TYR I 142 -41.17 9.55 -32.24
C TYR I 142 -40.36 9.02 -31.06
N SER I 143 -40.97 8.13 -30.28
CA SER I 143 -40.37 7.67 -29.02
C SER I 143 -40.71 6.21 -28.68
N LEU I 144 -40.52 5.32 -29.64
CA LEU I 144 -40.82 3.90 -29.45
C LEU I 144 -39.60 3.08 -29.06
N ALA I 145 -39.68 2.43 -27.91
CA ALA I 145 -38.70 1.44 -27.52
C ALA I 145 -39.41 0.10 -27.38
N SER I 146 -39.41 -0.68 -28.45
CA SER I 146 -40.02 -1.99 -28.45
C SER I 146 -38.99 -3.04 -28.85
N PRO I 147 -39.00 -4.21 -28.18
CA PRO I 147 -38.06 -5.28 -28.55
C PRO I 147 -38.40 -6.01 -29.86
N VAL I 148 -39.65 -5.86 -30.32
CA VAL I 148 -40.15 -6.62 -31.48
C VAL I 148 -41.08 -5.78 -32.37
N ARG I 149 -40.98 -5.97 -33.69
CA ARG I 149 -41.81 -5.24 -34.65
C ARG I 149 -42.40 -6.14 -35.75
N THR I 150 -43.71 -6.36 -35.65
CA THR I 150 -44.46 -7.15 -36.63
C THR I 150 -44.67 -6.30 -37.88
N ASP I 151 -43.84 -6.56 -38.89
CA ASP I 151 -43.81 -5.78 -40.13
C ASP I 151 -45.18 -5.70 -40.81
N PRO I 152 -45.58 -4.48 -41.24
CA PRO I 152 -46.85 -4.27 -41.93
C PRO I 152 -46.90 -4.89 -43.34
N ASP I 153 -45.85 -4.68 -44.13
CA ASP I 153 -45.79 -5.15 -45.51
C ASP I 153 -45.61 -6.65 -45.65
N THR I 154 -44.65 -7.22 -44.92
CA THR I 154 -44.32 -8.65 -45.02
C THR I 154 -45.18 -9.52 -44.10
N GLY I 155 -45.34 -9.09 -42.85
CA GLY I 155 -46.00 -9.90 -41.83
C GLY I 155 -45.03 -10.67 -40.97
N ILE I 156 -43.74 -10.58 -41.30
CA ILE I 156 -42.66 -11.23 -40.55
C ILE I 156 -42.44 -10.51 -39.22
N MSE I 157 -42.23 -11.29 -38.16
CA MSE I 157 -41.92 -10.75 -36.84
C MSE I 157 -40.43 -10.61 -36.69
O MSE I 157 -39.68 -11.55 -36.96
CB MSE I 157 -42.49 -11.70 -35.77
CG MSE I 157 -42.55 -10.97 -34.43
SE MSE I 157 -44.32 -11.12 -33.53
CE MSE I 157 -45.47 -11.76 -35.01
N HIS I 158 -40.00 -9.42 -36.27
CA HIS I 158 -38.58 -9.12 -36.10
C HIS I 158 -38.26 -8.84 -34.66
N LYS I 159 -37.33 -9.62 -34.11
CA LYS I 159 -36.87 -9.45 -32.73
C LYS I 159 -35.55 -8.69 -32.74
N SER I 160 -35.39 -7.74 -31.81
CA SER I 160 -34.14 -6.96 -31.72
C SER I 160 -33.16 -7.56 -30.71
N VAL I 161 -31.88 -7.49 -31.04
CA VAL I 161 -30.81 -7.99 -30.15
C VAL I 161 -29.83 -6.89 -29.76
N LEU I 162 -29.14 -7.08 -28.63
CA LEU I 162 -28.18 -6.11 -28.10
C LEU I 162 -26.79 -6.77 -28.07
N LYS I 163 -26.09 -6.72 -29.20
CA LYS I 163 -24.85 -7.48 -29.39
C LYS I 163 -23.80 -6.74 -30.23
N PRO I 164 -22.52 -7.11 -30.08
CA PRO I 164 -21.44 -6.48 -30.85
C PRO I 164 -21.11 -7.23 -32.15
N PHE I 165 -20.19 -6.64 -32.94
CA PHE I 165 -19.76 -7.21 -34.21
C PHE I 165 -18.36 -7.81 -34.13
N GLY I 166 -18.21 -9.01 -34.67
CA GLY I 166 -16.91 -9.70 -34.74
C GLY I 166 -16.57 -10.52 -33.51
N LYS I 167 -16.25 -9.82 -32.42
CA LYS I 167 -15.78 -10.48 -31.18
C LYS I 167 -16.57 -10.09 -29.93
N THR I 168 -16.61 -11.01 -28.98
CA THR I 168 -17.37 -10.87 -27.74
C THR I 168 -17.03 -9.62 -26.93
N PHE I 169 -18.06 -8.85 -26.57
CA PHE I 169 -17.90 -7.76 -25.61
C PHE I 169 -18.27 -8.25 -24.22
N THR I 170 -17.27 -8.28 -23.35
CA THR I 170 -17.46 -8.65 -21.95
C THR I 170 -17.13 -7.48 -21.03
N GLY I 171 -17.70 -7.50 -19.83
CA GLY I 171 -17.45 -6.45 -18.84
C GLY I 171 -18.30 -6.59 -17.59
N LYS I 172 -18.04 -5.70 -16.64
CA LYS I 172 -18.72 -5.74 -15.35
C LYS I 172 -20.20 -5.35 -15.45
N THR I 173 -20.97 -5.75 -14.43
CA THR I 173 -22.40 -5.41 -14.30
C THR I 173 -22.83 -5.53 -12.84
N VAL I 174 -23.86 -4.78 -12.45
CA VAL I 174 -24.35 -4.81 -11.08
C VAL I 174 -25.86 -4.98 -11.03
N ASP I 175 -26.30 -6.03 -10.35
CA ASP I 175 -27.70 -6.18 -9.99
C ASP I 175 -28.02 -5.14 -8.93
N PRO I 176 -28.96 -4.23 -9.24
CA PRO I 176 -29.31 -3.08 -8.40
C PRO I 176 -29.69 -3.43 -6.96
N PHE I 177 -30.43 -4.54 -6.80
CA PHE I 177 -30.96 -4.94 -5.50
C PHE I 177 -29.93 -5.68 -4.65
N THR I 178 -29.28 -6.69 -5.23
CA THR I 178 -28.31 -7.50 -4.51
C THR I 178 -27.05 -6.72 -4.13
N GLY I 179 -26.65 -5.76 -4.96
CA GLY I 179 -25.39 -5.04 -4.77
C GLY I 179 -24.22 -5.92 -5.15
N GLU I 180 -24.54 -6.96 -5.90
CA GLU I 180 -23.60 -8.01 -6.26
C GLU I 180 -22.98 -7.70 -7.62
N LEU I 181 -21.65 -7.63 -7.63
CA LEU I 181 -20.90 -7.30 -8.83
C LEU I 181 -20.56 -8.56 -9.63
N LYS I 182 -21.32 -8.78 -10.70
CA LYS I 182 -21.21 -10.01 -11.50
C LYS I 182 -20.44 -9.83 -12.82
N GLU I 183 -20.64 -10.79 -13.73
CA GLU I 183 -19.88 -10.82 -14.98
C GLU I 183 -20.75 -11.33 -16.14
N ILE I 184 -21.28 -10.40 -16.92
CA ILE I 184 -22.04 -10.75 -18.12
C ILE I 184 -21.27 -10.35 -19.38
N SER I 185 -21.56 -11.06 -20.48
CA SER I 185 -21.03 -10.72 -21.79
C SER I 185 -22.06 -11.02 -22.86
N ALA I 186 -21.99 -10.26 -23.96
CA ALA I 186 -22.82 -10.50 -25.14
C ALA I 186 -21.92 -10.93 -26.30
N GLU I 187 -22.40 -11.88 -27.10
CA GLU I 187 -21.57 -12.51 -28.12
C GLU I 187 -21.75 -11.88 -29.51
N PRO I 188 -20.77 -12.10 -30.42
CA PRO I 188 -20.81 -11.59 -31.79
C PRO I 188 -22.15 -11.84 -32.49
N ALA I 189 -22.59 -10.84 -33.25
CA ALA I 189 -23.90 -10.86 -33.90
C ALA I 189 -23.89 -11.50 -35.28
N ASN I 190 -25.07 -11.94 -35.72
CA ASN I 190 -25.31 -12.43 -37.08
C ASN I 190 -25.45 -11.31 -38.11
N ASP I 191 -25.64 -11.71 -39.36
CA ASP I 191 -26.11 -10.81 -40.41
C ASP I 191 -27.64 -10.80 -40.41
N GLU I 192 -28.23 -11.92 -39.99
CA GLU I 192 -29.68 -12.01 -39.81
C GLU I 192 -30.12 -11.19 -38.60
N GLU I 193 -29.39 -11.34 -37.50
CA GLU I 193 -29.69 -10.63 -36.24
C GLU I 193 -29.49 -9.12 -36.35
N ALA I 194 -28.63 -8.71 -37.29
CA ALA I 194 -28.32 -7.29 -37.50
C ALA I 194 -29.36 -6.57 -38.38
N ALA I 195 -29.95 -7.29 -39.34
CA ALA I 195 -31.03 -6.75 -40.17
C ALA I 195 -32.33 -6.67 -39.37
N ALA I 196 -32.45 -7.56 -38.40
CA ALA I 196 -33.61 -7.59 -37.49
C ALA I 196 -33.68 -6.33 -36.64
N THR I 197 -32.54 -5.96 -36.04
CA THR I 197 -32.45 -4.79 -35.14
C THR I 197 -32.65 -3.46 -35.87
N VAL I 198 -32.22 -3.40 -37.14
CA VAL I 198 -32.41 -2.21 -37.97
C VAL I 198 -33.87 -2.13 -38.43
N LYS I 199 -34.54 -3.28 -38.44
CA LYS I 199 -35.97 -3.34 -38.75
C LYS I 199 -36.77 -2.75 -37.59
N VAL I 200 -36.40 -3.14 -36.37
CA VAL I 200 -37.15 -2.77 -35.17
C VAL I 200 -36.82 -1.37 -34.64
N MSE I 201 -35.52 -1.07 -34.47
CA MSE I 201 -35.08 0.18 -33.83
C MSE I 201 -34.73 1.28 -34.81
O MSE I 201 -34.55 2.44 -34.42
CB MSE I 201 -33.88 -0.11 -32.92
CG MSE I 201 -34.15 -1.22 -31.89
SE MSE I 201 -35.15 -0.52 -30.34
CE MSE I 201 -33.73 0.51 -29.45
N GLY I 202 -34.61 0.92 -36.10
CA GLY I 202 -34.28 1.89 -37.14
C GLY I 202 -35.42 2.82 -37.46
N GLY I 203 -35.13 3.88 -38.24
CA GLY I 203 -36.13 4.87 -38.62
C GLY I 203 -37.06 4.45 -39.74
N GLU I 204 -37.24 3.14 -39.90
CA GLU I 204 -38.07 2.59 -40.97
C GLU I 204 -39.54 2.96 -40.76
N ASP I 205 -40.04 2.74 -39.54
CA ASP I 205 -41.42 3.01 -39.19
C ASP I 205 -41.70 4.49 -38.91
N TRP I 206 -40.67 5.21 -38.49
CA TRP I 206 -40.77 6.65 -38.27
C TRP I 206 -41.01 7.39 -39.56
N GLU I 207 -40.25 7.01 -40.60
CA GLU I 207 -40.45 7.53 -41.95
C GLU I 207 -41.89 7.28 -42.42
N ARG I 208 -42.37 6.06 -42.18
CA ARG I 208 -43.71 5.60 -42.55
C ARG I 208 -44.81 6.53 -42.03
N TRP I 209 -44.71 6.88 -40.75
CA TRP I 209 -45.62 7.81 -40.09
C TRP I 209 -45.61 9.19 -40.70
N ILE I 210 -44.43 9.67 -41.05
CA ILE I 210 -44.27 11.03 -41.57
C ILE I 210 -44.84 11.16 -42.98
N LYS I 211 -44.59 10.16 -43.83
CA LYS I 211 -45.14 10.14 -45.18
C LYS I 211 -46.66 9.97 -45.21
N GLN I 212 -47.17 9.07 -44.36
CA GLN I 212 -48.61 8.79 -44.30
C GLN I 212 -49.43 9.96 -43.73
N LEU I 213 -48.82 10.78 -42.88
CA LEU I 213 -49.47 11.98 -42.37
C LEU I 213 -49.34 13.14 -43.35
N SER I 214 -48.38 13.05 -44.26
CA SER I 214 -48.10 14.13 -45.20
C SER I 214 -49.09 14.14 -46.36
N LYS I 215 -49.41 12.95 -46.88
CA LYS I 215 -50.39 12.80 -47.97
C LYS I 215 -51.81 13.06 -47.49
N GLU I 216 -52.08 12.67 -46.24
CA GLU I 216 -53.34 12.99 -45.57
C GLU I 216 -53.42 14.48 -45.19
N GLY I 217 -52.29 15.17 -45.30
CA GLY I 217 -52.22 16.62 -45.08
C GLY I 217 -52.48 17.02 -43.65
N LEU I 218 -51.80 16.34 -42.72
CA LEU I 218 -51.97 16.60 -41.28
C LEU I 218 -50.72 17.19 -40.62
N LEU I 219 -49.85 17.80 -41.41
CA LEU I 219 -48.65 18.44 -40.88
C LEU I 219 -48.65 19.94 -41.20
N GLU I 220 -48.29 20.75 -40.20
CA GLU I 220 -48.21 22.21 -40.36
C GLU I 220 -47.06 22.63 -41.28
N GLU I 221 -46.84 23.93 -41.35
CA GLU I 221 -45.70 24.47 -42.10
C GLU I 221 -44.51 24.56 -41.16
N GLY I 222 -43.48 23.79 -41.44
CA GLY I 222 -42.30 23.72 -40.58
C GLY I 222 -42.56 22.95 -39.29
N CYS I 223 -43.24 21.82 -39.43
CA CYS I 223 -43.55 20.95 -38.29
C CYS I 223 -42.29 20.21 -37.83
N ILE I 224 -41.95 20.40 -36.56
CA ILE I 224 -40.77 19.75 -35.97
C ILE I 224 -41.09 18.29 -35.67
N THR I 225 -40.19 17.40 -36.05
CA THR I 225 -40.38 15.97 -35.78
C THR I 225 -39.08 15.29 -35.38
N LEU I 226 -39.06 14.71 -34.18
CA LEU I 226 -37.82 14.15 -33.65
C LEU I 226 -37.94 12.74 -33.08
N ALA I 227 -36.94 11.91 -33.39
CA ALA I 227 -36.77 10.62 -32.75
C ALA I 227 -35.75 10.77 -31.66
N TYR I 228 -35.78 9.85 -30.70
CA TYR I 228 -34.84 9.91 -29.58
C TYR I 228 -33.75 8.87 -29.77
N SER I 229 -32.52 9.27 -29.48
CA SER I 229 -31.37 8.41 -29.70
C SER I 229 -30.39 8.50 -28.54
N TYR I 230 -29.48 7.54 -28.47
CA TYR I 230 -28.46 7.50 -27.42
C TYR I 230 -27.08 7.13 -27.98
N ILE I 231 -26.10 7.98 -27.68
CA ILE I 231 -24.71 7.77 -28.09
C ILE I 231 -23.90 7.07 -26.99
N GLY I 232 -23.78 7.73 -25.83
CA GLY I 232 -23.10 7.14 -24.69
C GLY I 232 -21.60 7.35 -24.63
N PRO I 233 -20.96 6.83 -23.55
CA PRO I 233 -19.53 7.02 -23.30
C PRO I 233 -18.65 6.10 -24.15
N GLU I 234 -17.33 6.24 -23.98
CA GLU I 234 -16.36 5.44 -24.70
C GLU I 234 -16.34 3.97 -24.30
N ALA I 235 -16.73 3.67 -23.06
CA ALA I 235 -16.75 2.29 -22.55
C ALA I 235 -17.81 1.43 -23.23
N THR I 236 -18.92 2.05 -23.62
CA THR I 236 -20.03 1.33 -24.25
C THR I 236 -20.04 1.50 -25.77
N GLN I 237 -18.88 1.84 -26.33
CA GLN I 237 -18.74 2.05 -27.77
C GLN I 237 -19.02 0.77 -28.56
N ALA I 238 -18.76 -0.37 -27.92
CA ALA I 238 -18.88 -1.66 -28.57
C ALA I 238 -20.33 -2.06 -28.81
N LEU I 239 -21.26 -1.34 -28.19
CA LEU I 239 -22.70 -1.63 -28.31
C LEU I 239 -23.56 -0.50 -28.89
N TYR I 240 -23.00 0.71 -28.96
CA TYR I 240 -23.76 1.89 -29.38
C TYR I 240 -23.11 2.69 -30.51
N ARG I 241 -21.81 2.49 -30.71
CA ARG I 241 -21.06 3.21 -31.72
C ARG I 241 -20.76 2.31 -32.92
N LYS I 242 -20.32 1.09 -32.65
CA LYS I 242 -20.10 0.09 -33.69
C LYS I 242 -20.94 -1.18 -33.47
N GLY I 243 -21.74 -1.19 -32.41
CA GLY I 243 -22.60 -2.33 -32.05
C GLY I 243 -23.85 -2.48 -32.91
N THR I 244 -24.62 -3.54 -32.65
CA THR I 244 -25.81 -3.86 -33.47
C THR I 244 -26.96 -2.89 -33.27
N ILE I 245 -27.10 -2.37 -32.05
CA ILE I 245 -28.01 -1.27 -31.77
C ILE I 245 -27.42 0.01 -32.38
N GLY I 246 -26.11 0.12 -32.31
CA GLY I 246 -25.36 1.23 -32.91
C GLY I 246 -25.57 1.33 -34.40
N LYS I 247 -25.90 0.22 -35.04
CA LYS I 247 -26.19 0.25 -36.48
C LYS I 247 -27.61 0.76 -36.75
N ALA I 248 -28.56 0.37 -35.89
CA ALA I 248 -29.95 0.80 -36.02
C ALA I 248 -30.10 2.30 -35.73
N LYS I 249 -29.24 2.80 -34.85
CA LYS I 249 -29.13 4.22 -34.54
C LYS I 249 -28.66 5.01 -35.77
N GLU I 250 -27.73 4.44 -36.54
CA GLU I 250 -27.21 5.06 -37.75
C GLU I 250 -28.29 5.18 -38.83
N HIS I 251 -29.09 4.13 -38.95
CA HIS I 251 -30.21 4.10 -39.89
C HIS I 251 -31.23 5.14 -39.54
N LEU I 252 -31.34 5.44 -38.25
CA LEU I 252 -32.28 6.43 -37.72
C LEU I 252 -31.85 7.86 -38.05
N GLU I 253 -30.58 8.19 -37.86
CA GLU I 253 -30.09 9.54 -38.21
C GLU I 253 -30.00 9.77 -39.71
N ALA I 254 -29.87 8.68 -40.48
CA ALA I 254 -29.97 8.75 -41.94
C ALA I 254 -31.41 9.09 -42.35
N THR I 255 -32.36 8.38 -41.74
CA THR I 255 -33.79 8.61 -41.95
C THR I 255 -34.20 10.07 -41.71
N ALA I 256 -33.53 10.73 -40.75
CA ALA I 256 -33.81 12.12 -40.43
C ALA I 256 -33.36 13.08 -41.53
N HIS I 257 -32.33 12.69 -42.28
CA HIS I 257 -31.84 13.49 -43.42
C HIS I 257 -32.60 13.15 -44.66
N ARG I 258 -33.00 11.89 -44.77
CA ARG I 258 -33.85 11.43 -45.86
C ARG I 258 -35.21 12.11 -45.84
N LEU I 259 -35.70 12.44 -44.65
CA LEU I 259 -36.97 13.13 -44.49
C LEU I 259 -36.90 14.64 -44.75
N ASN I 260 -35.68 15.16 -44.90
CA ASN I 260 -35.50 16.60 -45.12
C ASN I 260 -35.30 16.99 -46.58
N LYS I 261 -34.77 16.08 -47.38
CA LYS I 261 -34.60 16.32 -48.81
C LYS I 261 -35.83 15.83 -49.60
N GLU I 262 -36.60 14.94 -48.97
CA GLU I 262 -37.83 14.39 -49.56
C GLU I 262 -39.08 15.18 -49.16
N ASN I 263 -38.92 16.08 -48.19
CA ASN I 263 -40.04 16.89 -47.69
C ASN I 263 -39.56 18.23 -47.11
N PRO I 264 -39.14 19.17 -47.99
CA PRO I 264 -38.51 20.41 -47.55
C PRO I 264 -39.44 21.36 -46.78
N SER I 265 -40.64 20.91 -46.48
CA SER I 265 -41.60 21.68 -45.68
C SER I 265 -41.54 21.33 -44.19
N ILE I 266 -40.97 20.18 -43.86
CA ILE I 266 -40.80 19.76 -42.46
C ILE I 266 -39.35 19.79 -42.01
N ARG I 267 -39.15 19.76 -40.68
CA ARG I 267 -37.83 19.78 -40.08
C ARG I 267 -37.69 18.60 -39.11
N ALA I 268 -36.89 17.61 -39.51
CA ALA I 268 -36.68 16.41 -38.71
C ALA I 268 -35.31 16.41 -38.02
N PHE I 269 -35.26 15.91 -36.80
CA PHE I 269 -34.02 15.79 -36.02
C PHE I 269 -33.96 14.47 -35.26
N VAL I 270 -32.78 14.02 -34.89
CA VAL I 270 -32.66 12.96 -33.89
C VAL I 270 -32.03 13.52 -32.61
N SER I 271 -32.86 13.66 -31.57
CA SER I 271 -32.42 14.21 -30.31
C SER I 271 -31.62 13.18 -29.53
N VAL I 272 -30.34 13.49 -29.31
CA VAL I 272 -29.45 12.62 -28.57
C VAL I 272 -29.51 12.98 -27.09
N ASN I 273 -30.19 12.14 -26.32
CA ASN I 273 -30.45 12.42 -24.92
C ASN I 273 -29.53 11.67 -23.97
N LYS I 274 -29.58 12.08 -22.70
CA LYS I 274 -28.88 11.41 -21.62
C LYS I 274 -29.40 9.98 -21.40
N GLY I 275 -28.52 9.09 -20.94
CA GLY I 275 -28.91 7.72 -20.60
C GLY I 275 -29.57 7.60 -19.24
N LEU I 276 -30.50 6.66 -19.12
CA LEU I 276 -31.15 6.35 -17.84
C LEU I 276 -31.68 4.91 -17.78
N VAL I 277 -32.26 4.55 -16.65
CA VAL I 277 -32.73 3.18 -16.42
C VAL I 277 -33.91 2.80 -17.32
N THR I 278 -33.71 1.73 -18.08
CA THR I 278 -34.78 1.13 -18.89
C THR I 278 -35.03 -0.31 -18.44
N ARG I 279 -35.91 -0.99 -19.16
CA ARG I 279 -36.24 -2.39 -18.86
C ARG I 279 -35.24 -3.38 -19.45
N ALA I 280 -34.39 -2.91 -20.37
CA ALA I 280 -33.36 -3.75 -20.98
C ALA I 280 -32.06 -3.69 -20.20
N SER I 281 -31.89 -2.63 -19.40
CA SER I 281 -30.62 -2.28 -18.73
C SER I 281 -29.80 -3.41 -18.11
N ALA I 282 -30.47 -4.38 -17.48
CA ALA I 282 -29.77 -5.48 -16.80
C ALA I 282 -29.11 -6.49 -17.74
N VAL I 283 -29.73 -6.73 -18.89
CA VAL I 283 -29.21 -7.71 -19.87
C VAL I 283 -28.34 -7.04 -20.96
N ILE I 284 -27.78 -5.88 -20.59
CA ILE I 284 -26.82 -5.16 -21.44
C ILE I 284 -25.65 -4.75 -20.54
N PRO I 285 -24.45 -5.29 -20.84
CA PRO I 285 -23.27 -5.19 -19.97
C PRO I 285 -22.77 -3.77 -19.80
N VAL I 286 -22.16 -3.52 -18.64
CA VAL I 286 -21.44 -2.27 -18.38
C VAL I 286 -22.36 -1.05 -18.21
N ILE I 287 -23.68 -1.27 -18.43
CA ILE I 287 -24.65 -0.15 -18.25
C ILE I 287 -25.07 0.05 -16.79
N PRO I 288 -25.62 -1.01 -16.15
CA PRO I 288 -26.05 -0.89 -14.74
C PRO I 288 -24.94 -0.29 -13.89
N LEU I 289 -23.71 -0.74 -14.12
CA LEU I 289 -22.54 -0.21 -13.43
C LEU I 289 -22.26 1.24 -13.84
N TYR I 290 -22.29 1.50 -15.14
CA TYR I 290 -22.09 2.85 -15.65
C TYR I 290 -23.17 3.82 -15.17
N LEU I 291 -24.43 3.41 -15.29
CA LEU I 291 -25.57 4.25 -14.93
C LEU I 291 -25.65 4.56 -13.45
N ALA I 292 -25.31 3.57 -12.62
CA ALA I 292 -25.25 3.79 -11.18
C ALA I 292 -24.05 4.66 -10.82
N SER I 293 -22.95 4.47 -11.55
CA SER I 293 -21.75 5.26 -11.35
C SER I 293 -21.91 6.70 -11.85
N LEU I 294 -22.69 6.86 -12.92
CA LEU I 294 -22.96 8.16 -13.51
C LEU I 294 -23.84 9.04 -12.64
N PHE I 295 -24.89 8.44 -12.05
CA PHE I 295 -25.80 9.16 -11.15
C PHE I 295 -25.08 9.67 -9.90
N LYS I 296 -24.12 8.88 -9.42
CA LYS I 296 -23.30 9.25 -8.27
C LYS I 296 -22.45 10.48 -8.59
N VAL I 297 -21.90 10.52 -9.80
CA VAL I 297 -21.06 11.64 -10.23
C VAL I 297 -21.90 12.89 -10.52
N MSE I 298 -22.98 12.74 -11.28
CA MSE I 298 -23.80 13.87 -11.72
C MSE I 298 -24.64 14.49 -10.62
O MSE I 298 -24.94 15.69 -10.68
CB MSE I 298 -24.67 13.47 -12.90
CG MSE I 298 -23.82 13.21 -14.16
SE MSE I 298 -24.94 13.12 -15.79
CE MSE I 298 -24.66 14.99 -16.35
N LYS I 299 -25.02 13.70 -9.63
CA LYS I 299 -25.74 14.21 -8.44
C LYS I 299 -24.81 15.06 -7.59
N GLU I 300 -23.55 14.64 -7.51
CA GLU I 300 -22.51 15.36 -6.80
C GLU I 300 -22.20 16.68 -7.51
N LYS I 301 -22.18 16.65 -8.84
CA LYS I 301 -21.91 17.84 -9.65
C LYS I 301 -23.16 18.69 -9.86
N GLY I 302 -24.32 18.11 -9.57
CA GLY I 302 -25.60 18.81 -9.66
C GLY I 302 -26.11 18.99 -11.07
N ASN I 303 -25.72 18.07 -11.96
CA ASN I 303 -26.28 18.03 -13.31
C ASN I 303 -26.95 16.70 -13.62
N HIS I 304 -27.52 16.11 -12.56
CA HIS I 304 -28.34 14.92 -12.68
C HIS I 304 -29.75 15.33 -12.94
N GLU I 305 -30.28 14.85 -14.06
CA GLU I 305 -31.68 15.08 -14.43
C GLU I 305 -32.33 13.78 -14.88
N GLY I 306 -33.50 13.48 -14.31
CA GLY I 306 -34.30 12.34 -14.72
C GLY I 306 -35.02 12.64 -16.03
N CYS I 307 -36.17 12.02 -16.24
CA CYS I 307 -36.86 12.18 -17.51
C CYS I 307 -37.45 13.57 -17.77
N ILE I 308 -38.19 14.10 -16.81
CA ILE I 308 -38.88 15.37 -17.03
C ILE I 308 -37.92 16.55 -17.14
N GLU I 309 -36.89 16.58 -16.28
CA GLU I 309 -35.89 17.65 -16.30
C GLU I 309 -35.10 17.64 -17.61
N GLN I 310 -34.94 16.45 -18.20
CA GLN I 310 -34.28 16.27 -19.49
C GLN I 310 -35.06 16.85 -20.65
N ILE I 311 -36.37 16.67 -20.61
CA ILE I 311 -37.23 17.05 -21.73
C ILE I 311 -37.73 18.50 -21.65
N THR I 312 -37.99 19.00 -20.44
CA THR I 312 -38.32 20.43 -20.28
C THR I 312 -37.20 21.31 -20.82
N ARG I 313 -35.95 20.95 -20.51
CA ARG I 313 -34.78 21.62 -21.06
C ARG I 313 -34.77 21.56 -22.59
N LEU I 314 -34.95 20.36 -23.14
CA LEU I 314 -35.05 20.20 -24.59
C LEU I 314 -36.05 21.18 -25.22
N TYR I 315 -37.27 21.22 -24.68
CA TYR I 315 -38.33 22.09 -25.20
C TYR I 315 -37.94 23.56 -25.08
N ALA I 316 -37.54 23.96 -23.87
CA ALA I 316 -37.28 25.36 -23.56
C ALA I 316 -36.05 25.93 -24.26
N GLU I 317 -34.96 25.16 -24.32
CA GLU I 317 -33.67 25.69 -24.74
C GLU I 317 -33.12 25.12 -26.05
N ARG I 318 -33.90 24.28 -26.71
CA ARG I 318 -33.49 23.74 -28.01
C ARG I 318 -34.61 23.76 -29.04
N LEU I 319 -35.83 23.48 -28.61
CA LEU I 319 -36.96 23.39 -29.53
C LEU I 319 -37.69 24.71 -29.66
N TYR I 320 -38.21 25.20 -28.55
CA TYR I 320 -38.99 26.43 -28.54
C TYR I 320 -38.28 27.51 -27.74
N ARG I 321 -37.35 28.19 -28.42
CA ARG I 321 -36.53 29.24 -27.82
C ARG I 321 -36.74 30.60 -28.48
N LYS I 322 -36.37 31.66 -27.75
CA LYS I 322 -36.54 33.04 -28.20
C LYS I 322 -35.89 33.34 -29.55
N ASP I 323 -34.68 32.82 -29.76
CA ASP I 323 -33.91 33.04 -30.99
C ASP I 323 -34.64 32.53 -32.23
N GLY I 324 -35.38 31.43 -32.08
CA GLY I 324 -36.10 30.81 -33.19
C GLY I 324 -35.33 29.64 -33.78
N THR I 325 -34.07 29.50 -33.36
CA THR I 325 -33.17 28.46 -33.88
C THR I 325 -33.43 27.10 -33.24
N ILE I 326 -32.78 26.08 -33.79
CA ILE I 326 -32.72 24.77 -33.18
C ILE I 326 -31.23 24.38 -33.20
N PRO I 327 -30.51 24.66 -32.09
CA PRO I 327 -29.07 24.36 -31.98
C PRO I 327 -28.76 22.89 -32.28
N VAL I 328 -27.76 22.69 -33.13
CA VAL I 328 -27.38 21.35 -33.55
C VAL I 328 -25.87 21.17 -33.54
N ASP I 329 -25.43 19.92 -33.48
CA ASP I 329 -24.01 19.59 -33.58
C ASP I 329 -23.59 19.50 -35.05
N GLU I 330 -22.45 18.87 -35.30
CA GLU I 330 -21.89 18.68 -36.65
C GLU I 330 -22.91 18.06 -37.63
N GLU I 331 -23.47 16.92 -37.26
CA GLU I 331 -24.35 16.15 -38.14
C GLU I 331 -25.85 16.39 -37.94
N ASN I 332 -26.22 17.64 -37.62
CA ASN I 332 -27.61 18.05 -37.49
C ASN I 332 -28.39 17.20 -36.48
N ARG I 333 -27.92 17.20 -35.24
CA ARG I 333 -28.59 16.50 -34.15
C ARG I 333 -28.73 17.41 -32.95
N ILE I 334 -29.89 17.34 -32.29
CA ILE I 334 -30.08 18.02 -31.02
C ILE I 334 -29.28 17.26 -29.97
N ARG I 335 -28.51 17.99 -29.17
CA ARG I 335 -27.66 17.37 -28.18
C ARG I 335 -28.04 17.74 -26.74
N ILE I 336 -28.81 16.86 -26.11
CA ILE I 336 -29.22 17.04 -24.72
C ILE I 336 -28.34 16.20 -23.79
N ASP I 337 -27.57 15.29 -24.40
CA ASP I 337 -26.56 14.48 -23.71
C ASP I 337 -25.29 15.29 -23.42
N ASP I 338 -25.37 16.60 -23.66
CA ASP I 338 -24.22 17.51 -23.55
C ASP I 338 -23.68 17.64 -22.13
N TRP I 339 -24.47 17.24 -21.13
CA TRP I 339 -23.99 17.21 -19.76
C TRP I 339 -23.39 15.88 -19.41
N GLU I 340 -24.00 14.81 -19.89
CA GLU I 340 -23.49 13.46 -19.63
C GLU I 340 -22.06 13.33 -20.16
N LEU I 341 -21.85 13.73 -21.41
CA LEU I 341 -20.59 13.45 -22.10
C LEU I 341 -19.46 14.48 -21.95
N GLU I 342 -19.70 15.57 -21.21
CA GLU I 342 -18.63 16.54 -20.94
C GLU I 342 -17.50 15.86 -20.17
N GLU I 343 -16.26 16.20 -20.54
CA GLU I 343 -15.08 15.38 -20.23
C GLU I 343 -14.82 15.04 -18.75
N ASP I 344 -15.03 15.98 -17.84
CA ASP I 344 -14.76 15.72 -16.42
C ASP I 344 -15.76 14.74 -15.78
N VAL I 345 -17.00 14.77 -16.27
CA VAL I 345 -18.02 13.81 -15.87
C VAL I 345 -17.63 12.43 -16.40
N GLN I 346 -17.09 12.40 -17.61
CA GLN I 346 -16.62 11.16 -18.22
C GLN I 346 -15.32 10.64 -17.63
N LYS I 347 -14.45 11.57 -17.19
CA LYS I 347 -13.23 11.22 -16.48
C LYS I 347 -13.58 10.54 -15.15
N ALA I 348 -14.48 11.17 -14.40
CA ALA I 348 -14.89 10.74 -13.06
C ALA I 348 -15.57 9.38 -13.03
N VAL I 349 -16.44 9.12 -13.99
CA VAL I 349 -17.15 7.84 -14.08
C VAL I 349 -16.20 6.67 -14.38
N SER I 350 -15.30 6.87 -15.35
CA SER I 350 -14.32 5.85 -15.75
C SER I 350 -13.48 5.36 -14.56
N ALA I 351 -13.02 6.30 -13.75
CA ALA I 351 -12.21 6.00 -12.56
C ALA I 351 -13.02 5.25 -11.50
N LEU I 352 -14.25 5.70 -11.25
CA LEU I 352 -15.14 5.08 -10.27
C LEU I 352 -15.64 3.70 -10.69
N MSE I 353 -15.45 3.37 -11.97
CA MSE I 353 -15.90 2.10 -12.54
C MSE I 353 -14.84 1.03 -12.48
O MSE I 353 -15.16 -0.16 -12.57
CB MSE I 353 -16.29 2.34 -13.99
CG MSE I 353 -17.79 2.63 -14.08
SE MSE I 353 -18.44 2.40 -15.94
CE MSE I 353 -17.84 0.54 -16.27
N GLU I 354 -13.58 1.44 -12.33
CA GLU I 354 -12.49 0.47 -12.26
C GLU I 354 -12.26 0.03 -10.82
N LYS I 355 -12.49 0.93 -9.87
CA LYS I 355 -12.27 0.67 -8.44
C LYS I 355 -13.53 0.26 -7.67
N VAL I 356 -14.57 -0.17 -8.41
CA VAL I 356 -15.80 -0.67 -7.78
C VAL I 356 -15.73 -2.19 -7.58
N THR I 357 -15.69 -2.61 -6.32
CA THR I 357 -15.50 -4.02 -5.99
C THR I 357 -16.80 -4.71 -5.54
N GLY I 358 -16.72 -6.04 -5.42
CA GLY I 358 -17.89 -6.89 -5.15
C GLY I 358 -18.69 -6.64 -3.88
N GLU I 359 -18.30 -5.62 -3.12
CA GLU I 359 -18.99 -5.29 -1.86
C GLU I 359 -19.16 -3.80 -1.59
N ASN I 360 -18.24 -2.96 -2.07
CA ASN I 360 -18.33 -1.52 -1.85
C ASN I 360 -19.36 -0.81 -2.74
N ALA I 361 -19.86 -1.53 -3.74
CA ALA I 361 -20.77 -1.01 -4.76
C ALA I 361 -22.02 -0.30 -4.23
N GLU I 362 -22.47 -0.69 -3.04
CA GLU I 362 -23.61 -0.04 -2.39
C GLU I 362 -23.23 1.32 -1.81
N SER I 363 -21.95 1.51 -1.51
CA SER I 363 -21.50 2.71 -0.81
C SER I 363 -20.88 3.76 -1.73
N LEU I 364 -20.12 3.32 -2.73
CA LEU I 364 -19.37 4.27 -3.58
C LEU I 364 -20.06 4.60 -4.92
N THR I 365 -21.02 3.77 -5.33
CA THR I 365 -21.88 4.09 -6.49
C THR I 365 -23.34 4.27 -6.06
N ASP I 366 -24.11 5.03 -6.84
CA ASP I 366 -25.50 5.34 -6.50
C ASP I 366 -26.48 4.25 -6.93
N LEU I 367 -26.44 3.12 -6.22
CA LEU I 367 -27.40 2.05 -6.42
C LEU I 367 -28.76 2.39 -5.81
N ALA I 368 -28.76 3.28 -4.83
CA ALA I 368 -29.99 3.76 -4.19
C ALA I 368 -30.86 4.48 -5.20
N GLY I 369 -30.28 5.49 -5.86
CA GLY I 369 -30.98 6.25 -6.89
C GLY I 369 -31.34 5.41 -8.11
N TYR I 370 -30.58 4.34 -8.37
CA TYR I 370 -30.84 3.45 -9.50
C TYR I 370 -32.08 2.59 -9.27
N ARG I 371 -32.22 2.06 -8.06
CA ARG I 371 -33.39 1.27 -7.70
C ARG I 371 -34.65 2.11 -7.83
N HIS I 372 -34.68 3.23 -7.12
CA HIS I 372 -35.80 4.18 -7.14
C HIS I 372 -36.22 4.51 -8.55
N ASP I 373 -35.25 4.85 -9.41
CA ASP I 373 -35.51 5.13 -10.82
C ASP I 373 -36.18 3.95 -11.54
N PHE I 374 -35.73 2.74 -11.21
CA PHE I 374 -36.25 1.53 -11.85
C PHE I 374 -37.66 1.17 -11.38
N LEU I 375 -37.89 1.31 -10.08
CA LEU I 375 -39.20 0.99 -9.47
C LEU I 375 -40.23 2.09 -9.76
N ALA I 376 -39.76 3.34 -9.76
CA ALA I 376 -40.62 4.49 -10.08
C ALA I 376 -41.21 4.39 -11.49
N SER I 377 -40.50 3.69 -12.37
CA SER I 377 -40.99 3.40 -13.72
C SER I 377 -42.20 2.47 -13.69
N ASN I 378 -42.38 1.76 -12.58
CA ASN I 378 -43.52 0.85 -12.41
C ASN I 378 -44.46 1.22 -11.25
N GLY I 379 -44.22 2.39 -10.65
CA GLY I 379 -45.13 2.94 -9.66
C GLY I 379 -44.72 2.70 -8.21
N PHE I 380 -43.49 2.27 -8.00
CA PHE I 380 -43.01 1.97 -6.65
C PHE I 380 -41.97 2.96 -6.15
N ASP I 381 -41.79 2.99 -4.83
CA ASP I 381 -40.80 3.83 -4.16
C ASP I 381 -41.03 5.34 -4.36
N VAL I 382 -42.21 5.69 -4.88
CA VAL I 382 -42.57 7.08 -5.18
C VAL I 382 -42.91 7.84 -3.90
N GLU I 383 -42.08 8.85 -3.59
CA GLU I 383 -42.22 9.67 -2.39
C GLU I 383 -43.63 10.25 -2.23
N GLY I 384 -44.24 9.99 -1.07
CA GLY I 384 -45.58 10.50 -0.75
C GLY I 384 -46.70 9.47 -0.82
N ILE I 385 -46.34 8.20 -0.92
CA ILE I 385 -47.33 7.10 -0.95
C ILE I 385 -47.01 6.10 0.17
N ASN I 386 -48.05 5.57 0.82
CA ASN I 386 -47.88 4.52 1.82
C ASN I 386 -48.12 3.11 1.24
N TYR I 387 -47.05 2.32 1.14
CA TYR I 387 -47.10 1.03 0.45
C TYR I 387 -47.63 -0.14 1.29
N GLU I 388 -47.83 0.11 2.58
CA GLU I 388 -48.47 -0.87 3.47
C GLU I 388 -49.96 -1.02 3.20
N ALA I 389 -50.56 0.03 2.64
CA ALA I 389 -51.98 0.06 2.33
C ALA I 389 -52.44 -1.04 1.37
N GLU I 390 -53.74 -1.28 1.35
CA GLU I 390 -54.35 -2.31 0.51
C GLU I 390 -54.90 -1.71 -0.79
N VAL I 391 -54.74 -2.44 -1.89
CA VAL I 391 -55.22 -2.00 -3.21
C VAL I 391 -56.60 -2.59 -3.53
N GLU I 392 -57.54 -1.71 -3.90
CA GLU I 392 -58.94 -2.10 -4.14
C GLU I 392 -59.13 -2.96 -5.40
N ARG I 393 -58.82 -2.36 -6.55
CA ARG I 393 -58.92 -3.05 -7.85
C ARG I 393 -57.73 -2.63 -8.71
N PHE I 394 -57.73 -3.03 -9.99
CA PHE I 394 -56.61 -2.73 -10.88
C PHE I 394 -56.99 -2.08 -12.21
N ASP I 395 -58.24 -1.62 -12.32
CA ASP I 395 -58.73 -0.94 -13.53
C ASP I 395 -59.16 0.51 -13.25
N ARG I 396 -58.72 1.02 -12.11
CA ARG I 396 -59.03 2.38 -11.68
C ARG I 396 -57.80 3.08 -11.13
N ILE I 397 -57.75 4.40 -11.33
CA ILE I 397 -56.64 5.24 -10.87
C ILE I 397 -57.09 6.38 -9.96
N LEU I 398 -57.96 6.08 -9.00
CA LEU I 398 -58.52 7.09 -8.09
C LEU I 398 -57.46 7.78 -7.21
N GLU I 399 -57.90 8.62 -6.27
CA GLU I 399 -57.00 9.41 -5.41
C GLU I 399 -57.24 9.22 -3.92
N MSE J 1 -28.55 7.58 -52.96
CA MSE J 1 -28.97 6.15 -52.84
C MSE J 1 -28.13 5.45 -51.80
O MSE J 1 -27.10 5.98 -51.38
CB MSE J 1 -28.85 5.45 -54.20
CG MSE J 1 -27.39 5.23 -54.62
SE MSE J 1 -27.34 4.41 -56.41
CE MSE J 1 -27.97 2.60 -55.96
N ILE J 2 -28.59 4.28 -51.38
CA ILE J 2 -27.83 3.44 -50.45
C ILE J 2 -26.67 2.80 -51.20
N VAL J 3 -25.45 3.16 -50.80
CA VAL J 3 -24.25 2.56 -51.35
C VAL J 3 -23.46 1.91 -50.23
N LYS J 4 -23.13 0.63 -50.42
CA LYS J 4 -22.27 -0.10 -49.48
C LYS J 4 -21.48 -1.21 -50.19
N PRO J 5 -20.42 -1.73 -49.53
CA PRO J 5 -19.48 -2.67 -50.13
C PRO J 5 -20.12 -3.71 -51.03
N MSE J 6 -19.50 -3.93 -52.18
CA MSE J 6 -19.98 -4.87 -53.18
C MSE J 6 -18.80 -5.64 -53.66
O MSE J 6 -18.23 -5.33 -54.71
CB MSE J 6 -20.57 -4.05 -54.31
CG MSE J 6 -21.88 -4.64 -54.84
SE MSE J 6 -22.16 -3.89 -56.65
CE MSE J 6 -22.44 -1.99 -56.20
N VAL J 7 -18.41 -6.66 -52.90
CA VAL J 7 -17.21 -7.44 -53.18
C VAL J 7 -17.55 -8.74 -53.91
N ARG J 8 -17.00 -8.88 -55.13
CA ARG J 8 -17.20 -10.07 -55.96
C ARG J 8 -15.85 -10.54 -56.49
N ASN J 9 -15.61 -11.84 -56.38
CA ASN J 9 -14.31 -12.43 -56.72
C ASN J 9 -13.17 -11.71 -55.98
N ASN J 10 -13.46 -11.36 -54.72
CA ASN J 10 -12.52 -10.67 -53.82
C ASN J 10 -12.04 -9.29 -54.30
N ILE J 11 -12.87 -8.63 -55.11
CA ILE J 11 -12.54 -7.33 -55.69
C ILE J 11 -13.70 -6.36 -55.46
N CYS J 12 -13.37 -5.19 -54.92
CA CYS J 12 -14.38 -4.16 -54.68
C CYS J 12 -14.64 -3.33 -55.94
N LEU J 13 -15.85 -3.46 -56.50
CA LEU J 13 -16.22 -2.75 -57.72
C LEU J 13 -16.54 -1.28 -57.50
N ASN J 14 -17.41 -1.00 -56.53
CA ASN J 14 -17.91 0.36 -56.30
C ASN J 14 -17.01 1.24 -55.42
N ALA J 15 -17.38 2.51 -55.30
CA ALA J 15 -16.67 3.46 -54.47
C ALA J 15 -17.66 4.31 -53.70
N HIS J 16 -17.28 4.69 -52.48
CA HIS J 16 -18.07 5.61 -51.69
C HIS J 16 -17.40 6.94 -51.76
N PRO J 17 -17.96 7.89 -52.52
CA PRO J 17 -17.31 9.19 -52.70
C PRO J 17 -16.94 9.87 -51.38
N GLN J 18 -17.94 10.23 -50.57
CA GLN J 18 -17.72 10.92 -49.30
C GLN J 18 -16.85 10.11 -48.33
N GLY J 19 -16.76 8.79 -48.58
CA GLY J 19 -15.90 7.91 -47.81
C GLY J 19 -14.44 8.15 -48.16
N CYS J 20 -14.15 8.16 -49.45
CA CYS J 20 -12.80 8.41 -49.95
C CYS J 20 -12.28 9.78 -49.53
N LYS J 21 -13.18 10.76 -49.49
CA LYS J 21 -12.85 12.14 -49.11
C LYS J 21 -12.38 12.21 -47.66
N LYS J 22 -12.92 11.33 -46.82
CA LYS J 22 -12.58 11.30 -45.40
C LYS J 22 -11.20 10.68 -45.18
N GLY J 23 -10.93 9.57 -45.87
CA GLY J 23 -9.66 8.85 -45.75
C GLY J 23 -8.49 9.75 -46.11
N VAL J 24 -8.70 10.56 -47.14
CA VAL J 24 -7.73 11.53 -47.61
C VAL J 24 -7.53 12.60 -46.54
N GLU J 25 -8.64 13.16 -46.05
CA GLU J 25 -8.64 14.19 -45.02
C GLU J 25 -8.04 13.74 -43.70
N ASP J 26 -8.15 12.44 -43.42
CA ASP J 26 -7.59 11.86 -42.20
C ASP J 26 -6.09 11.69 -42.31
N GLN J 27 -5.63 11.35 -43.52
CA GLN J 27 -4.20 11.23 -43.79
C GLN J 27 -3.54 12.59 -43.67
N ILE J 28 -4.19 13.61 -44.23
CA ILE J 28 -3.73 14.98 -44.11
C ILE J 28 -3.61 15.34 -42.63
N GLU J 29 -4.73 15.25 -41.90
CA GLU J 29 -4.77 15.60 -40.49
C GLU J 29 -3.65 14.91 -39.72
N TYR J 30 -3.44 13.62 -39.99
CA TYR J 30 -2.34 12.88 -39.37
C TYR J 30 -0.95 13.42 -39.76
N THR J 31 -0.82 13.88 -41.01
CA THR J 31 0.48 14.35 -41.50
C THR J 31 0.94 15.61 -40.77
N LYS J 32 0.02 16.58 -40.65
CA LYS J 32 0.26 17.80 -39.88
C LYS J 32 0.63 17.50 -38.43
N LYS J 33 0.05 16.43 -37.89
CA LYS J 33 0.34 15.93 -36.56
C LYS J 33 1.76 15.38 -36.48
N ARG J 34 2.17 14.66 -37.53
CA ARG J 34 3.45 13.95 -37.56
C ARG J 34 4.61 14.76 -38.14
N ILE J 35 4.38 15.46 -39.25
CA ILE J 35 5.43 16.32 -39.79
C ILE J 35 5.33 17.67 -39.10
N THR J 36 5.96 17.75 -37.94
CA THR J 36 5.94 18.94 -37.08
C THR J 36 6.94 19.96 -37.59
N ALA J 37 6.75 21.23 -37.22
CA ALA J 37 7.76 22.27 -37.47
C ALA J 37 9.08 21.87 -36.80
N GLU J 38 8.97 21.27 -35.60
CA GLU J 38 10.13 20.73 -34.87
C GLU J 38 10.87 19.66 -35.69
N VAL J 39 10.11 18.70 -36.21
CA VAL J 39 10.64 17.58 -36.98
C VAL J 39 11.25 18.04 -38.30
N LYS J 40 10.76 19.19 -38.77
CA LYS J 40 11.03 19.63 -40.12
C LYS J 40 11.71 21.00 -40.08
N ALA J 41 12.90 21.07 -39.48
CA ALA J 41 13.55 22.37 -39.27
C ALA J 41 15.03 22.42 -39.64
N GLY J 42 15.82 21.52 -39.05
CA GLY J 42 17.24 21.49 -39.37
C GLY J 42 17.54 20.85 -40.70
N ALA J 43 16.52 20.63 -41.53
CA ALA J 43 16.68 19.83 -42.76
C ALA J 43 15.94 20.35 -43.98
N LYS J 44 16.34 19.83 -45.13
CA LYS J 44 15.82 20.26 -46.44
C LYS J 44 14.35 19.86 -46.62
N ALA J 45 13.76 20.31 -47.74
CA ALA J 45 12.36 20.05 -48.02
C ALA J 45 12.13 20.01 -49.52
N PRO J 46 11.10 19.27 -49.97
CA PRO J 46 10.75 19.35 -51.39
C PRO J 46 9.97 20.65 -51.68
N LYS J 47 10.14 21.20 -52.87
CA LYS J 47 9.39 22.38 -53.29
C LYS J 47 8.41 22.06 -54.40
N ASN J 48 8.87 21.30 -55.39
CA ASN J 48 8.01 20.75 -56.43
C ASN J 48 8.32 19.29 -56.61
N VAL J 49 7.30 18.46 -56.48
CA VAL J 49 7.46 17.01 -56.50
C VAL J 49 6.50 16.33 -57.47
N LEU J 50 7.03 15.39 -58.23
CA LEU J 50 6.24 14.60 -59.14
C LEU J 50 5.91 13.27 -58.51
N VAL J 51 4.62 12.93 -58.47
CA VAL J 51 4.17 11.64 -57.99
C VAL J 51 3.43 10.95 -59.13
N LEU J 52 3.93 9.79 -59.54
CA LEU J 52 3.35 9.00 -60.61
C LEU J 52 2.71 7.76 -59.99
N GLY J 53 1.39 7.65 -60.17
CA GLY J 53 0.59 6.66 -59.45
C GLY J 53 0.07 7.29 -58.17
N CYS J 54 -0.53 8.46 -58.28
CA CYS J 54 -0.90 9.31 -57.15
C CYS J 54 -2.33 9.11 -56.62
N SER J 55 -3.11 8.25 -57.25
CA SER J 55 -4.53 8.11 -56.92
C SER J 55 -4.82 7.48 -55.55
N ASN J 56 -3.97 6.53 -55.14
CA ASN J 56 -4.10 5.84 -53.84
C ASN J 56 -2.82 5.13 -53.41
N GLY J 57 -2.92 4.34 -52.35
CA GLY J 57 -1.79 3.58 -51.82
C GLY J 57 -0.62 4.47 -51.46
N TYR J 58 0.58 3.90 -51.58
CA TYR J 58 1.83 4.60 -51.25
C TYR J 58 2.07 5.83 -52.09
N GLY J 59 1.45 5.87 -53.26
CA GLY J 59 1.54 7.04 -54.13
C GLY J 59 0.78 8.21 -53.53
N LEU J 60 -0.50 8.01 -53.24
CA LEU J 60 -1.34 9.05 -52.66
C LEU J 60 -0.74 9.54 -51.35
N ALA J 61 -0.19 8.61 -50.56
CA ALA J 61 0.45 8.95 -49.31
C ALA J 61 1.68 9.81 -49.54
N SER J 62 2.45 9.50 -50.59
CA SER J 62 3.64 10.27 -50.93
C SER J 62 3.29 11.69 -51.37
N ARG J 63 2.15 11.84 -52.01
CA ARG J 63 1.71 13.15 -52.46
C ARG J 63 1.28 14.02 -51.29
N ILE J 64 0.59 13.41 -50.32
CA ILE J 64 0.12 14.12 -49.14
C ILE J 64 1.26 14.65 -48.26
N THR J 65 2.19 13.78 -47.86
CA THR J 65 3.30 14.21 -46.99
C THR J 65 4.18 15.25 -47.67
N ALA J 66 4.27 15.22 -48.99
CA ALA J 66 4.98 16.24 -49.74
C ALA J 66 4.25 17.58 -49.65
N ALA J 67 2.93 17.55 -49.85
CA ALA J 67 2.13 18.75 -49.94
C ALA J 67 1.69 19.33 -48.60
N PHE J 68 1.43 18.46 -47.62
CA PHE J 68 0.85 18.92 -46.34
C PHE J 68 1.84 18.84 -45.19
N GLY J 69 2.80 17.93 -45.32
CA GLY J 69 3.95 17.92 -44.44
C GLY J 69 4.84 19.11 -44.76
N TYR J 70 5.30 19.17 -46.01
CA TYR J 70 6.33 20.13 -46.38
C TYR J 70 5.85 21.25 -47.32
N GLY J 71 4.54 21.46 -47.37
CA GLY J 71 3.93 22.52 -48.17
C GLY J 71 4.44 22.64 -49.59
N ALA J 72 4.63 21.52 -50.27
CA ALA J 72 5.26 21.52 -51.60
C ALA J 72 4.25 21.56 -52.75
N ALA J 73 4.72 22.00 -53.91
CA ALA J 73 3.95 21.95 -55.15
C ALA J 73 4.00 20.54 -55.72
N THR J 74 2.87 20.05 -56.22
CA THR J 74 2.79 18.66 -56.64
C THR J 74 2.00 18.45 -57.93
N ILE J 75 2.63 17.76 -58.88
CA ILE J 75 1.95 17.29 -60.08
C ILE J 75 1.70 15.80 -59.92
N GLY J 76 0.43 15.41 -60.03
CA GLY J 76 0.05 14.01 -59.96
C GLY J 76 -0.26 13.44 -61.32
N VAL J 77 -0.02 12.14 -61.46
CA VAL J 77 -0.42 11.39 -62.64
C VAL J 77 -1.07 10.10 -62.17
N SER J 78 -2.24 9.78 -62.74
CA SER J 78 -2.90 8.50 -62.51
C SER J 78 -3.96 8.29 -63.58
N PHE J 79 -4.30 7.03 -63.84
CA PHE J 79 -5.39 6.70 -64.74
C PHE J 79 -6.61 6.32 -63.93
N GLU J 80 -7.63 7.16 -63.97
CA GLU J 80 -8.86 6.91 -63.21
C GLU J 80 -10.09 6.88 -64.11
N LYS J 81 -11.21 6.40 -63.58
CA LYS J 81 -12.48 6.44 -64.29
C LYS J 81 -13.40 7.46 -63.65
N ALA J 82 -13.55 8.60 -64.30
CA ALA J 82 -14.43 9.66 -63.81
C ALA J 82 -15.85 9.17 -63.63
N GLY J 83 -16.50 9.64 -62.56
CA GLY J 83 -17.88 9.26 -62.27
C GLY J 83 -18.90 10.20 -62.88
N SER J 84 -20.10 9.67 -63.12
CA SER J 84 -21.24 10.43 -63.63
C SER J 84 -22.24 10.71 -62.50
N GLU J 85 -23.37 11.34 -62.82
CA GLU J 85 -24.40 11.64 -61.83
C GLU J 85 -24.95 10.36 -61.20
N THR J 86 -25.00 9.29 -61.98
CA THR J 86 -25.52 7.99 -61.54
C THR J 86 -24.44 6.92 -61.51
N LYS J 87 -23.48 7.02 -62.43
CA LYS J 87 -22.41 6.03 -62.56
C LYS J 87 -21.23 6.40 -61.66
N TYR J 88 -20.81 5.46 -60.81
CA TYR J 88 -19.69 5.69 -59.87
C TYR J 88 -18.32 5.67 -60.56
N GLY J 89 -17.37 6.41 -59.99
CA GLY J 89 -16.00 6.42 -60.48
C GLY J 89 -15.08 5.60 -59.59
N THR J 90 -13.85 5.39 -60.03
CA THR J 90 -12.88 4.58 -59.27
C THR J 90 -12.43 5.33 -58.01
N PRO J 91 -12.21 4.59 -56.90
CA PRO J 91 -11.87 5.24 -55.63
C PRO J 91 -10.79 6.32 -55.78
N GLY J 92 -9.84 6.12 -56.68
CA GLY J 92 -8.78 7.09 -56.92
C GLY J 92 -9.29 8.42 -57.45
N TRP J 93 -10.25 8.36 -58.35
CA TRP J 93 -10.87 9.56 -58.92
C TRP J 93 -11.41 10.46 -57.85
N TYR J 94 -11.93 9.87 -56.78
CA TYR J 94 -12.45 10.64 -55.65
C TYR J 94 -11.32 11.12 -54.73
N ASN J 95 -10.31 10.28 -54.57
CA ASN J 95 -9.11 10.67 -53.82
C ASN J 95 -8.43 11.91 -54.42
N ASN J 96 -8.39 11.97 -55.76
CA ASN J 96 -7.86 13.14 -56.45
C ASN J 96 -8.70 14.36 -56.17
N LEU J 97 -10.01 14.27 -56.44
CA LEU J 97 -10.97 15.32 -56.13
C LEU J 97 -10.86 15.83 -54.68
N ALA J 98 -10.63 14.90 -53.74
CA ALA J 98 -10.44 15.25 -52.33
C ALA J 98 -9.16 16.04 -52.11
N PHE J 99 -8.07 15.54 -52.70
CA PHE J 99 -6.74 16.17 -52.61
C PHE J 99 -6.73 17.58 -53.19
N ASP J 100 -7.30 17.74 -54.38
CA ASP J 100 -7.26 19.02 -55.09
C ASP J 100 -8.00 20.11 -54.33
N GLU J 101 -9.21 19.76 -53.87
CA GLU J 101 -10.01 20.64 -53.05
C GLU J 101 -9.21 21.12 -51.84
N ALA J 102 -8.69 20.17 -51.07
CA ALA J 102 -7.97 20.47 -49.83
C ALA J 102 -6.67 21.24 -50.03
N ALA J 103 -5.99 20.99 -51.15
CA ALA J 103 -4.72 21.65 -51.45
C ALA J 103 -4.94 23.11 -51.82
N LYS J 104 -6.05 23.39 -52.51
CA LYS J 104 -6.45 24.76 -52.81
C LYS J 104 -6.87 25.48 -51.53
N ARG J 105 -7.49 24.74 -50.60
CA ARG J 105 -7.88 25.29 -49.30
C ARG J 105 -6.70 25.61 -48.38
N GLU J 106 -5.50 25.72 -48.96
CA GLU J 106 -4.31 26.11 -48.22
C GLU J 106 -3.32 26.80 -49.15
N GLY J 107 -3.78 27.10 -50.37
CA GLY J 107 -2.98 27.83 -51.37
C GLY J 107 -1.80 27.04 -51.91
N LEU J 108 -2.02 25.76 -52.18
CA LEU J 108 -0.97 24.91 -52.74
C LEU J 108 -1.26 24.62 -54.20
N TYR J 109 -0.25 24.78 -55.04
CA TYR J 109 -0.37 24.43 -56.45
C TYR J 109 -0.35 22.91 -56.60
N SER J 110 -1.37 22.39 -57.28
CA SER J 110 -1.43 20.97 -57.55
C SER J 110 -2.44 20.70 -58.65
N VAL J 111 -1.94 20.25 -59.79
CA VAL J 111 -2.80 19.73 -60.84
C VAL J 111 -2.51 18.24 -61.02
N THR J 112 -3.56 17.47 -61.26
CA THR J 112 -3.40 16.05 -61.54
C THR J 112 -3.61 15.83 -63.03
N ILE J 113 -2.67 15.13 -63.67
CA ILE J 113 -2.79 14.76 -65.07
C ILE J 113 -3.43 13.37 -65.14
N ASP J 114 -4.62 13.32 -65.73
CA ASP J 114 -5.37 12.08 -65.79
C ASP J 114 -5.08 11.36 -67.10
N GLY J 115 -4.57 10.13 -66.99
CA GLY J 115 -4.26 9.33 -68.17
C GLY J 115 -3.27 8.21 -67.94
N ASP J 116 -2.87 7.55 -69.02
CA ASP J 116 -1.91 6.47 -68.96
C ASP J 116 -0.49 7.00 -68.73
N ALA J 117 0.06 6.71 -67.55
CA ALA J 117 1.40 7.18 -67.17
C ALA J 117 2.50 6.56 -68.03
N PHE J 118 2.17 5.45 -68.69
CA PHE J 118 3.10 4.71 -69.54
C PHE J 118 3.20 5.27 -70.96
N SER J 119 2.16 6.00 -71.37
CA SER J 119 2.09 6.60 -72.69
C SER J 119 2.94 7.88 -72.75
N ASP J 120 3.56 8.12 -73.91
CA ASP J 120 4.39 9.31 -74.12
C ASP J 120 3.61 10.60 -74.11
N GLU J 121 2.38 10.56 -74.61
CA GLU J 121 1.52 11.73 -74.69
C GLU J 121 1.28 12.35 -73.31
N ILE J 122 1.13 11.50 -72.30
CA ILE J 122 0.99 11.97 -70.92
C ILE J 122 2.30 12.58 -70.42
N LYS J 123 3.43 11.98 -70.78
CA LYS J 123 4.74 12.50 -70.41
C LYS J 123 4.96 13.91 -70.96
N ALA J 124 4.48 14.15 -72.18
CA ALA J 124 4.55 15.47 -72.80
C ALA J 124 3.63 16.47 -72.11
N GLN J 125 2.54 15.97 -71.52
CA GLN J 125 1.58 16.82 -70.80
C GLN J 125 2.14 17.36 -69.49
N VAL J 126 2.78 16.50 -68.72
CA VAL J 126 3.43 16.92 -67.47
C VAL J 126 4.68 17.75 -67.74
N ILE J 127 5.30 17.55 -68.92
CA ILE J 127 6.44 18.36 -69.35
C ILE J 127 6.00 19.79 -69.69
N GLU J 128 4.95 19.90 -70.51
CA GLU J 128 4.42 21.20 -70.90
C GLU J 128 3.84 21.98 -69.72
N GLU J 129 3.28 21.26 -68.74
CA GLU J 129 2.70 21.88 -67.54
C GLU J 129 3.78 22.39 -66.58
N ALA J 130 4.91 21.70 -66.54
CA ALA J 130 6.05 22.14 -65.73
C ALA J 130 6.65 23.38 -66.36
N LYS J 131 6.69 23.42 -67.70
CA LYS J 131 7.12 24.62 -68.43
C LYS J 131 6.16 25.79 -68.19
N LYS J 132 4.87 25.54 -68.44
CA LYS J 132 3.81 26.55 -68.32
C LYS J 132 3.67 27.13 -66.90
N LYS J 133 4.31 26.50 -65.92
CA LYS J 133 4.27 27.03 -64.56
C LYS J 133 5.67 27.24 -63.99
N GLY J 134 6.68 27.04 -64.82
CA GLY J 134 8.05 27.40 -64.49
C GLY J 134 8.88 26.32 -63.82
N ILE J 135 8.99 26.43 -62.49
CA ILE J 135 10.00 25.69 -61.72
C ILE J 135 9.96 24.16 -61.91
N LYS J 136 11.13 23.55 -61.71
CA LYS J 136 11.38 22.12 -61.96
C LYS J 136 11.36 21.24 -60.70
N PHE J 137 11.39 19.91 -60.91
CA PHE J 137 11.22 18.92 -59.85
C PHE J 137 12.50 18.59 -59.08
N ASP J 138 12.37 18.42 -57.77
CA ASP J 138 13.48 17.96 -56.92
C ASP J 138 13.20 16.60 -56.23
N LEU J 139 12.00 16.06 -56.46
CA LEU J 139 11.64 14.74 -55.96
C LEU J 139 10.71 14.01 -56.93
N ILE J 140 11.16 12.84 -57.41
CA ILE J 140 10.35 12.04 -58.30
C ILE J 140 10.00 10.71 -57.64
N VAL J 141 8.70 10.50 -57.44
CA VAL J 141 8.20 9.30 -56.80
C VAL J 141 7.60 8.39 -57.86
N TYR J 142 8.23 7.23 -58.05
CA TYR J 142 7.67 6.19 -58.93
C TYR J 142 6.89 5.18 -58.12
N SER J 143 5.57 5.23 -58.22
CA SER J 143 4.70 4.37 -57.43
C SER J 143 3.62 3.69 -58.27
N LEU J 144 3.99 3.27 -59.47
CA LEU J 144 3.03 2.63 -60.37
C LEU J 144 2.86 1.16 -60.05
N ALA J 145 1.63 0.81 -59.70
CA ALA J 145 1.26 -0.56 -59.37
C ALA J 145 0.16 -1.05 -60.31
N SER J 146 0.54 -1.27 -61.58
CA SER J 146 -0.41 -1.64 -62.62
C SER J 146 -0.19 -3.06 -63.15
N PRO J 147 -1.28 -3.80 -63.41
CA PRO J 147 -1.18 -5.15 -63.96
C PRO J 147 -0.96 -5.20 -65.47
N VAL J 148 -0.81 -4.03 -66.10
CA VAL J 148 -0.73 -3.92 -67.55
C VAL J 148 0.08 -2.69 -67.99
N ARG J 149 0.81 -2.84 -69.09
CA ARG J 149 1.55 -1.72 -69.69
C ARG J 149 1.46 -1.77 -71.22
N THR J 150 0.96 -0.70 -71.83
CA THR J 150 0.99 -0.60 -73.27
C THR J 150 2.35 -0.03 -73.64
N ASP J 151 3.28 -0.91 -74.00
CA ASP J 151 4.65 -0.52 -74.38
C ASP J 151 4.59 0.55 -75.47
N PRO J 152 5.13 1.76 -75.18
CA PRO J 152 4.88 2.94 -76.00
C PRO J 152 5.60 2.97 -77.35
N ASP J 153 6.64 2.14 -77.51
CA ASP J 153 7.36 2.07 -78.79
C ASP J 153 6.78 1.00 -79.72
N THR J 154 6.78 -0.24 -79.24
CA THR J 154 6.29 -1.39 -80.02
C THR J 154 4.78 -1.38 -80.18
N GLY J 155 4.08 -1.05 -79.09
CA GLY J 155 2.63 -0.99 -79.11
C GLY J 155 1.92 -2.12 -78.37
N ILE J 156 2.65 -3.21 -78.14
CA ILE J 156 2.09 -4.42 -77.52
C ILE J 156 1.63 -4.18 -76.08
N MSE J 157 0.53 -4.83 -75.70
CA MSE J 157 0.00 -4.74 -74.34
C MSE J 157 0.52 -5.90 -73.53
O MSE J 157 0.15 -7.06 -73.79
CB MSE J 157 -1.53 -4.79 -74.41
CG MSE J 157 -2.16 -3.93 -73.30
SE MSE J 157 -4.11 -4.29 -73.20
CE MSE J 157 -4.71 -3.26 -74.77
N HIS J 158 1.38 -5.60 -72.56
CA HIS J 158 1.97 -6.62 -71.70
C HIS J 158 1.24 -6.77 -70.40
N LYS J 159 0.96 -8.02 -70.02
CA LYS J 159 0.29 -8.32 -68.75
C LYS J 159 1.31 -8.92 -67.78
N SER J 160 1.26 -8.48 -66.52
CA SER J 160 2.11 -9.04 -65.46
C SER J 160 1.41 -10.21 -64.77
N VAL J 161 2.18 -11.01 -64.04
CA VAL J 161 1.66 -12.16 -63.28
C VAL J 161 2.43 -12.33 -61.97
N LEU J 162 1.87 -13.14 -61.06
CA LEU J 162 2.50 -13.41 -59.75
C LEU J 162 2.74 -14.92 -59.56
N LYS J 163 3.84 -15.41 -60.12
CA LYS J 163 4.16 -16.84 -60.13
C LYS J 163 5.65 -17.12 -59.86
N PRO J 164 6.00 -18.35 -59.41
CA PRO J 164 7.40 -18.67 -59.20
C PRO J 164 8.05 -19.28 -60.43
N PHE J 165 9.32 -19.67 -60.31
CA PHE J 165 10.01 -20.44 -61.34
C PHE J 165 10.25 -21.87 -60.88
N GLY J 166 10.33 -22.79 -61.83
CA GLY J 166 10.60 -24.19 -61.52
C GLY J 166 9.40 -24.92 -60.98
N LYS J 167 9.40 -25.16 -59.68
CA LYS J 167 8.33 -25.91 -59.02
C LYS J 167 7.19 -25.02 -58.53
N THR J 168 5.98 -25.57 -58.52
CA THR J 168 4.77 -24.89 -58.07
C THR J 168 4.92 -24.35 -56.64
N PHE J 169 4.38 -23.15 -56.43
CA PHE J 169 4.30 -22.58 -55.10
C PHE J 169 2.87 -22.75 -54.57
N THR J 170 2.76 -23.26 -53.34
CA THR J 170 1.47 -23.42 -52.67
C THR J 170 1.54 -22.97 -51.21
N GLY J 171 0.41 -22.51 -50.67
CA GLY J 171 0.35 -22.02 -49.29
C GLY J 171 -1.07 -21.75 -48.81
N LYS J 172 -1.21 -21.59 -47.49
CA LYS J 172 -2.51 -21.34 -46.87
C LYS J 172 -2.96 -19.89 -47.08
N THR J 173 -4.28 -19.71 -47.21
CA THR J 173 -4.86 -18.39 -47.49
C THR J 173 -6.22 -18.23 -46.80
N VAL J 174 -6.68 -16.98 -46.65
CA VAL J 174 -7.91 -16.71 -45.91
C VAL J 174 -8.82 -15.67 -46.59
N ASP J 175 -10.13 -15.92 -46.55
CA ASP J 175 -11.13 -14.94 -46.92
C ASP J 175 -11.46 -14.08 -45.69
N PRO J 176 -11.37 -12.74 -45.82
CA PRO J 176 -11.45 -11.84 -44.67
C PRO J 176 -12.86 -11.45 -44.23
N PHE J 177 -13.87 -11.86 -44.98
CA PHE J 177 -15.26 -11.50 -44.67
C PHE J 177 -16.04 -12.66 -44.07
N THR J 178 -15.67 -13.88 -44.47
CA THR J 178 -16.34 -15.08 -43.98
C THR J 178 -15.59 -15.69 -42.81
N GLY J 179 -14.28 -15.88 -43.00
CA GLY J 179 -13.42 -16.56 -42.02
C GLY J 179 -12.96 -17.91 -42.55
N GLU J 180 -13.41 -18.26 -43.75
CA GLU J 180 -13.06 -19.53 -44.37
C GLU J 180 -11.57 -19.59 -44.74
N LEU J 181 -10.93 -20.66 -44.27
CA LEU J 181 -9.54 -20.94 -44.60
C LEU J 181 -9.55 -21.95 -45.74
N LYS J 182 -8.99 -21.56 -46.89
CA LYS J 182 -8.93 -22.44 -48.05
C LYS J 182 -7.49 -22.77 -48.46
N GLU J 183 -7.34 -23.42 -49.61
CA GLU J 183 -6.03 -23.74 -50.15
C GLU J 183 -5.93 -23.32 -51.62
N ILE J 184 -5.05 -22.36 -51.89
CA ILE J 184 -4.74 -21.95 -53.25
C ILE J 184 -3.26 -22.22 -53.55
N SER J 185 -2.93 -22.22 -54.83
CA SER J 185 -1.56 -22.47 -55.29
C SER J 185 -1.32 -21.78 -56.62
N ALA J 186 -0.06 -21.42 -56.86
CA ALA J 186 0.34 -20.77 -58.10
C ALA J 186 1.35 -21.64 -58.84
N GLU J 187 0.93 -22.16 -59.99
CA GLU J 187 1.77 -23.01 -60.83
C GLU J 187 2.82 -22.14 -61.54
N PRO J 188 4.01 -22.71 -61.83
CA PRO J 188 5.10 -21.94 -62.45
C PRO J 188 4.74 -21.30 -63.80
N ALA J 189 5.46 -20.23 -64.14
CA ALA J 189 5.23 -19.50 -65.38
C ALA J 189 6.32 -19.79 -66.42
N ASN J 190 6.10 -19.32 -67.65
CA ASN J 190 6.97 -19.61 -68.79
C ASN J 190 8.17 -18.66 -68.90
N ASP J 191 8.69 -18.49 -70.12
CA ASP J 191 9.66 -17.45 -70.44
C ASP J 191 8.90 -16.23 -70.93
N GLU J 192 7.68 -16.46 -71.40
CA GLU J 192 6.84 -15.45 -72.05
C GLU J 192 6.23 -14.48 -71.04
N GLU J 193 5.67 -15.03 -69.97
CA GLU J 193 5.14 -14.23 -68.87
C GLU J 193 6.28 -13.61 -68.04
N ALA J 194 7.41 -14.30 -67.98
CA ALA J 194 8.60 -13.83 -67.27
C ALA J 194 9.06 -12.47 -67.79
N ALA J 195 9.22 -12.34 -69.11
CA ALA J 195 9.64 -11.11 -69.74
C ALA J 195 8.58 -10.00 -69.63
N ALA J 196 7.32 -10.40 -69.76
CA ALA J 196 6.20 -9.48 -69.69
C ALA J 196 6.08 -8.79 -68.33
N THR J 197 6.35 -9.55 -67.27
CA THR J 197 6.35 -9.02 -65.89
C THR J 197 7.54 -8.12 -65.62
N VAL J 198 8.61 -8.28 -66.39
CA VAL J 198 9.77 -7.38 -66.32
C VAL J 198 9.49 -6.10 -67.11
N LYS J 199 8.80 -6.23 -68.24
CA LYS J 199 8.41 -5.08 -69.05
C LYS J 199 7.38 -4.19 -68.34
N VAL J 200 6.55 -4.79 -67.50
CA VAL J 200 5.48 -4.08 -66.78
C VAL J 200 5.92 -3.52 -65.43
N MSE J 201 6.52 -4.37 -64.60
CA MSE J 201 6.82 -4.03 -63.20
C MSE J 201 8.26 -3.63 -62.99
O MSE J 201 8.62 -3.13 -61.92
CB MSE J 201 6.54 -5.23 -62.28
CG MSE J 201 5.07 -5.64 -62.15
SE MSE J 201 4.03 -4.27 -61.19
CE MSE J 201 4.97 -4.24 -59.46
N GLY J 202 9.09 -3.83 -64.02
CA GLY J 202 10.50 -3.47 -63.92
C GLY J 202 10.72 -1.97 -63.99
N GLY J 203 11.98 -1.57 -63.89
CA GLY J 203 12.33 -0.15 -63.91
C GLY J 203 12.37 0.48 -65.28
N GLU J 204 11.75 -0.17 -66.25
CA GLU J 204 11.82 0.26 -67.66
C GLU J 204 11.23 1.66 -67.89
N ASP J 205 9.97 1.85 -67.51
CA ASP J 205 9.31 3.15 -67.70
C ASP J 205 9.84 4.23 -66.75
N TRP J 206 10.39 3.81 -65.62
CA TRP J 206 11.03 4.72 -64.69
C TRP J 206 12.19 5.43 -65.33
N GLU J 207 13.14 4.67 -65.87
CA GLU J 207 14.28 5.23 -66.60
C GLU J 207 13.81 6.21 -67.67
N ARG J 208 12.79 5.81 -68.43
CA ARG J 208 12.22 6.66 -69.49
C ARG J 208 11.72 7.99 -68.94
N TRP J 209 10.92 7.93 -67.87
CA TRP J 209 10.40 9.12 -67.20
C TRP J 209 11.48 10.09 -66.87
N ILE J 210 12.54 9.59 -66.24
CA ILE J 210 13.67 10.41 -65.86
C ILE J 210 14.39 10.96 -67.10
N LYS J 211 14.73 10.09 -68.06
CA LYS J 211 15.43 10.50 -69.28
C LYS J 211 14.70 11.63 -70.01
N GLN J 212 13.38 11.47 -70.16
CA GLN J 212 12.54 12.45 -70.84
C GLN J 212 12.49 13.76 -70.05
N LEU J 213 12.37 13.66 -68.73
CA LEU J 213 12.39 14.84 -67.86
C LEU J 213 13.75 15.52 -67.88
N SER J 214 14.80 14.72 -67.93
CA SER J 214 16.17 15.22 -67.95
C SER J 214 16.44 16.06 -69.21
N LYS J 215 16.09 15.52 -70.38
CA LYS J 215 16.37 16.17 -71.67
C LYS J 215 15.56 17.45 -71.88
N GLU J 216 14.69 17.76 -70.93
CA GLU J 216 13.95 19.02 -70.97
C GLU J 216 14.45 19.97 -69.88
N GLY J 217 15.61 19.63 -69.30
CA GLY J 217 16.19 20.38 -68.18
C GLY J 217 15.24 20.58 -67.01
N LEU J 218 14.44 19.55 -66.72
CA LEU J 218 13.37 19.64 -65.73
C LEU J 218 13.67 18.95 -64.39
N LEU J 219 14.95 18.74 -64.09
CA LEU J 219 15.35 18.15 -62.82
C LEU J 219 16.39 18.99 -62.09
N GLU J 220 16.03 19.45 -60.90
CA GLU J 220 16.91 20.23 -60.03
C GLU J 220 18.19 19.49 -59.66
N GLU J 221 19.15 20.21 -59.10
CA GLU J 221 20.37 19.61 -58.56
C GLU J 221 20.00 18.65 -57.44
N GLY J 222 20.71 17.52 -57.37
CA GLY J 222 20.53 16.53 -56.31
C GLY J 222 19.10 16.02 -56.17
N CYS J 223 18.37 16.01 -57.28
CA CYS J 223 16.99 15.57 -57.32
C CYS J 223 16.89 14.10 -56.90
N ILE J 224 16.13 13.83 -55.85
CA ILE J 224 15.95 12.46 -55.34
C ILE J 224 14.80 11.75 -56.06
N THR J 225 15.11 10.67 -56.77
CA THR J 225 14.04 9.84 -57.31
C THR J 225 14.01 8.47 -56.66
N LEU J 226 12.81 8.00 -56.32
CA LEU J 226 12.67 6.69 -55.73
C LEU J 226 11.50 5.88 -56.26
N ALA J 227 11.69 4.57 -56.31
CA ALA J 227 10.65 3.65 -56.74
C ALA J 227 10.31 2.72 -55.58
N TYR J 228 9.04 2.39 -55.46
CA TYR J 228 8.60 1.53 -54.36
C TYR J 228 8.69 0.05 -54.72
N SER J 229 9.04 -0.76 -53.71
CA SER J 229 9.14 -2.20 -53.86
C SER J 229 8.83 -2.91 -52.56
N TYR J 230 8.85 -4.24 -52.62
CA TYR J 230 8.55 -5.08 -51.46
C TYR J 230 9.43 -6.34 -51.51
N ILE J 231 10.02 -6.68 -50.36
CA ILE J 231 10.89 -7.84 -50.25
C ILE J 231 10.16 -9.02 -49.63
N GLY J 232 9.41 -8.75 -48.55
CA GLY J 232 8.55 -9.75 -47.95
C GLY J 232 9.24 -10.74 -47.02
N PRO J 233 8.44 -11.60 -46.37
CA PRO J 233 8.93 -12.61 -45.45
C PRO J 233 9.55 -13.80 -46.17
N GLU J 234 10.24 -14.66 -45.42
CA GLU J 234 10.89 -15.86 -45.96
C GLU J 234 9.92 -16.80 -46.68
N ALA J 235 8.69 -16.88 -46.18
CA ALA J 235 7.66 -17.78 -46.73
C ALA J 235 7.34 -17.53 -48.22
N THR J 236 7.33 -16.24 -48.60
CA THR J 236 6.94 -15.84 -49.95
C THR J 236 8.13 -15.56 -50.87
N GLN J 237 9.33 -15.88 -50.38
CA GLN J 237 10.58 -15.63 -51.12
C GLN J 237 10.58 -16.27 -52.51
N ALA J 238 9.85 -17.36 -52.66
CA ALA J 238 9.76 -18.09 -53.93
C ALA J 238 8.99 -17.29 -54.99
N LEU J 239 8.30 -16.24 -54.54
CA LEU J 239 7.54 -15.34 -55.41
C LEU J 239 8.18 -13.96 -55.54
N TYR J 240 8.38 -13.30 -54.39
CA TYR J 240 8.86 -11.92 -54.34
C TYR J 240 10.37 -11.76 -54.50
N ARG J 241 11.12 -12.82 -54.28
CA ARG J 241 12.56 -12.74 -54.41
C ARG J 241 13.07 -13.56 -55.60
N LYS J 242 12.76 -14.86 -55.62
CA LYS J 242 13.27 -15.76 -56.66
C LYS J 242 12.28 -16.04 -57.78
N GLY J 243 11.03 -15.59 -57.60
CA GLY J 243 9.96 -15.85 -58.56
C GLY J 243 9.94 -14.93 -59.76
N THR J 244 8.73 -14.50 -60.13
CA THR J 244 8.52 -13.65 -61.32
C THR J 244 8.56 -12.15 -60.98
N ILE J 245 7.98 -11.79 -59.83
CA ILE J 245 8.04 -10.42 -59.32
C ILE J 245 9.45 -10.07 -58.80
N GLY J 246 10.19 -11.09 -58.39
CA GLY J 246 11.58 -10.93 -57.97
C GLY J 246 12.50 -10.50 -59.10
N LYS J 247 12.37 -11.18 -60.24
CA LYS J 247 13.18 -10.89 -61.43
C LYS J 247 12.93 -9.47 -61.92
N ALA J 248 11.67 -9.05 -61.85
CA ALA J 248 11.27 -7.69 -62.22
C ALA J 248 11.79 -6.65 -61.24
N LYS J 249 11.84 -7.04 -59.95
CA LYS J 249 12.37 -6.19 -58.88
C LYS J 249 13.87 -5.95 -59.04
N GLU J 250 14.63 -7.01 -59.32
CA GLU J 250 16.07 -6.89 -59.52
C GLU J 250 16.40 -6.01 -60.72
N HIS J 251 15.52 -6.02 -61.71
CA HIS J 251 15.57 -5.09 -62.84
C HIS J 251 15.37 -3.69 -62.34
N LEU J 252 14.31 -3.51 -61.53
CA LEU J 252 13.95 -2.22 -60.92
C LEU J 252 15.10 -1.59 -60.15
N GLU J 253 15.78 -2.39 -59.33
CA GLU J 253 16.91 -1.89 -58.55
C GLU J 253 18.23 -1.79 -59.34
N ALA J 254 18.33 -2.54 -60.44
CA ALA J 254 19.46 -2.39 -61.36
C ALA J 254 19.31 -1.10 -62.14
N THR J 255 18.05 -0.71 -62.35
CA THR J 255 17.73 0.56 -63.01
C THR J 255 18.14 1.73 -62.13
N ALA J 256 18.18 1.52 -60.81
CA ALA J 256 18.57 2.56 -59.86
C ALA J 256 20.03 2.95 -59.98
N HIS J 257 20.91 1.97 -60.14
CA HIS J 257 22.34 2.22 -60.30
C HIS J 257 22.67 2.83 -61.63
N ARG J 258 22.12 2.25 -62.70
CA ARG J 258 22.24 2.80 -64.05
C ARG J 258 21.89 4.28 -64.01
N LEU J 259 20.71 4.58 -63.46
CA LEU J 259 20.26 5.96 -63.27
C LEU J 259 21.30 6.81 -62.55
N ASN J 260 21.85 6.26 -61.46
CA ASN J 260 22.84 6.97 -60.65
C ASN J 260 24.21 7.13 -61.29
N LYS J 261 24.64 6.12 -62.04
CA LYS J 261 25.94 6.12 -62.69
C LYS J 261 25.98 7.01 -63.92
N GLU J 262 24.97 6.87 -64.78
CA GLU J 262 24.86 7.66 -66.02
C GLU J 262 24.30 9.07 -65.79
N ASN J 263 24.11 9.44 -64.52
CA ASN J 263 23.54 10.74 -64.17
C ASN J 263 23.88 11.15 -62.72
N PRO J 264 25.03 11.82 -62.53
CA PRO J 264 25.57 12.07 -61.19
C PRO J 264 24.93 13.22 -60.43
N SER J 265 24.15 14.06 -61.13
CA SER J 265 23.49 15.18 -60.48
C SER J 265 22.12 14.80 -59.88
N ILE J 266 21.74 13.53 -60.01
CA ILE J 266 20.51 13.02 -59.38
C ILE J 266 20.77 11.79 -58.51
N ARG J 267 19.97 11.65 -57.45
CA ARG J 267 20.09 10.55 -56.51
C ARG J 267 18.90 9.59 -56.60
N ALA J 268 19.18 8.35 -57.01
CA ALA J 268 18.14 7.34 -57.26
C ALA J 268 18.14 6.22 -56.23
N PHE J 269 16.94 5.82 -55.80
CA PHE J 269 16.78 4.79 -54.79
C PHE J 269 15.55 3.95 -55.12
N VAL J 270 15.56 2.69 -54.68
CA VAL J 270 14.30 1.95 -54.54
C VAL J 270 14.01 1.81 -53.05
N SER J 271 12.81 2.21 -52.64
CA SER J 271 12.42 2.14 -51.25
C SER J 271 11.62 0.87 -51.01
N VAL J 272 12.13 0.01 -50.13
CA VAL J 272 11.45 -1.23 -49.82
C VAL J 272 10.43 -0.97 -48.71
N ASN J 273 9.18 -0.86 -49.12
CA ASN J 273 8.08 -0.61 -48.20
C ASN J 273 7.59 -1.84 -47.46
N LYS J 274 6.79 -1.61 -46.42
CA LYS J 274 6.11 -2.67 -45.69
C LYS J 274 4.98 -3.27 -46.53
N GLY J 275 4.61 -4.52 -46.24
CA GLY J 275 3.51 -5.17 -46.94
C GLY J 275 2.16 -4.68 -46.45
N LEU J 276 1.21 -4.56 -47.37
CA LEU J 276 -0.17 -4.22 -47.04
C LEU J 276 -1.19 -4.73 -48.06
N VAL J 277 -2.47 -4.49 -47.77
CA VAL J 277 -3.56 -5.01 -48.58
C VAL J 277 -3.68 -4.25 -49.90
N THR J 278 -3.55 -4.97 -51.00
CA THR J 278 -3.74 -4.40 -52.34
C THR J 278 -4.72 -5.25 -53.15
N ARG J 279 -5.10 -4.74 -54.33
CA ARG J 279 -6.04 -5.42 -55.23
C ARG J 279 -5.71 -6.90 -55.47
N ALA J 280 -4.43 -7.20 -55.68
CA ALA J 280 -3.98 -8.56 -56.01
C ALA J 280 -3.68 -9.43 -54.78
N SER J 281 -4.20 -9.02 -53.62
CA SER J 281 -3.85 -9.67 -52.35
C SER J 281 -4.54 -11.02 -52.09
N ALA J 282 -5.77 -11.19 -52.57
CA ALA J 282 -6.54 -12.40 -52.28
C ALA J 282 -6.35 -13.55 -53.28
N VAL J 283 -5.78 -13.24 -54.45
CA VAL J 283 -5.52 -14.24 -55.50
C VAL J 283 -4.15 -14.89 -55.33
N ILE J 284 -3.37 -14.36 -54.38
CA ILE J 284 -2.00 -14.80 -54.15
C ILE J 284 -1.89 -15.61 -52.83
N PRO J 285 -1.16 -16.79 -52.88
CA PRO J 285 -1.11 -17.86 -51.87
C PRO J 285 -1.01 -17.53 -50.35
N VAL J 286 0.07 -16.85 -49.92
CA VAL J 286 0.37 -16.79 -48.47
C VAL J 286 -0.02 -15.45 -47.86
N ILE J 287 0.05 -14.42 -48.71
CA ILE J 287 -0.08 -13.01 -48.30
C ILE J 287 -1.26 -12.68 -47.35
N PRO J 288 -2.50 -13.13 -47.68
CA PRO J 288 -3.64 -12.73 -46.83
C PRO J 288 -3.55 -13.28 -45.40
N LEU J 289 -3.08 -14.51 -45.26
CA LEU J 289 -2.83 -15.11 -43.95
C LEU J 289 -1.64 -14.43 -43.27
N TYR J 290 -0.60 -14.14 -44.07
CA TYR J 290 0.58 -13.43 -43.58
C TYR J 290 0.24 -12.05 -43.04
N LEU J 291 -0.47 -11.26 -43.85
CA LEU J 291 -0.87 -9.92 -43.46
C LEU J 291 -1.73 -9.91 -42.20
N ALA J 292 -2.73 -10.80 -42.16
CA ALA J 292 -3.64 -10.91 -41.02
C ALA J 292 -2.88 -11.24 -39.73
N SER J 293 -1.95 -12.19 -39.82
CA SER J 293 -1.09 -12.55 -38.71
C SER J 293 -0.16 -11.39 -38.37
N LEU J 294 0.32 -10.71 -39.41
CA LEU J 294 1.24 -9.59 -39.24
C LEU J 294 0.58 -8.43 -38.52
N PHE J 295 -0.64 -8.07 -38.93
CA PHE J 295 -1.37 -6.98 -38.30
C PHE J 295 -1.64 -7.26 -36.83
N LYS J 296 -2.00 -8.52 -36.54
CA LYS J 296 -2.24 -8.95 -35.16
C LYS J 296 -0.97 -8.83 -34.33
N VAL J 297 0.13 -9.38 -34.85
CA VAL J 297 1.43 -9.33 -34.16
C VAL J 297 1.94 -7.91 -33.92
N MSE J 298 1.81 -7.05 -34.92
CA MSE J 298 2.42 -5.72 -34.89
C MSE J 298 1.62 -4.71 -34.11
O MSE J 298 2.19 -3.78 -33.54
CB MSE J 298 2.73 -5.24 -36.30
CG MSE J 298 4.06 -5.84 -36.76
SE MSE J 298 4.55 -5.07 -38.52
CE MSE J 298 5.62 -3.55 -37.87
N LYS J 299 0.30 -4.88 -34.08
CA LYS J 299 -0.55 -4.06 -33.20
C LYS J 299 -0.29 -4.44 -31.75
N GLU J 300 0.07 -5.71 -31.52
CA GLU J 300 0.45 -6.23 -30.21
C GLU J 300 1.80 -5.65 -29.74
N LYS J 301 2.75 -5.52 -30.68
CA LYS J 301 4.03 -4.87 -30.40
C LYS J 301 3.89 -3.35 -30.30
N GLY J 302 2.86 -2.81 -30.95
CA GLY J 302 2.57 -1.38 -30.92
C GLY J 302 3.18 -0.58 -32.06
N ASN J 303 3.70 -1.29 -33.06
CA ASN J 303 4.39 -0.66 -34.18
C ASN J 303 3.75 -0.90 -35.56
N HIS J 304 2.43 -1.07 -35.60
CA HIS J 304 1.73 -1.18 -36.88
C HIS J 304 1.54 0.15 -37.54
N GLU J 305 1.81 0.19 -38.84
CA GLU J 305 1.68 1.42 -39.63
C GLU J 305 1.11 1.15 -41.02
N GLY J 306 0.10 1.92 -41.41
CA GLY J 306 -0.48 1.86 -42.76
C GLY J 306 0.26 2.75 -43.75
N CYS J 307 -0.39 3.07 -44.86
CA CYS J 307 0.22 3.86 -45.93
C CYS J 307 0.82 5.18 -45.48
N ILE J 308 0.02 6.00 -44.79
CA ILE J 308 0.46 7.36 -44.41
C ILE J 308 1.55 7.37 -43.35
N GLU J 309 1.54 6.39 -42.45
CA GLU J 309 2.56 6.32 -41.40
C GLU J 309 3.90 5.92 -42.00
N GLN J 310 3.85 4.97 -42.93
CA GLN J 310 5.04 4.49 -43.64
C GLN J 310 5.78 5.60 -44.39
N ILE J 311 5.03 6.50 -45.03
CA ILE J 311 5.62 7.53 -45.90
C ILE J 311 6.00 8.82 -45.17
N THR J 312 5.32 9.12 -44.06
CA THR J 312 5.76 10.23 -43.20
C THR J 312 7.09 9.91 -42.55
N ARG J 313 7.31 8.64 -42.21
CA ARG J 313 8.59 8.19 -41.66
C ARG J 313 9.68 8.18 -42.74
N LEU J 314 9.32 7.73 -43.94
CA LEU J 314 10.27 7.69 -45.06
C LEU J 314 10.83 9.09 -45.33
N TYR J 315 9.93 10.07 -45.43
CA TYR J 315 10.32 11.44 -45.66
C TYR J 315 11.16 11.95 -44.50
N ALA J 316 10.57 11.98 -43.31
CA ALA J 316 11.17 12.60 -42.13
C ALA J 316 12.43 11.89 -41.64
N GLU J 317 12.52 10.58 -41.83
CA GLU J 317 13.60 9.81 -41.22
C GLU J 317 14.60 9.17 -42.19
N ARG J 318 14.32 9.26 -43.49
CA ARG J 318 15.27 8.78 -44.49
C ARG J 318 15.72 9.85 -45.46
N LEU J 319 14.76 10.52 -46.09
CA LEU J 319 15.04 11.46 -47.15
C LEU J 319 15.48 12.79 -46.58
N TYR J 320 14.56 13.46 -45.89
CA TYR J 320 14.82 14.81 -45.39
C TYR J 320 15.07 14.86 -43.89
N ARG J 321 16.03 14.03 -43.46
CA ARG J 321 16.53 14.04 -42.08
C ARG J 321 17.59 15.14 -41.91
N LYS J 322 17.99 15.39 -40.66
CA LYS J 322 18.88 16.52 -40.33
C LYS J 322 20.35 16.36 -40.74
N ASP J 323 20.86 15.13 -40.73
CA ASP J 323 22.27 14.89 -41.11
C ASP J 323 22.51 15.27 -42.56
N GLY J 324 21.44 15.24 -43.35
CA GLY J 324 21.52 15.49 -44.79
C GLY J 324 21.71 14.18 -45.55
N THR J 325 22.00 13.12 -44.82
CA THR J 325 22.22 11.80 -45.42
C THR J 325 20.91 11.09 -45.80
N ILE J 326 21.03 10.07 -46.64
CA ILE J 326 19.96 9.10 -46.85
C ILE J 326 20.53 7.72 -46.54
N PRO J 327 20.05 7.08 -45.46
CA PRO J 327 20.57 5.77 -45.05
C PRO J 327 20.07 4.65 -45.96
N VAL J 328 20.99 3.78 -46.38
CA VAL J 328 20.64 2.63 -47.20
C VAL J 328 21.17 1.33 -46.60
N ASP J 329 20.76 0.21 -47.18
CA ASP J 329 21.33 -1.10 -46.81
C ASP J 329 22.60 -1.35 -47.64
N GLU J 330 23.24 -2.49 -47.39
CA GLU J 330 24.50 -2.86 -48.06
C GLU J 330 24.39 -2.76 -49.58
N GLU J 331 23.16 -2.89 -50.08
CA GLU J 331 22.90 -2.96 -51.52
C GLU J 331 22.28 -1.66 -52.04
N ASN J 332 22.23 -0.66 -51.17
CA ASN J 332 21.84 0.72 -51.50
C ASN J 332 20.35 0.97 -51.73
N ARG J 333 19.52 0.34 -50.90
CA ARG J 333 18.08 0.51 -50.96
C ARG J 333 17.58 1.08 -49.64
N ILE J 334 16.67 2.03 -49.72
CA ILE J 334 16.00 2.58 -48.54
C ILE J 334 15.10 1.48 -47.96
N ARG J 335 15.22 1.24 -46.66
CA ARG J 335 14.48 0.16 -46.02
C ARG J 335 13.47 0.69 -45.01
N ILE J 336 12.20 0.71 -45.40
CA ILE J 336 11.10 1.13 -44.53
C ILE J 336 10.37 -0.09 -43.97
N ASP J 337 10.90 -1.28 -44.23
CA ASP J 337 10.29 -2.51 -43.74
C ASP J 337 11.07 -3.11 -42.56
N ASP J 338 11.97 -2.31 -42.00
CA ASP J 338 12.78 -2.73 -40.85
C ASP J 338 11.96 -3.23 -39.64
N TRP J 339 10.79 -2.63 -39.41
CA TRP J 339 9.90 -3.10 -38.35
C TRP J 339 9.15 -4.35 -38.71
N GLU J 340 8.94 -4.57 -40.01
CA GLU J 340 8.25 -5.76 -40.46
C GLU J 340 9.17 -6.99 -40.46
N LEU J 341 10.48 -6.76 -40.57
CA LEU J 341 11.43 -7.87 -40.71
C LEU J 341 12.32 -8.12 -39.49
N GLU J 342 12.14 -7.35 -38.42
CA GLU J 342 12.86 -7.63 -37.17
C GLU J 342 12.51 -9.05 -36.71
N GLU J 343 13.55 -9.87 -36.52
CA GLU J 343 13.38 -11.32 -36.31
C GLU J 343 12.37 -11.72 -35.23
N ASP J 344 12.24 -10.92 -34.18
CA ASP J 344 11.30 -11.21 -33.10
C ASP J 344 9.85 -11.23 -33.59
N VAL J 345 9.54 -10.36 -34.54
CA VAL J 345 8.22 -10.29 -35.17
C VAL J 345 8.07 -11.44 -36.17
N GLN J 346 9.07 -11.60 -37.05
CA GLN J 346 9.06 -12.67 -38.05
C GLN J 346 8.91 -14.07 -37.48
N LYS J 347 9.52 -14.31 -36.31
CA LYS J 347 9.40 -15.59 -35.61
C LYS J 347 7.97 -15.79 -35.10
N ALA J 348 7.43 -14.74 -34.47
CA ALA J 348 6.06 -14.76 -33.92
C ALA J 348 4.99 -14.88 -35.01
N VAL J 349 5.22 -14.24 -36.16
CA VAL J 349 4.32 -14.35 -37.31
C VAL J 349 4.35 -15.77 -37.88
N SER J 350 5.54 -16.38 -37.91
CA SER J 350 5.71 -17.77 -38.36
C SER J 350 4.99 -18.78 -37.45
N ALA J 351 5.03 -18.52 -36.15
CA ALA J 351 4.40 -19.39 -35.14
C ALA J 351 2.88 -19.28 -35.17
N LEU J 352 2.38 -18.04 -35.27
CA LEU J 352 0.94 -17.77 -35.34
C LEU J 352 0.33 -18.28 -36.65
N MSE J 353 1.17 -18.49 -37.65
CA MSE J 353 0.74 -19.04 -38.93
C MSE J 353 0.60 -20.54 -38.86
O MSE J 353 -0.20 -21.13 -39.60
CB MSE J 353 1.68 -18.62 -40.04
CG MSE J 353 1.18 -17.30 -40.67
SE MSE J 353 2.37 -16.71 -42.13
CE MSE J 353 1.96 -18.17 -43.43
N GLU J 354 1.37 -21.17 -37.97
CA GLU J 354 1.32 -22.63 -37.80
C GLU J 354 0.08 -23.12 -37.04
N LYS J 355 -0.22 -22.48 -35.90
CA LYS J 355 -1.27 -22.97 -34.99
C LYS J 355 -2.69 -22.54 -35.40
N VAL J 356 -2.81 -21.83 -36.52
CA VAL J 356 -4.11 -21.36 -37.00
C VAL J 356 -4.81 -22.43 -37.87
N THR J 357 -6.13 -22.53 -37.73
CA THR J 357 -6.92 -23.56 -38.45
C THR J 357 -8.22 -23.02 -39.07
N GLY J 358 -9.08 -23.94 -39.52
CA GLY J 358 -10.26 -23.63 -40.31
C GLY J 358 -11.31 -22.70 -39.73
N GLU J 359 -11.38 -22.62 -38.38
CA GLU J 359 -12.42 -21.77 -37.76
C GLU J 359 -11.92 -20.86 -36.65
N ASN J 360 -10.74 -21.18 -36.10
CA ASN J 360 -10.11 -20.34 -35.07
C ASN J 360 -9.51 -19.06 -35.67
N ALA J 361 -9.35 -19.05 -36.99
CA ALA J 361 -8.65 -17.98 -37.72
C ALA J 361 -9.17 -16.59 -37.40
N GLU J 362 -10.49 -16.44 -37.36
CA GLU J 362 -11.13 -15.16 -37.07
C GLU J 362 -10.84 -14.73 -35.63
N SER J 363 -10.62 -15.70 -34.75
CA SER J 363 -10.42 -15.46 -33.32
C SER J 363 -9.05 -14.84 -32.98
N LEU J 364 -7.98 -15.42 -33.53
CA LEU J 364 -6.63 -15.06 -33.08
C LEU J 364 -5.70 -14.39 -34.11
N THR J 365 -6.23 -14.13 -35.31
CA THR J 365 -5.55 -13.25 -36.28
C THR J 365 -6.45 -12.07 -36.64
N ASP J 366 -5.86 -10.88 -36.71
CA ASP J 366 -6.61 -9.64 -36.96
C ASP J 366 -7.18 -9.58 -38.38
N LEU J 367 -8.23 -10.35 -38.60
CA LEU J 367 -8.91 -10.38 -39.88
C LEU J 367 -9.76 -9.12 -40.04
N ALA J 368 -10.20 -8.56 -38.91
CA ALA J 368 -10.94 -7.31 -38.88
C ALA J 368 -10.09 -6.17 -39.43
N GLY J 369 -8.80 -6.18 -39.10
CA GLY J 369 -7.83 -5.23 -39.63
C GLY J 369 -7.65 -5.37 -41.13
N TYR J 370 -7.72 -6.60 -41.62
CA TYR J 370 -7.68 -6.87 -43.06
C TYR J 370 -8.98 -6.44 -43.73
N ARG J 371 -10.10 -6.61 -43.02
CA ARG J 371 -11.40 -6.11 -43.49
C ARG J 371 -11.34 -4.61 -43.71
N HIS J 372 -10.90 -3.88 -42.69
CA HIS J 372 -10.92 -2.42 -42.73
C HIS J 372 -10.10 -1.87 -43.86
N ASP J 373 -8.86 -2.34 -44.00
CA ASP J 373 -7.93 -1.78 -44.96
C ASP J 373 -8.40 -1.96 -46.40
N PHE J 374 -8.90 -3.16 -46.71
CA PHE J 374 -9.48 -3.46 -48.02
C PHE J 374 -10.68 -2.57 -48.34
N LEU J 375 -11.59 -2.39 -47.38
CA LEU J 375 -12.79 -1.59 -47.60
C LEU J 375 -12.54 -0.08 -47.60
N ALA J 376 -11.67 0.37 -46.71
CA ALA J 376 -11.27 1.79 -46.65
C ALA J 376 -10.47 2.21 -47.88
N SER J 377 -9.86 1.23 -48.56
CA SER J 377 -9.22 1.45 -49.86
C SER J 377 -10.20 2.03 -50.87
N ASN J 378 -11.49 1.74 -50.68
CA ASN J 378 -12.54 2.21 -51.57
C ASN J 378 -13.55 3.16 -50.91
N GLY J 379 -13.20 3.68 -49.73
CA GLY J 379 -14.05 4.63 -49.03
C GLY J 379 -15.16 4.02 -48.18
N PHE J 380 -15.06 2.71 -47.95
CA PHE J 380 -16.04 2.00 -47.12
C PHE J 380 -15.46 1.63 -45.76
N ASP J 381 -16.32 1.68 -44.73
CA ASP J 381 -15.94 1.38 -43.34
C ASP J 381 -14.87 2.34 -42.80
N VAL J 382 -15.01 3.61 -43.18
CA VAL J 382 -14.14 4.67 -42.67
C VAL J 382 -14.83 5.31 -41.47
N GLU J 383 -14.14 5.36 -40.33
CA GLU J 383 -14.71 5.97 -39.12
C GLU J 383 -15.07 7.42 -39.36
N GLY J 384 -16.30 7.79 -38.97
CA GLY J 384 -16.78 9.16 -39.13
C GLY J 384 -17.84 9.32 -40.20
N ILE J 385 -18.03 8.27 -40.99
CA ILE J 385 -18.98 8.28 -42.11
C ILE J 385 -20.18 7.37 -41.81
N ASN J 386 -21.38 7.87 -42.05
CA ASN J 386 -22.63 7.12 -41.85
C ASN J 386 -23.12 6.54 -43.18
N TYR J 387 -23.25 5.23 -43.25
CA TYR J 387 -23.40 4.54 -44.53
C TYR J 387 -24.82 4.23 -45.02
N GLU J 388 -25.83 4.53 -44.20
CA GLU J 388 -27.23 4.39 -44.63
C GLU J 388 -27.76 5.71 -45.17
N ALA J 389 -26.88 6.70 -45.25
CA ALA J 389 -27.21 7.99 -45.83
C ALA J 389 -27.18 7.88 -47.35
N GLU J 390 -28.15 8.51 -48.00
CA GLU J 390 -28.24 8.50 -49.45
C GLU J 390 -27.08 9.31 -50.03
N VAL J 391 -26.37 8.71 -50.99
CA VAL J 391 -25.37 9.44 -51.77
C VAL J 391 -26.12 10.13 -52.92
N GLU J 392 -26.12 11.46 -52.88
CA GLU J 392 -26.89 12.26 -53.84
C GLU J 392 -26.34 12.14 -55.26
N ARG J 393 -25.03 12.29 -55.41
CA ARG J 393 -24.36 12.37 -56.71
C ARG J 393 -22.98 11.71 -56.67
N PHE J 394 -22.58 11.12 -57.80
CA PHE J 394 -21.30 10.41 -57.88
C PHE J 394 -20.22 11.15 -58.68
N ASP J 395 -20.54 12.37 -59.11
CA ASP J 395 -19.67 13.15 -60.00
C ASP J 395 -18.84 14.22 -59.28
N ARG J 396 -19.13 14.46 -58.02
CA ARG J 396 -18.43 15.49 -57.24
C ARG J 396 -18.38 15.14 -55.75
N ILE J 397 -17.77 16.02 -54.96
CA ILE J 397 -17.80 15.89 -53.50
C ILE J 397 -18.07 17.25 -52.85
N MSE K 1 -36.59 5.77 -88.34
CA MSE K 1 -36.10 6.22 -89.69
C MSE K 1 -36.07 5.06 -90.66
O MSE K 1 -36.05 3.90 -90.25
CB MSE K 1 -34.71 6.86 -89.57
CG MSE K 1 -33.67 5.96 -88.88
SE MSE K 1 -31.89 6.81 -89.03
CE MSE K 1 -31.45 6.20 -90.86
N ILE K 2 -36.08 5.39 -91.95
CA ILE K 2 -36.03 4.39 -93.01
C ILE K 2 -34.57 4.15 -93.42
N VAL K 3 -34.06 2.96 -93.10
CA VAL K 3 -32.70 2.56 -93.49
C VAL K 3 -32.75 1.76 -94.78
N LYS K 4 -31.82 2.07 -95.68
CA LYS K 4 -31.73 1.43 -96.98
C LYS K 4 -30.28 1.39 -97.46
N PRO K 5 -29.95 0.51 -98.44
CA PRO K 5 -28.57 0.30 -98.88
C PRO K 5 -27.82 1.62 -99.13
N MSE K 6 -26.57 1.67 -98.69
CA MSE K 6 -25.73 2.87 -98.86
C MSE K 6 -24.43 2.47 -99.52
O MSE K 6 -23.39 2.33 -98.87
CB MSE K 6 -25.50 3.51 -97.50
CG MSE K 6 -25.52 5.04 -97.61
SE MSE K 6 -26.25 5.80 -95.94
CE MSE K 6 -28.19 5.69 -96.41
N VAL K 7 -24.50 2.29 -100.84
CA VAL K 7 -23.38 1.79 -101.63
C VAL K 7 -22.50 2.94 -102.13
N ARG K 8 -21.28 3.04 -101.59
CA ARG K 8 -20.34 4.06 -102.04
C ARG K 8 -19.03 3.44 -102.52
N ASN K 9 -18.78 3.58 -103.83
CA ASN K 9 -17.65 2.96 -104.51
C ASN K 9 -17.71 1.42 -104.41
N ASN K 10 -18.92 0.89 -104.60
CA ASN K 10 -19.21 -0.54 -104.53
C ASN K 10 -18.88 -1.22 -103.18
N ILE K 11 -19.13 -0.47 -102.11
CA ILE K 11 -18.99 -0.96 -100.73
C ILE K 11 -20.20 -0.47 -99.93
N CYS K 12 -20.93 -1.40 -99.32
CA CYS K 12 -22.11 -1.05 -98.53
C CYS K 12 -21.71 -0.60 -97.12
N LEU K 13 -21.98 0.66 -96.81
CA LEU K 13 -21.55 1.29 -95.56
C LEU K 13 -22.36 0.89 -94.33
N ASN K 14 -23.68 1.03 -94.43
CA ASN K 14 -24.59 0.76 -93.32
C ASN K 14 -24.95 -0.72 -93.15
N ALA K 15 -25.83 -1.01 -92.19
CA ALA K 15 -26.32 -2.37 -91.95
C ALA K 15 -27.76 -2.35 -91.42
N HIS K 16 -28.59 -3.25 -91.95
CA HIS K 16 -29.97 -3.41 -91.50
C HIS K 16 -30.08 -4.54 -90.50
N PRO K 17 -30.16 -4.19 -89.20
CA PRO K 17 -30.09 -5.15 -88.09
C PRO K 17 -31.12 -6.28 -88.15
N GLN K 18 -32.36 -5.95 -88.50
CA GLN K 18 -33.44 -6.93 -88.58
C GLN K 18 -33.26 -7.90 -89.74
N GLY K 19 -32.68 -7.39 -90.83
CA GLY K 19 -32.34 -8.20 -91.99
C GLY K 19 -31.18 -9.14 -91.72
N CYS K 20 -30.30 -8.74 -90.82
CA CYS K 20 -29.19 -9.59 -90.39
C CYS K 20 -29.70 -10.76 -89.55
N LYS K 21 -30.62 -10.46 -88.63
CA LYS K 21 -31.22 -11.46 -87.74
C LYS K 21 -31.97 -12.54 -88.52
N LYS K 22 -32.79 -12.11 -89.49
CA LYS K 22 -33.52 -13.03 -90.36
C LYS K 22 -32.55 -13.82 -91.25
N GLY K 23 -31.44 -13.19 -91.66
CA GLY K 23 -30.41 -13.85 -92.47
C GLY K 23 -29.73 -14.98 -91.72
N VAL K 24 -29.48 -14.76 -90.43
CA VAL K 24 -28.91 -15.78 -89.57
C VAL K 24 -29.95 -16.88 -89.30
N GLU K 25 -31.21 -16.49 -89.14
CA GLU K 25 -32.29 -17.46 -88.90
C GLU K 25 -32.67 -18.27 -90.14
N ASP K 26 -32.37 -17.74 -91.33
CA ASP K 26 -32.57 -18.47 -92.58
C ASP K 26 -31.52 -19.57 -92.70
N GLN K 27 -30.30 -19.27 -92.26
CA GLN K 27 -29.21 -20.22 -92.28
C GLN K 27 -29.41 -21.32 -91.23
N ILE K 28 -30.09 -20.99 -90.14
CA ILE K 28 -30.41 -21.97 -89.08
C ILE K 28 -31.45 -22.98 -89.57
N GLU K 29 -32.62 -22.48 -89.98
CA GLU K 29 -33.68 -23.29 -90.54
C GLU K 29 -33.15 -24.22 -91.62
N TYR K 30 -32.31 -23.69 -92.51
CA TYR K 30 -31.69 -24.50 -93.54
C TYR K 30 -30.85 -25.63 -92.95
N THR K 31 -30.03 -25.31 -91.96
CA THR K 31 -29.12 -26.29 -91.36
C THR K 31 -29.88 -27.43 -90.68
N LYS K 32 -30.86 -27.07 -89.87
CA LYS K 32 -31.73 -28.05 -89.22
C LYS K 32 -32.31 -29.01 -90.26
N LYS K 33 -32.80 -28.46 -91.36
CA LYS K 33 -33.35 -29.26 -92.44
C LYS K 33 -32.29 -30.08 -93.19
N ARG K 34 -31.10 -29.51 -93.34
CA ARG K 34 -30.03 -30.14 -94.13
C ARG K 34 -29.30 -31.22 -93.34
N ILE K 35 -29.07 -30.97 -92.06
CA ILE K 35 -28.40 -31.91 -91.17
C ILE K 35 -29.44 -32.76 -90.43
N THR K 36 -30.02 -33.72 -91.16
CA THR K 36 -31.04 -34.59 -90.61
C THR K 36 -30.38 -35.77 -89.87
N ALA K 37 -31.19 -36.73 -89.42
CA ALA K 37 -30.72 -37.81 -88.57
C ALA K 37 -29.86 -38.84 -89.29
N GLU K 38 -30.17 -39.12 -90.57
CA GLU K 38 -29.43 -40.09 -91.38
C GLU K 38 -28.00 -39.62 -91.58
N VAL K 39 -27.87 -38.31 -91.85
CA VAL K 39 -26.59 -37.65 -92.02
C VAL K 39 -25.84 -37.61 -90.69
N LYS K 40 -26.49 -37.06 -89.67
CA LYS K 40 -25.90 -36.84 -88.35
C LYS K 40 -25.30 -38.10 -87.72
N ALA K 41 -26.11 -39.16 -87.62
CA ALA K 41 -25.77 -40.33 -86.82
C ALA K 41 -25.24 -41.52 -87.65
N GLY K 42 -24.54 -42.42 -86.96
CA GLY K 42 -23.68 -43.40 -87.60
C GLY K 42 -22.29 -42.81 -87.74
N ALA K 43 -22.21 -41.49 -87.54
CA ALA K 43 -20.97 -40.74 -87.70
C ALA K 43 -20.74 -39.87 -86.46
N LYS K 44 -19.47 -39.55 -86.21
CA LYS K 44 -19.09 -38.70 -85.08
C LYS K 44 -19.59 -37.26 -85.25
N ALA K 45 -19.38 -36.44 -84.23
CA ALA K 45 -19.94 -35.10 -84.21
C ALA K 45 -19.07 -34.11 -83.43
N PRO K 46 -19.07 -32.84 -83.86
CA PRO K 46 -18.33 -31.82 -83.14
C PRO K 46 -18.98 -31.56 -81.79
N LYS K 47 -18.21 -31.73 -80.71
CA LYS K 47 -18.75 -31.46 -79.38
C LYS K 47 -18.43 -30.03 -78.93
N ASN K 48 -17.16 -29.64 -79.04
CA ASN K 48 -16.72 -28.31 -78.64
C ASN K 48 -15.85 -27.69 -79.73
N VAL K 49 -16.22 -26.48 -80.15
CA VAL K 49 -15.61 -25.87 -81.34
C VAL K 49 -15.33 -24.38 -81.20
N LEU K 50 -14.17 -23.97 -81.72
CA LEU K 50 -13.73 -22.58 -81.73
C LEU K 50 -13.74 -22.07 -83.16
N VAL K 51 -14.48 -21.00 -83.41
CA VAL K 51 -14.56 -20.41 -84.75
C VAL K 51 -14.00 -19.00 -84.79
N LEU K 52 -12.80 -18.88 -85.34
CA LEU K 52 -12.10 -17.61 -85.49
C LEU K 52 -12.60 -16.90 -86.74
N GLY K 53 -13.08 -15.66 -86.58
CA GLY K 53 -13.70 -14.92 -87.67
C GLY K 53 -15.05 -15.53 -87.96
N CYS K 54 -16.00 -15.27 -87.06
CA CYS K 54 -17.26 -15.99 -86.99
C CYS K 54 -18.45 -15.08 -87.23
N SER K 55 -18.19 -13.80 -87.45
CA SER K 55 -19.28 -12.82 -87.55
C SER K 55 -19.93 -12.70 -88.93
N ASN K 56 -19.35 -13.36 -89.95
CA ASN K 56 -19.99 -13.51 -91.27
C ASN K 56 -19.32 -14.53 -92.19
N GLY K 57 -19.88 -14.64 -93.40
CA GLY K 57 -19.33 -15.49 -94.44
C GLY K 57 -19.23 -16.94 -94.03
N TYR K 58 -18.09 -17.55 -94.32
CA TYR K 58 -17.86 -18.96 -94.00
C TYR K 58 -17.73 -19.19 -92.50
N GLY K 59 -17.13 -18.24 -91.79
CA GLY K 59 -17.04 -18.32 -90.34
C GLY K 59 -18.38 -18.49 -89.65
N LEU K 60 -19.31 -17.58 -89.95
CA LEU K 60 -20.67 -17.64 -89.41
C LEU K 60 -21.36 -18.96 -89.75
N ALA K 61 -21.30 -19.37 -91.01
CA ALA K 61 -21.89 -20.63 -91.43
C ALA K 61 -21.32 -21.80 -90.64
N SER K 62 -19.99 -21.84 -90.50
CA SER K 62 -19.31 -22.92 -89.77
C SER K 62 -19.78 -22.98 -88.33
N ARG K 63 -20.09 -21.82 -87.76
CA ARG K 63 -20.60 -21.76 -86.40
C ARG K 63 -22.03 -22.30 -86.30
N ILE K 64 -22.88 -21.87 -87.22
CA ILE K 64 -24.28 -22.27 -87.24
C ILE K 64 -24.48 -23.78 -87.49
N THR K 65 -23.65 -24.40 -88.32
CA THR K 65 -23.82 -25.83 -88.60
C THR K 65 -23.21 -26.75 -87.53
N ALA K 66 -22.31 -26.19 -86.72
CA ALA K 66 -21.73 -26.93 -85.61
C ALA K 66 -22.68 -26.87 -84.41
N ALA K 67 -23.35 -25.73 -84.25
CA ALA K 67 -24.23 -25.52 -83.11
C ALA K 67 -25.67 -25.97 -83.37
N PHE K 68 -26.19 -25.67 -84.55
CA PHE K 68 -27.59 -26.00 -84.88
C PHE K 68 -27.71 -27.32 -85.61
N GLY K 69 -26.69 -27.66 -86.40
CA GLY K 69 -26.68 -28.92 -87.11
C GLY K 69 -26.39 -30.06 -86.15
N TYR K 70 -25.33 -29.90 -85.36
CA TYR K 70 -24.81 -30.96 -84.51
C TYR K 70 -24.96 -30.69 -83.02
N GLY K 71 -25.57 -29.57 -82.67
CA GLY K 71 -25.78 -29.22 -81.26
C GLY K 71 -24.49 -29.25 -80.47
N ALA K 72 -23.64 -28.25 -80.70
CA ALA K 72 -22.33 -28.21 -80.06
C ALA K 72 -22.09 -26.86 -79.42
N ALA K 73 -21.22 -26.85 -78.41
CA ALA K 73 -20.82 -25.62 -77.74
C ALA K 73 -19.80 -24.87 -78.60
N THR K 74 -20.01 -23.56 -78.74
CA THR K 74 -19.14 -22.73 -79.58
C THR K 74 -18.62 -21.50 -78.84
N ILE K 75 -17.35 -21.18 -79.08
CA ILE K 75 -16.77 -19.90 -78.69
C ILE K 75 -16.30 -19.24 -79.99
N GLY K 76 -16.79 -18.03 -80.26
CA GLY K 76 -16.48 -17.34 -81.51
C GLY K 76 -15.71 -16.04 -81.32
N VAL K 77 -14.69 -15.83 -82.16
CA VAL K 77 -13.92 -14.60 -82.13
C VAL K 77 -14.17 -13.77 -83.40
N SER K 78 -14.20 -12.45 -83.24
CA SER K 78 -14.42 -11.52 -84.34
C SER K 78 -14.18 -10.09 -83.90
N PHE K 79 -13.87 -9.22 -84.85
CA PHE K 79 -13.62 -7.82 -84.57
C PHE K 79 -14.73 -6.97 -85.20
N GLU K 80 -15.70 -6.56 -84.38
CA GLU K 80 -16.88 -5.85 -84.88
C GLU K 80 -17.11 -4.51 -84.17
N LYS K 81 -17.51 -3.50 -84.95
CA LYS K 81 -18.01 -2.25 -84.39
C LYS K 81 -19.43 -2.44 -83.85
N ALA K 82 -19.59 -2.19 -82.56
CA ALA K 82 -20.89 -2.29 -81.91
C ALA K 82 -21.82 -1.18 -82.40
N GLY K 83 -23.10 -1.31 -82.10
CA GLY K 83 -24.05 -0.24 -82.35
C GLY K 83 -24.26 0.60 -81.10
N SER K 84 -24.34 1.92 -81.28
CA SER K 84 -24.91 2.78 -80.23
C SER K 84 -26.40 2.92 -80.58
N GLU K 85 -27.15 3.71 -79.80
CA GLU K 85 -28.58 3.90 -80.07
C GLU K 85 -28.83 4.35 -81.52
N THR K 86 -28.09 5.39 -81.92
CA THR K 86 -28.25 5.96 -83.28
C THR K 86 -27.28 5.36 -84.33
N LYS K 87 -25.97 5.32 -84.02
CA LYS K 87 -24.97 4.86 -84.97
C LYS K 87 -25.15 3.37 -85.30
N TYR K 88 -25.25 3.07 -86.59
CA TYR K 88 -25.35 1.69 -87.06
C TYR K 88 -24.07 0.92 -86.75
N GLY K 89 -24.23 -0.33 -86.33
CA GLY K 89 -23.09 -1.21 -86.13
C GLY K 89 -22.67 -1.80 -87.46
N THR K 90 -21.75 -2.77 -87.40
CA THR K 90 -21.36 -3.52 -88.58
C THR K 90 -22.29 -4.72 -88.71
N PRO K 91 -22.46 -5.28 -89.93
CA PRO K 91 -23.35 -6.43 -90.12
C PRO K 91 -23.00 -7.62 -89.22
N GLY K 92 -21.71 -7.79 -88.93
CA GLY K 92 -21.23 -8.85 -88.06
C GLY K 92 -21.68 -8.71 -86.62
N TRP K 93 -21.68 -7.48 -86.12
CA TRP K 93 -22.15 -7.19 -84.77
C TRP K 93 -23.54 -7.72 -84.58
N TYR K 94 -24.41 -7.43 -85.54
CA TYR K 94 -25.81 -7.88 -85.49
C TYR K 94 -25.92 -9.39 -85.67
N ASN K 95 -25.21 -9.94 -86.66
CA ASN K 95 -25.08 -11.39 -86.83
C ASN K 95 -24.71 -12.11 -85.52
N ASN K 96 -23.73 -11.55 -84.81
CA ASN K 96 -23.25 -12.10 -83.54
C ASN K 96 -24.31 -12.11 -82.45
N LEU K 97 -25.10 -11.04 -82.35
CA LEU K 97 -26.21 -10.98 -81.41
C LEU K 97 -27.32 -11.93 -81.81
N ALA K 98 -27.64 -11.95 -83.10
CA ALA K 98 -28.67 -12.85 -83.63
C ALA K 98 -28.35 -14.30 -83.29
N PHE K 99 -27.10 -14.70 -83.53
CA PHE K 99 -26.66 -16.06 -83.27
C PHE K 99 -26.82 -16.42 -81.80
N ASP K 100 -26.28 -15.56 -80.93
CA ASP K 100 -26.29 -15.79 -79.49
C ASP K 100 -27.69 -16.00 -78.92
N GLU K 101 -28.61 -15.12 -79.33
CA GLU K 101 -30.03 -15.22 -78.95
C GLU K 101 -30.55 -16.60 -79.34
N ALA K 102 -30.46 -16.93 -80.62
CA ALA K 102 -30.94 -18.21 -81.13
C ALA K 102 -30.27 -19.39 -80.41
N ALA K 103 -28.97 -19.29 -80.16
CA ALA K 103 -28.20 -20.33 -79.48
C ALA K 103 -28.70 -20.56 -78.07
N LYS K 104 -28.94 -19.47 -77.35
CA LYS K 104 -29.49 -19.51 -75.99
C LYS K 104 -30.89 -20.14 -75.98
N ARG K 105 -31.73 -19.75 -76.94
CA ARG K 105 -33.09 -20.28 -77.05
C ARG K 105 -33.16 -21.81 -76.98
N GLU K 106 -32.22 -22.48 -77.63
CA GLU K 106 -32.20 -23.95 -77.64
C GLU K 106 -31.32 -24.52 -76.51
N GLY K 107 -30.75 -23.65 -75.70
CA GLY K 107 -29.98 -24.06 -74.53
C GLY K 107 -28.65 -24.68 -74.89
N LEU K 108 -27.95 -24.03 -75.82
CA LEU K 108 -26.59 -24.42 -76.17
C LEU K 108 -25.63 -23.37 -75.64
N TYR K 109 -24.47 -23.83 -75.14
CA TYR K 109 -23.42 -22.93 -74.69
C TYR K 109 -22.80 -22.21 -75.89
N SER K 110 -22.85 -20.88 -75.88
CA SER K 110 -22.23 -20.06 -76.94
C SER K 110 -21.83 -18.70 -76.41
N VAL K 111 -20.60 -18.30 -76.71
CA VAL K 111 -20.08 -17.02 -76.26
C VAL K 111 -19.15 -16.40 -77.31
N THR K 112 -19.56 -15.25 -77.83
CA THR K 112 -18.74 -14.52 -78.79
C THR K 112 -17.81 -13.52 -78.08
N ILE K 113 -16.51 -13.71 -78.27
CA ILE K 113 -15.51 -12.77 -77.79
C ILE K 113 -15.25 -11.76 -78.90
N ASP K 114 -15.38 -10.48 -78.57
CA ASP K 114 -15.08 -9.41 -79.52
C ASP K 114 -13.63 -8.98 -79.39
N GLY K 115 -13.03 -8.59 -80.51
CA GLY K 115 -11.63 -8.16 -80.51
C GLY K 115 -10.79 -8.76 -81.62
N ASP K 116 -9.50 -8.43 -81.59
CA ASP K 116 -8.55 -8.86 -82.61
C ASP K 116 -7.98 -10.25 -82.33
N ALA K 117 -8.26 -11.19 -83.23
CA ALA K 117 -7.78 -12.57 -83.11
C ALA K 117 -6.26 -12.69 -83.31
N PHE K 118 -5.64 -11.64 -83.83
CA PHE K 118 -4.19 -11.63 -84.02
C PHE K 118 -3.44 -11.31 -82.74
N SER K 119 -4.13 -10.70 -81.77
CA SER K 119 -3.51 -10.31 -80.50
C SER K 119 -3.48 -11.45 -79.48
N ASP K 120 -2.45 -11.43 -78.62
CA ASP K 120 -2.33 -12.40 -77.53
C ASP K 120 -3.34 -12.16 -76.43
N GLU K 121 -3.80 -10.91 -76.30
CA GLU K 121 -4.86 -10.58 -75.35
C GLU K 121 -6.05 -11.49 -75.59
N ILE K 122 -6.59 -11.42 -76.81
CA ILE K 122 -7.79 -12.18 -77.17
C ILE K 122 -7.58 -13.70 -77.12
N LYS K 123 -6.40 -14.17 -77.50
CA LYS K 123 -6.06 -15.58 -77.31
C LYS K 123 -6.21 -15.96 -75.85
N ALA K 124 -5.62 -15.16 -74.97
CA ALA K 124 -5.73 -15.35 -73.52
C ALA K 124 -7.19 -15.32 -73.05
N GLN K 125 -7.96 -14.36 -73.55
CA GLN K 125 -9.39 -14.29 -73.26
C GLN K 125 -10.10 -15.63 -73.53
N VAL K 126 -9.84 -16.25 -74.68
CA VAL K 126 -10.41 -17.57 -75.00
C VAL K 126 -9.72 -18.70 -74.22
N ILE K 127 -8.44 -18.50 -73.89
CA ILE K 127 -7.71 -19.47 -73.07
C ILE K 127 -8.38 -19.60 -71.69
N GLU K 128 -8.65 -18.47 -71.05
CA GLU K 128 -9.29 -18.47 -69.73
C GLU K 128 -10.78 -18.81 -69.77
N GLU K 129 -11.44 -18.49 -70.88
CA GLU K 129 -12.86 -18.78 -71.04
C GLU K 129 -13.13 -20.27 -71.30
N ALA K 130 -12.22 -20.92 -72.04
CA ALA K 130 -12.32 -22.35 -72.29
C ALA K 130 -11.94 -23.15 -71.06
N LYS K 131 -10.99 -22.62 -70.28
CA LYS K 131 -10.60 -23.22 -69.01
C LYS K 131 -11.74 -23.18 -67.99
N LYS K 132 -12.45 -22.04 -67.97
CA LYS K 132 -13.62 -21.86 -67.12
C LYS K 132 -14.64 -23.01 -67.30
N LYS K 133 -15.22 -23.12 -68.49
CA LYS K 133 -16.19 -24.20 -68.79
C LYS K 133 -15.58 -25.60 -68.81
N GLY K 134 -14.27 -25.70 -68.59
CA GLY K 134 -13.60 -26.99 -68.49
C GLY K 134 -13.16 -27.57 -69.81
N ILE K 135 -14.11 -28.15 -70.55
CA ILE K 135 -13.80 -28.96 -71.75
C ILE K 135 -13.01 -28.22 -72.85
N LYS K 136 -12.36 -29.01 -73.70
CA LYS K 136 -11.46 -28.52 -74.74
C LYS K 136 -11.99 -28.76 -76.16
N PHE K 137 -11.37 -28.10 -77.15
CA PHE K 137 -11.88 -28.07 -78.53
C PHE K 137 -11.52 -29.30 -79.36
N ASP K 138 -12.51 -29.80 -80.09
CA ASP K 138 -12.35 -30.91 -81.04
C ASP K 138 -12.42 -30.46 -82.50
N LEU K 139 -12.69 -29.16 -82.69
CA LEU K 139 -12.69 -28.53 -84.01
C LEU K 139 -12.34 -27.05 -83.91
N ILE K 140 -11.28 -26.63 -84.59
CA ILE K 140 -10.90 -25.22 -84.65
C ILE K 140 -11.02 -24.71 -86.09
N VAL K 141 -12.12 -24.02 -86.38
CA VAL K 141 -12.30 -23.41 -87.70
C VAL K 141 -11.62 -22.05 -87.74
N TYR K 142 -10.67 -21.90 -88.66
CA TYR K 142 -9.94 -20.66 -88.84
C TYR K 142 -10.45 -19.94 -90.08
N SER K 143 -11.22 -18.88 -89.88
CA SER K 143 -11.88 -18.19 -90.98
C SER K 143 -11.59 -16.68 -90.98
N LEU K 144 -10.31 -16.34 -90.83
CA LEU K 144 -9.90 -14.95 -90.76
C LEU K 144 -9.53 -14.37 -92.13
N ALA K 145 -10.52 -13.85 -92.83
CA ALA K 145 -10.29 -13.02 -94.00
C ALA K 145 -10.07 -11.61 -93.50
N SER K 146 -8.81 -11.20 -93.41
CA SER K 146 -8.45 -9.91 -92.84
C SER K 146 -7.49 -9.14 -93.76
N PRO K 147 -7.75 -7.84 -93.96
CA PRO K 147 -6.88 -7.04 -94.83
C PRO K 147 -5.57 -6.59 -94.16
N VAL K 148 -5.54 -6.55 -92.83
CA VAL K 148 -4.38 -6.03 -92.08
C VAL K 148 -4.09 -6.83 -90.81
N ARG K 149 -2.80 -7.07 -90.54
CA ARG K 149 -2.39 -7.75 -89.30
C ARG K 149 -1.27 -7.03 -88.54
N THR K 150 -1.60 -6.55 -87.34
CA THR K 150 -0.61 -6.08 -86.38
C THR K 150 0.17 -7.28 -85.83
N ASP K 151 1.47 -7.31 -86.10
CA ASP K 151 2.35 -8.37 -85.62
C ASP K 151 2.38 -8.38 -84.10
N PRO K 152 2.09 -9.55 -83.49
CA PRO K 152 2.05 -9.70 -82.04
C PRO K 152 3.41 -9.45 -81.34
N ASP K 153 4.51 -9.72 -82.03
CA ASP K 153 5.84 -9.60 -81.43
C ASP K 153 6.47 -8.22 -81.62
N THR K 154 6.48 -7.73 -82.85
CA THR K 154 7.19 -6.49 -83.20
C THR K 154 6.31 -5.25 -83.11
N GLY K 155 5.00 -5.47 -83.08
CA GLY K 155 4.02 -4.38 -83.06
C GLY K 155 3.91 -3.63 -84.38
N ILE K 156 4.55 -4.18 -85.42
CA ILE K 156 4.55 -3.60 -86.76
C ILE K 156 3.28 -4.02 -87.50
N MSE K 157 2.51 -3.05 -87.96
CA MSE K 157 1.31 -3.33 -88.74
C MSE K 157 1.71 -3.71 -90.13
O MSE K 157 2.56 -3.07 -90.75
CB MSE K 157 0.39 -2.11 -88.78
CG MSE K 157 -1.09 -2.55 -88.65
SE MSE K 157 -2.25 -0.95 -88.76
CE MSE K 157 -2.08 -0.32 -86.89
N HIS K 158 1.09 -4.77 -90.63
CA HIS K 158 1.36 -5.30 -91.95
C HIS K 158 0.13 -5.26 -92.80
N LYS K 159 0.27 -4.69 -93.98
CA LYS K 159 -0.83 -4.56 -94.91
C LYS K 159 -0.64 -5.56 -96.06
N SER K 160 -1.72 -6.25 -96.42
CA SER K 160 -1.71 -7.16 -97.56
C SER K 160 -2.34 -6.50 -98.78
N VAL K 161 -1.87 -6.91 -99.96
CA VAL K 161 -2.44 -6.46 -101.23
C VAL K 161 -2.81 -7.67 -102.08
N LEU K 162 -3.57 -7.43 -103.15
CA LEU K 162 -4.06 -8.49 -104.02
C LEU K 162 -3.52 -8.22 -105.42
N LYS K 163 -2.25 -8.54 -105.62
CA LYS K 163 -1.52 -8.15 -106.82
C LYS K 163 -0.81 -9.36 -107.46
N PRO K 164 -0.55 -9.31 -108.78
CA PRO K 164 0.22 -10.37 -109.42
C PRO K 164 1.72 -10.11 -109.33
N PHE K 165 2.51 -11.02 -109.89
CA PHE K 165 3.96 -10.83 -110.03
C PHE K 165 4.31 -10.69 -111.49
N GLY K 166 5.45 -10.07 -111.78
CA GLY K 166 5.90 -9.89 -113.16
C GLY K 166 5.15 -8.80 -113.90
N LYS K 167 4.11 -9.20 -114.64
CA LYS K 167 3.36 -8.26 -115.47
C LYS K 167 1.96 -7.96 -114.93
N THR K 168 1.44 -6.78 -115.29
CA THR K 168 0.11 -6.33 -114.92
C THR K 168 -0.95 -7.38 -115.21
N PHE K 169 -1.79 -7.66 -114.22
CA PHE K 169 -2.98 -8.44 -114.48
C PHE K 169 -4.08 -7.48 -114.87
N THR K 170 -4.72 -7.76 -116.01
CA THR K 170 -5.77 -6.91 -116.53
C THR K 170 -6.98 -7.69 -117.03
N GLY K 171 -8.18 -7.14 -116.85
CA GLY K 171 -9.40 -7.82 -117.25
C GLY K 171 -10.69 -7.07 -117.04
N LYS K 172 -11.77 -7.65 -117.56
CA LYS K 172 -13.12 -7.07 -117.51
C LYS K 172 -13.67 -7.04 -116.09
N THR K 173 -14.53 -6.07 -115.81
CA THR K 173 -15.22 -5.99 -114.51
C THR K 173 -16.66 -5.51 -114.68
N VAL K 174 -17.55 -5.88 -113.76
CA VAL K 174 -18.95 -5.49 -113.86
C VAL K 174 -19.43 -4.78 -112.61
N ASP K 175 -20.12 -3.66 -112.81
CA ASP K 175 -20.87 -3.04 -111.74
C ASP K 175 -22.20 -3.77 -111.64
N PRO K 176 -22.42 -4.50 -110.53
CA PRO K 176 -23.64 -5.28 -110.33
C PRO K 176 -24.91 -4.44 -110.34
N PHE K 177 -24.80 -3.18 -109.92
CA PHE K 177 -25.97 -2.31 -109.75
C PHE K 177 -26.41 -1.61 -111.04
N THR K 178 -25.48 -0.94 -111.71
CA THR K 178 -25.80 -0.19 -112.93
C THR K 178 -25.95 -1.12 -114.14
N GLY K 179 -25.04 -2.09 -114.25
CA GLY K 179 -24.98 -2.98 -115.40
C GLY K 179 -23.81 -2.62 -116.29
N GLU K 180 -22.98 -1.69 -115.80
CA GLU K 180 -21.82 -1.20 -116.53
C GLU K 180 -20.73 -2.25 -116.64
N LEU K 181 -19.94 -2.17 -117.71
CA LEU K 181 -18.88 -3.14 -118.00
C LEU K 181 -17.54 -2.43 -118.24
N LYS K 182 -16.94 -1.93 -117.16
CA LYS K 182 -15.69 -1.16 -117.24
C LYS K 182 -14.44 -2.04 -117.37
N GLU K 183 -13.28 -1.44 -117.10
CA GLU K 183 -11.99 -2.13 -117.21
C GLU K 183 -11.04 -1.68 -116.09
N ILE K 184 -10.71 -2.62 -115.21
CA ILE K 184 -9.75 -2.38 -114.13
C ILE K 184 -8.61 -3.39 -114.19
N SER K 185 -7.42 -2.93 -113.83
CA SER K 185 -6.25 -3.80 -113.75
C SER K 185 -5.56 -3.67 -112.38
N ALA K 186 -4.75 -4.66 -112.02
CA ALA K 186 -3.94 -4.63 -110.81
C ALA K 186 -2.48 -4.84 -111.18
N GLU K 187 -1.57 -4.14 -110.52
CA GLU K 187 -0.18 -4.09 -110.98
C GLU K 187 0.84 -4.83 -110.12
N PRO K 188 1.98 -5.25 -110.74
CA PRO K 188 2.99 -6.08 -110.08
C PRO K 188 3.39 -5.61 -108.68
N ALA K 189 3.80 -6.55 -107.84
CA ALA K 189 4.08 -6.28 -106.43
C ALA K 189 5.57 -6.13 -106.11
N ASN K 190 5.85 -5.33 -105.09
CA ASN K 190 7.19 -5.17 -104.51
C ASN K 190 7.69 -6.47 -103.89
N ASP K 191 8.90 -6.44 -103.37
CA ASP K 191 9.36 -7.48 -102.45
C ASP K 191 8.69 -7.24 -101.10
N GLU K 192 8.47 -5.97 -100.78
CA GLU K 192 7.87 -5.54 -99.52
C GLU K 192 6.41 -5.98 -99.39
N GLU K 193 5.63 -5.78 -100.45
CA GLU K 193 4.21 -6.16 -100.48
C GLU K 193 3.99 -7.69 -100.38
N ALA K 194 4.71 -8.44 -101.20
CA ALA K 194 4.64 -9.90 -101.18
C ALA K 194 4.92 -10.48 -99.80
N ALA K 195 5.87 -9.86 -99.10
CA ALA K 195 6.31 -10.32 -97.78
C ALA K 195 5.31 -9.98 -96.68
N ALA K 196 4.62 -8.86 -96.85
CA ALA K 196 3.63 -8.40 -95.88
C ALA K 196 2.28 -9.09 -96.10
N THR K 197 2.05 -9.57 -97.31
CA THR K 197 0.83 -10.30 -97.63
C THR K 197 0.86 -11.71 -97.05
N VAL K 198 2.02 -12.36 -97.13
CA VAL K 198 2.25 -13.67 -96.52
C VAL K 198 2.08 -13.59 -95.00
N LYS K 199 2.45 -12.46 -94.43
CA LYS K 199 2.35 -12.23 -92.98
C LYS K 199 0.88 -12.16 -92.53
N VAL K 200 0.04 -11.54 -93.34
CA VAL K 200 -1.37 -11.36 -93.02
C VAL K 200 -2.21 -12.56 -93.42
N MSE K 201 -2.00 -13.04 -94.65
CA MSE K 201 -2.85 -14.08 -95.26
C MSE K 201 -2.27 -15.46 -95.16
O MSE K 201 -2.89 -16.43 -95.60
CB MSE K 201 -3.08 -13.73 -96.72
CG MSE K 201 -3.91 -12.45 -96.91
SE MSE K 201 -5.82 -12.81 -96.56
CE MSE K 201 -6.11 -14.25 -97.90
N GLY K 202 -1.07 -15.58 -94.58
CA GLY K 202 -0.40 -16.87 -94.45
C GLY K 202 -0.99 -17.74 -93.35
N GLY K 203 -0.18 -18.67 -92.85
CA GLY K 203 -0.61 -19.53 -91.75
C GLY K 203 0.08 -19.24 -90.43
N GLU K 204 0.73 -18.08 -90.35
CA GLU K 204 1.54 -17.71 -89.18
C GLU K 204 0.69 -17.64 -87.91
N ASP K 205 -0.36 -16.82 -87.95
CA ASP K 205 -1.24 -16.63 -86.81
C ASP K 205 -2.05 -17.89 -86.50
N TRP K 206 -2.40 -18.65 -87.54
CA TRP K 206 -3.09 -19.93 -87.38
C TRP K 206 -2.27 -20.91 -86.59
N GLU K 207 -0.96 -20.89 -86.83
CA GLU K 207 -0.02 -21.72 -86.08
C GLU K 207 0.09 -21.23 -84.64
N ARG K 208 -0.05 -19.91 -84.45
CA ARG K 208 0.03 -19.30 -83.13
C ARG K 208 -1.10 -19.81 -82.23
N TRP K 209 -2.31 -19.87 -82.78
CA TRP K 209 -3.49 -20.36 -82.07
C TRP K 209 -3.35 -21.79 -81.63
N ILE K 210 -2.87 -22.63 -82.53
CA ILE K 210 -2.74 -24.05 -82.25
C ILE K 210 -1.68 -24.30 -81.19
N LYS K 211 -0.57 -23.58 -81.25
CA LYS K 211 0.47 -23.71 -80.25
C LYS K 211 0.02 -23.19 -78.87
N GLN K 212 -0.63 -22.03 -78.86
CA GLN K 212 -1.03 -21.37 -77.64
C GLN K 212 -2.15 -22.11 -76.91
N LEU K 213 -2.94 -22.88 -77.67
CA LEU K 213 -4.00 -23.72 -77.09
C LEU K 213 -3.49 -25.14 -76.81
N SER K 214 -2.31 -25.45 -77.34
CA SER K 214 -1.75 -26.80 -77.23
C SER K 214 -0.97 -27.02 -75.94
N LYS K 215 -0.04 -26.11 -75.64
CA LYS K 215 0.72 -26.14 -74.39
C LYS K 215 -0.22 -26.03 -73.21
N GLU K 216 -1.20 -25.13 -73.33
CA GLU K 216 -2.26 -24.99 -72.33
C GLU K 216 -3.15 -26.24 -72.23
N GLY K 217 -3.00 -27.15 -73.20
CA GLY K 217 -3.74 -28.41 -73.22
C GLY K 217 -5.24 -28.27 -73.44
N LEU K 218 -5.62 -27.51 -74.46
CA LEU K 218 -7.04 -27.31 -74.78
C LEU K 218 -7.44 -27.94 -76.12
N LEU K 219 -6.83 -29.09 -76.43
CA LEU K 219 -7.13 -29.83 -77.67
C LEU K 219 -7.31 -31.33 -77.44
N GLU K 220 -8.48 -31.84 -77.84
CA GLU K 220 -8.78 -33.27 -77.83
C GLU K 220 -7.88 -34.05 -78.79
N GLU K 221 -7.92 -35.38 -78.70
CA GLU K 221 -7.23 -36.24 -79.66
C GLU K 221 -7.95 -36.18 -81.00
N GLY K 222 -7.21 -36.37 -82.09
CA GLY K 222 -7.78 -36.36 -83.44
C GLY K 222 -8.57 -35.10 -83.78
N CYS K 223 -8.41 -34.07 -82.94
CA CYS K 223 -9.06 -32.78 -83.11
C CYS K 223 -8.78 -32.21 -84.50
N ILE K 224 -9.80 -31.64 -85.11
CA ILE K 224 -9.68 -31.07 -86.45
C ILE K 224 -9.55 -29.55 -86.40
N THR K 225 -8.53 -29.03 -87.07
CA THR K 225 -8.41 -27.60 -87.32
C THR K 225 -8.31 -27.33 -88.83
N LEU K 226 -9.10 -26.39 -89.33
CA LEU K 226 -9.06 -26.07 -90.75
C LEU K 226 -9.06 -24.58 -91.04
N ALA K 227 -8.17 -24.18 -91.94
CA ALA K 227 -8.17 -22.84 -92.51
C ALA K 227 -8.87 -22.88 -93.85
N TYR K 228 -9.66 -21.85 -94.13
CA TYR K 228 -10.34 -21.76 -95.42
C TYR K 228 -9.43 -21.12 -96.47
N SER K 229 -9.66 -21.50 -97.73
CA SER K 229 -8.87 -21.00 -98.84
C SER K 229 -9.63 -21.11 -100.15
N TYR K 230 -8.98 -20.64 -101.22
CA TYR K 230 -9.62 -20.55 -102.53
C TYR K 230 -8.60 -20.65 -103.66
N ILE K 231 -8.88 -21.52 -104.62
CA ILE K 231 -8.00 -21.73 -105.77
C ILE K 231 -8.45 -20.91 -106.98
N GLY K 232 -9.76 -20.80 -107.16
CA GLY K 232 -10.34 -20.01 -108.25
C GLY K 232 -10.31 -20.68 -109.62
N PRO K 233 -10.96 -20.05 -110.61
CA PRO K 233 -10.98 -20.52 -112.00
C PRO K 233 -9.62 -20.37 -112.68
N GLU K 234 -9.55 -20.72 -113.96
CA GLU K 234 -8.31 -20.60 -114.73
C GLU K 234 -7.93 -19.17 -115.10
N ALA K 235 -8.93 -18.30 -115.24
CA ALA K 235 -8.73 -16.92 -115.65
C ALA K 235 -8.02 -16.06 -114.59
N THR K 236 -8.21 -16.39 -113.32
CA THR K 236 -7.66 -15.60 -112.22
C THR K 236 -6.33 -16.14 -111.67
N GLN K 237 -5.73 -17.08 -112.40
CA GLN K 237 -4.52 -17.76 -111.90
C GLN K 237 -3.33 -16.84 -111.63
N ALA K 238 -3.19 -15.76 -112.41
CA ALA K 238 -2.07 -14.83 -112.27
C ALA K 238 -2.09 -14.10 -110.93
N LEU K 239 -3.25 -14.14 -110.29
CA LEU K 239 -3.50 -13.43 -109.04
C LEU K 239 -3.63 -14.42 -107.88
N TYR K 240 -4.54 -15.38 -108.05
CA TYR K 240 -4.85 -16.35 -107.00
C TYR K 240 -3.91 -17.56 -106.91
N ARG K 241 -3.08 -17.79 -107.93
CA ARG K 241 -2.13 -18.89 -107.91
C ARG K 241 -0.68 -18.38 -108.01
N LYS K 242 -0.35 -17.71 -109.11
CA LYS K 242 0.99 -17.18 -109.32
C LYS K 242 1.23 -15.87 -108.56
N GLY K 243 0.14 -15.14 -108.28
CA GLY K 243 0.22 -13.82 -107.68
C GLY K 243 0.55 -13.78 -106.20
N THR K 244 0.13 -12.71 -105.55
CA THR K 244 0.50 -12.45 -104.16
C THR K 244 -0.37 -13.24 -103.16
N ILE K 245 -1.66 -13.35 -103.46
CA ILE K 245 -2.60 -14.13 -102.64
C ILE K 245 -2.32 -15.62 -102.81
N GLY K 246 -1.69 -15.99 -103.93
CA GLY K 246 -1.28 -17.36 -104.19
C GLY K 246 -0.15 -17.86 -103.31
N LYS K 247 0.91 -17.05 -103.20
CA LYS K 247 2.07 -17.36 -102.38
C LYS K 247 1.76 -17.28 -100.88
N ALA K 248 0.80 -16.46 -100.51
CA ALA K 248 0.31 -16.44 -99.12
C ALA K 248 -0.49 -17.71 -98.83
N LYS K 249 -1.26 -18.14 -99.83
CA LYS K 249 -2.08 -19.35 -99.76
C LYS K 249 -1.21 -20.61 -99.76
N GLU K 250 0.00 -20.49 -100.29
CA GLU K 250 0.98 -21.59 -100.26
C GLU K 250 1.57 -21.73 -98.87
N HIS K 251 1.89 -20.59 -98.26
CA HIS K 251 2.37 -20.58 -96.88
C HIS K 251 1.35 -21.17 -95.95
N LEU K 252 0.08 -20.95 -96.29
CA LEU K 252 -1.03 -21.48 -95.51
C LEU K 252 -1.09 -23.01 -95.52
N GLU K 253 -0.96 -23.59 -96.71
CA GLU K 253 -1.05 -25.05 -96.85
C GLU K 253 0.21 -25.78 -96.42
N ALA K 254 1.33 -25.05 -96.41
CA ALA K 254 2.57 -25.55 -95.82
C ALA K 254 2.47 -25.57 -94.31
N THR K 255 1.81 -24.55 -93.74
CA THR K 255 1.57 -24.49 -92.30
C THR K 255 0.72 -25.66 -91.82
N ALA K 256 -0.19 -26.13 -92.68
CA ALA K 256 -1.00 -27.31 -92.39
C ALA K 256 -0.13 -28.55 -92.24
N HIS K 257 0.84 -28.71 -93.15
CA HIS K 257 1.80 -29.84 -93.11
C HIS K 257 2.58 -29.80 -91.83
N ARG K 258 3.18 -28.64 -91.54
CA ARG K 258 3.98 -28.44 -90.35
C ARG K 258 3.18 -28.75 -89.09
N LEU K 259 1.88 -28.48 -89.12
CA LEU K 259 1.02 -28.73 -87.95
C LEU K 259 0.70 -30.21 -87.74
N ASN K 260 0.59 -30.96 -88.84
CA ASN K 260 0.40 -32.40 -88.78
C ASN K 260 1.66 -33.08 -88.26
N LYS K 261 2.80 -32.64 -88.79
CA LYS K 261 4.12 -33.17 -88.44
C LYS K 261 4.50 -32.95 -86.97
N GLU K 262 4.39 -31.71 -86.50
CA GLU K 262 4.76 -31.37 -85.12
C GLU K 262 3.81 -31.97 -84.09
N ASN K 263 2.50 -31.86 -84.34
CA ASN K 263 1.46 -32.37 -83.42
C ASN K 263 0.75 -33.60 -83.96
N PRO K 264 1.18 -34.80 -83.55
CA PRO K 264 0.52 -36.02 -84.04
C PRO K 264 -0.86 -36.24 -83.42
N SER K 265 -1.22 -35.40 -82.45
CA SER K 265 -2.49 -35.50 -81.74
C SER K 265 -3.68 -34.92 -82.51
N ILE K 266 -3.40 -34.09 -83.51
CA ILE K 266 -4.47 -33.40 -84.26
C ILE K 266 -4.43 -33.64 -85.77
N ARG K 267 -5.40 -33.06 -86.47
CA ARG K 267 -5.51 -33.18 -87.92
C ARG K 267 -5.87 -31.81 -88.53
N ALA K 268 -4.89 -31.20 -89.20
CA ALA K 268 -5.04 -29.86 -89.79
C ALA K 268 -5.21 -29.89 -91.31
N PHE K 269 -6.10 -29.04 -91.82
CA PHE K 269 -6.41 -29.01 -93.26
C PHE K 269 -6.66 -27.61 -93.77
N VAL K 270 -6.14 -27.29 -94.95
CA VAL K 270 -6.66 -26.13 -95.66
C VAL K 270 -7.86 -26.62 -96.47
N SER K 271 -8.98 -25.93 -96.34
CA SER K 271 -10.18 -26.30 -97.07
C SER K 271 -10.36 -25.30 -98.17
N VAL K 272 -10.28 -25.79 -99.41
CA VAL K 272 -10.46 -24.93 -100.56
C VAL K 272 -11.95 -24.81 -100.89
N ASN K 273 -12.55 -23.70 -100.48
CA ASN K 273 -13.98 -23.48 -100.70
C ASN K 273 -14.21 -22.82 -102.03
N LYS K 274 -15.48 -22.70 -102.41
CA LYS K 274 -15.84 -22.03 -103.66
C LYS K 274 -15.81 -20.51 -103.49
N GLY K 275 -15.84 -19.79 -104.61
CA GLY K 275 -15.86 -18.34 -104.58
C GLY K 275 -17.21 -17.78 -104.19
N LEU K 276 -17.20 -16.55 -103.67
CA LEU K 276 -18.41 -15.83 -103.30
C LEU K 276 -18.14 -14.33 -103.16
N VAL K 277 -19.18 -13.54 -103.33
CA VAL K 277 -19.10 -12.09 -103.23
C VAL K 277 -18.56 -11.66 -101.89
N THR K 278 -17.37 -11.05 -101.91
CA THR K 278 -16.75 -10.48 -100.71
C THR K 278 -16.73 -8.95 -100.82
N ARG K 279 -16.17 -8.29 -99.80
CA ARG K 279 -16.00 -6.84 -99.82
C ARG K 279 -14.94 -6.41 -100.83
N ALA K 280 -13.88 -7.21 -100.94
CA ALA K 280 -12.78 -6.92 -101.85
C ALA K 280 -13.16 -7.13 -103.31
N SER K 281 -14.16 -7.99 -103.54
CA SER K 281 -14.56 -8.42 -104.89
C SER K 281 -14.58 -7.34 -105.97
N ALA K 282 -15.04 -6.14 -105.61
CA ALA K 282 -15.26 -5.08 -106.59
C ALA K 282 -14.00 -4.36 -107.10
N VAL K 283 -12.90 -4.49 -106.37
CA VAL K 283 -11.65 -3.79 -106.72
C VAL K 283 -10.61 -4.75 -107.32
N ILE K 284 -11.07 -5.96 -107.63
CA ILE K 284 -10.22 -7.02 -108.18
C ILE K 284 -10.67 -7.46 -109.59
N PRO K 285 -9.70 -7.51 -110.55
CA PRO K 285 -9.90 -7.48 -112.01
C PRO K 285 -10.98 -8.38 -112.69
N VAL K 286 -10.88 -9.70 -112.60
CA VAL K 286 -11.76 -10.54 -113.44
C VAL K 286 -12.87 -11.24 -112.65
N ILE K 287 -12.93 -10.91 -111.36
CA ILE K 287 -13.78 -11.63 -110.40
C ILE K 287 -15.25 -11.31 -110.54
N PRO K 288 -15.64 -10.00 -110.44
CA PRO K 288 -17.07 -9.69 -110.41
C PRO K 288 -17.80 -10.27 -111.61
N LEU K 289 -17.19 -10.18 -112.79
CA LEU K 289 -17.71 -10.81 -113.99
C LEU K 289 -17.78 -12.33 -113.82
N TYR K 290 -16.66 -12.93 -113.42
CA TYR K 290 -16.61 -14.37 -113.19
C TYR K 290 -17.75 -14.81 -112.29
N LEU K 291 -17.78 -14.25 -111.08
CA LEU K 291 -18.80 -14.56 -110.07
C LEU K 291 -20.23 -14.40 -110.59
N ALA K 292 -20.50 -13.31 -111.33
CA ALA K 292 -21.85 -13.07 -111.87
C ALA K 292 -22.23 -14.09 -112.95
N SER K 293 -21.23 -14.66 -113.61
CA SER K 293 -21.44 -15.63 -114.69
C SER K 293 -21.44 -17.06 -114.17
N LEU K 294 -20.69 -17.29 -113.09
CA LEU K 294 -20.66 -18.58 -112.40
C LEU K 294 -21.97 -18.84 -111.68
N PHE K 295 -22.61 -17.78 -111.20
CA PHE K 295 -23.88 -17.86 -110.49
C PHE K 295 -25.00 -18.24 -111.43
N LYS K 296 -25.01 -17.64 -112.62
CA LYS K 296 -26.01 -17.90 -113.64
C LYS K 296 -25.87 -19.34 -114.17
N VAL K 297 -24.63 -19.80 -114.32
CA VAL K 297 -24.34 -21.11 -114.86
C VAL K 297 -24.74 -22.23 -113.90
N MSE K 298 -24.43 -22.05 -112.62
CA MSE K 298 -24.63 -23.10 -111.62
C MSE K 298 -26.06 -23.20 -111.17
O MSE K 298 -26.52 -24.29 -110.83
CB MSE K 298 -23.71 -22.88 -110.42
CG MSE K 298 -22.46 -23.76 -110.55
SE MSE K 298 -21.04 -23.09 -109.36
CE MSE K 298 -20.72 -24.72 -108.30
N LYS K 299 -26.78 -22.08 -111.15
CA LYS K 299 -28.22 -22.13 -110.88
C LYS K 299 -28.98 -22.87 -111.99
N GLU K 300 -28.51 -22.70 -113.23
CA GLU K 300 -29.06 -23.39 -114.39
C GLU K 300 -28.80 -24.89 -114.32
N LYS K 301 -27.56 -25.26 -113.96
CA LYS K 301 -27.22 -26.66 -113.74
C LYS K 301 -27.74 -27.15 -112.40
N GLY K 302 -28.27 -26.22 -111.59
CA GLY K 302 -28.82 -26.52 -110.28
C GLY K 302 -27.82 -27.11 -109.29
N ASN K 303 -26.63 -26.51 -109.25
CA ASN K 303 -25.58 -26.94 -108.32
C ASN K 303 -24.90 -25.74 -107.65
N HIS K 304 -25.66 -24.66 -107.53
CA HIS K 304 -25.20 -23.44 -106.89
C HIS K 304 -25.50 -23.48 -105.42
N GLU K 305 -24.52 -23.07 -104.62
CA GLU K 305 -24.65 -23.05 -103.17
C GLU K 305 -23.99 -21.80 -102.55
N GLY K 306 -24.56 -21.32 -101.44
CA GLY K 306 -23.99 -20.21 -100.69
C GLY K 306 -23.15 -20.70 -99.53
N CYS K 307 -22.96 -19.82 -98.55
CA CYS K 307 -22.14 -20.11 -97.38
C CYS K 307 -22.66 -21.28 -96.57
N ILE K 308 -23.93 -21.18 -96.16
CA ILE K 308 -24.55 -22.21 -95.33
C ILE K 308 -24.62 -23.56 -96.04
N GLU K 309 -24.85 -23.54 -97.35
CA GLU K 309 -24.95 -24.77 -98.15
C GLU K 309 -23.57 -25.42 -98.37
N GLN K 310 -22.56 -24.59 -98.66
CA GLN K 310 -21.18 -25.08 -98.82
C GLN K 310 -20.71 -25.78 -97.55
N ILE K 311 -20.88 -25.09 -96.42
CA ILE K 311 -20.34 -25.53 -95.13
C ILE K 311 -21.08 -26.74 -94.58
N THR K 312 -22.41 -26.78 -94.74
CA THR K 312 -23.18 -27.96 -94.33
C THR K 312 -22.61 -29.18 -95.02
N ARG K 313 -22.48 -29.11 -96.34
CA ARG K 313 -21.87 -30.17 -97.12
C ARG K 313 -20.45 -30.48 -96.64
N LEU K 314 -19.69 -29.45 -96.25
CA LEU K 314 -18.37 -29.64 -95.68
C LEU K 314 -18.40 -30.57 -94.47
N TYR K 315 -19.15 -30.19 -93.44
CA TYR K 315 -19.30 -31.00 -92.23
C TYR K 315 -19.86 -32.38 -92.54
N ALA K 316 -20.92 -32.41 -93.34
CA ALA K 316 -21.69 -33.62 -93.61
C ALA K 316 -20.98 -34.65 -94.49
N GLU K 317 -20.23 -34.19 -95.50
CA GLU K 317 -19.64 -35.11 -96.47
C GLU K 317 -18.11 -35.14 -96.47
N ARG K 318 -17.50 -34.43 -95.52
CA ARG K 318 -16.04 -34.42 -95.42
C ARG K 318 -15.55 -34.63 -94.00
N LEU K 319 -16.08 -33.86 -93.06
CA LEU K 319 -15.55 -33.86 -91.69
C LEU K 319 -16.12 -34.97 -90.83
N TYR K 320 -17.44 -35.05 -90.79
CA TYR K 320 -18.12 -35.99 -89.92
C TYR K 320 -19.02 -36.92 -90.72
N ARG K 321 -18.38 -37.73 -91.58
CA ARG K 321 -19.09 -38.74 -92.35
C ARG K 321 -18.93 -40.09 -91.67
N LYS K 322 -19.82 -41.02 -92.01
CA LYS K 322 -19.91 -42.36 -91.39
C LYS K 322 -18.62 -43.18 -91.50
N ASP K 323 -17.85 -42.93 -92.56
CA ASP K 323 -16.64 -43.70 -92.86
C ASP K 323 -15.51 -43.43 -91.87
N GLY K 324 -15.40 -42.18 -91.45
CA GLY K 324 -14.26 -41.72 -90.65
C GLY K 324 -13.21 -41.03 -91.49
N THR K 325 -13.25 -41.25 -92.80
CA THR K 325 -12.30 -40.64 -93.72
C THR K 325 -12.52 -39.13 -93.82
N ILE K 326 -11.45 -38.42 -94.15
CA ILE K 326 -11.52 -37.01 -94.51
C ILE K 326 -10.94 -36.93 -95.93
N PRO K 327 -11.81 -37.11 -96.96
CA PRO K 327 -11.34 -37.14 -98.34
C PRO K 327 -10.58 -35.88 -98.74
N VAL K 328 -9.28 -36.03 -99.01
CA VAL K 328 -8.45 -34.93 -99.45
C VAL K 328 -8.01 -35.14 -100.90
N ASP K 329 -7.29 -34.16 -101.46
CA ASP K 329 -6.79 -34.26 -102.83
C ASP K 329 -5.31 -34.69 -102.86
N GLU K 330 -4.66 -34.46 -104.00
CA GLU K 330 -3.24 -34.78 -104.20
C GLU K 330 -2.36 -34.13 -103.13
N GLU K 331 -2.49 -32.82 -102.97
CA GLU K 331 -1.73 -32.06 -101.98
C GLU K 331 -2.40 -31.94 -100.60
N ASN K 332 -3.34 -32.85 -100.33
CA ASN K 332 -3.94 -33.03 -99.00
C ASN K 332 -4.86 -31.90 -98.53
N ARG K 333 -5.77 -31.50 -99.41
CA ARG K 333 -6.66 -30.38 -99.12
C ARG K 333 -8.12 -30.80 -99.27
N ILE K 334 -8.92 -30.47 -98.26
CA ILE K 334 -10.36 -30.63 -98.37
C ILE K 334 -10.79 -29.82 -99.58
N ARG K 335 -11.42 -30.47 -100.55
CA ARG K 335 -11.92 -29.79 -101.73
C ARG K 335 -13.44 -29.74 -101.74
N ILE K 336 -13.98 -28.56 -101.49
CA ILE K 336 -15.43 -28.33 -101.53
C ILE K 336 -15.75 -27.43 -102.72
N ASP K 337 -14.71 -27.13 -103.50
CA ASP K 337 -14.88 -26.39 -104.74
C ASP K 337 -14.92 -27.34 -105.93
N ASP K 338 -15.22 -28.61 -105.65
CA ASP K 338 -15.25 -29.66 -106.68
C ASP K 338 -16.41 -29.52 -107.67
N TRP K 339 -17.42 -28.72 -107.32
CA TRP K 339 -18.53 -28.42 -108.23
C TRP K 339 -18.31 -27.15 -109.06
N GLU K 340 -17.51 -26.23 -108.54
CA GLU K 340 -17.14 -25.03 -109.29
C GLU K 340 -16.16 -25.37 -110.42
N LEU K 341 -15.26 -26.31 -110.15
CA LEU K 341 -14.16 -26.61 -111.07
C LEU K 341 -14.37 -27.79 -112.03
N GLU K 342 -15.53 -28.44 -111.96
CA GLU K 342 -15.86 -29.50 -112.91
C GLU K 342 -15.99 -28.89 -114.30
N GLU K 343 -15.19 -29.40 -115.23
CA GLU K 343 -15.00 -28.84 -116.57
C GLU K 343 -16.25 -28.30 -117.27
N ASP K 344 -17.39 -28.98 -117.11
CA ASP K 344 -18.63 -28.58 -117.77
C ASP K 344 -19.23 -27.29 -117.20
N VAL K 345 -18.92 -26.99 -115.93
CA VAL K 345 -19.33 -25.73 -115.32
C VAL K 345 -18.40 -24.61 -115.78
N GLN K 346 -17.10 -24.88 -115.80
CA GLN K 346 -16.09 -23.91 -116.26
C GLN K 346 -16.16 -23.62 -117.76
N LYS K 347 -16.46 -24.64 -118.57
CA LYS K 347 -16.57 -24.47 -120.03
C LYS K 347 -17.69 -23.47 -120.35
N ALA K 348 -18.77 -23.54 -119.59
CA ALA K 348 -19.93 -22.66 -119.74
C ALA K 348 -19.65 -21.21 -119.31
N VAL K 349 -18.99 -21.03 -118.17
CA VAL K 349 -18.70 -19.70 -117.61
C VAL K 349 -17.70 -18.93 -118.48
N SER K 350 -16.69 -19.63 -119.01
CA SER K 350 -15.71 -19.04 -119.92
C SER K 350 -16.41 -18.51 -121.18
N ALA K 351 -17.13 -19.41 -121.86
CA ALA K 351 -17.89 -19.09 -123.07
C ALA K 351 -18.85 -17.92 -122.87
N LEU K 352 -19.60 -17.95 -121.77
CA LEU K 352 -20.54 -16.88 -121.41
C LEU K 352 -19.84 -15.55 -121.19
N MSE K 353 -18.62 -15.59 -120.66
CA MSE K 353 -17.85 -14.40 -120.35
C MSE K 353 -17.33 -13.68 -121.57
O MSE K 353 -17.26 -12.44 -121.58
CB MSE K 353 -16.65 -14.80 -119.50
CG MSE K 353 -16.92 -14.48 -118.03
SE MSE K 353 -15.37 -15.04 -116.94
CE MSE K 353 -13.90 -14.15 -117.95
N GLU K 354 -16.97 -14.43 -122.61
CA GLU K 354 -16.41 -13.84 -123.84
C GLU K 354 -17.45 -13.02 -124.60
N LYS K 355 -18.69 -13.48 -124.59
CA LYS K 355 -19.76 -12.84 -125.36
C LYS K 355 -20.66 -11.89 -124.57
N VAL K 356 -20.19 -11.45 -123.40
CA VAL K 356 -20.92 -10.45 -122.61
C VAL K 356 -20.29 -9.07 -122.79
N THR K 357 -21.12 -8.09 -123.14
CA THR K 357 -20.65 -6.72 -123.37
C THR K 357 -21.52 -5.67 -122.64
N GLY K 358 -21.32 -4.40 -122.98
CA GLY K 358 -21.81 -3.26 -122.20
C GLY K 358 -23.29 -3.13 -121.85
N GLU K 359 -24.14 -4.01 -122.38
CA GLU K 359 -25.59 -3.91 -122.17
C GLU K 359 -26.27 -5.22 -121.77
N ASN K 360 -25.87 -6.32 -122.40
CA ASN K 360 -26.46 -7.63 -122.11
C ASN K 360 -26.02 -8.19 -120.76
N ALA K 361 -25.26 -7.40 -120.01
CA ALA K 361 -24.84 -7.71 -118.65
C ALA K 361 -26.01 -8.22 -117.81
N GLU K 362 -27.11 -7.48 -117.82
CA GLU K 362 -28.32 -7.91 -117.11
C GLU K 362 -29.08 -9.04 -117.83
N SER K 363 -28.80 -9.22 -119.13
CA SER K 363 -29.55 -10.15 -119.99
C SER K 363 -29.11 -11.62 -119.90
N LEU K 364 -27.83 -11.87 -119.65
CA LEU K 364 -27.33 -13.24 -119.70
C LEU K 364 -26.43 -13.68 -118.53
N THR K 365 -26.07 -12.74 -117.67
CA THR K 365 -25.40 -13.07 -116.41
C THR K 365 -26.41 -12.94 -115.24
N ASP K 366 -25.96 -13.22 -114.02
CA ASP K 366 -26.83 -13.13 -112.86
C ASP K 366 -26.43 -12.01 -111.91
N LEU K 367 -26.67 -10.77 -112.34
CA LEU K 367 -26.44 -9.60 -111.51
C LEU K 367 -27.49 -9.51 -110.41
N ALA K 368 -28.69 -10.00 -110.69
CA ALA K 368 -29.80 -10.03 -109.72
C ALA K 368 -29.38 -10.77 -108.47
N GLY K 369 -28.71 -11.91 -108.65
CA GLY K 369 -28.19 -12.72 -107.55
C GLY K 369 -26.96 -12.11 -106.90
N TYR K 370 -26.10 -11.53 -107.74
CA TYR K 370 -24.92 -10.81 -107.28
C TYR K 370 -25.33 -9.70 -106.30
N ARG K 371 -26.26 -8.85 -106.72
CA ARG K 371 -26.78 -7.78 -105.88
C ARG K 371 -27.35 -8.33 -104.59
N HIS K 372 -28.18 -9.37 -104.70
CA HIS K 372 -28.83 -9.99 -103.56
C HIS K 372 -27.82 -10.42 -102.52
N ASP K 373 -26.82 -11.17 -102.98
CA ASP K 373 -25.77 -11.69 -102.10
C ASP K 373 -24.94 -10.56 -101.48
N PHE K 374 -24.67 -9.52 -102.27
CA PHE K 374 -23.88 -8.39 -101.82
C PHE K 374 -24.60 -7.58 -100.75
N LEU K 375 -25.93 -7.48 -100.90
CA LEU K 375 -26.77 -6.74 -99.96
C LEU K 375 -27.03 -7.55 -98.71
N ALA K 376 -27.31 -8.84 -98.89
CA ALA K 376 -27.61 -9.78 -97.79
C ALA K 376 -26.55 -9.80 -96.70
N SER K 377 -25.29 -9.58 -97.09
CA SER K 377 -24.16 -9.52 -96.15
C SER K 377 -24.21 -8.28 -95.24
N ASN K 378 -25.21 -7.44 -95.46
CA ASN K 378 -25.39 -6.22 -94.68
C ASN K 378 -26.79 -6.14 -94.09
N GLY K 379 -27.60 -7.17 -94.34
CA GLY K 379 -28.98 -7.24 -93.86
C GLY K 379 -30.02 -6.71 -94.84
N PHE K 380 -29.60 -6.47 -96.08
CA PHE K 380 -30.51 -5.90 -97.09
C PHE K 380 -30.97 -6.92 -98.13
N ASP K 381 -32.17 -6.71 -98.65
CA ASP K 381 -32.77 -7.53 -99.71
C ASP K 381 -33.15 -8.96 -99.29
N VAL K 382 -33.23 -9.19 -97.97
CA VAL K 382 -33.61 -10.50 -97.44
C VAL K 382 -35.13 -10.66 -97.49
N GLU K 383 -35.59 -11.77 -98.06
CA GLU K 383 -37.00 -12.12 -98.14
C GLU K 383 -37.68 -12.09 -96.77
N GLY K 384 -38.76 -11.31 -96.65
CA GLY K 384 -39.55 -11.25 -95.43
C GLY K 384 -39.56 -9.91 -94.72
N ILE K 385 -38.40 -9.28 -94.63
CA ILE K 385 -38.28 -7.99 -93.95
C ILE K 385 -38.87 -6.88 -94.81
N ASN K 386 -39.69 -6.03 -94.18
CA ASN K 386 -40.19 -4.82 -94.80
C ASN K 386 -39.22 -3.68 -94.53
N TYR K 387 -38.56 -3.19 -95.58
CA TYR K 387 -37.51 -2.20 -95.41
C TYR K 387 -38.01 -0.77 -95.22
N GLU K 388 -39.32 -0.58 -95.39
CA GLU K 388 -39.98 0.69 -95.11
C GLU K 388 -40.26 0.90 -93.62
N ALA K 389 -40.18 -0.19 -92.85
CA ALA K 389 -40.43 -0.14 -91.41
C ALA K 389 -39.39 0.71 -90.69
N GLU K 390 -39.83 1.44 -89.67
CA GLU K 390 -38.97 2.31 -88.88
C GLU K 390 -37.94 1.51 -88.08
N VAL K 391 -36.76 2.10 -87.88
CA VAL K 391 -35.75 1.51 -87.02
C VAL K 391 -35.55 2.37 -85.77
N GLU K 392 -36.09 1.89 -84.65
CA GLU K 392 -36.05 2.59 -83.37
C GLU K 392 -34.63 2.85 -82.88
N ARG K 393 -33.81 1.79 -82.90
CA ARG K 393 -32.46 1.82 -82.32
C ARG K 393 -31.49 0.94 -83.10
N PHE K 394 -30.19 1.12 -82.83
CA PHE K 394 -29.14 0.42 -83.56
C PHE K 394 -28.20 -0.40 -82.66
N ASP K 395 -28.58 -0.60 -81.40
CA ASP K 395 -27.77 -1.38 -80.47
C ASP K 395 -28.41 -2.71 -80.03
N ARG K 396 -29.66 -2.92 -80.44
CA ARG K 396 -30.35 -4.17 -80.13
C ARG K 396 -31.23 -4.64 -81.29
N ILE K 397 -31.78 -5.85 -81.16
CA ILE K 397 -32.67 -6.43 -82.18
C ILE K 397 -33.90 -7.04 -81.54
N MSE L 1 55.53 -0.25 -28.00
CA MSE L 1 54.61 -0.99 -27.07
C MSE L 1 53.19 -0.95 -27.59
O MSE L 1 52.89 -0.21 -28.53
CB MSE L 1 54.71 -0.39 -25.66
CG MSE L 1 54.10 1.01 -25.52
SE MSE L 1 54.53 1.72 -23.72
CE MSE L 1 53.33 0.55 -22.67
N ILE L 2 52.33 -1.75 -26.99
CA ILE L 2 50.93 -1.82 -27.38
C ILE L 2 50.03 -1.10 -26.36
N VAL L 3 49.27 -0.12 -26.85
CA VAL L 3 48.38 0.69 -26.00
C VAL L 3 46.92 0.42 -26.33
N LYS L 4 46.25 -0.32 -25.44
CA LYS L 4 44.81 -0.54 -25.53
C LYS L 4 44.10 -0.05 -24.27
N PRO L 5 42.77 0.14 -24.33
CA PRO L 5 42.01 0.81 -23.27
C PRO L 5 42.14 0.15 -21.90
N MSE L 6 42.38 0.98 -20.87
CA MSE L 6 42.45 0.51 -19.50
C MSE L 6 41.22 0.95 -18.76
O MSE L 6 41.25 1.93 -18.00
CB MSE L 6 43.72 1.07 -18.85
CG MSE L 6 44.09 0.26 -17.60
SE MSE L 6 45.98 0.59 -17.18
CE MSE L 6 46.77 -0.70 -18.44
N VAL L 7 40.13 0.22 -18.99
CA VAL L 7 38.86 0.49 -18.32
C VAL L 7 38.85 -0.22 -16.99
N ARG L 8 38.75 0.55 -15.91
CA ARG L 8 38.70 0.00 -14.56
C ARG L 8 37.64 0.75 -13.77
N ASN L 9 36.51 0.07 -13.52
CA ASN L 9 35.34 0.64 -12.82
C ASN L 9 34.59 1.65 -13.69
N ASN L 10 34.52 1.36 -14.99
CA ASN L 10 33.88 2.22 -16.00
C ASN L 10 34.53 3.60 -16.19
N ILE L 11 35.70 3.77 -15.57
CA ILE L 11 36.55 4.93 -15.78
C ILE L 11 37.67 4.49 -16.72
N CYS L 12 38.01 5.35 -17.68
CA CYS L 12 39.16 5.09 -18.55
C CYS L 12 40.42 5.74 -17.97
N LEU L 13 41.46 4.92 -17.77
CA LEU L 13 42.65 5.34 -17.02
C LEU L 13 43.80 5.86 -17.87
N ASN L 14 43.92 5.35 -19.10
CA ASN L 14 44.99 5.76 -20.00
C ASN L 14 44.43 6.51 -21.21
N ALA L 15 45.34 7.09 -22.00
CA ALA L 15 44.96 7.82 -23.21
C ALA L 15 45.89 7.48 -24.38
N HIS L 16 45.28 7.17 -25.52
CA HIS L 16 46.03 6.91 -26.75
C HIS L 16 46.31 8.22 -27.43
N PRO L 17 47.62 8.59 -27.54
CA PRO L 17 48.07 9.91 -28.02
C PRO L 17 47.72 10.20 -29.47
N GLN L 18 47.86 9.21 -30.35
CA GLN L 18 47.55 9.38 -31.76
C GLN L 18 46.05 9.49 -32.00
N GLY L 19 45.30 8.67 -31.25
CA GLY L 19 43.84 8.66 -31.32
C GLY L 19 43.28 10.00 -30.97
N CYS L 20 43.78 10.57 -29.87
CA CYS L 20 43.37 11.90 -29.43
C CYS L 20 43.65 12.97 -30.47
N LYS L 21 44.75 12.80 -31.20
CA LYS L 21 45.16 13.71 -32.26
C LYS L 21 44.24 13.56 -33.47
N LYS L 22 44.05 12.31 -33.91
CA LYS L 22 43.19 12.02 -35.06
C LYS L 22 41.76 12.50 -34.80
N GLY L 23 41.32 12.38 -33.54
CA GLY L 23 40.00 12.81 -33.12
C GLY L 23 39.77 14.30 -33.24
N VAL L 24 40.79 15.08 -32.88
CA VAL L 24 40.75 16.53 -33.06
C VAL L 24 40.69 16.86 -34.55
N GLU L 25 41.60 16.26 -35.32
CA GLU L 25 41.66 16.47 -36.76
C GLU L 25 40.30 16.25 -37.43
N ASP L 26 39.61 15.19 -37.03
CA ASP L 26 38.29 14.87 -37.56
C ASP L 26 37.27 15.97 -37.29
N GLN L 27 37.29 16.52 -36.08
CA GLN L 27 36.44 17.65 -35.75
C GLN L 27 36.77 18.89 -36.59
N ILE L 28 37.99 18.95 -37.12
CA ILE L 28 38.39 20.03 -38.01
C ILE L 28 37.89 19.79 -39.44
N GLU L 29 38.08 18.58 -39.95
CA GLU L 29 37.51 18.19 -41.24
C GLU L 29 36.02 18.48 -41.33
N TYR L 30 35.30 18.22 -40.23
CA TYR L 30 33.88 18.52 -40.16
C TYR L 30 33.61 20.02 -40.10
N THR L 31 34.44 20.73 -39.36
CA THR L 31 34.25 22.18 -39.17
C THR L 31 34.32 22.91 -40.51
N LYS L 32 35.35 22.60 -41.30
CA LYS L 32 35.57 23.25 -42.59
C LYS L 32 34.46 22.93 -43.60
N LYS L 33 33.93 21.71 -43.53
CA LYS L 33 32.84 21.28 -44.41
C LYS L 33 31.47 21.81 -43.97
N ARG L 34 31.31 22.03 -42.65
CA ARG L 34 30.03 22.50 -42.11
C ARG L 34 29.90 24.03 -42.18
N ILE L 35 30.99 24.73 -41.90
CA ILE L 35 31.01 26.19 -41.97
C ILE L 35 31.46 26.64 -43.37
N THR L 36 30.48 27.03 -44.20
CA THR L 36 30.74 27.48 -45.56
C THR L 36 30.43 28.97 -45.70
N ALA L 37 30.87 29.58 -46.80
CA ALA L 37 30.71 31.03 -47.01
C ALA L 37 29.24 31.44 -47.10
N GLU L 38 28.40 30.54 -47.60
CA GLU L 38 26.94 30.73 -47.65
C GLU L 38 26.39 30.79 -46.23
N VAL L 39 27.04 30.03 -45.34
CA VAL L 39 26.67 29.90 -43.93
C VAL L 39 27.36 31.03 -43.14
N LYS L 40 28.37 31.63 -43.75
CA LYS L 40 29.26 32.58 -43.09
C LYS L 40 29.17 34.00 -43.65
N ALA L 41 28.42 34.17 -44.76
CA ALA L 41 28.53 35.39 -45.56
C ALA L 41 27.98 36.66 -44.90
N GLY L 42 26.66 36.71 -44.72
CA GLY L 42 26.01 37.93 -44.26
C GLY L 42 26.08 38.27 -42.77
N ALA L 43 26.96 37.61 -42.02
CA ALA L 43 26.99 37.80 -40.54
C ALA L 43 28.35 38.17 -39.97
N LYS L 44 28.35 38.55 -38.68
CA LYS L 44 29.57 38.87 -37.95
C LYS L 44 30.28 37.59 -37.51
N ALA L 45 31.58 37.68 -37.23
CA ALA L 45 32.38 36.50 -36.91
C ALA L 45 33.22 36.71 -35.63
N PRO L 46 33.51 35.60 -34.90
CA PRO L 46 34.41 35.72 -33.75
C PRO L 46 35.84 36.07 -34.20
N LYS L 47 36.39 37.13 -33.63
CA LYS L 47 37.75 37.55 -33.94
C LYS L 47 38.70 37.01 -32.89
N ASN L 48 38.47 37.36 -31.63
CA ASN L 48 39.27 36.83 -30.53
C ASN L 48 38.37 36.21 -29.47
N VAL L 49 38.59 34.94 -29.17
CA VAL L 49 37.70 34.19 -28.28
C VAL L 49 38.42 33.40 -27.19
N LEU L 50 37.98 33.60 -25.95
CA LEU L 50 38.50 32.89 -24.79
C LEU L 50 37.64 31.67 -24.48
N VAL L 51 38.30 30.50 -24.39
CA VAL L 51 37.59 29.24 -24.16
C VAL L 51 38.07 28.61 -22.86
N LEU L 52 37.20 28.60 -21.86
CA LEU L 52 37.53 27.97 -20.58
C LEU L 52 37.04 26.52 -20.58
N GLY L 53 37.92 25.61 -20.15
CA GLY L 53 37.65 24.17 -20.22
C GLY L 53 37.69 23.72 -21.67
N CYS L 54 38.84 23.90 -22.30
CA CYS L 54 39.00 23.79 -23.75
C CYS L 54 39.56 22.43 -24.23
N SER L 55 39.91 21.57 -23.29
CA SER L 55 40.69 20.37 -23.62
C SER L 55 39.89 19.23 -24.25
N ASN L 56 38.57 19.24 -24.08
CA ASN L 56 37.71 18.22 -24.68
C ASN L 56 36.22 18.52 -24.62
N GLY L 57 35.42 17.58 -25.13
CA GLY L 57 33.98 17.71 -25.14
C GLY L 57 33.54 18.99 -25.81
N TYR L 58 32.57 19.66 -25.20
CA TYR L 58 32.00 20.88 -25.75
C TYR L 58 32.99 22.04 -25.88
N GLY L 59 33.99 22.06 -24.99
CA GLY L 59 35.00 23.13 -25.00
C GLY L 59 35.90 23.04 -26.21
N LEU L 60 36.42 21.85 -26.45
CA LEU L 60 37.24 21.59 -27.62
C LEU L 60 36.52 21.99 -28.91
N ALA L 61 35.31 21.45 -29.09
CA ALA L 61 34.48 21.78 -30.24
C ALA L 61 34.38 23.28 -30.44
N SER L 62 34.05 24.00 -29.37
CA SER L 62 33.87 25.45 -29.37
C SER L 62 35.14 26.16 -29.82
N ARG L 63 36.29 25.62 -29.43
CA ARG L 63 37.56 26.23 -29.77
C ARG L 63 37.88 25.97 -31.22
N ILE L 64 37.79 24.71 -31.62
CA ILE L 64 37.94 24.30 -33.03
C ILE L 64 37.05 25.11 -33.98
N THR L 65 35.75 25.19 -33.69
CA THR L 65 34.82 25.85 -34.61
C THR L 65 35.17 27.32 -34.74
N ALA L 66 35.44 27.98 -33.61
CA ALA L 66 35.88 29.37 -33.62
C ALA L 66 37.10 29.52 -34.53
N ALA L 67 38.12 28.71 -34.28
CA ALA L 67 39.37 28.74 -35.04
C ALA L 67 39.22 28.35 -36.52
N PHE L 68 38.83 27.12 -36.79
CA PHE L 68 38.89 26.57 -38.15
C PHE L 68 37.63 26.81 -38.98
N GLY L 69 36.59 27.31 -38.33
CA GLY L 69 35.37 27.68 -39.03
C GLY L 69 35.40 29.15 -39.37
N TYR L 70 35.72 29.98 -38.38
CA TYR L 70 35.66 31.43 -38.53
C TYR L 70 37.04 32.11 -38.60
N GLY L 71 38.10 31.31 -38.52
CA GLY L 71 39.47 31.79 -38.58
C GLY L 71 39.77 32.81 -37.50
N ALA L 72 39.94 32.33 -36.27
CA ALA L 72 40.03 33.23 -35.14
C ALA L 72 41.18 32.91 -34.18
N ALA L 73 41.67 33.96 -33.52
CA ALA L 73 42.64 33.81 -32.44
C ALA L 73 41.92 33.30 -31.20
N THR L 74 42.49 32.24 -30.61
CA THR L 74 41.87 31.57 -29.47
C THR L 74 42.83 31.37 -28.32
N ILE L 75 42.43 31.84 -27.13
CA ILE L 75 43.11 31.48 -25.91
C ILE L 75 42.26 30.44 -25.20
N GLY L 76 42.84 29.27 -24.97
CA GLY L 76 42.20 28.20 -24.24
C GLY L 76 42.73 28.12 -22.83
N VAL L 77 41.95 27.52 -21.94
CA VAL L 77 42.35 27.24 -20.58
C VAL L 77 41.88 25.83 -20.23
N SER L 78 42.72 25.07 -19.52
CA SER L 78 42.38 23.71 -19.07
C SER L 78 43.40 23.17 -18.07
N PHE L 79 42.96 22.29 -17.18
CA PHE L 79 43.87 21.65 -16.22
C PHE L 79 44.23 20.23 -16.66
N GLU L 80 45.49 20.04 -17.04
CA GLU L 80 45.93 18.78 -17.61
C GLU L 80 47.15 18.20 -16.91
N LYS L 81 47.11 16.89 -16.65
CA LYS L 81 48.27 16.14 -16.19
C LYS L 81 49.08 15.72 -17.41
N ALA L 82 50.24 16.34 -17.59
CA ALA L 82 51.12 16.08 -18.74
C ALA L 82 51.70 14.67 -18.70
N GLY L 83 52.12 14.18 -19.86
CA GLY L 83 52.75 12.88 -19.94
C GLY L 83 54.25 12.93 -19.77
N SER L 84 54.84 11.79 -19.32
CA SER L 84 56.30 11.60 -19.43
C SER L 84 56.40 10.57 -20.56
N GLU L 85 57.63 10.16 -20.93
CA GLU L 85 57.81 9.14 -21.97
C GLU L 85 57.44 7.72 -21.48
N THR L 86 57.17 7.61 -20.19
CA THR L 86 56.87 6.31 -19.59
C THR L 86 55.51 6.32 -18.85
N LYS L 87 54.99 7.52 -18.60
CA LYS L 87 53.70 7.67 -17.92
C LYS L 87 52.74 8.48 -18.79
N TYR L 88 51.62 7.86 -19.16
CA TYR L 88 50.59 8.51 -19.99
C TYR L 88 49.95 9.70 -19.29
N GLY L 89 49.44 10.64 -20.09
CA GLY L 89 48.75 11.82 -19.55
C GLY L 89 47.25 11.72 -19.68
N THR L 90 46.57 12.84 -19.45
CA THR L 90 45.13 12.95 -19.63
C THR L 90 44.82 13.20 -21.12
N PRO L 91 43.67 12.68 -21.61
CA PRO L 91 43.28 12.85 -23.00
C PRO L 91 43.38 14.29 -23.48
N GLY L 92 42.92 15.24 -22.65
CA GLY L 92 42.94 16.65 -22.98
C GLY L 92 44.33 17.24 -23.21
N TRP L 93 45.35 16.57 -22.69
CA TRP L 93 46.73 17.01 -22.88
C TRP L 93 47.16 16.83 -24.31
N TYR L 94 46.84 15.67 -24.88
CA TYR L 94 47.13 15.38 -26.28
C TYR L 94 46.23 16.22 -27.19
N ASN L 95 44.99 16.45 -26.77
CA ASN L 95 44.05 17.29 -27.53
C ASN L 95 44.55 18.72 -27.74
N ASN L 96 45.06 19.34 -26.67
CA ASN L 96 45.66 20.68 -26.75
C ASN L 96 46.85 20.69 -27.67
N LEU L 97 47.71 19.68 -27.54
CA LEU L 97 48.88 19.53 -28.41
C LEU L 97 48.46 19.48 -29.88
N ALA L 98 47.44 18.67 -30.17
CA ALA L 98 46.93 18.54 -31.53
C ALA L 98 46.27 19.83 -32.03
N PHE L 99 45.50 20.50 -31.17
CA PHE L 99 44.87 21.78 -31.53
C PHE L 99 45.89 22.83 -31.92
N ASP L 100 46.91 23.01 -31.07
CA ASP L 100 47.98 23.99 -31.29
C ASP L 100 48.76 23.74 -32.57
N GLU L 101 49.17 22.48 -32.77
CA GLU L 101 49.90 22.06 -33.95
C GLU L 101 49.14 22.44 -35.22
N ALA L 102 47.92 21.93 -35.36
CA ALA L 102 47.08 22.17 -36.53
C ALA L 102 46.76 23.64 -36.76
N ALA L 103 46.71 24.40 -35.66
CA ALA L 103 46.33 25.81 -35.69
C ALA L 103 47.46 26.70 -36.16
N LYS L 104 48.70 26.33 -35.83
CA LYS L 104 49.86 27.05 -36.32
C LYS L 104 50.10 26.73 -37.80
N ARG L 105 49.96 25.46 -38.16
CA ARG L 105 50.10 25.00 -39.55
C ARG L 105 49.25 25.79 -40.53
N GLU L 106 48.21 26.44 -40.01
CA GLU L 106 47.29 27.22 -40.81
C GLU L 106 47.52 28.72 -40.60
N GLY L 107 48.53 29.03 -39.80
CA GLY L 107 48.88 30.42 -39.48
C GLY L 107 47.83 31.09 -38.62
N LEU L 108 47.61 30.53 -37.43
CA LEU L 108 46.64 31.09 -36.50
C LEU L 108 47.20 31.19 -35.09
N TYR L 109 46.85 32.27 -34.40
CA TYR L 109 47.30 32.49 -33.04
C TYR L 109 46.45 31.66 -32.07
N SER L 110 47.08 30.69 -31.40
CA SER L 110 46.38 29.83 -30.46
C SER L 110 47.27 29.40 -29.29
N VAL L 111 47.08 30.05 -28.15
CA VAL L 111 47.79 29.67 -26.93
C VAL L 111 46.86 29.02 -25.91
N THR L 112 47.35 28.00 -25.22
CA THR L 112 46.62 27.36 -24.13
C THR L 112 47.35 27.67 -22.82
N ILE L 113 46.64 28.32 -21.90
CA ILE L 113 47.17 28.56 -20.56
C ILE L 113 46.80 27.34 -19.71
N ASP L 114 47.73 26.37 -19.64
CA ASP L 114 47.51 25.16 -18.86
C ASP L 114 47.54 25.48 -17.37
N GLY L 115 46.43 25.19 -16.69
CA GLY L 115 46.29 25.44 -15.25
C GLY L 115 44.85 25.36 -14.76
N ASP L 116 44.63 25.74 -13.50
CA ASP L 116 43.29 25.72 -12.90
C ASP L 116 42.53 27.03 -13.12
N ALA L 117 41.44 26.96 -13.87
CA ALA L 117 40.69 28.15 -14.26
C ALA L 117 40.01 28.88 -13.08
N PHE L 118 39.91 28.20 -11.94
CA PHE L 118 39.28 28.79 -10.75
C PHE L 118 40.19 29.77 -9.99
N SER L 119 41.49 29.67 -10.21
CA SER L 119 42.49 30.50 -9.52
C SER L 119 42.74 31.81 -10.25
N ASP L 120 43.32 32.78 -9.53
CA ASP L 120 43.62 34.10 -10.08
C ASP L 120 44.95 34.13 -10.81
N GLU L 121 45.84 33.19 -10.47
CA GLU L 121 47.11 33.03 -11.16
C GLU L 121 46.84 32.90 -12.65
N ILE L 122 45.96 31.96 -12.98
CA ILE L 122 45.58 31.68 -14.36
C ILE L 122 44.84 32.87 -14.97
N LYS L 123 44.00 33.54 -14.19
CA LYS L 123 43.29 34.75 -14.65
C LYS L 123 44.24 35.89 -15.02
N ALA L 124 45.28 36.07 -14.19
CA ALA L 124 46.29 37.11 -14.44
C ALA L 124 47.15 36.77 -15.65
N GLN L 125 47.42 35.49 -15.85
CA GLN L 125 48.18 35.02 -17.00
C GLN L 125 47.45 35.39 -18.29
N VAL L 126 46.18 35.00 -18.38
CA VAL L 126 45.38 35.23 -19.59
C VAL L 126 45.19 36.72 -19.86
N ILE L 127 45.11 37.52 -18.80
CA ILE L 127 45.04 38.96 -18.92
C ILE L 127 46.34 39.50 -19.53
N GLU L 128 47.48 39.19 -18.90
CA GLU L 128 48.78 39.70 -19.36
C GLU L 128 49.13 39.21 -20.77
N GLU L 129 48.45 38.15 -21.21
CA GLU L 129 48.64 37.61 -22.55
C GLU L 129 47.87 38.40 -23.61
N ALA L 130 46.58 38.62 -23.37
CA ALA L 130 45.73 39.39 -24.28
C ALA L 130 46.23 40.83 -24.46
N LYS L 131 46.67 41.43 -23.36
CA LYS L 131 47.27 42.78 -23.36
C LYS L 131 48.57 42.83 -24.17
N LYS L 132 49.41 41.81 -24.00
CA LYS L 132 50.62 41.61 -24.79
C LYS L 132 50.29 41.41 -26.27
N LYS L 133 49.06 40.96 -26.56
CA LYS L 133 48.58 40.82 -27.93
C LYS L 133 47.71 41.98 -28.38
N GLY L 134 47.27 42.80 -27.43
CA GLY L 134 46.56 44.04 -27.74
C GLY L 134 45.07 43.90 -28.04
N ILE L 135 44.70 42.86 -28.76
CA ILE L 135 43.30 42.64 -29.17
C ILE L 135 42.50 42.02 -28.03
N LYS L 136 41.26 42.49 -27.86
CA LYS L 136 40.38 42.06 -26.78
C LYS L 136 39.23 41.14 -27.22
N PHE L 137 38.68 40.39 -26.26
CA PHE L 137 37.74 39.30 -26.53
C PHE L 137 36.33 39.74 -26.91
N ASP L 138 35.74 39.00 -27.86
CA ASP L 138 34.36 39.23 -28.30
C ASP L 138 33.48 37.99 -28.12
N LEU L 139 34.11 36.88 -27.73
CA LEU L 139 33.41 35.64 -27.37
C LEU L 139 34.08 34.97 -26.16
N ILE L 140 33.30 34.76 -25.10
CA ILE L 140 33.79 34.06 -23.93
C ILE L 140 32.95 32.81 -23.73
N VAL L 141 33.59 31.65 -23.75
CA VAL L 141 32.91 30.39 -23.61
C VAL L 141 33.28 29.75 -22.27
N TYR L 142 32.31 29.70 -21.36
CA TYR L 142 32.54 29.08 -20.07
C TYR L 142 32.15 27.62 -20.13
N SER L 143 33.13 26.72 -20.02
CA SER L 143 32.88 25.29 -20.16
C SER L 143 33.68 24.42 -19.19
N LEU L 144 33.65 24.77 -17.91
CA LEU L 144 34.34 23.97 -16.88
C LEU L 144 33.41 22.93 -16.28
N ALA L 145 33.85 21.67 -16.33
CA ALA L 145 33.12 20.56 -15.72
C ALA L 145 33.99 19.86 -14.69
N SER L 146 34.51 20.63 -13.74
CA SER L 146 35.25 20.06 -12.62
C SER L 146 34.27 19.65 -11.52
N PRO L 147 34.48 18.46 -10.93
CA PRO L 147 33.65 18.09 -9.79
C PRO L 147 34.11 18.77 -8.48
N VAL L 148 35.26 19.44 -8.53
CA VAL L 148 35.87 20.04 -7.36
C VAL L 148 36.47 21.42 -7.66
N ARG L 149 36.16 22.40 -6.82
CA ARG L 149 36.65 23.77 -6.99
C ARG L 149 37.28 24.33 -5.72
N THR L 150 38.48 24.90 -5.85
CA THR L 150 39.12 25.61 -4.75
C THR L 150 38.73 27.09 -4.81
N ASP L 151 37.99 27.53 -3.80
CA ASP L 151 37.52 28.92 -3.72
C ASP L 151 38.70 29.87 -3.61
N PRO L 152 38.82 30.82 -4.56
CA PRO L 152 39.98 31.71 -4.57
C PRO L 152 40.00 32.75 -3.44
N ASP L 153 38.92 32.80 -2.66
CA ASP L 153 38.76 33.83 -1.62
C ASP L 153 38.74 33.27 -0.20
N THR L 154 38.33 32.01 -0.06
CA THR L 154 38.27 31.38 1.24
C THR L 154 39.13 30.12 1.30
N GLY L 155 39.73 29.78 0.16
CA GLY L 155 40.67 28.65 0.05
C GLY L 155 40.10 27.30 0.42
N ILE L 156 38.78 27.16 0.30
CA ILE L 156 38.08 25.92 0.66
C ILE L 156 37.80 25.09 -0.58
N MSE L 157 38.20 23.82 -0.54
CA MSE L 157 37.99 22.89 -1.66
C MSE L 157 36.64 22.24 -1.52
O MSE L 157 36.44 21.38 -0.66
CB MSE L 157 39.12 21.86 -1.75
CG MSE L 157 38.85 20.88 -2.90
SE MSE L 157 40.31 19.57 -3.15
CE MSE L 157 41.34 20.53 -4.61
N HIS L 158 35.72 22.65 -2.40
CA HIS L 158 34.37 22.11 -2.42
C HIS L 158 34.26 20.93 -3.35
N LYS L 159 33.82 19.81 -2.80
CA LYS L 159 33.47 18.64 -3.60
C LYS L 159 31.98 18.72 -3.94
N SER L 160 31.66 18.60 -5.23
CA SER L 160 30.27 18.67 -5.69
C SER L 160 29.70 17.30 -6.01
N VAL L 161 28.49 17.05 -5.52
CA VAL L 161 27.83 15.76 -5.73
C VAL L 161 26.64 15.89 -6.67
N LEU L 162 26.20 14.75 -7.22
CA LEU L 162 25.04 14.69 -8.09
C LEU L 162 24.01 13.79 -7.43
N LYS L 163 23.19 14.38 -6.56
CA LYS L 163 22.23 13.67 -5.72
C LYS L 163 20.88 14.38 -5.65
N PRO L 164 19.79 13.64 -5.35
CA PRO L 164 18.47 14.25 -5.29
C PRO L 164 18.15 14.87 -3.92
N PHE L 165 16.97 15.48 -3.82
CA PHE L 165 16.44 15.96 -2.54
C PHE L 165 15.34 15.02 -2.05
N GLY L 166 14.78 15.31 -0.88
CA GLY L 166 13.74 14.47 -0.30
C GLY L 166 14.21 13.04 -0.19
N LYS L 167 13.71 12.19 -1.08
CA LYS L 167 14.02 10.75 -1.06
C LYS L 167 15.05 10.34 -2.13
N THR L 168 15.50 9.08 -2.02
CA THR L 168 16.46 8.48 -2.95
C THR L 168 15.94 8.42 -4.38
N PHE L 169 16.85 8.62 -5.34
CA PHE L 169 16.57 8.39 -6.74
C PHE L 169 17.22 7.09 -7.18
N THR L 170 16.38 6.08 -7.39
CA THR L 170 16.83 4.76 -7.80
C THR L 170 16.53 4.52 -9.27
N GLY L 171 17.37 3.73 -9.95
CA GLY L 171 17.16 3.42 -11.36
C GLY L 171 18.17 2.50 -12.02
N LYS L 172 17.93 2.21 -13.30
CA LYS L 172 18.73 1.28 -14.06
C LYS L 172 19.98 1.91 -14.68
N THR L 173 21.06 1.12 -14.71
CA THR L 173 22.27 1.50 -15.45
C THR L 173 22.68 0.32 -16.34
N VAL L 174 23.49 0.58 -17.37
CA VAL L 174 23.94 -0.47 -18.28
C VAL L 174 25.45 -0.43 -18.46
N ASP L 175 26.12 -1.50 -18.05
CA ASP L 175 27.54 -1.67 -18.31
C ASP L 175 27.69 -1.87 -19.83
N PRO L 176 28.18 -0.84 -20.55
CA PRO L 176 28.08 -0.86 -22.01
C PRO L 176 29.07 -1.82 -22.68
N PHE L 177 29.95 -2.44 -21.90
CA PHE L 177 30.88 -3.44 -22.43
C PHE L 177 30.35 -4.86 -22.32
N THR L 178 29.96 -5.28 -21.11
CA THR L 178 29.35 -6.59 -20.90
C THR L 178 27.93 -6.66 -21.48
N GLY L 179 27.13 -5.62 -21.24
CA GLY L 179 25.73 -5.61 -21.64
C GLY L 179 24.83 -5.74 -20.43
N GLU L 180 25.45 -6.00 -19.28
CA GLU L 180 24.74 -6.23 -18.02
C GLU L 180 23.94 -5.01 -17.56
N LEU L 181 22.63 -5.08 -17.79
CA LEU L 181 21.68 -4.08 -17.32
C LEU L 181 21.52 -4.25 -15.80
N LYS L 182 22.09 -3.32 -15.03
CA LYS L 182 22.13 -3.46 -13.57
C LYS L 182 21.37 -2.37 -12.81
N GLU L 183 21.70 -2.24 -11.51
CA GLU L 183 20.84 -1.53 -10.57
C GLU L 183 21.66 -0.66 -9.62
N ILE L 184 21.39 0.65 -9.62
CA ILE L 184 22.07 1.58 -8.72
C ILE L 184 21.21 2.83 -8.40
N SER L 185 21.52 3.48 -7.29
CA SER L 185 20.75 4.63 -6.81
C SER L 185 21.63 5.79 -6.33
N ALA L 186 20.98 6.86 -5.86
CA ALA L 186 21.65 8.05 -5.37
C ALA L 186 20.95 8.56 -4.12
N GLU L 187 21.63 8.43 -2.98
CA GLU L 187 21.10 8.83 -1.67
C GLU L 187 20.78 10.33 -1.62
N PRO L 188 19.73 10.74 -0.87
CA PRO L 188 19.42 12.17 -0.78
C PRO L 188 20.58 13.03 -0.29
N ALA L 189 20.51 14.34 -0.53
CA ALA L 189 21.63 15.22 -0.28
C ALA L 189 21.56 16.00 1.02
N ASN L 190 22.70 16.14 1.69
CA ASN L 190 22.85 17.03 2.85
C ASN L 190 22.79 18.49 2.36
N ASP L 191 22.71 19.43 3.29
CA ASP L 191 22.67 20.85 2.90
C ASP L 191 24.06 21.48 2.82
N GLU L 192 25.07 20.71 3.21
CA GLU L 192 26.47 21.08 2.96
C GLU L 192 26.80 20.71 1.53
N GLU L 193 26.43 19.47 1.16
CA GLU L 193 26.59 18.95 -0.20
C GLU L 193 25.89 19.84 -1.24
N ALA L 194 24.70 20.32 -0.89
CA ALA L 194 23.92 21.19 -1.77
C ALA L 194 24.69 22.46 -2.15
N ALA L 195 24.95 23.31 -1.15
CA ALA L 195 25.70 24.56 -1.34
C ALA L 195 27.14 24.34 -1.84
N ALA L 196 27.67 23.14 -1.61
CA ALA L 196 28.97 22.74 -2.14
C ALA L 196 28.89 22.52 -3.65
N THR L 197 27.78 21.95 -4.12
CA THR L 197 27.56 21.73 -5.54
C THR L 197 27.21 23.04 -6.27
N VAL L 198 26.61 23.98 -5.54
CA VAL L 198 26.32 25.32 -6.09
C VAL L 198 27.63 26.11 -6.23
N LYS L 199 28.57 25.87 -5.31
CA LYS L 199 29.85 26.55 -5.31
C LYS L 199 30.70 26.13 -6.52
N VAL L 200 30.65 24.85 -6.87
CA VAL L 200 31.42 24.33 -8.00
C VAL L 200 30.72 24.55 -9.36
N MSE L 201 29.53 23.97 -9.50
CA MSE L 201 28.81 23.94 -10.79
C MSE L 201 28.04 25.20 -11.08
O MSE L 201 27.44 25.32 -12.14
CB MSE L 201 27.84 22.77 -10.82
CG MSE L 201 28.50 21.38 -10.81
SE MSE L 201 29.78 21.15 -12.30
CE MSE L 201 28.56 21.24 -13.84
N GLY L 202 28.04 26.14 -10.14
CA GLY L 202 27.25 27.36 -10.25
C GLY L 202 27.80 28.35 -11.24
N GLY L 203 27.36 29.61 -11.12
CA GLY L 203 27.83 30.68 -11.99
C GLY L 203 28.87 31.56 -11.34
N GLU L 204 29.45 31.06 -10.24
CA GLU L 204 30.35 31.84 -9.40
C GLU L 204 31.61 32.28 -10.14
N ASP L 205 32.41 31.29 -10.57
CA ASP L 205 33.68 31.55 -11.23
C ASP L 205 33.52 32.27 -12.57
N TRP L 206 32.46 31.92 -13.29
CA TRP L 206 32.14 32.51 -14.60
C TRP L 206 32.01 34.01 -14.51
N GLU L 207 31.20 34.47 -13.55
CA GLU L 207 31.00 35.89 -13.25
C GLU L 207 32.31 36.55 -12.81
N ARG L 208 33.15 35.78 -12.10
CA ARG L 208 34.44 36.28 -11.64
C ARG L 208 35.33 36.69 -12.82
N TRP L 209 35.34 35.84 -13.85
CA TRP L 209 36.06 36.11 -15.09
C TRP L 209 35.61 37.39 -15.74
N ILE L 210 34.34 37.42 -16.11
CA ILE L 210 33.77 38.53 -16.86
C ILE L 210 34.01 39.87 -16.16
N LYS L 211 33.74 39.91 -14.86
CA LYS L 211 33.97 41.12 -14.07
C LYS L 211 35.45 41.47 -14.05
N GLN L 212 36.29 40.46 -13.86
CA GLN L 212 37.75 40.63 -13.86
C GLN L 212 38.27 41.10 -15.22
N LEU L 213 37.81 40.46 -16.29
CA LEU L 213 38.18 40.81 -17.67
C LEU L 213 37.63 42.19 -18.10
N SER L 214 36.53 42.61 -17.49
CA SER L 214 35.88 43.88 -17.81
C SER L 214 36.78 45.08 -17.46
N LYS L 215 37.12 45.19 -16.18
CA LYS L 215 37.88 46.33 -15.64
C LYS L 215 39.27 46.49 -16.26
N GLU L 216 39.81 45.39 -16.79
CA GLU L 216 41.10 45.42 -17.48
C GLU L 216 40.95 45.69 -18.98
N GLY L 217 39.76 46.16 -19.38
CA GLY L 217 39.46 46.55 -20.76
C GLY L 217 39.73 45.46 -21.78
N LEU L 218 39.28 44.25 -21.48
CA LEU L 218 39.53 43.10 -22.36
C LEU L 218 38.27 42.55 -23.03
N LEU L 219 37.14 43.21 -22.82
CA LEU L 219 35.89 42.85 -23.47
C LEU L 219 35.49 43.88 -24.53
N GLU L 220 35.16 43.40 -25.73
CA GLU L 220 34.66 44.27 -26.79
C GLU L 220 33.19 44.63 -26.55
N GLU L 221 32.71 45.64 -27.28
CA GLU L 221 31.31 46.04 -27.23
C GLU L 221 30.46 44.92 -27.82
N GLY L 222 29.40 44.55 -27.09
CA GLY L 222 28.51 43.48 -27.53
C GLY L 222 29.11 42.08 -27.47
N CYS L 223 30.15 41.94 -26.66
CA CYS L 223 30.82 40.65 -26.43
C CYS L 223 29.79 39.61 -26.00
N ILE L 224 29.88 38.41 -26.60
CA ILE L 224 29.01 37.31 -26.23
C ILE L 224 29.72 36.33 -25.31
N THR L 225 29.22 36.20 -24.08
CA THR L 225 29.65 35.10 -23.21
C THR L 225 28.54 34.07 -23.07
N LEU L 226 28.93 32.81 -22.85
CA LEU L 226 27.95 31.77 -22.61
C LEU L 226 28.49 30.64 -21.77
N ALA L 227 27.65 30.14 -20.87
CA ALA L 227 27.96 28.94 -20.11
C ALA L 227 27.10 27.80 -20.62
N TYR L 228 27.68 26.61 -20.71
CA TYR L 228 26.92 25.45 -21.15
C TYR L 228 26.12 24.86 -20.01
N SER L 229 25.05 24.14 -20.36
CA SER L 229 24.12 23.60 -19.38
C SER L 229 23.43 22.35 -19.94
N TYR L 230 22.66 21.67 -19.09
CA TYR L 230 21.89 20.49 -19.52
C TYR L 230 20.58 20.30 -18.73
N ILE L 231 19.45 20.21 -19.43
CA ILE L 231 18.16 20.00 -18.75
C ILE L 231 17.79 18.51 -18.67
N GLY L 232 17.79 17.84 -19.82
CA GLY L 232 17.57 16.39 -19.85
C GLY L 232 16.12 15.95 -19.90
N PRO L 233 15.89 14.62 -19.79
CA PRO L 233 14.58 13.98 -19.85
C PRO L 233 13.78 14.08 -18.55
N GLU L 234 12.48 13.82 -18.65
CA GLU L 234 11.60 13.70 -17.48
C GLU L 234 12.03 12.55 -16.58
N ALA L 235 12.67 11.56 -17.19
CA ALA L 235 13.14 10.38 -16.48
C ALA L 235 14.13 10.73 -15.37
N THR L 236 14.94 11.75 -15.60
CA THR L 236 16.02 12.10 -14.67
C THR L 236 15.82 13.44 -13.94
N GLN L 237 14.64 14.04 -14.12
CA GLN L 237 14.32 15.36 -13.54
C GLN L 237 14.65 15.49 -12.05
N ALA L 238 14.50 14.39 -11.31
CA ALA L 238 14.77 14.36 -9.87
C ALA L 238 16.22 14.69 -9.55
N LEU L 239 17.11 14.48 -10.52
CA LEU L 239 18.52 14.86 -10.41
C LEU L 239 18.81 16.21 -11.08
N TYR L 240 18.30 16.39 -12.29
CA TYR L 240 18.68 17.55 -13.12
C TYR L 240 17.79 18.78 -13.02
N ARG L 241 16.71 18.73 -12.25
CA ARG L 241 15.87 19.91 -12.05
C ARG L 241 15.68 20.22 -10.57
N LYS L 242 15.13 19.26 -9.83
CA LYS L 242 14.84 19.44 -8.42
C LYS L 242 15.91 18.80 -7.54
N GLY L 243 17.07 18.52 -8.14
CA GLY L 243 18.19 17.91 -7.45
C GLY L 243 19.27 18.92 -7.10
N THR L 244 20.42 18.40 -6.66
CA THR L 244 21.55 19.24 -6.29
C THR L 244 22.23 19.88 -7.51
N ILE L 245 22.23 19.14 -8.62
CA ILE L 245 22.72 19.66 -9.90
C ILE L 245 21.70 20.66 -10.45
N GLY L 246 20.43 20.42 -10.15
CA GLY L 246 19.34 21.30 -10.55
C GLY L 246 19.46 22.69 -9.96
N LYS L 247 19.77 22.77 -8.67
CA LYS L 247 19.90 24.05 -7.96
C LYS L 247 21.15 24.83 -8.40
N ALA L 248 22.26 24.14 -8.60
CA ALA L 248 23.45 24.77 -9.15
C ALA L 248 23.14 25.39 -10.53
N LYS L 249 22.47 24.61 -11.37
CA LYS L 249 22.09 25.02 -12.72
C LYS L 249 21.20 26.27 -12.74
N GLU L 250 20.37 26.41 -11.71
CA GLU L 250 19.48 27.56 -11.58
C GLU L 250 20.22 28.82 -11.15
N HIS L 251 21.27 28.64 -10.36
CA HIS L 251 22.17 29.73 -9.98
C HIS L 251 22.93 30.22 -11.17
N LEU L 252 23.30 29.29 -12.06
CA LEU L 252 24.03 29.62 -13.28
C LEU L 252 23.22 30.54 -14.19
N GLU L 253 21.93 30.23 -14.38
CA GLU L 253 21.07 31.07 -15.23
C GLU L 253 20.65 32.36 -14.55
N ALA L 254 20.88 32.46 -13.25
CA ALA L 254 20.66 33.71 -12.52
C ALA L 254 21.84 34.65 -12.75
N THR L 255 23.05 34.13 -12.57
CA THR L 255 24.28 34.84 -12.92
C THR L 255 24.16 35.48 -14.31
N ALA L 256 23.61 34.73 -15.26
CA ALA L 256 23.40 35.20 -16.61
C ALA L 256 22.56 36.48 -16.63
N HIS L 257 21.46 36.49 -15.88
CA HIS L 257 20.62 37.68 -15.75
C HIS L 257 21.38 38.80 -15.10
N ARG L 258 22.16 38.45 -14.07
CA ARG L 258 22.97 39.42 -13.33
C ARG L 258 23.96 40.15 -14.25
N LEU L 259 24.58 39.40 -15.16
CA LEU L 259 25.62 39.93 -16.03
C LEU L 259 25.11 40.93 -17.08
N ASN L 260 24.04 40.56 -17.78
CA ASN L 260 23.35 41.46 -18.71
C ASN L 260 22.80 42.68 -17.98
N LYS L 261 22.45 42.48 -16.71
CA LYS L 261 21.90 43.52 -15.87
C LYS L 261 23.00 44.48 -15.43
N GLU L 262 23.96 43.97 -14.65
CA GLU L 262 25.01 44.79 -14.02
C GLU L 262 26.07 45.28 -15.01
N ASN L 263 25.84 45.04 -16.30
CA ASN L 263 26.80 45.41 -17.34
C ASN L 263 26.12 45.49 -18.71
N PRO L 264 25.76 46.72 -19.14
CA PRO L 264 24.99 46.96 -20.37
C PRO L 264 25.63 46.47 -21.67
N SER L 265 26.96 46.39 -21.70
CA SER L 265 27.71 46.19 -22.95
C SER L 265 27.99 44.74 -23.36
N ILE L 266 27.53 43.78 -22.56
CA ILE L 266 27.75 42.36 -22.87
C ILE L 266 26.45 41.63 -23.19
N ARG L 267 26.58 40.39 -23.65
CA ARG L 267 25.43 39.54 -23.94
C ARG L 267 25.68 38.12 -23.41
N ALA L 268 25.16 37.86 -22.22
CA ALA L 268 25.39 36.59 -21.52
C ALA L 268 24.22 35.61 -21.66
N PHE L 269 24.49 34.41 -22.15
CA PHE L 269 23.48 33.38 -22.28
C PHE L 269 23.94 32.08 -21.64
N VAL L 270 23.02 31.33 -21.07
CA VAL L 270 23.31 29.94 -20.73
C VAL L 270 22.84 29.12 -21.92
N SER L 271 23.71 28.27 -22.42
CA SER L 271 23.41 27.47 -23.60
C SER L 271 23.19 26.03 -23.18
N VAL L 272 21.92 25.62 -23.19
CA VAL L 272 21.55 24.25 -22.84
C VAL L 272 21.83 23.35 -24.04
N ASN L 273 22.84 22.50 -23.93
CA ASN L 273 23.20 21.60 -25.03
C ASN L 273 22.52 20.25 -24.87
N LYS L 274 22.77 19.34 -25.81
CA LYS L 274 22.25 17.98 -25.71
C LYS L 274 23.11 17.10 -24.79
N GLY L 275 22.62 15.92 -24.45
CA GLY L 275 23.33 15.03 -23.54
C GLY L 275 24.22 14.03 -24.25
N LEU L 276 25.47 13.95 -23.80
CA LEU L 276 26.44 13.01 -24.37
C LEU L 276 27.28 12.34 -23.28
N VAL L 277 28.00 11.28 -23.67
CA VAL L 277 28.80 10.47 -22.74
C VAL L 277 29.94 11.26 -22.11
N THR L 278 30.01 11.23 -20.77
CA THR L 278 31.09 11.86 -19.99
C THR L 278 31.62 10.93 -18.88
N ARG L 279 32.54 11.45 -18.07
CA ARG L 279 33.14 10.71 -16.95
C ARG L 279 32.10 10.35 -15.90
N ALA L 280 31.23 11.30 -15.57
CA ALA L 280 30.20 11.14 -14.54
C ALA L 280 29.13 10.10 -14.92
N SER L 281 28.91 9.93 -16.23
CA SER L 281 27.85 9.09 -16.80
C SER L 281 27.56 7.78 -16.06
N ALA L 282 28.60 6.97 -15.84
CA ALA L 282 28.45 5.66 -15.21
C ALA L 282 27.90 5.70 -13.78
N VAL L 283 28.48 6.56 -12.95
CA VAL L 283 28.11 6.64 -11.53
C VAL L 283 26.87 7.51 -11.26
N ILE L 284 25.90 7.38 -12.18
CA ILE L 284 24.61 8.06 -12.04
C ILE L 284 23.49 7.21 -12.68
N PRO L 285 22.36 7.08 -11.96
CA PRO L 285 21.17 6.32 -12.36
C PRO L 285 20.57 6.76 -13.70
N VAL L 286 20.45 5.75 -14.60
CA VAL L 286 19.65 5.87 -15.83
C VAL L 286 20.07 6.97 -16.80
N ILE L 287 21.37 7.30 -16.79
CA ILE L 287 21.92 8.15 -17.83
C ILE L 287 22.48 7.21 -18.91
N PRO L 288 23.26 6.16 -18.47
CA PRO L 288 23.96 5.33 -19.46
C PRO L 288 22.97 4.63 -20.38
N LEU L 289 21.79 4.34 -19.84
CA LEU L 289 20.72 3.68 -20.58
C LEU L 289 19.97 4.70 -21.44
N TYR L 290 19.46 5.78 -20.82
CA TYR L 290 18.88 6.88 -21.58
C TYR L 290 19.77 7.25 -22.76
N LEU L 291 21.07 7.47 -22.51
CA LEU L 291 22.02 7.78 -23.58
C LEU L 291 22.10 6.70 -24.67
N ALA L 292 22.36 5.45 -24.28
CA ALA L 292 22.38 4.34 -25.23
C ALA L 292 21.05 4.18 -25.97
N SER L 293 19.93 4.40 -25.25
CA SER L 293 18.61 4.43 -25.85
C SER L 293 18.46 5.61 -26.81
N LEU L 294 18.59 6.82 -26.28
CA LEU L 294 18.46 8.06 -27.06
C LEU L 294 19.24 7.98 -28.37
N PHE L 295 20.48 7.49 -28.29
CA PHE L 295 21.32 7.31 -29.48
C PHE L 295 20.60 6.50 -30.55
N LYS L 296 20.09 5.33 -30.18
CA LYS L 296 19.36 4.47 -31.12
C LYS L 296 18.24 5.24 -31.84
N VAL L 297 17.41 5.92 -31.05
CA VAL L 297 16.24 6.65 -31.57
C VAL L 297 16.65 7.79 -32.51
N MSE L 298 17.69 8.52 -32.14
CA MSE L 298 18.08 9.72 -32.88
C MSE L 298 18.87 9.41 -34.12
O MSE L 298 18.84 10.19 -35.07
CB MSE L 298 18.83 10.69 -31.97
CG MSE L 298 17.82 11.37 -31.02
SE MSE L 298 18.68 12.90 -30.11
CE MSE L 298 17.86 14.32 -31.22
N LYS L 299 19.58 8.28 -34.13
CA LYS L 299 20.23 7.81 -35.34
C LYS L 299 19.19 7.31 -36.35
N GLU L 300 18.08 6.82 -35.82
CA GLU L 300 16.99 6.30 -36.63
C GLU L 300 16.21 7.44 -37.28
N LYS L 301 15.95 8.50 -36.50
CA LYS L 301 15.24 9.68 -36.99
C LYS L 301 16.18 10.64 -37.72
N GLY L 302 17.47 10.34 -37.70
CA GLY L 302 18.49 11.17 -38.34
C GLY L 302 18.70 12.55 -37.75
N ASN L 303 18.62 12.64 -36.42
CA ASN L 303 18.93 13.90 -35.73
C ASN L 303 19.98 13.79 -34.63
N HIS L 304 20.77 12.72 -34.70
CA HIS L 304 21.89 12.51 -33.78
C HIS L 304 23.03 13.40 -34.15
N GLU L 305 23.75 13.87 -33.13
CA GLU L 305 24.92 14.74 -33.30
C GLU L 305 25.82 14.68 -32.05
N GLY L 306 27.13 14.52 -32.27
CA GLY L 306 28.12 14.58 -31.21
C GLY L 306 28.54 16.01 -30.91
N CYS L 307 29.73 16.17 -30.32
CA CYS L 307 30.21 17.48 -29.85
C CYS L 307 30.35 18.52 -30.95
N ILE L 308 31.15 18.20 -31.96
CA ILE L 308 31.48 19.16 -33.01
C ILE L 308 30.26 19.58 -33.83
N GLU L 309 29.35 18.64 -34.09
CA GLU L 309 28.12 18.92 -34.81
C GLU L 309 27.23 19.87 -34.02
N GLN L 310 27.08 19.60 -32.73
CA GLN L 310 26.27 20.44 -31.84
C GLN L 310 26.78 21.89 -31.86
N ILE L 311 28.08 22.05 -31.61
CA ILE L 311 28.68 23.37 -31.43
C ILE L 311 28.75 24.17 -32.73
N THR L 312 29.11 23.52 -33.82
CA THR L 312 29.04 24.14 -35.14
C THR L 312 27.66 24.71 -35.41
N ARG L 313 26.62 23.93 -35.13
CA ARG L 313 25.24 24.38 -35.25
C ARG L 313 24.97 25.59 -34.34
N LEU L 314 25.51 25.55 -33.12
CA LEU L 314 25.35 26.66 -32.18
C LEU L 314 25.91 27.96 -32.76
N TYR L 315 27.18 27.92 -33.15
CA TYR L 315 27.83 29.06 -33.80
C TYR L 315 27.06 29.56 -35.02
N ALA L 316 26.78 28.65 -35.95
CA ALA L 316 26.08 28.97 -37.20
C ALA L 316 24.66 29.49 -37.00
N GLU L 317 23.83 28.74 -36.27
CA GLU L 317 22.41 29.06 -36.20
C GLU L 317 21.91 29.64 -34.88
N ARG L 318 22.83 30.13 -34.04
CA ARG L 318 22.43 30.88 -32.85
C ARG L 318 23.22 32.18 -32.71
N LEU L 319 24.54 32.05 -32.62
CA LEU L 319 25.41 33.17 -32.25
C LEU L 319 25.72 34.09 -33.42
N TYR L 320 26.01 33.51 -34.57
CA TYR L 320 26.53 34.26 -35.70
C TYR L 320 25.68 34.04 -36.94
N ARG L 321 24.48 34.61 -36.90
CA ARG L 321 23.54 34.47 -37.99
C ARG L 321 23.32 35.78 -38.74
N LYS L 322 22.92 35.65 -39.99
CA LYS L 322 22.78 36.73 -40.95
C LYS L 322 21.89 37.89 -40.45
N ASP L 323 20.86 37.54 -39.68
CA ASP L 323 19.93 38.53 -39.12
C ASP L 323 20.45 39.14 -37.82
N GLY L 324 21.45 38.51 -37.22
CA GLY L 324 22.06 38.99 -35.97
C GLY L 324 21.22 38.73 -34.72
N THR L 325 20.22 37.88 -34.84
CA THR L 325 19.36 37.54 -33.70
C THR L 325 19.98 36.39 -32.92
N ILE L 326 19.61 36.28 -31.65
CA ILE L 326 19.99 35.14 -30.84
C ILE L 326 18.72 34.44 -30.35
N PRO L 327 18.38 33.29 -30.96
CA PRO L 327 17.17 32.53 -30.62
C PRO L 327 17.23 31.86 -29.24
N VAL L 328 16.81 32.61 -28.22
CA VAL L 328 16.69 32.06 -26.87
C VAL L 328 15.27 31.59 -26.61
N ASP L 329 15.04 31.00 -25.44
CA ASP L 329 13.71 30.53 -25.07
C ASP L 329 13.00 31.51 -24.12
N GLU L 330 11.95 31.01 -23.46
CA GLU L 330 11.10 31.76 -22.54
C GLU L 330 11.92 32.45 -21.45
N GLU L 331 12.78 31.68 -20.79
CA GLU L 331 13.64 32.17 -19.71
C GLU L 331 15.03 32.59 -20.23
N ASN L 332 15.06 33.19 -21.42
CA ASN L 332 16.27 33.72 -22.07
C ASN L 332 17.48 32.78 -22.12
N ARG L 333 17.22 31.54 -22.56
CA ARG L 333 18.27 30.53 -22.65
C ARG L 333 18.43 30.05 -24.10
N ILE L 334 19.67 29.98 -24.56
CA ILE L 334 20.00 29.35 -25.85
C ILE L 334 19.62 27.89 -25.76
N ARG L 335 18.96 27.37 -26.80
CA ARG L 335 18.51 25.97 -26.79
C ARG L 335 19.05 25.18 -27.97
N ILE L 336 19.91 24.22 -27.68
CA ILE L 336 20.53 23.36 -28.71
C ILE L 336 20.11 21.89 -28.51
N ASP L 337 19.40 21.62 -27.42
CA ASP L 337 18.83 20.30 -27.19
C ASP L 337 17.40 20.25 -27.72
N ASP L 338 17.03 21.25 -28.51
CA ASP L 338 15.70 21.36 -29.11
C ASP L 338 15.36 20.13 -29.96
N TRP L 339 16.38 19.43 -30.43
CA TRP L 339 16.19 18.18 -31.17
C TRP L 339 16.08 17.00 -30.24
N GLU L 340 16.89 17.01 -29.18
CA GLU L 340 16.84 15.98 -28.15
C GLU L 340 15.47 15.94 -27.46
N LEU L 341 14.94 17.12 -27.14
CA LEU L 341 13.69 17.20 -26.38
C LEU L 341 12.41 17.26 -27.21
N GLU L 342 12.52 17.15 -28.53
CA GLU L 342 11.32 17.15 -29.39
C GLU L 342 10.44 15.93 -29.09
N GLU L 343 9.13 16.19 -28.94
CA GLU L 343 8.20 15.26 -28.28
C GLU L 343 8.20 13.80 -28.77
N ASP L 344 8.38 13.57 -30.07
CA ASP L 344 8.38 12.21 -30.62
C ASP L 344 9.68 11.45 -30.34
N VAL L 345 10.77 12.19 -30.10
CA VAL L 345 12.03 11.59 -29.67
C VAL L 345 11.89 11.14 -28.22
N GLN L 346 11.34 12.02 -27.38
CA GLN L 346 11.15 11.71 -25.96
C GLN L 346 10.08 10.66 -25.69
N LYS L 347 9.14 10.47 -26.63
CA LYS L 347 8.16 9.39 -26.52
C LYS L 347 8.84 8.07 -26.83
N ALA L 348 9.62 8.04 -27.91
CA ALA L 348 10.28 6.82 -28.39
C ALA L 348 11.31 6.25 -27.42
N VAL L 349 12.03 7.14 -26.72
CA VAL L 349 13.06 6.73 -25.76
C VAL L 349 12.42 6.19 -24.48
N SER L 350 11.35 6.84 -24.02
CA SER L 350 10.58 6.38 -22.86
C SER L 350 10.05 4.96 -23.07
N ALA L 351 9.57 4.70 -24.28
CA ALA L 351 9.06 3.37 -24.66
C ALA L 351 10.16 2.31 -24.75
N LEU L 352 11.31 2.69 -25.29
CA LEU L 352 12.40 1.76 -25.56
C LEU L 352 13.13 1.28 -24.30
N MSE L 353 13.09 2.12 -23.26
CA MSE L 353 13.78 1.81 -22.00
C MSE L 353 13.00 0.80 -21.21
O MSE L 353 13.56 -0.20 -20.76
CB MSE L 353 13.89 3.09 -21.17
CG MSE L 353 15.09 3.93 -21.58
SE MSE L 353 14.98 5.66 -20.62
CE MSE L 353 14.71 4.95 -18.71
N GLU L 354 11.70 1.07 -21.03
CA GLU L 354 10.82 0.20 -20.27
C GLU L 354 10.78 -1.24 -20.84
N LYS L 355 11.32 -1.43 -22.05
CA LYS L 355 11.36 -2.76 -22.68
C LYS L 355 12.77 -3.30 -22.97
N VAL L 356 13.77 -2.82 -22.23
CA VAL L 356 15.15 -3.30 -22.41
C VAL L 356 15.68 -4.08 -21.19
N THR L 357 16.13 -5.30 -21.45
CA THR L 357 16.60 -6.21 -20.40
C THR L 357 18.06 -6.65 -20.59
N GLY L 358 18.47 -7.66 -19.84
CA GLY L 358 19.86 -8.12 -19.78
C GLY L 358 20.58 -8.39 -21.08
N GLU L 359 19.97 -9.18 -21.96
CA GLU L 359 20.64 -9.63 -23.20
C GLU L 359 19.95 -9.20 -24.49
N ASN L 360 19.05 -8.23 -24.40
CA ASN L 360 18.48 -7.58 -25.59
C ASN L 360 19.04 -6.17 -25.78
N ALA L 361 19.86 -5.74 -24.81
CA ALA L 361 20.44 -4.39 -24.80
C ALA L 361 21.33 -4.12 -26.01
N GLU L 362 22.24 -5.04 -26.31
CA GLU L 362 23.09 -4.94 -27.50
C GLU L 362 22.28 -4.89 -28.79
N SER L 363 21.05 -5.43 -28.72
CA SER L 363 20.24 -5.68 -29.89
C SER L 363 19.26 -4.55 -30.25
N LEU L 364 18.65 -3.95 -29.23
CA LEU L 364 17.64 -2.91 -29.48
C LEU L 364 17.98 -1.53 -28.91
N THR L 365 19.15 -1.43 -28.28
CA THR L 365 19.72 -0.13 -27.90
C THR L 365 21.14 0.00 -28.44
N ASP L 366 21.59 1.25 -28.59
CA ASP L 366 22.89 1.53 -29.17
C ASP L 366 24.03 1.47 -28.14
N LEU L 367 24.48 0.25 -27.85
CA LEU L 367 25.60 0.04 -26.93
C LEU L 367 26.95 0.17 -27.64
N ALA L 368 27.01 -0.27 -28.89
CA ALA L 368 28.23 -0.16 -29.70
C ALA L 368 28.57 1.30 -29.97
N GLY L 369 27.52 2.12 -30.12
CA GLY L 369 27.67 3.55 -30.30
C GLY L 369 28.03 4.27 -29.01
N TYR L 370 27.62 3.71 -27.87
CA TYR L 370 28.01 4.25 -26.57
C TYR L 370 29.47 3.92 -26.29
N ARG L 371 29.86 2.67 -26.55
CA ARG L 371 31.25 2.23 -26.37
C ARG L 371 32.22 3.14 -27.14
N HIS L 372 31.87 3.46 -28.37
CA HIS L 372 32.66 4.33 -29.22
C HIS L 372 32.83 5.68 -28.57
N ASP L 373 31.74 6.43 -28.45
CA ASP L 373 31.74 7.75 -27.80
C ASP L 373 32.46 7.80 -26.44
N PHE L 374 32.42 6.68 -25.73
CA PHE L 374 33.17 6.52 -24.49
C PHE L 374 34.67 6.46 -24.76
N LEU L 375 35.08 5.46 -25.55
CA LEU L 375 36.49 5.21 -25.82
C LEU L 375 37.16 6.30 -26.65
N ALA L 376 36.39 6.91 -27.55
CA ALA L 376 36.91 7.93 -28.46
C ALA L 376 37.31 9.22 -27.76
N SER L 377 36.77 9.45 -26.55
CA SER L 377 37.13 10.65 -25.77
C SER L 377 38.56 10.56 -25.28
N ASN L 378 39.02 9.35 -24.98
CA ASN L 378 40.39 9.11 -24.53
C ASN L 378 41.37 8.73 -25.65
N GLY L 379 40.85 8.58 -26.86
CA GLY L 379 41.67 8.28 -28.03
C GLY L 379 41.61 6.84 -28.50
N PHE L 380 40.64 6.08 -28.00
CA PHE L 380 40.49 4.68 -28.40
C PHE L 380 39.35 4.46 -29.39
N ASP L 381 39.45 3.38 -30.18
CA ASP L 381 38.42 2.99 -31.16
C ASP L 381 38.14 4.05 -32.26
N VAL L 382 39.11 4.91 -32.51
CA VAL L 382 38.99 5.91 -33.58
C VAL L 382 39.40 5.26 -34.91
N GLU L 383 38.58 5.47 -35.93
CA GLU L 383 38.82 4.91 -37.26
C GLU L 383 40.12 5.44 -37.86
N GLY L 384 40.87 4.55 -38.52
CA GLY L 384 42.15 4.89 -39.16
C GLY L 384 43.37 4.49 -38.35
N ILE L 385 43.25 4.60 -37.03
CA ILE L 385 44.36 4.36 -36.10
C ILE L 385 44.59 2.86 -35.87
N ASN L 386 45.81 2.41 -36.12
CA ASN L 386 46.20 1.02 -35.84
C ASN L 386 46.64 0.86 -34.38
N TYR L 387 45.82 0.16 -33.60
CA TYR L 387 46.01 0.08 -32.15
C TYR L 387 47.03 -0.98 -31.69
N GLU L 388 47.55 -1.77 -32.63
CA GLU L 388 48.58 -2.76 -32.34
C GLU L 388 50.00 -2.25 -32.61
N ALA L 389 50.11 -1.15 -33.34
CA ALA L 389 51.39 -0.53 -33.68
C ALA L 389 52.12 0.01 -32.44
N GLU L 390 53.45 0.11 -32.54
CA GLU L 390 54.29 0.49 -31.40
C GLU L 390 54.16 1.97 -31.06
N VAL L 391 54.08 2.28 -29.76
CA VAL L 391 54.02 3.65 -29.26
C VAL L 391 55.26 3.94 -28.41
N GLU L 392 56.17 4.73 -29.00
CA GLU L 392 57.50 5.00 -28.43
C GLU L 392 57.47 5.56 -27.00
N ARG L 393 56.86 6.73 -26.85
CA ARG L 393 56.84 7.47 -25.59
C ARG L 393 55.40 7.84 -25.25
N PHE L 394 55.23 8.83 -24.37
CA PHE L 394 53.89 9.30 -24.00
C PHE L 394 53.79 10.82 -23.86
N ASP L 395 54.89 11.53 -24.12
CA ASP L 395 54.94 12.97 -23.91
C ASP L 395 55.02 13.80 -25.19
N ARG L 396 54.63 13.19 -26.31
CA ARG L 396 54.50 13.90 -27.58
C ARG L 396 53.61 13.14 -28.55
N ILE L 397 52.76 13.89 -29.24
CA ILE L 397 52.01 13.36 -30.38
C ILE L 397 52.90 13.52 -31.60
N LEU L 398 52.90 12.50 -32.47
CA LEU L 398 53.71 12.56 -33.68
C LEU L 398 52.97 12.09 -34.93
N GLU L 399 53.74 11.67 -35.94
CA GLU L 399 53.22 11.44 -37.29
C GLU L 399 52.20 10.32 -37.44
N HIS L 400 51.41 10.43 -38.51
CA HIS L 400 50.42 9.41 -38.83
C HIS L 400 50.98 8.47 -39.87
N HIS L 401 50.90 7.16 -39.56
CA HIS L 401 51.32 6.08 -40.46
C HIS L 401 52.79 6.16 -40.82
N MSE M 1 73.36 20.42 -15.75
CA MSE M 1 72.51 21.56 -16.18
C MSE M 1 72.99 22.85 -15.57
O MSE M 1 73.39 22.89 -14.40
CB MSE M 1 71.04 21.31 -15.85
CG MSE M 1 70.77 21.07 -14.36
SE MSE M 1 68.84 20.79 -14.07
CE MSE M 1 68.21 22.62 -14.40
N ILE M 2 72.96 23.92 -16.36
CA ILE M 2 73.36 25.25 -15.90
C ILE M 2 72.14 25.94 -15.32
N VAL M 3 72.25 26.36 -14.06
CA VAL M 3 71.17 27.06 -13.38
C VAL M 3 71.49 28.55 -13.32
N LYS M 4 70.68 29.33 -14.05
CA LYS M 4 70.84 30.77 -14.11
C LYS M 4 69.51 31.45 -13.76
N PRO M 5 69.56 32.71 -13.26
CA PRO M 5 68.36 33.36 -12.75
C PRO M 5 67.23 33.38 -13.77
N MSE M 6 66.01 33.17 -13.32
CA MSE M 6 64.86 33.12 -14.21
C MSE M 6 63.86 34.11 -13.70
O MSE M 6 62.83 33.74 -13.11
CB MSE M 6 64.28 31.71 -14.19
CG MSE M 6 63.96 31.21 -15.64
SE MSE M 6 62.76 29.64 -15.47
CE MSE M 6 64.14 28.27 -15.07
N VAL M 7 64.17 35.39 -13.89
CA VAL M 7 63.32 36.49 -13.42
C VAL M 7 62.24 36.83 -14.44
N ARG M 8 60.99 36.58 -14.07
CA ARG M 8 59.85 36.89 -14.93
C ARG M 8 58.75 37.48 -14.06
N ASN M 9 58.16 38.59 -14.54
CA ASN M 9 57.07 39.28 -13.83
C ASN M 9 57.58 39.95 -12.56
N ASN M 10 58.86 40.34 -12.58
CA ASN M 10 59.56 40.96 -11.43
C ASN M 10 59.70 40.07 -10.19
N ILE M 11 59.51 38.76 -10.37
CA ILE M 11 59.68 37.76 -9.33
C ILE M 11 60.69 36.73 -9.83
N CYS M 12 61.53 36.21 -8.93
CA CYS M 12 62.50 35.18 -9.27
C CYS M 12 61.97 33.78 -8.96
N LEU M 13 61.78 32.98 -10.01
CA LEU M 13 61.17 31.66 -9.89
C LEU M 13 62.11 30.63 -9.27
N ASN M 14 63.21 30.34 -9.98
CA ASN M 14 64.14 29.29 -9.53
C ASN M 14 65.11 29.76 -8.44
N ALA M 15 65.76 28.79 -7.80
CA ALA M 15 66.80 29.07 -6.82
C ALA M 15 68.07 28.30 -7.17
N HIS M 16 69.17 28.67 -6.54
CA HIS M 16 70.46 28.02 -6.80
C HIS M 16 71.01 27.43 -5.53
N PRO M 17 70.88 26.10 -5.38
CA PRO M 17 71.26 25.32 -4.19
C PRO M 17 72.62 25.71 -3.60
N GLN M 18 73.66 25.68 -4.43
CA GLN M 18 75.02 25.95 -3.96
C GLN M 18 75.21 27.40 -3.51
N GLY M 19 74.64 28.32 -4.29
CA GLY M 19 74.72 29.75 -4.01
C GLY M 19 73.99 30.12 -2.73
N CYS M 20 72.88 29.42 -2.48
CA CYS M 20 72.13 29.55 -1.23
C CYS M 20 72.97 29.13 -0.03
N LYS M 21 73.67 28.00 -0.17
CA LYS M 21 74.59 27.49 0.85
C LYS M 21 75.70 28.48 1.15
N LYS M 22 76.26 29.07 0.08
CA LYS M 22 77.28 30.09 0.20
C LYS M 22 76.74 31.32 0.95
N GLY M 23 75.49 31.66 0.67
CA GLY M 23 74.80 32.77 1.34
C GLY M 23 74.73 32.60 2.84
N VAL M 24 74.39 31.39 3.27
CA VAL M 24 74.24 31.09 4.69
C VAL M 24 75.60 31.03 5.37
N GLU M 25 76.59 30.43 4.71
CA GLU M 25 77.92 30.30 5.29
C GLU M 25 78.68 31.63 5.29
N ASP M 26 78.37 32.48 4.33
CA ASP M 26 78.90 33.85 4.33
C ASP M 26 78.28 34.70 5.43
N GLN M 27 76.99 34.46 5.70
CA GLN M 27 76.32 35.08 6.85
C GLN M 27 76.93 34.60 8.17
N ILE M 28 77.38 33.35 8.18
CA ILE M 28 77.95 32.74 9.38
C ILE M 28 79.33 33.30 9.70
N GLU M 29 80.18 33.44 8.67
CA GLU M 29 81.52 34.01 8.84
C GLU M 29 81.48 35.43 9.41
N TYR M 30 80.50 36.21 8.95
CA TYR M 30 80.30 37.55 9.48
C TYR M 30 79.95 37.51 10.95
N THR M 31 79.04 36.60 11.32
CA THR M 31 78.57 36.52 12.70
C THR M 31 79.72 36.24 13.68
N LYS M 32 80.51 35.22 13.38
CA LYS M 32 81.70 34.85 14.16
C LYS M 32 82.69 36.01 14.26
N LYS M 33 82.72 36.82 13.20
CA LYS M 33 83.55 38.01 13.15
C LYS M 33 82.94 39.11 14.01
N ARG M 34 81.62 39.22 13.97
CA ARG M 34 80.89 40.34 14.60
C ARG M 34 80.65 40.16 16.10
N ILE M 35 80.33 38.94 16.52
CA ILE M 35 80.12 38.66 17.96
C ILE M 35 81.36 37.97 18.56
N THR M 36 82.38 38.78 18.84
CA THR M 36 83.60 38.30 19.48
C THR M 36 83.29 37.96 20.93
N ALA M 37 84.25 37.34 21.62
CA ALA M 37 84.13 37.08 23.06
C ALA M 37 83.94 38.38 23.84
N GLU M 38 84.71 39.41 23.51
CA GLU M 38 84.67 40.70 24.21
C GLU M 38 83.32 41.41 24.05
N VAL M 39 82.72 41.25 22.87
CA VAL M 39 81.39 41.81 22.61
C VAL M 39 80.37 41.05 23.46
N LYS M 40 80.55 39.73 23.52
CA LYS M 40 79.61 38.82 24.15
C LYS M 40 79.78 38.74 25.68
N ALA M 41 80.99 39.05 26.16
CA ALA M 41 81.34 38.88 27.58
C ALA M 41 80.85 40.00 28.51
N GLY M 42 80.32 39.62 29.66
CA GLY M 42 79.84 40.58 30.64
C GLY M 42 78.37 40.91 30.46
N ALA M 43 77.74 40.23 29.51
CA ALA M 43 76.31 40.38 29.25
C ALA M 43 75.65 39.01 29.16
N LYS M 44 74.33 38.97 29.31
CA LYS M 44 73.60 37.70 29.26
C LYS M 44 73.63 37.09 27.86
N ALA M 45 72.99 35.95 27.70
CA ALA M 45 72.99 35.25 26.42
C ALA M 45 71.75 34.39 26.27
N PRO M 46 71.27 34.21 25.02
CA PRO M 46 70.19 33.26 24.82
C PRO M 46 70.74 31.84 24.73
N LYS M 47 70.08 30.90 25.36
CA LYS M 47 70.56 29.52 25.41
C LYS M 47 69.70 28.59 24.55
N ASN M 48 68.39 28.80 24.61
CA ASN M 48 67.44 28.05 23.81
C ASN M 48 66.47 29.02 23.15
N VAL M 49 66.44 29.00 21.82
CA VAL M 49 65.69 30.01 21.06
C VAL M 49 64.80 29.42 19.95
N LEU M 50 63.56 29.89 19.91
CA LEU M 50 62.62 29.54 18.87
C LEU M 50 62.55 30.65 17.81
N VAL M 51 62.74 30.27 16.54
CA VAL M 51 62.60 31.21 15.43
C VAL M 51 61.41 30.84 14.54
N LEU M 52 60.49 31.78 14.39
CA LEU M 52 59.31 31.56 13.54
C LEU M 52 59.49 32.31 12.22
N GLY M 53 59.42 31.58 11.11
CA GLY M 53 59.71 32.12 9.79
C GLY M 53 61.21 32.21 9.55
N CYS M 54 61.90 31.10 9.75
CA CYS M 54 63.35 31.05 9.84
C CYS M 54 64.08 30.81 8.53
N SER M 55 63.34 30.68 7.43
CA SER M 55 63.94 30.25 6.17
C SER M 55 64.86 31.30 5.53
N ASN M 56 64.56 32.57 5.76
CA ASN M 56 65.31 33.64 5.09
C ASN M 56 65.13 35.02 5.73
N GLY M 57 65.80 36.02 5.16
CA GLY M 57 65.70 37.40 5.61
C GLY M 57 66.04 37.55 7.07
N TYR M 58 65.17 38.23 7.81
CA TYR M 58 65.39 38.52 9.22
C TYR M 58 65.24 37.31 10.13
N GLY M 59 64.41 36.36 9.73
CA GLY M 59 64.26 35.10 10.47
C GLY M 59 65.53 34.29 10.49
N LEU M 60 66.04 34.00 9.30
CA LEU M 60 67.27 33.22 9.11
C LEU M 60 68.46 33.88 9.79
N ALA M 61 68.53 35.21 9.70
CA ALA M 61 69.60 35.95 10.36
C ALA M 61 69.42 35.88 11.88
N SER M 62 68.16 35.92 12.33
CA SER M 62 67.85 35.78 13.76
C SER M 62 68.32 34.44 14.29
N ARG M 63 68.20 33.42 13.45
CA ARG M 63 68.63 32.08 13.80
C ARG M 63 70.15 31.90 13.69
N ILE M 64 70.76 32.40 12.62
CA ILE M 64 72.21 32.33 12.44
C ILE M 64 73.00 32.98 13.58
N THR M 65 72.65 34.22 13.95
CA THR M 65 73.41 34.92 14.98
C THR M 65 73.29 34.22 16.33
N ALA M 66 72.07 33.79 16.65
CA ALA M 66 71.81 33.10 17.91
C ALA M 66 72.62 31.80 18.03
N ALA M 67 72.72 31.07 16.92
CA ALA M 67 73.39 29.77 16.89
C ALA M 67 74.92 29.85 16.84
N PHE M 68 75.45 30.81 16.08
CA PHE M 68 76.89 30.89 15.82
C PHE M 68 77.57 32.03 16.56
N GLY M 69 76.79 33.00 17.01
CA GLY M 69 77.30 34.13 17.79
C GLY M 69 77.24 33.85 19.27
N TYR M 70 76.09 33.35 19.71
CA TYR M 70 75.89 33.04 21.12
C TYR M 70 75.89 31.53 21.38
N GLY M 71 75.97 30.74 20.30
CA GLY M 71 76.05 29.30 20.40
C GLY M 71 74.88 28.69 21.13
N ALA M 72 73.66 29.03 20.70
CA ALA M 72 72.46 28.56 21.37
C ALA M 72 71.77 27.44 20.58
N ALA M 73 70.92 26.67 21.27
CA ALA M 73 70.09 25.67 20.62
C ALA M 73 68.91 26.38 19.98
N THR M 74 68.52 25.92 18.80
CA THR M 74 67.57 26.65 17.96
C THR M 74 66.49 25.79 17.33
N ILE M 75 65.24 26.10 17.65
CA ILE M 75 64.11 25.49 16.95
C ILE M 75 63.54 26.50 15.96
N GLY M 76 63.60 26.15 14.68
CA GLY M 76 63.09 27.00 13.62
C GLY M 76 61.84 26.43 12.98
N VAL M 77 60.99 27.31 12.45
CA VAL M 77 59.74 26.90 11.81
C VAL M 77 59.54 27.71 10.54
N SER M 78 59.35 27.02 9.41
CA SER M 78 59.09 27.67 8.12
C SER M 78 58.25 26.80 7.16
N PHE M 79 57.60 27.46 6.19
CA PHE M 79 56.85 26.75 5.15
C PHE M 79 57.60 26.72 3.83
N GLU M 80 58.10 25.54 3.46
CA GLU M 80 58.99 25.38 2.31
C GLU M 80 58.57 24.26 1.35
N LYS M 81 58.75 24.52 0.05
CA LYS M 81 58.53 23.50 -0.97
C LYS M 81 59.86 22.81 -1.29
N ALA M 82 59.92 21.50 -1.02
CA ALA M 82 61.17 20.72 -1.17
C ALA M 82 61.46 20.34 -2.62
N GLY M 83 62.75 20.24 -2.95
CA GLY M 83 63.18 19.96 -4.33
C GLY M 83 63.42 18.50 -4.68
N SER M 84 63.20 18.18 -5.95
CA SER M 84 63.54 16.88 -6.53
C SER M 84 64.88 17.02 -7.22
N GLU M 85 65.43 15.93 -7.74
CA GLU M 85 66.70 15.98 -8.48
C GLU M 85 66.55 16.84 -9.75
N THR M 86 65.29 17.08 -10.12
CA THR M 86 64.95 17.82 -11.35
C THR M 86 64.30 19.21 -11.07
N LYS M 87 63.18 19.16 -10.33
CA LYS M 87 62.47 20.36 -9.91
C LYS M 87 63.24 21.04 -8.78
N TYR M 88 63.46 22.35 -8.94
CA TYR M 88 64.11 23.14 -7.89
C TYR M 88 63.15 23.39 -6.73
N GLY M 89 63.71 23.58 -5.54
CA GLY M 89 62.92 23.95 -4.38
C GLY M 89 62.89 25.45 -4.15
N THR M 90 62.16 25.87 -3.13
CA THR M 90 62.17 27.27 -2.70
C THR M 90 63.54 27.59 -2.09
N PRO M 91 64.01 28.84 -2.25
CA PRO M 91 65.33 29.21 -1.71
C PRO M 91 65.47 28.86 -0.23
N GLY M 92 64.38 29.00 0.53
CA GLY M 92 64.36 28.65 1.95
C GLY M 92 64.68 27.19 2.25
N TRP M 93 64.19 26.28 1.41
CA TRP M 93 64.49 24.85 1.56
C TRP M 93 65.98 24.62 1.64
N TYR M 94 66.70 25.21 0.69
CA TYR M 94 68.15 25.08 0.64
C TYR M 94 68.84 25.84 1.78
N ASN M 95 68.24 26.95 2.20
CA ASN M 95 68.76 27.74 3.31
C ASN M 95 68.79 26.94 4.61
N ASN M 96 67.70 26.21 4.87
CA ASN M 96 67.59 25.36 6.04
C ASN M 96 68.52 24.15 6.01
N LEU M 97 68.67 23.55 4.84
CA LEU M 97 69.62 22.47 4.64
C LEU M 97 71.03 22.93 4.99
N ALA M 98 71.42 24.08 4.43
CA ALA M 98 72.73 24.68 4.68
C ALA M 98 72.98 24.93 6.17
N PHE M 99 71.98 25.49 6.84
CA PHE M 99 72.08 25.83 8.26
C PHE M 99 72.36 24.59 9.14
N ASP M 100 71.48 23.60 9.06
CA ASP M 100 71.60 22.35 9.83
C ASP M 100 72.95 21.67 9.64
N GLU M 101 73.42 21.65 8.39
CA GLU M 101 74.73 21.13 8.04
C GLU M 101 75.87 21.78 8.84
N ALA M 102 75.82 23.10 8.98
CA ALA M 102 76.83 23.81 9.76
C ALA M 102 76.61 23.62 11.26
N ALA M 103 75.36 23.43 11.66
CA ALA M 103 75.03 23.17 13.05
C ALA M 103 75.47 21.78 13.49
N LYS M 104 75.44 20.81 12.56
CA LYS M 104 76.00 19.49 12.81
C LYS M 104 77.52 19.57 12.95
N ARG M 105 78.15 20.42 12.13
CA ARG M 105 79.61 20.60 12.19
C ARG M 105 80.07 21.15 13.52
N GLU M 106 79.35 22.13 14.05
CA GLU M 106 79.76 22.78 15.29
C GLU M 106 79.13 22.13 16.52
N GLY M 107 78.38 21.05 16.30
CA GLY M 107 77.76 20.30 17.38
C GLY M 107 76.75 21.10 18.18
N LEU M 108 76.04 21.99 17.49
CA LEU M 108 74.93 22.75 18.06
C LEU M 108 73.63 22.01 17.78
N TYR M 109 72.77 21.89 18.78
CA TYR M 109 71.46 21.33 18.55
C TYR M 109 70.66 22.26 17.65
N SER M 110 70.14 21.72 16.54
CA SER M 110 69.31 22.50 15.63
C SER M 110 68.31 21.61 14.92
N VAL M 111 67.04 21.77 15.26
CA VAL M 111 65.97 21.09 14.54
C VAL M 111 64.98 22.11 13.97
N THR M 112 64.62 21.90 12.72
CA THR M 112 63.72 22.78 11.99
C THR M 112 62.41 22.05 11.74
N ILE M 113 61.29 22.72 11.97
CA ILE M 113 59.97 22.15 11.69
C ILE M 113 59.44 22.75 10.40
N ASP M 114 59.27 21.91 9.38
CA ASP M 114 58.75 22.38 8.11
C ASP M 114 57.23 22.36 8.11
N GLY M 115 56.62 23.54 8.03
CA GLY M 115 55.16 23.64 7.95
C GLY M 115 54.54 25.02 8.11
N ASP M 116 53.21 25.04 8.03
CA ASP M 116 52.40 26.25 8.22
C ASP M 116 52.39 26.67 9.69
N ALA M 117 53.17 27.69 10.03
CA ALA M 117 53.32 28.16 11.41
C ALA M 117 52.05 28.81 12.00
N PHE M 118 50.97 28.83 11.22
CA PHE M 118 49.69 29.35 11.72
C PHE M 118 48.82 28.23 12.31
N SER M 119 49.10 26.99 11.92
CA SER M 119 48.33 25.84 12.37
C SER M 119 48.68 25.40 13.79
N ASP M 120 47.72 24.77 14.48
CA ASP M 120 47.92 24.23 15.81
C ASP M 120 48.76 22.95 15.81
N GLU M 121 48.77 22.25 14.68
CA GLU M 121 49.48 20.99 14.54
C GLU M 121 50.99 21.20 14.53
N ILE M 122 51.43 22.28 13.90
CA ILE M 122 52.83 22.68 13.90
C ILE M 122 53.23 23.17 15.31
N LYS M 123 52.36 23.95 15.92
CA LYS M 123 52.54 24.39 17.30
C LYS M 123 52.70 23.20 18.24
N ALA M 124 52.01 22.10 17.95
CA ALA M 124 52.14 20.86 18.71
C ALA M 124 53.50 20.20 18.50
N GLN M 125 53.89 20.03 17.23
CA GLN M 125 55.17 19.42 16.85
C GLN M 125 56.40 20.01 17.53
N VAL M 126 56.36 21.32 17.79
CA VAL M 126 57.45 22.01 18.51
C VAL M 126 57.29 21.83 20.02
N ILE M 127 56.08 21.97 20.54
CA ILE M 127 55.83 21.78 21.97
C ILE M 127 56.30 20.40 22.44
N GLU M 128 55.92 19.36 21.72
CA GLU M 128 56.38 18.01 22.07
C GLU M 128 57.90 17.87 21.85
N GLU M 129 58.40 18.53 20.80
CA GLU M 129 59.82 18.50 20.45
C GLU M 129 60.67 19.23 21.49
N ALA M 130 60.15 20.32 22.04
CA ALA M 130 60.84 21.06 23.11
C ALA M 130 60.79 20.29 24.41
N LYS M 131 59.65 19.65 24.67
CA LYS M 131 59.48 18.79 25.83
C LYS M 131 60.39 17.57 25.77
N LYS M 132 60.52 17.00 24.58
CA LYS M 132 61.34 15.81 24.36
C LYS M 132 62.82 16.11 24.62
N LYS M 133 63.26 17.31 24.25
CA LYS M 133 64.66 17.70 24.42
C LYS M 133 64.92 18.41 25.75
N GLY M 134 63.84 18.79 26.43
CA GLY M 134 63.94 19.32 27.79
C GLY M 134 63.85 20.84 27.88
N ILE M 135 65.01 21.49 27.89
CA ILE M 135 65.12 22.92 28.21
C ILE M 135 64.17 23.80 27.39
N LYS M 136 63.61 24.81 28.06
CA LYS M 136 62.59 25.70 27.49
C LYS M 136 63.18 27.02 26.95
N PHE M 137 62.31 27.84 26.37
CA PHE M 137 62.73 29.03 25.61
C PHE M 137 62.93 30.30 26.44
N ASP M 138 63.90 31.10 26.00
CA ASP M 138 64.18 32.42 26.57
C ASP M 138 64.20 33.50 25.49
N LEU M 139 64.10 33.08 24.23
CA LEU M 139 64.00 34.00 23.09
C LEU M 139 63.04 33.48 21.99
N ILE M 140 61.92 34.18 21.83
CA ILE M 140 60.94 33.86 20.80
C ILE M 140 61.00 34.95 19.73
N VAL M 141 61.44 34.57 18.53
CA VAL M 141 61.54 35.50 17.42
C VAL M 141 60.38 35.31 16.43
N TYR M 142 59.40 36.22 16.48
CA TYR M 142 58.31 36.19 15.52
C TYR M 142 58.68 36.99 14.26
N SER M 143 59.05 36.26 13.20
CA SER M 143 59.48 36.88 11.96
C SER M 143 58.76 36.28 10.76
N LEU M 144 57.45 36.51 10.69
CA LEU M 144 56.63 35.99 9.60
C LEU M 144 56.09 37.08 8.67
N ALA M 145 56.36 36.94 7.38
CA ALA M 145 55.87 37.84 6.35
C ALA M 145 55.11 37.06 5.28
N SER M 146 53.93 36.56 5.66
CA SER M 146 53.12 35.74 4.76
C SER M 146 52.03 36.56 4.06
N PRO M 147 51.76 36.25 2.79
CA PRO M 147 50.62 36.88 2.10
C PRO M 147 49.26 36.39 2.63
N VAL M 148 49.25 35.17 3.17
CA VAL M 148 47.99 34.48 3.48
C VAL M 148 48.07 33.69 4.80
N ARG M 149 47.02 33.81 5.62
CA ARG M 149 46.92 33.05 6.87
C ARG M 149 45.59 32.27 6.96
N THR M 150 45.70 30.96 7.09
CA THR M 150 44.53 30.12 7.34
C THR M 150 44.24 30.16 8.84
N ASP M 151 43.15 30.84 9.20
CA ASP M 151 42.71 30.97 10.59
C ASP M 151 42.42 29.58 11.17
N PRO M 152 43.06 29.23 12.31
CA PRO M 152 42.94 27.87 12.84
C PRO M 152 41.65 27.62 13.63
N ASP M 153 40.94 28.70 13.99
CA ASP M 153 39.67 28.59 14.73
C ASP M 153 38.52 28.31 13.77
N THR M 154 38.19 29.31 12.95
CA THR M 154 37.07 29.26 12.01
C THR M 154 37.34 28.38 10.79
N GLY M 155 38.58 28.40 10.31
CA GLY M 155 38.99 27.59 9.15
C GLY M 155 39.15 28.39 7.87
N ILE M 156 38.85 29.69 7.93
CA ILE M 156 38.88 30.59 6.76
C ILE M 156 40.31 30.98 6.35
N MSE M 157 40.47 31.34 5.08
CA MSE M 157 41.73 31.86 4.55
C MSE M 157 41.60 33.36 4.41
O MSE M 157 40.63 33.85 3.82
CB MSE M 157 42.00 31.22 3.18
CG MSE M 157 43.38 30.55 3.09
SE MSE M 157 43.98 30.62 1.21
CE MSE M 157 44.62 28.70 1.03
N HIS M 158 42.57 34.08 4.96
CA HIS M 158 42.59 35.54 4.89
C HIS M 158 43.72 36.03 4.04
N LYS M 159 43.44 36.99 3.18
CA LYS M 159 44.42 37.52 2.23
C LYS M 159 44.82 38.94 2.61
N SER M 160 46.14 39.17 2.74
CA SER M 160 46.68 40.49 3.08
C SER M 160 46.98 41.27 1.82
N VAL M 161 46.77 42.59 1.89
CA VAL M 161 47.01 43.47 0.73
C VAL M 161 47.73 44.77 1.14
N LEU M 162 48.26 45.46 0.14
CA LEU M 162 49.06 46.68 0.36
C LEU M 162 48.41 47.88 -0.32
N LYS M 163 47.52 48.55 0.42
CA LYS M 163 46.70 49.61 -0.13
C LYS M 163 46.62 50.77 0.85
N PRO M 164 46.33 52.01 0.35
CA PRO M 164 46.07 53.14 1.25
C PRO M 164 44.62 53.10 1.73
N PHE M 165 44.13 54.22 2.28
CA PHE M 165 42.75 54.19 2.84
C PHE M 165 41.69 55.09 2.21
N GLY M 166 42.01 56.40 2.08
CA GLY M 166 41.07 57.32 1.44
C GLY M 166 41.25 57.33 -0.07
N LYS M 167 42.22 58.14 -0.50
CA LYS M 167 42.55 58.32 -1.94
C LYS M 167 43.69 57.41 -2.41
N THR M 168 43.80 57.27 -3.74
CA THR M 168 44.85 56.48 -4.40
C THR M 168 46.26 57.03 -4.13
N PHE M 169 47.17 56.11 -3.84
CA PHE M 169 48.58 56.45 -3.68
C PHE M 169 49.32 56.05 -4.94
N THR M 170 49.89 57.04 -5.62
CA THR M 170 50.68 56.78 -6.81
C THR M 170 52.08 57.39 -6.69
N GLY M 171 53.07 56.62 -7.12
CA GLY M 171 54.44 57.07 -7.12
C GLY M 171 55.24 56.32 -8.17
N LYS M 172 56.50 56.69 -8.32
CA LYS M 172 57.38 56.06 -9.30
C LYS M 172 57.82 54.65 -8.87
N THR M 173 58.20 53.83 -9.84
CA THR M 173 58.79 52.53 -9.56
C THR M 173 59.97 52.30 -10.49
N VAL M 174 60.90 51.45 -10.06
CA VAL M 174 62.09 51.18 -10.86
C VAL M 174 62.29 49.69 -11.09
N ASP M 175 62.31 49.30 -12.37
CA ASP M 175 62.80 48.00 -12.74
C ASP M 175 64.33 48.10 -12.67
N PRO M 176 64.96 47.33 -11.77
CA PRO M 176 66.38 47.48 -11.49
C PRO M 176 67.29 46.78 -12.51
N PHE M 177 66.68 46.07 -13.47
CA PHE M 177 67.41 45.36 -14.51
C PHE M 177 67.43 46.13 -15.82
N THR M 178 66.27 46.66 -16.21
CA THR M 178 66.12 47.45 -17.43
C THR M 178 66.69 48.85 -17.25
N GLY M 179 66.47 49.41 -16.07
CA GLY M 179 66.78 50.82 -15.78
C GLY M 179 65.56 51.69 -16.00
N GLU M 180 64.43 51.05 -16.32
CA GLU M 180 63.18 51.72 -16.68
C GLU M 180 62.47 52.36 -15.49
N LEU M 181 61.87 53.51 -15.75
CA LEU M 181 61.23 54.32 -14.72
C LEU M 181 59.74 54.46 -15.02
N LYS M 182 58.98 53.41 -14.71
CA LYS M 182 57.54 53.35 -14.96
C LYS M 182 56.71 54.04 -13.86
N GLU M 183 55.41 53.76 -13.82
CA GLU M 183 54.48 54.46 -12.92
C GLU M 183 53.33 53.54 -12.47
N ILE M 184 53.40 53.05 -11.24
CA ILE M 184 52.34 52.21 -10.68
C ILE M 184 51.62 52.90 -9.52
N SER M 185 50.47 52.36 -9.13
CA SER M 185 49.67 52.92 -8.04
C SER M 185 48.89 51.86 -7.29
N ALA M 186 48.35 52.24 -6.13
CA ALA M 186 47.56 51.34 -5.30
C ALA M 186 46.20 51.96 -5.03
N GLU M 187 45.14 51.24 -5.39
CA GLU M 187 43.77 51.65 -5.09
C GLU M 187 43.51 51.55 -3.60
N PRO M 188 42.63 52.42 -3.05
CA PRO M 188 42.22 52.27 -1.64
C PRO M 188 41.50 50.94 -1.40
N ALA M 189 41.31 50.57 -0.12
CA ALA M 189 40.90 49.22 0.24
C ALA M 189 39.45 49.11 0.76
N ASN M 190 38.95 47.87 0.74
CA ASN M 190 37.67 47.52 1.37
C ASN M 190 37.77 47.59 2.89
N ASP M 191 36.64 47.45 3.56
CA ASP M 191 36.63 47.17 4.99
C ASP M 191 36.93 45.69 5.18
N GLU M 192 36.66 44.92 4.13
CA GLU M 192 36.86 43.48 4.12
C GLU M 192 38.31 43.09 3.82
N GLU M 193 39.02 43.93 3.06
CA GLU M 193 40.43 43.72 2.76
C GLU M 193 41.32 44.20 3.91
N ALA M 194 40.88 45.27 4.57
CA ALA M 194 41.62 45.89 5.67
C ALA M 194 41.64 44.99 6.90
N ALA M 195 40.48 44.45 7.26
CA ALA M 195 40.35 43.54 8.41
C ALA M 195 41.04 42.19 8.15
N ALA M 196 41.21 41.84 6.87
CA ALA M 196 41.90 40.61 6.48
C ALA M 196 43.41 40.80 6.56
N THR M 197 43.87 42.01 6.28
CA THR M 197 45.28 42.38 6.43
C THR M 197 45.70 42.29 7.89
N VAL M 198 44.88 42.83 8.79
CA VAL M 198 45.11 42.76 10.25
C VAL M 198 45.14 41.29 10.72
N LYS M 199 44.28 40.46 10.13
CA LYS M 199 44.22 39.06 10.50
C LYS M 199 45.55 38.40 10.16
N VAL M 200 46.12 38.75 9.01
CA VAL M 200 47.36 38.14 8.52
C VAL M 200 48.61 38.77 9.12
N MSE M 201 48.68 40.11 9.08
CA MSE M 201 49.88 40.84 9.44
C MSE M 201 49.97 41.13 10.91
O MSE M 201 51.08 41.19 11.46
CB MSE M 201 49.96 42.18 8.70
CG MSE M 201 50.21 42.04 7.21
SE MSE M 201 51.91 41.09 6.88
CE MSE M 201 53.18 42.65 7.02
N GLY M 202 48.82 41.32 11.55
CA GLY M 202 48.75 41.74 12.96
C GLY M 202 49.31 40.75 13.96
N GLY M 203 49.21 41.11 15.24
CA GLY M 203 49.80 40.32 16.30
C GLY M 203 48.99 39.11 16.73
N GLU M 204 47.90 38.84 16.03
CA GLU M 204 46.98 37.75 16.36
C GLU M 204 47.70 36.41 16.59
N ASP M 205 48.47 35.95 15.61
CA ASP M 205 49.15 34.66 15.69
C ASP M 205 50.31 34.65 16.70
N TRP M 206 50.97 35.79 16.82
CA TRP M 206 52.05 35.97 17.79
C TRP M 206 51.56 35.73 19.20
N GLU M 207 50.46 36.40 19.57
CA GLU M 207 49.83 36.23 20.88
C GLU M 207 49.35 34.79 21.08
N ARG M 208 48.87 34.16 20.01
CA ARG M 208 48.48 32.74 20.06
C ARG M 208 49.69 31.86 20.39
N TRP M 209 50.82 32.11 19.73
CA TRP M 209 52.07 31.35 19.94
C TRP M 209 52.57 31.43 21.35
N ILE M 210 52.44 32.61 21.96
CA ILE M 210 52.92 32.82 23.32
C ILE M 210 52.01 32.13 24.33
N LYS M 211 50.71 32.43 24.28
CA LYS M 211 49.73 31.82 25.19
C LYS M 211 49.83 30.30 25.21
N GLN M 212 49.96 29.71 24.03
CA GLN M 212 50.05 28.26 23.86
C GLN M 212 51.37 27.71 24.39
N LEU M 213 52.44 28.50 24.30
CA LEU M 213 53.74 28.11 24.85
C LEU M 213 53.86 28.37 26.35
N SER M 214 53.11 29.35 26.84
CA SER M 214 53.11 29.72 28.26
C SER M 214 52.35 28.68 29.08
N LYS M 215 51.23 28.21 28.54
CA LYS M 215 50.43 27.19 29.21
C LYS M 215 51.18 25.87 29.35
N GLU M 216 51.86 25.46 28.28
CA GLU M 216 52.66 24.23 28.30
C GLU M 216 54.00 24.42 29.05
N GLY M 217 54.11 25.52 29.79
CA GLY M 217 55.28 25.82 30.64
C GLY M 217 56.63 25.85 29.91
N LEU M 218 56.67 26.55 28.79
CA LEU M 218 57.85 26.54 27.93
C LEU M 218 58.53 27.90 27.75
N LEU M 219 58.47 28.73 28.80
CA LEU M 219 59.15 30.02 28.78
C LEU M 219 59.93 30.24 30.08
N GLU M 220 61.22 30.54 29.96
CA GLU M 220 62.03 30.90 31.12
C GLU M 220 61.59 32.26 31.65
N GLU M 221 61.95 32.56 32.91
CA GLU M 221 61.65 33.86 33.52
C GLU M 221 62.40 34.97 32.79
N GLY M 222 61.68 36.02 32.42
CA GLY M 222 62.26 37.15 31.69
C GLY M 222 62.61 36.79 30.26
N CYS M 223 61.74 36.00 29.64
CA CYS M 223 61.92 35.56 28.26
C CYS M 223 61.66 36.72 27.31
N ILE M 224 62.57 36.92 26.37
CA ILE M 224 62.41 37.97 25.38
C ILE M 224 61.66 37.45 24.17
N THR M 225 60.60 38.14 23.77
CA THR M 225 59.91 37.81 22.53
C THR M 225 59.70 39.07 21.69
N LEU M 226 60.11 39.00 20.43
CA LEU M 226 60.06 40.18 19.57
C LEU M 226 59.52 39.90 18.19
N ALA M 227 58.79 40.86 17.65
CA ALA M 227 58.20 40.76 16.32
C ALA M 227 58.77 41.84 15.41
N TYR M 228 59.25 41.43 14.24
CA TYR M 228 59.81 42.36 13.27
C TYR M 228 58.74 43.17 12.54
N SER M 229 58.97 44.48 12.48
CA SER M 229 58.09 45.39 11.77
C SER M 229 58.93 46.40 11.00
N TYR M 230 58.24 47.37 10.39
CA TYR M 230 58.87 48.38 9.54
C TYR M 230 58.04 49.66 9.56
N ILE M 231 58.69 50.80 9.84
CA ILE M 231 57.99 52.09 9.79
C ILE M 231 58.17 52.72 8.40
N GLY M 232 59.39 53.17 8.09
CA GLY M 232 59.70 53.68 6.76
C GLY M 232 59.71 55.20 6.62
N PRO M 233 59.94 55.68 5.39
CA PRO M 233 60.06 57.11 5.08
C PRO M 233 58.72 57.85 4.97
N GLU M 234 58.77 59.18 4.97
CA GLU M 234 57.59 60.01 4.81
C GLU M 234 56.85 59.73 3.50
N ALA M 235 57.61 59.37 2.47
CA ALA M 235 57.05 59.10 1.15
C ALA M 235 55.98 58.02 1.17
N THR M 236 56.27 56.94 1.90
CA THR M 236 55.42 55.74 1.90
C THR M 236 54.50 55.69 3.11
N GLN M 237 54.39 56.80 3.84
CA GLN M 237 53.58 56.85 5.06
C GLN M 237 52.09 56.60 4.82
N ALA M 238 51.65 56.81 3.57
CA ALA M 238 50.26 56.57 3.21
C ALA M 238 49.93 55.07 3.14
N LEU M 239 50.96 54.23 3.04
CA LEU M 239 50.78 52.78 3.00
C LEU M 239 51.33 52.06 4.24
N TYR M 240 52.36 52.65 4.84
CA TYR M 240 53.05 52.05 5.98
C TYR M 240 52.72 52.69 7.32
N ARG M 241 52.10 53.86 7.29
CA ARG M 241 51.66 54.52 8.52
C ARG M 241 50.13 54.61 8.59
N LYS M 242 49.52 55.25 7.59
CA LYS M 242 48.05 55.41 7.57
C LYS M 242 47.33 54.39 6.69
N GLY M 243 48.10 53.57 5.97
CA GLY M 243 47.54 52.56 5.08
C GLY M 243 47.15 51.27 5.76
N THR M 244 46.82 50.27 4.94
CA THR M 244 46.32 48.99 5.44
C THR M 244 47.33 48.21 6.27
N ILE M 245 48.61 48.28 5.88
CA ILE M 245 49.72 47.64 6.59
C ILE M 245 50.01 48.37 7.90
N GLY M 246 49.89 49.69 7.87
CA GLY M 246 50.09 50.52 9.06
C GLY M 246 49.17 50.11 10.20
N LYS M 247 47.88 50.01 9.89
CA LYS M 247 46.85 49.61 10.84
C LYS M 247 47.16 48.24 11.47
N ALA M 248 47.56 47.27 10.64
CA ALA M 248 47.88 45.92 11.14
C ALA M 248 49.09 45.92 12.06
N LYS M 249 50.08 46.74 11.73
CA LYS M 249 51.27 46.95 12.57
C LYS M 249 50.88 47.56 13.92
N GLU M 250 49.91 48.46 13.91
CA GLU M 250 49.39 49.05 15.14
C GLU M 250 48.64 48.02 15.99
N HIS M 251 48.25 46.90 15.38
CA HIS M 251 47.73 45.76 16.13
C HIS M 251 48.87 44.95 16.70
N LEU M 252 50.00 44.95 15.99
CA LEU M 252 51.18 44.17 16.38
C LEU M 252 51.89 44.74 17.61
N GLU M 253 51.89 46.07 17.72
CA GLU M 253 52.48 46.71 18.89
C GLU M 253 51.50 46.80 20.06
N ALA M 254 50.21 46.70 19.74
CA ALA M 254 49.16 46.57 20.75
C ALA M 254 49.29 45.22 21.45
N THR M 255 49.61 44.20 20.65
CA THR M 255 49.85 42.84 21.14
C THR M 255 50.99 42.81 22.14
N ALA M 256 52.02 43.62 21.88
CA ALA M 256 53.20 43.67 22.75
C ALA M 256 52.84 44.10 24.17
N HIS M 257 52.14 45.23 24.31
CA HIS M 257 51.74 45.74 25.63
C HIS M 257 50.75 44.84 26.29
N ARG M 258 49.98 44.10 25.50
CA ARG M 258 49.04 43.10 26.00
C ARG M 258 49.75 41.85 26.52
N LEU M 259 50.86 41.51 25.87
CA LEU M 259 51.69 40.39 26.31
C LEU M 259 52.42 40.75 27.59
N ASN M 260 53.00 41.94 27.62
CA ASN M 260 53.72 42.45 28.78
C ASN M 260 52.85 42.64 30.02
N LYS M 261 51.57 42.96 29.80
CA LYS M 261 50.62 43.16 30.89
C LYS M 261 50.14 41.81 31.47
N GLU M 262 49.64 40.95 30.59
CA GLU M 262 49.00 39.69 31.01
C GLU M 262 49.99 38.57 31.35
N ASN M 263 51.29 38.84 31.20
CA ASN M 263 52.31 37.82 31.44
C ASN M 263 53.62 38.43 31.97
N PRO M 264 53.63 38.84 33.25
CA PRO M 264 54.70 39.69 33.81
C PRO M 264 56.10 39.06 33.84
N SER M 265 56.17 37.74 33.76
CA SER M 265 57.47 37.07 33.86
C SER M 265 58.27 37.09 32.54
N ILE M 266 57.74 37.77 31.52
CA ILE M 266 58.42 37.86 30.21
C ILE M 266 58.53 39.29 29.69
N ARG M 267 59.28 39.46 28.59
CA ARG M 267 59.45 40.77 27.96
C ARG M 267 59.23 40.68 26.45
N ALA M 268 58.30 41.49 25.94
CA ALA M 268 57.90 41.44 24.53
C ALA M 268 58.01 42.80 23.85
N PHE M 269 58.66 42.86 22.69
CA PHE M 269 58.77 44.10 21.92
C PHE M 269 58.46 43.89 20.46
N VAL M 270 58.04 44.95 19.78
CA VAL M 270 58.18 44.98 18.32
C VAL M 270 59.48 45.68 17.96
N SER M 271 60.25 45.06 17.07
CA SER M 271 61.51 45.61 16.62
C SER M 271 61.33 46.19 15.23
N VAL M 272 61.66 47.48 15.09
CA VAL M 272 61.57 48.16 13.81
C VAL M 272 62.91 48.11 13.08
N ASN M 273 62.95 47.35 11.99
CA ASN M 273 64.18 47.18 11.22
C ASN M 273 64.20 48.12 10.02
N LYS M 274 65.38 48.28 9.45
CA LYS M 274 65.55 48.96 8.16
C LYS M 274 64.88 48.13 7.06
N GLY M 275 64.52 48.78 5.96
CA GLY M 275 63.93 48.07 4.82
C GLY M 275 64.98 47.42 3.94
N LEU M 276 64.55 46.44 3.15
CA LEU M 276 65.41 45.79 2.16
C LEU M 276 64.58 45.06 1.10
N VAL M 277 65.22 44.66 0.01
CA VAL M 277 64.54 44.05 -1.15
C VAL M 277 63.73 42.84 -0.69
N THR M 278 62.47 42.80 -1.09
CA THR M 278 61.59 41.69 -0.73
C THR M 278 60.77 41.17 -1.91
N ARG M 279 60.04 40.07 -1.69
CA ARG M 279 59.23 39.41 -2.73
C ARG M 279 58.21 40.36 -3.36
N ALA M 280 57.46 41.07 -2.52
CA ALA M 280 56.43 41.99 -2.97
C ALA M 280 56.95 43.41 -3.22
N SER M 281 58.26 43.62 -3.12
CA SER M 281 58.85 44.97 -3.23
C SER M 281 58.68 45.63 -4.59
N ALA M 282 58.68 44.85 -5.65
CA ALA M 282 58.61 45.37 -7.02
C ALA M 282 57.25 45.99 -7.37
N VAL M 283 56.19 45.33 -6.91
CA VAL M 283 54.81 45.71 -7.26
C VAL M 283 54.20 46.79 -6.35
N ILE M 284 55.04 47.37 -5.49
CA ILE M 284 54.61 48.44 -4.57
C ILE M 284 55.27 49.78 -4.93
N PRO M 285 54.46 50.85 -5.05
CA PRO M 285 54.93 52.15 -5.52
C PRO M 285 55.89 52.85 -4.54
N VAL M 286 56.93 53.48 -5.12
CA VAL M 286 57.90 54.33 -4.39
C VAL M 286 58.99 53.53 -3.64
N ILE M 287 58.68 52.19 -3.43
CA ILE M 287 59.66 51.46 -2.56
C ILE M 287 60.95 51.08 -3.29
N PRO M 288 60.84 50.53 -4.53
CA PRO M 288 62.06 50.08 -5.19
C PRO M 288 63.01 51.24 -5.51
N LEU M 289 62.44 52.39 -5.86
CA LEU M 289 63.20 53.59 -6.12
C LEU M 289 63.77 54.17 -4.83
N TYR M 290 62.98 54.13 -3.76
CA TYR M 290 63.43 54.57 -2.45
C TYR M 290 64.62 53.74 -1.97
N LEU M 291 64.42 52.42 -1.89
CA LEU M 291 65.47 51.46 -1.52
C LEU M 291 66.74 51.60 -2.36
N ALA M 292 66.58 51.78 -3.67
CA ALA M 292 67.71 51.99 -4.57
C ALA M 292 68.43 53.33 -4.30
N SER M 293 67.69 54.31 -3.79
CA SER M 293 68.28 55.57 -3.38
C SER M 293 68.84 55.49 -1.96
N LEU M 294 68.30 54.56 -1.18
CA LEU M 294 68.77 54.35 0.18
C LEU M 294 70.13 53.70 0.15
N PHE M 295 70.24 52.55 -0.52
CA PHE M 295 71.51 51.86 -0.64
C PHE M 295 72.60 52.83 -1.09
N LYS M 296 72.33 53.55 -2.18
CA LYS M 296 73.25 54.55 -2.71
C LYS M 296 73.76 55.50 -1.62
N VAL M 297 72.85 56.22 -0.99
CA VAL M 297 73.17 57.20 0.06
C VAL M 297 73.90 56.58 1.27
N MSE M 298 73.46 55.39 1.68
CA MSE M 298 73.98 54.73 2.88
C MSE M 298 75.34 54.13 2.66
O MSE M 298 76.17 54.15 3.57
CB MSE M 298 73.00 53.65 3.33
CG MSE M 298 71.74 54.31 3.86
SE MSE M 298 70.76 53.07 5.03
CE MSE M 298 71.59 53.60 6.74
N LYS M 299 75.57 53.58 1.48
CA LYS M 299 76.88 53.06 1.10
C LYS M 299 77.92 54.18 1.05
N GLU M 300 77.48 55.37 0.65
CA GLU M 300 78.34 56.56 0.64
C GLU M 300 78.77 56.88 2.06
N LYS M 301 77.81 56.96 2.98
CA LYS M 301 78.06 57.29 4.38
C LYS M 301 78.75 56.16 5.16
N GLY M 302 78.81 54.97 4.57
CA GLY M 302 79.47 53.82 5.18
C GLY M 302 78.69 53.17 6.31
N ASN M 303 77.36 53.30 6.27
CA ASN M 303 76.50 52.72 7.30
C ASN M 303 75.41 51.80 6.73
N HIS M 304 75.74 51.14 5.62
CA HIS M 304 74.79 50.23 4.97
C HIS M 304 74.94 48.82 5.47
N GLU M 305 73.80 48.19 5.75
CA GLU M 305 73.80 46.84 6.30
C GLU M 305 72.70 45.94 5.72
N GLY M 306 73.04 44.67 5.55
CA GLY M 306 72.08 43.65 5.14
C GLY M 306 71.40 43.03 6.35
N CYS M 307 70.85 41.84 6.16
CA CYS M 307 70.08 41.15 7.20
C CYS M 307 70.93 40.77 8.40
N ILE M 308 72.10 40.19 8.13
CA ILE M 308 72.96 39.71 9.20
C ILE M 308 73.59 40.86 9.98
N GLU M 309 73.76 42.00 9.33
CA GLU M 309 74.35 43.17 10.01
C GLU M 309 73.32 43.79 10.92
N GLN M 310 72.05 43.77 10.49
CA GLN M 310 70.93 44.26 11.29
C GLN M 310 70.76 43.43 12.57
N ILE M 311 70.66 42.12 12.41
CA ILE M 311 70.37 41.21 13.52
C ILE M 311 71.57 40.98 14.48
N THR M 312 72.79 41.06 13.98
CA THR M 312 73.96 41.02 14.85
C THR M 312 74.00 42.26 15.74
N ARG M 313 73.59 43.41 15.18
CA ARG M 313 73.49 44.63 15.97
C ARG M 313 72.34 44.53 16.96
N LEU M 314 71.30 43.78 16.59
CA LEU M 314 70.11 43.63 17.43
C LEU M 314 70.41 42.84 18.70
N TYR M 315 71.21 41.79 18.57
CA TYR M 315 71.56 40.96 19.71
C TYR M 315 72.62 41.66 20.55
N ALA M 316 73.73 42.02 19.91
CA ALA M 316 74.88 42.62 20.59
C ALA M 316 74.57 43.96 21.25
N GLU M 317 73.78 44.81 20.59
CA GLU M 317 73.64 46.19 21.02
C GLU M 317 72.26 46.58 21.55
N ARG M 318 71.31 45.62 21.55
CA ARG M 318 69.96 45.95 22.00
C ARG M 318 69.36 44.94 22.98
N LEU M 319 69.58 43.66 22.71
CA LEU M 319 69.00 42.57 23.50
C LEU M 319 69.95 42.07 24.57
N TYR M 320 71.16 41.74 24.15
CA TYR M 320 72.13 41.13 25.04
C TYR M 320 73.33 42.04 25.27
N ARG M 321 73.01 43.27 25.69
CA ARG M 321 74.00 44.28 26.00
C ARG M 321 74.43 44.24 27.47
N LYS M 322 75.53 44.92 27.78
CA LYS M 322 76.14 44.94 29.11
C LYS M 322 75.34 45.61 30.21
N ASP M 323 74.57 46.65 29.87
CA ASP M 323 73.70 47.33 30.83
C ASP M 323 72.63 46.36 31.36
N GLY M 324 72.26 45.39 30.52
CA GLY M 324 71.14 44.51 30.81
C GLY M 324 69.83 45.16 30.41
N THR M 325 69.91 46.43 29.98
CA THR M 325 68.74 47.16 29.49
C THR M 325 68.38 46.76 28.07
N ILE M 326 67.19 47.18 27.63
CA ILE M 326 66.80 47.14 26.23
C ILE M 326 66.19 48.51 25.88
N PRO M 327 66.97 49.35 25.17
CA PRO M 327 66.53 50.69 24.80
C PRO M 327 65.40 50.68 23.78
N VAL M 328 64.24 51.19 24.19
CA VAL M 328 63.08 51.29 23.31
C VAL M 328 62.85 52.76 22.97
N ASP M 329 61.94 53.03 22.03
CA ASP M 329 61.58 54.41 21.72
C ASP M 329 60.52 54.93 22.69
N GLU M 330 59.80 55.97 22.29
CA GLU M 330 58.74 56.53 23.11
C GLU M 330 57.58 55.56 23.26
N GLU M 331 57.24 54.86 22.19
CA GLU M 331 56.12 53.91 22.21
C GLU M 331 56.55 52.46 22.51
N ASN M 332 57.72 52.32 23.17
CA ASN M 332 58.24 51.06 23.69
C ASN M 332 58.70 50.02 22.65
N ARG M 333 59.25 50.51 21.54
CA ARG M 333 59.69 49.66 20.44
C ARG M 333 61.21 49.74 20.24
N ILE M 334 61.83 48.57 20.06
CA ILE M 334 63.22 48.46 19.66
C ILE M 334 63.40 49.11 18.29
N ARG M 335 64.35 50.04 18.19
CA ARG M 335 64.61 50.76 16.94
C ARG M 335 65.96 50.43 16.30
N ILE M 336 65.91 49.63 15.24
CA ILE M 336 67.11 49.25 14.49
C ILE M 336 67.14 50.04 13.18
N ASP M 337 66.07 50.81 12.94
CA ASP M 337 65.97 51.63 11.74
C ASP M 337 66.57 53.03 11.99
N ASP M 338 67.35 53.15 13.05
CA ASP M 338 67.86 54.44 13.50
C ASP M 338 68.93 55.03 12.59
N TRP M 339 69.62 54.19 11.82
CA TRP M 339 70.58 54.67 10.84
C TRP M 339 69.90 55.14 9.60
N GLU M 340 68.82 54.46 9.24
CA GLU M 340 68.03 54.77 8.06
C GLU M 340 67.28 56.09 8.24
N LEU M 341 66.69 56.28 9.41
CA LEU M 341 65.82 57.43 9.62
C LEU M 341 66.51 58.68 10.18
N GLU M 342 67.81 58.60 10.48
CA GLU M 342 68.54 59.81 10.81
C GLU M 342 68.39 60.77 9.62
N GLU M 343 67.97 62.00 9.93
CA GLU M 343 67.36 62.88 8.92
C GLU M 343 68.32 63.60 7.96
N ASP M 344 69.59 63.21 7.96
CA ASP M 344 70.54 63.65 6.95
C ASP M 344 70.61 62.61 5.83
N VAL M 345 70.32 61.37 6.20
CA VAL M 345 70.20 60.27 5.25
C VAL M 345 68.90 60.44 4.46
N GLN M 346 67.81 60.73 5.18
CA GLN M 346 66.50 60.88 4.55
C GLN M 346 66.41 62.14 3.70
N LYS M 347 67.10 63.20 4.14
CA LYS M 347 67.27 64.43 3.37
C LYS M 347 67.87 64.12 2.00
N ALA M 348 69.00 63.43 2.01
CA ALA M 348 69.75 63.11 0.78
C ALA M 348 69.02 62.12 -0.13
N VAL M 349 68.21 61.25 0.47
CA VAL M 349 67.48 60.23 -0.29
C VAL M 349 66.34 60.85 -1.08
N SER M 350 65.60 61.76 -0.44
CA SER M 350 64.48 62.45 -1.07
C SER M 350 64.92 63.35 -2.22
N ALA M 351 66.00 64.08 -2.01
CA ALA M 351 66.62 64.92 -3.05
C ALA M 351 66.98 64.08 -4.27
N LEU M 352 67.57 62.91 -4.02
CA LEU M 352 67.94 61.96 -5.06
C LEU M 352 66.74 61.34 -5.77
N MSE M 353 65.62 61.26 -5.06
CA MSE M 353 64.40 60.67 -5.63
C MSE M 353 63.69 61.61 -6.56
O MSE M 353 63.06 61.17 -7.53
CB MSE M 353 63.49 60.28 -4.48
CG MSE M 353 63.74 58.84 -4.04
SE MSE M 353 62.34 58.36 -2.72
CE MSE M 353 60.80 58.46 -3.96
N GLU M 354 63.75 62.92 -6.29
CA GLU M 354 63.05 63.91 -7.12
C GLU M 354 63.77 64.24 -8.43
N LYS M 355 65.06 63.91 -8.52
CA LYS M 355 65.83 64.20 -9.73
C LYS M 355 66.27 62.96 -10.53
N VAL M 356 65.87 61.77 -10.07
CA VAL M 356 66.18 60.54 -10.80
C VAL M 356 65.17 60.29 -11.92
N THR M 357 65.69 60.17 -13.14
CA THR M 357 64.89 59.99 -14.34
C THR M 357 65.11 58.59 -14.92
N GLY M 358 64.42 58.29 -16.03
CA GLY M 358 64.48 56.98 -16.67
C GLY M 358 65.76 56.59 -17.38
N GLU M 359 66.79 57.46 -17.31
CA GLU M 359 68.05 57.19 -17.99
C GLU M 359 69.29 57.51 -17.13
N ASN M 360 69.07 58.24 -16.04
CA ASN M 360 70.15 58.50 -15.07
C ASN M 360 70.09 57.54 -13.87
N ALA M 361 69.10 56.65 -13.87
CA ALA M 361 68.83 55.72 -12.75
C ALA M 361 70.02 54.85 -12.38
N GLU M 362 70.57 54.14 -13.36
CA GLU M 362 71.80 53.37 -13.16
C GLU M 362 72.95 54.27 -12.70
N SER M 363 72.91 55.51 -13.16
CA SER M 363 74.03 56.44 -12.96
C SER M 363 74.09 57.11 -11.59
N LEU M 364 72.94 57.32 -10.95
CA LEU M 364 72.94 58.06 -9.69
C LEU M 364 72.10 57.44 -8.55
N THR M 365 71.62 56.21 -8.76
CA THR M 365 71.06 55.39 -7.68
C THR M 365 71.70 54.00 -7.70
N ASP M 366 71.72 53.32 -6.56
CA ASP M 366 72.32 51.98 -6.48
C ASP M 366 71.40 50.86 -6.97
N LEU M 367 71.22 50.82 -8.28
CA LEU M 367 70.52 49.73 -8.96
C LEU M 367 71.41 48.50 -9.01
N ALA M 368 72.72 48.73 -9.00
CA ALA M 368 73.71 47.66 -9.00
C ALA M 368 73.56 46.79 -7.74
N GLY M 369 73.34 47.45 -6.60
CA GLY M 369 73.13 46.79 -5.32
C GLY M 369 71.72 46.27 -5.14
N TYR M 370 70.74 46.93 -5.77
CA TYR M 370 69.37 46.42 -5.79
C TYR M 370 69.32 45.05 -6.44
N ARG M 371 69.99 44.90 -7.58
CA ARG M 371 70.01 43.63 -8.32
C ARG M 371 70.62 42.52 -7.49
N HIS M 372 71.76 42.84 -6.85
CA HIS M 372 72.49 41.86 -6.07
C HIS M 372 71.69 41.26 -4.94
N ASP M 373 71.15 42.11 -4.06
CA ASP M 373 70.29 41.64 -2.96
C ASP M 373 69.09 40.83 -3.46
N PHE M 374 68.47 41.29 -4.55
CA PHE M 374 67.32 40.63 -5.14
C PHE M 374 67.62 39.22 -5.60
N LEU M 375 68.71 39.07 -6.35
CA LEU M 375 69.15 37.76 -6.84
C LEU M 375 69.74 36.88 -5.74
N ALA M 376 70.41 37.53 -4.79
CA ALA M 376 71.06 36.85 -3.67
C ALA M 376 70.07 36.17 -2.75
N SER M 377 68.87 36.73 -2.64
CA SER M 377 67.77 36.12 -1.88
C SER M 377 67.55 34.67 -2.31
N ASN M 378 67.72 34.42 -3.61
CA ASN M 378 67.53 33.09 -4.20
C ASN M 378 68.84 32.35 -4.54
N GLY M 379 69.96 32.83 -4.00
CA GLY M 379 71.25 32.18 -4.20
C GLY M 379 71.93 32.50 -5.53
N PHE M 380 71.48 33.56 -6.20
CA PHE M 380 72.08 34.00 -7.44
C PHE M 380 72.94 35.22 -7.21
N ASP M 381 73.97 35.38 -8.04
CA ASP M 381 74.89 36.52 -8.00
C ASP M 381 75.71 36.57 -6.70
N VAL M 382 76.02 35.40 -6.14
CA VAL M 382 76.82 35.28 -4.92
C VAL M 382 78.33 35.26 -5.28
N GLU M 383 79.17 35.77 -4.38
CA GLU M 383 80.61 35.76 -4.64
C GLU M 383 81.25 34.40 -4.34
N GLY M 384 82.06 33.92 -5.29
CA GLY M 384 82.78 32.67 -5.13
C GLY M 384 82.18 31.51 -5.89
N ILE M 385 80.89 31.58 -6.15
CA ILE M 385 80.17 30.52 -6.86
C ILE M 385 80.43 30.60 -8.36
N ASN M 386 80.67 29.44 -8.97
CA ASN M 386 80.81 29.37 -10.42
C ASN M 386 79.44 29.09 -11.03
N TYR M 387 78.88 30.07 -11.72
CA TYR M 387 77.52 29.94 -12.24
C TYR M 387 77.41 29.25 -13.60
N GLU M 388 78.56 29.00 -14.22
CA GLU M 388 78.60 28.14 -15.41
C GLU M 388 78.64 26.67 -15.04
N ALA M 389 79.06 26.38 -13.80
CA ALA M 389 79.19 25.01 -13.31
C ALA M 389 77.86 24.29 -13.24
N GLU M 390 77.87 23.00 -13.61
CA GLU M 390 76.67 22.17 -13.59
C GLU M 390 76.16 21.96 -12.17
N VAL M 391 74.84 21.91 -12.02
CA VAL M 391 74.21 21.48 -10.78
C VAL M 391 73.64 20.09 -11.00
N GLU M 392 74.11 19.14 -10.21
CA GLU M 392 73.73 17.72 -10.34
C GLU M 392 72.24 17.47 -10.06
N ARG M 393 71.81 17.83 -8.86
CA ARG M 393 70.47 17.50 -8.38
C ARG M 393 69.95 18.52 -7.36
N PHE M 394 68.69 18.92 -7.52
CA PHE M 394 68.07 19.96 -6.70
C PHE M 394 67.49 19.48 -5.36
N ASP M 395 67.91 18.30 -4.90
CA ASP M 395 67.39 17.73 -3.65
C ASP M 395 68.43 17.67 -2.52
N ARG M 396 69.67 18.03 -2.85
CA ARG M 396 70.75 18.12 -1.85
C ARG M 396 71.77 19.22 -2.21
N ILE M 397 72.79 19.38 -1.36
CA ILE M 397 73.84 20.37 -1.61
C ILE M 397 75.25 19.79 -1.40
N MSE N 1 18.32 40.81 -3.76
CA MSE N 1 19.09 39.98 -2.77
C MSE N 1 18.55 38.57 -2.75
O MSE N 1 17.43 38.32 -3.23
CB MSE N 1 19.04 40.59 -1.38
CG MSE N 1 17.62 40.90 -0.90
SE MSE N 1 17.59 40.98 1.08
CE MSE N 1 17.50 39.05 1.45
N ILE N 2 19.34 37.64 -2.22
CA ILE N 2 18.96 36.23 -2.16
C ILE N 2 18.05 35.97 -0.96
N VAL N 3 16.79 35.64 -1.25
CA VAL N 3 15.80 35.32 -0.21
C VAL N 3 15.56 33.82 -0.20
N LYS N 4 15.44 33.25 1.00
CA LYS N 4 15.20 31.81 1.18
C LYS N 4 14.40 31.50 2.46
N PRO N 5 13.74 30.32 2.52
CA PRO N 5 12.94 29.93 3.68
C PRO N 5 13.68 30.07 5.02
N MSE N 6 13.27 31.07 5.80
CA MSE N 6 13.87 31.39 7.09
C MSE N 6 12.89 30.94 8.13
O MSE N 6 11.94 31.65 8.45
CB MSE N 6 14.10 32.89 7.04
CG MSE N 6 14.72 33.52 8.28
SE MSE N 6 14.12 35.41 8.34
CE MSE N 6 14.99 36.09 6.70
N VAL N 7 13.10 29.74 8.65
CA VAL N 7 12.12 29.06 9.49
C VAL N 7 12.65 28.81 10.90
N ARG N 8 11.94 29.33 11.89
CA ARG N 8 12.31 29.14 13.30
C ARG N 8 11.11 28.68 14.10
N ASN N 9 11.27 27.53 14.78
CA ASN N 9 10.21 26.94 15.61
C ASN N 9 9.00 26.52 14.77
N ASN N 10 9.26 26.16 13.51
CA ASN N 10 8.23 25.86 12.53
C ASN N 10 7.34 27.06 12.18
N ILE N 11 7.96 28.23 12.06
CA ILE N 11 7.30 29.46 11.61
C ILE N 11 8.18 30.06 10.52
N CYS N 12 7.56 30.47 9.41
CA CYS N 12 8.28 31.12 8.33
C CYS N 12 8.20 32.64 8.50
N LEU N 13 9.32 33.27 8.85
CA LEU N 13 9.37 34.71 9.10
C LEU N 13 9.22 35.55 7.85
N ASN N 14 9.83 35.10 6.75
CA ASN N 14 9.84 35.87 5.50
C ASN N 14 9.00 35.28 4.37
N ALA N 15 8.81 36.09 3.32
CA ALA N 15 8.10 35.68 2.12
C ALA N 15 8.92 36.02 0.87
N HIS N 16 8.61 35.35 -0.24
CA HIS N 16 9.20 35.68 -1.53
C HIS N 16 8.18 36.36 -2.41
N PRO N 17 8.31 37.69 -2.61
CA PRO N 17 7.37 38.51 -3.38
C PRO N 17 7.00 37.93 -4.75
N GLN N 18 7.98 37.42 -5.47
CA GLN N 18 7.75 36.78 -6.77
C GLN N 18 7.05 35.42 -6.63
N GLY N 19 7.55 34.60 -5.71
CA GLY N 19 6.98 33.29 -5.42
C GLY N 19 5.51 33.35 -5.00
N CYS N 20 5.12 34.43 -4.35
CA CYS N 20 3.73 34.66 -3.96
C CYS N 20 2.87 35.09 -5.14
N LYS N 21 3.47 35.79 -6.10
CA LYS N 21 2.77 36.23 -7.31
C LYS N 21 2.51 35.04 -8.23
N LYS N 22 3.48 34.13 -8.28
CA LYS N 22 3.38 32.94 -9.13
C LYS N 22 2.29 31.98 -8.65
N GLY N 23 2.13 31.86 -7.33
CA GLY N 23 1.10 31.01 -6.73
C GLY N 23 -0.31 31.51 -7.03
N VAL N 24 -0.47 32.83 -7.00
CA VAL N 24 -1.74 33.49 -7.33
C VAL N 24 -2.08 33.26 -8.80
N GLU N 25 -1.08 33.40 -9.67
CA GLU N 25 -1.27 33.19 -11.11
C GLU N 25 -1.56 31.73 -11.45
N ASP N 26 -0.89 30.81 -10.75
CA ASP N 26 -1.13 29.37 -10.90
C ASP N 26 -2.57 29.02 -10.55
N GLN N 27 -3.12 29.73 -9.58
CA GLN N 27 -4.51 29.54 -9.18
C GLN N 27 -5.46 30.04 -10.27
N ILE N 28 -5.21 31.23 -10.79
CA ILE N 28 -6.01 31.78 -11.89
C ILE N 28 -6.08 30.81 -13.07
N GLU N 29 -4.93 30.25 -13.44
CA GLU N 29 -4.86 29.32 -14.58
C GLU N 29 -5.65 28.04 -14.32
N TYR N 30 -5.62 27.56 -13.07
CA TYR N 30 -6.41 26.40 -12.69
C TYR N 30 -7.90 26.74 -12.70
N THR N 31 -8.23 27.90 -12.14
CA THR N 31 -9.60 28.40 -12.12
C THR N 31 -10.21 28.38 -13.52
N LYS N 32 -9.50 28.98 -14.48
CA LYS N 32 -9.92 29.05 -15.88
C LYS N 32 -10.07 27.67 -16.52
N LYS N 33 -9.33 26.70 -15.99
CA LYS N 33 -9.32 25.35 -16.55
C LYS N 33 -10.38 24.48 -15.89
N ARG N 34 -10.74 24.82 -14.65
CA ARG N 34 -11.73 24.05 -13.89
C ARG N 34 -13.14 24.59 -14.09
N ILE N 35 -13.29 25.91 -14.16
CA ILE N 35 -14.58 26.57 -14.40
C ILE N 35 -14.71 27.00 -15.87
N THR N 36 -15.17 26.06 -16.70
CA THR N 36 -15.42 26.33 -18.12
C THR N 36 -16.82 26.90 -18.30
N ALA N 37 -17.13 27.37 -19.51
CA ALA N 37 -18.48 27.78 -19.85
C ALA N 37 -19.38 26.54 -19.94
N GLU N 38 -18.75 25.37 -20.11
CA GLU N 38 -19.47 24.09 -20.12
C GLU N 38 -19.89 23.70 -18.71
N VAL N 39 -19.09 24.11 -17.73
CA VAL N 39 -19.34 23.82 -16.32
C VAL N 39 -20.21 24.92 -15.69
N LYS N 40 -19.88 26.17 -16.01
CA LYS N 40 -20.60 27.35 -15.51
C LYS N 40 -21.86 27.67 -16.34
N ALA N 41 -22.18 26.78 -17.28
CA ALA N 41 -23.14 27.04 -18.37
C ALA N 41 -24.60 27.35 -17.99
N GLY N 42 -25.17 26.47 -17.15
CA GLY N 42 -26.62 26.58 -16.93
C GLY N 42 -27.09 26.87 -15.51
N ALA N 43 -26.27 27.65 -14.75
CA ALA N 43 -26.67 28.00 -13.39
C ALA N 43 -26.42 29.49 -13.15
N LYS N 44 -26.63 29.92 -11.90
CA LYS N 44 -26.39 31.32 -11.55
C LYS N 44 -24.92 31.57 -11.29
N ALA N 45 -24.50 32.82 -11.43
CA ALA N 45 -23.13 33.23 -11.15
C ALA N 45 -23.14 34.45 -10.24
N PRO N 46 -22.20 34.53 -9.29
CA PRO N 46 -22.14 35.72 -8.45
C PRO N 46 -21.74 36.94 -9.29
N LYS N 47 -22.29 38.10 -8.95
CA LYS N 47 -22.04 39.32 -9.70
C LYS N 47 -21.29 40.33 -8.83
N ASN N 48 -21.49 40.24 -7.51
CA ASN N 48 -20.80 41.08 -6.54
C ASN N 48 -20.53 40.27 -5.28
N VAL N 49 -19.25 40.10 -4.94
CA VAL N 49 -18.86 39.24 -3.84
C VAL N 49 -17.91 39.91 -2.84
N LEU N 50 -18.17 39.71 -1.55
CA LEU N 50 -17.29 40.20 -0.50
C LEU N 50 -16.54 39.05 0.15
N VAL N 51 -15.22 39.18 0.20
CA VAL N 51 -14.37 38.21 0.85
C VAL N 51 -13.74 38.89 2.08
N LEU N 52 -13.67 38.16 3.18
CA LEU N 52 -13.13 38.68 4.43
C LEU N 52 -12.05 37.71 4.93
N GLY N 53 -10.79 38.12 4.76
CA GLY N 53 -9.65 37.22 4.93
C GLY N 53 -9.23 36.73 3.55
N CYS N 54 -9.06 37.69 2.64
CA CYS N 54 -8.85 37.42 1.21
C CYS N 54 -7.37 37.32 0.80
N SER N 55 -6.48 37.22 1.78
CA SER N 55 -5.04 37.34 1.54
C SER N 55 -4.36 36.01 1.23
N ASN N 56 -4.66 34.98 2.02
CA ASN N 56 -4.23 33.61 1.70
C ASN N 56 -5.22 32.56 2.21
N GLY N 57 -4.81 31.29 2.18
CA GLY N 57 -5.67 30.19 2.60
C GLY N 57 -6.88 30.00 1.71
N TYR N 58 -8.04 29.78 2.31
CA TYR N 58 -9.28 29.54 1.57
C TYR N 58 -9.91 30.82 1.03
N GLY N 59 -9.75 31.91 1.76
CA GLY N 59 -10.29 33.20 1.32
C GLY N 59 -9.74 33.64 -0.02
N LEU N 60 -8.43 33.42 -0.23
CA LEU N 60 -7.76 33.77 -1.48
C LEU N 60 -8.30 32.95 -2.64
N ALA N 61 -8.52 31.66 -2.39
CA ALA N 61 -9.09 30.77 -3.40
C ALA N 61 -10.51 31.23 -3.73
N SER N 62 -11.27 31.61 -2.71
CA SER N 62 -12.63 32.11 -2.89
C SER N 62 -12.71 33.29 -3.85
N ARG N 63 -11.87 34.29 -3.60
CA ARG N 63 -11.87 35.51 -4.40
C ARG N 63 -11.42 35.25 -5.83
N ILE N 64 -10.50 34.29 -5.99
CA ILE N 64 -9.93 33.95 -7.30
C ILE N 64 -10.94 33.27 -8.23
N THR N 65 -11.73 32.33 -7.71
CA THR N 65 -12.72 31.65 -8.54
C THR N 65 -13.87 32.60 -8.85
N ALA N 66 -14.35 33.31 -7.83
CA ALA N 66 -15.42 34.30 -8.00
C ALA N 66 -15.06 35.34 -9.06
N ALA N 67 -13.83 35.85 -8.98
CA ALA N 67 -13.37 36.88 -9.91
C ALA N 67 -13.01 36.35 -11.30
N PHE N 68 -12.36 35.18 -11.36
CA PHE N 68 -11.86 34.68 -12.65
C PHE N 68 -12.70 33.57 -13.26
N GLY N 69 -13.31 32.74 -12.42
CA GLY N 69 -14.16 31.66 -12.88
C GLY N 69 -15.48 32.19 -13.41
N TYR N 70 -16.13 33.04 -12.63
CA TYR N 70 -17.44 33.54 -12.98
C TYR N 70 -17.46 35.01 -13.42
N GLY N 71 -16.29 35.66 -13.32
CA GLY N 71 -16.13 37.04 -13.77
C GLY N 71 -16.82 38.10 -12.93
N ALA N 72 -16.86 37.89 -11.62
CA ALA N 72 -17.56 38.79 -10.69
C ALA N 72 -16.66 39.86 -10.10
N ALA N 73 -17.28 40.97 -9.69
CA ALA N 73 -16.59 42.05 -9.00
C ALA N 73 -16.35 41.65 -7.54
N THR N 74 -15.13 41.89 -7.06
CA THR N 74 -14.74 41.43 -5.73
C THR N 74 -14.11 42.54 -4.90
N ILE N 75 -14.71 42.80 -3.73
CA ILE N 75 -14.08 43.62 -2.71
C ILE N 75 -13.51 42.64 -1.68
N GLY N 76 -12.30 42.93 -1.20
CA GLY N 76 -11.67 42.10 -0.20
C GLY N 76 -11.28 42.87 1.04
N VAL N 77 -11.12 42.16 2.16
CA VAL N 77 -10.65 42.74 3.42
C VAL N 77 -9.65 41.76 4.04
N SER N 78 -8.56 42.30 4.57
CA SER N 78 -7.49 41.49 5.16
C SER N 78 -6.59 42.36 6.02
N PHE N 79 -5.92 41.74 6.99
CA PHE N 79 -4.93 42.44 7.79
C PHE N 79 -3.52 42.14 7.28
N GLU N 80 -2.94 43.09 6.54
CA GLU N 80 -1.62 42.91 5.93
C GLU N 80 -0.63 44.03 6.30
N LYS N 81 0.56 43.62 6.76
CA LYS N 81 1.65 44.55 7.04
C LYS N 81 2.53 44.72 5.81
N ALA N 82 2.54 45.93 5.26
CA ALA N 82 3.18 46.22 3.98
C ALA N 82 4.69 46.01 4.00
N GLY N 83 5.27 45.83 2.82
CA GLY N 83 6.71 45.65 2.67
C GLY N 83 7.42 46.92 2.25
N SER N 84 8.50 47.26 3.01
CA SER N 84 9.34 48.38 2.59
C SER N 84 10.57 47.85 1.84
N GLU N 85 11.35 48.75 1.25
CA GLU N 85 12.50 48.40 0.40
C GLU N 85 13.39 47.32 1.01
N THR N 86 13.63 47.45 2.32
CA THR N 86 14.49 46.52 3.06
C THR N 86 13.70 45.41 3.78
N LYS N 87 12.62 45.78 4.46
CA LYS N 87 11.84 44.80 5.23
C LYS N 87 10.62 44.27 4.48
N TYR N 88 10.61 42.95 4.27
CA TYR N 88 9.50 42.25 3.61
C TYR N 88 8.16 42.44 4.32
N GLY N 89 7.08 42.40 3.55
CA GLY N 89 5.74 42.40 4.11
C GLY N 89 5.28 40.99 4.42
N THR N 90 3.98 40.81 4.60
CA THR N 90 3.42 39.47 4.77
C THR N 90 2.99 38.89 3.43
N PRO N 91 3.14 37.57 3.25
CA PRO N 91 2.74 36.89 2.01
C PRO N 91 1.39 37.36 1.47
N GLY N 92 0.44 37.63 2.38
CA GLY N 92 -0.85 38.21 2.00
C GLY N 92 -0.69 39.52 1.25
N TRP N 93 0.17 40.41 1.76
CA TRP N 93 0.47 41.69 1.11
C TRP N 93 0.88 41.55 -0.33
N TYR N 94 1.65 40.50 -0.63
CA TYR N 94 2.02 40.20 -2.01
C TYR N 94 0.90 39.50 -2.80
N ASN N 95 0.13 38.65 -2.12
CA ASN N 95 -1.02 37.98 -2.71
C ASN N 95 -2.10 38.97 -3.13
N ASN N 96 -2.37 39.95 -2.26
CA ASN N 96 -3.34 41.00 -2.57
C ASN N 96 -2.88 41.90 -3.71
N LEU N 97 -1.57 42.10 -3.79
CA LEU N 97 -0.94 42.81 -4.90
C LEU N 97 -1.01 42.02 -6.20
N ALA N 98 -0.72 40.72 -6.12
CA ALA N 98 -0.76 39.83 -7.27
C ALA N 98 -2.16 39.70 -7.87
N PHE N 99 -3.17 39.62 -6.99
CA PHE N 99 -4.57 39.47 -7.42
C PHE N 99 -5.12 40.72 -8.12
N ASP N 100 -4.94 41.88 -7.49
CA ASP N 100 -5.37 43.18 -8.06
C ASP N 100 -4.76 43.46 -9.43
N GLU N 101 -3.47 43.13 -9.58
CA GLU N 101 -2.73 43.25 -10.83
C GLU N 101 -3.38 42.42 -11.94
N ALA N 102 -3.69 41.17 -11.62
CA ALA N 102 -4.33 40.23 -12.55
C ALA N 102 -5.77 40.62 -12.86
N ALA N 103 -6.49 41.08 -11.83
CA ALA N 103 -7.87 41.54 -11.98
C ALA N 103 -7.97 42.70 -12.96
N LYS N 104 -6.93 43.55 -12.98
CA LYS N 104 -6.85 44.67 -13.91
C LYS N 104 -6.77 44.18 -15.36
N ARG N 105 -5.91 43.18 -15.60
CA ARG N 105 -5.72 42.60 -16.93
C ARG N 105 -7.01 42.09 -17.58
N GLU N 106 -7.91 41.56 -16.77
CA GLU N 106 -9.18 41.05 -17.29
C GLU N 106 -10.31 42.06 -17.14
N GLY N 107 -9.95 43.29 -16.75
CA GLY N 107 -10.92 44.38 -16.57
C GLY N 107 -12.02 44.04 -15.59
N LEU N 108 -11.60 43.67 -14.38
CA LEU N 108 -12.53 43.24 -13.33
C LEU N 108 -12.37 44.15 -12.13
N TYR N 109 -13.48 44.73 -11.67
CA TYR N 109 -13.49 45.59 -10.50
C TYR N 109 -13.02 44.83 -9.26
N SER N 110 -11.85 45.20 -8.74
CA SER N 110 -11.35 44.60 -7.51
C SER N 110 -10.62 45.60 -6.62
N VAL N 111 -11.11 45.75 -5.40
CA VAL N 111 -10.49 46.61 -4.40
C VAL N 111 -10.32 45.83 -3.11
N THR N 112 -9.10 45.85 -2.55
CA THR N 112 -8.85 45.19 -1.27
C THR N 112 -8.71 46.22 -0.16
N ILE N 113 -9.61 46.15 0.82
CA ILE N 113 -9.54 46.99 2.01
C ILE N 113 -8.53 46.38 2.99
N ASP N 114 -7.49 47.14 3.31
CA ASP N 114 -6.46 46.68 4.24
C ASP N 114 -6.86 47.06 5.66
N GLY N 115 -6.73 46.11 6.59
CA GLY N 115 -7.01 46.37 8.00
C GLY N 115 -7.80 45.32 8.74
N ASP N 116 -8.07 45.61 10.02
CA ASP N 116 -8.73 44.68 10.95
C ASP N 116 -10.24 44.59 10.71
N ALA N 117 -10.67 43.45 10.15
CA ALA N 117 -12.08 43.23 9.78
C ALA N 117 -13.04 43.15 10.97
N PHE N 118 -12.50 43.00 12.18
CA PHE N 118 -13.30 42.98 13.41
C PHE N 118 -13.82 44.37 13.78
N SER N 119 -13.11 45.41 13.35
CA SER N 119 -13.42 46.79 13.72
C SER N 119 -14.53 47.42 12.87
N ASP N 120 -15.25 48.37 13.46
CA ASP N 120 -16.36 49.07 12.81
C ASP N 120 -15.92 50.10 11.77
N GLU N 121 -14.65 50.49 11.83
CA GLU N 121 -14.10 51.46 10.89
C GLU N 121 -13.91 50.80 9.53
N ILE N 122 -13.47 49.54 9.56
CA ILE N 122 -13.26 48.74 8.36
C ILE N 122 -14.60 48.41 7.69
N LYS N 123 -15.60 48.03 8.48
CA LYS N 123 -16.94 47.76 7.97
C LYS N 123 -17.53 49.00 7.29
N ALA N 124 -17.37 50.15 7.94
CA ALA N 124 -17.76 51.45 7.37
C ALA N 124 -17.08 51.72 6.04
N GLN N 125 -15.81 51.31 5.92
CA GLN N 125 -15.05 51.50 4.68
C GLN N 125 -15.61 50.70 3.49
N VAL N 126 -15.99 49.45 3.73
CA VAL N 126 -16.56 48.61 2.67
C VAL N 126 -18.00 49.03 2.29
N ILE N 127 -18.77 49.46 3.29
CA ILE N 127 -20.15 49.93 3.09
C ILE N 127 -20.18 51.16 2.19
N GLU N 128 -19.44 52.19 2.59
CA GLU N 128 -19.34 53.43 1.82
C GLU N 128 -18.74 53.15 0.44
N GLU N 129 -17.86 52.16 0.37
CA GLU N 129 -17.25 51.74 -0.88
C GLU N 129 -18.30 51.16 -1.80
N ALA N 130 -19.07 50.19 -1.29
CA ALA N 130 -20.12 49.53 -2.06
C ALA N 130 -21.13 50.53 -2.61
N LYS N 131 -21.43 51.56 -1.81
CA LYS N 131 -22.28 52.67 -2.23
C LYS N 131 -21.73 53.33 -3.49
N LYS N 132 -20.45 53.69 -3.44
CA LYS N 132 -19.73 54.38 -4.51
C LYS N 132 -19.82 53.66 -5.86
N LYS N 133 -19.96 52.34 -5.83
CA LYS N 133 -20.10 51.55 -7.05
C LYS N 133 -21.53 51.07 -7.36
N GLY N 134 -22.46 51.35 -6.45
CA GLY N 134 -23.88 51.09 -6.67
C GLY N 134 -24.33 49.68 -6.34
N ILE N 135 -23.97 48.72 -7.19
CA ILE N 135 -24.46 47.33 -7.11
C ILE N 135 -24.14 46.65 -5.77
N LYS N 136 -25.04 45.79 -5.32
CA LYS N 136 -24.98 45.17 -4.00
C LYS N 136 -24.55 43.68 -4.04
N PHE N 137 -24.11 43.18 -2.89
CA PHE N 137 -23.50 41.84 -2.77
C PHE N 137 -24.46 40.66 -2.91
N ASP N 138 -24.01 39.65 -3.65
CA ASP N 138 -24.76 38.39 -3.78
C ASP N 138 -24.01 37.21 -3.15
N LEU N 139 -22.74 37.41 -2.81
CA LEU N 139 -21.96 36.44 -2.04
C LEU N 139 -21.10 37.13 -0.97
N ILE N 140 -21.09 36.54 0.21
CA ILE N 140 -20.34 37.06 1.36
C ILE N 140 -19.56 35.89 1.99
N VAL N 141 -18.24 35.95 1.87
CA VAL N 141 -17.40 34.86 2.33
C VAL N 141 -16.64 35.25 3.58
N TYR N 142 -16.97 34.62 4.71
CA TYR N 142 -16.30 34.89 5.98
C TYR N 142 -15.18 33.87 6.19
N SER N 143 -13.94 34.34 6.15
CA SER N 143 -12.77 33.47 6.15
C SER N 143 -11.64 34.00 7.03
N LEU N 144 -12.00 34.58 8.18
CA LEU N 144 -11.00 35.09 9.11
C LEU N 144 -10.39 34.01 9.99
N ALA N 145 -9.07 34.04 10.10
CA ALA N 145 -8.32 33.09 10.91
C ALA N 145 -7.39 33.81 11.88
N SER N 146 -7.96 34.70 12.70
CA SER N 146 -7.17 35.46 13.65
C SER N 146 -7.21 34.83 15.04
N PRO N 147 -6.04 34.69 15.69
CA PRO N 147 -5.98 34.15 17.05
C PRO N 147 -6.26 35.21 18.14
N VAL N 148 -6.54 36.44 17.70
CA VAL N 148 -6.76 37.55 18.63
C VAL N 148 -7.80 38.54 18.07
N ARG N 149 -8.82 38.84 18.87
CA ARG N 149 -9.90 39.74 18.45
C ARG N 149 -10.10 40.91 19.43
N THR N 150 -10.18 42.11 18.87
CA THR N 150 -10.52 43.32 19.63
C THR N 150 -12.04 43.52 19.57
N ASP N 151 -12.68 43.46 20.73
CA ASP N 151 -14.13 43.69 20.82
C ASP N 151 -14.41 45.17 20.53
N PRO N 152 -15.26 45.47 19.53
CA PRO N 152 -15.43 46.85 19.08
C PRO N 152 -16.41 47.68 19.93
N ASP N 153 -17.03 47.05 20.92
CA ASP N 153 -17.92 47.76 21.85
C ASP N 153 -17.26 48.05 23.20
N THR N 154 -16.44 47.12 23.67
CA THR N 154 -15.82 47.23 24.99
C THR N 154 -14.30 47.50 24.93
N GLY N 155 -13.71 47.37 23.74
CA GLY N 155 -12.29 47.62 23.56
C GLY N 155 -11.37 46.55 24.15
N ILE N 156 -11.96 45.59 24.85
CA ILE N 156 -11.22 44.48 25.48
C ILE N 156 -10.72 43.51 24.39
N MSE N 157 -9.57 42.89 24.65
CA MSE N 157 -8.92 42.01 23.67
C MSE N 157 -8.96 40.58 24.12
O MSE N 157 -8.48 40.25 25.22
CB MSE N 157 -7.48 42.48 23.50
CG MSE N 157 -6.78 41.72 22.38
SE MSE N 157 -5.03 42.55 21.98
CE MSE N 157 -5.68 44.08 20.91
N HIS N 158 -9.52 39.72 23.26
CA HIS N 158 -9.60 38.29 23.54
C HIS N 158 -8.65 37.48 22.69
N LYS N 159 -7.99 36.50 23.31
CA LYS N 159 -7.03 35.63 22.65
C LYS N 159 -7.54 34.18 22.65
N SER N 160 -7.55 33.55 21.47
CA SER N 160 -8.03 32.17 21.36
C SER N 160 -6.91 31.16 21.59
N VAL N 161 -7.27 30.04 22.23
CA VAL N 161 -6.35 28.92 22.41
C VAL N 161 -6.93 27.67 21.75
N LEU N 162 -6.09 26.66 21.54
CA LEU N 162 -6.52 25.38 20.98
C LEU N 162 -6.33 24.29 22.03
N LYS N 163 -7.21 24.28 23.02
CA LYS N 163 -7.08 23.39 24.17
C LYS N 163 -8.32 22.53 24.38
N PRO N 164 -8.15 21.34 25.00
CA PRO N 164 -9.31 20.50 25.30
C PRO N 164 -9.99 20.91 26.60
N PHE N 165 -11.04 20.17 26.96
CA PHE N 165 -11.68 20.30 28.26
C PHE N 165 -11.53 18.99 29.03
N GLY N 166 -11.48 19.07 30.36
CA GLY N 166 -11.46 17.88 31.21
C GLY N 166 -10.06 17.36 31.54
N LYS N 167 -9.43 16.72 30.56
CA LYS N 167 -8.08 16.17 30.74
C LYS N 167 -7.14 16.44 29.56
N THR N 168 -5.84 16.52 29.87
CA THR N 168 -4.77 16.77 28.90
C THR N 168 -4.89 15.93 27.61
N PHE N 169 -4.77 16.59 26.47
CA PHE N 169 -4.73 15.91 25.17
C PHE N 169 -3.28 15.74 24.73
N THR N 170 -2.88 14.49 24.51
CA THR N 170 -1.52 14.17 24.09
C THR N 170 -1.50 13.22 22.89
N GLY N 171 -0.60 13.49 21.95
CA GLY N 171 -0.46 12.67 20.75
C GLY N 171 0.81 13.00 19.99
N LYS N 172 1.07 12.25 18.94
CA LYS N 172 2.35 12.33 18.21
C LYS N 172 2.38 13.47 17.20
N THR N 173 3.57 14.06 17.01
CA THR N 173 3.75 15.16 16.07
C THR N 173 5.04 15.01 15.24
N VAL N 174 5.06 15.60 14.05
CA VAL N 174 6.20 15.49 13.15
C VAL N 174 6.70 16.85 12.67
N ASP N 175 8.04 17.00 12.65
CA ASP N 175 8.67 18.13 11.99
C ASP N 175 8.92 17.75 10.52
N PRO N 176 8.33 18.52 9.58
CA PRO N 176 8.40 18.17 8.16
C PRO N 176 9.84 18.24 7.61
N PHE N 177 10.69 19.00 8.27
CA PHE N 177 12.06 19.23 7.80
C PHE N 177 13.04 18.21 8.37
N THR N 178 13.03 18.06 9.70
CA THR N 178 13.95 17.15 10.38
C THR N 178 13.44 15.69 10.36
N GLY N 179 12.13 15.52 10.54
CA GLY N 179 11.52 14.19 10.54
C GLY N 179 11.48 13.56 11.93
N GLU N 180 11.72 14.39 12.95
CA GLU N 180 11.77 13.93 14.34
C GLU N 180 10.36 13.78 14.92
N LEU N 181 9.99 12.52 15.19
CA LEU N 181 8.70 12.18 15.78
C LEU N 181 8.76 12.37 17.29
N LYS N 182 8.43 13.60 17.72
CA LYS N 182 8.44 13.95 19.15
C LYS N 182 7.03 13.93 19.75
N GLU N 183 6.91 14.32 21.01
CA GLU N 183 5.65 14.26 21.73
C GLU N 183 5.20 15.60 22.30
N ILE N 184 4.01 16.03 21.89
CA ILE N 184 3.41 17.28 22.41
C ILE N 184 2.04 16.99 23.05
N SER N 185 1.71 17.75 24.09
CA SER N 185 0.42 17.64 24.75
C SER N 185 -0.27 18.99 24.89
N ALA N 186 -1.60 18.98 24.82
CA ALA N 186 -2.41 20.17 25.02
C ALA N 186 -3.02 20.12 26.41
N GLU N 187 -2.92 21.23 27.13
CA GLU N 187 -3.29 21.28 28.55
C GLU N 187 -4.61 22.03 28.78
N PRO N 188 -5.54 21.43 29.57
CA PRO N 188 -6.92 21.87 29.83
C PRO N 188 -7.16 23.37 29.90
N ALA N 189 -8.27 23.80 29.31
CA ALA N 189 -8.63 25.21 29.20
C ALA N 189 -9.46 25.74 30.39
N ASN N 190 -9.35 27.05 30.62
CA ASN N 190 -10.11 27.75 31.65
C ASN N 190 -11.59 27.98 31.23
N ASP N 191 -12.22 28.89 32.06
CA ASP N 191 -13.52 29.45 31.58
C ASP N 191 -13.36 30.82 30.90
N GLU N 192 -12.18 31.41 31.14
CA GLU N 192 -11.80 32.68 30.52
C GLU N 192 -11.15 32.38 29.18
N GLU N 193 -10.49 31.22 29.10
CA GLU N 193 -9.91 30.71 27.87
C GLU N 193 -10.95 29.95 27.05
N ALA N 194 -12.12 29.75 27.63
CA ALA N 194 -13.26 29.13 26.95
C ALA N 194 -14.11 30.19 26.29
N ALA N 195 -14.35 31.29 27.02
CA ALA N 195 -15.12 32.43 26.51
C ALA N 195 -14.36 33.17 25.41
N ALA N 196 -13.03 33.21 25.52
CA ALA N 196 -12.19 33.97 24.59
C ALA N 196 -12.14 33.35 23.20
N THR N 197 -12.02 32.03 23.14
CA THR N 197 -12.02 31.31 21.87
C THR N 197 -13.35 31.49 21.15
N VAL N 198 -14.45 31.42 21.90
CA VAL N 198 -15.80 31.62 21.36
C VAL N 198 -16.01 33.05 20.85
N LYS N 199 -15.52 34.02 21.61
CA LYS N 199 -15.62 35.44 21.25
C LYS N 199 -14.84 35.76 19.97
N VAL N 200 -13.81 34.97 19.71
CA VAL N 200 -12.90 35.15 18.59
C VAL N 200 -13.29 34.31 17.38
N MSE N 201 -13.43 33.00 17.59
CA MSE N 201 -13.65 32.06 16.48
C MSE N 201 -15.09 31.92 16.07
O MSE N 201 -15.39 31.46 14.95
CB MSE N 201 -13.04 30.69 16.79
CG MSE N 201 -11.52 30.66 16.59
SE MSE N 201 -10.96 31.74 15.03
CE MSE N 201 -11.77 30.68 13.56
N GLY N 202 -16.01 32.30 16.97
CA GLY N 202 -17.44 32.23 16.70
C GLY N 202 -17.94 33.22 15.66
N GLY N 203 -19.22 33.11 15.31
CA GLY N 203 -19.82 33.95 14.29
C GLY N 203 -20.41 35.25 14.80
N GLU N 204 -19.85 35.75 15.90
CA GLU N 204 -20.26 37.02 16.50
C GLU N 204 -19.93 38.21 15.58
N ASP N 205 -18.72 38.22 15.02
CA ASP N 205 -18.29 39.26 14.08
C ASP N 205 -18.94 39.12 12.71
N TRP N 206 -19.21 37.87 12.32
CA TRP N 206 -19.84 37.57 11.03
C TRP N 206 -21.25 38.07 10.98
N GLU N 207 -22.00 37.81 12.05
CA GLU N 207 -23.35 38.32 12.23
C GLU N 207 -23.36 39.85 12.14
N ARG N 208 -22.38 40.47 12.80
CA ARG N 208 -22.21 41.92 12.83
C ARG N 208 -22.04 42.50 11.42
N TRP N 209 -21.34 41.77 10.56
CA TRP N 209 -21.16 42.14 9.16
C TRP N 209 -22.46 42.20 8.43
N ILE N 210 -23.19 41.09 8.48
CA ILE N 210 -24.48 40.95 7.80
C ILE N 210 -25.49 42.01 8.26
N LYS N 211 -25.57 42.24 9.58
CA LYS N 211 -26.48 43.24 10.14
C LYS N 211 -26.17 44.62 9.60
N GLN N 212 -24.87 44.98 9.68
CA GLN N 212 -24.40 46.28 9.23
C GLN N 212 -24.55 46.46 7.72
N LEU N 213 -24.54 45.35 6.99
CA LEU N 213 -24.77 45.38 5.55
C LEU N 213 -26.25 45.50 5.22
N SER N 214 -27.07 44.78 5.97
CA SER N 214 -28.51 44.75 5.71
C SER N 214 -29.16 46.11 5.95
N LYS N 215 -28.74 46.78 7.03
CA LYS N 215 -29.31 48.08 7.39
C LYS N 215 -28.93 49.17 6.38
N GLU N 216 -28.09 48.81 5.42
CA GLU N 216 -27.73 49.71 4.32
C GLU N 216 -28.30 49.22 2.99
N GLY N 217 -29.01 48.09 3.03
CA GLY N 217 -29.63 47.49 1.86
C GLY N 217 -28.60 47.04 0.83
N LEU N 218 -27.54 46.39 1.31
CA LEU N 218 -26.43 45.98 0.43
C LEU N 218 -26.50 44.49 0.04
N LEU N 219 -27.67 43.87 0.27
CA LEU N 219 -27.85 42.45 0.00
C LEU N 219 -28.90 42.23 -1.09
N GLU N 220 -28.62 41.30 -2.01
CA GLU N 220 -29.57 40.95 -3.07
C GLU N 220 -30.67 40.04 -2.54
N GLU N 221 -31.56 39.61 -3.42
CA GLU N 221 -32.51 38.54 -3.11
C GLU N 221 -31.74 37.23 -3.10
N GLY N 222 -31.94 36.44 -2.04
CA GLY N 222 -31.32 35.13 -1.91
C GLY N 222 -29.80 35.15 -1.81
N CYS N 223 -29.25 36.22 -1.25
CA CYS N 223 -27.81 36.36 -1.08
C CYS N 223 -27.25 35.22 -0.22
N ILE N 224 -26.25 34.53 -0.77
CA ILE N 224 -25.57 33.45 -0.07
C ILE N 224 -24.43 34.04 0.77
N THR N 225 -24.22 33.47 1.95
CA THR N 225 -23.10 33.87 2.80
C THR N 225 -22.61 32.67 3.61
N LEU N 226 -21.31 32.38 3.52
CA LEU N 226 -20.78 31.20 4.19
C LEU N 226 -19.45 31.42 4.94
N ALA N 227 -19.23 30.59 5.95
CA ALA N 227 -18.05 30.69 6.81
C ALA N 227 -17.32 29.36 6.93
N TYR N 228 -15.99 29.42 6.90
CA TYR N 228 -15.19 28.20 6.81
C TYR N 228 -14.92 27.57 8.15
N SER N 229 -14.89 26.23 8.17
CA SER N 229 -14.64 25.49 9.40
C SER N 229 -14.11 24.08 9.16
N TYR N 230 -13.50 23.54 10.20
CA TYR N 230 -12.94 22.19 10.17
C TYR N 230 -13.65 21.35 11.23
N ILE N 231 -13.99 20.11 10.87
CA ILE N 231 -14.47 19.14 11.85
C ILE N 231 -13.32 18.20 12.18
N GLY N 232 -12.72 17.61 11.15
CA GLY N 232 -11.57 16.77 11.33
C GLY N 232 -11.87 15.35 11.73
N PRO N 233 -10.81 14.57 12.02
CA PRO N 233 -10.89 13.14 12.32
C PRO N 233 -11.18 12.86 13.79
N GLU N 234 -11.55 11.61 14.07
CA GLU N 234 -11.86 11.15 15.42
C GLU N 234 -10.64 11.11 16.33
N ALA N 235 -9.44 11.23 15.75
CA ALA N 235 -8.20 11.21 16.50
C ALA N 235 -7.91 12.55 17.18
N THR N 236 -8.44 13.63 16.61
CA THR N 236 -8.26 14.97 17.17
C THR N 236 -9.60 15.58 17.59
N GLN N 237 -10.56 14.73 17.93
CA GLN N 237 -11.90 15.17 18.28
C GLN N 237 -11.98 15.84 19.65
N ALA N 238 -11.00 15.54 20.51
CA ALA N 238 -10.93 16.18 21.84
C ALA N 238 -10.57 17.67 21.76
N LEU N 239 -10.29 18.14 20.54
CA LEU N 239 -10.00 19.54 20.28
C LEU N 239 -11.09 20.21 19.43
N TYR N 240 -11.47 19.55 18.34
CA TYR N 240 -12.41 20.14 17.37
C TYR N 240 -13.88 19.82 17.66
N ARG N 241 -14.12 18.75 18.42
CA ARG N 241 -15.49 18.37 18.76
C ARG N 241 -15.81 18.87 20.18
N LYS N 242 -15.21 18.22 21.17
CA LYS N 242 -15.50 18.48 22.59
C LYS N 242 -14.65 19.60 23.19
N GLY N 243 -13.64 20.05 22.45
CA GLY N 243 -12.68 21.04 22.95
C GLY N 243 -13.14 22.48 22.87
N THR N 244 -12.18 23.40 23.00
CA THR N 244 -12.46 24.83 23.06
C THR N 244 -12.80 25.44 21.70
N ILE N 245 -12.29 24.83 20.64
CA ILE N 245 -12.50 25.30 19.27
C ILE N 245 -13.83 24.78 18.71
N GLY N 246 -14.11 23.49 18.93
CA GLY N 246 -15.41 22.90 18.59
C GLY N 246 -16.53 23.62 19.30
N LYS N 247 -16.26 24.02 20.54
CA LYS N 247 -17.15 24.88 21.33
C LYS N 247 -17.45 26.17 20.55
N ALA N 248 -16.40 26.83 20.06
CA ALA N 248 -16.53 28.06 19.29
C ALA N 248 -17.13 27.82 17.90
N LYS N 249 -16.86 26.64 17.35
CA LYS N 249 -17.39 26.22 16.06
C LYS N 249 -18.90 25.99 16.15
N GLU N 250 -19.35 25.44 17.27
CA GLU N 250 -20.77 25.25 17.55
C GLU N 250 -21.55 26.56 17.61
N HIS N 251 -20.88 27.61 18.12
CA HIS N 251 -21.43 28.96 18.11
C HIS N 251 -21.56 29.45 16.70
N LEU N 252 -20.50 29.21 15.92
CA LEU N 252 -20.47 29.62 14.52
C LEU N 252 -21.64 29.00 13.75
N GLU N 253 -21.80 27.68 13.87
CA GLU N 253 -22.90 26.98 13.17
C GLU N 253 -24.29 27.18 13.80
N ALA N 254 -24.35 27.93 14.90
CA ALA N 254 -25.61 28.32 15.54
C ALA N 254 -26.03 29.73 15.11
N THR N 255 -25.02 30.59 14.92
CA THR N 255 -25.20 31.92 14.34
C THR N 255 -25.71 31.82 12.91
N ALA N 256 -25.32 30.75 12.23
CA ALA N 256 -25.81 30.47 10.88
C ALA N 256 -27.33 30.30 10.87
N HIS N 257 -27.85 29.45 11.76
CA HIS N 257 -29.29 29.19 11.84
C HIS N 257 -30.08 30.42 12.16
N ARG N 258 -29.52 31.28 13.02
CA ARG N 258 -30.17 32.53 13.40
C ARG N 258 -30.21 33.56 12.26
N LEU N 259 -29.19 33.54 11.41
CA LEU N 259 -29.14 34.46 10.28
C LEU N 259 -30.25 34.16 9.30
N ASN N 260 -30.46 32.88 9.01
CA ASN N 260 -31.53 32.43 8.14
C ASN N 260 -32.91 32.73 8.73
N LYS N 261 -32.97 32.69 10.06
CA LYS N 261 -34.19 32.87 10.85
C LYS N 261 -34.64 34.32 10.81
N GLU N 262 -33.69 35.23 11.03
CA GLU N 262 -33.98 36.65 11.21
C GLU N 262 -33.95 37.45 9.91
N ASN N 263 -33.55 36.80 8.81
CA ASN N 263 -33.53 37.44 7.50
C ASN N 263 -33.87 36.43 6.42
N PRO N 264 -35.14 36.42 5.97
CA PRO N 264 -35.66 35.37 5.09
C PRO N 264 -35.08 35.38 3.67
N SER N 265 -34.68 36.57 3.19
CA SER N 265 -34.19 36.70 1.82
C SER N 265 -32.66 36.57 1.65
N ILE N 266 -32.02 35.90 2.61
CA ILE N 266 -30.61 35.50 2.49
C ILE N 266 -30.39 34.06 2.92
N ARG N 267 -29.30 33.46 2.46
CA ARG N 267 -29.00 32.06 2.76
C ARG N 267 -27.62 31.93 3.41
N ALA N 268 -27.60 31.54 4.69
CA ALA N 268 -26.34 31.38 5.42
C ALA N 268 -25.98 29.92 5.68
N PHE N 269 -24.74 29.56 5.37
CA PHE N 269 -24.24 28.20 5.56
C PHE N 269 -22.86 28.27 6.19
N VAL N 270 -22.48 27.24 6.95
CA VAL N 270 -21.07 27.10 7.30
C VAL N 270 -20.50 25.95 6.46
N SER N 271 -19.40 26.23 5.78
CA SER N 271 -18.72 25.23 4.97
C SER N 271 -17.63 24.52 5.78
N VAL N 272 -17.77 23.20 5.89
CA VAL N 272 -16.74 22.37 6.54
C VAL N 272 -15.77 21.82 5.49
N ASN N 273 -14.53 22.32 5.54
CA ASN N 273 -13.53 22.02 4.50
C ASN N 273 -12.51 20.97 4.94
N LYS N 274 -11.59 20.64 4.02
CA LYS N 274 -10.57 19.65 4.31
C LYS N 274 -9.41 20.26 5.10
N GLY N 275 -8.69 19.39 5.80
CA GLY N 275 -7.54 19.81 6.59
C GLY N 275 -6.37 20.14 5.71
N LEU N 276 -5.59 21.13 6.13
CA LEU N 276 -4.36 21.53 5.44
C LEU N 276 -3.41 22.28 6.35
N VAL N 277 -2.19 22.48 5.87
CA VAL N 277 -1.11 23.13 6.61
C VAL N 277 -1.31 24.64 6.66
N THR N 278 -1.35 25.17 7.88
CA THR N 278 -1.44 26.60 8.13
C THR N 278 -0.57 26.92 9.34
N ARG N 279 -0.31 28.22 9.56
CA ARG N 279 0.55 28.69 10.64
C ARG N 279 0.50 27.84 11.94
N ALA N 280 -0.75 27.57 12.38
CA ALA N 280 -0.96 26.97 13.70
C ALA N 280 -0.93 25.43 13.72
N SER N 281 -0.46 24.83 12.63
CA SER N 281 -0.41 23.37 12.53
C SER N 281 0.71 22.74 13.37
N ALA N 282 1.85 23.40 13.43
CA ALA N 282 3.03 22.87 14.13
C ALA N 282 2.85 22.80 15.64
N VAL N 283 2.07 23.75 16.19
CA VAL N 283 1.86 23.87 17.63
C VAL N 283 0.77 22.91 18.14
N ILE N 284 0.00 22.36 17.18
CA ILE N 284 -1.16 21.55 17.50
C ILE N 284 -0.78 20.06 17.51
N PRO N 285 -1.30 19.28 18.48
CA PRO N 285 -1.02 17.83 18.62
C PRO N 285 -1.81 16.94 17.67
N VAL N 286 -1.09 16.01 17.03
CA VAL N 286 -1.69 14.96 16.15
C VAL N 286 -2.18 15.48 14.80
N ILE N 287 -1.92 16.76 14.51
CA ILE N 287 -2.34 17.35 13.23
C ILE N 287 -1.28 17.18 12.15
N PRO N 288 0.00 17.53 12.43
CA PRO N 288 1.01 17.37 11.38
C PRO N 288 1.24 15.92 11.01
N LEU N 289 1.21 15.02 11.99
CA LEU N 289 1.30 13.59 11.74
C LEU N 289 0.11 13.12 10.91
N TYR N 290 -1.10 13.53 11.32
CA TYR N 290 -2.31 13.25 10.56
C TYR N 290 -2.20 13.77 9.12
N LEU N 291 -1.99 15.08 9.00
CA LEU N 291 -1.88 15.75 7.70
C LEU N 291 -0.86 15.11 6.78
N ALA N 292 0.35 14.87 7.30
CA ALA N 292 1.42 14.24 6.53
C ALA N 292 1.02 12.86 6.02
N SER N 293 0.32 12.11 6.86
CA SER N 293 -0.20 10.80 6.48
C SER N 293 -1.37 10.92 5.51
N LEU N 294 -2.27 11.87 5.79
CA LEU N 294 -3.40 12.18 4.92
C LEU N 294 -2.93 12.47 3.50
N PHE N 295 -1.91 13.31 3.39
CA PHE N 295 -1.34 13.71 2.10
C PHE N 295 -0.83 12.51 1.31
N LYS N 296 -0.21 11.55 2.01
CA LYS N 296 0.33 10.36 1.37
C LYS N 296 -0.80 9.52 0.76
N VAL N 297 -1.80 9.23 1.58
CA VAL N 297 -2.91 8.36 1.22
C VAL N 297 -3.78 8.97 0.10
N MSE N 298 -4.13 10.24 0.25
CA MSE N 298 -5.05 10.91 -0.68
C MSE N 298 -4.45 11.07 -2.06
O MSE N 298 -5.18 11.00 -3.05
CB MSE N 298 -5.48 12.27 -0.09
CG MSE N 298 -6.56 12.01 0.99
SE MSE N 298 -7.59 13.66 1.38
CE MSE N 298 -9.15 13.24 0.28
N LYS N 299 -3.13 11.26 -2.11
CA LYS N 299 -2.38 11.33 -3.38
C LYS N 299 -2.31 9.98 -4.08
N GLU N 300 -2.11 8.92 -3.27
CA GLU N 300 -2.12 7.54 -3.74
C GLU N 300 -3.48 7.20 -4.37
N LYS N 301 -4.55 7.51 -3.64
CA LYS N 301 -5.91 7.34 -4.13
C LYS N 301 -6.26 8.35 -5.22
N GLY N 302 -5.42 9.37 -5.37
CA GLY N 302 -5.59 10.38 -6.41
C GLY N 302 -6.81 11.27 -6.20
N ASN N 303 -7.10 11.59 -4.94
CA ASN N 303 -8.16 12.54 -4.61
C ASN N 303 -7.72 13.58 -3.58
N HIS N 304 -6.45 13.99 -3.68
CA HIS N 304 -5.92 15.09 -2.88
C HIS N 304 -6.19 16.39 -3.57
N GLU N 305 -6.60 17.38 -2.78
CA GLU N 305 -6.85 18.72 -3.30
C GLU N 305 -6.32 19.81 -2.37
N GLY N 306 -5.75 20.87 -2.96
CA GLY N 306 -5.32 22.05 -2.21
C GLY N 306 -6.48 23.01 -2.03
N CYS N 307 -6.16 24.26 -1.77
CA CYS N 307 -7.18 25.30 -1.55
C CYS N 307 -8.05 25.55 -2.78
N ILE N 308 -7.42 25.86 -3.90
CA ILE N 308 -8.15 26.21 -5.12
C ILE N 308 -8.99 25.03 -5.63
N GLU N 309 -8.48 23.81 -5.47
CA GLU N 309 -9.17 22.62 -5.93
C GLU N 309 -10.43 22.38 -5.11
N GLN N 310 -10.34 22.66 -3.81
CA GLN N 310 -11.49 22.59 -2.88
C GLN N 310 -12.53 23.66 -3.17
N ILE N 311 -12.09 24.92 -3.21
CA ILE N 311 -13.00 26.05 -3.37
C ILE N 311 -13.67 26.10 -4.74
N THR N 312 -12.97 25.68 -5.81
CA THR N 312 -13.58 25.67 -7.14
C THR N 312 -14.77 24.74 -7.14
N ARG N 313 -14.53 23.50 -6.71
CA ARG N 313 -15.57 22.49 -6.53
C ARG N 313 -16.74 23.07 -5.71
N LEU N 314 -16.42 23.81 -4.66
CA LEU N 314 -17.43 24.46 -3.83
C LEU N 314 -18.36 25.36 -4.63
N TYR N 315 -17.81 26.37 -5.32
CA TYR N 315 -18.62 27.27 -6.16
C TYR N 315 -19.44 26.52 -7.20
N ALA N 316 -18.86 25.46 -7.77
CA ALA N 316 -19.43 24.80 -8.94
C ALA N 316 -20.41 23.68 -8.62
N GLU N 317 -20.16 22.96 -7.53
CA GLU N 317 -20.93 21.75 -7.21
C GLU N 317 -21.76 21.87 -5.93
N ARG N 318 -21.71 23.03 -5.29
CA ARG N 318 -22.48 23.27 -4.08
C ARG N 318 -23.27 24.57 -4.15
N LEU N 319 -22.61 25.62 -4.62
CA LEU N 319 -23.19 26.96 -4.58
C LEU N 319 -23.86 27.35 -5.88
N TYR N 320 -23.15 27.20 -6.98
CA TYR N 320 -23.68 27.59 -8.28
C TYR N 320 -23.81 26.37 -9.18
N ARG N 321 -24.43 25.33 -8.62
CA ARG N 321 -24.74 24.10 -9.36
C ARG N 321 -26.05 24.24 -10.13
N LYS N 322 -26.18 23.47 -11.20
CA LYS N 322 -27.28 23.60 -12.18
C LYS N 322 -28.71 23.35 -11.67
N ASP N 323 -28.83 22.72 -10.50
CA ASP N 323 -30.13 22.39 -9.93
C ASP N 323 -30.80 23.59 -9.28
N GLY N 324 -30.00 24.47 -8.70
CA GLY N 324 -30.50 25.56 -7.84
C GLY N 324 -30.35 25.18 -6.38
N THR N 325 -30.20 23.87 -6.14
CA THR N 325 -29.98 23.32 -4.80
C THR N 325 -28.65 23.77 -4.21
N ILE N 326 -28.59 23.83 -2.89
CA ILE N 326 -27.32 23.88 -2.16
C ILE N 326 -27.35 22.70 -1.20
N PRO N 327 -26.74 21.57 -1.60
CA PRO N 327 -26.70 20.38 -0.75
C PRO N 327 -26.11 20.66 0.65
N VAL N 328 -26.79 20.16 1.67
CA VAL N 328 -26.26 20.20 3.03
C VAL N 328 -26.26 18.80 3.68
N ASP N 329 -25.61 18.68 4.83
CA ASP N 329 -25.70 17.46 5.64
C ASP N 329 -26.98 17.51 6.49
N GLU N 330 -27.06 16.65 7.52
CA GLU N 330 -28.26 16.57 8.36
C GLU N 330 -28.42 17.79 9.27
N GLU N 331 -27.31 18.45 9.58
CA GLU N 331 -27.33 19.64 10.43
C GLU N 331 -27.15 20.95 9.65
N ASN N 332 -27.45 20.90 8.35
CA ASN N 332 -27.53 22.06 7.47
C ASN N 332 -26.20 22.75 7.20
N ARG N 333 -25.19 21.95 6.86
CA ARG N 333 -23.85 22.45 6.57
C ARG N 333 -23.38 21.95 5.22
N ILE N 334 -22.65 22.80 4.50
CA ILE N 334 -22.01 22.38 3.26
C ILE N 334 -20.82 21.48 3.60
N ARG N 335 -20.60 20.46 2.78
CA ARG N 335 -19.57 19.47 3.06
C ARG N 335 -18.55 19.34 1.92
N ILE N 336 -17.38 19.92 2.12
CA ILE N 336 -16.27 19.84 1.16
C ILE N 336 -15.25 18.81 1.65
N ASP N 337 -15.37 18.41 2.91
CA ASP N 337 -14.48 17.41 3.51
C ASP N 337 -14.95 15.98 3.24
N ASP N 338 -16.00 15.84 2.42
CA ASP N 338 -16.56 14.53 2.08
C ASP N 338 -15.50 13.52 1.63
N TRP N 339 -14.49 14.01 0.91
CA TRP N 339 -13.41 13.15 0.44
C TRP N 339 -12.40 12.85 1.53
N GLU N 340 -12.17 13.81 2.41
CA GLU N 340 -11.27 13.62 3.56
C GLU N 340 -11.85 12.67 4.62
N LEU N 341 -13.18 12.61 4.72
CA LEU N 341 -13.80 11.94 5.87
C LEU N 341 -14.38 10.55 5.63
N GLU N 342 -14.22 9.99 4.43
CA GLU N 342 -14.77 8.67 4.11
C GLU N 342 -14.01 7.54 4.82
N GLU N 343 -14.75 6.45 5.10
CA GLU N 343 -14.27 5.35 5.93
C GLU N 343 -12.91 4.78 5.51
N ASP N 344 -12.76 4.49 4.22
CA ASP N 344 -11.57 3.84 3.68
C ASP N 344 -10.31 4.71 3.75
N VAL N 345 -10.50 6.02 3.60
CA VAL N 345 -9.40 6.97 3.72
C VAL N 345 -8.96 7.08 5.18
N GLN N 346 -9.92 7.29 6.07
CA GLN N 346 -9.68 7.30 7.51
C GLN N 346 -9.12 5.96 8.02
N LYS N 347 -9.38 4.89 7.27
CA LYS N 347 -8.92 3.55 7.63
C LYS N 347 -7.40 3.45 7.54
N ALA N 348 -6.85 3.80 6.37
CA ALA N 348 -5.40 3.71 6.11
C ALA N 348 -4.58 4.75 6.89
N VAL N 349 -5.16 5.93 7.12
CA VAL N 349 -4.48 7.03 7.81
C VAL N 349 -4.28 6.73 9.30
N SER N 350 -5.22 6.00 9.90
CA SER N 350 -5.10 5.57 11.30
C SER N 350 -4.02 4.50 11.44
N ALA N 351 -4.03 3.53 10.52
CA ALA N 351 -3.06 2.44 10.52
C ALA N 351 -1.65 2.94 10.30
N LEU N 352 -1.47 3.79 9.29
CA LEU N 352 -0.15 4.33 8.92
C LEU N 352 0.41 5.24 10.00
N MSE N 353 -0.49 5.83 10.80
CA MSE N 353 -0.09 6.66 11.93
C MSE N 353 0.40 5.81 13.07
O MSE N 353 1.28 6.23 13.83
CB MSE N 353 -1.29 7.46 12.42
CG MSE N 353 -1.16 8.95 12.04
SE MSE N 353 -2.70 9.91 12.80
CE MSE N 353 -2.57 9.32 14.70
N GLU N 354 -0.17 4.62 13.20
CA GLU N 354 0.22 3.70 14.26
C GLU N 354 1.59 3.08 13.97
N LYS N 355 1.92 2.93 12.69
CA LYS N 355 3.21 2.36 12.29
C LYS N 355 4.19 3.41 11.74
N VAL N 356 4.29 4.53 12.43
CA VAL N 356 5.29 5.55 12.08
C VAL N 356 6.04 6.05 13.32
N THR N 357 7.33 5.70 13.36
CA THR N 357 8.21 6.08 14.44
C THR N 357 9.28 7.07 13.92
N GLY N 358 10.42 7.16 14.61
CA GLY N 358 11.49 8.11 14.27
C GLY N 358 11.97 8.20 12.83
N GLU N 359 12.57 7.10 12.34
CA GLU N 359 13.28 7.13 11.05
C GLU N 359 12.46 6.75 9.81
N ASN N 360 11.28 6.17 10.02
CA ASN N 360 10.41 5.78 8.90
C ASN N 360 9.54 6.93 8.37
N ALA N 361 9.69 8.12 8.97
CA ALA N 361 8.95 9.31 8.58
C ALA N 361 8.95 9.59 7.07
N GLU N 362 10.12 9.89 6.52
CA GLU N 362 10.26 10.17 5.08
C GLU N 362 9.93 8.95 4.22
N SER N 363 10.03 7.76 4.83
CA SER N 363 9.81 6.50 4.15
C SER N 363 8.33 6.23 3.82
N LEU N 364 7.45 6.30 4.82
CA LEU N 364 6.07 5.83 4.65
C LEU N 364 4.94 6.88 4.85
N THR N 365 5.30 8.16 4.96
CA THR N 365 4.31 9.26 4.90
C THR N 365 4.75 10.31 3.87
N ASP N 366 4.05 11.44 3.82
CA ASP N 366 4.39 12.49 2.85
C ASP N 366 4.82 13.81 3.50
N LEU N 367 6.09 13.85 3.90
CA LEU N 367 6.67 15.05 4.50
C LEU N 367 7.05 16.09 3.43
N ALA N 368 7.36 15.61 2.23
CA ALA N 368 7.71 16.48 1.11
C ALA N 368 6.55 17.43 0.74
N GLY N 369 5.34 16.87 0.63
CA GLY N 369 4.14 17.65 0.34
C GLY N 369 3.82 18.65 1.43
N TYR N 370 3.91 18.19 2.68
CA TYR N 370 3.73 19.05 3.85
C TYR N 370 4.70 20.25 3.81
N ARG N 371 6.00 19.97 3.67
CA ARG N 371 7.03 21.00 3.51
C ARG N 371 6.66 21.99 2.40
N HIS N 372 6.22 21.43 1.27
CA HIS N 372 5.83 22.20 0.10
C HIS N 372 4.72 23.16 0.40
N ASP N 373 3.64 22.65 0.98
CA ASP N 373 2.48 23.47 1.35
C ASP N 373 2.79 24.45 2.47
N PHE N 374 3.73 24.07 3.34
CA PHE N 374 4.24 24.97 4.38
C PHE N 374 4.96 26.15 3.74
N LEU N 375 5.88 25.85 2.83
CA LEU N 375 6.68 26.88 2.16
C LEU N 375 5.90 27.67 1.12
N ALA N 376 5.09 26.96 0.33
CA ALA N 376 4.32 27.58 -0.76
C ALA N 376 3.45 28.74 -0.28
N SER N 377 2.80 28.55 0.87
CA SER N 377 1.98 29.60 1.51
C SER N 377 2.72 30.92 1.55
N ASN N 378 4.05 30.85 1.73
CA ASN N 378 4.90 32.02 1.83
C ASN N 378 5.76 32.23 0.59
N GLY N 379 5.31 31.69 -0.54
CA GLY N 379 5.94 31.94 -1.83
C GLY N 379 7.31 31.31 -2.03
N PHE N 380 7.60 30.26 -1.26
CA PHE N 380 8.83 29.49 -1.41
C PHE N 380 8.50 28.11 -1.93
N ASP N 381 9.42 27.54 -2.70
CA ASP N 381 9.28 26.21 -3.27
C ASP N 381 8.18 26.17 -4.35
N VAL N 382 7.82 27.34 -4.86
CA VAL N 382 6.82 27.46 -5.91
C VAL N 382 7.49 27.17 -7.27
N GLU N 383 6.90 26.24 -8.01
CA GLU N 383 7.44 25.78 -9.30
C GLU N 383 7.53 26.89 -10.36
N GLY N 384 8.64 26.88 -11.09
CA GLY N 384 8.88 27.82 -12.17
C GLY N 384 9.48 29.13 -11.69
N ILE N 385 9.96 29.15 -10.45
CA ILE N 385 10.60 30.33 -9.87
C ILE N 385 12.05 30.02 -9.52
N ASN N 386 12.94 30.95 -9.84
CA ASN N 386 14.35 30.84 -9.49
C ASN N 386 14.65 31.57 -8.18
N TYR N 387 15.05 30.82 -7.17
CA TYR N 387 15.29 31.38 -5.84
C TYR N 387 16.71 31.95 -5.65
N GLU N 388 17.54 31.80 -6.68
CA GLU N 388 18.84 32.45 -6.73
C GLU N 388 18.78 33.81 -7.43
N ALA N 389 17.68 34.06 -8.14
CA ALA N 389 17.46 35.35 -8.78
C ALA N 389 17.38 36.45 -7.72
N GLU N 390 17.87 37.63 -8.06
CA GLU N 390 17.93 38.74 -7.10
C GLU N 390 16.55 39.36 -6.91
N VAL N 391 16.22 39.73 -5.67
CA VAL N 391 15.00 40.48 -5.39
C VAL N 391 15.35 41.97 -5.35
N GLU N 392 14.82 42.72 -6.31
CA GLU N 392 15.03 44.17 -6.41
C GLU N 392 14.65 44.86 -5.11
N ARG N 393 13.40 44.67 -4.71
CA ARG N 393 12.84 45.23 -3.47
C ARG N 393 11.57 44.47 -3.06
N PHE N 394 11.03 44.85 -1.90
CA PHE N 394 9.87 44.18 -1.32
C PHE N 394 8.63 45.08 -1.30
N ASP N 395 8.51 45.94 -2.31
CA ASP N 395 7.47 46.97 -2.34
C ASP N 395 6.55 46.83 -3.55
N ARG N 396 7.06 46.17 -4.59
CA ARG N 396 6.32 45.95 -5.83
C ARG N 396 6.67 44.57 -6.41
N ILE N 397 6.00 44.20 -7.50
CA ILE N 397 6.18 42.88 -8.11
C ILE N 397 6.41 42.96 -9.63
N LEU N 398 7.07 41.94 -10.17
CA LEU N 398 7.51 41.94 -11.58
C LEU N 398 7.06 40.68 -12.31
N MSE O 1 39.49 61.94 14.30
CA MSE O 1 38.98 63.24 14.85
C MSE O 1 39.01 63.23 16.35
O MSE O 1 38.84 62.18 16.98
CB MSE O 1 37.56 63.52 14.33
CG MSE O 1 36.60 62.34 14.56
SE MSE O 1 34.78 62.78 13.92
CE MSE O 1 34.40 64.36 15.03
N ILE O 2 39.26 64.40 16.94
CA ILE O 2 39.15 64.58 18.39
C ILE O 2 37.66 64.62 18.76
N VAL O 3 37.20 63.60 19.48
CA VAL O 3 35.80 63.53 19.90
C VAL O 3 35.68 63.83 21.41
N LYS O 4 34.90 64.86 21.73
CA LYS O 4 34.73 65.35 23.11
C LYS O 4 33.25 65.50 23.49
N PRO O 5 33.00 65.61 24.87
CA PRO O 5 31.63 65.64 25.41
C PRO O 5 30.69 66.64 24.73
N MSE O 6 29.43 66.25 24.58
CA MSE O 6 28.43 67.02 23.85
C MSE O 6 27.13 66.98 24.60
O MSE O 6 26.33 66.00 24.46
CB MSE O 6 28.25 66.36 22.50
CG MSE O 6 29.08 67.03 21.42
SE MSE O 6 27.83 67.69 20.05
CE MSE O 6 26.99 65.97 19.52
N VAL O 7 26.91 68.05 25.39
CA VAL O 7 25.75 68.09 26.28
C VAL O 7 24.75 69.16 25.81
N ARG O 8 23.58 68.71 25.36
CA ARG O 8 22.49 69.60 24.96
C ARG O 8 21.24 69.27 25.77
N ASN O 9 20.78 70.24 26.56
CA ASN O 9 19.68 70.05 27.50
C ASN O 9 19.98 68.91 28.48
N ASN O 10 21.16 68.98 29.09
CA ASN O 10 21.64 68.01 30.09
C ASN O 10 21.64 66.54 29.65
N ILE O 11 21.85 66.31 28.35
CA ILE O 11 21.90 64.97 27.78
C ILE O 11 23.12 64.81 26.86
N CYS O 12 23.90 63.77 27.11
CA CYS O 12 25.10 63.46 26.32
C CYS O 12 24.73 62.72 25.03
N LEU O 13 24.88 63.40 23.90
CA LEU O 13 24.52 62.83 22.60
C LEU O 13 25.55 61.81 22.13
N ASN O 14 26.79 62.26 21.97
CA ASN O 14 27.87 61.43 21.42
C ASN O 14 28.35 60.32 22.36
N ALA O 15 29.41 59.62 21.96
CA ALA O 15 30.01 58.56 22.76
C ALA O 15 31.41 58.22 22.26
N HIS O 16 32.40 58.27 23.16
CA HIS O 16 33.78 57.89 22.84
C HIS O 16 33.97 56.41 23.01
N PRO O 17 34.16 55.68 21.89
CA PRO O 17 34.14 54.21 21.90
C PRO O 17 35.29 53.54 22.68
N GLN O 18 36.52 54.02 22.48
CA GLN O 18 37.68 53.43 23.16
C GLN O 18 37.68 53.70 24.66
N GLY O 19 36.83 54.64 25.09
CA GLY O 19 36.65 54.94 26.51
C GLY O 19 35.57 54.10 27.16
N CYS O 20 34.57 53.72 26.36
CA CYS O 20 33.53 52.79 26.78
C CYS O 20 34.12 51.38 26.98
N LYS O 21 35.22 51.11 26.28
CA LYS O 21 35.92 49.83 26.31
C LYS O 21 36.78 49.72 27.57
N LYS O 22 37.63 50.72 27.79
CA LYS O 22 38.42 50.81 29.00
C LYS O 22 37.48 50.93 30.20
N GLY O 23 36.25 51.36 29.94
CA GLY O 23 35.19 51.43 30.95
C GLY O 23 34.64 50.08 31.34
N VAL O 24 34.51 49.18 30.36
CA VAL O 24 34.11 47.80 30.61
C VAL O 24 35.29 47.00 31.18
N GLU O 25 36.47 47.17 30.60
CA GLU O 25 37.69 46.50 31.05
C GLU O 25 38.09 46.78 32.50
N ASP O 26 37.86 48.02 32.94
CA ASP O 26 38.09 48.42 34.33
C ASP O 26 37.09 47.74 35.27
N GLN O 27 35.90 47.45 34.77
CA GLN O 27 34.91 46.70 35.54
C GLN O 27 35.27 45.21 35.60
N ILE O 28 35.96 44.73 34.56
CA ILE O 28 36.43 43.34 34.52
C ILE O 28 37.60 43.14 35.48
N GLU O 29 38.59 44.05 35.43
CA GLU O 29 39.70 44.04 36.38
C GLU O 29 39.22 43.99 37.84
N TYR O 30 38.28 44.87 38.18
CA TYR O 30 37.72 44.93 39.52
C TYR O 30 37.11 43.61 39.98
N THR O 31 36.39 42.94 39.09
CA THR O 31 35.68 41.71 39.43
C THR O 31 36.66 40.58 39.74
N LYS O 32 37.73 40.50 38.95
CA LYS O 32 38.77 39.51 39.15
C LYS O 32 39.44 39.68 40.52
N LYS O 33 39.54 40.92 40.98
CA LYS O 33 40.05 41.23 42.32
C LYS O 33 39.05 40.83 43.40
N ARG O 34 37.79 41.19 43.19
CA ARG O 34 36.76 41.12 44.22
C ARG O 34 36.19 39.70 44.43
N ILE O 35 36.04 38.96 43.34
CA ILE O 35 35.55 37.58 43.40
C ILE O 35 36.75 36.62 43.37
N THR O 36 37.34 36.42 44.54
CA THR O 36 38.47 35.51 44.72
C THR O 36 37.94 34.11 44.97
N ALA O 37 38.79 33.09 44.72
CA ALA O 37 38.43 31.72 45.06
C ALA O 37 37.84 31.65 46.47
N GLU O 38 38.50 32.32 47.44
CA GLU O 38 38.10 32.28 48.85
C GLU O 38 36.73 32.93 49.13
N VAL O 39 36.10 33.47 48.06
CA VAL O 39 34.78 34.10 48.16
C VAL O 39 33.79 33.27 47.35
N LYS O 40 34.34 32.43 46.45
CA LYS O 40 33.55 31.48 45.69
C LYS O 40 33.64 30.11 46.39
N ALA O 41 34.73 29.94 47.14
CA ALA O 41 34.99 28.67 47.85
C ALA O 41 33.73 28.26 48.63
N GLY O 42 33.26 27.05 48.29
CA GLY O 42 32.18 26.40 49.06
C GLY O 42 30.76 26.85 48.75
N ALA O 43 30.59 27.74 47.76
CA ALA O 43 29.25 28.22 47.36
C ALA O 43 28.89 27.74 45.96
N LYS O 44 27.61 27.87 45.60
CA LYS O 44 27.15 27.56 44.24
C LYS O 44 27.65 28.63 43.28
N ALA O 45 27.26 28.53 42.01
CA ALA O 45 27.76 29.42 40.98
C ALA O 45 26.76 29.48 39.82
N PRO O 46 26.66 30.65 39.17
CA PRO O 46 25.87 30.73 37.95
C PRO O 46 26.58 30.07 36.77
N LYS O 47 25.88 29.17 36.08
CA LYS O 47 26.41 28.57 34.86
C LYS O 47 25.92 29.31 33.63
N ASN O 48 24.61 29.51 33.56
CA ASN O 48 23.99 30.13 32.39
C ASN O 48 22.97 31.20 32.78
N VAL O 49 23.36 32.46 32.57
CA VAL O 49 22.53 33.60 32.95
C VAL O 49 22.07 34.43 31.76
N LEU O 50 20.85 34.94 31.84
CA LEU O 50 20.29 35.83 30.84
C LEU O 50 20.08 37.19 31.48
N VAL O 51 20.68 38.22 30.90
CA VAL O 51 20.54 39.58 31.38
C VAL O 51 19.70 40.37 30.38
N LEU O 52 18.65 41.01 30.86
CA LEU O 52 17.78 41.82 30.00
C LEU O 52 18.07 43.30 30.28
N GLY O 53 18.86 43.90 29.40
CA GLY O 53 19.32 45.28 29.55
C GLY O 53 20.80 45.28 29.87
N CYS O 54 21.58 44.66 28.99
CA CYS O 54 22.97 44.31 29.25
C CYS O 54 24.00 45.35 28.80
N SER O 55 23.52 46.46 28.26
CA SER O 55 24.39 47.43 27.61
C SER O 55 25.13 48.35 28.57
N ASN O 56 24.43 48.88 29.56
CA ASN O 56 25.05 49.75 30.55
C ASN O 56 24.38 49.66 31.91
N GLY O 57 24.90 50.41 32.87
CA GLY O 57 24.34 50.45 34.22
C GLY O 57 24.47 49.15 34.97
N TYR O 58 23.40 48.76 35.65
CA TYR O 58 23.39 47.57 36.48
C TYR O 58 23.40 46.26 35.70
N GLY O 59 22.76 46.27 34.52
CA GLY O 59 22.78 45.12 33.61
C GLY O 59 24.20 44.74 33.21
N LEU O 60 24.92 45.70 32.63
CA LEU O 60 26.30 45.47 32.21
C LEU O 60 27.15 44.91 33.34
N ALA O 61 26.93 45.45 34.55
CA ALA O 61 27.67 45.03 35.73
C ALA O 61 27.34 43.59 36.13
N SER O 62 26.07 43.21 36.00
CA SER O 62 25.62 41.86 36.34
C SER O 62 26.25 40.85 35.42
N ARG O 63 26.40 41.24 34.16
CA ARG O 63 26.95 40.37 33.14
C ARG O 63 28.47 40.22 33.27
N ILE O 64 29.12 41.26 33.77
CA ILE O 64 30.56 41.23 34.00
C ILE O 64 30.92 40.40 35.22
N THR O 65 30.09 40.43 36.27
CA THR O 65 30.39 39.62 37.44
C THR O 65 30.04 38.15 37.23
N ALA O 66 29.02 37.90 36.41
CA ALA O 66 28.61 36.55 36.08
C ALA O 66 29.69 35.84 35.26
N ALA O 67 30.22 36.53 34.26
CA ALA O 67 31.17 35.93 33.32
C ALA O 67 32.60 35.89 33.82
N PHE O 68 33.02 36.92 34.56
CA PHE O 68 34.42 37.07 34.89
C PHE O 68 34.74 36.82 36.36
N GLY O 69 33.70 36.84 37.20
CA GLY O 69 33.86 36.49 38.59
C GLY O 69 33.60 35.01 38.80
N TYR O 70 32.61 34.50 38.08
CA TYR O 70 32.14 33.15 38.29
C TYR O 70 32.36 32.24 37.09
N GLY O 71 32.74 32.82 35.95
CA GLY O 71 32.92 32.08 34.71
C GLY O 71 31.62 31.45 34.26
N ALA O 72 30.81 32.21 33.52
CA ALA O 72 29.49 31.74 33.16
C ALA O 72 29.08 32.19 31.77
N ALA O 73 28.38 31.30 31.08
CA ALA O 73 27.76 31.66 29.80
C ALA O 73 26.67 32.71 30.06
N THR O 74 26.58 33.68 29.16
CA THR O 74 25.64 34.78 29.32
C THR O 74 25.05 35.21 27.99
N ILE O 75 23.72 35.19 27.91
CA ILE O 75 23.03 35.84 26.81
C ILE O 75 22.48 37.17 27.32
N GLY O 76 22.72 38.23 26.55
CA GLY O 76 22.25 39.55 26.93
C GLY O 76 21.34 40.16 25.88
N VAL O 77 20.36 40.92 26.35
CA VAL O 77 19.44 41.62 25.46
C VAL O 77 19.51 43.11 25.73
N SER O 78 19.67 43.91 24.68
CA SER O 78 19.59 45.36 24.80
C SER O 78 19.16 46.00 23.50
N PHE O 79 18.47 47.13 23.60
CA PHE O 79 18.06 47.88 22.42
C PHE O 79 19.05 49.00 22.16
N GLU O 80 19.84 48.85 21.09
CA GLU O 80 20.91 49.79 20.78
C GLU O 80 20.89 50.30 19.34
N LYS O 81 21.67 51.35 19.11
CA LYS O 81 21.94 51.88 17.77
C LYS O 81 23.43 51.90 17.48
N ALA O 82 23.79 51.39 16.29
CA ALA O 82 25.18 51.18 15.94
C ALA O 82 25.77 52.40 15.22
N GLY O 83 27.10 52.55 15.27
CA GLY O 83 27.74 53.65 14.54
C GLY O 83 28.02 53.28 13.10
N SER O 84 27.78 54.24 12.19
CA SER O 84 28.21 54.10 10.80
C SER O 84 29.71 54.35 10.76
N GLU O 85 30.26 54.66 9.56
CA GLU O 85 31.66 55.04 9.45
C GLU O 85 31.93 56.27 10.32
N THR O 86 31.14 57.32 10.08
CA THR O 86 31.40 58.59 10.83
C THR O 86 30.34 58.92 11.93
N LYS O 87 29.03 58.73 11.67
CA LYS O 87 28.00 59.01 12.68
C LYS O 87 28.11 58.04 13.85
N TYR O 88 28.07 58.57 15.07
CA TYR O 88 28.27 57.75 16.27
C TYR O 88 27.06 56.89 16.61
N GLY O 89 27.28 55.89 17.46
CA GLY O 89 26.20 55.11 18.03
C GLY O 89 26.02 55.45 19.50
N THR O 90 25.08 54.77 20.15
CA THR O 90 24.87 54.93 21.58
C THR O 90 26.10 54.43 22.35
N PRO O 91 26.23 54.80 23.64
CA PRO O 91 27.27 54.27 24.52
C PRO O 91 27.20 52.74 24.74
N GLY O 92 25.99 52.17 24.65
CA GLY O 92 25.78 50.75 24.87
C GLY O 92 26.27 49.83 23.77
N TRP O 93 26.23 50.32 22.52
CA TRP O 93 26.75 49.57 21.37
C TRP O 93 28.20 49.22 21.54
N TYR O 94 29.00 50.19 22.00
CA TYR O 94 30.42 49.97 22.24
C TYR O 94 30.68 49.13 23.49
N ASN O 95 29.82 49.29 24.51
CA ASN O 95 29.90 48.46 25.71
C ASN O 95 29.70 46.97 25.41
N ASN O 96 28.65 46.68 24.63
CA ASN O 96 28.37 45.33 24.16
C ASN O 96 29.52 44.72 23.37
N LEU O 97 30.03 45.49 22.41
CA LEU O 97 31.18 45.06 21.61
C LEU O 97 32.40 44.75 22.47
N ALA O 98 32.64 45.58 23.49
CA ALA O 98 33.78 45.40 24.38
C ALA O 98 33.64 44.17 25.28
N PHE O 99 32.44 43.93 25.80
CA PHE O 99 32.17 42.73 26.59
C PHE O 99 32.47 41.48 25.77
N ASP O 100 31.93 41.44 24.55
CA ASP O 100 32.14 40.33 23.62
C ASP O 100 33.61 40.10 23.30
N GLU O 101 34.33 41.17 22.99
CA GLU O 101 35.75 41.09 22.64
C GLU O 101 36.57 40.52 23.79
N ALA O 102 36.16 40.85 25.02
CA ALA O 102 36.87 40.40 26.21
C ALA O 102 36.42 39.01 26.65
N ALA O 103 35.19 38.65 26.30
CA ALA O 103 34.65 37.34 26.68
C ALA O 103 35.15 36.23 25.77
N LYS O 104 35.51 36.60 24.53
CA LYS O 104 36.05 35.65 23.57
C LYS O 104 37.49 35.25 23.91
N ARG O 105 38.27 36.20 24.45
CA ARG O 105 39.64 35.93 24.90
C ARG O 105 39.70 34.89 26.01
N GLU O 106 38.68 34.90 26.87
CA GLU O 106 38.65 34.03 28.03
C GLU O 106 37.98 32.68 27.73
N GLY O 107 37.53 32.52 26.48
CA GLY O 107 36.92 31.27 26.03
C GLY O 107 35.51 31.09 26.55
N LEU O 108 34.87 32.20 26.93
CA LEU O 108 33.51 32.18 27.44
C LEU O 108 32.50 32.40 26.32
N TYR O 109 31.31 31.83 26.50
CA TYR O 109 30.23 31.97 25.53
C TYR O 109 29.35 33.17 25.90
N SER O 110 29.26 34.13 24.98
CA SER O 110 28.44 35.31 25.21
C SER O 110 27.84 35.87 23.93
N VAL O 111 26.62 35.45 23.62
CA VAL O 111 25.88 35.99 22.48
C VAL O 111 24.92 37.06 23.00
N THR O 112 24.97 38.24 22.38
CA THR O 112 24.10 39.33 22.79
C THR O 112 23.06 39.60 21.70
N ILE O 113 21.81 39.22 21.97
CA ILE O 113 20.71 39.50 21.07
C ILE O 113 20.34 40.97 21.18
N ASP O 114 20.26 41.65 20.04
CA ASP O 114 19.97 43.08 20.03
C ASP O 114 18.57 43.38 19.51
N GLY O 115 17.88 44.29 20.20
CA GLY O 115 16.52 44.71 19.82
C GLY O 115 15.64 45.06 21.02
N ASP O 116 14.36 45.30 20.74
CA ASP O 116 13.39 45.71 21.75
C ASP O 116 12.94 44.52 22.60
N ALA O 117 13.34 44.51 23.87
CA ALA O 117 13.03 43.40 24.78
C ALA O 117 11.55 43.31 25.20
N PHE O 118 10.75 44.33 24.85
CA PHE O 118 9.31 44.29 25.12
C PHE O 118 8.53 43.61 23.99
N SER O 119 9.23 43.26 22.91
CA SER O 119 8.61 42.61 21.75
C SER O 119 8.72 41.08 21.81
N ASP O 120 8.11 40.40 20.83
CA ASP O 120 8.03 38.94 20.85
C ASP O 120 9.10 38.23 20.02
N GLU O 121 9.48 38.85 18.90
CA GLU O 121 10.52 38.31 18.02
C GLU O 121 11.81 38.16 18.80
N ILE O 122 12.15 39.21 19.54
CA ILE O 122 13.32 39.22 20.40
C ILE O 122 13.29 38.05 21.37
N LYS O 123 12.17 37.87 22.06
CA LYS O 123 11.97 36.73 22.95
C LYS O 123 12.19 35.42 22.20
N ALA O 124 11.61 35.34 21.01
CA ALA O 124 11.77 34.17 20.14
C ALA O 124 13.23 33.98 19.70
N GLN O 125 13.93 35.10 19.47
CA GLN O 125 15.34 35.06 19.09
C GLN O 125 16.21 34.42 20.17
N VAL O 126 15.99 34.79 21.43
CA VAL O 126 16.71 34.20 22.56
C VAL O 126 16.25 32.77 22.86
N ILE O 127 14.95 32.53 22.67
CA ILE O 127 14.39 31.18 22.84
C ILE O 127 15.02 30.15 21.89
N GLU O 128 15.24 30.55 20.64
CA GLU O 128 15.87 29.66 19.66
C GLU O 128 17.39 29.59 19.84
N GLU O 129 17.97 30.59 20.50
CA GLU O 129 19.41 30.63 20.72
C GLU O 129 19.83 29.87 21.98
N ALA O 130 18.95 29.85 22.98
CA ALA O 130 19.15 29.02 24.15
C ALA O 130 19.00 27.55 23.79
N LYS O 131 18.00 27.26 22.95
CA LYS O 131 17.73 25.91 22.46
C LYS O 131 18.90 25.39 21.63
N LYS O 132 19.34 26.19 20.66
CA LYS O 132 20.46 25.85 19.79
C LYS O 132 21.71 25.48 20.60
N LYS O 133 21.99 26.25 21.63
CA LYS O 133 23.26 26.11 22.34
C LYS O 133 23.25 25.14 23.52
N GLY O 134 22.11 24.47 23.71
CA GLY O 134 22.04 23.39 24.68
C GLY O 134 21.47 23.74 26.04
N ILE O 135 22.27 24.39 26.88
CA ILE O 135 21.95 24.49 28.32
C ILE O 135 20.96 25.61 28.68
N LYS O 136 20.30 25.43 29.83
CA LYS O 136 19.19 26.29 30.29
C LYS O 136 19.55 27.08 31.56
N PHE O 137 18.74 28.11 31.85
CA PHE O 137 19.10 29.16 32.80
C PHE O 137 18.90 28.86 34.29
N ASP O 138 19.75 29.50 35.10
CA ASP O 138 19.70 29.39 36.57
C ASP O 138 19.70 30.77 37.23
N LEU O 139 19.95 31.80 36.43
CA LEU O 139 19.82 33.18 36.87
C LEU O 139 19.32 34.02 35.73
N ILE O 140 18.18 34.69 35.93
CA ILE O 140 17.68 35.67 34.97
C ILE O 140 17.69 37.04 35.64
N VAL O 141 18.35 38.00 35.02
CA VAL O 141 18.46 39.34 35.57
C VAL O 141 17.59 40.29 34.73
N TYR O 142 16.48 40.76 35.32
CA TYR O 142 15.66 41.77 34.65
C TYR O 142 16.18 43.14 35.02
N SER O 143 16.50 43.94 34.00
CA SER O 143 17.19 45.21 34.22
C SER O 143 16.86 46.31 33.20
N LEU O 144 15.69 46.21 32.57
CA LEU O 144 15.26 47.19 31.58
C LEU O 144 14.77 48.48 32.20
N ALA O 145 15.39 49.59 31.80
CA ALA O 145 14.96 50.92 32.19
C ALA O 145 14.59 51.75 30.96
N SER O 146 13.33 51.69 30.56
CA SER O 146 12.84 52.42 29.39
C SER O 146 11.82 53.50 29.75
N PRO O 147 11.78 54.60 28.98
CA PRO O 147 10.70 55.56 29.19
C PRO O 147 9.47 55.27 28.31
N VAL O 148 9.55 54.20 27.49
CA VAL O 148 8.46 53.85 26.55
C VAL O 148 8.39 52.35 26.20
N ARG O 149 7.19 51.78 26.29
CA ARG O 149 6.97 50.37 25.97
C ARG O 149 5.75 50.17 25.07
N THR O 150 5.94 49.38 24.01
CA THR O 150 4.85 48.98 23.13
C THR O 150 4.35 47.61 23.56
N ASP O 151 3.10 47.55 24.02
CA ASP O 151 2.51 46.28 24.43
C ASP O 151 2.53 45.31 23.25
N PRO O 152 2.98 44.07 23.49
CA PRO O 152 3.00 43.04 22.44
C PRO O 152 1.63 42.61 21.97
N ASP O 153 0.62 42.74 22.83
CA ASP O 153 -0.75 42.42 22.48
C ASP O 153 -1.40 43.52 21.63
N THR O 154 -1.63 44.69 22.23
CA THR O 154 -2.34 45.79 21.57
C THR O 154 -1.52 46.47 20.48
N GLY O 155 -0.23 46.74 20.76
CA GLY O 155 0.65 47.41 19.82
C GLY O 155 0.64 48.92 19.96
N ILE O 156 -0.14 49.43 20.91
CA ILE O 156 -0.24 50.88 21.17
C ILE O 156 0.91 51.30 22.09
N MSE O 157 1.25 52.59 22.03
CA MSE O 157 2.37 53.14 22.79
C MSE O 157 2.05 53.32 24.25
O MSE O 157 0.89 53.47 24.63
CB MSE O 157 2.72 54.50 22.21
CG MSE O 157 4.22 54.74 22.32
SE MSE O 157 5.07 54.62 20.54
CE MSE O 157 4.39 52.87 19.90
N HIS O 158 3.11 53.32 25.07
CA HIS O 158 3.02 53.70 26.47
C HIS O 158 4.25 54.46 26.89
N LYS O 159 4.10 55.75 27.13
CA LYS O 159 5.17 56.56 27.70
C LYS O 159 5.08 56.45 29.21
N SER O 160 6.10 56.92 29.93
CA SER O 160 6.05 56.95 31.38
C SER O 160 6.72 58.20 31.95
N VAL O 161 5.99 58.92 32.80
CA VAL O 161 6.52 60.10 33.50
C VAL O 161 6.84 59.79 34.96
N LEU O 162 7.56 60.71 35.59
CA LEU O 162 7.95 60.58 36.99
C LEU O 162 7.29 61.71 37.76
N LYS O 163 6.03 61.50 38.13
CA LYS O 163 5.20 62.56 38.70
C LYS O 163 4.48 62.12 39.99
N PRO O 164 4.31 63.05 40.95
CA PRO O 164 3.57 62.72 42.18
C PRO O 164 2.05 62.71 41.99
N PHE O 165 1.32 62.35 43.04
CA PHE O 165 -0.14 62.43 43.05
C PHE O 165 -0.59 63.65 43.87
N GLY O 166 -1.80 64.13 43.59
CA GLY O 166 -2.41 65.21 44.36
C GLY O 166 -1.77 66.59 44.19
N LYS O 167 -0.58 66.77 44.77
CA LYS O 167 0.09 68.08 44.82
C LYS O 167 1.50 68.07 44.24
N THR O 168 1.88 69.19 43.63
CA THR O 168 3.18 69.39 42.99
C THR O 168 4.36 69.07 43.90
N PHE O 169 5.37 68.39 43.34
CA PHE O 169 6.62 68.13 44.05
C PHE O 169 7.72 69.06 43.57
N THR O 170 8.07 70.03 44.41
CA THR O 170 9.14 70.96 44.10
C THR O 170 10.41 70.62 44.89
N GLY O 171 11.56 70.89 44.27
CA GLY O 171 12.85 70.58 44.89
C GLY O 171 14.03 71.08 44.09
N LYS O 172 15.15 71.30 44.78
CA LYS O 172 16.36 71.84 44.19
C LYS O 172 17.01 70.87 43.20
N THR O 173 17.42 71.36 42.05
CA THR O 173 18.20 70.57 41.10
C THR O 173 19.58 71.19 40.91
N VAL O 174 20.55 70.39 40.47
CA VAL O 174 21.92 70.89 40.30
C VAL O 174 22.46 70.58 38.91
N ASP O 175 22.84 71.63 38.18
CA ASP O 175 23.60 71.50 36.94
C ASP O 175 25.01 71.04 37.34
N PRO O 176 25.38 69.81 36.93
CA PRO O 176 26.65 69.23 37.37
C PRO O 176 27.91 69.88 36.76
N PHE O 177 27.72 70.67 35.69
CA PHE O 177 28.84 71.25 34.93
C PHE O 177 29.16 72.70 35.31
N THR O 178 28.17 73.57 35.26
CA THR O 178 28.36 74.99 35.57
C THR O 178 28.44 75.27 37.07
N GLY O 179 27.86 74.37 37.88
CA GLY O 179 27.75 74.59 39.31
C GLY O 179 26.42 75.24 39.65
N GLU O 180 25.75 75.71 38.59
CA GLU O 180 24.46 76.39 38.69
C GLU O 180 23.40 75.55 39.41
N LEU O 181 22.87 76.13 40.49
CA LEU O 181 21.83 75.50 41.29
C LEU O 181 20.51 76.20 41.01
N LYS O 182 19.69 75.62 40.13
CA LYS O 182 18.36 76.16 39.87
C LYS O 182 17.29 75.36 40.62
N GLU O 183 16.03 75.55 40.22
CA GLU O 183 14.89 74.98 40.92
C GLU O 183 13.89 74.39 39.93
N ILE O 184 13.46 73.15 40.16
CA ILE O 184 12.50 72.49 39.27
C ILE O 184 11.45 71.67 40.03
N SER O 185 10.24 71.64 39.47
CA SER O 185 9.13 70.92 40.09
C SER O 185 8.47 69.96 39.10
N ALA O 186 7.81 68.93 39.64
CA ALA O 186 7.08 67.95 38.86
C ALA O 186 5.59 68.04 39.20
N GLU O 187 4.76 68.28 38.19
CA GLU O 187 3.33 68.51 38.39
C GLU O 187 2.52 67.20 38.36
N PRO O 188 1.50 67.07 39.25
CA PRO O 188 0.76 65.82 39.45
C PRO O 188 0.27 65.10 38.18
N ALA O 189 0.10 63.79 38.31
CA ALA O 189 -0.23 62.91 37.20
C ALA O 189 -1.75 62.84 36.97
N ASN O 190 -2.10 62.18 35.83
CA ASN O 190 -3.54 61.87 35.60
C ASN O 190 -3.76 60.44 36.06
N ASP O 191 -4.94 59.90 35.76
CA ASP O 191 -5.18 58.46 35.86
C ASP O 191 -4.58 57.75 34.64
N GLU O 192 -4.42 58.51 33.56
CA GLU O 192 -3.90 57.99 32.29
C GLU O 192 -2.38 57.82 32.32
N GLU O 193 -1.68 58.81 32.87
CA GLU O 193 -0.22 58.76 33.04
C GLU O 193 0.21 57.87 34.19
N ALA O 194 -0.77 57.31 34.92
CA ALA O 194 -0.50 56.43 36.05
C ALA O 194 -0.59 54.96 35.66
N ALA O 195 -1.53 54.66 34.76
CA ALA O 195 -1.64 53.32 34.17
C ALA O 195 -0.55 53.10 33.13
N ALA O 196 -0.11 54.19 32.49
CA ALA O 196 0.93 54.14 31.48
C ALA O 196 2.33 53.97 32.08
N THR O 197 2.53 54.49 33.29
CA THR O 197 3.79 54.33 34.01
C THR O 197 3.93 52.90 34.55
N VAL O 198 2.85 52.37 35.13
CA VAL O 198 2.80 50.96 35.53
C VAL O 198 3.07 50.04 34.34
N LYS O 199 2.54 50.43 33.17
CA LYS O 199 2.70 49.66 31.94
C LYS O 199 4.17 49.46 31.56
N VAL O 200 4.98 50.48 31.80
CA VAL O 200 6.40 50.46 31.44
C VAL O 200 7.28 49.96 32.58
N MSE O 201 7.21 50.64 33.73
CA MSE O 201 8.12 50.41 34.86
C MSE O 201 7.64 49.32 35.79
O MSE O 201 8.31 49.02 36.78
CB MSE O 201 8.27 51.71 35.64
CG MSE O 201 9.02 52.79 34.88
SE MSE O 201 10.89 52.26 34.48
CE MSE O 201 11.53 51.96 36.33
N GLY O 202 6.48 48.73 35.49
CA GLY O 202 5.95 47.65 36.30
C GLY O 202 6.66 46.32 36.08
N GLY O 203 5.98 45.22 36.36
CA GLY O 203 6.57 43.89 36.23
C GLY O 203 5.87 42.99 35.24
N GLU O 204 5.22 43.58 34.24
CA GLU O 204 4.44 42.83 33.28
C GLU O 204 5.33 42.08 32.28
N ASP O 205 6.30 42.78 31.71
CA ASP O 205 7.24 42.17 30.76
C ASP O 205 8.11 41.12 31.44
N TRP O 206 8.50 41.39 32.68
CA TRP O 206 9.31 40.48 33.46
C TRP O 206 8.63 39.16 33.70
N GLU O 207 7.32 39.22 33.91
CA GLU O 207 6.49 38.02 34.06
C GLU O 207 6.40 37.29 32.72
N ARG O 208 6.37 38.06 31.64
CA ARG O 208 6.24 37.51 30.29
C ARG O 208 7.41 36.57 29.96
N TRP O 209 8.63 37.06 30.19
CA TRP O 209 9.85 36.29 29.92
C TRP O 209 9.83 34.98 30.64
N ILE O 210 9.68 35.03 31.96
CA ILE O 210 9.72 33.85 32.80
C ILE O 210 8.65 32.82 32.41
N LYS O 211 7.45 33.29 32.10
CA LYS O 211 6.39 32.41 31.62
C LYS O 211 6.80 31.77 30.30
N GLN O 212 7.23 32.60 29.35
CA GLN O 212 7.56 32.17 27.99
C GLN O 212 8.79 31.26 27.94
N LEU O 213 9.74 31.49 28.85
CA LEU O 213 10.94 30.65 28.96
C LEU O 213 10.68 29.39 29.78
N SER O 214 9.70 29.46 30.68
CA SER O 214 9.28 28.31 31.48
C SER O 214 8.50 27.32 30.62
N LYS O 215 7.65 27.87 29.75
CA LYS O 215 6.85 27.06 28.82
C LYS O 215 7.71 26.30 27.82
N GLU O 216 8.82 26.92 27.40
CA GLU O 216 9.78 26.25 26.53
C GLU O 216 10.83 25.43 27.28
N GLY O 217 10.57 25.19 28.57
CA GLY O 217 11.43 24.36 29.44
C GLY O 217 12.88 24.79 29.49
N LEU O 218 13.11 26.04 29.89
CA LEU O 218 14.47 26.60 29.86
C LEU O 218 14.95 27.21 31.19
N LEU O 219 14.34 26.82 32.30
CA LEU O 219 14.80 27.26 33.61
C LEU O 219 15.13 26.07 34.53
N GLU O 220 16.36 26.03 35.02
CA GLU O 220 16.79 24.98 35.95
C GLU O 220 15.96 24.92 37.24
N GLU O 221 16.10 23.79 37.95
CA GLU O 221 15.56 23.66 39.31
C GLU O 221 16.22 24.75 40.17
N GLY O 222 15.39 25.53 40.86
CA GLY O 222 15.86 26.56 41.77
C GLY O 222 16.52 27.74 41.07
N CYS O 223 16.05 28.05 39.87
CA CYS O 223 16.59 29.16 39.08
C CYS O 223 16.21 30.49 39.74
N ILE O 224 17.21 31.32 40.03
CA ILE O 224 16.97 32.64 40.62
C ILE O 224 16.67 33.66 39.52
N THR O 225 15.54 34.34 39.63
CA THR O 225 15.31 35.53 38.81
C THR O 225 15.08 36.77 39.68
N LEU O 226 15.65 37.90 39.26
CA LEU O 226 15.49 39.13 40.01
C LEU O 226 15.45 40.37 39.17
N ALA O 227 14.52 41.25 39.51
CA ALA O 227 14.38 42.56 38.89
C ALA O 227 15.03 43.60 39.78
N TYR O 228 15.43 44.73 39.19
CA TYR O 228 16.00 45.81 39.97
C TYR O 228 14.98 46.91 40.27
N SER O 229 15.12 47.51 41.45
CA SER O 229 14.23 48.57 41.89
C SER O 229 15.02 49.63 42.65
N TYR O 230 14.36 50.73 42.97
CA TYR O 230 14.95 51.77 43.80
C TYR O 230 13.96 52.24 44.86
N ILE O 231 14.48 52.57 46.04
CA ILE O 231 13.67 53.08 47.14
C ILE O 231 13.93 54.57 47.42
N GLY O 232 15.20 54.97 47.43
CA GLY O 232 15.56 56.37 47.63
C GLY O 232 15.30 56.88 49.04
N PRO O 233 15.91 58.03 49.40
CA PRO O 233 15.78 58.59 50.75
C PRO O 233 14.40 59.22 50.99
N GLU O 234 14.20 59.77 52.19
CA GLU O 234 12.90 60.35 52.56
C GLU O 234 12.62 61.68 51.89
N ALA O 235 13.69 62.38 51.51
CA ALA O 235 13.59 63.65 50.79
C ALA O 235 12.89 63.51 49.43
N THR O 236 12.72 62.26 48.97
CA THR O 236 12.15 61.97 47.65
C THR O 236 10.95 61.02 47.69
N GLN O 237 10.52 60.63 48.90
CA GLN O 237 9.48 59.60 49.05
C GLN O 237 8.20 59.92 48.28
N ALA O 238 8.02 61.20 47.96
CA ALA O 238 6.84 61.69 47.25
C ALA O 238 6.72 61.13 45.83
N LEU O 239 7.82 60.56 45.32
CA LEU O 239 7.86 60.00 43.98
C LEU O 239 8.14 58.49 43.96
N TYR O 240 9.04 58.05 44.84
CA TYR O 240 9.56 56.69 44.81
C TYR O 240 8.78 55.70 45.66
N ARG O 241 7.85 56.20 46.46
CA ARG O 241 6.97 55.33 47.23
C ARG O 241 5.50 55.68 47.00
N LYS O 242 5.21 56.98 47.06
CA LYS O 242 3.84 57.46 46.96
C LYS O 242 3.57 58.22 45.66
N GLY O 243 4.55 58.17 44.76
CA GLY O 243 4.41 58.78 43.43
C GLY O 243 4.07 57.77 42.36
N THR O 244 4.21 58.17 41.10
CA THR O 244 3.84 57.30 39.98
C THR O 244 4.86 56.18 39.76
N ILE O 245 6.14 56.51 39.97
CA ILE O 245 7.20 55.50 39.99
C ILE O 245 6.98 54.59 41.20
N GLY O 246 6.66 55.20 42.33
CA GLY O 246 6.32 54.49 43.55
C GLY O 246 5.24 53.44 43.35
N LYS O 247 4.22 53.77 42.56
CA LYS O 247 3.14 52.84 42.28
C LYS O 247 3.60 51.71 41.37
N ALA O 248 4.47 52.03 40.41
CA ALA O 248 5.03 51.04 39.49
C ALA O 248 5.97 50.09 40.23
N LYS O 249 6.70 50.64 41.19
CA LYS O 249 7.58 49.89 42.08
C LYS O 249 6.80 48.83 42.87
N GLU O 250 5.56 49.14 43.22
CA GLU O 250 4.70 48.23 44.00
C GLU O 250 4.20 47.03 43.20
N HIS O 251 3.86 47.24 41.93
CA HIS O 251 3.46 46.14 41.05
C HIS O 251 4.63 45.25 40.70
N LEU O 252 5.81 45.84 40.55
CA LEU O 252 7.03 45.10 40.28
C LEU O 252 7.28 44.06 41.36
N GLU O 253 7.28 44.52 42.62
CA GLU O 253 7.50 43.63 43.77
C GLU O 253 6.30 42.72 44.07
N ALA O 254 5.16 43.00 43.43
CA ALA O 254 4.00 42.11 43.49
C ALA O 254 4.15 40.96 42.49
N THR O 255 4.82 41.25 41.37
CA THR O 255 5.15 40.24 40.36
C THR O 255 6.14 39.24 40.94
N ALA O 256 7.07 39.73 41.76
CA ALA O 256 8.04 38.91 42.45
C ALA O 256 7.39 37.97 43.47
N HIS O 257 6.17 38.30 43.90
CA HIS O 257 5.41 37.39 44.77
C HIS O 257 4.60 36.42 43.97
N ARG O 258 3.95 36.93 42.92
CA ARG O 258 3.11 36.12 42.03
C ARG O 258 3.94 35.04 41.30
N LEU O 259 5.17 35.40 40.90
CA LEU O 259 6.05 34.48 40.17
C LEU O 259 6.55 33.32 41.03
N ASN O 260 6.87 33.61 42.29
CA ASN O 260 7.21 32.57 43.27
C ASN O 260 6.05 31.61 43.47
N LYS O 261 4.84 32.15 43.44
CA LYS O 261 3.60 31.41 43.71
C LYS O 261 3.19 30.53 42.52
N GLU O 262 3.15 31.12 41.34
CA GLU O 262 2.76 30.43 40.10
C GLU O 262 3.80 29.44 39.58
N ASN O 263 4.95 29.36 40.26
CA ASN O 263 6.05 28.48 39.87
C ASN O 263 6.97 28.19 41.08
N PRO O 264 6.84 26.99 41.68
CA PRO O 264 7.62 26.65 42.88
C PRO O 264 9.07 26.26 42.60
N SER O 265 9.39 25.98 41.35
CA SER O 265 10.75 25.56 40.97
C SER O 265 11.68 26.74 40.68
N ILE O 266 11.16 27.96 40.78
CA ILE O 266 11.96 29.17 40.58
C ILE O 266 11.94 30.07 41.81
N ARG O 267 12.87 31.03 41.87
CA ARG O 267 12.96 31.97 42.99
C ARG O 267 13.03 33.41 42.50
N ALA O 268 11.91 34.11 42.59
CA ALA O 268 11.81 35.48 42.14
C ALA O 268 12.15 36.43 43.28
N PHE O 269 12.86 37.50 42.95
CA PHE O 269 13.24 38.54 43.91
C PHE O 269 13.22 39.94 43.29
N VAL O 270 13.04 40.95 44.14
CA VAL O 270 13.29 42.33 43.74
C VAL O 270 14.53 42.80 44.48
N SER O 271 15.38 43.55 43.79
CA SER O 271 16.65 43.93 44.35
C SER O 271 16.81 45.45 44.35
N VAL O 272 16.47 46.04 45.49
CA VAL O 272 16.61 47.47 45.71
C VAL O 272 18.08 47.83 45.78
N ASN O 273 18.53 48.69 44.86
CA ASN O 273 19.93 49.01 44.74
C ASN O 273 20.26 50.45 45.11
N LYS O 274 21.56 50.77 45.13
CA LYS O 274 22.04 52.11 45.38
C LYS O 274 21.62 53.04 44.25
N GLY O 275 21.21 54.26 44.60
CA GLY O 275 20.91 55.29 43.62
C GLY O 275 22.16 55.78 42.93
N LEU O 276 22.10 55.85 41.59
CA LEU O 276 23.18 56.41 40.78
C LEU O 276 22.66 57.18 39.58
N VAL O 277 23.56 57.81 38.83
CA VAL O 277 23.19 58.73 37.76
C VAL O 277 22.69 57.99 36.50
N THR O 278 21.54 58.41 36.01
CA THR O 278 20.96 57.85 34.78
C THR O 278 20.50 58.96 33.85
N ARG O 279 19.85 58.56 32.75
CA ARG O 279 19.32 59.51 31.77
C ARG O 279 18.08 60.24 32.30
N ALA O 280 17.34 59.56 33.18
CA ALA O 280 16.18 60.17 33.83
C ALA O 280 16.62 61.23 34.83
N SER O 281 17.79 61.02 35.44
CA SER O 281 18.28 61.85 36.55
C SER O 281 18.20 63.37 36.41
N ALA O 282 18.50 63.88 35.21
CA ALA O 282 18.50 65.33 34.98
C ALA O 282 17.10 65.96 35.07
N VAL O 283 16.13 65.37 34.38
CA VAL O 283 14.76 65.92 34.30
C VAL O 283 13.90 65.67 35.54
N ILE O 284 14.54 65.37 36.67
CA ILE O 284 13.82 65.02 37.90
C ILE O 284 14.38 65.76 39.14
N PRO O 285 13.46 66.24 40.07
CA PRO O 285 13.81 67.20 41.13
C PRO O 285 14.45 66.57 42.40
N VAL O 286 15.29 67.37 43.06
CA VAL O 286 15.86 67.03 44.39
C VAL O 286 16.80 65.81 44.40
N ILE O 287 16.85 65.12 43.22
CA ILE O 287 17.78 63.96 43.13
C ILE O 287 19.18 64.41 42.77
N PRO O 288 19.32 65.16 41.64
CA PRO O 288 20.70 65.51 41.19
C PRO O 288 21.50 66.18 42.30
N LEU O 289 20.81 66.95 43.14
CA LEU O 289 21.43 67.55 44.31
C LEU O 289 21.80 66.47 45.34
N TYR O 290 20.88 65.55 45.59
CA TYR O 290 21.09 64.49 46.57
C TYR O 290 22.21 63.53 46.16
N LEU O 291 22.23 63.15 44.88
CA LEU O 291 23.25 62.23 44.35
C LEU O 291 24.65 62.83 44.39
N ALA O 292 24.76 64.14 44.23
CA ALA O 292 26.05 64.82 44.34
C ALA O 292 26.44 64.97 45.79
N SER O 293 25.44 65.11 46.67
CA SER O 293 25.65 65.23 48.11
C SER O 293 26.02 63.87 48.72
N LEU O 294 25.34 62.82 48.27
CA LEU O 294 25.55 61.47 48.77
C LEU O 294 26.97 60.96 48.51
N PHE O 295 27.52 61.27 47.34
CA PHE O 295 28.85 60.78 46.94
C PHE O 295 29.97 61.37 47.80
N LYS O 296 29.93 62.70 47.98
CA LYS O 296 30.84 63.43 48.86
C LYS O 296 30.83 62.83 50.27
N VAL O 297 29.62 62.54 50.76
CA VAL O 297 29.39 61.96 52.08
C VAL O 297 29.89 60.51 52.18
N MSE O 298 29.52 59.68 51.20
CA MSE O 298 29.86 58.25 51.22
C MSE O 298 31.32 58.02 50.94
O MSE O 298 31.90 57.06 51.47
CB MSE O 298 28.95 57.43 50.29
CG MSE O 298 27.52 57.27 50.86
SE MSE O 298 26.45 55.88 49.93
CE MSE O 298 26.86 54.39 51.15
N LYS O 299 31.95 58.87 50.14
CA LYS O 299 33.41 58.80 49.89
C LYS O 299 34.24 59.19 51.12
N GLU O 300 33.74 60.16 51.89
CA GLU O 300 34.35 60.57 53.15
C GLU O 300 34.26 59.42 54.16
N LYS O 301 33.11 58.75 54.18
CA LYS O 301 32.86 57.63 55.08
C LYS O 301 33.42 56.32 54.55
N GLY O 302 33.80 56.32 53.27
CA GLY O 302 34.41 55.15 52.64
C GLY O 302 33.52 53.92 52.52
N ASN O 303 32.31 54.12 52.02
CA ASN O 303 31.38 53.02 51.74
C ASN O 303 30.63 53.26 50.43
N HIS O 304 31.18 54.18 49.63
CA HIS O 304 30.71 54.47 48.29
C HIS O 304 31.14 53.41 47.35
N GLU O 305 30.24 53.04 46.44
CA GLU O 305 30.46 51.97 45.48
C GLU O 305 29.56 52.17 44.26
N GLY O 306 30.15 52.11 43.07
CA GLY O 306 29.40 52.24 41.82
C GLY O 306 28.65 50.98 41.45
N CYS O 307 28.30 50.86 40.17
CA CYS O 307 27.54 49.72 39.66
C CYS O 307 28.22 48.38 39.88
N ILE O 308 29.47 48.25 39.42
CA ILE O 308 30.19 46.98 39.50
C ILE O 308 30.44 46.55 40.95
N GLU O 309 30.78 47.51 41.80
CA GLU O 309 30.99 47.26 43.23
C GLU O 309 29.68 46.82 43.88
N GLN O 310 28.61 47.53 43.58
CA GLN O 310 27.26 47.14 44.01
C GLN O 310 26.96 45.67 43.70
N ILE O 311 27.17 45.28 42.45
CA ILE O 311 26.73 43.97 41.94
C ILE O 311 27.60 42.81 42.43
N THR O 312 28.91 43.00 42.49
CA THR O 312 29.79 41.98 43.04
C THR O 312 29.36 41.60 44.45
N ARG O 313 29.08 42.63 45.26
CA ARG O 313 28.57 42.44 46.62
C ARG O 313 27.25 41.65 46.63
N LEU O 314 26.36 41.99 45.70
CA LEU O 314 25.09 41.27 45.54
C LEU O 314 25.29 39.76 45.32
N TYR O 315 25.99 39.38 44.25
CA TYR O 315 26.30 37.98 43.96
C TYR O 315 27.06 37.32 45.10
N ALA O 316 28.10 38.00 45.59
CA ALA O 316 29.00 37.44 46.60
C ALA O 316 28.38 37.25 47.97
N GLU O 317 27.53 38.19 48.38
CA GLU O 317 27.05 38.21 49.75
C GLU O 317 25.53 38.06 49.90
N ARG O 318 24.83 37.94 48.78
CA ARG O 318 23.38 37.68 48.80
C ARG O 318 23.01 36.42 48.02
N LEU O 319 23.40 36.37 46.75
CA LEU O 319 22.98 35.30 45.83
C LEU O 319 23.73 34.00 46.04
N TYR O 320 25.05 34.08 45.94
CA TYR O 320 25.90 32.89 45.99
C TYR O 320 26.87 32.95 47.18
N ARG O 321 26.29 32.92 48.36
CA ARG O 321 27.05 32.82 49.61
C ARG O 321 27.16 31.36 50.03
N LYS O 322 28.22 31.05 50.76
CA LYS O 322 28.52 29.70 51.25
C LYS O 322 27.33 29.03 51.93
N ASP O 323 26.54 29.83 52.65
CA ASP O 323 25.43 29.36 53.49
C ASP O 323 24.24 28.82 52.67
N GLY O 324 24.10 29.29 51.43
CA GLY O 324 22.97 28.91 50.57
C GLY O 324 21.79 29.87 50.70
N THR O 325 21.82 30.69 51.76
CA THR O 325 20.76 31.64 52.07
C THR O 325 20.73 32.77 51.04
N ILE O 326 19.58 33.43 50.94
CA ILE O 326 19.44 34.65 50.17
C ILE O 326 18.73 35.65 51.10
N PRO O 327 19.51 36.57 51.70
CA PRO O 327 19.04 37.46 52.76
C PRO O 327 18.13 38.60 52.28
N VAL O 328 16.90 38.60 52.78
CA VAL O 328 15.89 39.58 52.43
C VAL O 328 15.46 40.42 53.63
N ASP O 329 14.72 41.50 53.38
CA ASP O 329 14.09 42.26 54.45
C ASP O 329 12.74 41.61 54.81
N GLU O 330 11.85 42.38 55.42
CA GLU O 330 10.55 41.89 55.88
C GLU O 330 9.61 41.49 54.73
N GLU O 331 9.68 42.24 53.63
CA GLU O 331 8.79 42.04 52.48
C GLU O 331 9.41 41.18 51.36
N ASN O 332 10.43 40.39 51.74
CA ASN O 332 11.11 39.45 50.85
C ASN O 332 11.87 40.11 49.69
N ARG O 333 12.61 41.17 50.01
CA ARG O 333 13.35 41.93 49.01
C ARG O 333 14.84 41.91 49.30
N ILE O 334 15.66 41.88 48.25
CA ILE O 334 17.10 41.94 48.41
C ILE O 334 17.52 43.38 48.67
N ARG O 335 18.34 43.59 49.70
CA ARG O 335 18.75 44.94 50.08
C ARG O 335 20.24 45.18 49.88
N ILE O 336 20.55 45.99 48.88
CA ILE O 336 21.92 46.40 48.60
C ILE O 336 22.04 47.92 48.77
N ASP O 337 20.89 48.57 48.96
CA ASP O 337 20.85 49.99 49.34
C ASP O 337 21.20 50.15 50.82
N ASP O 338 21.35 49.02 51.51
CA ASP O 338 21.60 48.97 52.96
C ASP O 338 22.60 50.00 53.50
N TRP O 339 23.59 50.37 52.69
CA TRP O 339 24.57 51.38 53.08
C TRP O 339 24.13 52.78 52.80
N GLU O 340 23.55 53.00 51.62
CA GLU O 340 22.99 54.30 51.25
C GLU O 340 22.07 54.81 52.35
N LEU O 341 21.20 53.93 52.85
CA LEU O 341 20.20 54.30 53.83
C LEU O 341 20.55 53.95 55.28
N GLU O 342 21.84 53.75 55.57
CA GLU O 342 22.28 53.61 56.96
C GLU O 342 22.18 54.99 57.61
N GLU O 343 21.49 55.06 58.74
CA GLU O 343 20.94 56.32 59.27
C GLU O 343 21.91 57.49 59.44
N ASP O 344 23.18 57.18 59.73
CA ASP O 344 24.19 58.23 59.92
C ASP O 344 24.68 58.85 58.61
N VAL O 345 24.53 58.10 57.51
CA VAL O 345 24.79 58.62 56.17
C VAL O 345 23.64 59.53 55.75
N GLN O 346 22.40 59.07 55.97
CA GLN O 346 21.20 59.84 55.64
C GLN O 346 21.04 61.09 56.50
N LYS O 347 21.47 61.00 57.75
CA LYS O 347 21.59 62.16 58.63
C LYS O 347 22.49 63.21 57.97
N ALA O 348 23.72 62.78 57.67
CA ALA O 348 24.78 63.63 57.13
C ALA O 348 24.52 64.17 55.73
N VAL O 349 23.55 63.58 55.03
CA VAL O 349 23.20 64.05 53.67
C VAL O 349 22.13 65.16 53.71
N SER O 350 21.04 64.92 54.43
CA SER O 350 19.99 65.94 54.60
C SER O 350 20.58 67.25 55.16
N ALA O 351 21.44 67.10 56.17
CA ALA O 351 22.14 68.23 56.77
C ALA O 351 22.95 69.01 55.74
N LEU O 352 23.79 68.31 54.99
CA LEU O 352 24.65 68.92 53.96
C LEU O 352 23.87 69.36 52.72
N MSE O 353 22.55 69.22 52.76
CA MSE O 353 21.72 69.56 51.61
C MSE O 353 21.00 70.88 51.75
O MSE O 353 20.76 71.55 50.74
CB MSE O 353 20.71 68.45 51.35
CG MSE O 353 21.06 67.76 50.03
SE MSE O 353 19.52 66.65 49.47
CE MSE O 353 18.13 68.04 49.21
N GLU O 354 20.65 71.27 52.97
CA GLU O 354 19.99 72.56 53.17
C GLU O 354 20.98 73.72 53.18
N LYS O 355 22.25 73.42 53.48
CA LYS O 355 23.30 74.44 53.57
C LYS O 355 24.21 74.46 52.33
N VAL O 356 23.71 73.96 51.21
CA VAL O 356 24.40 74.09 49.92
C VAL O 356 23.64 75.07 48.99
N THR O 357 24.28 76.18 48.68
CA THR O 357 23.68 77.25 47.89
C THR O 357 24.46 77.50 46.59
N GLY O 358 24.26 78.66 45.97
CA GLY O 358 24.87 79.02 44.69
C GLY O 358 26.36 78.73 44.53
N GLU O 359 27.21 79.54 45.19
CA GLU O 359 28.67 79.47 45.02
C GLU O 359 29.33 78.25 45.67
N ASN O 360 28.81 77.81 46.82
CA ASN O 360 29.43 76.71 47.57
C ASN O 360 29.24 75.32 46.95
N ALA O 361 28.29 75.22 46.02
CA ALA O 361 27.90 73.95 45.36
C ALA O 361 29.07 73.03 45.00
N GLU O 362 30.01 73.53 44.19
CA GLU O 362 31.16 72.75 43.72
C GLU O 362 32.08 72.26 44.84
N SER O 363 32.18 73.04 45.91
CA SER O 363 33.15 72.80 46.98
C SER O 363 32.71 71.78 48.03
N LEU O 364 31.47 71.87 48.49
CA LEU O 364 31.03 71.02 49.61
C LEU O 364 30.18 69.80 49.21
N THR O 365 29.84 69.71 47.92
CA THR O 365 29.27 68.47 47.36
C THR O 365 30.20 67.88 46.27
N ASP O 366 29.78 66.77 45.68
CA ASP O 366 30.63 66.04 44.73
C ASP O 366 30.16 66.17 43.29
N LEU O 367 30.31 67.37 42.74
CA LEU O 367 30.04 67.62 41.32
C LEU O 367 31.10 66.98 40.43
N ALA O 368 32.31 66.83 40.98
CA ALA O 368 33.42 66.17 40.28
C ALA O 368 33.04 64.74 39.91
N GLY O 369 32.62 63.98 40.92
CA GLY O 369 32.18 62.60 40.74
C GLY O 369 30.86 62.49 40.00
N TYR O 370 30.03 63.53 40.10
CA TYR O 370 28.78 63.57 39.35
C TYR O 370 29.04 63.75 37.86
N ARG O 371 29.87 64.72 37.50
CA ARG O 371 30.35 64.89 36.12
C ARG O 371 30.97 63.59 35.63
N HIS O 372 31.79 62.99 36.51
CA HIS O 372 32.48 61.76 36.23
C HIS O 372 31.58 60.59 35.93
N ASP O 373 30.63 60.34 36.83
CA ASP O 373 29.63 59.29 36.62
C ASP O 373 28.82 59.56 35.34
N PHE O 374 28.38 60.80 35.21
CA PHE O 374 27.55 61.26 34.09
C PHE O 374 28.25 61.09 32.75
N LEU O 375 29.56 61.35 32.71
CA LEU O 375 30.31 61.27 31.45
C LEU O 375 31.04 59.95 31.23
N ALA O 376 31.30 59.21 32.31
CA ALA O 376 31.88 57.87 32.20
C ALA O 376 30.90 56.90 31.56
N SER O 377 29.60 57.16 31.75
CA SER O 377 28.53 56.36 31.16
C SER O 377 28.51 56.41 29.63
N ASN O 378 29.09 57.48 29.06
CA ASN O 378 29.16 57.63 27.62
C ASN O 378 30.57 57.48 27.04
N GLY O 379 31.56 57.36 27.93
CA GLY O 379 32.93 57.04 27.52
C GLY O 379 33.98 58.13 27.77
N PHE O 380 33.60 59.15 28.52
CA PHE O 380 34.46 60.31 28.74
C PHE O 380 34.93 60.39 30.19
N ASP O 381 36.10 61.03 30.40
CA ASP O 381 36.72 61.12 31.73
C ASP O 381 37.02 59.73 32.31
N VAL O 382 37.42 58.81 31.44
CA VAL O 382 37.82 57.47 31.86
C VAL O 382 39.35 57.43 31.94
N GLU O 383 39.85 57.08 33.12
CA GLU O 383 41.28 57.06 33.42
C GLU O 383 42.09 56.20 32.44
N GLY O 384 43.21 56.74 31.99
CA GLY O 384 44.12 56.02 31.09
C GLY O 384 43.84 56.25 29.63
N ILE O 385 42.98 57.22 29.33
CA ILE O 385 42.56 57.52 27.95
C ILE O 385 42.77 59.00 27.60
N ASN O 386 43.57 59.25 26.56
CA ASN O 386 43.74 60.60 26.01
C ASN O 386 42.68 60.89 24.95
N TYR O 387 41.90 61.94 25.18
CA TYR O 387 40.75 62.29 24.33
C TYR O 387 41.10 63.19 23.15
N GLU O 388 42.37 63.61 23.09
CA GLU O 388 42.91 64.33 21.93
C GLU O 388 43.24 63.36 20.78
N ALA O 389 43.13 62.07 21.06
CA ALA O 389 43.42 61.03 20.08
C ALA O 389 42.37 61.00 18.98
N GLU O 390 42.84 60.96 17.74
CA GLU O 390 41.98 60.85 16.56
C GLU O 390 41.17 59.57 16.61
N VAL O 391 39.85 59.69 16.42
CA VAL O 391 38.97 58.53 16.38
C VAL O 391 38.60 58.20 14.92
N GLU O 392 39.32 57.23 14.36
CA GLU O 392 39.20 56.80 12.97
C GLU O 392 37.76 56.72 12.48
N ARG O 393 36.96 55.90 13.18
CA ARG O 393 35.61 55.55 12.74
C ARG O 393 34.70 55.19 13.93
N PHE O 394 33.49 54.73 13.64
CA PHE O 394 32.49 54.50 14.69
C PHE O 394 31.77 53.16 14.62
N ASP O 395 32.27 52.24 13.78
CA ASP O 395 31.68 50.90 13.71
C ASP O 395 32.57 49.81 14.35
N ARG O 396 33.69 50.22 14.93
CA ARG O 396 34.64 49.26 15.53
C ARG O 396 35.44 49.82 16.72
N ILE O 397 36.25 48.95 17.32
CA ILE O 397 37.15 49.32 18.42
C ILE O 397 38.50 48.60 18.28
N MSE P 1 -65.67 -10.01 -33.85
CA MSE P 1 -65.33 -8.59 -34.19
C MSE P 1 -66.03 -8.16 -35.45
O MSE P 1 -66.53 -9.01 -36.21
CB MSE P 1 -63.81 -8.42 -34.31
CG MSE P 1 -63.17 -9.32 -35.41
SE MSE P 1 -61.20 -9.01 -35.40
CE MSE P 1 -61.14 -8.03 -37.18
N ILE P 2 -66.08 -6.85 -35.68
CA ILE P 2 -66.71 -6.29 -36.88
C ILE P 2 -65.62 -5.95 -37.90
N VAL P 3 -65.45 -6.82 -38.89
CA VAL P 3 -64.40 -6.66 -39.90
C VAL P 3 -64.85 -5.72 -41.01
N LYS P 4 -64.16 -4.58 -41.11
CA LYS P 4 -64.49 -3.54 -42.08
C LYS P 4 -63.27 -3.30 -42.98
N PRO P 5 -63.49 -3.07 -44.29
CA PRO P 5 -62.38 -3.03 -45.24
C PRO P 5 -61.30 -2.04 -44.82
N MSE P 6 -60.05 -2.43 -44.99
CA MSE P 6 -58.92 -1.60 -44.58
C MSE P 6 -58.13 -1.18 -45.78
O MSE P 6 -57.15 -1.82 -46.16
CB MSE P 6 -58.04 -2.38 -43.61
CG MSE P 6 -57.75 -1.53 -42.36
SE MSE P 6 -55.84 -1.75 -41.86
CE MSE P 6 -55.85 -3.71 -41.54
N VAL P 7 -58.55 -0.07 -46.39
CA VAL P 7 -57.92 0.43 -47.60
C VAL P 7 -56.82 1.43 -47.23
N ARG P 8 -55.57 1.04 -47.46
CA ARG P 8 -54.43 1.89 -47.19
C ARG P 8 -53.57 2.09 -48.44
N ASN P 9 -53.65 3.28 -49.01
CA ASN P 9 -52.88 3.62 -50.22
C ASN P 9 -53.45 2.97 -51.48
N ASN P 10 -54.79 2.87 -51.53
CA ASN P 10 -55.52 2.21 -52.62
C ASN P 10 -55.22 0.70 -52.78
N ILE P 11 -54.98 0.05 -51.63
CA ILE P 11 -54.82 -1.41 -51.53
C ILE P 11 -55.63 -1.89 -50.33
N CYS P 12 -56.31 -3.02 -50.47
CA CYS P 12 -57.10 -3.59 -49.37
C CYS P 12 -56.34 -4.71 -48.67
N LEU P 13 -55.88 -4.42 -47.44
CA LEU P 13 -55.06 -5.36 -46.66
C LEU P 13 -55.84 -6.56 -46.14
N ASN P 14 -56.99 -6.30 -45.52
CA ASN P 14 -57.80 -7.38 -44.93
C ASN P 14 -58.66 -8.14 -45.96
N ALA P 15 -59.42 -9.12 -45.47
CA ALA P 15 -60.31 -9.91 -46.31
C ALA P 15 -61.48 -10.44 -45.49
N HIS P 16 -62.66 -10.46 -46.10
CA HIS P 16 -63.86 -10.93 -45.43
C HIS P 16 -64.17 -12.34 -45.86
N PRO P 17 -63.93 -13.32 -44.96
CA PRO P 17 -64.04 -14.75 -45.28
C PRO P 17 -65.39 -15.14 -45.87
N GLN P 18 -66.47 -14.78 -45.18
CA GLN P 18 -67.83 -15.07 -45.64
C GLN P 18 -68.17 -14.39 -46.96
N GLY P 19 -67.59 -13.21 -47.19
CA GLY P 19 -67.77 -12.48 -48.44
C GLY P 19 -67.11 -13.16 -49.63
N CYS P 20 -65.95 -13.76 -49.40
CA CYS P 20 -65.24 -14.47 -50.45
C CYS P 20 -65.93 -15.77 -50.78
N LYS P 21 -66.57 -16.38 -49.77
CA LYS P 21 -67.36 -17.59 -49.98
C LYS P 21 -68.60 -17.29 -50.83
N LYS P 22 -69.28 -16.18 -50.53
CA LYS P 22 -70.49 -15.79 -51.25
C LYS P 22 -70.15 -15.42 -52.69
N GLY P 23 -69.03 -14.71 -52.87
CA GLY P 23 -68.57 -14.31 -54.19
C GLY P 23 -68.24 -15.50 -55.08
N VAL P 24 -67.63 -16.52 -54.49
CA VAL P 24 -67.32 -17.75 -55.20
C VAL P 24 -68.61 -18.47 -55.58
N GLU P 25 -69.57 -18.52 -54.66
CA GLU P 25 -70.86 -19.17 -54.92
C GLU P 25 -71.70 -18.45 -55.97
N ASP P 26 -71.64 -17.11 -55.97
CA ASP P 26 -72.32 -16.30 -56.97
C ASP P 26 -71.74 -16.57 -58.36
N GLN P 27 -70.45 -16.88 -58.40
CA GLN P 27 -69.79 -17.24 -59.64
C GLN P 27 -70.22 -18.63 -60.11
N ILE P 28 -70.31 -19.56 -59.16
CA ILE P 28 -70.77 -20.92 -59.45
C ILE P 28 -72.20 -20.88 -59.99
N GLU P 29 -73.05 -20.12 -59.32
CA GLU P 29 -74.44 -19.95 -59.74
C GLU P 29 -74.56 -19.44 -61.17
N TYR P 30 -73.78 -18.42 -61.52
CA TYR P 30 -73.78 -17.90 -62.90
C TYR P 30 -73.34 -18.97 -63.90
N THR P 31 -72.25 -19.67 -63.58
CA THR P 31 -71.69 -20.68 -64.47
C THR P 31 -72.71 -21.76 -64.87
N LYS P 32 -73.49 -22.23 -63.90
CA LYS P 32 -74.52 -23.23 -64.18
C LYS P 32 -75.56 -22.69 -65.16
N LYS P 33 -76.12 -21.52 -64.84
CA LYS P 33 -77.10 -20.85 -65.70
C LYS P 33 -76.55 -20.50 -67.09
N ARG P 34 -75.23 -20.31 -67.19
CA ARG P 34 -74.61 -19.93 -68.47
C ARG P 34 -74.18 -21.15 -69.29
N ILE P 35 -73.54 -22.11 -68.64
CA ILE P 35 -73.11 -23.33 -69.34
C ILE P 35 -74.16 -24.41 -69.13
N THR P 36 -75.07 -24.54 -70.09
CA THR P 36 -76.15 -25.51 -70.04
C THR P 36 -75.93 -26.59 -71.10
N ALA P 37 -76.74 -27.64 -71.05
CA ALA P 37 -76.67 -28.76 -71.99
C ALA P 37 -76.82 -28.31 -73.44
N GLU P 38 -77.77 -27.39 -73.67
CA GLU P 38 -77.99 -26.80 -75.00
C GLU P 38 -76.74 -26.13 -75.55
N VAL P 39 -75.90 -25.61 -74.64
CA VAL P 39 -74.69 -24.88 -74.98
C VAL P 39 -73.50 -25.85 -75.05
N LYS P 40 -73.55 -26.86 -74.18
CA LYS P 40 -72.51 -27.86 -73.99
C LYS P 40 -72.71 -29.08 -74.91
N ALA P 41 -73.92 -29.20 -75.48
CA ALA P 41 -74.24 -30.34 -76.35
C ALA P 41 -73.44 -30.26 -77.64
N GLY P 42 -73.08 -31.42 -78.19
CA GLY P 42 -72.46 -31.52 -79.53
C GLY P 42 -71.09 -30.89 -79.67
N ALA P 43 -70.45 -30.54 -78.53
CA ALA P 43 -69.10 -29.98 -78.55
C ALA P 43 -68.23 -30.77 -77.60
N LYS P 44 -66.92 -30.51 -77.63
CA LYS P 44 -66.01 -31.18 -76.71
C LYS P 44 -66.13 -30.55 -75.34
N ALA P 45 -65.29 -31.03 -74.42
CA ALA P 45 -65.26 -30.52 -73.05
C ALA P 45 -63.93 -30.93 -72.43
N PRO P 46 -63.40 -30.11 -71.50
CA PRO P 46 -62.19 -30.52 -70.80
C PRO P 46 -62.54 -31.58 -69.76
N LYS P 47 -61.66 -32.58 -69.62
CA LYS P 47 -61.83 -33.60 -68.60
C LYS P 47 -60.98 -33.29 -67.39
N ASN P 48 -59.66 -33.27 -67.58
CA ASN P 48 -58.74 -32.90 -66.50
C ASN P 48 -58.03 -31.62 -66.86
N VAL P 49 -58.12 -30.64 -65.97
CA VAL P 49 -57.61 -29.29 -66.24
C VAL P 49 -56.77 -28.73 -65.10
N LEU P 50 -55.60 -28.20 -65.42
CA LEU P 50 -54.72 -27.57 -64.45
C LEU P 50 -54.83 -26.04 -64.54
N VAL P 51 -55.05 -25.41 -63.40
CA VAL P 51 -55.22 -23.96 -63.35
C VAL P 51 -54.12 -23.34 -62.49
N LEU P 52 -53.19 -22.66 -63.14
CA LEU P 52 -52.11 -21.98 -62.45
C LEU P 52 -52.55 -20.55 -62.15
N GLY P 53 -52.42 -20.14 -60.88
CA GLY P 53 -52.92 -18.84 -60.43
C GLY P 53 -54.43 -18.85 -60.30
N CYS P 54 -54.92 -19.70 -59.39
CA CYS P 54 -56.33 -20.08 -59.32
C CYS P 54 -57.14 -19.41 -58.21
N SER P 55 -56.52 -18.55 -57.41
CA SER P 55 -57.13 -18.10 -56.15
C SER P 55 -58.03 -16.88 -56.29
N ASN P 56 -57.92 -16.17 -57.40
CA ASN P 56 -58.92 -15.17 -57.81
C ASN P 56 -58.70 -14.67 -59.22
N GLY P 57 -59.52 -13.70 -59.63
CA GLY P 57 -59.46 -13.14 -60.97
C GLY P 57 -59.84 -14.14 -62.05
N TYR P 58 -59.18 -14.03 -63.19
CA TYR P 58 -59.43 -14.89 -64.33
C TYR P 58 -59.03 -16.34 -64.06
N GLY P 59 -58.02 -16.53 -63.23
CA GLY P 59 -57.62 -17.87 -62.82
C GLY P 59 -58.75 -18.59 -62.11
N LEU P 60 -59.34 -17.94 -61.11
CA LEU P 60 -60.47 -18.49 -60.37
C LEU P 60 -61.65 -18.74 -61.30
N ALA P 61 -61.98 -17.76 -62.13
CA ALA P 61 -63.09 -17.88 -63.07
C ALA P 61 -62.86 -19.07 -63.99
N SER P 62 -61.64 -19.20 -64.50
CA SER P 62 -61.31 -20.29 -65.41
C SER P 62 -61.47 -21.64 -64.76
N ARG P 63 -61.15 -21.71 -63.47
CA ARG P 63 -61.29 -22.96 -62.75
C ARG P 63 -62.77 -23.33 -62.59
N ILE P 64 -63.56 -22.39 -62.07
CA ILE P 64 -64.98 -22.64 -61.83
C ILE P 64 -65.71 -23.10 -63.10
N THR P 65 -65.50 -22.42 -64.21
CA THR P 65 -66.17 -22.80 -65.47
C THR P 65 -65.76 -24.20 -65.93
N ALA P 66 -64.53 -24.58 -65.62
CA ALA P 66 -64.06 -25.92 -65.92
C ALA P 66 -64.77 -26.93 -65.03
N ALA P 67 -64.83 -26.63 -63.73
CA ALA P 67 -65.29 -27.58 -62.73
C ALA P 67 -66.81 -27.70 -62.63
N PHE P 68 -67.52 -26.60 -62.77
CA PHE P 68 -68.95 -26.60 -62.54
C PHE P 68 -69.77 -26.46 -63.83
N GLY P 69 -69.12 -25.96 -64.89
CA GLY P 69 -69.76 -25.88 -66.20
C GLY P 69 -69.59 -27.16 -66.97
N TYR P 70 -68.38 -27.71 -66.92
CA TYR P 70 -68.03 -28.91 -67.67
C TYR P 70 -67.74 -30.12 -66.76
N GLY P 71 -68.06 -29.97 -65.47
CA GLY P 71 -67.89 -31.03 -64.49
C GLY P 71 -66.54 -31.69 -64.51
N ALA P 72 -65.48 -30.88 -64.62
CA ALA P 72 -64.13 -31.40 -64.81
C ALA P 72 -63.30 -31.38 -63.54
N ALA P 73 -62.40 -32.34 -63.41
CA ALA P 73 -61.43 -32.35 -62.33
C ALA P 73 -60.42 -31.24 -62.52
N THR P 74 -60.09 -30.55 -61.42
CA THR P 74 -59.16 -29.44 -61.47
C THR P 74 -58.03 -29.60 -60.45
N ILE P 75 -56.83 -29.24 -60.89
CA ILE P 75 -55.72 -29.02 -59.97
C ILE P 75 -55.36 -27.55 -60.07
N GLY P 76 -55.36 -26.87 -58.92
CA GLY P 76 -55.08 -25.44 -58.87
C GLY P 76 -53.82 -25.12 -58.09
N VAL P 77 -53.10 -24.10 -58.52
CA VAL P 77 -51.89 -23.65 -57.84
C VAL P 77 -51.99 -22.16 -57.53
N SER P 78 -51.71 -21.79 -56.28
CA SER P 78 -51.74 -20.40 -55.85
C SER P 78 -50.84 -20.15 -54.65
N PHE P 79 -50.38 -18.92 -54.52
CA PHE P 79 -49.49 -18.52 -53.43
C PHE P 79 -50.27 -17.63 -52.46
N GLU P 80 -50.86 -18.25 -51.45
CA GLU P 80 -51.73 -17.54 -50.51
C GLU P 80 -51.30 -17.72 -49.05
N LYS P 81 -51.33 -16.63 -48.30
CA LYS P 81 -51.07 -16.67 -46.86
C LYS P 81 -52.31 -17.16 -46.11
N ALA P 82 -52.18 -18.30 -45.45
CA ALA P 82 -53.29 -18.96 -44.76
C ALA P 82 -53.73 -18.23 -43.50
N GLY P 83 -55.04 -18.22 -43.26
CA GLY P 83 -55.62 -17.53 -42.13
C GLY P 83 -55.34 -18.28 -40.83
N SER P 84 -55.11 -17.49 -39.77
CA SER P 84 -55.10 -18.05 -38.41
C SER P 84 -56.50 -17.82 -37.86
N GLU P 85 -56.73 -18.15 -36.59
CA GLU P 85 -58.05 -17.93 -35.98
C GLU P 85 -58.29 -16.46 -35.65
N THR P 86 -57.20 -15.74 -35.42
CA THR P 86 -57.27 -14.39 -34.86
C THR P 86 -56.92 -13.31 -35.89
N LYS P 87 -56.03 -13.65 -36.82
CA LYS P 87 -55.67 -12.70 -37.89
C LYS P 87 -56.02 -13.23 -39.29
N TYR P 88 -56.40 -12.32 -40.18
CA TYR P 88 -56.93 -12.67 -41.49
C TYR P 88 -55.90 -13.29 -42.43
N GLY P 89 -56.37 -14.13 -43.35
CA GLY P 89 -55.52 -14.62 -44.45
C GLY P 89 -55.66 -13.73 -45.66
N THR P 90 -55.04 -14.10 -46.77
CA THR P 90 -55.26 -13.40 -48.04
C THR P 90 -56.58 -13.88 -48.65
N PRO P 91 -57.24 -13.02 -49.46
CA PRO P 91 -58.55 -13.41 -49.99
C PRO P 91 -58.50 -14.70 -50.82
N GLY P 92 -57.43 -14.86 -51.60
CA GLY P 92 -57.24 -16.05 -52.42
C GLY P 92 -57.33 -17.35 -51.65
N TRP P 93 -56.80 -17.34 -50.43
CA TRP P 93 -56.90 -18.47 -49.51
C TRP P 93 -58.35 -18.84 -49.26
N TYR P 94 -59.17 -17.83 -48.99
CA TYR P 94 -60.60 -18.04 -48.72
C TYR P 94 -61.37 -18.56 -49.93
N ASN P 95 -61.03 -18.02 -51.11
CA ASN P 95 -61.60 -18.51 -52.37
C ASN P 95 -61.34 -20.00 -52.61
N ASN P 96 -60.13 -20.44 -52.29
CA ASN P 96 -59.79 -21.86 -52.41
C ASN P 96 -60.62 -22.75 -51.48
N LEU P 97 -60.75 -22.36 -50.23
CA LEU P 97 -61.63 -23.07 -49.28
C LEU P 97 -63.07 -23.05 -49.74
N ALA P 98 -63.51 -21.94 -50.30
CA ALA P 98 -64.85 -21.79 -50.86
C ALA P 98 -65.03 -22.68 -52.10
N PHE P 99 -63.94 -22.88 -52.84
CA PHE P 99 -63.92 -23.80 -53.96
C PHE P 99 -63.96 -25.26 -53.47
N ASP P 100 -62.93 -25.67 -52.73
CA ASP P 100 -62.79 -27.03 -52.20
C ASP P 100 -64.10 -27.56 -51.60
N GLU P 101 -64.71 -26.79 -50.72
CA GLU P 101 -65.93 -27.19 -50.04
C GLU P 101 -67.05 -27.43 -51.06
N ALA P 102 -67.27 -26.46 -51.95
CA ALA P 102 -68.30 -26.56 -52.97
C ALA P 102 -68.07 -27.72 -53.92
N ALA P 103 -66.80 -27.93 -54.29
CA ALA P 103 -66.40 -29.02 -55.19
C ALA P 103 -66.66 -30.41 -54.60
N LYS P 104 -66.68 -30.50 -53.27
CA LYS P 104 -67.00 -31.76 -52.59
C LYS P 104 -68.51 -32.05 -52.53
N ARG P 105 -69.32 -31.02 -52.30
CA ARG P 105 -70.78 -31.19 -52.22
C ARG P 105 -71.42 -31.66 -53.53
N GLU P 106 -70.79 -31.34 -54.66
CA GLU P 106 -71.25 -31.84 -55.94
C GLU P 106 -70.54 -33.15 -56.31
N GLY P 107 -69.48 -33.46 -55.56
CA GLY P 107 -68.74 -34.70 -55.74
C GLY P 107 -67.71 -34.64 -56.85
N LEU P 108 -67.22 -33.43 -57.13
CA LEU P 108 -66.16 -33.22 -58.10
C LEU P 108 -64.79 -33.42 -57.45
N TYR P 109 -63.80 -33.71 -58.27
CA TYR P 109 -62.43 -33.75 -57.79
C TYR P 109 -61.76 -32.38 -57.88
N SER P 110 -61.01 -32.04 -56.84
CA SER P 110 -60.21 -30.83 -56.82
C SER P 110 -59.22 -30.89 -55.68
N VAL P 111 -57.94 -30.84 -56.03
CA VAL P 111 -56.89 -30.55 -55.07
C VAL P 111 -56.33 -29.17 -55.41
N THR P 112 -56.00 -28.40 -54.37
CA THR P 112 -55.33 -27.13 -54.58
C THR P 112 -53.94 -27.18 -53.97
N ILE P 113 -52.94 -26.98 -54.82
CA ILE P 113 -51.55 -26.97 -54.41
C ILE P 113 -51.11 -25.53 -54.12
N ASP P 114 -50.74 -25.29 -52.86
CA ASP P 114 -50.31 -23.98 -52.37
C ASP P 114 -48.79 -23.89 -52.41
N GLY P 115 -48.28 -22.83 -53.03
CA GLY P 115 -46.84 -22.60 -53.10
C GLY P 115 -46.40 -21.76 -54.28
N ASP P 116 -45.09 -21.64 -54.45
CA ASP P 116 -44.52 -20.80 -55.51
C ASP P 116 -44.54 -21.52 -56.86
N ALA P 117 -45.39 -21.04 -57.76
CA ALA P 117 -45.55 -21.65 -59.07
C ALA P 117 -44.26 -21.65 -59.91
N PHE P 118 -43.42 -20.64 -59.69
CA PHE P 118 -42.14 -20.56 -60.40
C PHE P 118 -41.15 -21.57 -59.84
N SER P 119 -41.36 -22.00 -58.61
CA SER P 119 -40.47 -22.97 -57.96
C SER P 119 -40.74 -24.37 -58.46
N ASP P 120 -39.70 -25.21 -58.45
CA ASP P 120 -39.78 -26.57 -58.98
C ASP P 120 -40.43 -27.54 -58.02
N GLU P 121 -40.11 -27.40 -56.73
CA GLU P 121 -40.70 -28.23 -55.67
C GLU P 121 -42.21 -28.33 -55.89
N ILE P 122 -42.81 -27.20 -56.25
CA ILE P 122 -44.25 -27.11 -56.53
C ILE P 122 -44.59 -27.74 -57.87
N LYS P 123 -43.74 -27.54 -58.88
CA LYS P 123 -43.94 -28.19 -60.18
C LYS P 123 -43.91 -29.71 -60.05
N ALA P 124 -43.04 -30.21 -59.17
CA ALA P 124 -42.95 -31.64 -58.90
C ALA P 124 -44.20 -32.12 -58.15
N GLN P 125 -44.63 -31.35 -57.15
CA GLN P 125 -45.83 -31.67 -56.35
C GLN P 125 -47.08 -31.94 -57.17
N VAL P 126 -47.27 -31.16 -58.24
CA VAL P 126 -48.44 -31.36 -59.12
C VAL P 126 -48.19 -32.51 -60.09
N ILE P 127 -46.92 -32.73 -60.45
CA ILE P 127 -46.54 -33.88 -61.27
C ILE P 127 -46.84 -35.18 -60.51
N GLU P 128 -46.45 -35.24 -59.24
CA GLU P 128 -46.73 -36.39 -58.40
C GLU P 128 -48.24 -36.63 -58.29
N GLU P 129 -49.01 -35.54 -58.39
CA GLU P 129 -50.47 -35.57 -58.23
C GLU P 129 -51.18 -36.10 -59.47
N ALA P 130 -50.69 -35.69 -60.64
CA ALA P 130 -51.24 -36.12 -61.91
C ALA P 130 -50.98 -37.62 -62.14
N LYS P 131 -49.85 -38.10 -61.62
CA LYS P 131 -49.49 -39.52 -61.70
C LYS P 131 -50.42 -40.37 -60.84
N LYS P 132 -50.45 -40.06 -59.54
CA LYS P 132 -51.26 -40.79 -58.57
C LYS P 132 -52.74 -40.92 -58.97
N LYS P 133 -53.29 -39.88 -59.59
CA LYS P 133 -54.73 -39.85 -59.88
C LYS P 133 -55.11 -40.42 -61.25
N GLY P 134 -54.13 -40.97 -61.97
CA GLY P 134 -54.42 -41.70 -63.20
C GLY P 134 -54.26 -40.92 -64.49
N ILE P 135 -55.31 -40.18 -64.89
CA ILE P 135 -55.30 -39.51 -66.19
C ILE P 135 -54.56 -38.16 -66.20
N LYS P 136 -54.48 -37.56 -67.39
CA LYS P 136 -53.66 -36.39 -67.66
C LYS P 136 -54.48 -35.20 -68.19
N PHE P 137 -53.81 -34.05 -68.33
CA PHE P 137 -54.48 -32.78 -68.63
C PHE P 137 -54.71 -32.55 -70.11
N ASP P 138 -55.93 -32.13 -70.44
CA ASP P 138 -56.26 -31.68 -71.78
C ASP P 138 -56.56 -30.17 -71.78
N LEU P 139 -56.21 -29.51 -70.68
CA LEU P 139 -56.35 -28.06 -70.55
C LEU P 139 -55.43 -27.49 -69.48
N ILE P 140 -54.56 -26.56 -69.88
CA ILE P 140 -53.66 -25.85 -68.97
C ILE P 140 -53.98 -24.37 -69.04
N VAL P 141 -54.41 -23.80 -67.91
CA VAL P 141 -54.64 -22.38 -67.83
C VAL P 141 -53.50 -21.77 -67.03
N TYR P 142 -52.71 -20.93 -67.72
CA TYR P 142 -51.61 -20.21 -67.11
C TYR P 142 -52.08 -18.80 -66.81
N SER P 143 -52.38 -18.54 -65.54
CA SER P 143 -52.91 -17.25 -65.14
C SER P 143 -52.17 -16.74 -63.92
N LEU P 144 -50.88 -16.50 -64.11
CA LEU P 144 -50.05 -15.94 -63.05
C LEU P 144 -49.85 -14.44 -63.23
N ALA P 145 -50.07 -13.71 -62.14
CA ALA P 145 -49.80 -12.29 -62.07
C ALA P 145 -48.98 -12.02 -60.82
N SER P 146 -47.66 -12.10 -60.96
CA SER P 146 -46.74 -11.83 -59.86
C SER P 146 -45.94 -10.54 -60.13
N PRO P 147 -45.64 -9.76 -59.08
CA PRO P 147 -44.73 -8.62 -59.25
C PRO P 147 -43.25 -9.00 -59.13
N VAL P 148 -42.98 -10.26 -58.77
CA VAL P 148 -41.64 -10.73 -58.41
C VAL P 148 -41.46 -12.24 -58.64
N ARG P 149 -40.39 -12.61 -59.33
CA ARG P 149 -40.13 -14.01 -59.69
C ARG P 149 -38.70 -14.48 -59.41
N THR P 150 -38.59 -15.50 -58.56
CA THR P 150 -37.30 -16.10 -58.20
C THR P 150 -36.98 -17.23 -59.19
N ASP P 151 -35.94 -17.04 -59.99
CA ASP P 151 -35.53 -18.03 -61.00
C ASP P 151 -35.02 -19.32 -60.35
N PRO P 152 -35.52 -20.48 -60.79
CA PRO P 152 -35.06 -21.77 -60.23
C PRO P 152 -33.62 -22.14 -60.62
N ASP P 153 -33.16 -21.66 -61.76
CA ASP P 153 -31.79 -21.91 -62.23
C ASP P 153 -30.78 -21.05 -61.48
N THR P 154 -30.82 -19.75 -61.74
CA THR P 154 -29.83 -18.81 -61.19
C THR P 154 -30.08 -18.51 -59.71
N GLY P 155 -31.32 -18.66 -59.25
CA GLY P 155 -31.69 -18.36 -57.87
C GLY P 155 -32.03 -16.90 -57.62
N ILE P 156 -31.58 -16.03 -58.52
CA ILE P 156 -31.77 -14.58 -58.39
C ILE P 156 -33.26 -14.20 -58.51
N MSE P 157 -33.74 -13.44 -57.54
CA MSE P 157 -35.12 -12.94 -57.52
C MSE P 157 -35.23 -11.70 -58.36
O MSE P 157 -34.44 -10.76 -58.19
CB MSE P 157 -35.50 -12.64 -56.08
CG MSE P 157 -36.85 -11.93 -56.01
SE MSE P 157 -37.51 -11.81 -54.15
CE MSE P 157 -38.57 -13.59 -54.10
N HIS P 158 -36.21 -11.67 -59.26
CA HIS P 158 -36.42 -10.54 -60.16
C HIS P 158 -37.67 -9.79 -59.86
N LYS P 159 -37.60 -8.45 -59.94
CA LYS P 159 -38.74 -7.57 -59.68
C LYS P 159 -39.27 -6.98 -60.99
N SER P 160 -40.59 -6.97 -61.16
CA SER P 160 -41.21 -6.39 -62.37
C SER P 160 -41.79 -5.01 -62.13
N VAL P 161 -41.68 -4.14 -63.13
CA VAL P 161 -42.18 -2.77 -63.05
C VAL P 161 -43.13 -2.42 -64.20
N LEU P 162 -43.89 -1.34 -64.03
CA LEU P 162 -44.80 -0.83 -65.06
C LEU P 162 -44.33 0.56 -65.49
N LYS P 163 -43.57 0.61 -66.58
CA LYS P 163 -42.87 1.83 -67.00
C LYS P 163 -42.84 2.00 -68.53
N PRO P 164 -42.81 3.25 -69.01
CA PRO P 164 -42.64 3.49 -70.44
C PRO P 164 -41.16 3.44 -70.84
N PHE P 165 -40.90 3.49 -72.15
CA PHE P 165 -39.53 3.59 -72.67
C PHE P 165 -39.31 4.94 -73.32
N GLY P 166 -38.14 5.52 -73.08
CA GLY P 166 -37.79 6.82 -73.64
C GLY P 166 -38.19 7.95 -72.73
N LYS P 167 -39.42 8.45 -72.91
CA LYS P 167 -39.90 9.61 -72.15
C LYS P 167 -40.99 9.26 -71.12
N THR P 168 -41.09 10.09 -70.08
CA THR P 168 -42.06 9.89 -68.98
C THR P 168 -43.52 9.85 -69.45
N PHE P 169 -44.24 8.79 -69.07
CA PHE P 169 -45.68 8.75 -69.29
C PHE P 169 -46.39 9.38 -68.10
N THR P 170 -47.26 10.33 -68.40
CA THR P 170 -48.06 11.01 -67.39
C THR P 170 -49.55 10.77 -67.64
N GLY P 171 -50.38 11.13 -66.68
CA GLY P 171 -51.83 10.98 -66.83
C GLY P 171 -52.63 11.12 -65.55
N LYS P 172 -53.94 10.93 -65.69
CA LYS P 172 -54.87 11.16 -64.59
C LYS P 172 -55.32 9.87 -63.90
N THR P 173 -55.06 9.79 -62.60
CA THR P 173 -55.52 8.68 -61.76
C THR P 173 -56.67 9.13 -60.84
N VAL P 174 -57.57 8.19 -60.52
CA VAL P 174 -58.71 8.50 -59.66
C VAL P 174 -58.73 7.57 -58.45
N ASP P 175 -58.88 8.17 -57.27
CA ASP P 175 -59.18 7.42 -56.07
C ASP P 175 -60.68 7.09 -56.10
N PRO P 176 -61.03 5.80 -55.97
CA PRO P 176 -62.43 5.39 -56.10
C PRO P 176 -63.34 5.84 -54.97
N PHE P 177 -62.76 6.12 -53.80
CA PHE P 177 -63.55 6.41 -52.59
C PHE P 177 -63.90 7.88 -52.42
N THR P 178 -63.00 8.76 -52.84
CA THR P 178 -63.21 10.20 -52.68
C THR P 178 -63.58 10.87 -54.01
N GLY P 179 -63.08 10.32 -55.11
CA GLY P 179 -63.26 10.93 -56.43
C GLY P 179 -62.23 12.01 -56.70
N GLU P 180 -61.22 12.07 -55.84
CA GLU P 180 -60.11 13.02 -55.99
C GLU P 180 -59.31 12.65 -57.21
N LEU P 181 -59.23 13.59 -58.16
CA LEU P 181 -58.61 13.34 -59.45
C LEU P 181 -57.24 14.02 -59.53
N LYS P 182 -56.17 13.25 -59.24
CA LYS P 182 -54.82 13.81 -59.21
C LYS P 182 -53.90 13.36 -60.36
N GLU P 183 -52.69 13.93 -60.37
CA GLU P 183 -51.72 13.72 -61.44
C GLU P 183 -50.63 12.73 -61.01
N ILE P 184 -50.51 11.63 -61.75
CA ILE P 184 -49.45 10.64 -61.52
C ILE P 184 -48.67 10.36 -62.81
N SER P 185 -47.41 9.97 -62.66
CA SER P 185 -46.57 9.64 -63.80
C SER P 185 -45.62 8.47 -63.53
N ALA P 186 -45.38 7.66 -64.56
CA ALA P 186 -44.37 6.60 -64.52
C ALA P 186 -43.17 7.04 -65.33
N GLU P 187 -41.97 6.74 -64.81
CA GLU P 187 -40.74 7.20 -65.45
C GLU P 187 -40.17 6.14 -66.43
N PRO P 188 -39.27 6.61 -67.38
CA PRO P 188 -38.44 5.77 -68.25
C PRO P 188 -37.77 4.62 -67.51
N ALA P 189 -37.70 3.48 -68.17
CA ALA P 189 -37.15 2.27 -67.59
C ALA P 189 -35.72 1.98 -68.08
N ASN P 190 -34.92 1.48 -67.11
CA ASN P 190 -33.54 1.06 -67.38
C ASN P 190 -33.49 -0.11 -68.37
N ASP P 191 -32.27 -0.54 -68.66
CA ASP P 191 -32.08 -1.82 -69.33
C ASP P 191 -32.12 -2.94 -68.30
N GLU P 192 -31.84 -2.57 -67.04
CA GLU P 192 -31.91 -3.51 -65.91
C GLU P 192 -33.35 -3.89 -65.60
N GLU P 193 -34.27 -2.94 -65.78
CA GLU P 193 -35.68 -3.15 -65.46
C GLU P 193 -36.45 -3.77 -66.62
N ALA P 194 -36.18 -3.28 -67.83
CA ALA P 194 -36.77 -3.82 -69.07
C ALA P 194 -36.68 -5.35 -69.16
N ALA P 195 -35.53 -5.89 -68.76
CA ALA P 195 -35.30 -7.34 -68.78
C ALA P 195 -35.94 -8.05 -67.58
N ALA P 196 -36.08 -7.33 -66.47
CA ALA P 196 -36.68 -7.89 -65.26
C ALA P 196 -38.18 -8.17 -65.41
N THR P 197 -38.88 -7.32 -66.17
CA THR P 197 -40.32 -7.48 -66.43
C THR P 197 -40.59 -8.68 -67.34
N VAL P 198 -39.73 -8.86 -68.34
CA VAL P 198 -39.83 -9.99 -69.28
C VAL P 198 -39.42 -11.30 -68.59
N LYS P 199 -38.61 -11.18 -67.54
CA LYS P 199 -38.20 -12.32 -66.75
C LYS P 199 -39.35 -12.78 -65.85
N VAL P 200 -40.17 -11.82 -65.41
CA VAL P 200 -41.30 -12.11 -64.52
C VAL P 200 -42.62 -12.30 -65.27
N MSE P 201 -43.03 -11.28 -66.03
CA MSE P 201 -44.33 -11.27 -66.72
C MSE P 201 -44.27 -11.86 -68.11
O MSE P 201 -45.20 -11.70 -68.90
CB MSE P 201 -44.84 -9.82 -66.81
CG MSE P 201 -45.55 -9.38 -65.53
SE MSE P 201 -47.33 -10.21 -65.36
CE MSE P 201 -48.26 -9.39 -66.91
N GLY P 202 -43.17 -12.54 -68.42
CA GLY P 202 -42.99 -13.17 -69.73
C GLY P 202 -43.36 -14.65 -69.71
N GLY P 203 -43.42 -15.24 -70.90
CA GLY P 203 -43.79 -16.65 -71.06
C GLY P 203 -42.72 -17.66 -70.69
N GLU P 204 -41.71 -17.21 -69.95
CA GLU P 204 -40.57 -18.04 -69.57
C GLU P 204 -40.96 -19.24 -68.69
N ASP P 205 -41.91 -19.01 -67.78
CA ASP P 205 -42.34 -20.06 -66.87
C ASP P 205 -43.48 -20.91 -67.44
N TRP P 206 -44.30 -20.30 -68.30
CA TRP P 206 -45.31 -21.04 -69.05
C TRP P 206 -44.66 -22.20 -69.75
N GLU P 207 -43.70 -21.90 -70.62
CA GLU P 207 -42.92 -22.92 -71.33
C GLU P 207 -42.43 -24.02 -70.39
N ARG P 208 -41.75 -23.61 -69.33
CA ARG P 208 -41.16 -24.53 -68.35
C ARG P 208 -42.17 -25.49 -67.74
N TRP P 209 -43.41 -25.02 -67.56
CA TRP P 209 -44.53 -25.84 -67.10
C TRP P 209 -44.93 -26.89 -68.11
N ILE P 210 -45.01 -26.47 -69.37
CA ILE P 210 -45.46 -27.33 -70.46
C ILE P 210 -44.39 -28.37 -70.86
N LYS P 211 -43.13 -27.97 -70.83
CA LYS P 211 -42.02 -28.89 -71.08
C LYS P 211 -41.95 -30.01 -70.05
N GLN P 212 -42.28 -29.68 -68.81
CA GLN P 212 -42.14 -30.61 -67.70
C GLN P 212 -43.31 -31.59 -67.59
N LEU P 213 -44.50 -31.14 -67.99
CA LEU P 213 -45.67 -32.01 -68.02
C LEU P 213 -45.74 -32.77 -69.35
N SER P 214 -44.79 -32.48 -70.25
CA SER P 214 -44.73 -33.15 -71.53
C SER P 214 -43.83 -34.38 -71.47
N LYS P 215 -42.71 -34.26 -70.75
CA LYS P 215 -41.75 -35.36 -70.63
C LYS P 215 -42.28 -36.49 -69.74
N GLU P 216 -43.05 -36.12 -68.72
CA GLU P 216 -43.72 -37.08 -67.85
C GLU P 216 -44.95 -37.67 -68.53
N GLY P 217 -45.21 -37.24 -69.77
CA GLY P 217 -46.34 -37.71 -70.57
C GLY P 217 -47.69 -37.39 -69.96
N LEU P 218 -47.78 -36.19 -69.36
CA LEU P 218 -49.00 -35.78 -68.66
C LEU P 218 -49.84 -34.78 -69.46
N LEU P 219 -49.84 -34.92 -70.78
CA LEU P 219 -50.63 -34.05 -71.65
C LEU P 219 -51.34 -34.85 -72.74
N GLU P 220 -52.65 -34.62 -72.90
CA GLU P 220 -53.46 -35.37 -73.87
C GLU P 220 -53.20 -34.94 -75.32
N GLU P 221 -53.91 -35.58 -76.26
CA GLU P 221 -53.83 -35.20 -77.67
C GLU P 221 -54.44 -33.82 -77.85
N GLY P 222 -53.83 -33.00 -78.71
CA GLY P 222 -54.33 -31.66 -79.04
C GLY P 222 -54.69 -30.79 -77.85
N CYS P 223 -54.09 -31.09 -76.69
CA CYS P 223 -54.37 -30.38 -75.44
C CYS P 223 -54.21 -28.87 -75.57
N ILE P 224 -55.22 -28.15 -75.08
CA ILE P 224 -55.19 -26.70 -75.11
C ILE P 224 -54.45 -26.18 -73.88
N THR P 225 -53.54 -25.24 -74.10
CA THR P 225 -52.92 -24.48 -73.02
C THR P 225 -53.01 -22.99 -73.35
N LEU P 226 -53.33 -22.19 -72.35
CA LEU P 226 -53.45 -20.75 -72.57
C LEU P 226 -52.97 -19.89 -71.42
N ALA P 227 -52.28 -18.82 -71.77
CA ALA P 227 -51.91 -17.79 -70.83
C ALA P 227 -52.73 -16.55 -71.17
N TYR P 228 -52.94 -15.70 -70.17
CA TYR P 228 -53.72 -14.47 -70.35
C TYR P 228 -52.84 -13.24 -70.53
N SER P 229 -53.38 -12.24 -71.23
CA SER P 229 -52.66 -11.01 -71.51
C SER P 229 -53.64 -9.87 -71.77
N TYR P 230 -53.10 -8.68 -72.02
CA TYR P 230 -53.91 -7.49 -72.23
C TYR P 230 -53.30 -6.60 -73.30
N ILE P 231 -54.16 -5.90 -74.04
CA ILE P 231 -53.70 -4.96 -75.05
C ILE P 231 -54.17 -3.55 -74.68
N GLY P 232 -55.46 -3.43 -74.38
CA GLY P 232 -56.04 -2.19 -73.88
C GLY P 232 -56.31 -1.14 -74.93
N PRO P 233 -56.63 0.09 -74.48
CA PRO P 233 -57.00 1.21 -75.33
C PRO P 233 -55.78 2.03 -75.76
N GLU P 234 -56.02 3.02 -76.61
CA GLU P 234 -54.97 3.92 -77.07
C GLU P 234 -54.32 4.70 -75.92
N ALA P 235 -55.14 5.20 -75.00
CA ALA P 235 -54.67 6.06 -73.90
C ALA P 235 -53.49 5.50 -73.09
N THR P 236 -53.28 4.19 -73.14
CA THR P 236 -52.24 3.53 -72.34
C THR P 236 -51.19 2.77 -73.16
N GLN P 237 -51.26 2.91 -74.48
CA GLN P 237 -50.29 2.29 -75.40
C GLN P 237 -48.84 2.45 -74.94
N ALA P 238 -48.56 3.58 -74.28
CA ALA P 238 -47.21 3.91 -73.84
C ALA P 238 -46.70 3.00 -72.71
N LEU P 239 -47.63 2.24 -72.11
CA LEU P 239 -47.31 1.31 -71.03
C LEU P 239 -47.54 -0.16 -71.40
N TYR P 240 -48.52 -0.41 -72.29
CA TYR P 240 -48.94 -1.76 -72.63
C TYR P 240 -48.59 -2.23 -74.04
N ARG P 241 -48.19 -1.29 -74.90
CA ARG P 241 -47.80 -1.64 -76.26
C ARG P 241 -46.27 -1.51 -76.37
N LYS P 242 -45.78 -0.28 -76.26
CA LYS P 242 -44.35 0.00 -76.32
C LYS P 242 -43.72 0.09 -74.93
N GLY P 243 -44.57 -0.08 -73.90
CA GLY P 243 -44.12 -0.05 -72.52
C GLY P 243 -43.38 -1.31 -72.10
N THR P 244 -43.00 -1.37 -70.83
CA THR P 244 -42.19 -2.48 -70.33
C THR P 244 -42.99 -3.77 -70.14
N ILE P 245 -44.32 -3.65 -70.04
CA ILE P 245 -45.18 -4.84 -69.98
C ILE P 245 -45.45 -5.39 -71.38
N GLY P 246 -45.69 -4.48 -72.33
CA GLY P 246 -45.94 -4.85 -73.72
C GLY P 246 -44.86 -5.73 -74.29
N LYS P 247 -43.62 -5.45 -73.89
CA LYS P 247 -42.44 -6.25 -74.22
C LYS P 247 -42.56 -7.66 -73.65
N ALA P 248 -42.93 -7.76 -72.37
CA ALA P 248 -43.14 -9.03 -71.67
C ALA P 248 -44.38 -9.79 -72.16
N LYS P 249 -45.30 -9.07 -72.79
CA LYS P 249 -46.42 -9.66 -73.48
C LYS P 249 -45.97 -10.17 -74.85
N GLU P 250 -45.10 -9.39 -75.51
CA GLU P 250 -44.55 -9.79 -76.82
C GLU P 250 -43.72 -11.07 -76.71
N HIS P 251 -43.10 -11.26 -75.54
CA HIS P 251 -42.38 -12.48 -75.24
C HIS P 251 -43.33 -13.61 -74.92
N LEU P 252 -44.47 -13.26 -74.32
CA LEU P 252 -45.47 -14.25 -73.95
C LEU P 252 -46.18 -14.82 -75.18
N GLU P 253 -46.55 -13.94 -76.11
CA GLU P 253 -47.23 -14.38 -77.33
C GLU P 253 -46.27 -15.04 -78.32
N ALA P 254 -44.97 -14.77 -78.13
CA ALA P 254 -43.93 -15.43 -78.90
C ALA P 254 -43.79 -16.87 -78.41
N THR P 255 -43.73 -17.03 -77.09
CA THR P 255 -43.64 -18.34 -76.43
C THR P 255 -44.73 -19.30 -76.91
N ALA P 256 -45.93 -18.78 -77.15
CA ALA P 256 -47.02 -19.58 -77.67
C ALA P 256 -46.68 -20.26 -78.99
N HIS P 257 -46.05 -19.52 -79.90
CA HIS P 257 -45.68 -20.05 -81.22
C HIS P 257 -44.65 -21.15 -81.18
N ARG P 258 -43.63 -20.95 -80.32
CA ARG P 258 -42.54 -21.91 -80.16
C ARG P 258 -43.00 -23.16 -79.41
N LEU P 259 -44.20 -23.09 -78.82
CA LEU P 259 -44.78 -24.22 -78.10
C LEU P 259 -45.56 -25.15 -79.04
N ASN P 260 -46.09 -24.58 -80.13
CA ASN P 260 -46.77 -25.36 -81.18
C ASN P 260 -45.78 -25.91 -82.21
N LYS P 261 -44.55 -25.43 -82.15
CA LYS P 261 -43.47 -25.93 -83.00
C LYS P 261 -42.88 -27.23 -82.46
N GLU P 262 -42.15 -27.14 -81.36
CA GLU P 262 -41.48 -28.30 -80.75
C GLU P 262 -42.43 -29.18 -79.90
N ASN P 263 -43.73 -29.09 -80.26
CA ASN P 263 -44.75 -29.94 -79.62
C ASN P 263 -46.09 -29.91 -80.35
N PRO P 264 -46.18 -30.56 -81.52
CA PRO P 264 -47.41 -30.53 -82.35
C PRO P 264 -48.62 -31.14 -81.66
N SER P 265 -48.38 -31.80 -80.52
CA SER P 265 -49.42 -32.50 -79.77
C SER P 265 -50.28 -31.56 -78.93
N ILE P 266 -49.90 -30.27 -78.89
CA ILE P 266 -50.60 -29.27 -78.07
C ILE P 266 -51.06 -28.06 -78.89
N ARG P 267 -51.97 -27.28 -78.31
CA ARG P 267 -52.48 -26.06 -78.96
C ARG P 267 -52.40 -24.85 -78.02
N ALA P 268 -51.27 -24.14 -78.08
CA ALA P 268 -51.00 -23.00 -77.20
C ALA P 268 -51.58 -21.69 -77.73
N PHE P 269 -52.10 -20.87 -76.83
CA PHE P 269 -52.72 -19.61 -77.20
C PHE P 269 -52.47 -18.58 -76.12
N VAL P 270 -52.32 -17.32 -76.52
CA VAL P 270 -52.50 -16.23 -75.57
C VAL P 270 -53.93 -15.73 -75.76
N SER P 271 -54.69 -15.76 -74.67
CA SER P 271 -56.02 -15.18 -74.68
C SER P 271 -55.88 -13.74 -74.23
N VAL P 272 -56.45 -12.83 -75.00
CA VAL P 272 -56.46 -11.43 -74.65
C VAL P 272 -57.83 -11.10 -74.04
N ASN P 273 -57.82 -10.60 -72.81
CA ASN P 273 -59.05 -10.34 -72.06
C ASN P 273 -59.39 -8.87 -71.91
N LYS P 274 -60.49 -8.61 -71.20
CA LYS P 274 -60.99 -7.26 -70.95
C LYS P 274 -60.33 -6.65 -69.70
N GLY P 275 -60.36 -5.32 -69.61
CA GLY P 275 -59.86 -4.61 -68.45
C GLY P 275 -60.81 -4.70 -67.28
N LEU P 276 -60.25 -4.96 -66.10
CA LEU P 276 -60.97 -4.97 -64.83
C LEU P 276 -60.03 -4.75 -63.66
N VAL P 277 -60.59 -4.47 -62.48
CA VAL P 277 -59.80 -3.96 -61.35
C VAL P 277 -58.84 -4.99 -60.74
N THR P 278 -57.55 -4.63 -60.72
CA THR P 278 -56.50 -5.47 -60.11
C THR P 278 -55.83 -4.76 -58.94
N ARG P 279 -55.00 -5.49 -58.20
CA ARG P 279 -54.24 -4.93 -57.08
C ARG P 279 -53.34 -3.77 -57.49
N ALA P 280 -52.62 -3.96 -58.60
CA ALA P 280 -51.69 -2.95 -59.10
C ALA P 280 -52.38 -1.81 -59.85
N SER P 281 -53.68 -1.94 -60.10
CA SER P 281 -54.46 -0.98 -60.89
C SER P 281 -54.47 0.46 -60.36
N ALA P 282 -54.47 0.61 -59.03
CA ALA P 282 -54.62 1.92 -58.38
C ALA P 282 -53.45 2.90 -58.61
N VAL P 283 -52.22 2.38 -58.62
CA VAL P 283 -51.00 3.21 -58.73
C VAL P 283 -50.45 3.34 -60.16
N ILE P 284 -51.20 2.78 -61.12
CA ILE P 284 -50.77 2.81 -62.52
C ILE P 284 -51.71 3.72 -63.31
N PRO P 285 -51.13 4.71 -64.02
CA PRO P 285 -51.83 5.86 -64.58
C PRO P 285 -52.97 5.51 -65.54
N VAL P 286 -54.10 6.22 -65.33
CA VAL P 286 -55.27 6.18 -66.22
C VAL P 286 -55.70 4.75 -66.60
N ILE P 287 -55.63 3.85 -65.60
CA ILE P 287 -56.35 2.56 -65.75
C ILE P 287 -57.63 2.80 -65.00
N PRO P 288 -57.52 3.33 -63.75
CA PRO P 288 -58.67 3.61 -62.88
C PRO P 288 -59.64 4.61 -63.48
N LEU P 289 -59.12 5.67 -64.08
CA LEU P 289 -59.95 6.64 -64.77
C LEU P 289 -60.63 5.99 -65.98
N TYR P 290 -59.87 5.15 -66.71
CA TYR P 290 -60.39 4.44 -67.86
C TYR P 290 -61.40 3.37 -67.47
N LEU P 291 -61.03 2.56 -66.48
CA LEU P 291 -61.81 1.41 -66.05
C LEU P 291 -63.15 1.83 -65.50
N ALA P 292 -63.17 2.92 -64.72
CA ALA P 292 -64.42 3.45 -64.17
C ALA P 292 -65.29 4.08 -65.24
N SER P 293 -64.66 4.64 -66.27
CA SER P 293 -65.37 5.25 -67.40
C SER P 293 -65.92 4.19 -68.34
N LEU P 294 -65.10 3.17 -68.61
CA LEU P 294 -65.46 2.05 -69.46
C LEU P 294 -66.69 1.34 -68.90
N PHE P 295 -66.68 1.09 -67.58
CA PHE P 295 -67.80 0.48 -66.88
C PHE P 295 -69.09 1.29 -67.04
N LYS P 296 -69.00 2.60 -66.81
CA LYS P 296 -70.13 3.51 -67.00
C LYS P 296 -70.70 3.36 -68.40
N VAL P 297 -69.82 3.32 -69.39
CA VAL P 297 -70.20 3.18 -70.79
C VAL P 297 -70.86 1.83 -71.06
N MSE P 298 -70.15 0.75 -70.72
CA MSE P 298 -70.57 -0.61 -71.09
C MSE P 298 -71.84 -1.07 -70.43
O MSE P 298 -72.61 -1.82 -71.01
CB MSE P 298 -69.42 -1.59 -70.85
CG MSE P 298 -68.31 -1.33 -71.86
SE MSE P 298 -67.01 -2.81 -71.89
CE MSE P 298 -68.03 -4.10 -72.96
N LYS P 299 -72.08 -0.61 -69.20
CA LYS P 299 -73.34 -0.89 -68.50
C LYS P 299 -74.52 -0.22 -69.21
N GLU P 300 -74.26 0.93 -69.83
CA GLU P 300 -75.28 1.68 -70.57
C GLU P 300 -75.61 0.99 -71.90
N LYS P 301 -74.63 0.30 -72.46
CA LYS P 301 -74.83 -0.45 -73.69
C LYS P 301 -75.38 -1.85 -73.41
N GLY P 302 -75.38 -2.21 -72.14
CA GLY P 302 -75.88 -3.50 -71.68
C GLY P 302 -74.98 -4.65 -72.06
N ASN P 303 -73.66 -4.40 -72.05
CA ASN P 303 -72.68 -5.42 -72.43
C ASN P 303 -71.50 -5.56 -71.46
N HIS P 304 -71.66 -5.00 -70.25
CA HIS P 304 -70.61 -5.08 -69.24
C HIS P 304 -70.48 -6.47 -68.68
N GLU P 305 -69.24 -6.88 -68.46
CA GLU P 305 -68.94 -8.22 -67.96
C GLU P 305 -67.69 -8.26 -67.07
N GLY P 306 -67.82 -8.91 -65.91
CA GLY P 306 -66.70 -9.12 -65.00
C GLY P 306 -65.93 -10.38 -65.34
N CYS P 307 -65.24 -10.95 -64.35
CA CYS P 307 -64.39 -12.14 -64.55
C CYS P 307 -65.10 -13.37 -65.14
N ILE P 308 -66.11 -13.87 -64.43
CA ILE P 308 -66.79 -15.10 -64.83
C ILE P 308 -67.57 -14.94 -66.14
N GLU P 309 -68.16 -13.76 -66.35
CA GLU P 309 -68.90 -13.47 -67.58
C GLU P 309 -67.97 -13.46 -68.81
N GLN P 310 -66.69 -13.17 -68.57
CA GLN P 310 -65.67 -13.25 -69.61
C GLN P 310 -65.27 -14.70 -69.87
N ILE P 311 -64.73 -15.35 -68.84
CA ILE P 311 -64.20 -16.71 -68.96
C ILE P 311 -65.23 -17.77 -69.39
N THR P 312 -66.51 -17.58 -69.07
CA THR P 312 -67.53 -18.50 -69.57
C THR P 312 -67.63 -18.40 -71.07
N ARG P 313 -67.67 -17.16 -71.58
CA ARG P 313 -67.79 -16.93 -73.00
C ARG P 313 -66.55 -17.47 -73.69
N LEU P 314 -65.41 -17.37 -73.03
CA LEU P 314 -64.16 -17.91 -73.56
C LEU P 314 -64.26 -19.42 -73.83
N TYR P 315 -64.63 -20.18 -72.81
CA TYR P 315 -64.82 -21.64 -72.90
C TYR P 315 -65.93 -22.01 -73.90
N ALA P 316 -67.04 -21.28 -73.84
CA ALA P 316 -68.21 -21.60 -74.65
C ALA P 316 -68.03 -21.19 -76.10
N GLU P 317 -67.61 -19.95 -76.33
CA GLU P 317 -67.68 -19.36 -77.66
C GLU P 317 -66.33 -19.26 -78.35
N ARG P 318 -65.30 -19.90 -77.77
CA ARG P 318 -64.00 -19.99 -78.43
C ARG P 318 -63.38 -21.37 -78.31
N LEU P 319 -63.17 -21.82 -77.08
CA LEU P 319 -62.43 -23.05 -76.80
C LEU P 319 -63.21 -24.31 -77.15
N TYR P 320 -64.28 -24.57 -76.40
CA TYR P 320 -65.05 -25.79 -76.55
C TYR P 320 -66.36 -25.54 -77.29
N ARG P 321 -66.23 -24.94 -78.48
CA ARG P 321 -67.37 -24.65 -79.36
C ARG P 321 -67.71 -25.84 -80.28
N LYS P 322 -68.83 -25.72 -80.98
CA LYS P 322 -69.41 -26.80 -81.79
C LYS P 322 -68.74 -27.00 -83.15
N ASP P 323 -68.00 -26.00 -83.62
CA ASP P 323 -67.34 -26.06 -84.92
C ASP P 323 -66.07 -26.89 -84.85
N GLY P 324 -65.48 -26.96 -83.65
CA GLY P 324 -64.18 -27.57 -83.46
C GLY P 324 -63.06 -26.65 -83.89
N THR P 325 -63.36 -25.36 -83.97
CA THR P 325 -62.37 -24.34 -84.25
C THR P 325 -62.11 -23.51 -83.01
N ILE P 326 -60.93 -22.91 -82.94
CA ILE P 326 -60.65 -21.88 -81.94
C ILE P 326 -60.24 -20.62 -82.68
N PRO P 327 -61.20 -19.67 -82.87
CA PRO P 327 -60.99 -18.41 -83.59
C PRO P 327 -59.81 -17.60 -83.07
N VAL P 328 -58.99 -17.09 -83.99
CA VAL P 328 -57.85 -16.26 -83.62
C VAL P 328 -57.78 -15.00 -84.49
N ASP P 329 -57.21 -13.93 -83.93
CA ASP P 329 -56.95 -12.73 -84.71
C ASP P 329 -55.84 -12.98 -85.74
N GLU P 330 -55.42 -11.91 -86.42
CA GLU P 330 -54.34 -11.95 -87.41
C GLU P 330 -53.10 -12.71 -86.90
N GLU P 331 -52.80 -12.57 -85.62
CA GLU P 331 -51.59 -13.16 -85.02
C GLU P 331 -51.85 -14.27 -84.00
N ASN P 332 -52.79 -15.15 -84.33
CA ASN P 332 -53.09 -16.36 -83.56
C ASN P 332 -53.42 -16.16 -82.08
N ARG P 333 -54.12 -15.06 -81.77
CA ARG P 333 -54.47 -14.75 -80.40
C ARG P 333 -55.98 -14.79 -80.25
N ILE P 334 -56.44 -15.39 -79.15
CA ILE P 334 -57.85 -15.45 -78.84
C ILE P 334 -58.27 -14.09 -78.28
N ARG P 335 -59.35 -13.53 -78.83
CA ARG P 335 -59.79 -12.19 -78.42
C ARG P 335 -61.17 -12.18 -77.76
N ILE P 336 -61.17 -11.96 -76.45
CA ILE P 336 -62.40 -11.82 -75.67
C ILE P 336 -62.62 -10.34 -75.35
N ASP P 337 -61.63 -9.52 -75.67
CA ASP P 337 -61.71 -8.07 -75.51
C ASP P 337 -62.39 -7.40 -76.70
N ASP P 338 -63.04 -8.19 -77.55
CA ASP P 338 -63.67 -7.69 -78.77
C ASP P 338 -64.77 -6.65 -78.51
N TRP P 339 -65.50 -6.82 -77.40
CA TRP P 339 -66.55 -5.88 -77.01
C TRP P 339 -65.96 -4.66 -76.39
N GLU P 340 -64.88 -4.86 -75.63
CA GLU P 340 -64.13 -3.79 -74.99
C GLU P 340 -63.64 -2.79 -76.05
N LEU P 341 -63.13 -3.33 -77.16
CA LEU P 341 -62.38 -2.54 -78.13
C LEU P 341 -63.08 -2.17 -79.44
N GLU P 342 -64.40 -2.20 -79.47
CA GLU P 342 -65.13 -1.69 -80.64
C GLU P 342 -65.22 -0.15 -80.60
N GLU P 343 -64.92 0.48 -81.74
CA GLU P 343 -64.71 1.93 -81.84
C GLU P 343 -65.79 2.80 -81.18
N ASP P 344 -67.05 2.42 -81.36
CA ASP P 344 -68.19 3.20 -80.85
C ASP P 344 -68.17 3.35 -79.33
N VAL P 345 -67.62 2.34 -78.65
CA VAL P 345 -67.42 2.37 -77.21
C VAL P 345 -66.26 3.31 -76.87
N GLN P 346 -65.05 2.91 -77.27
CA GLN P 346 -63.81 3.63 -76.94
C GLN P 346 -63.85 5.14 -77.21
N LYS P 347 -64.53 5.54 -78.29
CA LYS P 347 -64.70 6.94 -78.65
C LYS P 347 -65.60 7.66 -77.65
N ALA P 348 -66.64 6.97 -77.18
CA ALA P 348 -67.54 7.49 -76.15
C ALA P 348 -66.89 7.51 -74.76
N VAL P 349 -65.93 6.61 -74.56
CA VAL P 349 -65.14 6.55 -73.33
C VAL P 349 -64.12 7.71 -73.31
N SER P 350 -63.37 7.84 -74.40
CA SER P 350 -62.37 8.90 -74.55
C SER P 350 -63.00 10.29 -74.43
N ALA P 351 -64.21 10.44 -74.95
CA ALA P 351 -65.00 11.66 -74.79
C ALA P 351 -65.32 11.91 -73.32
N LEU P 352 -65.86 10.89 -72.65
CA LEU P 352 -66.23 10.96 -71.23
C LEU P 352 -65.04 11.28 -70.32
N MSE P 353 -63.88 10.79 -70.70
CA MSE P 353 -62.67 10.91 -69.89
C MSE P 353 -62.06 12.28 -69.92
O MSE P 353 -61.41 12.70 -68.96
CB MSE P 353 -61.67 9.90 -70.42
CG MSE P 353 -61.63 8.70 -69.47
SE MSE P 353 -60.07 7.59 -69.95
CE MSE P 353 -58.57 9.02 -70.07
N GLU P 354 -62.24 13.01 -71.03
CA GLU P 354 -61.66 14.34 -71.13
C GLU P 354 -62.56 15.40 -70.51
N LYS P 355 -63.86 15.08 -70.41
CA LYS P 355 -64.84 16.00 -69.81
C LYS P 355 -65.13 15.68 -68.34
N VAL P 356 -64.10 15.24 -67.61
CA VAL P 356 -64.24 14.95 -66.18
C VAL P 356 -63.16 15.63 -65.34
N THR P 357 -63.60 16.57 -64.50
CA THR P 357 -62.71 17.31 -63.61
C THR P 357 -62.48 16.53 -62.29
N GLY P 358 -61.88 17.22 -61.31
CA GLY P 358 -61.58 16.61 -60.02
C GLY P 358 -62.75 16.49 -59.05
N GLU P 359 -63.96 16.87 -59.48
CA GLU P 359 -65.11 16.95 -58.58
C GLU P 359 -66.43 16.42 -59.13
N ASN P 360 -66.54 16.27 -60.45
CA ASN P 360 -67.69 15.63 -61.06
C ASN P 360 -67.49 14.12 -61.24
N ALA P 361 -66.34 13.64 -60.75
CA ALA P 361 -65.89 12.24 -60.91
C ALA P 361 -66.96 11.19 -60.59
N GLU P 362 -67.63 11.35 -59.46
CA GLU P 362 -68.70 10.43 -59.07
C GLU P 362 -69.88 10.46 -60.04
N SER P 363 -70.19 11.65 -60.54
CA SER P 363 -71.41 11.89 -61.29
C SER P 363 -71.45 11.23 -62.67
N LEU P 364 -70.43 11.47 -63.49
CA LEU P 364 -70.48 11.05 -64.90
C LEU P 364 -69.69 9.78 -65.26
N THR P 365 -68.87 9.28 -64.35
CA THR P 365 -68.28 7.94 -64.49
C THR P 365 -68.95 6.98 -63.50
N ASP P 366 -68.60 5.70 -63.57
CA ASP P 366 -69.12 4.71 -62.64
C ASP P 366 -68.08 4.33 -61.59
N LEU P 367 -67.87 5.21 -60.62
CA LEU P 367 -66.96 4.93 -59.52
C LEU P 367 -67.60 3.99 -58.50
N ALA P 368 -68.93 3.97 -58.47
CA ALA P 368 -69.66 3.03 -57.63
C ALA P 368 -69.36 1.59 -58.03
N GLY P 369 -69.46 1.31 -59.33
CA GLY P 369 -69.10 0.02 -59.89
C GLY P 369 -67.64 -0.33 -59.67
N TYR P 370 -66.78 0.67 -59.71
CA TYR P 370 -65.35 0.47 -59.51
C TYR P 370 -65.06 0.14 -58.05
N ARG P 371 -65.68 0.88 -57.14
CA ARG P 371 -65.51 0.65 -55.71
C ARG P 371 -65.97 -0.76 -55.32
N HIS P 372 -66.98 -1.27 -56.03
CA HIS P 372 -67.52 -2.60 -55.75
C HIS P 372 -66.55 -3.70 -56.11
N ASP P 373 -65.98 -3.66 -57.31
CA ASP P 373 -65.07 -4.72 -57.75
C ASP P 373 -63.75 -4.74 -56.97
N PHE P 374 -63.27 -3.56 -56.60
CA PHE P 374 -62.07 -3.45 -55.77
C PHE P 374 -62.29 -4.06 -54.39
N LEU P 375 -63.53 -3.98 -53.90
CA LEU P 375 -63.90 -4.54 -52.59
C LEU P 375 -64.32 -6.01 -52.70
N ALA P 376 -65.08 -6.33 -53.74
CA ALA P 376 -65.51 -7.70 -54.04
C ALA P 376 -64.32 -8.65 -54.10
N SER P 377 -63.25 -8.22 -54.76
CA SER P 377 -62.01 -8.99 -54.87
C SER P 377 -61.48 -9.51 -53.54
N ASN P 378 -61.83 -8.80 -52.46
CA ASN P 378 -61.43 -9.19 -51.10
C ASN P 378 -62.55 -9.61 -50.17
N GLY P 379 -63.78 -9.61 -50.69
CA GLY P 379 -64.94 -10.12 -49.94
C GLY P 379 -65.85 -9.07 -49.32
N PHE P 380 -65.58 -7.81 -49.61
CA PHE P 380 -66.37 -6.70 -49.09
C PHE P 380 -67.37 -6.15 -50.11
N ASP P 381 -68.48 -5.61 -49.60
CA ASP P 381 -69.56 -5.03 -50.41
C ASP P 381 -70.37 -6.08 -51.19
N VAL P 382 -70.06 -7.35 -50.97
CA VAL P 382 -70.70 -8.49 -51.65
C VAL P 382 -72.18 -8.66 -51.22
N GLU P 383 -73.07 -8.75 -52.21
CA GLU P 383 -74.51 -8.83 -51.95
C GLU P 383 -74.93 -10.10 -51.22
N GLY P 384 -75.76 -9.93 -50.19
CA GLY P 384 -76.25 -11.04 -49.37
C GLY P 384 -75.62 -11.09 -47.98
N ILE P 385 -74.59 -10.29 -47.78
CA ILE P 385 -73.75 -10.38 -46.60
C ILE P 385 -73.99 -9.26 -45.60
N ASN P 386 -74.19 -9.64 -44.34
CA ASN P 386 -74.32 -8.70 -43.23
C ASN P 386 -72.94 -8.37 -42.67
N TYR P 387 -72.45 -7.18 -42.98
CA TYR P 387 -71.12 -6.77 -42.54
C TYR P 387 -71.11 -6.25 -41.10
N GLU P 388 -72.29 -6.15 -40.51
CA GLU P 388 -72.48 -5.78 -39.11
C GLU P 388 -72.48 -7.03 -38.22
N ALA P 389 -72.40 -8.20 -38.85
CA ALA P 389 -72.38 -9.46 -38.13
C ALA P 389 -70.97 -9.78 -37.62
N GLU P 390 -70.92 -10.62 -36.59
CA GLU P 390 -69.67 -11.02 -35.93
C GLU P 390 -68.92 -12.05 -36.77
N VAL P 391 -67.62 -11.81 -36.98
CA VAL P 391 -66.76 -12.80 -37.61
C VAL P 391 -65.92 -13.47 -36.54
N GLU P 392 -66.25 -14.73 -36.25
CA GLU P 392 -65.66 -15.48 -35.14
C GLU P 392 -64.20 -15.86 -35.39
N ARG P 393 -63.98 -16.70 -36.40
CA ARG P 393 -62.65 -17.19 -36.74
C ARG P 393 -62.26 -16.78 -38.15
N PHE P 394 -60.96 -16.64 -38.37
CA PHE P 394 -60.43 -16.35 -39.71
C PHE P 394 -59.79 -17.58 -40.36
N ASP P 395 -59.84 -18.73 -39.69
CA ASP P 395 -59.20 -19.94 -40.20
C ASP P 395 -60.16 -20.90 -40.93
N ARG P 396 -61.45 -20.53 -40.96
CA ARG P 396 -62.44 -21.33 -41.68
C ARG P 396 -63.62 -20.51 -42.16
N ILE P 397 -64.33 -21.05 -43.15
CA ILE P 397 -65.57 -20.48 -43.65
C ILE P 397 -66.75 -21.27 -43.11
N LEU P 398 -67.90 -20.63 -42.98
CA LEU P 398 -69.08 -21.28 -42.41
C LEU P 398 -70.28 -21.31 -43.37
PA NAD Q . -39.14 -26.59 30.06
O1A NAD Q . -39.20 -26.04 31.46
O2A NAD Q . -38.96 -28.20 30.03
O5B NAD Q . -40.45 -26.25 29.19
C5B NAD Q . -40.58 -26.73 27.84
C4B NAD Q . -41.95 -26.35 27.27
O4B NAD Q . -42.29 -27.31 26.21
C3B NAD Q . -43.04 -26.49 28.39
O3B NAD Q . -43.90 -25.34 28.39
C2B NAD Q . -43.81 -27.74 27.98
O2B NAD Q . -45.20 -27.65 28.35
C1B NAD Q . -43.67 -27.72 26.46
N9A NAD Q . -44.10 -29.10 25.93
C8A NAD Q . -43.09 -30.18 25.90
N7A NAD Q . -43.39 -30.88 24.59
C5A NAD Q . -44.38 -30.22 23.98
C6A NAD Q . -44.96 -30.48 22.77
N6A NAD Q . -44.52 -31.56 22.07
N1A NAD Q . -45.95 -29.72 22.31
C2A NAD Q . -46.47 -28.51 23.09
N3A NAD Q . -45.77 -28.32 24.41
C4A NAD Q . -44.77 -29.15 24.78
O3 NAD Q . -37.86 -25.98 29.22
PN NAD Q . -37.67 -24.38 28.95
O1N NAD Q . -36.91 -23.80 30.08
O2N NAD Q . -39.00 -23.80 28.60
O5D NAD Q . -36.72 -24.38 27.64
C5D NAD Q . -37.23 -24.14 26.31
C4D NAD Q . -36.08 -23.89 25.34
O4D NAD Q . -35.02 -23.19 26.05
C3D NAD Q . -35.50 -25.23 24.87
O3D NAD Q . -35.54 -25.28 23.43
C2D NAD Q . -34.05 -25.23 25.38
O2D NAD Q . -33.15 -25.75 24.37
C1D NAD Q . -33.77 -23.75 25.61
N1N NAD Q . -32.76 -23.47 26.67
C2N NAD Q . -32.40 -24.43 27.63
C3N NAD Q . -31.44 -24.11 28.61
C7N NAD Q . -31.06 -25.04 29.57
O7N NAD Q . -29.95 -25.78 29.33
N7N NAD Q . -31.83 -25.10 30.67
C4N NAD Q . -30.87 -22.84 28.62
C5N NAD Q . -31.23 -21.89 27.68
C6N NAD Q . -32.17 -22.19 26.71
PA NAD R . 61.44 7.86 56.91
O1A NAD R . 62.74 8.15 56.19
O2A NAD R . 60.16 8.06 55.94
O5B NAD R . 61.33 6.38 57.54
C5B NAD R . 60.08 5.99 58.13
C4B NAD R . 60.24 4.71 58.96
O4B NAD R . 58.87 4.20 59.17
C3B NAD R . 61.00 3.64 58.15
O3B NAD R . 61.90 2.92 59.01
C2B NAD R . 59.88 2.74 57.61
O2B NAD R . 60.34 1.39 57.47
C1B NAD R . 58.86 2.81 58.75
N9A NAD R . 57.54 2.27 58.24
C8A NAD R . 56.60 3.23 57.56
N7A NAD R . 55.21 2.86 58.16
C5A NAD R . 55.38 1.89 59.06
C6A NAD R . 54.43 1.27 59.84
N6A NAD R . 53.15 1.37 59.42
N1A NAD R . 54.79 0.29 60.69
C2A NAD R . 56.28 -0.14 60.85
N3A NAD R . 57.24 0.60 59.94
C4A NAD R . 56.77 1.57 59.11
O3 NAD R . 61.24 8.89 58.18
PN NAD R . 62.36 9.00 59.35
O1N NAD R . 63.54 9.65 58.74
O2N NAD R . 62.52 7.66 59.98
O5D NAD R . 61.70 10.03 60.43
C5D NAD R . 60.30 10.01 60.77
C4D NAD R . 59.84 11.37 61.31
O4D NAD R . 60.86 12.38 61.16
C3D NAD R . 58.71 11.92 60.43
O3D NAD R . 57.45 11.37 60.83
C2D NAD R . 58.76 13.42 60.72
O2D NAD R . 57.80 13.78 61.71
C1D NAD R . 60.17 13.65 61.26
N1N NAD R . 60.91 14.70 60.51
C2N NAD R . 60.64 14.97 59.14
C3N NAD R . 61.35 15.97 58.47
C7N NAD R . 61.08 16.23 57.13
O7N NAD R . 60.10 17.13 56.88
N7N NAD R . 61.82 15.57 56.22
C4N NAD R . 62.33 16.69 59.14
C5N NAD R . 62.60 16.44 60.48
C6N NAD R . 61.90 15.45 61.17
PA NAD S . 21.22 23.12 84.54
O1A NAD S . 22.71 23.27 84.52
O2A NAD S . 20.49 24.28 83.67
O5B NAD S . 20.72 21.68 83.98
C5B NAD S . 19.51 21.55 83.22
C4B NAD S . 19.52 20.27 82.39
O4B NAD S . 18.24 20.25 81.64
C3B NAD S . 20.66 20.39 81.34
O3B NAD S . 21.48 19.21 81.36
C2B NAD S . 19.92 20.51 80.01
O2B NAD S . 20.62 19.78 78.97
C1B NAD S . 18.60 19.81 80.31
N9A NAD S . 17.66 20.24 79.17
C8A NAD S . 16.70 21.40 79.51
N7A NAD S . 15.42 20.99 78.83
C5A NAD S . 15.63 19.78 78.27
C6A NAD S . 14.76 19.03 77.58
N6A NAD S . 13.48 19.56 77.41
N1A NAD S . 15.12 17.81 77.06
C2A NAD S . 16.50 17.22 77.30
N3A NAD S . 17.32 18.16 78.12
C4A NAD S . 16.95 19.33 78.50
O3 NAD S . 20.67 23.25 86.07
PN NAD S . 21.30 22.35 87.26
O1N NAD S . 22.14 23.23 88.11
O2N NAD S . 21.90 21.14 86.67
O5D NAD S . 19.98 21.94 88.10
C5D NAD S . 19.39 20.62 87.99
C4D NAD S . 18.27 20.46 89.02
O4D NAD S . 18.73 20.95 90.31
C3D NAD S . 17.08 21.33 88.61
O3D NAD S . 15.93 20.49 88.37
C2D NAD S . 16.86 22.28 89.78
O2D NAD S . 15.46 22.38 90.11
C1D NAD S . 17.63 21.65 90.94
N1N NAD S . 18.21 22.62 91.90
C2N NAD S . 18.12 24.03 91.71
C3N NAD S . 18.69 24.91 92.65
C7N NAD S . 18.61 26.29 92.47
O7N NAD S . 17.42 26.80 92.02
N7N NAD S . 19.70 27.02 92.77
C4N NAD S . 19.34 24.39 93.78
C5N NAD S . 19.43 23.01 93.97
C6N NAD S . 18.87 22.13 93.04
PA NAD T . -54.75 -39.93 -7.63
O1A NAD T . -56.13 -39.66 -7.14
O2A NAD T . -53.62 -39.12 -6.80
O5B NAD T . -54.34 -41.49 -7.58
C5B NAD T . -53.10 -41.92 -8.17
C4B NAD T . -52.60 -43.23 -7.54
O4B NAD T . -51.14 -43.07 -7.28
C3B NAD T . -53.30 -43.44 -6.16
O3B NAD T . -54.01 -44.70 -6.15
C2B NAD T . -52.12 -43.44 -5.17
O2B NAD T . -52.29 -44.44 -4.17
C1B NAD T . -50.95 -43.85 -6.05
N9A NAD T . -49.63 -43.61 -5.22
C8A NAD T . -49.00 -42.26 -5.32
N7A NAD T . -47.52 -42.62 -5.46
C5A NAD T . -47.39 -43.95 -5.50
C6A NAD T . -46.26 -44.72 -5.63
N6A NAD T . -45.05 -44.06 -5.75
N1A NAD T . -46.32 -46.06 -5.64
C2A NAD T . -47.64 -46.81 -5.52
N3A NAD T . -48.83 -45.86 -5.38
C4A NAD T . -48.66 -44.53 -5.39
O3 NAD T . -54.57 -39.47 -9.19
PN NAD T . -55.56 -40.00 -10.35
O1N NAD T . -56.71 -39.06 -10.43
O2N NAD T . -55.82 -41.45 -10.15
O5D NAD T . -54.66 -39.80 -11.67
C5D NAD T . -53.66 -40.75 -12.07
C4D NAD T . -53.35 -40.56 -13.56
O4D NAD T . -54.42 -39.79 -14.17
C3D NAD T . -52.08 -39.73 -13.73
O3D NAD T . -51.19 -40.41 -14.62
C2D NAD T . -52.58 -38.40 -14.31
O2D NAD T . -51.61 -37.87 -15.23
C1D NAD T . -53.80 -38.87 -15.08
N1N NAD T . -54.78 -37.79 -15.40
C2N NAD T . -55.01 -36.68 -14.54
C3N NAD T . -55.95 -35.72 -14.92
C7N NAD T . -56.21 -34.61 -14.12
O7N NAD T . -55.36 -33.55 -14.25
N7N NAD T . -57.29 -34.67 -13.33
C4N NAD T . -56.66 -35.86 -16.11
C5N NAD T . -56.44 -36.95 -16.94
C6N NAD T . -55.51 -37.92 -16.58
PA NAD U . -39.11 3.54 -22.71
O1A NAD U . -38.97 4.29 -21.43
O2A NAD U . -38.85 1.95 -22.54
O5B NAD U . -40.54 3.75 -23.42
C5B NAD U . -40.89 2.92 -24.53
C4B NAD U . -42.16 3.43 -25.22
O4B NAD U . -42.49 2.39 -26.21
C3B NAD U . -43.31 3.45 -24.19
O3B NAD U . -43.87 4.77 -24.10
C2B NAD U . -44.33 2.45 -24.72
O2B NAD U . -45.65 3.03 -24.66
C1B NAD U . -43.92 2.26 -26.19
N9A NAD U . -44.45 0.91 -26.67
C8A NAD U . -43.59 -0.29 -26.49
N7A NAD U . -43.86 -1.10 -27.75
C5A NAD U . -44.72 -0.39 -28.50
C6A NAD U . -45.21 -0.71 -29.72
N6A NAD U . -44.94 -1.89 -30.19
N1A NAD U . -46.09 0.12 -30.34
C2A NAD U . -46.53 1.47 -29.71
N3A NAD U . -45.86 1.70 -28.41
C4A NAD U . -45.05 0.81 -27.83
O3 NAD U . -38.02 4.03 -23.80
PN NAD U . -37.70 5.61 -24.00
O1N NAD U . -36.80 6.02 -22.89
O2N NAD U . -38.98 6.33 -24.21
O5D NAD U . -36.84 5.56 -25.37
C5D NAD U . -37.45 5.57 -26.67
C4D NAD U . -36.40 6.00 -27.71
O4D NAD U . -35.37 6.82 -27.06
C3D NAD U . -35.69 4.78 -28.28
O3D NAD U . -35.50 4.97 -29.69
C2D NAD U . -34.35 4.74 -27.55
O2D NAD U . -33.33 4.19 -28.40
C1D NAD U . -34.08 6.22 -27.28
N1N NAD U . -33.23 6.51 -26.08
C2N NAD U . -32.85 5.52 -25.16
C3N NAD U . -32.06 5.87 -24.05
C7N NAD U . -31.68 4.90 -23.12
O7N NAD U . -30.58 4.15 -23.42
N7N NAD U . -32.41 4.80 -22.01
C4N NAD U . -31.66 7.19 -23.86
C5N NAD U . -32.04 8.18 -24.77
C6N NAD U . -32.82 7.85 -25.88
PA NAD V . -15.60 -12.75 -94.31
O1A NAD V . -17.10 -12.77 -94.52
O2A NAD V . -14.91 -11.38 -94.85
O5B NAD V . -15.17 -12.92 -92.76
C5B NAD V . -14.30 -11.94 -92.19
C4B NAD V . -14.13 -12.24 -90.70
O4B NAD V . -12.85 -11.63 -90.27
C3B NAD V . -15.26 -11.50 -89.93
O3B NAD V . -15.81 -12.40 -88.94
C2B NAD V . -14.52 -10.32 -89.28
O2B NAD V . -15.14 -9.94 -88.04
C1B NAD V . -13.15 -10.96 -89.03
N9A NAD V . -12.16 -9.85 -88.67
C8A NAD V . -11.28 -9.30 -89.76
N7A NAD V . -9.91 -9.17 -89.06
C5A NAD V . -10.02 -9.65 -87.82
C6A NAD V . -9.04 -9.75 -86.86
N6A NAD V . -7.91 -9.27 -87.04
N1A NAD V . -9.33 -10.26 -85.64
C2A NAD V . -10.76 -10.77 -85.30
N3A NAD V . -11.76 -10.61 -86.43
C4A NAD V . -11.35 -10.08 -87.61
O3 NAD V . -14.87 -13.97 -95.13
PN NAD V . -15.52 -15.47 -95.28
O1N NAD V . -16.53 -15.41 -96.37
O2N NAD V . -15.93 -15.93 -93.93
O5D NAD V . -14.26 -16.35 -95.78
C5D NAD V . -13.08 -16.51 -94.95
C4D NAD V . -11.99 -17.30 -95.72
O4D NAD V . -12.49 -17.73 -97.00
C3D NAD V . -10.79 -16.39 -95.99
O3D NAD V . -9.67 -16.84 -95.20
C2D NAD V . -10.52 -16.52 -97.49
O2D NAD V . -9.13 -16.85 -97.74
C1D NAD V . -11.42 -17.66 -97.96
N1N NAD V . -12.05 -17.41 -99.29
C2N NAD V . -11.79 -16.24 -100.05
C3N NAD V . -12.42 -16.04 -101.29
C7N NAD V . -12.15 -14.89 -102.04
O7N NAD V . -10.86 -14.41 -102.00
N7N NAD V . -13.17 -14.36 -102.74
C4N NAD V . -13.30 -17.01 -101.77
C5N NAD V . -13.57 -18.17 -101.03
C6N NAD V . -12.96 -18.37 -99.79
PA NAD W . 60.80 37.26 4.26
O1A NAD W . 62.26 37.35 3.91
O2A NAD W . 59.88 37.90 3.10
O5B NAD W . 60.28 35.77 4.55
C5B NAD W . 58.90 35.50 4.72
C4B NAD W . 58.70 34.33 5.68
O4B NAD W . 57.33 33.82 5.53
C3B NAD W . 59.66 33.15 5.26
O3B NAD W . 60.50 32.78 6.39
C2B NAD W . 58.70 32.02 4.86
O2B NAD W . 59.22 30.75 5.30
C1B NAD W . 57.44 32.38 5.66
N9A NAD W . 56.26 31.57 5.14
C8A NAD W . 55.29 32.26 4.21
N7A NAD W . 53.90 31.75 4.67
C5A NAD W . 54.11 30.95 5.74
C6A NAD W . 53.17 30.28 6.49
N6A NAD W . 51.90 30.32 5.99
N1A NAD W . 53.55 29.51 7.53
C2A NAD W . 55.05 29.37 7.94
N3A NAD W . 56.00 30.14 7.04
C4A NAD W . 55.50 30.89 6.01
O3 NAD W . 60.47 38.15 5.61
PN NAD W . 61.35 37.91 6.96
O1N NAD W . 62.75 38.23 6.62
O2N NAD W . 61.01 36.57 7.50
O5D NAD W . 60.80 39.07 7.96
C5D NAD W . 59.44 39.13 8.41
C4D NAD W . 59.14 40.52 9.01
O4D NAD W . 60.12 41.48 8.59
C3D NAD W . 57.83 41.07 8.45
O3D NAD W . 56.75 40.79 9.34
C2D NAD W . 58.07 42.58 8.34
O2D NAD W . 57.18 43.30 9.24
C1D NAD W . 59.52 42.76 8.82
N1N NAD W . 60.25 43.78 8.03
C2N NAD W . 59.99 43.97 6.64
C3N NAD W . 60.70 44.94 5.94
C7N NAD W . 60.47 45.13 4.58
O7N NAD W . 59.38 45.89 4.25
N7N NAD W . 61.32 44.56 3.71
C4N NAD W . 61.66 45.72 6.59
C5N NAD W . 61.91 45.55 7.95
C6N NAD W . 61.21 44.58 8.68
PA NAD X . -55.28 -11.77 -59.99
O1A NAD X . -56.68 -11.49 -59.54
O2A NAD X . -54.18 -11.03 -59.06
O5B NAD X . -54.92 -13.35 -60.00
C5B NAD X . -53.58 -13.77 -60.34
C4B NAD X . -53.19 -15.07 -59.63
O4B NAD X . -51.71 -15.06 -59.46
C3B NAD X . -53.81 -15.08 -58.19
O3B NAD X . -54.73 -16.22 -58.07
C2B NAD X . -52.59 -15.23 -57.26
O2B NAD X . -52.84 -16.18 -56.22
C1B NAD X . -51.51 -15.79 -58.21
N9A NAD X . -50.12 -15.61 -57.49
C8A NAD X . -49.32 -14.41 -57.80
N7A NAD X . -47.92 -15.00 -57.87
C5A NAD X . -47.97 -16.32 -57.69
C6A NAD X . -46.96 -17.24 -57.69
N6A NAD X . -45.69 -16.78 -57.91
N1A NAD X . -47.17 -18.55 -57.48
C2A NAD X . -48.56 -19.07 -57.27
N3A NAD X . -49.62 -17.97 -57.29
C4A NAD X . -49.29 -16.68 -57.51
O3 NAD X . -55.01 -11.22 -61.50
PN NAD X . -55.97 -11.62 -62.75
O1N NAD X . -56.98 -10.54 -62.94
O2N NAD X . -56.41 -13.02 -62.60
O5D NAD X . -54.92 -11.51 -63.97
C5D NAD X . -53.98 -12.58 -64.25
C4D NAD X . -53.50 -12.43 -65.70
O4D NAD X . -54.55 -11.80 -66.44
C3D NAD X . -52.28 -11.52 -65.75
O3D NAD X . -51.20 -12.20 -66.40
C2D NAD X . -52.73 -10.33 -66.58
O2D NAD X . -51.71 -9.95 -67.51
C1D NAD X . -53.93 -10.85 -67.33
N1N NAD X . -54.92 -9.78 -67.62
C2N NAD X . -55.20 -8.74 -66.69
C3N NAD X . -56.13 -7.75 -67.02
C7N NAD X . -56.41 -6.73 -66.12
O7N NAD X . -55.57 -5.67 -66.11
N7N NAD X . -57.51 -6.87 -65.37
C4N NAD X . -56.78 -7.79 -68.25
C5N NAD X . -56.52 -8.80 -69.17
C6N NAD X . -55.59 -9.80 -68.85
#